data_8W7S
#
_entry.id   8W7S
#
_cell.length_a   1.00
_cell.length_b   1.00
_cell.length_c   1.00
_cell.angle_alpha   90.00
_cell.angle_beta   90.00
_cell.angle_gamma   90.00
#
_symmetry.space_group_name_H-M   'P 1'
#
loop_
_entity.id
_entity.type
_entity.pdbx_description
1 polymer 'DNA replication licensing factor MCM2'
2 polymer 'DNA replication licensing factor MCM3'
3 polymer 'DNA replication licensing factor MCM4'
4 polymer 'Minichromosome maintenance protein 5'
5 polymer 'DNA replication licensing factor MCM6'
6 polymer 'DNA replication licensing factor MCM7'
7 polymer 'DNA replication complex GINS protein PSF1'
8 polymer 'DNA replication complex GINS protein PSF2'
9 polymer 'DNA replication complex GINS protein PSF3'
10 polymer 'DNA replication complex GINS protein SLD5'
11 polymer 'Cell division control protein 45'
12 polymer 'DNA polymerase alpha-binding protein'
13 polymer 'DNA (71-mer)'
14 polymer 'DNA polymerase epsilon subunit B'
#
loop_
_entity_poly.entity_id
_entity_poly.type
_entity_poly.pdbx_seq_one_letter_code
_entity_poly.pdbx_strand_id
1 'polypeptide(L)'
;MSDNRRRRREEDDSDSENELPPSSPQQHFRGGMNPVSSPIGSPDMINPEGDDNEVDDVPDIDEVEEQMNEVDLMDDNMYE
DYAADHNRDRYDPDQVDDREQQELSLSERRRIDAQLNERDRLLRNVAYIDDEDEEQEGAAQLDEMGLPVQRRRRRRQYED
LENSDDDLLSDMDIDPLREELTLESLSNVKANSYSEWITQPNVSRTIARELKSFLLEYTDETGRSVYGARIRTLGEMNSE
SLEVNYRHLAESKAILALFLAKCPEEMLKIFDLVAMEATELHYPDYARIHSEIHVRISDFPTIYSLRELRESNLSSLVRV
TGVVTRRTGVFPQLKYVKFNCLKCGSILGPFFQDSNEEIRISFCTNCKSKGPFRVNGEKTVYRNYQRVTLQEAPGTVPPG
RLPRHREVILLADLVDVSKPGEEVEVTGIYKNNYDGNLNAKNGFPVFATIIEANSIKRREGNTANEGEEGLDVFSWTEEE
EREFRKISRDRGIIDKIISSMAPSIYGHRDIKTAVACSLFGGVPKNVNGKHSIRGDINVLLLGDPGTAKSQILKYVEKTA
HRAVFATGQGASAVGLTASVRKDPITKEWTLEGGALVLADKGVCLIDEFDKMNDQDRTSIHEAMEQQSISISKAGIVTTL
QARCSIIAAANPNGGRYNSTLPLAQNVSLTEPILSRFDILCVVRDLVDEEADERLATFVVDSHVRSHPENDEDREGEELK
NNGESAIEQGEDEINEQLNARQRRLQRQRKKEEEISPIPQELLMKYIHYARTKIYPKLHQMDMDKVSRVYADLRRESIST
GSFPITVRHLESILRIAESFAKMRLSEFVSSYDLDRAIKVVVDSFVDAQKVSVRRQLRRSFAIYTLGH
;
2
2 'polypeptide(L)'
;MEGSTGFDGDATTFFAPDAVFGDRVRRFQEFLDTFTSYRDSVRSIQVYNSNNAANYNDDQDDADERDLLGDDDGDDLEKE
KKAASSTSLNILPHRIIISLDDLREFDRSFWSGILVEPAYFIPPAEKALTDLADSMDDVPHPNASAVSSRHPWKLSFKGS
FGAHALSPRTLTAQHLNKLVSVEGIVTKTSLVRPKLIRSVHYAAKTGRFHYRDYTDATTTLTTRIPTPAIYPTEDTEGNK
LTTEYGYSTFIDHQRITVQEMPEMAPAGQLPRSIDVILDDDLVDKTKPGDRVNVVGVFKSLGAGGMNQSNSNTLIGFKTL
ILGNTVYPLHARSTGVAARQMLTDFDIRNINKLSKKKDIFDILSQSLAPSIYGHDHIKKAILLMLMGGVEKNLENGSHLR
GDINILMVGDPSTAKSQLLRFVLNTASLAIATTGRGSSGVGLTAAVTTDRETGERRLEAGAMVLADRGVVCIDEFDKMTD
VDRVAIHEVMEQQTVTIAKAGIHTTLNARCSVIAAANPVFGQYDVNRDPHQNIALPDSLLSRFDLLFVVTDDINEIRDRS
ISEHVLRTHRYLPPGYLEGEPVRERLNLSLAVGEDADINPEEHSNSGAGVENEGEDDEDHVFEKFNPLLQAGAKLAKNKG
NYNGTEIPKLVTIPFLRKYVQYAKERVIPQLTQEAINVIVKNYTDLRNDDNTKKSPITARTLETLIRLATAHAKVRLSKT
VNKVDAKVAANLLRFALLGEDIGNDIDEEESEYEEALSKRSPQKSPKKRQRVRQPASNSGSPIKSTPRRSTASSVNATPS
SARRILRFQDDEQNAGEDDNDIMSPLPADEEAELQRRLQLGLRVSPRRREHLHAPEEGSSGPLTEVGTPRLPNVSSAGQD
DEQQQSVISFDNVEPGTISTGRLSLISGIIARLMQTEIFEEESYPVASLFERINEELPEEEKFSAQEYLAGLKIMSDRNN
LMVADDKVWRV
;
3
3 'polypeptide(L)'
;MSQQSSSPTKEDNNSSSPVVPNPDSVPPQLSSPALFYSSSSSQGDIYGRNNSQNLSQGEGNIRAAIGSSPLNFPSSSQRQ
NSDVFQSQGRQGRIRSSASASGRSRYHSDLRSDRALPTSSSSLGRNGQNRVHMRRNDIHTSDLSSPRRIVDFDTRSGVNT
LDTSSSSAPPSEASEPLRIIWGTNVSIQECTTNFRNFLMSFKYKFRKILDEREEFINNTTDEELYYIKQLNEMRELGTSN
LNLDARNLLAYKQTEDLYHQLLNYPQEVISIMDQTIKDCMVSLIVDNNLDYDLDEIETKFYKVRPYNVGSCKGMRELNPN
DIDKLINLKGLVLRSTPVIPDMKVAFFKCNVCDHTMAVEIDRGVIQEPARCERIDCNEPNSMSLIHNRCSFADKQVIKLQ
ETPDFVPDGQTPHSISLCVYDELVDSCRAGDRIEVTGTFRSIPIRANSRQRVLKSLYKTYVDVVHVKKVSDKRLDVDTST
IEQELMQNKVDHNEVEEVRQITDQDLAKIREVAAREDLYSLLARSIAPSIYELEDVKKGILLQLFGGTNKTFTKGGRYRG
DINILLCGDPSTSKSQILQYVHKITPRGVYTSGKGSSAVGLTAYITRDVDTKQLVLESGALVLSDGGVCCIDEFDKMSDS
TRSVLHEVMEQQTISIAKAGIITTLNARSSILASANPIGSRYNPNLPVTENIDLPPPLLSRFDLVYLVLDKVDEKNDREL
AKHLTNLYLEDKPEHISQDDVLPVEFLTMYISYAKEHIHPIITEAAKTELVRAYVGMRKMGDDSRSDEKRITATTRQLES
MIRLAEAHAKMKLKNVVELEDVQEAVRLIRSAIKDYATDPKTGKIDMNLVQTGKSVIQRKLQEDLSREIMNVLKDQASDS
MSFNELIKQINEHSQDRVESSDIQEALSRLQQEDKVIVLGEGVRRSVRLNNRV
;
4
4 'polypeptide(L)'
;MSFDRPEIYSAPVLQGESPNDDDNTEIIKSFKNFILEFRLDSQFIYRDQLRNNILVKNYSLTVNMEHLIGYNEDIYKKLS
DEPSDIIPLFETAITQVAKRISILSRAQSANNNDKDPENTSMDTDSLLLNSLPTFQLILNSNANQIPLRDLDSEHVSKIV
RLSGIIISTSVLSSRATYLSIMCRNCRHTTSITINNFNSITGNTVSLPRSCLSTIESESSMANESNIGDESTKKNCGPDP
YIIIHESSKFIDQQFLKLQEIPELVPVGEMPRNLTMTCDRYLTNKVIPGTRVTIVGIYSIYNSKNGAGSGRSGGGNGGSG
VAIRTPYIKILGIQSDVETSSIWNSVTMFTEEEEEEFLQLSRNPKLYEILTNSIAPSIFGNEDIKKAIVCLLMGGSKKIL
PDGMRLRGDINVLLLGDPGTAKSQLLKFVEKVSPIAVYTSGKGSSAAGLTASVQRDPMTREFYLEGGAMVLADGGVVCID
EFDKMRDEDRVAIHEAMEQQTISIAKAGITTVLNSRTSVLAAANPIYGRYDDLKSPGDNIDFQTTILSRFDMIFIVKDDH
NEERDISIANHVINIHTGNANAMQNQQEENGSEISIEKMKRYITYCRLKCAPRLSPQAAEKLSSNFVTIRKQLLINELES
TERSSIPITIRQLEAIIRITESLAKLELSPIAQERHVDEAIRLFQASTMDAASQDPIGGLNQASGTSLSEIRRFEQELKR
RLPIGWSTSYQTLRREFVDTHRFSQLALDKALYALEKHETIQLRHQGQNIYRSGV
;
5
5 'polypeptide(L)'
;MSSPFPADTPSSNRPSNSSPPPSSIGAGFGSSSGLDSQIGSRLHFPSSSQPHVSNSQTGPFVNDSTQFSSQRLQTDGSAT
NDMEGNEPARSFKSRALNHVKKVDDVTGEKVREAFEQFLEDFSVQSTDTGEVEKVYRAQIEFMKIYDLNTIYIDYQHLSM
RENGALAMAISEQYYRFLPFLQKGLRRVVRKYAPELLNTSDSLKRSEGDEGQADEDEQQDDDMNGSSLPRDSGSSAAPGN
GTSAMATRSITTSTSPEQTERVFQISFFNLPTVHRIRDIRSEKIGSLLSISGTVTRTSEVRPELYKASFTCDMCRAIVDN
VEQSFKYTEPTFCPNPSCENRAFWTLNVTRSRFLDWQKVRIQENANEIPTGSMPRTLDVILRGDSVERAKPGDRCKFTGV
EIVVPDVTQLGLPGVKPSSTLDTRGISKTTEGLNSGVTGLRSLGVRDLTYKISFLACHVISIGSNIGASSPDANSNNRET
ELQMAANLQANNVYQDNERDQEVFLNSLSSDEINELKEMVKDEHIYDKLVRSIAPAVFGHEAVKKGILLQMLGGVHKSTV
EGIKLRGDINICVVGDPSTSKSQFLKYVVGFAPRSVYTSGKASSAAGLTAAVVRDEEGGDYTIEAGALMLADNGICCIDE
FDKMDISDQVAIHEAMEQQTISIAKAGIHATLNARTSILAAANPVGGRYNRKLSLRGNLNMTAPIMSRFDLFFVILDDCN
EKIDTELASHIVDLHMKRDEAIEPPFSAEQLRRYIKYARTFKPILTKEARSYLVEKYKELRKDDAQGFSRSSYRITVRQL
ESMIRLSEAIARANCVDEITPSFIAEAYDLLRQSIIRVDVDDVEMDEEFDNIESQSHAASGNNDDNDDGTGSGVITSEPP
ADIEEGQSEATARPGTSEKKKTTVTYDKYVSMMNMIVRKIAEVDREGAEELTAVDIVDWYLLQKENDLGSLAEYWEERRL
AFKVIKRLVKDRILMEIHGTRHNLRDLENEENENNKTVYVIHPNCEVLDQLEPQDSS
;
6
6 'polypeptide(L)'
;MSAALPSIQLPVDYNNLFNEITDFLVTFKQDTLSSDATRNENEDENLDAENIEQHLLEKGPKYMAMLQKVANRELNSVII
DLDDILQYQNEKFLQGTQADDLVSAIQQNANHFTELFCRAIDNNMPLPTKEIDYKDDVLDVILNQRRLRNERMLSDRTNE
IRSENLMDTTMDPPSSMNDALREVVEDETELFPPNLTRRYFLYFKPLSQNCARRYRKKAISSKPLSVRQIKGDFLGQLIT
VRGIITRVSDVKPAVEVIAYTCDQCGYEVFQEVNSRTFTPLSECTSEECSQNQTKGQLFMSTRASKFSAFQECKIQELSQ
QVPVGHIPRSLNIHVNGTLVRSLSPGDIVDVTGIFLPAPYTGFKALKAGLLTETYLEAQFVRQHKKKFASFSLTSDVEER
VMELITSGDVYNRLAKSIAPEIYGNLDVKKALLLLLVGGVDKRVGDGMKIRGDINVCLMGDPGVAKSQLLKAICKISPRG
VYTTGKGSSGVGLTAAVMKDPVTDEMILEGGALVLADNGICCIDEFDKMDESDRTAIHEVMEQQTISISKAGINTTLNAR
TSILAAANPLYGRYNPRLSPLDNINLPAALLSRFDILFLMLDIPSRDDDEKLAEHVTYVHMHNKQPDLDFTPVEPSKMRE
YIAYAKTKRPVMSEAVNDYVVQAYIRLRQDSKREMDSKFSFGQATPRTLLGIIRLSQALAKLRLADMVDIDDVEEALRLV
RVSKESLYQETNKSKEDESPTTKIFTIIKKMLQETGKNTLSYENIVKTVRLRGFTMLQLSNCIQEYSYLNVWHLINEGNT
LKFVDDGTMDTDQEDSLVSTPKLAPQTTASANVSAQDSDIDLQDA
;
7
7 'polypeptide(L)'
;MYGDLGNKLVLEAKRTKQLYARSNQDVNLPMYHEDIIRNILKEVSNLRKNTEYLKEQQQLGMLDDKVAKCQYFVTLLCME
RNKRCLLAYQRLRTDILDSMAWNNNGLDLMSSITFSQQDTNNLSHQEQEYLKEYCDLITDLKSGDLVDIDLSGSLVPPSD
VFIDVRVLKDAGEIQTEYGVFNLIKDSQFFVRQSDVERLIQQGYLQKI
;
A
8 'polypeptide(L)'
;MSLPAHLQQTFSPEEIQFIVENEPIKIFPRITTRQKIRGDDRGTGNHTRWQLITTDDKALNNMVAMRSTEVVLWIALLLK
QQSKCSIVAPQWLTTKELDRKIQYEKTHPDRFSELPWNWLVLARILFNKAKDDFHDPIHELRGKIQDLREIRQIKVLKGL
KYLNESHLQLDNLSLLEINELRPFITEIMDKLREIHTASLTAGTENDEEEFNI
;
B
9 'polypeptide(L)'
;MGYYDIDDVLADGTEFPCKFQYDIPGLGYLENNPGRPITKNTKLSLPLWLARILAIVGGDEALVDEEPVPFVELLPPDMF
STKVMNAIKTDPVALDLHSINSHFFSLAIKWIMLFSEKELANVVSELLLQRAQELNHHASSLSIDLNADSTGKNSANTNI
ATSTFLLKLEEMEKEIYKKSHESYKDTKRWMFKK
;
C
10 'polypeptide(L)'
;MDINIDDILAELDKETTAVDSTKITQGSSSTTHRDANTIVGSSLDLNDKTQIYVSPQQDFSDLMKSWKNERCSPELLPYP
HQLMKRLLNRISMQSQLIENISMGFLDMQNASNANPPMPNESKLPLLCMETELERLKFVIRSYIRCRLSKIDKFSLYLRQ
LNEDENSLISLTDLLSKDEIKYHDTHSLIWLKLVNDSILKYMPEELQAINDTEGSVNMIDEPDWNKFVFIHVNGPPDGKW
NEDPLLQENEFGKPCYTVTIPDLKEEVELTIGSIYVMRYEVIRDLLRDDKVALI
;
D
11 'polypeptide(L)'
;MYYGISQFSEAYNKILRNSSSHSSCQLVIFVSCLNIDALCATKMLSLLFKKQLVQSQIVPIFGYSELRRHYSQLDDNINS
LLLVGFGGVIDLEAFLEIDPQEYVIDTDEKSGEQSFRRDIYVLDAHRPWNLDNIFGSQIIQCFDDGTVDDTLGEQKEAYY
KLLELDEESGDDELSGDENDNNGGDDEATDADEVTDEDEEDEDETISNKRGNSSIGPNDLSKRKQRKKQIHEYEGVLEEY
YSQGTTVVNSISAQIYSLLSAIGETNLSNLWLNILGTTSLDIAYAQVYNRLYPLLQDEVKRLTPSSRNSVKTPDTLTLNI
QPDYYLFLLRHSSLYDSFYYSNYVNAKLSLWNENGKKRLHKMFARMGIPLSTAQETWLYMDHSIKRELGIIFDKNLDRYG
LQDIIRDGFVRTLGYRGSISASEFVEALTALLEVGNSTDKDSVKINNDNNDDTDGEEEEDNSAQKLTNLRKRWVSNFWLS
WDALDDRKVELLNRGIQLAQDLQRAIFNTGVAILEKKLIKHLRIYRLCVLQDGPDLDLYRNPLTLLRLGNWLIECCAESE
DKQLLPMVLASIDENTDTYLVAGLTPRYPRGLDTIHTKKPILNNFSMAFQQITAETDAKVRIDNFESSIIEIRREDLSPF
LEKLTLSGLL
;
E
12 'polypeptide(L)'
;MVSVIDKLVFDFGGKTLVSLAPDNNTLCVANKNGLTKILKTNNPEEEPETLDSSKLVSSIKCYSNSHFLMTTMQGDALRY
NIDSSQEELLARFALPLRDCCVIHSGKMAVFGGDDLELILLELDDETHKKHAIKIDEQVSQISYNSQMNILAVSMINGKV
QIFSLTSTIPNKVHELNDYIVANSYDDTHRDKILSNMMDDIDKDNDNDLSETADPDENNVADPEFCAANRICTRVAWHPK
GLHFALPCADDTVKIFSIKGYSLQKTLSTNLSSTKAHFIDLQFDPLRGTYIAAVDLNNKLTVWNWETSEIHYTREFKRKI
TNIAWKIQADSKTLDLVLGTWSGSIAIVQNLAESVVSNIPDQSVAESSTKHGLFVDSESDLENLEGNDDINKSDKLFSDI
TQEANAEDVFTQTHDGPSGLSEKRKYNFEDEEDFIDDDDGAGYISGKKPHNEHSYSRVHKTHSFPISLANTGKFRYMPFS
PAGTPFGFTDRRYLTMNEVGYVSTVKNSEQYSITVSFFDVGRFREYHFEDLFGYDLCFLNEKGTLFGQSKTGQIQYRPHD
SIHSNWTKIIPLQAGERITSVAATPVRVIVGTSLGYFRSFNQFGVPFAVEKTSPIVALTAQNYRVFSVHYSQFHGLSYSL
SELGTSSKRYYKRECPLPMSLPNINSDMKKDANLDYYNFNPMGIKSLFFSSYGDPCIFGSDNTLLLLSKWRSPEESKWLP
ILDSNMEIWKMSGGKETTDIHVWPLALAYDTLNCILVKGKHIWPEFPLPLPSEMEIRMPVFVKSKLLEENKAILNKKNEI
GADTEAEEGEEDKEIQIPVSMAAEEEYLRSKVLSELLTDTLENDGEMYGNENEVLAALNGAYDKALLRLFASACSDQNVE
KALSLAHELKQDRALTAAVKISERAELPSLVKKINNIREARYEQQLK
;
F,G,H
13 'polydeoxyribonucleotide'
;(DT)(DA)(DG)(DA)(DG)(DT)(DA)(DG)(DG)(DA)(DA)(DG)(DT)(DG)(DA)(DT)(DG)(DG)(DT)(DA)
(DA)(DG)(DT)(DG)(DA)(DT)(DT)(DA)(DG)(DA)(DG)(DA)(DA)(DT)(DT)(DG)(DG)(DA)(DG)(DA)
(DG)(DT)(DG)(DT)(DG)(DT)(DT)(DT)(DT)(DT)(DT)(DT)(DT)(DT)(DT)(DT)(DT)(DT)(DT)(DT)
(DT)(DT)(DT)(DT)(DT)(DT)(DT)(DT)(DT)(DT)(DT)
;
I
14 'polypeptide(L)'
;MFGSGNVLPVKIQPPLLRPLAYRVLSRKYGLSIKSDGLSALAEFVGTNIGANWRQGPATIKFLEQFAAVWKQQERGLFID
QSGVKEVIQEMKEREKVEWSHEHPIQHEENILGRTDDDENNSDDEMPIAADSSLQNVSLSSPMRQPTERDEYKQPFKPES
SKALDWRDYFKVINASQQQRFSYNPHKMQFIFVPNKKQNGLGGIAGFLPDIEDKVQMFLTRYYLTNDRVMRNENFQNSDM
FNPLSSMVSLQNELSNTNRQQQSSSMSITPIKNLLGRDAQNFLLLGLLNKNFKGNWSLEDPSGSVEIDISQTIPTQGHYY
VPGCMVLVEGIYYSVGNKFHVTSMTLPPGERREITLETIGNLDLLGIHGISNNNFIARLDKDLKIRLHLLEKELTDHKFV
ILGANLFLDDLKIMTALSKILQKLNDDPPTLLIWQGSFTSVPVFASMSSRNISSSTQFKNNFDALATLLSRFDNLTENTT
MIFIPGPNDLWGSMVSLGASGTLPQDPIPSAFTKKINKVCKNVVWSSNPTRIAYLSQEIVIFRDDLSGRFKRHRLEFPFN
ESEDVYTENDNMMSKDTDIVPIDELVKEPDQLPQKVQETRKLVKTILDQGHLSPFLDSLRPISWDLDHTLTLCPIPSTMV
LCDTTSAQFDLTYNGCKVINPGSFIHNRRARYMEYVPSSKKTIQEEIYI
;
N
#
loop_
_chem_comp.id
_chem_comp.type
_chem_comp.name
_chem_comp.formula
DA DNA linking 2'-DEOXYADENOSINE-5'-MONOPHOSPHATE 'C10 H14 N5 O6 P'
DG DNA linking 2'-DEOXYGUANOSINE-5'-MONOPHOSPHATE 'C10 H14 N5 O7 P'
DT DNA linking THYMIDINE-5'-MONOPHOSPHATE 'C10 H15 N2 O8 P'
#
# COMPACT_ATOMS: atom_id res chain seq x y z
N GLU A 179 -14.64 7.81 -56.14
CA GLU A 179 -14.11 6.93 -57.17
C GLU A 179 -12.69 6.49 -56.83
N GLU A 180 -12.17 5.54 -57.60
CA GLU A 180 -10.81 5.04 -57.41
C GLU A 180 -10.09 5.09 -58.75
N LEU A 181 -8.92 5.73 -58.78
CA LEU A 181 -8.14 5.85 -59.99
C LEU A 181 -7.44 4.52 -60.30
N THR A 182 -7.11 4.34 -61.58
CA THR A 182 -6.31 3.20 -61.97
C THR A 182 -4.87 3.36 -61.50
N LEU A 183 -4.19 2.22 -61.32
CA LEU A 183 -2.79 2.27 -60.90
C LEU A 183 -1.91 2.92 -61.95
N GLU A 184 -2.20 2.70 -63.23
CA GLU A 184 -1.47 3.37 -64.29
C GLU A 184 -1.68 4.88 -64.23
N SER A 185 -2.90 5.32 -63.92
CA SER A 185 -3.16 6.74 -63.74
C SER A 185 -2.43 7.28 -62.51
N LEU A 186 -2.32 6.47 -61.46
CA LEU A 186 -1.61 6.89 -60.25
C LEU A 186 -0.10 6.94 -60.47
N SER A 187 0.42 6.19 -61.44
CA SER A 187 1.86 6.15 -61.67
C SER A 187 2.42 7.56 -61.91
N ASN A 188 1.77 8.33 -62.78
CA ASN A 188 2.06 9.75 -62.86
C ASN A 188 1.59 10.42 -61.58
N VAL A 189 2.44 11.26 -60.99
CA VAL A 189 2.11 11.86 -59.69
C VAL A 189 0.85 12.71 -59.80
N LYS A 190 0.74 13.51 -60.86
CA LYS A 190 -0.43 14.33 -61.11
C LYS A 190 -0.77 15.21 -59.91
N ALA A 191 0.27 15.72 -59.25
CA ALA A 191 0.10 16.52 -58.04
C ALA A 191 1.36 17.36 -57.84
N ASN A 192 1.24 18.36 -56.97
CA ASN A 192 2.40 19.17 -56.63
C ASN A 192 3.48 18.35 -55.96
N SER A 193 3.08 17.32 -55.19
CA SER A 193 4.01 16.40 -54.55
C SER A 193 3.41 15.01 -54.60
N TYR A 194 4.28 14.00 -54.51
CA TYR A 194 3.79 12.63 -54.44
C TYR A 194 2.98 12.41 -53.16
N SER A 195 3.34 13.12 -52.08
CA SER A 195 2.53 13.08 -50.88
C SER A 195 1.13 13.64 -51.15
N GLU A 196 1.04 14.72 -51.93
CA GLU A 196 -0.26 15.25 -52.31
C GLU A 196 -1.04 14.28 -53.19
N TRP A 197 -0.33 13.57 -54.07
CA TRP A 197 -0.97 12.55 -54.90
C TRP A 197 -1.58 11.46 -54.03
N ILE A 198 -0.83 11.00 -53.03
CA ILE A 198 -1.38 10.02 -52.09
C ILE A 198 -2.52 10.62 -51.29
N THR A 199 -2.43 11.91 -50.97
CA THR A 199 -3.45 12.56 -50.15
C THR A 199 -4.77 12.72 -50.89
N GLN A 200 -4.73 12.83 -52.22
CA GLN A 200 -5.96 12.95 -52.99
C GLN A 200 -6.83 11.72 -52.73
N PRO A 201 -8.10 11.91 -52.36
CA PRO A 201 -8.89 10.77 -51.82
C PRO A 201 -9.06 9.61 -52.79
N ASN A 202 -9.28 9.89 -54.07
CA ASN A 202 -9.44 8.79 -55.04
C ASN A 202 -8.14 8.00 -55.17
N VAL A 203 -7.01 8.70 -55.25
CA VAL A 203 -5.72 8.02 -55.33
C VAL A 203 -5.41 7.29 -54.03
N SER A 204 -5.92 7.79 -52.89
CA SER A 204 -5.69 7.11 -51.63
C SER A 204 -6.49 5.82 -51.54
N ARG A 205 -7.75 5.84 -51.97
CA ARG A 205 -8.53 4.61 -52.03
C ARG A 205 -7.89 3.62 -53.01
N THR A 206 -7.43 4.13 -54.16
CA THR A 206 -6.74 3.28 -55.12
C THR A 206 -5.46 2.71 -54.53
N ILE A 207 -4.77 3.50 -53.71
CA ILE A 207 -3.52 3.06 -53.10
C ILE A 207 -3.79 2.00 -52.04
N ALA A 208 -4.88 2.13 -51.30
CA ALA A 208 -5.24 1.09 -50.33
C ALA A 208 -5.61 -0.21 -51.05
N ARG A 209 -6.40 -0.11 -52.12
CA ARG A 209 -6.71 -1.29 -52.91
C ARG A 209 -5.45 -1.89 -53.49
N GLU A 210 -4.54 -1.06 -53.98
CA GLU A 210 -3.28 -1.53 -54.54
C GLU A 210 -2.37 -2.12 -53.48
N LEU A 211 -2.46 -1.65 -52.23
CA LEU A 211 -1.65 -2.22 -51.16
C LEU A 211 -2.14 -3.61 -50.78
N LYS A 212 -3.46 -3.77 -50.64
CA LYS A 212 -4.01 -5.10 -50.41
C LYS A 212 -3.69 -6.03 -51.58
N SER A 213 -3.87 -5.53 -52.80
CA SER A 213 -3.56 -6.32 -53.98
C SER A 213 -2.08 -6.62 -54.09
N PHE A 214 -1.22 -5.74 -53.59
CA PHE A 214 0.23 -5.97 -53.63
C PHE A 214 0.65 -7.01 -52.62
N LEU A 215 0.07 -6.96 -51.41
CA LEU A 215 0.31 -8.01 -50.44
C LEU A 215 -0.13 -9.36 -50.99
N LEU A 216 -1.25 -9.38 -51.71
CA LEU A 216 -1.69 -10.63 -52.34
C LEU A 216 -0.83 -10.99 -53.56
N GLU A 217 -0.26 -9.98 -54.24
CA GLU A 217 0.41 -10.19 -55.52
C GLU A 217 1.85 -10.62 -55.38
N TYR A 218 2.54 -10.19 -54.31
CA TYR A 218 3.87 -10.70 -54.05
C TYR A 218 3.81 -12.22 -53.92
N THR A 219 4.68 -12.91 -54.65
CA THR A 219 4.63 -14.36 -54.75
C THR A 219 5.94 -14.96 -54.25
N ASP A 220 5.84 -15.88 -53.30
CA ASP A 220 6.99 -16.64 -52.86
C ASP A 220 7.31 -17.74 -53.87
N GLU A 221 8.47 -18.38 -53.70
CA GLU A 221 8.81 -19.51 -54.54
C GLU A 221 7.78 -20.63 -54.39
N THR A 222 7.19 -20.78 -53.19
CA THR A 222 6.10 -21.72 -53.01
C THR A 222 4.83 -21.28 -53.72
N GLY A 223 4.70 -19.99 -54.02
CA GLY A 223 3.51 -19.43 -54.64
C GLY A 223 2.56 -18.77 -53.67
N ARG A 224 2.65 -19.09 -52.38
CA ARG A 224 1.90 -18.35 -51.38
C ARG A 224 2.43 -16.93 -51.29
N SER A 225 1.53 -15.99 -51.04
CA SER A 225 1.95 -14.60 -50.90
C SER A 225 2.93 -14.48 -49.75
N VAL A 226 4.02 -13.73 -49.98
CA VAL A 226 4.98 -13.50 -48.91
C VAL A 226 4.32 -12.74 -47.77
N TYR A 227 3.49 -11.75 -48.10
CA TYR A 227 2.73 -11.04 -47.08
C TYR A 227 1.68 -11.95 -46.43
N GLY A 228 1.14 -12.92 -47.17
CA GLY A 228 0.23 -13.87 -46.55
C GLY A 228 0.91 -14.77 -45.54
N ALA A 229 2.11 -15.24 -45.88
CA ALA A 229 2.91 -16.00 -44.92
C ALA A 229 3.29 -15.13 -43.73
N ARG A 230 3.58 -13.85 -43.98
CA ARG A 230 3.84 -12.92 -42.89
C ARG A 230 2.61 -12.74 -42.01
N ILE A 231 1.42 -12.77 -42.61
CA ILE A 231 0.19 -12.65 -41.83
C ILE A 231 -0.03 -13.90 -40.99
N ARG A 232 0.26 -15.07 -41.54
CA ARG A 232 0.16 -16.30 -40.75
C ARG A 232 1.16 -16.28 -39.60
N THR A 233 2.39 -15.83 -39.86
CA THR A 233 3.39 -15.70 -38.81
C THR A 233 2.96 -14.68 -37.76
N LEU A 234 2.34 -13.59 -38.20
CA LEU A 234 1.84 -12.58 -37.27
C LEU A 234 0.72 -13.12 -36.41
N GLY A 235 -0.14 -13.97 -36.99
CA GLY A 235 -1.15 -14.63 -36.19
C GLY A 235 -0.54 -15.54 -35.14
N GLU A 236 0.43 -16.36 -35.55
CA GLU A 236 1.08 -17.26 -34.59
C GLU A 236 1.80 -16.48 -33.49
N MET A 237 2.42 -15.35 -33.85
CA MET A 237 3.17 -14.55 -32.90
C MET A 237 2.29 -13.59 -32.10
N ASN A 238 1.03 -13.41 -32.48
CA ASN A 238 0.14 -12.41 -31.89
C ASN A 238 0.75 -11.01 -31.96
N SER A 239 1.52 -10.75 -33.01
CA SER A 239 2.18 -9.45 -33.16
C SER A 239 1.16 -8.38 -33.52
N GLU A 240 1.34 -7.20 -32.94
CA GLU A 240 0.45 -6.07 -33.21
C GLU A 240 0.81 -5.31 -34.48
N SER A 241 1.99 -5.56 -35.06
CA SER A 241 2.45 -4.82 -36.22
C SER A 241 2.83 -5.79 -37.33
N LEU A 242 2.23 -5.61 -38.50
CA LEU A 242 2.63 -6.38 -39.68
C LEU A 242 3.94 -5.84 -40.24
N GLU A 243 4.68 -6.72 -40.92
CA GLU A 243 5.95 -6.37 -41.52
C GLU A 243 5.86 -6.52 -43.04
N VAL A 244 6.29 -5.49 -43.76
CA VAL A 244 6.29 -5.49 -45.22
C VAL A 244 7.66 -5.04 -45.69
N ASN A 245 8.34 -5.88 -46.47
CA ASN A 245 9.64 -5.52 -47.01
C ASN A 245 9.48 -4.42 -48.06
N TYR A 246 10.36 -3.42 -48.00
CA TYR A 246 10.37 -2.40 -49.04
C TYR A 246 10.77 -3.00 -50.39
N ARG A 247 11.69 -3.97 -50.36
CA ARG A 247 12.05 -4.67 -51.59
C ARG A 247 10.89 -5.45 -52.16
N HIS A 248 10.02 -6.00 -51.31
CA HIS A 248 8.82 -6.67 -51.80
C HIS A 248 7.86 -5.69 -52.46
N LEU A 249 7.73 -4.49 -51.88
CA LEU A 249 6.91 -3.46 -52.52
C LEU A 249 7.52 -3.01 -53.85
N ALA A 250 8.86 -3.04 -53.97
CA ALA A 250 9.48 -2.77 -55.25
C ALA A 250 9.21 -3.91 -56.24
N GLU A 251 9.22 -5.16 -55.75
CA GLU A 251 9.00 -6.30 -56.63
C GLU A 251 7.58 -6.33 -57.16
N SER A 252 6.59 -6.01 -56.33
CA SER A 252 5.20 -5.95 -56.74
C SER A 252 4.59 -4.65 -56.24
N LYS A 253 3.87 -3.94 -57.12
CA LYS A 253 3.42 -2.58 -56.87
C LYS A 253 4.61 -1.65 -56.63
N ALA A 254 5.52 -1.66 -57.60
CA ALA A 254 6.67 -0.76 -57.54
C ALA A 254 6.24 0.70 -57.54
N ILE A 255 5.08 0.99 -58.13
CA ILE A 255 4.55 2.34 -58.07
C ILE A 255 4.21 2.71 -56.63
N LEU A 256 3.58 1.78 -55.89
CA LEU A 256 3.32 2.01 -54.48
C LEU A 256 4.63 2.13 -53.70
N ALA A 257 5.64 1.35 -54.09
CA ALA A 257 6.95 1.45 -53.43
C ALA A 257 7.58 2.82 -53.64
N LEU A 258 7.51 3.35 -54.86
CA LEU A 258 8.05 4.67 -55.14
C LEU A 258 7.26 5.76 -54.43
N PHE A 259 5.93 5.63 -54.41
CA PHE A 259 5.11 6.57 -53.67
C PHE A 259 5.45 6.53 -52.18
N LEU A 260 5.79 5.35 -51.65
CA LEU A 260 6.21 5.25 -50.26
C LEU A 260 7.59 5.86 -50.06
N ALA A 261 8.49 5.69 -51.02
CA ALA A 261 9.80 6.32 -50.92
C ALA A 261 9.66 7.84 -50.87
N LYS A 262 8.69 8.38 -51.60
CA LYS A 262 8.47 9.83 -51.58
C LYS A 262 7.71 10.28 -50.32
N CYS A 263 6.64 9.57 -49.96
CA CYS A 263 5.79 9.91 -48.81
C CYS A 263 5.55 8.63 -48.01
N PRO A 264 6.54 8.21 -47.22
CA PRO A 264 6.38 6.94 -46.48
C PRO A 264 5.19 6.92 -45.55
N GLU A 265 4.91 8.03 -44.85
CA GLU A 265 3.77 8.04 -43.93
C GLU A 265 2.45 7.98 -44.68
N GLU A 266 2.33 8.72 -45.79
CA GLU A 266 1.11 8.71 -46.58
C GLU A 266 0.83 7.32 -47.13
N MET A 267 1.85 6.65 -47.65
CA MET A 267 1.64 5.27 -48.10
C MET A 267 1.38 4.34 -46.93
N LEU A 268 2.06 4.55 -45.81
CA LEU A 268 2.07 3.60 -44.71
C LEU A 268 0.79 3.62 -43.89
N LYS A 269 0.06 4.74 -43.85
CA LYS A 269 -1.23 4.74 -43.15
C LYS A 269 -2.22 3.80 -43.85
N ILE A 270 -2.37 3.97 -45.17
CA ILE A 270 -3.22 3.08 -45.94
C ILE A 270 -2.67 1.67 -45.92
N PHE A 271 -1.34 1.52 -45.90
CA PHE A 271 -0.73 0.20 -45.82
C PHE A 271 -1.04 -0.47 -44.49
N ASP A 272 -1.09 0.30 -43.40
CA ASP A 272 -1.43 -0.26 -42.10
C ASP A 272 -2.89 -0.69 -42.06
N LEU A 273 -3.78 0.11 -42.65
CA LEU A 273 -5.17 -0.31 -42.75
C LEU A 273 -5.30 -1.60 -43.56
N VAL A 274 -4.57 -1.68 -44.68
CA VAL A 274 -4.62 -2.87 -45.53
C VAL A 274 -4.03 -4.07 -44.82
N ALA A 275 -2.96 -3.87 -44.04
CA ALA A 275 -2.34 -4.97 -43.32
C ALA A 275 -3.25 -5.48 -42.22
N MET A 276 -3.94 -4.58 -41.51
CA MET A 276 -4.93 -5.01 -40.54
C MET A 276 -6.04 -5.80 -41.22
N GLU A 277 -6.50 -5.32 -42.37
CA GLU A 277 -7.54 -6.03 -43.11
C GLU A 277 -7.08 -7.43 -43.52
N ALA A 278 -5.84 -7.55 -44.00
CA ALA A 278 -5.34 -8.84 -44.45
C ALA A 278 -5.14 -9.80 -43.28
N THR A 279 -4.57 -9.32 -42.18
CA THR A 279 -4.37 -10.18 -41.01
C THR A 279 -5.71 -10.62 -40.43
N GLU A 280 -6.70 -9.72 -40.42
CA GLU A 280 -8.02 -10.10 -39.92
C GLU A 280 -8.74 -11.04 -40.88
N LEU A 281 -8.53 -10.90 -42.18
CA LEU A 281 -9.09 -11.84 -43.14
C LEU A 281 -8.48 -13.23 -42.95
N HIS A 282 -7.19 -13.28 -42.64
CA HIS A 282 -6.55 -14.58 -42.36
C HIS A 282 -7.04 -15.16 -41.03
N TYR A 283 -7.17 -14.32 -40.01
CA TYR A 283 -7.52 -14.79 -38.66
C TYR A 283 -8.72 -14.00 -38.15
N PRO A 284 -9.84 -14.66 -37.84
CA PRO A 284 -11.00 -13.92 -37.31
C PRO A 284 -10.68 -13.26 -35.97
N ASP A 285 -11.29 -12.10 -35.75
CA ASP A 285 -11.13 -11.31 -34.53
C ASP A 285 -9.68 -10.91 -34.28
N TYR A 286 -8.86 -10.87 -35.33
CA TYR A 286 -7.50 -10.38 -35.18
C TYR A 286 -7.49 -8.91 -34.78
N ALA A 287 -8.50 -8.15 -35.22
CA ALA A 287 -8.65 -6.78 -34.75
C ALA A 287 -9.02 -6.74 -33.26
N ARG A 288 -9.77 -7.73 -32.79
CA ARG A 288 -10.01 -7.84 -31.35
C ARG A 288 -8.72 -8.15 -30.61
N ILE A 289 -7.83 -8.92 -31.22
CA ILE A 289 -6.53 -9.19 -30.61
C ILE A 289 -5.67 -7.93 -30.56
N HIS A 290 -5.58 -7.21 -31.68
CA HIS A 290 -4.72 -6.05 -31.81
C HIS A 290 -5.57 -4.86 -32.26
N SER A 291 -5.53 -3.78 -31.46
CA SER A 291 -6.37 -2.62 -31.76
C SER A 291 -6.01 -1.99 -33.10
N GLU A 292 -4.72 -1.88 -33.41
CA GLU A 292 -4.26 -1.31 -34.66
C GLU A 292 -3.05 -2.06 -35.15
N ILE A 293 -3.09 -2.48 -36.41
CA ILE A 293 -1.97 -3.17 -37.05
C ILE A 293 -1.25 -2.17 -37.95
N HIS A 294 0.06 -2.03 -37.76
CA HIS A 294 0.87 -1.07 -38.50
C HIS A 294 1.92 -1.81 -39.31
N VAL A 295 2.03 -1.45 -40.58
CA VAL A 295 3.04 -2.06 -41.46
C VAL A 295 4.42 -1.59 -41.03
N ARG A 296 5.39 -2.51 -41.06
CA ARG A 296 6.77 -2.22 -40.71
C ARG A 296 7.66 -2.51 -41.90
N ILE A 297 8.56 -1.58 -42.22
CA ILE A 297 9.45 -1.77 -43.35
C ILE A 297 10.46 -2.86 -43.04
N SER A 298 11.04 -3.43 -44.10
CA SER A 298 12.04 -4.47 -43.95
C SER A 298 12.98 -4.44 -45.15
N ASP A 299 14.28 -4.58 -44.87
CA ASP A 299 15.32 -4.63 -45.90
C ASP A 299 15.23 -3.44 -46.85
N PHE A 300 15.28 -2.25 -46.25
CA PHE A 300 15.18 -1.02 -47.04
C PHE A 300 16.37 -0.92 -48.00
N PRO A 301 16.16 -0.44 -49.23
CA PRO A 301 17.21 -0.52 -50.25
C PRO A 301 18.42 0.36 -50.00
N THR A 302 18.20 1.66 -49.77
CA THR A 302 19.27 2.64 -49.73
C THR A 302 19.49 3.15 -48.31
N ILE A 303 20.76 3.20 -47.89
CA ILE A 303 21.15 3.68 -46.58
C ILE A 303 21.99 4.94 -46.76
N TYR A 304 21.72 5.95 -45.94
CA TYR A 304 22.40 7.23 -46.02
C TYR A 304 23.13 7.52 -44.72
N SER A 305 24.39 7.94 -44.83
CA SER A 305 25.15 8.34 -43.66
C SER A 305 24.63 9.66 -43.10
N LEU A 306 24.87 9.87 -41.81
CA LEU A 306 24.39 11.09 -41.15
C LEU A 306 25.00 12.33 -41.78
N ARG A 307 26.30 12.29 -42.09
CA ARG A 307 26.92 13.37 -42.83
C ARG A 307 26.32 13.49 -44.24
N GLU A 308 26.06 12.34 -44.88
CA GLU A 308 25.39 12.36 -46.17
C GLU A 308 23.95 12.85 -46.05
N LEU A 309 23.30 12.59 -44.92
CA LEU A 309 21.96 13.09 -44.71
C LEU A 309 21.95 14.62 -44.68
N ARG A 310 20.92 15.21 -45.28
CA ARG A 310 20.82 16.65 -45.41
C ARG A 310 19.38 17.07 -45.18
N GLU A 311 19.13 18.39 -45.26
CA GLU A 311 17.78 18.90 -45.10
C GLU A 311 16.85 18.39 -46.20
N SER A 312 17.40 18.14 -47.40
CA SER A 312 16.60 17.54 -48.46
C SER A 312 16.17 16.11 -48.10
N ASN A 313 17.01 15.38 -47.37
CA ASN A 313 16.66 14.03 -46.93
C ASN A 313 15.54 14.05 -45.90
N LEU A 314 15.31 15.16 -45.22
CA LEU A 314 14.28 15.25 -44.21
C LEU A 314 12.90 15.13 -44.84
N SER A 315 11.94 14.68 -44.03
CA SER A 315 10.54 14.47 -44.44
C SER A 315 10.41 13.38 -45.50
N SER A 316 11.37 12.45 -45.52
CA SER A 316 11.30 11.31 -46.42
C SER A 316 12.02 10.13 -45.78
N LEU A 317 11.55 8.93 -46.08
CA LEU A 317 12.12 7.72 -45.50
C LEU A 317 13.55 7.52 -45.96
N VAL A 318 14.41 7.09 -45.05
CA VAL A 318 15.81 6.84 -45.34
C VAL A 318 16.35 5.82 -44.35
N ARG A 319 17.27 4.99 -44.80
CA ARG A 319 17.96 4.06 -43.92
C ARG A 319 19.27 4.69 -43.44
N VAL A 320 19.60 4.47 -42.18
CA VAL A 320 20.81 5.03 -41.58
C VAL A 320 21.52 3.92 -40.82
N THR A 321 22.80 3.72 -41.13
CA THR A 321 23.64 2.74 -40.46
C THR A 321 24.62 3.48 -39.57
N GLY A 322 24.58 3.20 -38.27
CA GLY A 322 25.47 3.84 -37.33
C GLY A 322 25.29 3.27 -35.94
N VAL A 323 26.24 3.60 -35.08
CA VAL A 323 26.21 3.17 -33.68
C VAL A 323 25.49 4.22 -32.87
N VAL A 324 24.50 3.79 -32.09
CA VAL A 324 23.69 4.72 -31.31
C VAL A 324 24.55 5.41 -30.27
N THR A 325 24.48 6.75 -30.24
CA THR A 325 25.20 7.49 -29.21
C THR A 325 24.66 7.17 -27.82
N ARG A 326 23.35 7.07 -27.68
CA ARG A 326 22.70 6.69 -26.44
C ARG A 326 21.30 6.20 -26.75
N ARG A 327 20.73 5.44 -25.82
CA ARG A 327 19.39 4.91 -25.95
C ARG A 327 18.57 5.32 -24.74
N THR A 328 17.56 6.15 -24.96
CA THR A 328 16.63 6.49 -23.89
C THR A 328 15.76 5.29 -23.56
N GLY A 329 15.42 5.16 -22.28
CA GLY A 329 14.54 4.09 -21.87
C GLY A 329 13.12 4.29 -22.39
N VAL A 330 12.41 3.18 -22.57
CA VAL A 330 11.03 3.25 -23.01
C VAL A 330 10.20 3.93 -21.94
N PHE A 331 9.36 4.88 -22.36
CA PHE A 331 8.55 5.64 -21.42
C PHE A 331 7.11 5.68 -21.89
N PRO A 332 6.16 5.79 -20.97
CA PRO A 332 4.76 5.97 -21.38
C PRO A 332 4.58 7.28 -22.14
N GLN A 333 3.72 7.23 -23.15
CA GLN A 333 3.44 8.41 -23.95
C GLN A 333 2.03 8.31 -24.50
N LEU A 334 1.44 9.45 -24.80
CA LEU A 334 0.07 9.52 -25.30
C LEU A 334 0.10 9.48 -26.83
N LYS A 335 -0.37 8.37 -27.40
CA LYS A 335 -0.55 8.31 -28.84
C LYS A 335 -1.60 9.33 -29.29
N TYR A 336 -2.64 9.50 -28.49
CA TYR A 336 -3.62 10.56 -28.67
C TYR A 336 -3.94 11.15 -27.31
N VAL A 337 -4.37 12.41 -27.29
CA VAL A 337 -4.64 13.12 -26.04
C VAL A 337 -5.88 13.98 -26.24
N LYS A 338 -6.96 13.63 -25.56
CA LYS A 338 -8.10 14.53 -25.48
C LYS A 338 -7.79 15.67 -24.52
N PHE A 339 -8.49 16.79 -24.70
CA PHE A 339 -8.25 17.99 -23.93
C PHE A 339 -9.57 18.53 -23.37
N ASN A 340 -9.45 19.44 -22.42
CA ASN A 340 -10.60 20.11 -21.81
C ASN A 340 -10.36 21.61 -21.82
N CYS A 341 -11.32 22.35 -22.36
CA CYS A 341 -11.26 23.80 -22.36
C CYS A 341 -11.89 24.34 -21.09
N LEU A 342 -11.15 25.15 -20.35
CA LEU A 342 -11.64 25.65 -19.06
C LEU A 342 -12.83 26.57 -19.25
N LYS A 343 -12.72 27.54 -20.16
CA LYS A 343 -13.84 28.44 -20.42
C LYS A 343 -14.99 27.71 -21.10
N CYS A 344 -14.68 26.77 -21.98
CA CYS A 344 -15.68 26.01 -22.72
C CYS A 344 -16.01 24.73 -21.96
N GLY A 345 -16.69 23.80 -22.62
CA GLY A 345 -16.91 22.49 -22.04
C GLY A 345 -15.63 21.68 -21.94
N SER A 346 -15.64 20.71 -21.03
CA SER A 346 -14.48 19.86 -20.79
C SER A 346 -14.48 18.70 -21.78
N ILE A 347 -14.26 19.05 -23.05
CA ILE A 347 -14.24 18.06 -24.13
C ILE A 347 -13.41 18.61 -25.27
N LEU A 348 -12.66 17.72 -25.92
CA LEU A 348 -11.91 18.05 -27.12
C LEU A 348 -11.60 16.76 -27.86
N GLY A 349 -11.23 16.91 -29.13
CA GLY A 349 -10.90 15.76 -29.96
C GLY A 349 -9.63 15.08 -29.48
N PRO A 350 -9.57 13.76 -29.67
CA PRO A 350 -8.35 13.03 -29.31
C PRO A 350 -7.23 13.27 -30.32
N PHE A 351 -6.51 14.37 -30.15
CA PHE A 351 -5.46 14.75 -31.09
C PHE A 351 -4.30 13.76 -31.01
N PHE A 352 -3.97 13.16 -32.14
CA PHE A 352 -2.83 12.25 -32.18
C PHE A 352 -1.52 13.02 -31.97
N GLN A 353 -0.61 12.42 -31.22
CA GLN A 353 0.66 13.05 -30.88
C GLN A 353 1.75 12.43 -31.75
N ASP A 354 2.23 13.19 -32.73
CA ASP A 354 3.32 12.73 -33.57
C ASP A 354 4.65 12.70 -32.84
N SER A 355 4.75 13.41 -31.70
CA SER A 355 5.94 13.56 -30.88
C SER A 355 7.03 14.40 -31.55
N ASN A 356 6.79 14.90 -32.77
CA ASN A 356 7.71 15.87 -33.34
C ASN A 356 7.60 17.21 -32.63
N GLU A 357 6.42 17.52 -32.09
CA GLU A 357 6.19 18.73 -31.32
C GLU A 357 4.99 18.47 -30.41
N GLU A 358 4.80 19.36 -29.44
CA GLU A 358 3.66 19.26 -28.57
C GLU A 358 2.37 19.35 -29.38
N ILE A 359 1.29 18.80 -28.83
CA ILE A 359 0.00 18.80 -29.53
C ILE A 359 -0.35 20.22 -29.95
N ARG A 360 -0.18 21.17 -29.01
CA ARG A 360 -0.17 22.60 -29.31
C ARG A 360 -1.36 23.00 -30.18
N ILE A 361 -2.54 22.52 -29.79
CA ILE A 361 -3.74 22.80 -30.57
C ILE A 361 -3.99 24.30 -30.65
N SER A 362 -3.68 25.01 -29.56
CA SER A 362 -3.80 26.47 -29.50
C SER A 362 -5.22 26.94 -29.79
N PHE A 363 -6.19 26.08 -29.52
CA PHE A 363 -7.60 26.40 -29.75
C PHE A 363 -8.45 25.44 -28.95
N CYS A 364 -9.68 25.86 -28.67
CA CYS A 364 -10.65 25.05 -27.97
C CYS A 364 -11.56 24.35 -28.97
N THR A 365 -11.85 23.07 -28.71
CA THR A 365 -12.74 22.33 -29.60
C THR A 365 -14.18 22.81 -29.46
N ASN A 366 -14.60 23.14 -28.24
CA ASN A 366 -15.99 23.54 -28.02
C ASN A 366 -16.25 24.96 -28.53
N CYS A 367 -15.24 25.81 -28.56
CA CYS A 367 -15.41 27.19 -29.01
C CYS A 367 -14.21 27.60 -29.85
N LYS A 368 -14.48 28.28 -30.97
CA LYS A 368 -13.44 28.67 -31.92
C LYS A 368 -12.66 29.87 -31.37
N SER A 369 -11.92 29.60 -30.29
CA SER A 369 -11.05 30.61 -29.68
C SER A 369 -10.00 29.89 -28.86
N LYS A 370 -8.92 30.61 -28.55
CA LYS A 370 -7.88 30.07 -27.69
C LYS A 370 -8.43 29.87 -26.28
N GLY A 371 -8.09 28.74 -25.69
CA GLY A 371 -8.51 28.42 -24.34
C GLY A 371 -7.57 27.46 -23.66
N PRO A 372 -7.64 27.38 -22.33
CA PRO A 372 -6.82 26.40 -21.62
C PRO A 372 -7.17 24.99 -22.07
N PHE A 373 -6.14 24.14 -22.17
CA PHE A 373 -6.33 22.76 -22.64
C PHE A 373 -5.68 21.83 -21.63
N ARG A 374 -6.42 21.53 -20.56
CA ARG A 374 -5.99 20.49 -19.64
C ARG A 374 -6.22 19.13 -20.28
N VAL A 375 -5.25 18.23 -20.09
CA VAL A 375 -5.31 16.92 -20.74
C VAL A 375 -6.51 16.15 -20.23
N ASN A 376 -7.25 15.54 -21.15
CA ASN A 376 -8.40 14.72 -20.81
C ASN A 376 -8.14 13.29 -21.25
N GLY A 377 -8.35 12.34 -20.34
CA GLY A 377 -8.12 10.94 -20.61
C GLY A 377 -9.29 10.17 -21.18
N GLU A 378 -10.41 10.84 -21.45
CA GLU A 378 -11.60 10.13 -21.93
C GLU A 378 -11.36 9.51 -23.30
N LYS A 379 -10.67 10.22 -24.19
CA LYS A 379 -10.35 9.71 -25.51
C LYS A 379 -8.85 9.56 -25.74
N THR A 380 -8.04 9.75 -24.70
CA THR A 380 -6.60 9.66 -24.85
C THR A 380 -6.15 8.25 -25.17
N VAL A 381 -5.23 8.12 -26.13
CA VAL A 381 -4.60 6.86 -26.47
C VAL A 381 -3.18 6.87 -25.92
N TYR A 382 -2.72 5.70 -25.48
CA TYR A 382 -1.46 5.59 -24.76
C TYR A 382 -0.57 4.56 -25.43
N ARG A 383 0.69 4.93 -25.68
CA ARG A 383 1.63 4.07 -26.38
C ARG A 383 3.02 4.20 -25.79
N ASN A 384 3.78 3.10 -25.83
CA ASN A 384 5.16 3.13 -25.38
C ASN A 384 6.02 3.94 -26.35
N TYR A 385 6.94 4.72 -25.82
CA TYR A 385 7.78 5.59 -26.63
C TYR A 385 9.24 5.48 -26.19
N GLN A 386 10.13 5.38 -27.16
CA GLN A 386 11.56 5.38 -26.91
C GLN A 386 12.27 6.04 -28.08
N ARG A 387 13.36 6.75 -27.78
CA ARG A 387 14.16 7.42 -28.80
C ARG A 387 15.62 7.11 -28.53
N VAL A 388 16.31 6.57 -29.53
CA VAL A 388 17.72 6.22 -29.42
C VAL A 388 18.47 7.04 -30.46
N THR A 389 19.31 7.97 -29.98
CA THR A 389 20.08 8.81 -30.89
C THR A 389 21.01 7.95 -31.74
N LEU A 390 21.05 8.23 -33.04
CA LEU A 390 21.88 7.50 -33.99
C LEU A 390 23.06 8.36 -34.38
N GLN A 391 24.26 7.76 -34.36
CA GLN A 391 25.48 8.45 -34.73
C GLN A 391 26.32 7.53 -35.63
N GLU A 392 27.08 8.15 -36.52
CA GLU A 392 27.92 7.38 -37.43
C GLU A 392 29.01 6.65 -36.66
N ALA A 393 29.40 5.49 -37.19
CA ALA A 393 30.51 4.75 -36.60
C ALA A 393 31.83 5.50 -36.83
N PRO A 394 32.83 5.26 -35.99
CA PRO A 394 34.12 5.95 -36.20
C PRO A 394 34.71 5.67 -37.57
N GLY A 395 34.55 4.45 -38.08
CA GLY A 395 34.94 4.17 -39.46
C GLY A 395 34.06 4.88 -40.47
N THR A 396 32.76 4.98 -40.17
CA THR A 396 31.85 5.69 -41.07
C THR A 396 32.22 7.16 -41.17
N VAL A 397 32.61 7.77 -40.06
CA VAL A 397 33.14 9.13 -40.07
C VAL A 397 34.54 9.08 -40.67
N PRO A 398 35.01 10.14 -41.33
CA PRO A 398 36.40 10.18 -41.77
C PRO A 398 37.33 10.09 -40.58
N PRO A 399 38.46 9.40 -40.72
CA PRO A 399 39.38 9.28 -39.58
C PRO A 399 39.85 10.65 -39.12
N GLY A 400 39.92 10.82 -37.80
CA GLY A 400 40.23 12.11 -37.22
C GLY A 400 39.07 13.08 -37.18
N ARG A 401 37.87 12.65 -37.52
CA ARG A 401 36.68 13.50 -37.50
C ARG A 401 35.59 12.85 -36.67
N LEU A 402 35.00 13.62 -35.76
CA LEU A 402 33.94 13.09 -34.92
C LEU A 402 32.68 12.87 -35.75
N PRO A 403 32.00 11.73 -35.57
CA PRO A 403 30.82 11.45 -36.38
C PRO A 403 29.67 12.40 -36.10
N ARG A 404 28.89 12.68 -37.14
CA ARG A 404 27.65 13.41 -36.98
C ARG A 404 26.57 12.50 -36.40
N HIS A 405 25.70 13.09 -35.58
CA HIS A 405 24.67 12.33 -34.87
C HIS A 405 23.30 12.90 -35.19
N ARG A 406 22.39 12.02 -35.61
CA ARG A 406 20.99 12.36 -35.83
C ARG A 406 20.13 11.36 -35.08
N GLU A 407 19.24 11.85 -34.23
CA GLU A 407 18.46 10.98 -33.35
C GLU A 407 17.55 10.07 -34.16
N VAL A 408 17.40 8.84 -33.67
CA VAL A 408 16.47 7.87 -34.24
C VAL A 408 15.37 7.62 -33.21
N ILE A 409 14.12 7.70 -33.65
CA ILE A 409 12.97 7.56 -32.77
C ILE A 409 12.32 6.19 -33.04
N LEU A 410 12.05 5.46 -31.97
CA LEU A 410 11.41 4.16 -32.08
C LEU A 410 9.90 4.33 -32.01
N LEU A 411 9.20 3.74 -32.97
CA LEU A 411 7.74 3.77 -32.96
C LEU A 411 7.22 2.86 -31.85
N ALA A 412 5.94 3.03 -31.52
CA ALA A 412 5.32 2.16 -30.55
C ALA A 412 5.38 0.71 -31.02
N ASP A 413 5.73 -0.18 -30.09
CA ASP A 413 6.00 -1.60 -30.32
C ASP A 413 7.35 -1.82 -31.00
N LEU A 414 7.99 -0.73 -31.43
CA LEU A 414 9.39 -0.78 -31.85
C LEU A 414 10.33 -0.29 -30.76
N VAL A 415 9.80 0.00 -29.58
CA VAL A 415 10.62 0.52 -28.48
C VAL A 415 11.51 -0.58 -27.94
N ASP A 416 12.64 -0.18 -27.34
CA ASP A 416 13.62 -1.08 -26.76
C ASP A 416 14.20 -2.05 -27.77
N VAL A 417 14.09 -1.74 -29.06
CA VAL A 417 14.70 -2.58 -30.08
C VAL A 417 16.22 -2.50 -30.02
N SER A 418 16.76 -1.35 -29.62
CA SER A 418 18.19 -1.12 -29.60
C SER A 418 18.61 -0.59 -28.23
N LYS A 419 19.91 -0.67 -27.98
CA LYS A 419 20.52 -0.25 -26.72
C LYS A 419 21.65 0.73 -27.02
N PRO A 420 22.05 1.54 -26.05
CA PRO A 420 23.09 2.55 -26.29
C PRO A 420 24.41 1.92 -26.71
N GLY A 421 25.11 2.58 -27.62
CA GLY A 421 26.40 2.11 -28.07
C GLY A 421 26.35 0.90 -28.98
N GLU A 422 25.22 0.64 -29.62
CA GLU A 422 25.05 -0.53 -30.47
C GLU A 422 24.88 -0.09 -31.92
N GLU A 423 25.62 -0.72 -32.82
CA GLU A 423 25.46 -0.46 -34.24
C GLU A 423 24.10 -0.97 -34.72
N VAL A 424 23.48 -0.20 -35.61
CA VAL A 424 22.15 -0.54 -36.09
C VAL A 424 21.94 0.13 -37.44
N GLU A 425 21.12 -0.50 -38.29
CA GLU A 425 20.65 0.08 -39.54
C GLU A 425 19.15 0.31 -39.40
N VAL A 426 18.74 1.57 -39.37
CA VAL A 426 17.36 1.96 -39.08
C VAL A 426 16.75 2.59 -40.30
N THR A 427 15.60 2.08 -40.74
CA THR A 427 14.83 2.66 -41.81
C THR A 427 13.84 3.65 -41.20
N GLY A 428 14.10 4.94 -41.38
CA GLY A 428 13.28 5.95 -40.76
C GLY A 428 13.23 7.23 -41.56
N ILE A 429 12.15 7.99 -41.34
CA ILE A 429 11.94 9.25 -42.04
C ILE A 429 12.69 10.34 -41.28
N TYR A 430 13.71 10.92 -41.91
CA TYR A 430 14.37 12.08 -41.33
C TYR A 430 13.39 13.25 -41.32
N LYS A 431 13.48 14.07 -40.27
CA LYS A 431 12.55 15.18 -40.12
C LYS A 431 13.22 16.29 -39.31
N ASN A 432 12.83 17.53 -39.59
CA ASN A 432 13.38 18.70 -38.92
C ASN A 432 12.30 19.36 -38.08
N ASN A 433 12.65 19.73 -36.85
CA ASN A 433 11.73 20.36 -35.91
C ASN A 433 12.36 21.63 -35.36
N TYR A 434 11.61 22.73 -35.40
CA TYR A 434 12.15 24.03 -34.99
C TYR A 434 12.45 24.05 -33.50
N ASP A 435 13.51 24.77 -33.13
CA ASP A 435 13.91 24.93 -31.74
C ASP A 435 14.47 26.33 -31.53
N GLY A 436 13.89 27.06 -30.57
CA GLY A 436 14.34 28.42 -30.30
C GLY A 436 15.76 28.47 -29.78
N ASN A 437 16.13 27.53 -28.91
CA ASN A 437 17.51 27.47 -28.43
C ASN A 437 18.48 27.15 -29.56
N LEU A 438 18.07 26.26 -30.48
CA LEU A 438 18.91 25.98 -31.64
C LEU A 438 19.09 27.22 -32.50
N ASN A 439 18.01 27.99 -32.70
CA ASN A 439 18.12 29.23 -33.45
C ASN A 439 19.05 30.22 -32.75
N ALA A 440 18.95 30.33 -31.43
CA ALA A 440 19.81 31.24 -30.69
C ALA A 440 21.27 30.85 -30.79
N LYS A 441 21.57 29.55 -30.66
CA LYS A 441 22.95 29.09 -30.76
C LYS A 441 23.50 29.26 -32.17
N ASN A 442 22.67 28.99 -33.18
CA ASN A 442 23.15 29.10 -34.56
C ASN A 442 23.29 30.56 -35.00
N GLY A 443 22.51 31.46 -34.40
CA GLY A 443 22.43 32.82 -34.88
C GLY A 443 21.46 33.04 -36.01
N PHE A 444 20.83 31.99 -36.48
CA PHE A 444 19.82 32.04 -37.53
C PHE A 444 18.69 31.08 -37.17
N PRO A 445 17.50 31.31 -37.70
CA PRO A 445 16.42 30.33 -37.49
C PRO A 445 16.83 28.97 -38.03
N VAL A 446 16.49 27.91 -37.29
CA VAL A 446 16.95 26.57 -37.61
C VAL A 446 15.99 25.56 -37.00
N PHE A 447 15.99 24.34 -37.52
CA PHE A 447 15.15 23.26 -37.04
C PHE A 447 16.01 22.05 -36.72
N ALA A 448 15.85 21.50 -35.52
CA ALA A 448 16.58 20.31 -35.13
C ALA A 448 16.08 19.11 -35.93
N THR A 449 17.02 18.28 -36.38
CA THR A 449 16.73 17.14 -37.24
C THR A 449 16.84 15.84 -36.45
N ILE A 450 15.82 14.99 -36.58
CA ILE A 450 15.80 13.70 -35.90
C ILE A 450 15.13 12.68 -36.82
N ILE A 451 15.80 11.55 -37.06
CA ILE A 451 15.18 10.47 -37.81
C ILE A 451 14.14 9.77 -36.94
N GLU A 452 13.09 9.29 -37.57
CA GLU A 452 12.01 8.57 -36.89
C GLU A 452 11.85 7.22 -37.58
N ALA A 453 12.27 6.15 -36.91
CA ALA A 453 12.37 4.84 -37.53
C ALA A 453 10.98 4.21 -37.65
N ASN A 454 10.51 4.02 -38.89
CA ASN A 454 9.35 3.18 -39.12
C ASN A 454 9.67 1.72 -38.81
N SER A 455 10.93 1.33 -38.97
CA SER A 455 11.40 0.00 -38.61
C SER A 455 12.89 0.08 -38.32
N ILE A 456 13.38 -0.87 -37.53
CA ILE A 456 14.76 -0.92 -37.11
C ILE A 456 15.34 -2.28 -37.49
N LYS A 457 16.57 -2.27 -38.01
CA LYS A 457 17.30 -3.49 -38.36
C LYS A 457 18.68 -3.39 -37.73
N ARG A 458 18.78 -3.80 -36.46
CA ARG A 458 20.03 -3.69 -35.73
C ARG A 458 21.08 -4.64 -36.31
N ARG A 459 22.33 -4.20 -36.29
CA ARG A 459 23.44 -4.99 -36.79
C ARG A 459 23.93 -5.99 -35.74
N PHE A 474 26.77 -17.69 -29.33
CA PHE A 474 27.87 -18.55 -28.89
C PHE A 474 27.35 -19.91 -28.44
N SER A 475 26.03 -20.05 -28.42
CA SER A 475 25.42 -21.30 -27.97
C SER A 475 25.74 -22.43 -28.95
N TRP A 476 25.99 -23.61 -28.41
CA TRP A 476 26.28 -24.77 -29.24
C TRP A 476 25.04 -25.23 -29.99
N THR A 477 25.22 -25.57 -31.26
CA THR A 477 24.14 -26.10 -32.06
C THR A 477 23.95 -27.59 -31.79
N GLU A 478 22.80 -28.12 -32.23
CA GLU A 478 22.54 -29.54 -32.04
C GLU A 478 23.39 -30.40 -32.99
N GLU A 479 23.47 -30.00 -34.26
CA GLU A 479 24.41 -30.64 -35.16
C GLU A 479 25.85 -30.47 -34.67
N GLU A 480 26.14 -29.33 -34.06
CA GLU A 480 27.45 -29.14 -33.43
C GLU A 480 27.66 -30.12 -32.29
N GLU A 481 26.61 -30.42 -31.53
CA GLU A 481 26.73 -31.41 -30.45
C GLU A 481 27.01 -32.79 -31.01
N ARG A 482 26.31 -33.17 -32.08
CA ARG A 482 26.58 -34.46 -32.71
C ARG A 482 28.01 -34.53 -33.22
N GLU A 483 28.46 -33.48 -33.90
CA GLU A 483 29.83 -33.45 -34.42
C GLU A 483 30.86 -33.44 -33.29
N PHE A 484 30.55 -32.77 -32.17
CA PHE A 484 31.47 -32.74 -31.04
C PHE A 484 31.58 -34.11 -30.39
N ARG A 485 30.47 -34.82 -30.26
CA ARG A 485 30.52 -36.19 -29.76
C ARG A 485 31.32 -37.08 -30.71
N LYS A 486 31.16 -36.87 -32.02
CA LYS A 486 31.92 -37.68 -32.97
C LYS A 486 33.41 -37.39 -32.90
N ILE A 487 33.79 -36.11 -32.83
CA ILE A 487 35.20 -35.74 -32.80
C ILE A 487 35.84 -36.11 -31.46
N SER A 488 35.06 -36.09 -30.39
CA SER A 488 35.59 -36.41 -29.06
C SER A 488 35.96 -37.89 -28.97
N ARG A 489 36.99 -38.16 -28.18
CA ARG A 489 37.46 -39.51 -27.93
C ARG A 489 37.34 -39.83 -26.45
N ASP A 490 37.20 -41.12 -26.13
CA ASP A 490 37.17 -41.53 -24.74
C ASP A 490 38.51 -41.27 -24.05
N ARG A 491 39.61 -41.37 -24.79
CA ARG A 491 40.94 -41.09 -24.27
C ARG A 491 41.71 -40.28 -25.30
N GLY A 492 42.50 -39.32 -24.82
CA GLY A 492 43.23 -38.42 -25.69
C GLY A 492 42.47 -37.18 -26.12
N ILE A 493 41.18 -37.11 -25.81
CA ILE A 493 40.41 -35.91 -26.11
C ILE A 493 40.96 -34.73 -25.35
N ILE A 494 41.47 -34.95 -24.14
CA ILE A 494 42.11 -33.88 -23.38
C ILE A 494 43.34 -33.38 -24.12
N ASP A 495 44.11 -34.29 -24.71
CA ASP A 495 45.28 -33.89 -25.49
C ASP A 495 44.89 -33.07 -26.71
N LYS A 496 43.84 -33.50 -27.41
CA LYS A 496 43.37 -32.73 -28.57
C LYS A 496 42.87 -31.35 -28.14
N ILE A 497 42.15 -31.29 -27.02
CA ILE A 497 41.64 -30.02 -26.53
C ILE A 497 42.77 -29.10 -26.08
N ILE A 498 43.84 -29.68 -25.51
CA ILE A 498 44.98 -28.88 -25.10
C ILE A 498 45.72 -28.33 -26.31
N SER A 499 45.86 -29.15 -27.36
CA SER A 499 46.46 -28.66 -28.60
C SER A 499 45.60 -27.56 -29.21
N SER A 500 44.28 -27.70 -29.14
CA SER A 500 43.39 -26.65 -29.63
C SER A 500 43.49 -25.39 -28.77
N MET A 501 43.73 -25.54 -27.48
CA MET A 501 43.80 -24.40 -26.57
C MET A 501 45.08 -23.60 -26.83
N ALA A 502 44.97 -22.29 -26.66
CA ALA A 502 46.07 -21.36 -26.86
C ALA A 502 46.75 -21.57 -28.23
N PRO A 503 45.98 -21.59 -29.31
CA PRO A 503 46.60 -21.75 -30.63
C PRO A 503 47.60 -20.68 -30.96
N SER A 504 47.36 -19.44 -30.53
CA SER A 504 48.34 -18.38 -30.74
C SER A 504 49.60 -18.61 -29.93
N ILE A 505 49.48 -19.21 -28.75
CA ILE A 505 50.63 -19.45 -27.89
C ILE A 505 51.44 -20.62 -28.43
N TYR A 506 52.76 -20.52 -28.32
CA TYR A 506 53.66 -21.61 -28.65
C TYR A 506 54.25 -22.16 -27.36
N GLY A 507 54.21 -23.47 -27.21
CA GLY A 507 54.59 -24.07 -25.94
C GLY A 507 53.52 -23.88 -24.90
N HIS A 508 53.93 -24.00 -23.64
CA HIS A 508 53.03 -23.86 -22.49
C HIS A 508 51.84 -24.81 -22.61
N ARG A 509 52.14 -26.06 -22.96
CA ARG A 509 51.09 -27.06 -23.11
C ARG A 509 50.39 -27.36 -21.79
N ASP A 510 51.14 -27.32 -20.68
CA ASP A 510 50.51 -27.48 -19.37
C ASP A 510 49.54 -26.33 -19.08
N ILE A 511 49.93 -25.10 -19.45
CA ILE A 511 49.04 -23.96 -19.30
C ILE A 511 47.80 -24.14 -20.17
N LYS A 512 48.00 -24.69 -21.38
CA LYS A 512 46.86 -24.94 -22.26
C LYS A 512 45.91 -25.96 -21.64
N THR A 513 46.45 -27.03 -21.04
CA THR A 513 45.61 -28.03 -20.40
C THR A 513 44.86 -27.44 -19.20
N ALA A 514 45.54 -26.61 -18.40
CA ALA A 514 44.89 -26.00 -17.25
C ALA A 514 43.77 -25.06 -17.69
N VAL A 515 44.04 -24.24 -18.71
CA VAL A 515 43.01 -23.33 -19.21
C VAL A 515 41.86 -24.11 -19.84
N ALA A 516 42.16 -25.24 -20.48
CA ALA A 516 41.10 -26.07 -21.04
C ALA A 516 40.22 -26.66 -19.95
N CYS A 517 40.84 -27.11 -18.85
CA CYS A 517 40.04 -27.60 -17.72
C CYS A 517 39.17 -26.50 -17.15
N SER A 518 39.73 -25.29 -16.99
CA SER A 518 38.94 -24.17 -16.48
C SER A 518 37.79 -23.83 -17.41
N LEU A 519 38.03 -23.88 -18.72
CA LEU A 519 36.98 -23.56 -19.68
C LEU A 519 35.89 -24.62 -19.71
N PHE A 520 36.28 -25.90 -19.63
CA PHE A 520 35.29 -26.96 -19.58
C PHE A 520 34.44 -26.87 -18.32
N GLY A 521 35.06 -26.55 -17.18
CA GLY A 521 34.32 -26.25 -15.97
C GLY A 521 33.70 -27.48 -15.33
N GLY A 522 32.98 -27.24 -14.24
CA GLY A 522 32.36 -28.31 -13.49
C GLY A 522 30.98 -27.93 -13.01
N VAL A 523 30.24 -28.96 -12.58
CA VAL A 523 28.87 -28.75 -12.10
C VAL A 523 28.92 -28.08 -10.73
N PRO A 524 28.09 -27.07 -10.47
CA PRO A 524 28.11 -26.42 -9.16
C PRO A 524 27.58 -27.32 -8.05
N LYS A 525 28.05 -27.05 -6.84
CA LYS A 525 27.66 -27.80 -5.65
C LYS A 525 27.27 -26.85 -4.54
N ASN A 526 26.21 -27.18 -3.82
CA ASN A 526 25.68 -26.28 -2.79
C ASN A 526 25.18 -27.07 -1.59
N VAL A 527 25.58 -26.63 -0.40
CA VAL A 527 25.01 -27.07 0.87
C VAL A 527 25.61 -26.24 2.00
N SER A 532 30.18 -27.26 -0.58
CA SER A 532 31.53 -26.72 -0.47
C SER A 532 32.18 -26.57 -1.84
N ILE A 533 31.92 -27.55 -2.72
CA ILE A 533 32.53 -27.55 -4.04
C ILE A 533 31.95 -26.42 -4.88
N ARG A 534 32.81 -25.78 -5.67
CA ARG A 534 32.41 -24.72 -6.59
C ARG A 534 32.45 -25.26 -8.01
N GLY A 535 31.40 -24.99 -8.78
CA GLY A 535 31.33 -25.50 -10.14
C GLY A 535 32.40 -24.92 -11.03
N ASP A 536 32.69 -23.63 -10.88
CA ASP A 536 33.72 -23.00 -11.68
C ASP A 536 35.09 -23.57 -11.34
N ILE A 537 35.92 -23.76 -12.36
CA ILE A 537 37.28 -24.25 -12.22
C ILE A 537 38.23 -23.09 -12.50
N ASN A 538 39.12 -22.81 -11.54
CA ASN A 538 40.01 -21.66 -11.63
C ASN A 538 41.40 -22.10 -12.12
N VAL A 539 41.97 -21.31 -13.02
CA VAL A 539 43.28 -21.58 -13.59
C VAL A 539 44.15 -20.35 -13.41
N LEU A 540 45.44 -20.58 -13.15
CA LEU A 540 46.41 -19.51 -12.98
C LEU A 540 47.65 -19.78 -13.83
N LEU A 541 48.12 -18.77 -14.52
CA LEU A 541 49.32 -18.86 -15.35
C LEU A 541 50.30 -17.78 -14.96
N LEU A 542 51.55 -18.17 -14.75
CA LEU A 542 52.62 -17.24 -14.42
C LEU A 542 53.82 -17.52 -15.33
N GLY A 543 54.43 -16.46 -15.83
CA GLY A 543 55.58 -16.62 -16.71
C GLY A 543 56.20 -15.29 -17.04
N ASP A 544 57.40 -15.36 -17.61
CA ASP A 544 58.12 -14.18 -18.03
C ASP A 544 57.46 -13.57 -19.27
N PRO A 545 57.75 -12.29 -19.56
CA PRO A 545 57.15 -11.67 -20.74
C PRO A 545 57.51 -12.43 -22.01
N GLY A 546 56.54 -12.49 -22.92
CA GLY A 546 56.65 -13.34 -24.09
C GLY A 546 56.17 -14.76 -23.88
N THR A 547 55.68 -15.09 -22.68
CA THR A 547 55.13 -16.42 -22.44
C THR A 547 53.81 -16.64 -23.18
N ALA A 548 53.17 -15.57 -23.64
CA ALA A 548 51.87 -15.63 -24.32
C ALA A 548 50.78 -16.22 -23.44
N LYS A 549 50.96 -16.15 -22.11
CA LYS A 549 49.87 -16.52 -21.21
C LYS A 549 48.68 -15.59 -21.40
N SER A 550 48.95 -14.31 -21.65
CA SER A 550 47.87 -13.39 -22.00
C SER A 550 47.23 -13.77 -23.33
N GLN A 551 48.00 -14.33 -24.26
CA GLN A 551 47.41 -14.81 -25.51
C GLN A 551 46.50 -16.01 -25.26
N ILE A 552 46.92 -16.92 -24.38
CA ILE A 552 46.05 -18.02 -23.99
C ILE A 552 44.79 -17.50 -23.32
N LEU A 553 44.92 -16.44 -22.52
CA LEU A 553 43.76 -15.83 -21.89
C LEU A 553 42.84 -15.18 -22.91
N LYS A 554 43.40 -14.60 -23.98
CA LYS A 554 42.57 -14.04 -25.04
C LYS A 554 41.81 -15.14 -25.79
N TYR A 555 42.50 -16.25 -26.08
CA TYR A 555 41.82 -17.40 -26.66
C TYR A 555 40.72 -17.90 -25.73
N VAL A 556 40.98 -17.88 -24.42
CA VAL A 556 39.97 -18.26 -23.45
C VAL A 556 38.81 -17.26 -23.44
N GLU A 557 39.10 -15.99 -23.69
CA GLU A 557 38.03 -14.99 -23.80
C GLU A 557 37.10 -15.33 -24.94
N LYS A 558 37.66 -15.78 -26.07
CA LYS A 558 36.83 -16.29 -27.15
C LYS A 558 36.10 -17.57 -26.72
N THR A 559 36.79 -18.44 -25.97
CA THR A 559 36.24 -19.75 -25.62
C THR A 559 35.04 -19.65 -24.69
N ALA A 560 35.10 -18.75 -23.72
CA ALA A 560 34.01 -18.63 -22.75
C ALA A 560 32.78 -17.98 -23.39
N HIS A 561 31.61 -18.35 -22.88
CA HIS A 561 30.37 -17.86 -23.46
C HIS A 561 30.24 -16.35 -23.34
N ARG A 562 30.58 -15.80 -22.17
CA ARG A 562 30.48 -14.36 -21.91
C ARG A 562 31.70 -13.87 -21.16
N ALA A 563 32.89 -14.19 -21.65
CA ALA A 563 34.11 -13.85 -20.93
C ALA A 563 34.31 -12.34 -20.83
N VAL A 564 34.95 -11.92 -19.74
CA VAL A 564 35.40 -10.55 -19.54
C VAL A 564 36.87 -10.58 -19.16
N PHE A 565 37.69 -9.84 -19.90
CA PHE A 565 39.12 -9.78 -19.66
C PHE A 565 39.46 -8.55 -18.83
N ALA A 566 40.30 -8.74 -17.82
CA ALA A 566 40.70 -7.64 -16.96
C ALA A 566 42.13 -7.85 -16.49
N THR A 567 42.81 -6.76 -16.17
CA THR A 567 44.17 -6.77 -15.65
C THR A 567 44.22 -5.97 -14.37
N GLY A 568 45.20 -6.30 -13.53
CA GLY A 568 45.30 -5.65 -12.23
C GLY A 568 45.47 -4.15 -12.33
N GLN A 569 46.32 -3.69 -13.26
CA GLN A 569 46.48 -2.26 -13.48
C GLN A 569 45.27 -1.69 -14.22
N GLY A 570 44.61 -2.49 -15.04
CA GLY A 570 43.54 -1.97 -15.88
C GLY A 570 42.20 -1.81 -15.19
N ALA A 571 41.94 -2.61 -14.16
CA ALA A 571 40.62 -2.64 -13.53
C ALA A 571 40.77 -2.56 -12.02
N SER A 572 40.10 -1.57 -11.42
CA SER A 572 40.01 -1.50 -9.97
C SER A 572 38.94 -2.46 -9.46
N ALA A 573 39.01 -2.77 -8.17
CA ALA A 573 38.02 -3.67 -7.57
C ALA A 573 36.63 -3.07 -7.61
N VAL A 574 36.50 -1.82 -7.16
CA VAL A 574 35.19 -1.17 -7.13
C VAL A 574 34.72 -0.87 -8.54
N GLY A 575 35.63 -0.48 -9.43
CA GLY A 575 35.25 -0.23 -10.81
C GLY A 575 34.76 -1.48 -11.51
N LEU A 576 35.40 -2.61 -11.25
CA LEU A 576 34.93 -3.88 -11.78
C LEU A 576 33.69 -4.38 -11.07
N THR A 577 33.41 -3.88 -9.86
CA THR A 577 32.19 -4.25 -9.17
C THR A 577 30.96 -3.63 -9.84
N ALA A 578 31.02 -2.33 -10.12
CA ALA A 578 29.93 -1.61 -10.77
C ALA A 578 30.42 -0.22 -11.15
N SER A 579 29.60 0.47 -11.94
CA SER A 579 29.82 1.86 -12.29
C SER A 579 28.53 2.62 -12.06
N VAL A 580 28.64 3.86 -11.58
CA VAL A 580 27.49 4.69 -11.24
C VAL A 580 27.56 5.99 -12.03
N ARG A 581 26.40 6.45 -12.50
CA ARG A 581 26.34 7.68 -13.27
C ARG A 581 24.91 8.22 -13.22
N LYS A 582 24.79 9.52 -13.46
CA LYS A 582 23.48 10.14 -13.54
C LYS A 582 22.75 9.68 -14.80
N ASP A 583 21.44 9.49 -14.67
CA ASP A 583 20.63 9.04 -15.80
C ASP A 583 19.96 10.21 -16.50
N GLU A 588 18.29 12.35 -12.30
CA GLU A 588 18.16 10.90 -12.11
C GLU A 588 19.53 10.25 -11.94
N TRP A 589 19.54 9.06 -11.34
CA TRP A 589 20.76 8.30 -11.13
C TRP A 589 20.55 6.87 -11.59
N THR A 590 21.58 6.29 -12.21
CA THR A 590 21.51 4.93 -12.73
C THR A 590 22.84 4.23 -12.47
N LEU A 591 22.79 2.90 -12.44
CA LEU A 591 23.95 2.08 -12.15
C LEU A 591 24.30 1.24 -13.36
N GLU A 592 25.60 0.96 -13.51
CA GLU A 592 26.12 0.12 -14.57
C GLU A 592 26.73 -1.14 -13.98
N GLY A 593 26.44 -2.29 -14.59
CA GLY A 593 26.99 -3.53 -14.09
C GLY A 593 28.49 -3.60 -14.26
N GLY A 594 29.14 -4.27 -13.30
CA GLY A 594 30.58 -4.44 -13.36
C GLY A 594 31.00 -5.47 -14.39
N ALA A 595 32.31 -5.48 -14.67
CA ALA A 595 32.83 -6.42 -15.67
C ALA A 595 32.74 -7.86 -15.18
N LEU A 596 33.14 -8.10 -13.93
CA LEU A 596 33.05 -9.45 -13.37
C LEU A 596 31.61 -9.94 -13.33
N VAL A 597 30.67 -9.04 -13.01
CA VAL A 597 29.26 -9.40 -13.06
C VAL A 597 28.82 -9.66 -14.50
N LEU A 598 29.38 -8.90 -15.45
CA LEU A 598 29.04 -9.09 -16.85
C LEU A 598 29.48 -10.46 -17.35
N ALA A 599 30.60 -10.96 -16.86
CA ALA A 599 31.05 -12.31 -17.19
C ALA A 599 30.37 -13.29 -16.25
N ASP A 600 29.35 -13.99 -16.74
CA ASP A 600 28.58 -14.92 -15.92
C ASP A 600 28.50 -16.27 -16.61
N LYS A 601 28.85 -17.33 -15.85
CA LYS A 601 28.75 -18.72 -16.23
C LYS A 601 29.75 -19.09 -17.32
N GLY A 602 30.32 -18.07 -17.97
CA GLY A 602 31.42 -18.26 -18.88
C GLY A 602 32.68 -17.84 -18.13
N VAL A 603 33.78 -18.52 -18.43
CA VAL A 603 35.01 -18.33 -17.67
C VAL A 603 35.43 -16.86 -17.75
N CYS A 604 35.57 -16.24 -16.59
CA CYS A 604 36.10 -14.88 -16.51
C CYS A 604 37.63 -14.92 -16.61
N LEU A 605 38.22 -13.76 -16.86
CA LEU A 605 39.65 -13.64 -17.05
C LEU A 605 40.23 -12.62 -16.07
N ILE A 606 41.44 -12.89 -15.60
CA ILE A 606 42.18 -11.99 -14.73
C ILE A 606 43.63 -11.94 -15.19
N ASP A 607 44.30 -10.84 -14.86
CA ASP A 607 45.67 -10.64 -15.27
C ASP A 607 46.37 -9.72 -14.28
N GLU A 608 47.72 -9.76 -14.32
CA GLU A 608 48.56 -8.91 -13.47
C GLU A 608 48.25 -9.09 -11.99
N PHE A 609 48.10 -10.35 -11.58
CA PHE A 609 47.86 -10.68 -10.17
C PHE A 609 49.07 -10.31 -9.31
N ASP A 614 46.74 -4.01 -6.05
CA ASP A 614 46.18 -5.36 -5.99
C ASP A 614 44.67 -5.31 -5.79
N GLN A 615 44.05 -4.22 -6.25
CA GLN A 615 42.60 -4.09 -6.13
C GLN A 615 41.89 -5.17 -6.93
N ASP A 616 42.36 -5.45 -8.14
CA ASP A 616 41.79 -6.55 -8.91
C ASP A 616 42.00 -7.88 -8.19
N ARG A 617 43.15 -8.03 -7.52
CA ARG A 617 43.35 -9.20 -6.68
C ARG A 617 42.38 -9.24 -5.52
N THR A 618 42.01 -8.08 -4.98
CA THR A 618 41.00 -8.05 -3.92
C THR A 618 39.62 -8.46 -4.44
N SER A 619 39.28 -8.01 -5.65
CA SER A 619 38.03 -8.45 -6.27
C SER A 619 38.05 -9.95 -6.51
N ILE A 620 39.20 -10.49 -6.93
CA ILE A 620 39.33 -11.94 -7.12
C ILE A 620 39.23 -12.65 -5.78
N HIS A 621 40.01 -12.17 -4.80
CA HIS A 621 40.12 -12.90 -3.50
C HIS A 621 38.84 -12.74 -2.70
N GLU A 622 38.27 -11.55 -2.71
CA GLU A 622 36.97 -11.41 -2.02
C GLU A 622 36.02 -12.35 -2.76
N ALA A 623 36.12 -12.40 -4.10
CA ALA A 623 35.26 -13.36 -4.80
C ALA A 623 35.59 -14.79 -4.37
N MET A 624 36.86 -15.15 -4.26
CA MET A 624 37.10 -16.57 -3.93
C MET A 624 36.55 -16.92 -2.53
N GLU A 625 36.82 -16.10 -1.51
CA GLU A 625 36.21 -16.40 -0.18
C GLU A 625 34.68 -16.18 -0.16
N GLN A 626 34.23 -15.06 -0.72
CA GLN A 626 32.77 -14.71 -0.73
C GLN A 626 31.96 -15.64 -1.64
N GLN A 627 32.51 -16.05 -2.78
CA GLN A 627 31.72 -16.76 -3.82
C GLN A 627 31.01 -15.59 -4.52
N SER A 628 31.34 -14.37 -4.10
CA SER A 628 30.76 -13.12 -4.68
C SER A 628 31.93 -12.18 -4.94
N ILE A 629 31.92 -11.43 -6.04
CA ILE A 629 33.11 -10.60 -6.41
C ILE A 629 33.36 -9.59 -5.27
N LEU A 640 28.70 -8.94 -5.21
CA LEU A 640 27.89 -9.44 -6.36
C LEU A 640 28.62 -10.71 -6.82
N GLN A 641 27.92 -11.83 -6.99
CA GLN A 641 28.66 -13.09 -7.29
C GLN A 641 29.38 -12.96 -8.64
N ALA A 642 30.62 -13.41 -8.72
CA ALA A 642 31.33 -13.41 -10.02
C ALA A 642 30.58 -14.35 -10.96
N ARG A 643 30.15 -15.51 -10.44
CA ARG A 643 29.37 -16.48 -11.25
C ARG A 643 30.19 -16.85 -12.49
N CYS A 644 31.51 -17.02 -12.36
CA CYS A 644 32.35 -17.28 -13.54
C CYS A 644 33.70 -17.87 -13.12
N SER A 645 34.27 -18.77 -13.95
CA SER A 645 35.59 -19.29 -13.63
C SER A 645 36.65 -18.22 -13.79
N ILE A 646 37.75 -18.37 -13.05
CA ILE A 646 38.84 -17.40 -13.04
C ILE A 646 40.03 -18.01 -13.77
N ILE A 647 40.54 -17.28 -14.76
CA ILE A 647 41.75 -17.66 -15.50
C ILE A 647 42.74 -16.52 -15.37
N ALA A 648 43.93 -16.81 -14.84
CA ALA A 648 44.92 -15.80 -14.53
C ALA A 648 46.09 -15.87 -15.52
N ALA A 649 46.52 -14.70 -16.00
CA ALA A 649 47.73 -14.56 -16.81
C ALA A 649 48.53 -13.41 -16.20
N ALA A 650 49.32 -13.72 -15.18
CA ALA A 650 50.03 -12.71 -14.40
C ALA A 650 51.53 -12.88 -14.57
N ASN A 651 52.20 -11.79 -14.94
CA ASN A 651 53.66 -11.79 -14.94
C ASN A 651 54.17 -11.84 -13.51
N PRO A 652 55.26 -12.56 -13.26
CA PRO A 652 55.74 -12.72 -11.87
C PRO A 652 56.44 -11.46 -11.38
N ASN A 653 55.87 -10.83 -10.35
CA ASN A 653 56.44 -9.64 -9.72
C ASN A 653 56.64 -8.49 -10.71
N GLY A 654 55.83 -8.47 -11.77
CA GLY A 654 55.98 -7.45 -12.80
C GLY A 654 57.29 -7.51 -13.53
N GLY A 655 57.86 -8.70 -13.68
CA GLY A 655 59.14 -8.86 -14.34
C GLY A 655 59.30 -10.27 -14.85
N ARG A 656 60.44 -10.51 -15.49
CA ARG A 656 60.74 -11.84 -16.01
C ARG A 656 60.81 -12.86 -14.87
N TYR A 657 60.28 -14.05 -15.14
CA TYR A 657 60.12 -15.04 -14.09
C TYR A 657 61.48 -15.50 -13.55
N ASN A 658 61.55 -15.66 -12.23
CA ASN A 658 62.73 -16.18 -11.55
C ASN A 658 62.33 -17.44 -10.80
N SER A 659 63.15 -18.49 -10.93
CA SER A 659 62.80 -19.79 -10.36
C SER A 659 62.79 -19.76 -8.83
N THR A 660 63.67 -18.95 -8.23
CA THR A 660 63.81 -18.97 -6.77
C THR A 660 62.54 -18.51 -6.06
N LEU A 661 61.83 -17.56 -6.63
CA LEU A 661 60.65 -17.01 -5.96
C LEU A 661 59.51 -18.01 -5.96
N PRO A 662 58.94 -18.35 -4.81
CA PRO A 662 57.70 -19.14 -4.80
C PRO A 662 56.57 -18.35 -5.41
N LEU A 663 55.57 -19.08 -5.92
CA LEU A 663 54.47 -18.44 -6.65
C LEU A 663 53.77 -17.38 -5.80
N ALA A 664 53.67 -17.61 -4.49
CA ALA A 664 53.05 -16.62 -3.61
C ALA A 664 53.83 -15.31 -3.62
N GLN A 665 55.16 -15.39 -3.72
CA GLN A 665 55.96 -14.18 -3.85
C GLN A 665 55.90 -13.62 -5.27
N ASN A 666 55.87 -14.49 -6.28
CA ASN A 666 55.87 -14.04 -7.67
C ASN A 666 54.62 -13.24 -7.98
N VAL A 667 53.47 -13.66 -7.45
CA VAL A 667 52.23 -12.91 -7.57
C VAL A 667 51.59 -12.85 -6.20
N SER A 668 51.33 -11.63 -5.72
CA SER A 668 50.65 -11.47 -4.44
C SER A 668 49.24 -12.04 -4.54
N LEU A 669 48.88 -12.87 -3.57
CA LEU A 669 47.60 -13.57 -3.57
C LEU A 669 47.40 -14.16 -2.17
N THR A 670 46.37 -14.98 -2.03
CA THR A 670 46.09 -15.69 -0.79
C THR A 670 46.40 -17.17 -0.97
N GLU A 671 46.93 -17.79 0.09
CA GLU A 671 47.06 -19.24 0.10
C GLU A 671 45.71 -19.91 -0.11
N PRO A 672 44.63 -19.46 0.52
CA PRO A 672 43.30 -19.99 0.16
C PRO A 672 42.95 -19.77 -1.31
N ILE A 673 43.39 -18.67 -1.91
CA ILE A 673 43.13 -18.45 -3.33
C ILE A 673 43.87 -19.48 -4.18
N LEU A 674 45.12 -19.78 -3.80
CA LEU A 674 45.89 -20.81 -4.52
C LEU A 674 45.23 -22.17 -4.35
N SER A 675 44.72 -22.47 -3.15
CA SER A 675 44.01 -23.73 -2.94
C SER A 675 42.71 -23.77 -3.75
N ARG A 676 42.01 -22.64 -3.83
CA ARG A 676 40.76 -22.59 -4.59
C ARG A 676 41.00 -22.72 -6.08
N PHE A 677 42.14 -22.25 -6.57
CA PHE A 677 42.48 -22.44 -7.98
C PHE A 677 42.55 -23.93 -8.29
N ASP A 678 41.84 -24.34 -9.34
CA ASP A 678 41.89 -25.75 -9.74
C ASP A 678 43.26 -26.14 -10.23
N ILE A 679 44.00 -25.21 -10.82
CA ILE A 679 45.35 -25.47 -11.29
C ILE A 679 46.13 -24.16 -11.25
N LEU A 680 47.43 -24.26 -10.95
CA LEU A 680 48.35 -23.15 -10.99
C LEU A 680 49.51 -23.50 -11.90
N CYS A 681 49.93 -22.55 -12.73
CA CYS A 681 50.98 -22.78 -13.71
C CYS A 681 52.07 -21.74 -13.56
N VAL A 682 53.32 -22.18 -13.68
CA VAL A 682 54.50 -21.31 -13.62
C VAL A 682 55.39 -21.63 -14.81
N VAL A 683 55.88 -20.58 -15.47
CA VAL A 683 56.74 -20.71 -16.64
C VAL A 683 58.00 -19.90 -16.41
N ARG A 684 59.15 -20.49 -16.72
CA ARG A 684 60.45 -19.85 -16.57
C ARG A 684 61.03 -19.54 -17.94
N ASP A 685 61.51 -18.31 -18.10
CA ASP A 685 62.11 -17.91 -19.37
C ASP A 685 63.43 -18.64 -19.61
N LEU A 686 63.65 -19.04 -20.86
CA LEU A 686 64.90 -19.70 -21.23
C LEU A 686 65.12 -19.49 -22.73
N VAL A 687 66.39 -19.57 -23.12
CA VAL A 687 66.79 -19.41 -24.52
C VAL A 687 67.40 -20.72 -24.98
N ASP A 688 66.74 -21.39 -25.92
CA ASP A 688 67.27 -22.57 -26.57
C ASP A 688 67.25 -22.35 -28.07
N GLU A 689 68.23 -22.93 -28.77
CA GLU A 689 68.33 -22.73 -30.21
C GLU A 689 67.11 -23.33 -30.93
N GLU A 690 66.73 -24.55 -30.56
CA GLU A 690 65.56 -25.17 -31.17
C GLU A 690 64.29 -24.41 -30.85
N ALA A 691 64.17 -23.92 -29.61
CA ALA A 691 63.01 -23.13 -29.22
C ALA A 691 62.93 -21.83 -30.01
N ASP A 692 64.08 -21.18 -30.20
CA ASP A 692 64.11 -19.95 -30.99
C ASP A 692 63.72 -20.23 -32.43
N GLU A 693 64.21 -21.33 -33.01
CA GLU A 693 63.85 -21.69 -34.37
C GLU A 693 62.35 -21.98 -34.48
N ARG A 694 61.79 -22.67 -33.50
CA ARG A 694 60.37 -23.00 -33.53
C ARG A 694 59.51 -21.74 -33.40
N LEU A 695 59.86 -20.86 -32.45
CA LEU A 695 59.11 -19.64 -32.28
C LEU A 695 59.22 -18.75 -33.52
N ALA A 696 60.40 -18.70 -34.13
CA ALA A 696 60.59 -17.88 -35.32
C ALA A 696 59.82 -18.43 -36.50
N THR A 697 59.83 -19.75 -36.70
CA THR A 697 59.06 -20.34 -37.79
C THR A 697 57.57 -20.10 -37.59
N PHE A 698 57.08 -20.31 -36.37
CA PHE A 698 55.67 -20.09 -36.09
C PHE A 698 55.28 -18.63 -36.26
N VAL A 699 56.14 -17.71 -35.82
CA VAL A 699 55.83 -16.29 -35.89
C VAL A 699 55.87 -15.80 -37.34
N VAL A 700 56.85 -16.23 -38.11
CA VAL A 700 56.92 -15.86 -39.53
C VAL A 700 55.74 -16.44 -40.29
N ASP A 701 55.35 -17.68 -39.97
CA ASP A 701 54.17 -18.26 -40.59
C ASP A 701 52.91 -17.51 -40.19
N SER A 702 52.82 -17.07 -38.93
CA SER A 702 51.66 -16.30 -38.49
C SER A 702 51.61 -14.94 -39.19
N HIS A 703 52.77 -14.30 -39.38
CA HIS A 703 52.81 -13.03 -40.10
C HIS A 703 52.43 -13.21 -41.56
N VAL A 704 52.90 -14.27 -42.20
CA VAL A 704 52.51 -14.55 -43.58
C VAL A 704 51.02 -14.86 -43.66
N ARG A 705 50.51 -15.60 -42.68
CA ARG A 705 49.08 -15.94 -42.63
C ARG A 705 48.23 -14.69 -42.49
N SER A 706 48.62 -13.78 -41.59
CA SER A 706 47.88 -12.55 -41.39
C SER A 706 48.06 -11.59 -42.58
N HIS A 707 49.16 -11.73 -43.30
CA HIS A 707 49.43 -10.82 -44.41
C HIS A 707 48.38 -11.00 -45.52
N PRO A 708 47.99 -9.92 -46.19
CA PRO A 708 46.95 -10.04 -47.22
C PRO A 708 47.33 -10.96 -48.38
N GLU A 709 48.62 -11.06 -48.70
CA GLU A 709 49.03 -11.85 -49.85
C GLU A 709 48.69 -13.33 -49.66
N ASN A 710 48.81 -13.83 -48.44
CA ASN A 710 48.48 -15.22 -48.16
C ASN A 710 47.14 -15.32 -47.43
N LEU A 745 39.09 -18.13 -48.06
CA LEU A 745 38.98 -18.95 -46.86
C LEU A 745 39.93 -20.15 -46.93
N GLN A 746 40.13 -20.69 -48.13
CA GLN A 746 41.14 -21.72 -48.32
C GLN A 746 42.53 -21.16 -48.04
N ARG A 747 42.79 -19.94 -48.50
CA ARG A 747 44.00 -19.24 -48.09
C ARG A 747 44.04 -19.09 -46.57
N GLN A 748 42.89 -18.88 -45.95
CA GLN A 748 42.84 -18.83 -44.48
C GLN A 748 43.10 -20.19 -43.86
N ARG A 749 42.75 -21.29 -44.54
CA ARG A 749 43.09 -22.62 -44.02
C ARG A 749 44.58 -22.86 -44.08
N LYS A 750 45.21 -22.58 -45.23
CA LYS A 750 46.65 -22.67 -45.33
C LYS A 750 47.34 -21.70 -44.36
N LYS A 751 46.66 -20.58 -44.05
CA LYS A 751 47.17 -19.63 -43.07
C LYS A 751 47.12 -20.21 -41.67
N GLU A 752 46.02 -20.87 -41.32
CA GLU A 752 45.90 -21.49 -40.00
C GLU A 752 46.93 -22.59 -39.82
N GLU A 753 47.22 -23.34 -40.89
CA GLU A 753 48.30 -24.33 -40.90
C GLU A 753 48.11 -25.41 -39.85
N GLU A 754 46.85 -25.66 -39.47
CA GLU A 754 46.49 -26.72 -38.52
C GLU A 754 47.25 -26.57 -37.21
N ILE A 755 47.37 -25.34 -36.73
CA ILE A 755 48.02 -25.10 -35.43
C ILE A 755 47.22 -25.72 -34.30
N SER A 756 45.89 -25.68 -34.42
CA SER A 756 45.00 -26.26 -33.42
C SER A 756 44.21 -27.40 -34.05
N PRO A 757 44.30 -28.62 -33.52
CA PRO A 757 43.55 -29.74 -34.13
C PRO A 757 42.04 -29.51 -34.16
N ILE A 758 41.50 -28.86 -33.14
CA ILE A 758 40.07 -28.53 -33.07
C ILE A 758 39.93 -27.04 -33.36
N PRO A 759 39.06 -26.63 -34.29
CA PRO A 759 38.86 -25.20 -34.51
C PRO A 759 38.39 -24.52 -33.24
N GLN A 760 38.80 -23.26 -33.07
CA GLN A 760 38.55 -22.58 -31.80
C GLN A 760 37.07 -22.38 -31.56
N GLU A 761 36.31 -21.99 -32.59
CA GLU A 761 34.87 -21.82 -32.43
C GLU A 761 34.20 -23.15 -32.13
N LEU A 762 34.58 -24.20 -32.83
CA LEU A 762 34.01 -25.53 -32.57
C LEU A 762 34.36 -26.00 -31.16
N LEU A 763 35.56 -25.67 -30.68
CA LEU A 763 35.98 -26.10 -29.35
C LEU A 763 35.25 -25.32 -28.26
N MET A 764 35.04 -24.02 -28.47
CA MET A 764 34.26 -23.25 -27.52
C MET A 764 32.81 -23.73 -27.48
N LYS A 765 32.22 -23.98 -28.64
CA LYS A 765 30.87 -24.52 -28.68
C LYS A 765 30.81 -25.92 -28.09
N TYR A 766 31.87 -26.72 -28.27
CA TYR A 766 31.90 -28.06 -27.69
C TYR A 766 32.04 -28.01 -26.18
N ILE A 767 32.81 -27.05 -25.67
CA ILE A 767 32.90 -26.86 -24.23
C ILE A 767 31.55 -26.42 -23.67
N HIS A 768 30.86 -25.52 -24.38
CA HIS A 768 29.52 -25.12 -23.96
C HIS A 768 28.54 -26.29 -24.00
N TYR A 769 28.63 -27.12 -25.04
CA TYR A 769 27.75 -28.28 -25.14
C TYR A 769 28.07 -29.30 -24.06
N ALA A 770 29.34 -29.47 -23.73
CA ALA A 770 29.75 -30.39 -22.68
C ALA A 770 29.45 -29.84 -21.30
N ARG A 771 29.20 -28.53 -21.18
CA ARG A 771 28.76 -27.94 -19.93
C ARG A 771 27.25 -27.99 -19.77
N THR A 772 26.50 -27.81 -20.86
CA THR A 772 25.04 -27.73 -20.80
C THR A 772 24.35 -29.03 -21.21
N LYS A 773 24.56 -29.47 -22.46
CA LYS A 773 23.94 -30.70 -22.92
C LYS A 773 24.49 -31.91 -22.17
N ILE A 774 25.79 -31.88 -21.85
CA ILE A 774 26.41 -32.87 -20.99
C ILE A 774 26.58 -32.25 -19.61
N TYR A 775 26.19 -32.98 -18.58
CA TYR A 775 26.43 -32.59 -17.19
C TYR A 775 27.28 -33.68 -16.55
N PRO A 776 28.55 -33.43 -16.29
CA PRO A 776 29.42 -34.49 -15.76
C PRO A 776 28.93 -34.98 -14.40
N LYS A 777 29.05 -36.28 -14.19
CA LYS A 777 28.64 -36.93 -12.95
C LYS A 777 29.84 -37.67 -12.38
N LEU A 778 30.23 -37.30 -11.16
CA LEU A 778 31.41 -37.90 -10.54
C LEU A 778 31.21 -39.39 -10.32
N HIS A 779 32.22 -40.17 -10.67
CA HIS A 779 32.18 -41.62 -10.48
C HIS A 779 32.53 -41.97 -9.04
N GLN A 780 31.78 -42.93 -8.47
CA GLN A 780 31.89 -43.21 -7.04
C GLN A 780 33.19 -43.94 -6.70
N MET A 781 33.58 -44.94 -7.48
CA MET A 781 34.82 -45.67 -7.19
C MET A 781 36.04 -44.78 -7.40
N ASP A 782 36.06 -44.05 -8.52
CA ASP A 782 37.12 -43.08 -8.75
C ASP A 782 37.14 -42.01 -7.66
N MET A 783 35.97 -41.65 -7.14
CA MET A 783 35.91 -40.66 -6.07
C MET A 783 36.42 -41.22 -4.75
N ASP A 784 36.21 -42.51 -4.49
CA ASP A 784 36.80 -43.13 -3.30
C ASP A 784 38.31 -43.14 -3.39
N LYS A 785 38.84 -43.53 -4.56
CA LYS A 785 40.29 -43.45 -4.76
C LYS A 785 40.78 -42.02 -4.62
N VAL A 786 40.00 -41.06 -5.13
CA VAL A 786 40.38 -39.65 -5.05
C VAL A 786 40.31 -39.13 -3.63
N SER A 787 39.41 -39.66 -2.80
CA SER A 787 39.34 -39.26 -1.40
C SER A 787 40.55 -39.78 -0.63
N ARG A 788 40.92 -41.03 -0.87
CA ARG A 788 42.17 -41.53 -0.30
C ARG A 788 43.36 -40.70 -0.79
N VAL A 789 43.35 -40.34 -2.07
CA VAL A 789 44.41 -39.51 -2.63
C VAL A 789 44.41 -38.11 -2.02
N TYR A 790 43.24 -37.58 -1.68
CA TYR A 790 43.17 -36.26 -1.07
C TYR A 790 43.70 -36.28 0.35
N ALA A 791 43.39 -37.34 1.10
CA ALA A 791 44.01 -37.50 2.42
C ALA A 791 45.53 -37.61 2.29
N ASP A 792 46.00 -38.41 1.33
CA ASP A 792 47.43 -38.53 1.09
C ASP A 792 48.04 -37.21 0.65
N LEU A 793 47.28 -36.39 -0.09
CA LEU A 793 47.80 -35.12 -0.57
C LEU A 793 47.89 -34.11 0.57
N ARG A 794 46.91 -34.10 1.46
CA ARG A 794 47.02 -33.26 2.65
C ARG A 794 48.21 -33.70 3.52
N ARG A 795 48.39 -35.00 3.69
CA ARG A 795 49.55 -35.49 4.44
C ARG A 795 50.86 -35.11 3.76
N GLU A 796 50.92 -35.21 2.43
CA GLU A 796 52.12 -34.85 1.70
C GLU A 796 52.37 -33.35 1.74
N SER A 797 51.32 -32.54 1.77
CA SER A 797 51.47 -31.11 1.94
C SER A 797 52.02 -30.78 3.31
N ILE A 798 51.57 -31.49 4.34
CA ILE A 798 52.19 -31.36 5.65
C ILE A 798 53.65 -31.79 5.61
N SER A 799 53.95 -32.83 4.84
CA SER A 799 55.32 -33.32 4.72
C SER A 799 56.22 -32.30 4.03
N THR A 800 55.68 -31.58 3.05
CA THR A 800 56.45 -30.61 2.27
C THR A 800 55.53 -29.66 1.52
N PRO A 804 49.58 -25.58 0.84
CA PRO A 804 49.38 -27.01 1.11
C PRO A 804 48.29 -27.63 0.25
N ILE A 805 47.59 -28.62 0.80
CA ILE A 805 46.46 -29.28 0.14
C ILE A 805 45.25 -29.12 1.03
N THR A 806 44.09 -28.88 0.41
CA THR A 806 42.89 -28.54 1.16
C THR A 806 41.69 -29.29 0.59
N VAL A 807 40.62 -29.34 1.41
CA VAL A 807 39.36 -29.90 0.94
C VAL A 807 38.82 -29.06 -0.21
N ARG A 808 39.13 -27.77 -0.23
CA ARG A 808 38.80 -26.95 -1.41
C ARG A 808 39.55 -27.45 -2.64
N HIS A 809 40.81 -27.88 -2.46
CA HIS A 809 41.55 -28.47 -3.57
C HIS A 809 40.95 -29.80 -4.00
N LEU A 810 40.44 -30.59 -3.06
CA LEU A 810 39.76 -31.83 -3.42
C LEU A 810 38.46 -31.55 -4.18
N GLU A 811 37.73 -30.53 -3.77
CA GLU A 811 36.54 -30.12 -4.50
C GLU A 811 36.90 -29.62 -5.90
N SER A 812 38.03 -28.91 -6.01
CA SER A 812 38.54 -28.51 -7.31
C SER A 812 38.93 -29.71 -8.14
N ILE A 813 39.41 -30.78 -7.50
CA ILE A 813 39.66 -32.03 -8.21
C ILE A 813 38.37 -32.61 -8.75
N LEU A 814 37.31 -32.59 -7.95
CA LEU A 814 36.01 -33.05 -8.45
C LEU A 814 35.55 -32.21 -9.64
N ARG A 815 35.70 -30.89 -9.54
CA ARG A 815 35.29 -30.00 -10.62
C ARG A 815 36.14 -30.20 -11.88
N ILE A 816 37.44 -30.41 -11.72
CA ILE A 816 38.31 -30.64 -12.87
C ILE A 816 38.05 -32.02 -13.47
N ALA A 817 37.60 -32.98 -12.66
CA ALA A 817 37.15 -34.25 -13.20
C ALA A 817 35.91 -34.05 -14.04
N GLU A 818 34.99 -33.21 -13.58
CA GLU A 818 33.85 -32.81 -14.40
C GLU A 818 34.32 -32.14 -15.69
N SER A 819 35.37 -31.33 -15.60
CA SER A 819 35.90 -30.65 -16.78
C SER A 819 36.50 -31.64 -17.78
N PHE A 820 37.21 -32.65 -17.28
CA PHE A 820 37.78 -33.66 -18.17
C PHE A 820 36.69 -34.51 -18.79
N ALA A 821 35.63 -34.81 -18.03
CA ALA A 821 34.47 -35.49 -18.61
C ALA A 821 33.82 -34.64 -19.68
N LYS A 822 33.77 -33.32 -19.47
CA LYS A 822 33.29 -32.41 -20.50
C LYS A 822 34.18 -32.45 -21.72
N MET A 823 35.50 -32.47 -21.52
CA MET A 823 36.44 -32.57 -22.63
C MET A 823 36.19 -33.85 -23.42
N ARG A 824 35.83 -34.94 -22.73
CA ARG A 824 35.40 -36.17 -23.38
C ARG A 824 33.92 -36.17 -23.72
N LEU A 825 33.19 -35.13 -23.32
CA LEU A 825 31.74 -35.03 -23.56
C LEU A 825 31.00 -36.22 -22.97
N SER A 826 31.43 -36.66 -21.79
CA SER A 826 30.82 -37.78 -21.10
C SER A 826 29.95 -37.28 -19.96
N GLU A 827 28.70 -37.76 -19.91
CA GLU A 827 27.80 -37.36 -18.84
C GLU A 827 28.29 -37.87 -17.48
N PHE A 828 29.00 -38.99 -17.47
CA PHE A 828 29.59 -39.54 -16.26
C PHE A 828 31.09 -39.30 -16.27
N VAL A 829 31.61 -38.76 -15.18
CA VAL A 829 33.04 -38.47 -15.10
C VAL A 829 33.83 -39.77 -15.12
N SER A 830 34.85 -39.83 -15.96
CA SER A 830 35.69 -41.01 -16.04
C SER A 830 36.60 -41.11 -14.83
N SER A 831 37.00 -42.34 -14.51
CA SER A 831 38.04 -42.53 -13.49
C SER A 831 39.34 -41.88 -13.94
N TYR A 832 39.66 -41.99 -15.23
CA TYR A 832 40.81 -41.26 -15.76
C TYR A 832 40.59 -39.75 -15.68
N ASP A 833 39.35 -39.29 -15.83
CA ASP A 833 39.07 -37.87 -15.66
C ASP A 833 39.36 -37.42 -14.23
N LEU A 834 38.93 -38.20 -13.24
CA LEU A 834 39.22 -37.89 -11.85
C LEU A 834 40.72 -37.96 -11.58
N ASP A 835 41.41 -38.91 -12.20
CA ASP A 835 42.86 -39.02 -12.02
C ASP A 835 43.57 -37.81 -12.61
N ARG A 836 43.19 -37.39 -13.81
CA ARG A 836 43.79 -36.20 -14.41
C ARG A 836 43.45 -34.95 -13.61
N ALA A 837 42.27 -34.92 -12.99
CA ALA A 837 41.92 -33.80 -12.13
C ALA A 837 42.78 -33.76 -10.87
N ILE A 838 43.02 -34.93 -10.27
CA ILE A 838 43.94 -35.02 -9.14
C ILE A 838 45.33 -34.58 -9.58
N LYS A 839 45.72 -34.93 -10.80
CA LYS A 839 47.00 -34.49 -11.34
C LYS A 839 47.04 -32.98 -11.51
N VAL A 840 45.93 -32.38 -11.93
CA VAL A 840 45.89 -30.92 -12.10
C VAL A 840 45.99 -30.23 -10.74
N VAL A 841 45.27 -30.73 -9.73
CA VAL A 841 45.35 -30.15 -8.40
C VAL A 841 46.74 -30.34 -7.81
N VAL A 842 47.36 -31.50 -8.07
CA VAL A 842 48.72 -31.74 -7.61
C VAL A 842 49.69 -30.81 -8.32
N ASP A 843 49.44 -30.52 -9.59
CA ASP A 843 50.26 -29.56 -10.32
C ASP A 843 50.11 -28.17 -9.72
N SER A 844 48.90 -27.81 -9.30
CA SER A 844 48.70 -26.53 -8.63
C SER A 844 49.48 -26.47 -7.32
N PHE A 845 49.41 -27.54 -6.53
CA PHE A 845 50.15 -27.57 -5.26
C PHE A 845 51.65 -27.52 -5.50
N VAL A 846 52.13 -28.20 -6.54
CA VAL A 846 53.56 -28.19 -6.86
C VAL A 846 53.98 -26.81 -7.37
N ASP A 847 53.11 -26.16 -8.16
CA ASP A 847 53.42 -24.84 -8.67
C ASP A 847 53.53 -23.83 -7.53
N ALA A 848 52.65 -23.94 -6.54
CA ALA A 848 52.82 -23.15 -5.32
C ALA A 848 54.09 -23.61 -4.60
N GLN A 849 54.96 -22.65 -4.27
CA GLN A 849 56.27 -22.94 -3.70
C GLN A 849 57.01 -23.98 -4.54
N LYS A 850 57.16 -23.65 -5.83
CA LYS A 850 57.68 -24.61 -6.80
C LYS A 850 59.10 -25.05 -6.43
N VAL A 851 60.04 -24.11 -6.42
CA VAL A 851 61.42 -24.45 -6.12
C VAL A 851 61.52 -25.06 -4.72
N SER A 852 60.63 -24.68 -3.81
CA SER A 852 60.74 -25.12 -2.43
C SER A 852 60.32 -26.58 -2.26
N VAL A 853 59.23 -27.01 -2.93
CA VAL A 853 58.60 -28.27 -2.59
C VAL A 853 58.27 -29.15 -3.79
N ARG A 854 58.61 -28.74 -5.02
CA ARG A 854 58.11 -29.44 -6.20
C ARG A 854 58.73 -30.82 -6.34
N ARG A 855 60.02 -30.95 -6.09
CA ARG A 855 60.68 -32.25 -6.25
C ARG A 855 60.13 -33.26 -5.25
N GLN A 856 60.03 -32.87 -3.98
CA GLN A 856 59.47 -33.76 -2.96
C GLN A 856 58.01 -34.07 -3.26
N LEU A 857 57.26 -33.09 -3.73
CA LEU A 857 55.85 -33.32 -4.07
C LEU A 857 55.72 -34.31 -5.22
N ARG A 858 56.57 -34.18 -6.25
CA ARG A 858 56.54 -35.11 -7.36
C ARG A 858 56.91 -36.52 -6.93
N ARG A 859 57.95 -36.65 -6.09
CA ARG A 859 58.33 -37.97 -5.61
C ARG A 859 57.22 -38.61 -4.78
N SER A 860 56.57 -37.81 -3.92
CA SER A 860 55.51 -38.36 -3.08
C SER A 860 54.22 -38.61 -3.87
N PHE A 861 54.02 -37.89 -4.97
CA PHE A 861 52.76 -37.92 -5.70
C PHE A 861 52.86 -38.66 -7.03
N ALA A 862 53.98 -39.31 -7.32
CA ALA A 862 54.05 -40.13 -8.52
C ALA A 862 52.92 -41.16 -8.56
N ILE A 863 52.51 -41.67 -7.40
CA ILE A 863 51.37 -42.59 -7.35
C ILE A 863 50.05 -41.86 -7.14
N TYR A 864 50.06 -40.71 -6.47
CA TYR A 864 48.82 -40.06 -6.07
C TYR A 864 48.24 -39.17 -7.17
N THR A 865 49.08 -38.64 -8.07
CA THR A 865 48.61 -37.66 -9.05
C THR A 865 47.61 -38.27 -10.00
N LEU A 866 47.80 -39.54 -10.38
CA LEU A 866 46.88 -40.26 -11.25
C LEU A 866 46.44 -41.54 -10.54
N GLY A 867 45.13 -41.65 -10.30
CA GLY A 867 44.61 -42.89 -9.74
C GLY A 867 44.78 -44.08 -10.65
N HIS A 868 44.70 -43.84 -11.97
CA HIS A 868 44.94 -44.89 -12.95
C HIS A 868 46.35 -44.80 -13.51
N ASP B 18 -15.00 35.96 17.29
CA ASP B 18 -15.30 37.33 17.70
C ASP B 18 -16.04 37.35 19.03
N ALA B 19 -17.35 37.09 18.99
CA ALA B 19 -18.12 36.96 20.22
C ALA B 19 -17.62 35.78 21.04
N VAL B 20 -17.29 34.67 20.37
CA VAL B 20 -16.63 33.56 21.06
C VAL B 20 -15.25 33.99 21.56
N PHE B 21 -14.56 34.84 20.80
CA PHE B 21 -13.28 35.38 21.26
C PHE B 21 -13.48 36.28 22.48
N GLY B 22 -14.56 37.06 22.51
CA GLY B 22 -14.85 37.85 23.70
C GLY B 22 -15.19 36.99 24.91
N ASP B 23 -15.94 35.91 24.68
CA ASP B 23 -16.22 34.98 25.76
C ASP B 23 -14.95 34.31 26.26
N ARG B 24 -14.04 33.97 25.34
CA ARG B 24 -12.75 33.41 25.74
C ARG B 24 -11.90 34.43 26.48
N VAL B 25 -11.99 35.70 26.12
CA VAL B 25 -11.26 36.74 26.85
C VAL B 25 -11.81 36.86 28.28
N ARG B 26 -13.14 36.87 28.41
CA ARG B 26 -13.74 36.91 29.74
C ARG B 26 -13.38 35.66 30.54
N ARG B 27 -13.33 34.51 29.88
CA ARG B 27 -13.01 33.26 30.57
C ARG B 27 -11.54 33.22 30.98
N PHE B 28 -10.64 33.76 30.16
CA PHE B 28 -9.23 33.83 30.54
C PHE B 28 -9.00 34.84 31.64
N GLN B 29 -9.76 35.95 31.64
CA GLN B 29 -9.72 36.87 32.77
C GLN B 29 -10.25 36.19 34.03
N GLU B 30 -11.27 35.34 33.89
CA GLU B 30 -11.74 34.54 35.02
C GLU B 30 -10.68 33.55 35.48
N PHE B 31 -9.90 33.00 34.54
CA PHE B 31 -8.79 32.13 34.91
C PHE B 31 -7.72 32.89 35.68
N LEU B 32 -7.40 34.11 35.23
CA LEU B 32 -6.45 34.95 35.95
C LEU B 32 -6.99 35.32 37.33
N ASP B 33 -8.31 35.48 37.46
CA ASP B 33 -8.90 35.71 38.77
C ASP B 33 -8.84 34.46 39.63
N THR B 34 -9.02 33.30 39.02
CA THR B 34 -8.96 32.03 39.76
C THR B 34 -7.55 31.76 40.27
N PHE B 35 -6.54 32.13 39.49
CA PHE B 35 -5.14 31.99 39.88
C PHE B 35 -4.56 33.40 40.03
N THR B 36 -4.57 33.91 41.27
CA THR B 36 -4.06 35.24 41.53
C THR B 36 -2.58 35.38 41.17
N SER B 37 -1.85 34.26 41.14
CA SER B 37 -0.42 34.32 40.85
C SER B 37 -0.15 34.77 39.42
N TYR B 38 -1.03 34.42 38.47
CA TYR B 38 -0.81 34.83 37.08
C TYR B 38 -0.99 36.34 36.91
N ARG B 39 -2.06 36.88 37.48
CA ARG B 39 -2.26 38.34 37.44
C ARG B 39 -1.15 39.05 38.20
N ASP B 40 -0.73 38.48 39.34
CA ASP B 40 0.37 39.07 40.10
C ASP B 40 1.67 39.02 39.31
N SER B 41 1.88 37.99 38.51
CA SER B 41 3.10 37.90 37.71
C SER B 41 3.08 38.89 36.55
N VAL B 42 1.91 39.08 35.93
CA VAL B 42 1.80 40.10 34.89
C VAL B 42 2.06 41.48 35.48
N ARG B 43 1.43 41.78 36.62
CA ARG B 43 1.67 43.05 37.29
C ARG B 43 3.10 43.16 37.80
N SER B 44 3.73 42.04 38.14
CA SER B 44 5.12 42.06 38.59
C SER B 44 6.06 42.36 37.44
N ILE B 45 5.79 41.81 36.26
CA ILE B 45 6.55 42.17 35.08
C ILE B 45 6.38 43.65 34.78
N GLN B 46 5.16 44.17 34.91
CA GLN B 46 4.92 45.59 34.65
C GLN B 46 5.65 46.48 35.66
N VAL B 47 5.55 46.13 36.95
CA VAL B 47 6.17 46.94 37.99
C VAL B 47 7.69 46.86 37.91
N TYR B 48 8.23 45.67 37.59
CA TYR B 48 9.66 45.53 37.39
C TYR B 48 10.11 46.32 36.18
N ASN B 49 9.30 46.35 35.11
CA ASN B 49 9.64 47.16 33.94
C ASN B 49 9.68 48.64 34.30
N SER B 50 8.70 49.11 35.07
CA SER B 50 8.69 50.52 35.47
C SER B 50 9.89 50.85 36.36
N ASN B 51 10.15 50.00 37.36
CA ASN B 51 11.27 50.24 38.27
C ASN B 51 12.60 50.17 37.54
N ASN B 52 12.74 49.24 36.60
CA ASN B 52 13.98 49.10 35.85
C ASN B 52 14.16 50.22 34.84
N ALA B 53 13.07 50.73 34.28
CA ALA B 53 13.16 51.91 33.42
C ALA B 53 13.59 53.13 34.23
N ALA B 54 13.08 53.26 35.44
CA ALA B 54 13.53 54.35 36.32
C ALA B 54 14.99 54.18 36.71
N ASN B 55 15.40 52.95 37.02
CA ASN B 55 16.78 52.70 37.44
C ASN B 55 17.77 52.79 36.29
N TYR B 56 17.31 52.58 35.05
CA TYR B 56 18.19 52.58 33.89
C TYR B 56 17.48 53.15 32.67
N ASN B 90 16.96 46.14 30.61
CA ASN B 90 16.68 45.51 31.90
C ASN B 90 15.19 45.42 32.17
N ILE B 91 14.39 45.49 31.10
CA ILE B 91 12.93 45.48 31.20
C ILE B 91 12.43 44.10 30.83
N LEU B 92 11.52 43.57 31.64
CA LEU B 92 10.99 42.24 31.40
C LEU B 92 10.05 42.23 30.19
N PRO B 93 10.16 41.24 29.30
CA PRO B 93 9.22 41.14 28.19
C PRO B 93 7.82 40.81 28.67
N HIS B 94 6.82 41.25 27.90
CA HIS B 94 5.42 40.99 28.22
C HIS B 94 5.03 39.60 27.71
N ARG B 95 5.60 38.59 28.37
CA ARG B 95 5.30 37.19 28.07
C ARG B 95 4.99 36.48 29.38
N ILE B 96 3.90 35.71 29.40
CA ILE B 96 3.44 35.02 30.59
C ILE B 96 3.36 33.53 30.28
N ILE B 97 3.88 32.72 31.20
CA ILE B 97 3.79 31.27 31.12
C ILE B 97 2.99 30.78 32.32
N ILE B 98 1.97 29.96 32.07
CA ILE B 98 1.10 29.44 33.11
C ILE B 98 1.04 27.93 32.96
N SER B 99 0.66 27.27 34.05
CA SER B 99 0.49 25.83 34.01
C SER B 99 -0.71 25.48 33.12
N LEU B 100 -0.53 24.48 32.25
CA LEU B 100 -1.67 23.98 31.48
C LEU B 100 -2.73 23.40 32.42
N ASP B 101 -2.28 22.74 33.49
CA ASP B 101 -3.21 22.25 34.50
C ASP B 101 -3.91 23.40 35.22
N ASP B 102 -3.28 24.58 35.27
CA ASP B 102 -3.95 25.73 35.89
C ASP B 102 -5.10 26.23 35.03
N LEU B 103 -4.88 26.34 33.72
CA LEU B 103 -5.97 26.67 32.82
C LEU B 103 -7.05 25.60 32.86
N ARG B 104 -6.64 24.34 33.01
CA ARG B 104 -7.61 23.25 33.15
C ARG B 104 -8.41 23.38 34.45
N GLU B 105 -7.76 23.78 35.53
CA GLU B 105 -8.46 23.97 36.80
C GLU B 105 -9.46 25.11 36.70
N PHE B 106 -9.07 26.21 36.04
CA PHE B 106 -10.01 27.31 35.83
C PHE B 106 -11.19 26.88 34.97
N ASP B 107 -10.90 26.20 33.86
CA ASP B 107 -11.95 25.60 33.03
C ASP B 107 -11.30 24.51 32.19
N ARG B 108 -11.62 23.25 32.50
CA ARG B 108 -11.18 22.15 31.65
C ARG B 108 -11.63 22.35 30.22
N SER B 109 -12.84 22.89 30.03
CA SER B 109 -13.31 23.20 28.68
C SER B 109 -12.41 24.24 28.03
N PHE B 110 -11.99 25.27 28.78
CA PHE B 110 -11.11 26.28 28.20
C PHE B 110 -9.75 25.72 27.82
N TRP B 111 -9.19 24.85 28.68
CA TRP B 111 -7.89 24.27 28.39
C TRP B 111 -7.95 23.36 27.17
N SER B 112 -8.95 22.47 27.13
CA SER B 112 -9.11 21.59 25.98
C SER B 112 -9.46 22.38 24.73
N GLY B 113 -10.19 23.49 24.86
CA GLY B 113 -10.50 24.33 23.73
C GLY B 113 -9.28 25.04 23.19
N ILE B 114 -8.38 25.48 24.08
CA ILE B 114 -7.11 26.05 23.63
C ILE B 114 -6.28 24.99 22.93
N LEU B 115 -6.33 23.75 23.42
CA LEU B 115 -5.62 22.67 22.74
C LEU B 115 -6.20 22.39 21.36
N VAL B 116 -7.53 22.43 21.23
CA VAL B 116 -8.19 22.06 19.98
C VAL B 116 -8.14 23.20 18.96
N GLU B 117 -8.41 24.43 19.41
CA GLU B 117 -8.40 25.61 18.54
C GLU B 117 -7.52 26.67 19.21
N PRO B 118 -6.20 26.48 19.18
CA PRO B 118 -5.32 27.52 19.73
C PRO B 118 -5.52 28.87 19.07
N ALA B 119 -5.77 28.89 17.76
CA ALA B 119 -6.01 30.16 17.08
C ALA B 119 -7.22 30.88 17.64
N TYR B 120 -8.28 30.14 17.97
CA TYR B 120 -9.49 30.76 18.49
C TYR B 120 -9.37 31.15 19.95
N PHE B 121 -8.64 30.37 20.76
CA PHE B 121 -8.62 30.58 22.20
C PHE B 121 -7.41 31.36 22.69
N ILE B 122 -6.20 30.93 22.31
CA ILE B 122 -4.98 31.57 22.82
C ILE B 122 -4.95 33.06 22.49
N PRO B 123 -5.37 33.51 21.32
CA PRO B 123 -5.34 34.95 21.02
C PRO B 123 -6.25 35.71 21.96
N PRO B 124 -7.51 35.27 22.12
CA PRO B 124 -8.38 35.93 23.10
C PRO B 124 -7.87 35.84 24.53
N ALA B 125 -7.27 34.71 24.90
CA ALA B 125 -6.73 34.57 26.25
C ALA B 125 -5.56 35.53 26.48
N GLU B 126 -4.68 35.66 25.49
CA GLU B 126 -3.59 36.62 25.58
C GLU B 126 -4.10 38.05 25.56
N LYS B 127 -5.19 38.32 24.84
CA LYS B 127 -5.80 39.64 24.88
C LYS B 127 -6.35 39.95 26.27
N ALA B 128 -6.97 38.96 26.91
CA ALA B 128 -7.43 39.14 28.28
C ALA B 128 -6.26 39.38 29.23
N LEU B 129 -5.18 38.62 29.07
CA LEU B 129 -4.00 38.82 29.89
C LEU B 129 -3.40 40.21 29.66
N THR B 130 -3.41 40.67 28.41
CA THR B 130 -2.89 42.00 28.09
C THR B 130 -3.78 43.08 28.69
N ASP B 131 -5.10 42.89 28.67
CA ASP B 131 -6.00 43.85 29.29
C ASP B 131 -5.78 43.90 30.80
N LEU B 132 -5.61 42.73 31.43
CA LEU B 132 -5.32 42.70 32.86
C LEU B 132 -3.99 43.38 33.16
N ALA B 133 -2.98 43.15 32.33
CA ALA B 133 -1.69 43.79 32.52
C ALA B 133 -1.78 45.30 32.32
N ASP B 134 -2.57 45.75 31.35
CA ASP B 134 -2.74 47.18 31.13
C ASP B 134 -3.45 47.84 32.30
N SER B 135 -4.46 47.17 32.85
CA SER B 135 -5.16 47.71 34.01
C SER B 135 -4.26 47.74 35.24
N MET B 136 -3.50 46.67 35.47
CA MET B 136 -2.66 46.58 36.66
C MET B 136 -1.45 47.52 36.56
N ASP B 137 -0.91 47.71 35.37
CA ASP B 137 0.30 48.50 35.20
C ASP B 137 0.03 49.96 35.46
N ASP B 138 0.95 50.62 36.17
CA ASP B 138 0.89 52.06 36.32
C ASP B 138 1.12 52.74 34.96
N VAL B 139 1.98 52.16 34.13
CA VAL B 139 2.32 52.67 32.81
C VAL B 139 2.70 54.14 32.89
N PRO B 140 3.51 54.53 33.89
CA PRO B 140 3.88 55.94 34.01
C PRO B 140 4.80 56.38 32.88
N HIS B 141 4.57 57.61 32.41
CA HIS B 141 5.40 58.24 31.39
C HIS B 141 5.67 57.31 30.21
N PRO B 142 4.64 56.67 29.66
CA PRO B 142 4.86 55.77 28.53
C PRO B 142 5.41 56.52 27.32
N ASN B 143 6.34 55.89 26.62
CA ASN B 143 6.89 56.47 25.41
C ASN B 143 5.87 56.37 24.28
N ALA B 144 5.99 57.30 23.32
CA ALA B 144 5.16 57.20 22.12
C ALA B 144 5.47 55.93 21.35
N SER B 145 6.75 55.57 21.28
CA SER B 145 7.13 54.30 20.64
C SER B 145 6.59 53.11 21.41
N ALA B 146 6.58 53.18 22.74
CA ALA B 146 6.00 52.09 23.52
C ALA B 146 4.50 51.96 23.30
N VAL B 147 3.80 53.09 23.23
CA VAL B 147 2.36 53.06 22.97
C VAL B 147 2.09 52.51 21.58
N SER B 148 2.93 52.86 20.61
CA SER B 148 2.82 52.27 19.28
C SER B 148 3.09 50.76 19.31
N SER B 149 4.06 50.33 20.14
CA SER B 149 4.38 48.92 20.24
C SER B 149 3.18 48.13 20.77
N ARG B 150 2.57 48.63 21.86
CA ARG B 150 1.39 48.01 22.44
C ARG B 150 1.58 46.50 22.62
N HIS B 151 2.64 46.16 23.35
CA HIS B 151 3.12 44.79 23.40
C HIS B 151 2.06 43.85 23.99
N PRO B 152 1.69 42.80 23.27
CA PRO B 152 0.74 41.83 23.85
C PRO B 152 1.37 41.02 24.96
N TRP B 153 0.53 40.55 25.87
CA TRP B 153 0.96 39.66 26.94
C TRP B 153 0.83 38.22 26.46
N LYS B 154 1.96 37.59 26.18
CA LYS B 154 1.95 36.24 25.64
C LYS B 154 1.49 35.23 26.68
N LEU B 155 0.94 34.10 26.21
CA LEU B 155 0.45 33.05 27.07
C LEU B 155 1.11 31.73 26.68
N SER B 156 1.48 30.94 27.69
CA SER B 156 2.09 29.64 27.48
C SER B 156 1.55 28.65 28.52
N PHE B 157 1.47 27.39 28.12
CA PHE B 157 0.98 26.32 28.97
C PHE B 157 2.14 25.42 29.39
N LYS B 158 2.21 25.09 30.68
CA LYS B 158 3.33 24.37 31.25
C LYS B 158 2.86 23.10 31.94
N GLY B 159 3.52 21.99 31.63
CA GLY B 159 3.26 20.73 32.31
C GLY B 159 1.98 20.05 31.89
N SER B 160 1.92 18.74 32.08
CA SER B 160 0.72 17.95 31.83
C SER B 160 0.23 18.13 30.39
N PHE B 161 1.12 17.85 29.44
CA PHE B 161 0.77 17.97 28.03
C PHE B 161 0.14 16.70 27.48
N GLY B 162 0.62 15.53 27.89
CA GLY B 162 0.02 14.28 27.45
C GLY B 162 0.16 14.07 25.96
N ALA B 163 -0.97 13.85 25.28
CA ALA B 163 -0.95 13.71 23.83
C ALA B 163 -0.47 14.98 23.16
N HIS B 164 -0.72 16.14 23.77
CA HIS B 164 -0.17 17.39 23.25
C HIS B 164 1.35 17.39 23.30
N ALA B 165 1.94 16.75 24.32
CA ALA B 165 3.37 16.50 24.28
C ALA B 165 3.69 15.60 23.09
N LEU B 166 4.71 15.96 22.33
CA LEU B 166 4.94 15.32 21.05
C LEU B 166 6.42 15.34 20.69
N SER B 167 6.76 14.56 19.69
CA SER B 167 8.05 14.55 19.03
C SER B 167 7.82 14.73 17.54
N PRO B 168 8.83 15.24 16.82
CA PRO B 168 8.61 15.51 15.39
C PRO B 168 8.21 14.29 14.58
N ARG B 169 8.73 13.10 14.91
CA ARG B 169 8.32 11.89 14.21
C ARG B 169 6.89 11.51 14.56
N THR B 170 6.47 11.74 15.81
CA THR B 170 5.13 11.42 16.26
C THR B 170 4.14 12.54 16.00
N LEU B 171 4.60 13.69 15.49
CA LEU B 171 3.68 14.76 15.14
C LEU B 171 2.76 14.33 14.01
N THR B 172 1.52 14.81 14.04
CA THR B 172 0.49 14.37 13.12
C THR B 172 -0.22 15.57 12.50
N ALA B 173 -0.89 15.31 11.38
CA ALA B 173 -1.69 16.35 10.73
C ALA B 173 -2.84 16.80 11.62
N GLN B 174 -3.35 15.91 12.47
CA GLN B 174 -4.38 16.31 13.44
C GLN B 174 -3.84 17.32 14.43
N HIS B 175 -2.55 17.25 14.75
CA HIS B 175 -1.92 18.24 15.63
C HIS B 175 -1.87 19.62 15.00
N LEU B 176 -1.93 19.70 13.67
CA LEU B 176 -1.98 21.01 13.01
C LEU B 176 -3.25 21.75 13.41
N ASN B 177 -3.13 23.07 13.56
CA ASN B 177 -4.20 23.91 14.09
C ASN B 177 -4.61 23.48 15.50
N LYS B 178 -3.64 22.96 16.26
CA LYS B 178 -3.89 22.51 17.62
C LYS B 178 -2.63 22.73 18.44
N LEU B 179 -2.82 23.19 19.68
CA LEU B 179 -1.68 23.43 20.57
C LEU B 179 -1.02 22.10 20.94
N VAL B 180 0.31 22.11 21.02
CA VAL B 180 1.10 20.93 21.31
C VAL B 180 2.41 21.35 21.95
N SER B 181 3.11 20.38 22.55
CA SER B 181 4.45 20.59 23.08
C SER B 181 5.38 19.59 22.42
N VAL B 182 6.40 20.10 21.74
CA VAL B 182 7.33 19.28 20.97
C VAL B 182 8.72 19.40 21.58
N GLU B 183 9.39 18.26 21.74
CA GLU B 183 10.74 18.22 22.30
C GLU B 183 11.65 17.47 21.35
N GLY B 184 12.80 18.05 21.07
CA GLY B 184 13.80 17.41 20.22
C GLY B 184 15.05 18.26 20.17
N ILE B 185 16.11 17.66 19.64
CA ILE B 185 17.37 18.37 19.51
C ILE B 185 17.21 19.49 18.47
N VAL B 186 17.64 20.70 18.84
CA VAL B 186 17.52 21.83 17.93
C VAL B 186 18.47 21.64 16.75
N THR B 187 18.07 22.18 15.60
CA THR B 187 18.87 22.06 14.39
C THR B 187 18.49 23.17 13.43
N LYS B 188 19.49 23.68 12.70
CA LYS B 188 19.27 24.67 11.63
C LYS B 188 18.46 25.86 12.12
N THR B 189 18.80 26.35 13.31
CA THR B 189 18.12 27.52 13.85
C THR B 189 18.38 28.74 12.96
N SER B 190 17.31 29.46 12.64
CA SER B 190 17.44 30.64 11.79
C SER B 190 18.09 31.78 12.56
N LEU B 191 18.93 32.55 11.86
CA LEU B 191 19.47 33.76 12.44
C LEU B 191 18.33 34.73 12.73
N VAL B 192 18.45 35.46 13.85
CA VAL B 192 17.40 36.37 14.26
C VAL B 192 17.19 37.45 13.20
N ARG B 193 15.93 37.63 12.79
CA ARG B 193 15.58 38.62 11.79
C ARG B 193 14.40 39.44 12.32
N PRO B 194 14.53 40.77 12.37
CA PRO B 194 13.44 41.58 12.91
C PRO B 194 12.19 41.52 12.03
N LYS B 195 11.05 41.41 12.68
CA LYS B 195 9.75 41.45 12.00
C LYS B 195 9.22 42.87 12.02
N LEU B 196 7.94 43.05 11.73
CA LEU B 196 7.30 44.37 11.77
C LEU B 196 5.88 44.21 12.30
N ILE B 197 5.65 44.65 13.54
CA ILE B 197 4.30 44.63 14.10
C ILE B 197 3.39 45.56 13.30
N ARG B 198 3.89 46.74 12.95
CA ARG B 198 3.13 47.69 12.15
C ARG B 198 4.10 48.66 11.48
N SER B 199 3.83 48.98 10.22
CA SER B 199 4.64 49.95 9.47
C SER B 199 4.10 51.34 9.77
N VAL B 200 4.42 51.84 10.97
CA VAL B 200 3.99 53.17 11.35
C VAL B 200 4.61 54.20 10.43
N HIS B 201 3.79 55.12 9.93
CA HIS B 201 4.23 56.14 9.00
C HIS B 201 3.73 57.50 9.50
N TYR B 202 4.07 58.55 8.76
CA TYR B 202 3.65 59.90 9.10
C TYR B 202 3.55 60.71 7.82
N ALA B 203 2.33 61.07 7.44
CA ALA B 203 2.14 61.92 6.28
C ALA B 203 2.81 63.28 6.51
N ALA B 204 3.51 63.77 5.50
CA ALA B 204 4.24 65.02 5.63
C ALA B 204 3.27 66.19 5.81
N LYS B 205 3.53 67.02 6.82
CA LYS B 205 2.81 68.25 7.13
C LYS B 205 1.39 68.00 7.61
N THR B 206 0.92 66.74 7.61
CA THR B 206 -0.44 66.46 8.05
C THR B 206 -0.60 66.59 9.56
N GLY B 207 0.46 66.29 10.31
CA GLY B 207 0.38 66.27 11.75
C GLY B 207 -0.20 65.00 12.33
N ARG B 208 -0.52 64.01 11.49
CA ARG B 208 -1.08 62.74 11.93
C ARG B 208 -0.19 61.61 11.43
N PHE B 209 0.05 60.63 12.30
CA PHE B 209 0.94 59.52 12.01
C PHE B 209 0.10 58.31 11.59
N HIS B 210 -0.10 58.17 10.28
CA HIS B 210 -0.81 57.01 9.76
C HIS B 210 0.03 55.75 9.93
N TYR B 211 -0.58 54.69 10.44
CA TYR B 211 0.13 53.44 10.74
C TYR B 211 -0.53 52.29 10.01
N ARG B 212 0.29 51.38 9.48
CA ARG B 212 -0.18 50.21 8.74
C ARG B 212 0.33 48.95 9.44
N ASP B 213 -0.60 48.17 9.99
CA ASP B 213 -0.26 46.92 10.66
C ASP B 213 0.01 45.83 9.63
N TYR B 214 0.87 44.89 10.00
CA TYR B 214 1.21 43.75 9.16
C TYR B 214 1.08 42.46 9.98
N THR B 215 0.57 41.42 9.34
CA THR B 215 0.33 40.14 10.00
C THR B 215 0.95 39.01 9.18
N ASP B 216 1.50 38.02 9.88
CA ASP B 216 2.10 36.85 9.26
C ASP B 216 1.39 35.59 9.73
N ALA B 217 1.13 34.68 8.79
CA ALA B 217 0.38 33.47 9.12
C ALA B 217 1.12 32.57 10.10
N THR B 218 2.45 32.52 10.00
CA THR B 218 3.21 31.78 11.00
C THR B 218 3.20 32.50 12.34
N THR B 219 3.22 33.83 12.32
CA THR B 219 3.22 34.60 13.56
C THR B 219 1.87 34.58 14.25
N THR B 220 0.79 34.49 13.48
CA THR B 220 -0.56 34.51 14.02
C THR B 220 -1.19 33.14 13.85
N LEU B 221 -1.63 32.54 14.97
CA LEU B 221 -2.18 31.19 14.91
C LEU B 221 -3.39 31.11 13.98
N THR B 222 -4.20 32.17 13.92
CA THR B 222 -5.32 32.21 13.01
C THR B 222 -4.84 32.50 11.59
N THR B 223 -5.49 31.88 10.61
CA THR B 223 -5.20 32.19 9.22
C THR B 223 -5.70 33.57 8.89
N ARG B 224 -4.95 34.28 8.05
CA ARG B 224 -5.30 35.65 7.67
C ARG B 224 -4.92 35.90 6.23
N ILE B 225 -5.67 36.79 5.58
CA ILE B 225 -5.27 37.25 4.26
C ILE B 225 -3.95 37.99 4.37
N PRO B 226 -2.96 37.72 3.52
CA PRO B 226 -1.64 38.32 3.71
C PRO B 226 -1.70 39.84 3.66
N THR B 227 -0.99 40.47 4.59
CA THR B 227 -0.85 41.92 4.55
C THR B 227 0.13 42.31 3.45
N PRO B 228 0.00 43.52 2.91
CA PRO B 228 0.93 43.94 1.85
C PRO B 228 2.38 43.95 2.31
N ALA B 229 2.64 44.24 3.58
CA ALA B 229 3.99 44.35 4.13
C ALA B 229 4.83 45.37 3.40
N ILE B 230 4.19 46.33 2.74
CA ILE B 230 4.86 47.38 1.98
C ILE B 230 4.47 48.72 2.56
N TYR B 231 5.45 49.58 2.80
CA TYR B 231 5.17 50.90 3.34
C TYR B 231 4.35 51.70 2.33
N PRO B 232 3.26 52.33 2.75
CA PRO B 232 2.47 53.12 1.80
C PRO B 232 3.29 54.26 1.21
N THR B 233 3.11 54.48 -0.09
CA THR B 233 3.79 55.59 -0.75
C THR B 233 3.14 56.92 -0.44
N GLU B 234 1.82 56.94 -0.26
CA GLU B 234 1.08 58.15 0.04
C GLU B 234 0.03 57.85 1.09
N ASP B 235 -0.34 58.87 1.86
CA ASP B 235 -1.32 58.70 2.91
C ASP B 235 -2.72 58.61 2.32
N THR B 236 -3.64 58.07 3.14
CA THR B 236 -5.05 58.06 2.74
C THR B 236 -5.59 59.48 2.58
N GLU B 237 -5.03 60.43 3.32
CA GLU B 237 -5.39 61.83 3.14
C GLU B 237 -4.92 62.38 1.80
N GLY B 238 -3.93 61.73 1.17
CA GLY B 238 -3.36 62.18 -0.08
C GLY B 238 -2.01 62.85 0.05
N ASN B 239 -1.64 63.29 1.25
CA ASN B 239 -0.30 63.80 1.47
C ASN B 239 0.71 62.66 1.39
N LYS B 240 1.92 62.98 0.94
CA LYS B 240 2.96 61.96 0.82
C LYS B 240 3.25 61.35 2.18
N LEU B 241 3.32 60.02 2.21
CA LEU B 241 3.49 59.27 3.46
C LEU B 241 4.94 58.83 3.59
N THR B 242 5.53 59.10 4.74
CA THR B 242 6.89 58.69 5.06
C THR B 242 6.85 57.69 6.21
N THR B 243 7.57 56.58 6.05
CA THR B 243 7.63 55.58 7.10
C THR B 243 8.28 56.16 8.35
N GLU B 244 7.69 55.85 9.51
CA GLU B 244 8.15 56.39 10.79
C GLU B 244 9.00 55.33 11.48
N TYR B 245 10.31 55.42 11.30
CA TYR B 245 11.22 54.56 12.03
C TYR B 245 11.18 54.90 13.51
N GLY B 246 11.30 53.87 14.36
CA GLY B 246 11.13 54.07 15.79
C GLY B 246 9.69 53.90 16.21
N TYR B 247 8.81 54.75 15.65
CA TYR B 247 7.38 54.56 15.86
C TYR B 247 6.93 53.22 15.28
N SER B 248 7.52 52.82 14.16
CA SER B 248 7.31 51.48 13.63
C SER B 248 7.91 50.46 14.59
N THR B 249 7.18 49.38 14.84
CA THR B 249 7.59 48.37 15.80
C THR B 249 8.15 47.15 15.07
N PHE B 250 9.32 46.70 15.50
CA PHE B 250 9.98 45.54 14.91
C PHE B 250 10.32 44.56 16.02
N ILE B 251 9.70 43.37 15.97
CA ILE B 251 9.95 42.31 16.93
C ILE B 251 10.81 41.25 16.26
N ASP B 252 11.88 40.84 16.94
CA ASP B 252 12.76 39.83 16.39
C ASP B 252 12.02 38.52 16.19
N HIS B 253 12.23 37.89 15.03
CA HIS B 253 11.56 36.65 14.69
C HIS B 253 12.60 35.61 14.28
N GLN B 254 12.51 34.42 14.86
CA GLN B 254 13.38 33.31 14.52
C GLN B 254 12.57 32.04 14.42
N ARG B 255 12.81 31.27 13.36
CA ARG B 255 12.15 29.99 13.16
C ARG B 255 13.22 28.91 13.12
N ILE B 256 13.24 28.05 14.14
CA ILE B 256 14.29 27.06 14.31
C ILE B 256 13.69 25.68 14.12
N THR B 257 14.28 24.90 13.22
CA THR B 257 13.93 23.49 13.13
C THR B 257 14.39 22.77 14.38
N VAL B 258 13.68 21.69 14.72
CA VAL B 258 13.97 20.91 15.92
C VAL B 258 13.99 19.44 15.49
N GLN B 259 15.18 18.90 15.26
CA GLN B 259 15.30 17.49 14.92
C GLN B 259 14.84 16.63 16.08
N GLU B 260 14.20 15.52 15.76
CA GLU B 260 13.86 14.54 16.79
C GLU B 260 15.15 14.02 17.42
N MET B 261 15.07 13.67 18.70
CA MET B 261 16.26 13.25 19.43
C MET B 261 16.88 12.04 18.74
N PRO B 262 18.20 12.03 18.53
CA PRO B 262 18.81 10.91 17.78
C PRO B 262 18.56 9.56 18.42
N GLU B 263 18.53 9.50 19.75
CA GLU B 263 18.13 8.26 20.43
C GLU B 263 16.68 7.91 20.12
N MET B 264 15.82 8.92 20.06
CA MET B 264 14.42 8.68 19.70
C MET B 264 14.26 8.34 18.22
N ALA B 265 15.22 8.71 17.39
CA ALA B 265 15.12 8.43 15.95
C ALA B 265 15.18 6.93 15.70
N PRO B 266 14.28 6.38 14.88
CA PRO B 266 14.34 4.95 14.59
C PRO B 266 15.60 4.59 13.82
N ALA B 267 16.08 3.37 14.07
CA ALA B 267 17.23 2.86 13.33
C ALA B 267 16.85 2.66 11.87
N GLY B 268 17.78 3.00 10.97
CA GLY B 268 17.46 2.98 9.56
C GLY B 268 16.61 4.15 9.11
N GLN B 269 16.46 5.17 9.94
CA GLN B 269 15.63 6.33 9.60
C GLN B 269 16.24 7.58 10.20
N LEU B 270 16.09 8.68 9.48
CA LEU B 270 16.55 9.98 9.98
C LEU B 270 15.49 10.61 10.87
N PRO B 271 15.89 11.23 11.98
CA PRO B 271 14.90 11.86 12.86
C PRO B 271 14.13 12.96 12.15
N ARG B 272 12.84 13.04 12.44
CA ARG B 272 12.02 14.10 11.87
C ARG B 272 12.34 15.42 12.56
N SER B 273 12.12 16.52 11.83
CA SER B 273 12.38 17.86 12.33
C SER B 273 11.21 18.76 12.00
N ILE B 274 10.75 19.51 12.98
CA ILE B 274 9.63 20.45 12.81
C ILE B 274 10.09 21.82 13.28
N ASP B 275 9.97 22.82 12.40
CA ASP B 275 10.34 24.18 12.75
C ASP B 275 9.37 24.75 13.78
N VAL B 276 9.91 25.51 14.73
CA VAL B 276 9.11 26.16 15.77
C VAL B 276 9.34 27.66 15.66
N ILE B 277 8.25 28.41 15.50
CA ILE B 277 8.35 29.86 15.41
C ILE B 277 8.70 30.44 16.77
N LEU B 278 9.56 31.46 16.77
CA LEU B 278 9.96 32.15 17.98
C LEU B 278 9.88 33.66 17.76
N ASP B 279 9.46 34.38 18.79
CA ASP B 279 9.33 35.82 18.71
C ASP B 279 9.75 36.45 20.04
N ASP B 280 10.34 37.65 19.95
CA ASP B 280 10.77 38.43 21.11
C ASP B 280 11.77 37.60 21.91
N ASP B 281 11.53 37.31 23.19
CA ASP B 281 12.49 36.57 23.99
C ASP B 281 12.64 35.13 23.51
N LEU B 282 11.60 34.57 22.89
CA LEU B 282 11.69 33.20 22.39
C LEU B 282 12.72 33.06 21.29
N VAL B 283 12.98 34.15 20.55
CA VAL B 283 13.99 34.11 19.50
C VAL B 283 15.37 33.90 20.11
N ASP B 284 16.17 33.05 19.46
CA ASP B 284 17.53 32.73 19.89
C ASP B 284 17.55 32.09 21.27
N LYS B 285 16.46 31.44 21.66
CA LYS B 285 16.42 30.76 22.96
C LYS B 285 17.29 29.52 22.97
N THR B 286 17.46 28.87 21.82
CA THR B 286 18.25 27.66 21.72
C THR B 286 19.00 27.65 20.39
N LYS B 287 20.05 26.84 20.34
CA LYS B 287 20.92 26.73 19.19
C LYS B 287 21.00 25.28 18.71
N PRO B 288 21.39 25.05 17.46
CA PRO B 288 21.42 23.68 16.94
C PRO B 288 22.37 22.80 17.73
N GLY B 289 21.98 21.53 17.89
CA GLY B 289 22.72 20.59 18.69
C GLY B 289 22.38 20.61 20.17
N ASP B 290 21.44 21.46 20.59
CA ASP B 290 21.04 21.56 21.98
C ASP B 290 19.59 21.12 22.12
N ARG B 291 19.33 20.25 23.08
CA ARG B 291 17.97 19.76 23.32
C ARG B 291 17.07 20.90 23.79
N VAL B 292 15.83 20.89 23.34
CA VAL B 292 14.86 21.93 23.69
C VAL B 292 13.46 21.34 23.59
N ASN B 293 12.57 21.86 24.44
CA ASN B 293 11.15 21.52 24.41
C ASN B 293 10.35 22.81 24.28
N VAL B 294 9.49 22.87 23.27
CA VAL B 294 8.72 24.08 22.96
C VAL B 294 7.25 23.74 22.98
N VAL B 295 6.47 24.54 23.70
CA VAL B 295 5.01 24.44 23.68
C VAL B 295 4.54 25.31 22.52
N GLY B 296 4.20 24.68 21.41
CA GLY B 296 3.84 25.40 20.20
C GLY B 296 2.75 24.69 19.44
N VAL B 297 1.91 25.49 18.79
CA VAL B 297 0.78 24.98 18.02
C VAL B 297 1.26 24.62 16.63
N PHE B 298 1.12 23.34 16.26
CA PHE B 298 1.36 22.95 14.88
C PHE B 298 0.30 23.59 13.99
N LYS B 299 0.73 24.05 12.81
CA LYS B 299 -0.16 24.80 11.92
C LYS B 299 -0.01 24.30 10.51
N SER B 300 -1.11 23.87 9.91
CA SER B 300 -1.14 23.64 8.48
C SER B 300 -0.96 24.96 7.76
N LEU B 301 -0.22 24.91 6.64
CA LEU B 301 0.07 26.17 5.93
C LEU B 301 0.32 25.89 4.44
N GLY B 302 0.10 26.89 3.61
CA GLY B 302 0.38 26.79 2.19
C GLY B 302 -0.72 26.09 1.42
N ALA B 303 -0.61 26.17 0.10
CA ALA B 303 -1.55 25.48 -0.77
C ALA B 303 -1.41 23.96 -0.65
N GLY B 304 -0.17 23.48 -0.54
CA GLY B 304 0.06 22.03 -0.46
C GLY B 304 -0.37 21.32 -1.74
N GLY B 305 -0.08 21.91 -2.90
CA GLY B 305 -0.50 21.34 -4.16
C GLY B 305 -1.93 21.63 -4.55
N MET B 306 -2.71 22.24 -3.65
CA MET B 306 -4.09 22.57 -3.99
C MET B 306 -4.18 23.71 -4.99
N ASN B 307 -3.18 24.59 -5.02
CA ASN B 307 -3.19 25.70 -5.95
C ASN B 307 -3.02 25.22 -7.39
N GLN B 308 -3.52 26.01 -8.33
CA GLN B 308 -3.46 25.65 -9.73
C GLN B 308 -2.02 25.59 -10.24
N SER B 309 -1.12 26.39 -9.65
CA SER B 309 0.26 26.44 -10.13
C SER B 309 0.97 25.11 -9.95
N ASN B 310 0.67 24.39 -8.86
CA ASN B 310 1.29 23.09 -8.59
C ASN B 310 0.53 22.03 -9.37
N SER B 311 1.02 21.77 -10.59
CA SER B 311 0.34 20.82 -11.47
C SER B 311 0.38 19.39 -10.91
N ASN B 312 1.52 18.98 -10.35
CA ASN B 312 1.65 17.63 -9.83
C ASN B 312 0.79 17.44 -8.58
N THR B 313 0.64 18.47 -7.76
CA THR B 313 -0.08 18.41 -6.48
C THR B 313 0.50 17.37 -5.54
N LEU B 314 1.73 16.90 -5.81
CA LEU B 314 2.34 15.90 -4.97
C LEU B 314 2.74 16.45 -3.61
N ILE B 315 3.10 17.73 -3.59
CA ILE B 315 3.57 18.36 -2.32
C ILE B 315 2.41 18.41 -1.32
N GLY B 316 2.73 18.22 -0.04
CA GLY B 316 1.69 18.37 0.99
C GLY B 316 1.65 19.78 1.52
N PHE B 317 0.61 20.08 2.30
CA PHE B 317 0.50 21.42 2.92
C PHE B 317 1.68 21.63 3.86
N LYS B 318 2.28 22.80 3.75
CA LYS B 318 3.43 23.12 4.63
C LYS B 318 2.97 23.13 6.09
N THR B 319 3.80 22.54 6.95
CA THR B 319 3.47 22.50 8.40
C THR B 319 4.61 23.13 9.18
N LEU B 320 4.31 24.17 9.96
CA LEU B 320 5.29 24.85 10.78
C LEU B 320 4.69 25.10 12.16
N ILE B 321 5.32 24.54 13.19
CA ILE B 321 4.85 24.79 14.55
C ILE B 321 5.14 26.23 14.93
N LEU B 322 4.23 26.83 15.69
CA LEU B 322 4.37 28.20 16.17
C LEU B 322 4.54 28.13 17.69
N GLY B 323 5.78 28.29 18.14
CA GLY B 323 6.11 28.10 19.55
C GLY B 323 5.66 29.23 20.46
N ASN B 324 4.76 28.91 21.40
CA ASN B 324 4.38 29.89 22.40
C ASN B 324 5.53 30.18 23.36
N THR B 325 6.39 29.19 23.61
CA THR B 325 7.56 29.38 24.46
C THR B 325 8.59 28.33 24.08
N VAL B 326 9.85 28.61 24.41
CA VAL B 326 10.96 27.72 24.14
C VAL B 326 11.67 27.43 25.46
N TYR B 327 11.88 26.16 25.76
CA TYR B 327 12.52 25.74 27.01
C TYR B 327 13.78 24.94 26.71
N PRO B 328 14.97 25.49 26.91
CA PRO B 328 16.18 24.67 26.84
C PRO B 328 16.17 23.62 27.93
N LEU B 329 16.71 22.44 27.61
CA LEU B 329 16.72 21.31 28.54
C LEU B 329 18.12 20.74 28.64
N HIS B 330 18.56 20.46 29.86
CA HIS B 330 19.86 19.84 30.07
C HIS B 330 19.90 18.44 29.49
N ALA B 331 18.80 17.69 29.60
CA ALA B 331 18.71 16.35 29.06
C ALA B 331 17.25 15.95 28.84
N ALA B 338 25.62 19.01 34.13
CA ALA B 338 24.68 20.12 34.30
C ALA B 338 25.24 21.16 35.26
N ARG B 339 24.36 21.90 35.91
CA ARG B 339 24.73 22.95 36.86
C ARG B 339 24.10 22.65 38.22
N GLN B 340 24.92 22.73 39.27
CA GLN B 340 24.43 22.49 40.62
C GLN B 340 23.57 23.65 41.10
N MET B 341 22.60 23.34 41.96
CA MET B 341 21.71 24.32 42.55
C MET B 341 21.99 24.41 44.04
N LEU B 342 22.07 25.63 44.56
CA LEU B 342 22.38 25.90 45.95
C LEU B 342 21.13 26.43 46.66
N THR B 343 20.81 25.84 47.81
CA THR B 343 19.71 26.27 48.66
C THR B 343 20.26 26.73 50.00
N ASP B 344 19.38 27.33 50.81
CA ASP B 344 19.82 27.88 52.09
C ASP B 344 20.25 26.79 53.07
N PHE B 345 19.53 25.66 53.10
CA PHE B 345 19.92 24.56 53.98
C PHE B 345 21.26 23.98 53.56
N ASP B 346 21.45 23.75 52.26
CA ASP B 346 22.74 23.28 51.77
C ASP B 346 23.84 24.31 52.01
N ILE B 347 23.49 25.60 52.00
CA ILE B 347 24.48 26.65 52.24
C ILE B 347 24.91 26.65 53.71
N ARG B 348 23.95 26.45 54.62
CA ARG B 348 24.31 26.31 56.04
C ARG B 348 25.14 25.06 56.26
N ASN B 349 24.81 23.96 55.57
CA ASN B 349 25.64 22.76 55.66
C ASN B 349 27.04 23.02 55.11
N ILE B 350 27.15 23.81 54.05
CA ILE B 350 28.45 24.14 53.48
C ILE B 350 29.23 25.04 54.43
N ASN B 351 28.55 25.95 55.13
CA ASN B 351 29.21 26.76 56.14
C ASN B 351 29.73 25.90 57.28
N LYS B 352 28.94 24.89 57.70
CA LYS B 352 29.42 23.95 58.70
C LYS B 352 30.61 23.14 58.19
N LEU B 353 30.57 22.74 56.92
CA LEU B 353 31.68 22.00 56.33
C LEU B 353 32.94 22.84 56.29
N SER B 354 32.81 24.12 55.95
CA SER B 354 33.95 25.03 56.02
C SER B 354 34.41 25.22 57.46
N LYS B 355 33.48 25.18 58.42
CA LYS B 355 33.83 25.24 59.82
C LYS B 355 34.54 23.98 60.29
N LYS B 356 34.42 22.88 59.56
CA LYS B 356 35.13 21.66 59.92
C LYS B 356 36.64 21.89 59.92
N LYS B 357 37.33 21.16 60.79
CA LYS B 357 38.76 21.38 61.00
C LYS B 357 39.55 21.13 59.72
N ASP B 358 39.12 20.18 58.89
CA ASP B 358 39.76 19.92 57.59
C ASP B 358 38.65 19.92 56.53
N ILE B 359 38.27 21.12 56.09
CA ILE B 359 37.22 21.24 55.09
C ILE B 359 37.72 20.77 53.73
N PHE B 360 38.94 21.17 53.37
CA PHE B 360 39.52 20.72 52.11
C PHE B 360 39.71 19.21 52.10
N ASP B 361 40.14 18.64 53.23
CA ASP B 361 40.30 17.19 53.32
C ASP B 361 38.95 16.49 53.18
N ILE B 362 37.90 17.05 53.80
CA ILE B 362 36.58 16.45 53.69
C ILE B 362 36.10 16.47 52.24
N LEU B 363 36.26 17.60 51.57
CA LEU B 363 35.83 17.70 50.17
C LEU B 363 36.64 16.76 49.28
N SER B 364 37.95 16.66 49.51
CA SER B 364 38.79 15.78 48.70
C SER B 364 38.44 14.31 48.93
N GLN B 365 38.19 13.93 50.19
CA GLN B 365 37.80 12.56 50.47
C GLN B 365 36.44 12.25 49.86
N SER B 366 35.54 13.23 49.84
CA SER B 366 34.26 13.04 49.14
C SER B 366 34.48 12.85 47.65
N LEU B 367 35.45 13.58 47.07
CA LEU B 367 35.76 13.42 45.65
C LEU B 367 36.40 12.07 45.39
N ALA B 368 35.92 11.37 44.37
CA ALA B 368 36.43 10.06 43.97
C ALA B 368 36.55 9.10 45.15
N PRO B 369 35.50 8.98 45.97
CA PRO B 369 35.60 8.11 47.17
C PRO B 369 35.89 6.66 46.83
N SER B 370 35.35 6.15 45.72
CA SER B 370 35.61 4.77 45.35
C SER B 370 37.06 4.57 44.89
N ILE B 371 37.65 5.60 44.27
CA ILE B 371 39.03 5.50 43.82
C ILE B 371 39.96 5.36 45.03
N TYR B 372 40.96 4.49 44.90
CA TYR B 372 41.86 4.16 45.99
C TYR B 372 43.27 4.59 45.66
N GLY B 373 43.94 5.21 46.64
CA GLY B 373 45.33 5.60 46.50
C GLY B 373 45.58 6.90 45.79
N HIS B 374 44.53 7.57 45.30
CA HIS B 374 44.66 8.85 44.60
C HIS B 374 44.11 10.01 45.43
N ASP B 375 44.16 9.89 46.75
CA ASP B 375 43.55 10.91 47.61
C ASP B 375 44.33 12.22 47.57
N HIS B 376 45.66 12.15 47.49
CA HIS B 376 46.45 13.38 47.35
C HIS B 376 46.16 14.06 46.01
N ILE B 377 46.04 13.26 44.94
CA ILE B 377 45.65 13.82 43.65
C ILE B 377 44.24 14.38 43.72
N LYS B 378 43.37 13.81 44.56
CA LYS B 378 42.02 14.32 44.71
C LYS B 378 42.01 15.64 45.48
N LYS B 379 42.91 15.79 46.46
CA LYS B 379 43.07 17.08 47.12
C LYS B 379 43.58 18.14 46.15
N ALA B 380 44.55 17.76 45.30
CA ALA B 380 44.99 18.66 44.25
C ALA B 380 43.86 18.96 43.27
N ILE B 381 42.99 17.99 43.01
CA ILE B 381 41.84 18.19 42.12
C ILE B 381 40.83 19.13 42.74
N LEU B 382 40.66 19.06 44.06
CA LEU B 382 39.78 20.02 44.74
C LEU B 382 40.37 21.42 44.68
N LEU B 383 41.69 21.54 44.85
CA LEU B 383 42.34 22.82 44.67
C LEU B 383 42.15 23.34 43.24
N MET B 384 42.23 22.45 42.25
CA MET B 384 42.00 22.86 40.87
C MET B 384 40.54 23.20 40.61
N LEU B 385 39.61 22.51 41.28
CA LEU B 385 38.19 22.82 41.13
C LEU B 385 37.88 24.21 41.66
N MET B 386 38.50 24.58 42.79
CA MET B 386 38.47 25.97 43.19
C MET B 386 39.17 26.85 42.15
N GLY B 387 40.28 26.36 41.60
CA GLY B 387 41.02 27.04 40.56
C GLY B 387 41.94 28.14 41.03
N GLY B 388 41.81 28.58 42.27
CA GLY B 388 42.48 29.78 42.70
C GLY B 388 41.69 31.01 42.29
N VAL B 389 42.29 32.17 42.56
CA VAL B 389 41.67 33.45 42.27
C VAL B 389 42.21 34.00 40.96
N GLU B 390 41.31 34.52 40.14
CA GLU B 390 41.68 35.19 38.89
C GLU B 390 41.68 36.69 39.11
N LYS B 391 42.76 37.36 38.69
CA LYS B 391 42.92 38.78 38.90
C LYS B 391 43.34 39.46 37.60
N ASN B 392 42.69 40.58 37.30
CA ASN B 392 43.06 41.42 36.15
C ASN B 392 43.56 42.75 36.70
N LEU B 393 44.84 43.02 36.49
CA LEU B 393 45.48 44.20 37.04
C LEU B 393 45.09 45.46 36.26
N GLU B 394 45.24 46.61 36.92
CA GLU B 394 45.12 47.88 36.23
C GLU B 394 46.16 48.00 35.13
N ASN B 395 47.33 47.38 35.31
CA ASN B 395 48.32 47.28 34.26
C ASN B 395 47.89 46.34 33.15
N GLY B 396 46.87 45.51 33.38
CA GLY B 396 46.42 44.54 32.39
C GLY B 396 47.01 43.15 32.55
N SER B 397 47.95 42.97 33.48
CA SER B 397 48.47 41.63 33.73
C SER B 397 47.38 40.73 34.29
N HIS B 398 47.39 39.47 33.86
CA HIS B 398 46.33 38.52 34.18
C HIS B 398 46.87 37.43 35.10
N LEU B 399 46.19 37.24 36.22
CA LEU B 399 46.44 36.10 37.11
C LEU B 399 45.38 35.05 36.86
N ARG B 400 45.81 33.83 36.60
CA ARG B 400 44.87 32.78 36.20
C ARG B 400 44.01 32.33 37.37
N GLY B 401 42.75 32.00 37.08
CA GLY B 401 41.85 31.46 38.07
C GLY B 401 41.71 29.95 37.95
N ASP B 402 42.70 29.32 37.31
CA ASP B 402 42.69 27.88 37.08
C ASP B 402 44.05 27.29 37.44
N ILE B 403 44.02 26.05 37.91
CA ILE B 403 45.22 25.32 38.32
C ILE B 403 45.32 24.05 37.47
N ASN B 404 46.50 23.80 36.92
CA ASN B 404 46.74 22.65 36.06
C ASN B 404 47.54 21.61 36.83
N ILE B 405 47.08 20.35 36.78
CA ILE B 405 47.71 19.25 37.49
C ILE B 405 48.02 18.15 36.48
N LEU B 406 49.17 17.49 36.67
CA LEU B 406 49.59 16.39 35.82
C LEU B 406 50.03 15.21 36.68
N MET B 407 49.59 14.02 36.31
CA MET B 407 49.96 12.79 37.01
C MET B 407 50.34 11.74 35.99
N VAL B 408 51.48 11.09 36.20
CA VAL B 408 52.02 10.09 35.28
C VAL B 408 51.92 8.72 35.93
N GLY B 409 51.41 7.74 35.18
CA GLY B 409 51.28 6.40 35.69
C GLY B 409 51.04 5.39 34.60
N ASP B 410 51.43 4.15 34.88
CA ASP B 410 51.31 3.08 33.91
C ASP B 410 49.85 2.80 33.58
N PRO B 411 49.57 2.16 32.45
CA PRO B 411 48.18 1.85 32.10
C PRO B 411 47.54 0.97 33.17
N SER B 412 46.25 1.22 33.41
CA SER B 412 45.46 0.57 34.45
C SER B 412 45.92 0.95 35.86
N THR B 413 46.63 2.07 36.00
CA THR B 413 46.90 2.63 37.32
C THR B 413 45.72 3.40 37.88
N ALA B 414 44.67 3.60 37.08
CA ALA B 414 43.47 4.36 37.44
C ALA B 414 43.76 5.83 37.66
N LYS B 415 44.90 6.35 37.19
CA LYS B 415 45.09 7.78 37.14
C LYS B 415 44.18 8.41 36.09
N SER B 416 44.07 7.77 34.93
CA SER B 416 43.08 8.20 33.95
C SER B 416 41.67 7.96 34.44
N GLN B 417 41.45 6.93 35.27
CA GLN B 417 40.15 6.74 35.89
C GLN B 417 39.83 7.87 36.85
N LEU B 418 40.83 8.34 37.61
CA LEU B 418 40.63 9.49 38.48
C LEU B 418 40.38 10.76 37.67
N LEU B 419 41.04 10.88 36.50
CA LEU B 419 40.77 12.02 35.62
C LEU B 419 39.35 11.98 35.08
N ARG B 420 38.86 10.79 34.71
CA ARG B 420 37.46 10.65 34.29
C ARG B 420 36.51 10.96 35.43
N PHE B 421 36.87 10.54 36.65
CA PHE B 421 36.06 10.87 37.82
C PHE B 421 36.06 12.38 38.05
N VAL B 422 37.18 13.05 37.78
CA VAL B 422 37.23 14.51 37.91
C VAL B 422 36.37 15.17 36.85
N LEU B 423 36.37 14.62 35.63
CA LEU B 423 35.50 15.13 34.58
C LEU B 423 34.04 14.98 34.96
N ASN B 424 33.68 13.87 35.60
CA ASN B 424 32.32 13.69 36.09
C ASN B 424 32.03 14.64 37.25
N THR B 425 32.99 14.84 38.14
CA THR B 425 32.78 15.68 39.32
C THR B 425 32.61 17.13 38.95
N ALA B 426 33.34 17.61 37.94
CA ALA B 426 33.16 18.97 37.47
C ALA B 426 31.78 19.13 36.83
N SER B 427 31.14 20.25 37.11
CA SER B 427 29.85 20.54 36.47
C SER B 427 30.02 20.66 34.97
N LEU B 428 31.14 21.21 34.52
CA LEU B 428 31.52 21.24 33.11
C LEU B 428 32.99 20.84 33.00
N ALA B 429 33.30 19.97 32.05
CA ALA B 429 34.66 19.49 31.88
C ALA B 429 34.89 19.14 30.42
N ILE B 430 36.17 19.16 30.03
CA ILE B 430 36.60 18.82 28.68
C ILE B 430 37.42 17.53 28.76
N ALA B 431 37.09 16.57 27.90
CA ALA B 431 37.74 15.26 27.89
C ALA B 431 38.49 15.08 26.59
N THR B 432 39.73 14.57 26.70
CA THR B 432 40.55 14.27 25.54
C THR B 432 41.54 13.19 25.90
N THR B 433 42.04 12.50 24.87
CA THR B 433 43.04 11.45 25.03
C THR B 433 44.26 11.81 24.19
N GLY B 434 45.45 11.72 24.80
CA GLY B 434 46.64 12.24 24.16
C GLY B 434 46.92 11.59 22.81
N ARG B 435 46.66 10.29 22.69
CA ARG B 435 46.80 9.64 21.40
C ARG B 435 45.82 10.20 20.38
N GLY B 436 44.62 10.57 20.82
CA GLY B 436 43.62 11.17 19.96
C GLY B 436 43.43 12.66 20.09
N SER B 437 44.26 13.35 20.89
CA SER B 437 44.13 14.78 21.10
C SER B 437 45.22 15.53 20.34
N SER B 438 44.83 16.57 19.62
CA SER B 438 45.74 17.48 18.97
C SER B 438 45.72 18.81 19.71
N GLY B 439 46.90 19.33 20.03
CA GLY B 439 46.98 20.60 20.74
C GLY B 439 46.48 21.77 19.93
N VAL B 440 46.72 21.74 18.61
CA VAL B 440 46.16 22.78 17.74
C VAL B 440 44.64 22.76 17.82
N GLY B 441 44.05 21.56 17.87
CA GLY B 441 42.61 21.46 18.04
C GLY B 441 42.15 21.93 19.41
N LEU B 442 42.94 21.64 20.45
CA LEU B 442 42.57 22.07 21.80
C LEU B 442 42.61 23.60 21.92
N THR B 443 43.59 24.24 21.29
CA THR B 443 43.70 25.69 21.36
C THR B 443 42.62 26.37 20.51
N ALA B 444 42.32 25.81 19.34
CA ALA B 444 41.32 26.39 18.45
C ALA B 444 40.83 25.30 17.51
N ALA B 445 39.69 25.57 16.86
CA ALA B 445 39.13 24.65 15.89
C ALA B 445 38.68 25.43 14.67
N VAL B 446 38.75 24.78 13.51
CA VAL B 446 38.43 25.41 12.23
C VAL B 446 37.31 24.61 11.58
N THR B 447 36.29 25.31 11.10
CA THR B 447 35.16 24.71 10.39
C THR B 447 35.06 25.30 9.00
N THR B 448 34.86 24.42 8.01
CA THR B 448 34.78 24.88 6.62
C THR B 448 33.57 25.79 6.42
N ASP B 449 32.44 25.47 7.05
CA ASP B 449 31.23 26.28 7.00
C ASP B 449 30.81 26.63 5.57
N GLU B 454 31.97 31.23 3.75
CA GLU B 454 33.25 31.46 4.41
C GLU B 454 33.40 30.55 5.63
N ARG B 455 34.65 30.23 5.97
CA ARG B 455 34.91 29.36 7.11
C ARG B 455 34.51 30.04 8.41
N ARG B 456 33.93 29.25 9.32
CA ARG B 456 33.51 29.74 10.63
C ARG B 456 34.44 29.21 11.70
N LEU B 457 34.92 30.10 12.56
CA LEU B 457 35.82 29.70 13.64
C LEU B 457 35.06 28.86 14.67
N GLU B 458 35.73 27.86 15.22
CA GLU B 458 35.18 27.00 16.25
C GLU B 458 36.11 27.00 17.45
N ALA B 459 35.53 27.04 18.65
CA ALA B 459 36.33 27.08 19.86
C ALA B 459 37.10 25.78 20.03
N GLY B 460 38.34 25.89 20.50
CA GLY B 460 39.14 24.72 20.79
C GLY B 460 38.66 24.02 22.05
N ALA B 461 39.14 22.79 22.21
CA ALA B 461 38.73 21.99 23.36
C ALA B 461 39.13 22.66 24.67
N MET B 462 40.33 23.23 24.71
CA MET B 462 40.72 24.04 25.86
C MET B 462 39.91 25.33 25.91
N VAL B 463 39.65 25.94 24.76
CA VAL B 463 38.83 27.14 24.71
C VAL B 463 37.39 26.82 25.12
N LEU B 464 36.90 25.65 24.71
CA LEU B 464 35.62 25.18 25.23
C LEU B 464 35.74 24.91 26.72
N ALA B 465 34.70 25.29 27.47
CA ALA B 465 34.75 25.31 28.92
C ALA B 465 35.97 26.10 29.39
N ASP B 466 36.10 27.32 28.86
CA ASP B 466 37.28 28.15 29.11
C ASP B 466 37.46 28.43 30.59
N ARG B 467 36.37 28.47 31.35
CA ARG B 467 36.50 28.55 32.81
C ARG B 467 36.67 27.17 33.43
N GLY B 468 36.04 26.14 32.87
CA GLY B 468 36.09 24.82 33.44
C GLY B 468 37.42 24.12 33.21
N VAL B 469 37.66 23.10 34.02
CA VAL B 469 38.89 22.31 33.91
C VAL B 469 38.78 21.35 32.74
N VAL B 470 39.93 20.98 32.19
CA VAL B 470 40.02 20.03 31.09
C VAL B 470 40.84 18.84 31.55
N CYS B 471 40.23 17.66 31.50
CA CYS B 471 40.91 16.41 31.85
C CYS B 471 41.36 15.71 30.58
N ILE B 472 42.64 15.35 30.52
CA ILE B 472 43.24 14.77 29.32
C ILE B 472 43.87 13.44 29.69
N ASP B 473 43.40 12.37 29.07
CA ASP B 473 44.03 11.06 29.21
C ASP B 473 45.26 10.97 28.33
N GLU B 474 46.25 10.21 28.79
CA GLU B 474 47.48 9.96 28.04
C GLU B 474 48.15 11.27 27.61
N PHE B 475 48.22 12.23 28.56
CA PHE B 475 48.82 13.52 28.25
C PHE B 475 50.26 13.38 27.80
N ASP B 476 50.98 12.39 28.33
CA ASP B 476 52.33 12.12 27.85
C ASP B 476 52.30 11.61 26.42
N LYS B 477 51.28 10.83 26.06
CA LYS B 477 51.14 10.38 24.68
C LYS B 477 50.85 11.54 23.74
N MET B 478 50.23 12.61 24.25
CA MET B 478 50.05 13.81 23.44
C MET B 478 51.41 14.39 23.05
N THR B 479 51.50 14.84 21.80
CA THR B 479 52.78 15.28 21.26
C THR B 479 53.25 16.55 21.95
N ASP B 480 54.56 16.82 21.82
CA ASP B 480 55.14 18.02 22.41
C ASP B 480 54.66 19.28 21.69
N VAL B 481 54.38 19.21 20.39
CA VAL B 481 53.78 20.34 19.69
C VAL B 481 52.37 20.61 20.23
N ASP B 482 51.61 19.54 20.45
CA ASP B 482 50.33 19.66 21.12
C ASP B 482 50.49 20.29 22.49
N ARG B 483 51.56 19.93 23.20
CA ARG B 483 51.82 20.49 24.52
C ARG B 483 52.22 21.96 24.44
N VAL B 484 52.85 22.38 23.34
CA VAL B 484 53.15 23.80 23.17
C VAL B 484 51.87 24.60 22.93
N ALA B 485 50.99 24.08 22.07
CA ALA B 485 49.69 24.70 21.90
C ALA B 485 48.92 24.74 23.21
N ILE B 486 49.09 23.70 24.04
CA ILE B 486 48.49 23.67 25.37
C ILE B 486 49.18 24.65 26.31
N HIS B 487 50.48 24.89 26.13
CA HIS B 487 51.20 25.84 26.96
C HIS B 487 50.71 27.26 26.72
N GLU B 488 50.31 27.55 25.48
CA GLU B 488 49.62 28.81 25.21
C GLU B 488 48.40 28.96 26.11
N VAL B 489 47.68 27.86 26.36
CA VAL B 489 46.55 27.90 27.28
C VAL B 489 47.03 27.98 28.73
N MET B 490 48.11 27.29 29.05
CA MET B 490 48.52 27.12 30.44
C MET B 490 49.09 28.42 31.03
N GLU B 491 49.88 29.15 30.25
CA GLU B 491 50.55 30.35 30.75
C GLU B 491 49.85 31.63 30.29
N GLN B 492 49.71 31.80 28.97
CA GLN B 492 49.07 33.01 28.46
C GLN B 492 47.59 33.07 28.78
N GLN B 493 46.95 31.93 29.04
CA GLN B 493 45.50 31.83 29.25
C GLN B 493 44.72 32.34 28.04
N THR B 494 45.37 32.38 26.88
CA THR B 494 44.74 32.81 25.64
C THR B 494 45.50 32.19 24.48
N VAL B 495 44.79 31.95 23.38
CA VAL B 495 45.36 31.34 22.19
C VAL B 495 45.19 32.30 21.02
N THR B 496 46.23 32.40 20.19
CA THR B 496 46.22 33.24 19.01
C THR B 496 46.54 32.41 17.79
N ILE B 497 45.74 32.55 16.75
CA ILE B 497 45.94 31.79 15.51
C ILE B 497 46.33 32.73 14.38
N HIS B 503 44.33 34.54 12.11
CA HIS B 503 44.70 35.54 13.09
C HIS B 503 43.69 35.60 14.23
N THR B 504 42.70 34.72 14.18
CA THR B 504 41.67 34.68 15.21
C THR B 504 42.27 34.27 16.55
N THR B 505 41.77 34.88 17.63
CA THR B 505 42.26 34.61 18.97
C THR B 505 41.13 34.08 19.83
N LEU B 506 41.41 33.02 20.58
CA LEU B 506 40.44 32.39 21.47
C LEU B 506 41.05 32.28 22.86
N ASN B 507 40.30 32.72 23.87
CA ASN B 507 40.77 32.62 25.25
C ASN B 507 40.84 31.17 25.68
N ALA B 508 41.93 30.82 26.39
CA ALA B 508 42.20 29.45 26.79
C ALA B 508 42.69 29.40 28.23
N ARG B 509 41.95 30.04 29.13
CA ARG B 509 42.32 30.08 30.55
C ARG B 509 41.89 28.82 31.31
N CYS B 510 41.47 27.77 30.61
CA CYS B 510 40.93 26.59 31.28
C CYS B 510 42.00 25.84 32.07
N SER B 511 41.60 25.30 33.22
CA SER B 511 42.47 24.39 33.95
C SER B 511 42.69 23.12 33.14
N VAL B 512 43.89 22.56 33.26
CA VAL B 512 44.28 21.39 32.47
C VAL B 512 44.77 20.33 33.46
N ILE B 513 43.85 19.52 33.95
CA ILE B 513 44.21 18.30 34.68
C ILE B 513 44.63 17.26 33.65
N ALA B 514 45.77 16.61 33.89
CA ALA B 514 46.37 15.74 32.90
C ALA B 514 46.63 14.36 33.49
N ALA B 515 46.11 13.33 32.82
CA ALA B 515 46.45 11.95 33.11
C ALA B 515 47.49 11.50 32.09
N ALA B 516 48.63 11.03 32.57
CA ALA B 516 49.76 10.70 31.71
C ALA B 516 50.34 9.36 32.12
N ASN B 517 51.23 8.85 31.28
CA ASN B 517 51.94 7.61 31.53
C ASN B 517 53.43 7.82 31.33
N PRO B 518 54.27 7.05 32.02
CA PRO B 518 55.71 7.15 31.79
C PRO B 518 56.05 6.78 30.35
N VAL B 519 57.08 7.44 29.82
CA VAL B 519 57.48 7.20 28.43
C VAL B 519 57.87 5.75 28.24
N PHE B 520 58.53 5.16 29.25
CA PHE B 520 58.82 3.74 29.21
C PHE B 520 57.56 2.89 29.37
N GLY B 521 56.48 3.46 29.88
CA GLY B 521 55.29 2.70 30.22
C GLY B 521 55.29 2.16 31.64
N GLN B 522 56.43 2.19 32.32
CA GLN B 522 56.53 1.81 33.73
C GLN B 522 57.46 2.81 34.39
N TYR B 523 56.97 3.46 35.45
CA TYR B 523 57.77 4.48 36.12
C TYR B 523 58.99 3.83 36.77
N ASP B 524 60.13 4.52 36.66
CA ASP B 524 61.39 4.05 37.23
C ASP B 524 61.88 5.06 38.25
N VAL B 525 62.18 4.58 39.46
CA VAL B 525 62.69 5.47 40.51
C VAL B 525 64.06 6.02 40.13
N ASN B 526 64.88 5.21 39.45
CA ASN B 526 66.18 5.69 38.98
C ASN B 526 66.01 6.82 37.97
N ARG B 527 65.03 6.71 37.08
CA ARG B 527 64.72 7.79 36.16
C ARG B 527 64.10 8.95 36.91
N ASP B 528 64.47 10.17 36.51
CA ASP B 528 63.85 11.35 37.08
C ASP B 528 62.37 11.39 36.71
N PRO B 529 61.53 12.02 37.54
CA PRO B 529 60.11 12.13 37.18
C PRO B 529 59.91 12.85 35.85
N HIS B 530 60.71 13.88 35.58
CA HIS B 530 60.63 14.56 34.31
C HIS B 530 61.12 13.68 33.16
N GLN B 531 62.14 12.85 33.42
CA GLN B 531 62.62 11.93 32.40
C GLN B 531 61.56 10.88 32.06
N ASN B 532 60.87 10.35 33.08
CA ASN B 532 59.80 9.41 32.85
C ASN B 532 58.63 10.07 32.13
N ILE B 533 58.32 11.32 32.49
CA ILE B 533 57.26 12.06 31.81
C ILE B 533 57.72 12.43 30.41
N ALA B 534 56.80 12.32 29.44
CA ALA B 534 57.12 12.74 28.08
C ALA B 534 57.14 14.26 27.95
N LEU B 535 56.50 14.98 28.88
CA LEU B 535 56.42 16.42 28.77
C LEU B 535 57.77 17.08 29.02
N PRO B 536 58.05 18.20 28.36
CA PRO B 536 59.30 18.91 28.62
C PRO B 536 59.27 19.57 29.98
N ASP B 537 60.47 19.94 30.45
CA ASP B 537 60.59 20.60 31.76
C ASP B 537 59.84 21.93 31.76
N SER B 538 59.84 22.64 30.63
CA SER B 538 59.07 23.87 30.53
C SER B 538 57.58 23.60 30.67
N LEU B 539 57.09 22.50 30.07
CA LEU B 539 55.69 22.13 30.23
C LEU B 539 55.38 21.77 31.68
N LEU B 540 56.30 21.06 32.34
CA LEU B 540 56.10 20.72 33.74
C LEU B 540 56.04 21.98 34.61
N SER B 541 56.89 22.96 34.31
CA SER B 541 56.81 24.24 35.00
C SER B 541 55.50 24.96 34.71
N ARG B 542 55.01 24.87 33.47
CA ARG B 542 53.74 25.48 33.12
C ARG B 542 52.60 24.85 33.91
N PHE B 543 52.66 23.54 34.12
CA PHE B 543 51.68 22.88 34.98
C PHE B 543 51.85 23.34 36.42
N ASP B 544 50.74 23.65 37.07
CA ASP B 544 50.80 24.08 38.47
C ASP B 544 51.27 22.96 39.38
N LEU B 545 50.97 21.71 39.04
CA LEU B 545 51.36 20.56 39.85
C LEU B 545 51.67 19.39 38.96
N LEU B 546 52.65 18.58 39.37
CA LEU B 546 53.04 17.38 38.65
C LEU B 546 53.08 16.22 39.63
N PHE B 547 52.44 15.10 39.27
CA PHE B 547 52.35 13.96 40.16
C PHE B 547 52.85 12.71 39.45
N VAL B 548 53.24 11.71 40.25
CA VAL B 548 53.64 10.41 39.74
C VAL B 548 52.83 9.36 40.50
N VAL B 549 51.65 9.05 39.99
CA VAL B 549 50.78 8.02 40.55
C VAL B 549 50.71 6.89 39.54
N THR B 550 51.36 5.78 39.84
CA THR B 550 51.49 4.66 38.92
C THR B 550 51.09 3.36 39.61
N ASP B 551 50.73 2.38 38.79
CA ASP B 551 50.36 1.07 39.32
C ASP B 551 51.57 0.41 39.99
N ASP B 552 51.31 -0.25 41.11
CA ASP B 552 52.36 -0.90 41.87
C ASP B 552 51.80 -2.16 42.52
N ILE B 553 52.71 -3.08 42.88
CA ILE B 553 52.34 -4.37 43.45
C ILE B 553 52.91 -4.44 44.86
N ASN B 554 52.02 -4.38 45.85
CA ASN B 554 52.34 -4.68 47.24
C ASN B 554 51.31 -5.67 47.74
N GLU B 555 51.67 -6.47 48.75
CA GLU B 555 50.78 -7.52 49.20
C GLU B 555 49.56 -6.96 49.94
N ILE B 556 49.80 -6.15 50.97
CA ILE B 556 48.70 -5.58 51.74
C ILE B 556 47.88 -4.62 50.88
N ARG B 557 48.56 -3.78 50.10
CA ARG B 557 47.85 -2.86 49.20
C ARG B 557 47.08 -3.62 48.13
N ASP B 558 47.60 -4.76 47.69
CA ASP B 558 46.89 -5.58 46.70
C ASP B 558 45.64 -6.19 47.31
N ARG B 559 45.73 -6.67 48.56
CA ARG B 559 44.53 -7.15 49.24
C ARG B 559 43.51 -6.03 49.39
N SER B 560 43.98 -4.82 49.74
CA SER B 560 43.07 -3.69 49.89
C SER B 560 42.40 -3.32 48.57
N ILE B 561 43.17 -3.28 47.47
CA ILE B 561 42.61 -2.92 46.18
C ILE B 561 41.68 -4.00 45.67
N SER B 562 42.01 -5.27 45.90
CA SER B 562 41.10 -6.36 45.55
C SER B 562 39.81 -6.27 46.34
N GLU B 563 39.90 -5.94 47.63
CA GLU B 563 38.71 -5.72 48.43
C GLU B 563 37.91 -4.52 47.93
N HIS B 564 38.59 -3.49 47.41
CA HIS B 564 37.89 -2.33 46.87
C HIS B 564 37.14 -2.68 45.59
N VAL B 565 37.78 -3.42 44.69
CA VAL B 565 37.10 -3.85 43.47
C VAL B 565 35.95 -4.79 43.81
N LEU B 566 36.16 -5.70 44.76
CA LEU B 566 35.09 -6.59 45.20
C LEU B 566 33.97 -5.81 45.87
N ARG B 567 34.29 -4.70 46.54
CA ARG B 567 33.26 -3.88 47.15
C ARG B 567 32.48 -3.10 46.09
N THR B 568 33.16 -2.68 45.02
CA THR B 568 32.45 -2.06 43.91
C THR B 568 31.50 -3.06 43.25
N HIS B 569 31.94 -4.31 43.09
CA HIS B 569 31.06 -5.35 42.57
C HIS B 569 29.93 -5.67 43.54
N ARG B 570 30.22 -5.67 44.84
CA ARG B 570 29.23 -5.97 45.87
C ARG B 570 28.25 -4.84 46.10
N TYR B 571 28.57 -3.63 45.64
CA TYR B 571 27.63 -2.53 45.74
C TYR B 571 26.37 -2.87 44.95
N LEU B 572 25.23 -2.74 45.60
CA LEU B 572 23.96 -3.13 45.00
C LEU B 572 23.13 -1.90 44.71
N PRO B 573 22.72 -1.68 43.47
CA PRO B 573 21.78 -0.60 43.18
C PRO B 573 20.49 -0.80 43.97
N PRO B 574 19.89 0.27 44.47
CA PRO B 574 18.67 0.10 45.29
C PRO B 574 17.54 -0.59 44.54
N GLY B 575 17.41 -0.33 43.24
CA GLY B 575 16.33 -0.94 42.47
C GLY B 575 16.62 -2.34 41.98
N TYR B 576 17.89 -2.76 41.96
CA TYR B 576 18.28 -4.06 41.44
C TYR B 576 18.89 -4.89 42.57
N LEU B 577 18.29 -6.04 42.84
CA LEU B 577 18.77 -6.93 43.89
C LEU B 577 20.01 -7.69 43.41
N GLU B 578 20.57 -8.52 44.29
CA GLU B 578 21.67 -9.38 43.90
C GLU B 578 21.21 -10.35 42.83
N GLY B 579 22.02 -10.49 41.79
CA GLY B 579 21.61 -11.24 40.62
C GLY B 579 20.74 -10.46 39.65
N GLU B 580 20.63 -9.15 39.83
CA GLU B 580 19.87 -8.30 38.93
C GLU B 580 20.76 -7.17 38.42
N PRO B 581 20.85 -6.97 37.11
CA PRO B 581 21.71 -5.91 36.59
C PRO B 581 21.20 -4.52 36.97
N VAL B 582 22.14 -3.60 37.14
CA VAL B 582 21.78 -2.22 37.43
C VAL B 582 21.09 -1.60 36.21
N ARG B 583 20.06 -0.80 36.47
CA ARG B 583 19.26 -0.18 35.42
C ARG B 583 18.67 -1.21 34.47
N PRO B 648 35.12 10.93 58.54
CA PRO B 648 34.65 9.79 57.75
C PRO B 648 33.51 10.16 56.79
N LYS B 649 32.66 11.09 57.21
CA LYS B 649 31.53 11.51 56.39
C LYS B 649 32.02 12.21 55.13
N LEU B 650 31.34 11.93 54.02
CA LEU B 650 31.66 12.53 52.73
C LEU B 650 30.41 13.19 52.16
N VAL B 651 30.56 14.42 51.67
CA VAL B 651 29.46 15.10 51.03
C VAL B 651 29.08 14.38 49.75
N THR B 652 27.78 14.27 49.49
CA THR B 652 27.31 13.67 48.25
C THR B 652 27.83 14.48 47.06
N ILE B 653 28.14 13.79 45.97
CA ILE B 653 28.82 14.45 44.84
C ILE B 653 28.09 15.70 44.37
N PRO B 654 26.76 15.70 44.20
CA PRO B 654 26.08 16.96 43.88
C PRO B 654 26.27 18.03 44.94
N PHE B 655 26.30 17.64 46.23
CA PHE B 655 26.51 18.61 47.28
C PHE B 655 27.93 19.16 47.29
N LEU B 656 28.91 18.34 46.95
CA LEU B 656 30.29 18.81 46.85
C LEU B 656 30.48 19.70 45.64
N ARG B 657 29.80 19.39 44.53
CA ARG B 657 29.80 20.29 43.39
C ARG B 657 29.13 21.61 43.75
N LYS B 658 28.04 21.55 44.52
CA LYS B 658 27.42 22.77 45.02
C LYS B 658 28.34 23.53 45.96
N TYR B 659 29.16 22.82 46.74
CA TYR B 659 30.12 23.47 47.62
C TYR B 659 31.22 24.16 46.83
N VAL B 660 31.70 23.53 45.76
CA VAL B 660 32.69 24.17 44.90
C VAL B 660 32.09 25.38 44.19
N GLN B 661 30.86 25.24 43.69
CA GLN B 661 30.18 26.37 43.06
C GLN B 661 29.94 27.49 44.06
N TYR B 662 29.58 27.14 45.30
CA TYR B 662 29.38 28.15 46.33
C TYR B 662 30.68 28.81 46.72
N ALA B 663 31.77 28.05 46.73
CA ALA B 663 33.08 28.65 46.98
C ALA B 663 33.40 29.69 45.92
N LYS B 664 33.25 29.32 44.64
CA LYS B 664 33.51 30.27 43.57
C LYS B 664 32.54 31.44 43.59
N GLU B 665 31.31 31.22 44.04
CA GLU B 665 30.25 32.23 43.97
C GLU B 665 30.26 33.20 45.14
N ARG B 666 30.65 32.76 46.34
CA ARG B 666 30.57 33.58 47.53
C ARG B 666 31.91 33.88 48.19
N VAL B 667 32.95 33.11 47.88
CA VAL B 667 34.28 33.32 48.48
C VAL B 667 35.23 33.73 47.37
N ILE B 668 35.94 34.83 47.61
CA ILE B 668 36.98 35.31 46.68
C ILE B 668 38.24 35.49 47.50
N PRO B 669 38.98 34.42 47.80
CA PRO B 669 40.14 34.55 48.69
C PRO B 669 41.17 35.52 48.12
N GLN B 670 41.77 36.30 49.02
CA GLN B 670 42.75 37.30 48.65
C GLN B 670 44.01 37.09 49.49
N LEU B 671 45.15 37.47 48.92
CA LEU B 671 46.43 37.26 49.58
C LEU B 671 46.53 38.11 50.84
N THR B 672 46.93 37.48 51.93
CA THR B 672 47.29 38.17 53.16
C THR B 672 48.80 38.31 53.24
N GLN B 673 49.27 39.14 54.17
CA GLN B 673 50.71 39.33 54.31
C GLN B 673 51.41 38.04 54.70
N GLU B 674 50.85 37.32 55.67
CA GLU B 674 51.48 36.09 56.14
C GLU B 674 51.45 35.00 55.07
N ALA B 675 50.29 34.82 54.42
CA ALA B 675 50.19 33.81 53.36
C ALA B 675 51.09 34.15 52.18
N ILE B 676 51.16 35.44 51.82
CA ILE B 676 52.01 35.87 50.73
C ILE B 676 53.48 35.64 51.06
N ASN B 677 53.88 35.95 52.30
CA ASN B 677 55.26 35.68 52.70
C ASN B 677 55.55 34.19 52.67
N VAL B 678 54.58 33.36 53.08
CA VAL B 678 54.76 31.91 53.05
C VAL B 678 54.97 31.44 51.61
N ILE B 679 54.14 31.92 50.69
CA ILE B 679 54.26 31.51 49.29
C ILE B 679 55.58 31.98 48.70
N VAL B 680 55.99 33.21 49.01
CA VAL B 680 57.24 33.75 48.48
C VAL B 680 58.43 32.96 49.01
N LYS B 681 58.42 32.65 50.31
CA LYS B 681 59.51 31.86 50.88
C LYS B 681 59.53 30.45 50.29
N ASN B 682 58.35 29.87 50.06
CA ASN B 682 58.31 28.54 49.46
C ASN B 682 58.90 28.54 48.05
N TYR B 683 58.54 29.55 47.25
CA TYR B 683 59.11 29.64 45.90
C TYR B 683 60.61 29.87 45.94
N THR B 684 61.07 30.74 46.84
CA THR B 684 62.50 31.01 46.94
C THR B 684 63.27 29.77 47.37
N ASP B 685 62.73 29.02 48.34
CA ASP B 685 63.40 27.80 48.78
C ASP B 685 63.35 26.72 47.71
N LEU B 686 62.29 26.68 46.91
CA LEU B 686 62.25 25.74 45.79
C LEU B 686 63.30 26.08 44.75
N ARG B 687 63.49 27.37 44.46
CA ARG B 687 64.54 27.78 43.53
C ARG B 687 65.92 27.54 44.10
N ASN B 688 66.08 27.64 45.43
CA ASN B 688 67.40 27.53 46.04
C ASN B 688 67.82 26.08 46.24
N ASP B 689 66.89 25.21 46.63
CA ASP B 689 67.23 23.83 46.96
C ASP B 689 67.80 23.11 45.75
N ASP B 690 68.90 22.39 45.95
CA ASP B 690 69.51 21.61 44.88
C ASP B 690 68.83 20.27 44.68
N ASN B 691 67.88 19.91 45.53
CA ASN B 691 67.16 18.65 45.38
C ASN B 691 66.35 18.65 44.10
N THR B 692 66.24 17.46 43.49
CA THR B 692 65.55 17.34 42.22
C THR B 692 64.07 17.65 42.39
N LYS B 693 63.50 18.30 41.37
CA LYS B 693 62.09 18.63 41.34
C LYS B 693 61.48 18.15 40.04
N LYS B 694 60.17 17.89 40.07
CA LYS B 694 59.48 17.45 38.86
C LYS B 694 59.53 18.52 37.77
N SER B 695 59.51 19.79 38.16
CA SER B 695 59.61 20.91 37.26
C SER B 695 60.63 21.92 37.78
N PRO B 696 61.27 22.67 36.90
CA PRO B 696 62.14 23.75 37.36
C PRO B 696 61.33 24.81 38.12
N ILE B 697 61.91 25.32 39.20
CA ILE B 697 61.24 26.35 39.98
C ILE B 697 61.27 27.67 39.22
N THR B 698 60.22 28.47 39.39
CA THR B 698 60.09 29.69 38.62
C THR B 698 59.19 30.69 39.34
N ALA B 699 59.27 31.95 38.89
CA ALA B 699 58.30 32.94 39.34
C ALA B 699 56.89 32.54 38.93
N ARG B 700 56.74 31.83 37.81
CA ARG B 700 55.46 31.24 37.48
C ARG B 700 55.04 30.21 38.53
N THR B 701 56.01 29.48 39.08
CA THR B 701 55.70 28.57 40.17
C THR B 701 55.30 29.32 41.43
N LEU B 702 55.89 30.50 41.68
CA LEU B 702 55.43 31.33 42.78
C LEU B 702 53.98 31.77 42.58
N GLU B 703 53.64 32.19 41.36
CA GLU B 703 52.27 32.57 41.05
C GLU B 703 51.33 31.38 41.22
N THR B 704 51.78 30.18 40.81
CA THR B 704 50.97 28.98 41.00
C THR B 704 50.78 28.66 42.47
N LEU B 705 51.81 28.89 43.29
CA LEU B 705 51.67 28.69 44.73
C LEU B 705 50.64 29.64 45.32
N ILE B 706 50.67 30.91 44.89
CA ILE B 706 49.68 31.87 45.37
C ILE B 706 48.28 31.46 44.94
N ARG B 707 48.14 31.01 43.68
CA ARG B 707 46.84 30.58 43.19
C ARG B 707 46.32 29.36 43.94
N LEU B 708 47.21 28.41 44.22
CA LEU B 708 46.79 27.23 45.01
C LEU B 708 46.43 27.62 46.43
N ALA B 709 47.11 28.62 47.00
CA ALA B 709 46.71 29.14 48.31
C ALA B 709 45.31 29.72 48.25
N THR B 710 45.02 30.50 47.22
CA THR B 710 43.67 31.01 47.03
C THR B 710 42.67 29.90 46.84
N ALA B 711 43.08 28.80 46.20
CA ALA B 711 42.18 27.67 46.00
C ALA B 711 41.86 26.96 47.31
N HIS B 712 42.87 26.73 48.14
CA HIS B 712 42.64 26.14 49.46
C HIS B 712 41.76 27.04 50.31
N ALA B 713 42.00 28.35 50.25
CA ALA B 713 41.14 29.28 50.99
C ALA B 713 39.73 29.33 50.42
N LYS B 714 39.57 29.12 49.11
CA LYS B 714 38.24 29.04 48.53
C LYS B 714 37.49 27.81 49.02
N VAL B 715 38.20 26.68 49.12
CA VAL B 715 37.61 25.50 49.75
C VAL B 715 37.24 25.81 51.19
N ARG B 716 38.06 26.60 51.87
CA ARG B 716 37.76 27.04 53.23
C ARG B 716 36.65 28.10 53.29
N LEU B 717 36.25 28.65 52.15
CA LEU B 717 35.27 29.73 52.09
C LEU B 717 35.72 30.95 52.90
N SER B 718 37.01 31.26 52.82
CA SER B 718 37.60 32.39 53.53
C SER B 718 37.97 33.49 52.55
N LYS B 719 37.57 34.73 52.87
CA LYS B 719 37.85 35.85 51.99
C LYS B 719 39.33 36.20 51.96
N THR B 720 40.05 35.89 53.03
CA THR B 720 41.50 36.09 53.09
C THR B 720 42.17 34.75 53.29
N VAL B 721 43.16 34.44 52.45
CA VAL B 721 43.83 33.15 52.52
C VAL B 721 44.60 33.04 53.83
N ASN B 722 44.41 31.93 54.53
CA ASN B 722 45.17 31.67 55.73
C ASN B 722 46.64 31.45 55.38
N LYS B 723 47.52 31.85 56.29
CA LYS B 723 48.94 31.55 56.12
C LYS B 723 49.16 30.04 56.13
N VAL B 724 48.44 29.32 57.01
CA VAL B 724 48.50 27.87 57.02
C VAL B 724 47.93 27.31 55.73
N ASP B 725 46.89 27.94 55.17
CA ASP B 725 46.34 27.48 53.90
C ASP B 725 47.36 27.67 52.77
N ALA B 726 48.09 28.79 52.78
CA ALA B 726 49.15 29.00 51.80
C ALA B 726 50.26 27.98 51.98
N LYS B 727 50.59 27.65 53.23
CA LYS B 727 51.58 26.62 53.49
C LYS B 727 51.10 25.25 53.02
N VAL B 728 49.80 24.97 53.14
CA VAL B 728 49.26 23.69 52.69
C VAL B 728 49.25 23.62 51.17
N ALA B 729 48.93 24.73 50.51
CA ALA B 729 49.01 24.78 49.05
C ALA B 729 50.45 24.64 48.58
N ALA B 730 51.39 25.28 49.29
CA ALA B 730 52.80 25.10 48.98
C ALA B 730 53.25 23.67 49.28
N ASN B 731 52.61 23.00 50.24
CA ASN B 731 52.91 21.60 50.48
C ASN B 731 52.39 20.73 49.35
N LEU B 732 51.22 21.07 48.80
CA LEU B 732 50.75 20.39 47.59
C LEU B 732 51.70 20.63 46.42
N LEU B 733 52.20 21.86 46.28
CA LEU B 733 53.19 22.15 45.25
C LEU B 733 54.50 21.43 45.50
N ARG B 734 54.87 21.22 46.77
CA ARG B 734 56.09 20.49 47.08
C ARG B 734 55.94 19.02 46.77
N PHE B 735 54.78 18.44 47.14
CA PHE B 735 54.45 17.08 46.68
C PHE B 735 54.45 17.01 45.17
N ALA B 736 54.12 18.12 44.51
CA ALA B 736 54.16 18.16 43.06
C ALA B 736 55.58 18.22 42.51
N LEU B 737 56.50 18.89 43.21
CA LEU B 737 57.81 19.17 42.61
C LEU B 737 58.96 18.42 43.27
N LEU B 738 59.25 18.70 44.54
CA LEU B 738 60.45 18.12 45.15
C LEU B 738 60.25 16.66 45.53
N GLY B 739 59.03 16.30 45.88
CA GLY B 739 58.73 14.98 46.40
C GLY B 739 57.54 15.06 47.33
N GLU B 740 57.02 13.89 47.69
CA GLU B 740 55.77 13.81 48.43
C GLU B 740 55.80 14.69 49.68
N ASP B 741 54.76 15.48 49.85
CA ASP B 741 54.69 16.45 50.96
C ASP B 741 53.25 16.71 51.36
N LEU C 177 22.52 84.72 -31.06
CA LEU C 177 23.66 83.80 -31.12
C LEU C 177 23.29 82.42 -30.58
N ARG C 178 24.16 81.46 -30.80
CA ARG C 178 24.00 80.10 -30.27
C ARG C 178 24.91 79.96 -29.06
N ILE C 179 24.34 79.51 -27.94
CA ILE C 179 25.06 79.42 -26.66
C ILE C 179 24.95 78.00 -26.14
N ILE C 180 26.07 77.48 -25.62
CA ILE C 180 26.05 76.21 -24.92
C ILE C 180 25.15 76.33 -23.69
N TRP C 181 24.31 75.33 -23.47
CA TRP C 181 23.32 75.40 -22.40
C TRP C 181 23.99 75.51 -21.04
N GLY C 182 23.50 76.45 -20.23
CA GLY C 182 23.98 76.63 -18.88
C GLY C 182 25.32 77.34 -18.76
N THR C 183 25.96 77.69 -19.86
CA THR C 183 27.25 78.36 -19.82
C THR C 183 27.16 79.86 -20.01
N ASN C 184 26.07 80.36 -20.61
CA ASN C 184 25.92 81.77 -20.96
C ASN C 184 27.07 82.25 -21.84
N VAL C 185 27.69 81.32 -22.55
CA VAL C 185 28.79 81.62 -23.47
C VAL C 185 28.39 81.12 -24.84
N SER C 186 28.50 81.99 -25.84
CA SER C 186 28.05 81.65 -27.18
C SER C 186 28.88 80.52 -27.77
N ILE C 187 28.21 79.54 -28.36
CA ILE C 187 28.92 78.51 -29.11
C ILE C 187 29.62 79.12 -30.31
N GLN C 188 29.00 80.12 -30.93
CA GLN C 188 29.66 80.88 -31.99
C GLN C 188 30.89 81.59 -31.46
N GLU C 189 30.81 82.12 -30.23
CA GLU C 189 31.99 82.77 -29.64
C GLU C 189 33.10 81.76 -29.37
N CYS C 190 32.75 80.57 -28.90
CA CYS C 190 33.75 79.53 -28.70
C CYS C 190 34.40 79.13 -30.02
N THR C 191 33.59 78.98 -31.07
CA THR C 191 34.12 78.66 -32.39
C THR C 191 35.00 79.79 -32.92
N THR C 192 34.63 81.04 -32.62
CA THR C 192 35.43 82.17 -33.07
C THR C 192 36.76 82.25 -32.33
N ASN C 193 36.76 81.92 -31.04
CA ASN C 193 38.01 81.87 -30.30
C ASN C 193 38.90 80.74 -30.81
N PHE C 194 38.30 79.58 -31.11
CA PHE C 194 39.07 78.51 -31.72
C PHE C 194 39.59 78.89 -33.09
N ARG C 195 38.82 79.69 -33.84
CA ARG C 195 39.27 80.16 -35.14
C ARG C 195 40.40 81.17 -35.02
N ASN C 196 40.35 82.02 -34.00
CA ASN C 196 41.45 82.93 -33.73
C ASN C 196 42.69 82.18 -33.27
N PHE C 197 42.50 81.01 -32.63
CA PHE C 197 43.63 80.16 -32.31
C PHE C 197 44.19 79.50 -33.56
N LEU C 198 43.31 79.00 -34.44
CA LEU C 198 43.75 78.31 -35.64
C LEU C 198 44.45 79.26 -36.60
N MET C 199 43.94 80.48 -36.73
CA MET C 199 44.52 81.50 -37.59
C MET C 199 44.51 82.83 -36.85
N SER C 200 45.55 83.64 -37.09
CA SER C 200 45.86 84.88 -36.39
C SER C 200 46.40 84.63 -34.98
N PHE C 201 46.76 83.40 -34.65
CA PHE C 201 47.48 83.08 -33.41
C PHE C 201 48.86 82.56 -33.80
N LYS C 202 49.89 83.32 -33.45
CA LYS C 202 51.25 82.91 -33.81
C LYS C 202 51.70 81.75 -32.95
N TYR C 203 52.62 80.95 -33.50
CA TYR C 203 53.38 80.02 -32.68
C TYR C 203 54.20 80.77 -31.64
N LYS C 204 54.49 82.05 -31.89
CA LYS C 204 55.16 82.87 -30.89
C LYS C 204 54.32 83.00 -29.62
N PHE C 205 53.00 82.96 -29.74
CA PHE C 205 52.16 83.02 -28.55
C PHE C 205 52.35 81.79 -27.69
N ARG C 206 52.36 80.59 -28.30
CA ARG C 206 52.62 79.37 -27.55
C ARG C 206 54.02 79.35 -26.98
N LYS C 207 55.00 79.80 -27.76
CA LYS C 207 56.37 79.86 -27.28
C LYS C 207 56.54 80.84 -26.13
N ILE C 208 55.77 81.95 -26.15
CA ILE C 208 55.84 82.93 -25.08
C ILE C 208 55.16 82.41 -23.82
N LEU C 209 54.03 81.71 -23.99
CA LEU C 209 53.41 81.05 -22.84
C LEU C 209 54.34 80.02 -22.23
N ASP C 210 55.10 79.32 -23.08
CA ASP C 210 56.16 78.44 -22.59
C ASP C 210 57.34 79.22 -22.04
N GLU C 211 57.45 80.51 -22.37
CA GLU C 211 58.63 81.33 -22.06
C GLU C 211 59.83 80.64 -22.71
N ARG C 212 60.96 80.54 -22.00
CA ARG C 212 62.17 79.92 -22.55
C ARG C 212 62.52 80.52 -23.91
N GLU C 213 62.56 81.85 -23.95
CA GLU C 213 62.75 82.56 -25.22
C GLU C 213 64.06 82.17 -25.89
N GLU C 214 65.09 81.84 -25.09
CA GLU C 214 66.33 81.35 -25.68
C GLU C 214 66.11 80.01 -26.38
N PHE C 215 65.22 79.17 -25.85
CA PHE C 215 64.91 77.91 -26.49
C PHE C 215 64.01 78.08 -27.71
N ILE C 216 63.09 79.05 -27.67
CA ILE C 216 62.16 79.24 -28.77
C ILE C 216 62.87 79.84 -29.97
N ASN C 217 62.39 79.50 -31.16
CA ASN C 217 62.95 79.98 -32.42
C ASN C 217 62.02 81.04 -33.01
N ASN C 218 62.60 82.18 -33.41
CA ASN C 218 61.80 83.33 -33.81
C ASN C 218 61.03 83.07 -35.10
N THR C 219 61.62 82.35 -36.05
CA THR C 219 60.96 82.16 -37.34
C THR C 219 59.75 81.23 -37.21
N THR C 220 59.93 80.07 -36.56
CA THR C 220 58.80 79.19 -36.31
C THR C 220 57.78 79.87 -35.42
N ASP C 221 58.23 80.71 -34.49
CA ASP C 221 57.32 81.48 -33.64
C ASP C 221 56.48 82.45 -34.46
N GLU C 222 57.11 83.15 -35.41
CA GLU C 222 56.39 84.09 -36.25
C GLU C 222 55.38 83.38 -37.12
N GLU C 223 55.74 82.20 -37.63
CA GLU C 223 54.73 81.37 -38.31
C GLU C 223 53.64 80.97 -37.32
N LEU C 224 52.41 80.88 -37.81
CA LEU C 224 51.29 80.51 -36.96
C LEU C 224 51.29 78.99 -36.74
N TYR C 225 51.39 78.58 -35.47
CA TYR C 225 51.50 77.15 -35.15
C TYR C 225 50.27 76.38 -35.61
N TYR C 226 49.09 76.90 -35.29
CA TYR C 226 47.87 76.17 -35.63
C TYR C 226 47.58 76.23 -37.13
N ILE C 227 47.96 77.31 -37.80
CA ILE C 227 47.84 77.35 -39.26
C ILE C 227 48.74 76.29 -39.89
N LYS C 228 49.97 76.18 -39.41
CA LYS C 228 50.86 75.14 -39.91
C LYS C 228 50.32 73.75 -39.58
N GLN C 229 49.68 73.61 -38.41
CA GLN C 229 49.13 72.31 -38.03
C GLN C 229 47.93 71.93 -38.89
N LEU C 230 47.07 72.90 -39.22
CA LEU C 230 45.96 72.61 -40.11
C LEU C 230 46.45 72.29 -41.52
N ASN C 231 47.48 73.00 -41.99
CA ASN C 231 48.07 72.66 -43.27
C ASN C 231 48.70 71.27 -43.24
N GLU C 232 49.30 70.90 -42.11
CA GLU C 232 49.86 69.57 -41.95
C GLU C 232 48.76 68.51 -41.95
N MET C 233 47.61 68.82 -41.34
CA MET C 233 46.47 67.90 -41.39
C MET C 233 45.97 67.74 -42.81
N ARG C 234 45.95 68.84 -43.58
CA ARG C 234 45.58 68.76 -44.99
C ARG C 234 46.58 67.91 -45.77
N GLU C 235 47.87 68.07 -45.49
CA GLU C 235 48.89 67.27 -46.16
C GLU C 235 48.76 65.80 -45.79
N LEU C 236 48.42 65.52 -44.53
CA LEU C 236 48.19 64.15 -44.09
C LEU C 236 46.90 63.56 -44.66
N GLY C 237 45.94 64.41 -45.03
CA GLY C 237 44.65 63.93 -45.47
C GLY C 237 43.75 63.47 -44.35
N THR C 238 44.09 63.77 -43.11
CA THR C 238 43.33 63.31 -41.95
C THR C 238 42.61 64.49 -41.31
N SER C 239 41.34 64.27 -40.96
CA SER C 239 40.55 65.32 -40.32
C SER C 239 41.06 65.63 -38.91
N ASN C 240 41.59 64.63 -38.21
CA ASN C 240 41.99 64.83 -36.82
C ASN C 240 43.13 65.82 -36.72
N LEU C 241 43.06 66.67 -35.69
CA LEU C 241 44.10 67.66 -35.43
C LEU C 241 44.40 67.65 -33.93
N ASN C 242 45.64 67.34 -33.59
CA ASN C 242 46.04 67.36 -32.18
C ASN C 242 45.96 68.77 -31.63
N LEU C 243 45.47 68.89 -30.39
CA LEU C 243 45.26 70.18 -29.76
C LEU C 243 46.06 70.26 -28.47
N ASP C 244 46.58 71.46 -28.19
CA ASP C 244 47.34 71.71 -26.97
C ASP C 244 46.60 72.76 -26.15
N ALA C 245 46.19 72.37 -24.94
CA ALA C 245 45.55 73.34 -24.04
C ALA C 245 46.52 74.45 -23.67
N ARG C 246 47.83 74.17 -23.68
CA ARG C 246 48.81 75.22 -23.45
C ARG C 246 48.77 76.27 -24.56
N ASN C 247 48.63 75.84 -25.82
CA ASN C 247 48.51 76.78 -26.93
C ASN C 247 47.18 77.53 -26.87
N LEU C 248 46.12 76.83 -26.48
CA LEU C 248 44.83 77.50 -26.27
C LEU C 248 44.97 78.60 -25.22
N LEU C 249 45.67 78.31 -24.12
CA LEU C 249 45.94 79.32 -23.10
C LEU C 249 46.85 80.42 -23.64
N ALA C 250 47.75 80.08 -24.56
CA ALA C 250 48.67 81.06 -25.12
C ALA C 250 47.92 82.14 -25.87
N TYR C 251 47.01 81.74 -26.76
CA TYR C 251 46.11 82.73 -27.35
C TYR C 251 45.11 83.17 -26.29
N LYS C 252 44.80 84.47 -26.25
CA LYS C 252 44.00 85.00 -25.14
C LYS C 252 42.53 84.58 -25.27
N GLN C 253 41.92 84.88 -26.41
CA GLN C 253 40.53 84.47 -26.63
C GLN C 253 40.42 82.95 -26.61
N THR C 254 41.42 82.25 -27.13
CA THR C 254 41.43 80.80 -27.07
C THR C 254 41.60 80.30 -25.64
N GLU C 255 42.26 81.07 -24.77
CA GLU C 255 42.34 80.71 -23.36
C GLU C 255 40.98 80.84 -22.68
N ASP C 256 40.25 81.90 -23.02
CA ASP C 256 38.88 82.02 -22.53
C ASP C 256 38.03 80.84 -23.03
N LEU C 257 38.20 80.47 -24.30
CA LEU C 257 37.50 79.33 -24.84
C LEU C 257 37.92 78.02 -24.17
N TYR C 258 39.19 77.91 -23.78
CA TYR C 258 39.66 76.72 -23.10
C TYR C 258 39.12 76.62 -21.69
N HIS C 259 38.94 77.76 -21.01
CA HIS C 259 38.24 77.74 -19.72
C HIS C 259 36.78 77.33 -19.91
N GLN C 260 36.12 77.87 -20.94
CA GLN C 260 34.77 77.41 -21.26
C GLN C 260 34.75 75.92 -21.56
N LEU C 261 35.81 75.39 -22.18
CA LEU C 261 35.92 73.96 -22.42
C LEU C 261 36.06 73.20 -21.10
N LEU C 262 36.92 73.68 -20.21
CA LEU C 262 37.03 73.05 -18.90
C LEU C 262 35.69 72.99 -18.20
N ASN C 263 34.83 73.98 -18.44
CA ASN C 263 33.46 73.92 -17.93
C ASN C 263 32.64 72.85 -18.68
N TYR C 264 32.67 72.88 -20.01
CA TYR C 264 31.86 72.00 -20.85
C TYR C 264 32.73 71.36 -21.93
N PRO C 265 33.48 70.32 -21.58
CA PRO C 265 34.48 69.80 -22.54
C PRO C 265 33.88 69.23 -23.80
N GLN C 266 32.77 68.50 -23.71
CA GLN C 266 32.21 67.86 -24.90
C GLN C 266 31.65 68.89 -25.87
N GLU C 267 30.86 69.85 -25.36
CA GLU C 267 30.31 70.89 -26.22
C GLU C 267 31.41 71.72 -26.85
N VAL C 268 32.40 72.12 -26.05
CA VAL C 268 33.49 72.92 -26.62
C VAL C 268 34.33 72.10 -27.59
N ILE C 269 34.43 70.79 -27.37
CA ILE C 269 35.19 69.94 -28.29
C ILE C 269 34.48 69.82 -29.62
N SER C 270 33.15 69.70 -29.60
CA SER C 270 32.40 69.71 -30.85
C SER C 270 32.53 71.06 -31.55
N ILE C 271 32.50 72.16 -30.78
CA ILE C 271 32.67 73.47 -31.37
C ILE C 271 34.06 73.61 -32.00
N MET C 272 35.09 73.12 -31.30
CA MET C 272 36.45 73.18 -31.84
C MET C 272 36.61 72.27 -33.05
N ASP C 273 35.89 71.16 -33.10
CA ASP C 273 35.91 70.30 -34.28
C ASP C 273 35.33 71.02 -35.49
N GLN C 274 34.18 71.67 -35.29
CA GLN C 274 33.59 72.45 -36.38
C GLN C 274 34.50 73.60 -36.78
N THR C 275 35.15 74.24 -35.80
CA THR C 275 36.07 75.33 -36.09
C THR C 275 37.29 74.83 -36.87
N ILE C 276 37.79 73.64 -36.54
CA ILE C 276 38.92 73.08 -37.27
C ILE C 276 38.51 72.75 -38.70
N LYS C 277 37.30 72.23 -38.90
CA LYS C 277 36.83 71.95 -40.25
C LYS C 277 36.70 73.24 -41.07
N ASP C 278 36.08 74.28 -40.47
CA ASP C 278 35.91 75.53 -41.19
C ASP C 278 37.26 76.19 -41.48
N CYS C 279 38.18 76.15 -40.51
CA CYS C 279 39.51 76.70 -40.71
C CYS C 279 40.28 75.91 -41.75
N MET C 280 40.06 74.59 -41.83
CA MET C 280 40.70 73.80 -42.88
C MET C 280 40.17 74.17 -44.26
N VAL C 281 38.87 74.41 -44.37
CA VAL C 281 38.31 74.84 -45.65
C VAL C 281 38.90 76.20 -46.05
N SER C 282 38.91 77.14 -45.09
CA SER C 282 39.45 78.47 -45.36
C SER C 282 40.94 78.39 -45.70
N LEU C 283 41.66 77.49 -45.03
CA LEU C 283 43.10 77.37 -45.26
C LEU C 283 43.39 76.73 -46.61
N ILE C 284 42.56 75.78 -47.03
CA ILE C 284 42.71 75.21 -48.37
C ILE C 284 42.51 76.30 -49.42
N VAL C 285 41.46 77.11 -49.24
CA VAL C 285 41.20 78.19 -50.19
C VAL C 285 42.35 79.20 -50.16
N ASP C 286 42.90 79.49 -48.98
CA ASP C 286 43.94 80.50 -48.86
C ASP C 286 45.26 80.02 -49.45
N ASN C 287 45.66 78.79 -49.13
CA ASN C 287 46.91 78.24 -49.67
C ASN C 287 46.81 77.94 -51.14
N ASN C 288 45.61 77.74 -51.68
CA ASN C 288 45.36 77.42 -53.08
C ASN C 288 45.94 76.07 -53.49
N LEU C 289 46.46 75.31 -52.54
CA LEU C 289 46.84 73.93 -52.82
C LEU C 289 45.59 73.10 -53.12
N ASP C 290 45.74 72.13 -54.00
CA ASP C 290 44.60 71.34 -54.43
C ASP C 290 43.99 70.59 -53.25
N TYR C 291 42.68 70.74 -53.09
CA TYR C 291 41.93 70.09 -52.02
C TYR C 291 40.46 70.24 -52.36
N ASP C 292 39.64 69.39 -51.74
CA ASP C 292 38.20 69.40 -51.95
C ASP C 292 37.51 69.90 -50.68
N LEU C 293 36.77 71.01 -50.82
CA LEU C 293 35.96 71.48 -49.71
C LEU C 293 34.90 70.45 -49.32
N ASP C 294 34.38 69.72 -50.31
CA ASP C 294 33.47 68.62 -50.00
C ASP C 294 34.18 67.52 -49.24
N GLU C 295 35.47 67.28 -49.54
CA GLU C 295 36.23 66.30 -48.76
C GLU C 295 36.44 66.78 -47.33
N ILE C 296 36.66 68.08 -47.15
CA ILE C 296 36.80 68.63 -45.80
C ILE C 296 35.48 68.50 -45.05
N GLU C 297 34.36 68.69 -45.75
CA GLU C 297 33.05 68.54 -45.12
C GLU C 297 32.77 67.10 -44.75
N THR C 298 33.13 66.16 -45.63
CA THR C 298 32.96 64.74 -45.32
C THR C 298 33.86 64.33 -44.16
N LYS C 299 35.05 64.92 -44.09
CA LYS C 299 35.92 64.72 -42.94
C LYS C 299 35.34 65.42 -41.72
N PHE C 300 35.45 64.77 -40.57
CA PHE C 300 35.02 65.33 -39.29
C PHE C 300 36.27 65.61 -38.48
N TYR C 301 36.66 66.89 -38.43
CA TYR C 301 37.88 67.27 -37.72
C TYR C 301 37.73 66.93 -36.24
N LYS C 302 38.84 66.59 -35.61
CA LYS C 302 38.86 66.18 -34.21
C LYS C 302 39.76 67.12 -33.42
N VAL C 303 39.26 67.60 -32.29
CA VAL C 303 40.04 68.39 -31.34
C VAL C 303 40.45 67.48 -30.19
N ARG C 304 41.75 67.43 -29.92
CA ARG C 304 42.31 66.51 -28.92
C ARG C 304 43.18 67.31 -27.95
N PRO C 305 42.57 68.10 -27.08
CA PRO C 305 43.35 68.91 -26.15
C PRO C 305 44.20 68.06 -25.23
N TYR C 306 45.39 68.58 -24.89
CA TYR C 306 46.31 67.93 -23.98
C TYR C 306 46.99 69.00 -23.14
N ASN C 307 47.54 68.57 -22.01
CA ASN C 307 48.10 69.46 -20.99
C ASN C 307 47.06 70.38 -20.39
N VAL C 308 45.78 69.98 -20.45
CA VAL C 308 44.71 70.75 -19.83
C VAL C 308 44.87 70.75 -18.32
N GLY C 309 45.33 69.64 -17.74
CA GLY C 309 45.57 69.57 -16.32
C GLY C 309 46.63 68.53 -16.02
N SER C 310 47.07 68.51 -14.77
CA SER C 310 48.04 67.53 -14.34
C SER C 310 47.41 66.14 -14.36
N CYS C 311 48.22 65.13 -14.70
CA CYS C 311 47.73 63.77 -14.75
C CYS C 311 47.31 63.30 -13.36
N LYS C 312 46.21 62.56 -13.30
CA LYS C 312 45.66 62.09 -12.04
C LYS C 312 45.11 60.67 -12.22
N GLY C 313 45.10 59.92 -11.12
CA GLY C 313 44.56 58.59 -11.16
C GLY C 313 43.03 58.57 -11.19
N MET C 314 42.50 57.40 -11.55
CA MET C 314 41.05 57.24 -11.60
C MET C 314 40.44 57.38 -10.21
N ARG C 315 41.14 56.91 -9.18
CA ARG C 315 40.67 57.12 -7.81
C ARG C 315 40.65 58.59 -7.44
N GLU C 316 41.55 59.38 -8.03
CA GLU C 316 41.55 60.82 -7.78
C GLU C 316 40.39 61.51 -8.49
N LEU C 317 39.89 60.93 -9.58
CA LEU C 317 38.79 61.52 -10.33
C LEU C 317 37.52 61.55 -9.48
N ASN C 318 36.70 62.58 -9.70
CA ASN C 318 35.55 62.85 -8.85
C ASN C 318 34.31 63.14 -9.68
N PRO C 319 33.12 62.91 -9.10
CA PRO C 319 31.89 63.26 -9.81
C PRO C 319 31.78 64.74 -10.15
N ASN C 320 32.35 65.62 -9.32
CA ASN C 320 32.43 67.02 -9.70
C ASN C 320 33.33 67.21 -10.92
N ASP C 321 34.41 66.43 -11.01
CA ASP C 321 35.26 66.46 -12.18
C ASP C 321 34.58 65.90 -13.42
N ILE C 322 33.51 65.10 -13.24
CA ILE C 322 32.76 64.63 -14.39
C ILE C 322 32.25 65.81 -15.21
N ASP C 323 32.24 65.64 -16.53
CA ASP C 323 31.86 66.68 -17.49
C ASP C 323 32.79 67.89 -17.41
N LYS C 324 34.04 67.66 -17.02
CA LYS C 324 35.06 68.70 -17.00
C LYS C 324 36.34 68.14 -17.63
N LEU C 325 36.97 68.95 -18.48
CA LEU C 325 38.16 68.49 -19.19
C LEU C 325 39.32 68.27 -18.22
N ILE C 326 40.07 67.20 -18.46
CA ILE C 326 41.22 66.86 -17.63
C ILE C 326 42.15 65.98 -18.44
N ASN C 327 43.44 66.04 -18.12
CA ASN C 327 44.44 65.16 -18.70
C ASN C 327 44.80 64.10 -17.66
N LEU C 328 44.79 62.85 -18.07
CA LEU C 328 45.00 61.72 -17.16
C LEU C 328 46.04 60.77 -17.71
N LYS C 329 46.93 60.31 -16.84
CA LYS C 329 47.91 59.28 -17.17
C LYS C 329 47.51 57.99 -16.48
N GLY C 330 47.60 56.88 -17.22
CA GLY C 330 47.26 55.58 -16.65
C GLY C 330 47.90 54.47 -17.44
N LEU C 331 48.20 53.37 -16.75
CA LEU C 331 48.73 52.18 -17.39
C LEU C 331 47.57 51.27 -17.79
N VAL C 332 47.54 50.89 -19.06
CA VAL C 332 46.42 50.11 -19.59
C VAL C 332 46.49 48.71 -19.00
N LEU C 333 45.53 48.37 -18.14
CA LEU C 333 45.42 46.99 -17.66
C LEU C 333 45.08 46.05 -18.81
N ARG C 334 44.18 46.48 -19.69
CA ARG C 334 43.82 45.74 -20.89
C ARG C 334 43.07 46.68 -21.82
N SER C 335 43.08 46.35 -23.11
CA SER C 335 42.34 47.09 -24.11
C SER C 335 41.21 46.22 -24.63
N THR C 336 39.98 46.72 -24.50
CA THR C 336 38.82 45.95 -24.92
C THR C 336 38.74 45.90 -26.44
N PRO C 337 38.08 44.88 -26.99
CA PRO C 337 37.89 44.82 -28.44
C PRO C 337 37.00 45.95 -28.92
N VAL C 338 37.17 46.32 -30.19
CA VAL C 338 36.45 47.45 -30.76
C VAL C 338 34.95 47.20 -30.63
N ILE C 339 34.23 48.20 -30.15
CA ILE C 339 32.81 48.11 -29.87
C ILE C 339 32.05 48.86 -30.97
N PRO C 340 31.11 48.22 -31.66
CA PRO C 340 30.29 48.97 -32.62
C PRO C 340 29.49 50.06 -31.92
N ASP C 341 29.37 51.20 -32.58
CA ASP C 341 28.63 52.35 -32.07
C ASP C 341 27.64 52.81 -33.10
N MET C 342 26.39 53.04 -32.69
CA MET C 342 25.32 53.43 -33.60
C MET C 342 25.49 54.91 -33.93
N LYS C 343 26.28 55.19 -34.97
CA LYS C 343 26.45 56.57 -35.42
C LYS C 343 25.15 57.16 -35.94
N VAL C 344 24.38 56.37 -36.69
CA VAL C 344 23.11 56.81 -37.24
C VAL C 344 22.21 55.60 -37.44
N ALA C 345 20.98 55.69 -36.93
CA ALA C 345 20.00 54.65 -37.17
C ALA C 345 19.47 54.75 -38.60
N PHE C 346 19.06 53.62 -39.15
CA PHE C 346 18.43 53.58 -40.46
C PHE C 346 17.11 52.83 -40.36
N PHE C 347 16.04 53.47 -40.84
CA PHE C 347 14.71 52.90 -40.79
C PHE C 347 14.30 52.47 -42.20
N LYS C 348 13.93 51.20 -42.34
CA LYS C 348 13.42 50.65 -43.60
C LYS C 348 12.03 50.10 -43.34
N CYS C 349 11.04 50.62 -44.06
CA CYS C 349 9.66 50.24 -43.85
C CYS C 349 9.39 48.90 -44.52
N ASN C 350 9.00 47.91 -43.72
CA ASN C 350 8.64 46.60 -44.27
C ASN C 350 7.35 46.67 -45.07
N VAL C 351 6.44 47.58 -44.70
CA VAL C 351 5.14 47.65 -45.36
C VAL C 351 5.26 48.28 -46.74
N CYS C 352 6.03 49.36 -46.86
CA CYS C 352 6.05 50.16 -48.09
C CYS C 352 7.42 50.19 -48.77
N ASP C 353 8.39 49.40 -48.29
CA ASP C 353 9.74 49.35 -48.84
C ASP C 353 10.43 50.71 -48.80
N HIS C 354 10.00 51.59 -47.90
CA HIS C 354 10.64 52.89 -47.76
C HIS C 354 12.02 52.75 -47.12
N THR C 355 12.94 53.62 -47.51
CA THR C 355 14.30 53.63 -46.97
C THR C 355 14.55 54.98 -46.30
N MET C 356 15.10 54.94 -45.09
CA MET C 356 15.34 56.17 -44.34
C MET C 356 16.53 55.97 -43.42
N ALA C 357 17.16 57.08 -43.05
CA ALA C 357 18.27 57.09 -42.10
C ALA C 357 18.01 58.18 -41.05
N VAL C 358 18.11 57.80 -39.78
CA VAL C 358 17.85 58.71 -38.67
C VAL C 358 19.12 58.82 -37.84
N GLU C 359 19.63 60.04 -37.67
CA GLU C 359 20.84 60.25 -36.90
C GLU C 359 20.60 59.89 -35.44
N ILE C 360 21.63 59.35 -34.81
CA ILE C 360 21.57 58.94 -33.41
C ILE C 360 22.23 60.05 -32.58
N ASP C 361 21.42 60.70 -31.75
CA ASP C 361 21.89 61.74 -30.85
C ASP C 361 21.75 61.27 -29.41
N ARG C 362 22.80 61.50 -28.61
CA ARG C 362 22.85 61.07 -27.21
C ARG C 362 22.69 59.56 -27.07
N GLY C 363 23.06 58.81 -28.10
CA GLY C 363 23.00 57.37 -28.05
C GLY C 363 21.61 56.78 -28.10
N VAL C 364 20.62 57.54 -28.57
CA VAL C 364 19.24 57.09 -28.65
C VAL C 364 18.74 57.32 -30.07
N ILE C 365 18.13 56.29 -30.66
CA ILE C 365 17.58 56.41 -32.01
C ILE C 365 16.21 57.07 -31.93
N GLN C 366 15.82 57.73 -33.01
CA GLN C 366 14.52 58.39 -33.13
C GLN C 366 13.66 57.62 -34.13
N GLU C 367 12.43 57.30 -33.73
CA GLU C 367 11.50 56.57 -34.57
C GLU C 367 10.24 57.40 -34.80
N PRO C 368 9.89 57.71 -36.04
CA PRO C 368 8.63 58.43 -36.28
C PRO C 368 7.43 57.60 -35.85
N ALA C 369 6.42 58.28 -35.31
CA ALA C 369 5.20 57.58 -34.89
C ALA C 369 4.41 57.07 -36.08
N ARG C 370 4.50 57.73 -37.23
CA ARG C 370 3.81 57.33 -38.45
C ARG C 370 4.84 57.07 -39.55
N CYS C 371 4.37 56.44 -40.62
CA CYS C 371 5.26 56.12 -41.73
C CYS C 371 5.84 57.38 -42.34
N GLU C 372 7.11 57.31 -42.73
CA GLU C 372 7.75 58.46 -43.37
C GLU C 372 7.08 58.79 -44.70
N ARG C 373 6.58 57.78 -45.42
CA ARG C 373 5.87 58.00 -46.66
C ARG C 373 4.39 58.21 -46.35
N ILE C 374 3.85 59.35 -46.79
CA ILE C 374 2.43 59.62 -46.62
C ILE C 374 1.60 58.65 -47.44
N ASP C 375 2.10 58.26 -48.62
CA ASP C 375 1.37 57.30 -49.45
C ASP C 375 1.22 55.95 -48.76
N CYS C 376 2.22 55.55 -47.96
CA CYS C 376 2.11 54.32 -47.20
C CYS C 376 0.96 54.40 -46.19
N ASN C 377 0.85 55.52 -45.49
CA ASN C 377 -0.26 55.78 -44.55
C ASN C 377 -0.39 54.68 -43.51
N GLU C 378 0.74 54.18 -43.03
CA GLU C 378 0.76 53.11 -42.02
C GLU C 378 1.46 53.61 -40.77
N PRO C 379 0.75 53.73 -39.64
CA PRO C 379 1.42 54.21 -38.42
C PRO C 379 2.52 53.27 -37.96
N ASN C 380 3.64 53.86 -37.54
CA ASN C 380 4.80 53.11 -37.04
C ASN C 380 5.30 52.09 -38.05
N SER C 381 5.11 52.38 -39.34
CA SER C 381 5.50 51.44 -40.38
C SER C 381 7.02 51.33 -40.50
N MET C 382 7.74 52.42 -40.21
CA MET C 382 9.20 52.40 -40.32
C MET C 382 9.80 51.40 -39.35
N SER C 383 10.76 50.61 -39.83
CA SER C 383 11.43 49.61 -39.03
C SER C 383 12.94 49.80 -39.15
N LEU C 384 13.62 49.86 -38.02
CA LEU C 384 15.06 50.02 -38.03
C LEU C 384 15.74 48.76 -38.54
N ILE C 385 16.76 48.95 -39.37
CA ILE C 385 17.58 47.85 -39.89
C ILE C 385 19.01 48.10 -39.42
N HIS C 386 19.55 47.15 -38.63
CA HIS C 386 20.85 47.35 -38.01
C HIS C 386 21.96 47.44 -39.05
N ASN C 387 21.95 46.56 -40.05
CA ASN C 387 22.98 46.60 -41.08
C ASN C 387 22.91 47.90 -41.88
N ARG C 388 21.69 48.37 -42.16
CA ARG C 388 21.54 49.66 -42.84
C ARG C 388 21.97 50.82 -41.94
N CYS C 389 21.83 50.67 -40.63
CA CYS C 389 22.19 51.74 -39.71
C CYS C 389 23.69 52.01 -39.74
N SER C 390 24.05 53.28 -39.78
CA SER C 390 25.46 53.66 -39.81
C SER C 390 26.13 53.34 -38.48
N PHE C 391 27.39 52.89 -38.56
CA PHE C 391 28.14 52.51 -37.38
C PHE C 391 29.48 53.25 -37.36
N ALA C 392 29.76 53.91 -36.25
CA ALA C 392 31.04 54.57 -36.03
C ALA C 392 31.92 53.70 -35.14
N ASP C 393 33.21 53.68 -35.42
CA ASP C 393 34.13 52.89 -34.64
C ASP C 393 34.21 53.40 -33.20
N LYS C 394 34.19 52.48 -32.25
CA LYS C 394 34.29 52.82 -30.84
C LYS C 394 35.05 51.71 -30.12
N GLN C 395 35.70 52.08 -29.02
CA GLN C 395 36.46 51.11 -28.24
C GLN C 395 36.62 51.66 -26.83
N VAL C 396 36.93 50.74 -25.90
CA VAL C 396 37.23 51.10 -24.52
C VAL C 396 38.55 50.43 -24.15
N ILE C 397 39.28 51.07 -23.25
CA ILE C 397 40.56 50.56 -22.78
C ILE C 397 40.62 50.73 -21.26
N LYS C 398 40.72 49.62 -20.54
CA LYS C 398 40.89 49.70 -19.09
C LYS C 398 42.20 50.40 -18.77
N LEU C 399 42.16 51.31 -17.80
CA LEU C 399 43.31 52.13 -17.43
C LEU C 399 43.49 52.08 -15.93
N GLN C 400 44.60 51.50 -15.48
CA GLN C 400 44.94 51.51 -14.06
C GLN C 400 45.39 52.90 -13.63
N GLU C 401 45.13 53.22 -12.37
CA GLU C 401 45.63 54.47 -11.82
C GLU C 401 47.16 54.44 -11.79
N THR C 402 47.76 55.62 -11.99
CA THR C 402 49.21 55.70 -12.06
C THR C 402 49.84 55.26 -10.75
N PRO C 403 51.02 54.66 -10.79
CA PRO C 403 51.63 54.14 -9.55
C PRO C 403 51.84 55.21 -8.49
N ASP C 404 52.20 56.43 -8.89
CA ASP C 404 52.29 57.52 -7.92
C ASP C 404 50.91 57.91 -7.40
N PHE C 405 49.90 57.89 -8.28
CA PHE C 405 48.55 58.25 -7.85
C PHE C 405 47.94 57.20 -6.94
N VAL C 406 48.35 55.94 -7.09
CA VAL C 406 47.77 54.86 -6.28
C VAL C 406 48.17 55.05 -4.82
N PRO C 407 47.30 54.74 -3.87
CA PRO C 407 47.73 54.76 -2.46
C PRO C 407 48.80 53.71 -2.20
N ASP C 408 49.70 54.03 -1.28
CA ASP C 408 50.78 53.09 -0.96
C ASP C 408 50.24 51.81 -0.34
N GLY C 409 49.15 51.90 0.43
CA GLY C 409 48.62 50.74 1.11
C GLY C 409 47.73 49.84 0.29
N GLN C 410 47.24 50.29 -0.87
CA GLN C 410 46.28 49.53 -1.64
C GLN C 410 46.60 49.61 -3.12
N THR C 411 46.19 48.58 -3.87
CA THR C 411 46.39 48.57 -5.30
C THR C 411 45.53 49.63 -5.98
N PRO C 412 45.98 50.15 -7.12
CA PRO C 412 45.27 51.25 -7.76
C PRO C 412 43.88 50.84 -8.24
N HIS C 413 42.94 51.78 -8.15
CA HIS C 413 41.64 51.63 -8.79
C HIS C 413 41.78 51.91 -10.28
N SER C 414 41.02 51.17 -11.09
CA SER C 414 41.12 51.25 -12.54
C SER C 414 39.79 51.67 -13.13
N ILE C 415 39.84 52.61 -14.08
CA ILE C 415 38.66 53.06 -14.81
C ILE C 415 38.97 52.96 -16.30
N SER C 416 38.09 52.29 -17.04
CA SER C 416 38.25 52.19 -18.47
C SER C 416 38.03 53.54 -19.15
N LEU C 417 38.78 53.79 -20.21
CA LEU C 417 38.71 55.05 -20.94
C LEU C 417 37.96 54.83 -22.24
N CYS C 418 36.88 55.59 -22.45
CA CYS C 418 36.15 55.54 -23.70
C CYS C 418 36.98 56.14 -24.82
N VAL C 419 36.95 55.50 -26.00
CA VAL C 419 37.69 55.95 -27.16
C VAL C 419 36.87 55.68 -28.41
N TYR C 420 37.17 56.43 -29.47
CA TYR C 420 36.43 56.28 -30.72
C TYR C 420 37.27 56.79 -31.88
N ASP C 421 36.97 56.26 -33.06
CA ASP C 421 37.53 56.73 -34.35
C ASP C 421 39.05 56.59 -34.28
N GLU C 422 39.81 57.64 -34.62
CA GLU C 422 41.27 57.53 -34.65
C GLU C 422 41.85 57.26 -33.27
N LEU C 423 41.19 57.75 -32.21
CA LEU C 423 41.68 57.50 -30.86
C LEU C 423 41.59 56.03 -30.47
N VAL C 424 40.70 55.26 -31.11
CA VAL C 424 40.55 53.85 -30.78
C VAL C 424 41.83 53.09 -31.14
N ASP C 425 42.24 52.21 -30.24
CA ASP C 425 43.46 51.40 -30.41
C ASP C 425 44.70 52.26 -30.60
N SER C 426 44.71 53.45 -29.98
CA SER C 426 45.86 54.33 -30.11
C SER C 426 47.08 53.79 -29.38
N CYS C 427 46.87 53.11 -28.25
CA CYS C 427 47.95 52.57 -27.45
C CYS C 427 47.65 51.12 -27.09
N ARG C 428 48.66 50.26 -27.18
CA ARG C 428 48.50 48.86 -26.84
C ARG C 428 48.42 48.67 -25.34
N ALA C 429 47.74 47.60 -24.92
CA ALA C 429 47.64 47.27 -23.51
C ALA C 429 48.99 46.85 -22.95
N GLY C 430 49.19 47.13 -21.67
CA GLY C 430 50.45 46.84 -21.02
C GLY C 430 51.50 47.91 -21.13
N ASP C 431 51.22 48.99 -21.86
CA ASP C 431 52.12 50.14 -21.97
C ASP C 431 51.41 51.37 -21.43
N ARG C 432 52.16 52.19 -20.69
CA ARG C 432 51.58 53.39 -20.10
C ARG C 432 51.09 54.34 -21.18
N ILE C 433 49.93 54.94 -20.94
CA ILE C 433 49.30 55.84 -21.90
C ILE C 433 48.71 57.03 -21.15
N GLU C 434 48.90 58.22 -21.69
CA GLU C 434 48.33 59.45 -21.15
C GLU C 434 47.21 59.89 -22.07
N VAL C 435 45.97 59.80 -21.58
CA VAL C 435 44.79 60.14 -22.37
C VAL C 435 44.09 61.30 -21.68
N THR C 436 44.06 62.46 -22.33
CA THR C 436 43.25 63.57 -21.85
C THR C 436 41.80 63.32 -22.22
N GLY C 437 40.90 63.61 -21.29
CA GLY C 437 39.50 63.36 -21.55
C GLY C 437 38.61 64.00 -20.50
N THR C 438 37.31 63.95 -20.78
CA THR C 438 36.29 64.46 -19.88
C THR C 438 35.65 63.29 -19.15
N PHE C 439 35.65 63.35 -17.82
CA PHE C 439 35.02 62.30 -17.03
C PHE C 439 33.51 62.32 -17.25
N ARG C 440 32.91 61.14 -17.28
CA ARG C 440 31.50 60.98 -17.56
C ARG C 440 30.84 60.10 -16.52
N SER C 441 29.63 60.45 -16.13
CA SER C 441 28.81 59.67 -15.22
C SER C 441 27.48 59.37 -15.89
N ILE C 442 27.08 58.10 -15.86
CA ILE C 442 25.86 57.67 -16.52
C ILE C 442 25.00 56.86 -15.56
N PRO C 443 23.68 57.04 -15.56
CA PRO C 443 22.82 56.20 -14.72
C PRO C 443 22.90 54.75 -15.16
N ILE C 444 22.83 53.85 -14.18
CA ILE C 444 22.89 52.41 -14.42
C ILE C 444 21.50 51.83 -14.16
N ARG C 445 20.94 51.17 -15.16
CA ARG C 445 19.60 50.62 -15.04
C ARG C 445 19.55 49.55 -13.94
N ALA C 446 18.52 49.62 -13.11
CA ALA C 446 18.32 48.60 -12.09
C ALA C 446 18.10 47.24 -12.73
N ASN C 447 17.36 47.20 -13.84
CA ASN C 447 17.26 46.02 -14.68
C ASN C 447 17.37 46.47 -16.13
N SER C 448 17.98 45.62 -16.96
CA SER C 448 18.21 45.99 -18.36
C SER C 448 16.90 46.23 -19.09
N ARG C 449 15.89 45.41 -18.82
CA ARG C 449 14.57 45.62 -19.43
C ARG C 449 13.83 46.77 -18.76
N GLN C 450 13.98 46.93 -17.45
CA GLN C 450 13.24 47.95 -16.72
C GLN C 450 13.78 49.34 -17.02
N ARG C 451 12.87 50.31 -17.04
CA ARG C 451 13.27 51.70 -17.22
C ARG C 451 13.97 52.26 -15.99
N VAL C 452 13.74 51.67 -14.83
CA VAL C 452 14.31 52.18 -13.58
C VAL C 452 15.83 52.06 -13.61
N LEU C 453 16.50 53.08 -13.08
CA LEU C 453 17.95 53.11 -12.99
C LEU C 453 18.36 53.44 -11.56
N LYS C 454 19.42 52.78 -11.09
CA LYS C 454 19.89 53.02 -9.73
C LYS C 454 20.37 54.45 -9.58
N SER C 455 20.15 55.00 -8.38
CA SER C 455 20.58 56.38 -8.10
C SER C 455 22.10 56.52 -8.28
N LEU C 456 22.84 55.46 -8.01
CA LEU C 456 24.28 55.46 -8.29
C LEU C 456 24.51 55.48 -9.80
N TYR C 457 25.53 56.22 -10.21
CA TYR C 457 25.88 56.36 -11.62
C TYR C 457 27.25 55.77 -11.86
N LYS C 458 27.34 54.86 -12.83
CA LYS C 458 28.64 54.34 -13.24
C LYS C 458 29.46 55.44 -13.89
N THR C 459 30.76 55.45 -13.61
CA THR C 459 31.65 56.52 -14.04
C THR C 459 32.67 55.97 -15.03
N TYR C 460 32.88 56.69 -16.13
CA TYR C 460 33.89 56.35 -17.11
C TYR C 460 34.40 57.64 -17.74
N VAL C 461 35.62 57.60 -18.25
CA VAL C 461 36.27 58.77 -18.83
C VAL C 461 36.31 58.61 -20.34
N ASP C 462 35.74 59.58 -21.05
CA ASP C 462 35.82 59.63 -22.50
C ASP C 462 37.00 60.50 -22.90
N VAL C 463 37.92 59.93 -23.67
CA VAL C 463 39.20 60.57 -23.96
C VAL C 463 39.04 61.50 -25.16
N VAL C 464 39.24 62.81 -24.93
CA VAL C 464 39.35 63.74 -26.04
C VAL C 464 40.63 63.49 -26.82
N HIS C 465 41.69 63.07 -26.14
CA HIS C 465 42.97 62.76 -26.75
C HIS C 465 43.52 61.48 -26.15
N VAL C 466 44.35 60.78 -26.93
CA VAL C 466 45.04 59.58 -26.49
C VAL C 466 46.51 59.72 -26.82
N LYS C 467 47.38 59.42 -25.85
CA LYS C 467 48.81 59.54 -26.03
C LYS C 467 49.51 58.51 -25.15
N LYS C 468 50.77 58.22 -25.51
CA LYS C 468 51.56 57.27 -24.75
C LYS C 468 52.02 57.87 -23.42
N VAL C 469 52.34 56.99 -22.48
CA VAL C 469 52.81 57.37 -21.15
C VAL C 469 51.81 58.29 -20.45
N GLN C 500 62.34 55.34 -32.14
CA GLN C 500 62.26 56.68 -32.70
C GLN C 500 63.35 57.58 -32.09
N ILE C 501 64.25 58.05 -32.94
CA ILE C 501 65.35 58.91 -32.53
C ILE C 501 65.33 60.19 -33.34
N THR C 502 65.40 61.33 -32.66
CA THR C 502 65.57 62.60 -33.35
C THR C 502 66.93 62.62 -34.05
N ASP C 503 67.07 63.49 -35.05
CA ASP C 503 68.32 63.55 -35.80
C ASP C 503 69.47 63.98 -34.90
N GLN C 504 69.24 64.98 -34.03
CA GLN C 504 70.28 65.41 -33.11
C GLN C 504 70.62 64.31 -32.11
N ASP C 505 69.61 63.59 -31.62
CA ASP C 505 69.86 62.47 -30.71
C ASP C 505 70.66 61.38 -31.40
N LEU C 506 70.37 61.13 -32.67
CA LEU C 506 71.13 60.14 -33.43
C LEU C 506 72.58 60.58 -33.64
N ALA C 507 72.78 61.89 -33.88
CA ALA C 507 74.15 62.39 -34.01
C ALA C 507 74.91 62.26 -32.69
N LYS C 508 74.23 62.56 -31.57
CA LYS C 508 74.86 62.38 -30.27
C LYS C 508 75.19 60.93 -30.00
N ILE C 509 74.28 60.02 -30.36
CA ILE C 509 74.53 58.59 -30.20
C ILE C 509 75.69 58.15 -31.09
N ARG C 510 75.79 58.72 -32.29
CA ARG C 510 76.89 58.39 -33.17
C ARG C 510 78.23 58.84 -32.60
N GLU C 511 78.28 60.06 -32.04
CA GLU C 511 79.50 60.52 -31.39
C GLU C 511 79.87 59.63 -30.20
N VAL C 512 78.87 59.29 -29.38
CA VAL C 512 79.12 58.41 -28.25
C VAL C 512 79.68 57.08 -28.73
N ALA C 513 79.01 56.45 -29.70
CA ALA C 513 79.47 55.17 -30.23
C ALA C 513 80.87 55.29 -30.84
N ALA C 514 81.20 56.45 -31.39
CA ALA C 514 82.55 56.68 -31.88
C ALA C 514 83.56 56.64 -30.74
N ARG C 515 83.19 57.19 -29.58
CA ARG C 515 84.09 57.14 -28.43
C ARG C 515 84.36 55.69 -28.02
N GLU C 516 85.63 55.36 -27.79
CA GLU C 516 85.99 54.03 -27.31
C GLU C 516 85.59 53.84 -25.86
N ASP C 517 85.55 54.91 -25.08
CA ASP C 517 85.12 54.83 -23.70
C ASP C 517 83.63 54.61 -23.56
N LEU C 518 82.87 54.64 -24.66
CA LEU C 518 81.41 54.66 -24.59
C LEU C 518 80.82 53.37 -24.04
N TYR C 519 81.46 52.23 -24.27
CA TYR C 519 80.91 50.98 -23.74
C TYR C 519 80.88 51.01 -22.22
N SER C 520 82.02 51.29 -21.59
CA SER C 520 82.06 51.45 -20.14
C SER C 520 81.25 52.66 -19.69
N LEU C 521 81.16 53.68 -20.53
CA LEU C 521 80.38 54.87 -20.17
C LEU C 521 78.90 54.56 -20.08
N LEU C 522 78.36 53.78 -21.02
CA LEU C 522 76.97 53.36 -20.96
C LEU C 522 76.76 52.38 -19.80
N ALA C 523 77.74 51.51 -19.56
CA ALA C 523 77.65 50.63 -18.39
C ALA C 523 77.50 51.45 -17.11
N ARG C 524 78.39 52.41 -16.90
CA ARG C 524 78.29 53.27 -15.72
C ARG C 524 77.02 54.11 -15.75
N SER C 525 76.58 54.52 -16.93
CA SER C 525 75.40 55.37 -17.05
C SER C 525 74.13 54.64 -16.64
N ILE C 526 74.11 53.32 -16.82
CA ILE C 526 72.95 52.54 -16.38
C ILE C 526 72.70 52.78 -14.89
N ALA C 527 73.77 52.72 -14.08
CA ALA C 527 73.69 52.98 -12.65
C ALA C 527 74.82 53.93 -12.25
N PRO C 528 74.69 55.22 -12.57
CA PRO C 528 75.81 56.15 -12.29
C PRO C 528 76.18 56.25 -10.82
N SER C 529 75.20 56.20 -9.92
CA SER C 529 75.51 56.30 -8.50
C SER C 529 76.09 55.01 -7.94
N ILE C 530 75.78 53.87 -8.55
CA ILE C 530 76.29 52.60 -8.04
C ILE C 530 77.79 52.49 -8.31
N TYR C 531 78.44 51.65 -7.51
CA TYR C 531 79.88 51.49 -7.57
C TYR C 531 80.25 50.03 -7.81
N GLU C 532 81.23 49.83 -8.70
CA GLU C 532 82.00 48.59 -8.84
C GLU C 532 81.28 47.46 -9.57
N LEU C 533 80.21 47.73 -10.30
CA LEU C 533 79.51 46.69 -11.07
C LEU C 533 79.44 47.07 -12.55
N GLU C 534 80.50 47.71 -13.06
CA GLU C 534 80.50 48.19 -14.43
C GLU C 534 80.43 47.06 -15.44
N ASP C 535 81.04 45.90 -15.14
CA ASP C 535 80.97 44.78 -16.07
C ASP C 535 79.56 44.21 -16.18
N VAL C 536 78.88 44.07 -15.04
CA VAL C 536 77.49 43.61 -15.06
C VAL C 536 76.62 44.62 -15.80
N LYS C 537 76.87 45.91 -15.58
CA LYS C 537 76.12 46.94 -16.30
C LYS C 537 76.42 46.92 -17.79
N LYS C 538 77.66 46.59 -18.18
CA LYS C 538 78.00 46.49 -19.60
C LYS C 538 77.31 45.30 -20.25
N GLY C 539 77.26 44.17 -19.54
CA GLY C 539 76.48 43.05 -20.04
C GLY C 539 75.01 43.39 -20.18
N ILE C 540 74.47 44.15 -19.21
CA ILE C 540 73.08 44.57 -19.29
C ILE C 540 72.86 45.52 -20.46
N LEU C 541 73.83 46.40 -20.72
CA LEU C 541 73.72 47.32 -21.85
C LEU C 541 73.77 46.56 -23.18
N LEU C 542 74.64 45.55 -23.27
CA LEU C 542 74.64 44.69 -24.46
C LEU C 542 73.31 43.99 -24.62
N GLN C 543 72.74 43.49 -23.52
CA GLN C 543 71.44 42.83 -23.59
C GLN C 543 70.35 43.81 -24.05
N LEU C 544 70.43 45.06 -23.57
CA LEU C 544 69.47 46.08 -23.97
C LEU C 544 69.59 46.39 -25.46
N PHE C 545 70.82 46.44 -25.97
CA PHE C 545 71.01 46.57 -27.41
C PHE C 545 70.45 45.37 -28.14
N GLY C 546 70.63 44.18 -27.58
CA GLY C 546 70.13 42.95 -28.16
C GLY C 546 70.93 42.50 -29.37
N GLY C 547 70.99 41.20 -29.60
CA GLY C 547 71.54 40.70 -30.84
C GLY C 547 70.50 40.75 -31.95
N THR C 548 70.97 40.58 -33.17
CA THR C 548 70.06 40.52 -34.31
C THR C 548 69.43 39.14 -34.41
N ASN C 549 68.17 39.11 -34.83
CA ASN C 549 67.42 37.87 -34.97
C ASN C 549 67.43 37.43 -36.43
N LYS C 550 67.72 36.16 -36.67
CA LYS C 550 67.74 35.58 -38.00
C LYS C 550 66.72 34.45 -38.08
N THR C 551 65.92 34.44 -39.14
CA THR C 551 64.92 33.42 -39.37
C THR C 551 65.25 32.67 -40.65
N PHE C 552 65.22 31.34 -40.58
CA PHE C 552 65.54 30.49 -41.71
C PHE C 552 64.52 29.37 -41.81
N THR C 553 64.36 28.84 -43.04
CA THR C 553 63.42 27.74 -43.25
C THR C 553 63.87 26.49 -42.51
N LYS C 554 65.19 26.27 -42.44
CA LYS C 554 65.76 25.13 -41.74
C LYS C 554 66.59 25.63 -40.57
N GLY C 555 66.55 24.90 -39.46
CA GLY C 555 67.15 25.37 -38.24
C GLY C 555 66.32 26.36 -37.46
N GLY C 556 65.05 26.54 -37.84
CA GLY C 556 64.19 27.48 -37.16
C GLY C 556 64.69 28.90 -37.31
N ARG C 557 64.58 29.68 -36.23
CA ARG C 557 65.02 31.07 -36.22
C ARG C 557 65.96 31.27 -35.04
N TYR C 558 67.19 31.66 -35.33
CA TYR C 558 68.10 32.08 -34.27
C TYR C 558 67.62 33.41 -33.70
N ARG C 559 67.57 33.49 -32.37
CA ARG C 559 67.02 34.65 -31.69
C ARG C 559 68.13 35.55 -31.20
N GLY C 560 68.02 36.85 -31.50
CA GLY C 560 69.04 37.80 -31.09
C GLY C 560 68.94 38.28 -29.66
N ASP C 561 67.76 38.20 -29.05
CA ASP C 561 67.59 38.68 -27.70
C ASP C 561 68.53 37.96 -26.74
N ILE C 562 69.15 38.72 -25.84
CA ILE C 562 70.15 38.22 -24.91
C ILE C 562 69.58 38.26 -23.51
N ASN C 563 69.74 37.17 -22.77
CA ASN C 563 69.31 37.07 -21.38
C ASN C 563 70.54 37.01 -20.49
N ILE C 564 70.53 37.80 -19.41
CA ILE C 564 71.67 37.93 -18.51
C ILE C 564 71.27 37.45 -17.13
N LEU C 565 72.08 36.57 -16.55
CA LEU C 565 71.93 36.13 -15.17
C LEU C 565 73.05 36.72 -14.34
N LEU C 566 72.71 37.28 -13.19
CA LEU C 566 73.69 37.91 -12.31
C LEU C 566 73.55 37.34 -10.90
N CYS C 567 74.67 36.97 -10.30
CA CYS C 567 74.71 36.50 -8.93
C CYS C 567 75.64 37.40 -8.13
N GLY C 568 75.12 37.95 -7.03
CA GLY C 568 75.92 38.81 -6.18
C GLY C 568 75.66 38.56 -4.71
N ASP C 569 76.72 38.61 -3.91
CA ASP C 569 76.55 38.51 -2.47
C ASP C 569 75.75 39.70 -1.96
N PRO C 570 75.05 39.57 -0.83
CA PRO C 570 74.24 40.68 -0.35
C PRO C 570 75.08 41.93 -0.16
N SER C 571 74.49 43.08 -0.52
CA SER C 571 75.16 44.38 -0.66
C SER C 571 75.96 44.49 -1.94
N THR C 572 75.71 43.62 -2.93
CA THR C 572 76.36 43.77 -4.22
C THR C 572 75.80 44.96 -5.00
N SER C 573 74.70 45.56 -4.54
CA SER C 573 73.94 46.55 -5.29
C SER C 573 73.44 45.98 -6.62
N LYS C 574 73.32 44.65 -6.69
CA LYS C 574 72.90 44.01 -7.93
C LYS C 574 71.46 44.37 -8.28
N SER C 575 70.56 44.41 -7.29
CA SER C 575 69.19 44.79 -7.59
C SER C 575 69.02 46.31 -7.68
N GLN C 576 69.90 47.10 -7.08
CA GLN C 576 69.92 48.53 -7.40
C GLN C 576 70.28 48.73 -8.87
N ILE C 577 71.27 47.98 -9.36
CA ILE C 577 71.62 48.01 -10.78
C ILE C 577 70.49 47.42 -11.61
N LEU C 578 69.75 46.45 -11.07
CA LEU C 578 68.63 45.86 -11.80
C LEU C 578 67.48 46.84 -11.95
N GLN C 579 67.18 47.59 -10.88
CA GLN C 579 66.20 48.68 -10.99
C GLN C 579 66.70 49.77 -11.93
N TYR C 580 68.01 50.02 -11.92
CA TYR C 580 68.59 50.97 -12.87
C TYR C 580 68.41 50.47 -14.31
N VAL C 581 68.57 49.18 -14.54
CA VAL C 581 68.37 48.60 -15.86
C VAL C 581 66.90 48.66 -16.25
N HIS C 582 66.01 48.44 -15.27
CA HIS C 582 64.58 48.56 -15.54
C HIS C 582 64.21 49.99 -15.93
N LYS C 583 64.84 50.98 -15.28
CA LYS C 583 64.63 52.37 -15.67
C LYS C 583 65.21 52.65 -17.05
N ILE C 584 66.38 52.08 -17.34
CA ILE C 584 67.05 52.33 -18.61
C ILE C 584 66.31 51.69 -19.78
N THR C 585 65.65 50.57 -19.53
CA THR C 585 64.97 49.86 -20.62
C THR C 585 63.79 50.68 -21.13
N PRO C 586 63.58 50.73 -22.45
CA PRO C 586 62.38 51.42 -22.97
C PRO C 586 61.09 50.84 -22.44
N ARG C 587 61.03 49.52 -22.26
CA ARG C 587 59.92 48.85 -21.60
C ARG C 587 60.50 48.02 -20.46
N GLY C 588 60.04 48.29 -19.24
CA GLY C 588 60.64 47.71 -18.05
C GLY C 588 59.69 46.75 -17.36
N VAL C 589 60.22 45.58 -17.01
CA VAL C 589 59.51 44.59 -16.20
C VAL C 589 60.44 44.21 -15.05
N TYR C 590 59.96 44.40 -13.82
CA TYR C 590 60.71 44.07 -12.62
C TYR C 590 59.93 43.04 -11.81
N THR C 591 60.63 42.03 -11.31
CA THR C 591 59.98 40.96 -10.57
C THR C 591 60.90 40.48 -9.46
N SER C 592 60.28 39.94 -8.41
CA SER C 592 61.00 39.30 -7.32
C SER C 592 60.84 37.78 -7.43
N GLY C 593 61.92 37.06 -7.12
CA GLY C 593 61.88 35.61 -7.24
C GLY C 593 60.83 34.98 -6.34
N LYS C 594 60.70 35.50 -5.11
CA LYS C 594 59.65 35.03 -4.23
C LYS C 594 58.27 35.37 -4.78
N GLY C 595 58.14 36.54 -5.41
CA GLY C 595 56.87 36.93 -6.00
C GLY C 595 56.60 36.33 -7.36
N SER C 596 57.63 35.79 -8.01
CA SER C 596 57.46 35.22 -9.34
C SER C 596 56.72 33.90 -9.27
N SER C 597 55.85 33.66 -10.26
CA SER C 597 55.16 32.39 -10.42
C SER C 597 55.28 31.94 -11.87
N ALA C 598 55.38 30.63 -12.07
CA ALA C 598 55.55 30.11 -13.42
C ALA C 598 54.32 30.37 -14.29
N VAL C 599 53.13 30.10 -13.75
CA VAL C 599 51.91 30.32 -14.50
C VAL C 599 51.74 31.80 -14.82
N GLY C 600 52.01 32.66 -13.84
CA GLY C 600 51.95 34.10 -14.10
C GLY C 600 52.98 34.56 -15.10
N LEU C 601 54.12 33.89 -15.15
CA LEU C 601 55.17 34.26 -16.11
C LEU C 601 54.82 33.82 -17.52
N THR C 602 54.12 32.69 -17.67
CA THR C 602 53.83 32.17 -19.00
C THR C 602 52.47 32.64 -19.53
N ALA C 603 51.39 32.27 -18.84
CA ALA C 603 50.06 32.59 -19.35
C ALA C 603 49.02 32.35 -18.26
N TYR C 604 47.91 33.08 -18.36
CA TYR C 604 46.76 32.91 -17.49
C TYR C 604 45.50 32.84 -18.34
N ILE C 605 44.44 32.26 -17.78
CA ILE C 605 43.19 32.06 -18.50
C ILE C 605 42.04 32.64 -17.69
N THR C 606 41.18 33.41 -18.35
CA THR C 606 39.99 33.99 -17.73
C THR C 606 38.78 33.60 -18.55
N ARG C 607 37.76 33.06 -17.88
CA ARG C 607 36.54 32.62 -18.55
C ARG C 607 35.34 33.44 -18.08
N LEU C 614 36.77 31.23 -21.78
CA LEU C 614 38.16 30.92 -21.45
C LEU C 614 39.10 31.50 -22.51
N VAL C 615 39.83 32.55 -22.13
CA VAL C 615 40.75 33.22 -23.03
C VAL C 615 42.10 33.37 -22.33
N LEU C 616 43.18 33.07 -23.06
CA LEU C 616 44.51 33.18 -22.51
C LEU C 616 44.88 34.63 -22.24
N GLU C 617 45.65 34.85 -21.17
CA GLU C 617 46.13 36.16 -20.78
C GLU C 617 47.65 36.18 -20.83
N SER C 618 48.20 37.36 -21.05
CA SER C 618 49.65 37.50 -21.20
C SER C 618 50.36 37.14 -19.90
N GLY C 619 51.46 36.40 -20.02
CA GLY C 619 52.28 36.10 -18.87
C GLY C 619 53.15 37.27 -18.48
N ALA C 620 53.82 37.14 -17.34
CA ALA C 620 54.76 38.17 -16.91
C ALA C 620 55.92 38.29 -17.89
N LEU C 621 56.44 37.16 -18.36
CA LEU C 621 57.48 37.20 -19.38
C LEU C 621 56.97 37.75 -20.70
N VAL C 622 55.70 37.47 -21.03
CA VAL C 622 55.13 38.00 -22.26
C VAL C 622 54.99 39.52 -22.19
N LEU C 623 54.57 40.03 -21.03
CA LEU C 623 54.53 41.47 -20.83
C LEU C 623 55.94 42.07 -20.84
N SER C 624 56.92 41.32 -20.35
CA SER C 624 58.31 41.74 -20.47
C SER C 624 58.76 41.78 -21.92
N ASP C 625 58.19 40.92 -22.77
CA ASP C 625 58.57 40.88 -24.18
C ASP C 625 58.30 42.23 -24.83
N GLY C 626 59.23 42.65 -25.69
CA GLY C 626 59.27 44.02 -26.14
C GLY C 626 60.04 44.95 -25.23
N GLY C 627 60.64 44.41 -24.16
CA GLY C 627 61.43 45.19 -23.24
C GLY C 627 62.32 44.28 -22.43
N VAL C 628 63.17 44.89 -21.61
CA VAL C 628 64.07 44.13 -20.75
C VAL C 628 63.30 43.63 -19.53
N CYS C 629 63.63 42.43 -19.08
CA CYS C 629 63.03 41.85 -17.88
C CYS C 629 64.04 41.91 -16.75
N CYS C 630 63.57 42.33 -15.57
CA CYS C 630 64.40 42.41 -14.37
C CYS C 630 63.87 41.44 -13.33
N ILE C 631 64.75 40.64 -12.75
CA ILE C 631 64.40 39.66 -11.74
C ILE C 631 65.28 39.88 -10.52
N ASP C 632 64.65 40.05 -9.36
CA ASP C 632 65.36 40.14 -8.09
C ASP C 632 65.07 38.89 -7.26
N GLU C 633 66.01 38.57 -6.36
CA GLU C 633 65.94 37.33 -5.59
C GLU C 633 65.81 36.13 -6.53
N PHE C 634 66.59 36.14 -7.60
CA PHE C 634 66.52 35.06 -8.58
C PHE C 634 66.92 33.72 -7.99
N ASP C 635 67.84 33.73 -7.01
CA ASP C 635 68.12 32.50 -6.28
C ASP C 635 66.91 32.06 -5.47
N LYS C 636 66.17 33.01 -4.91
CA LYS C 636 64.93 32.67 -4.22
C LYS C 636 63.83 32.24 -5.17
N MET C 637 63.96 32.55 -6.46
CA MET C 637 62.93 32.16 -7.43
C MET C 637 62.83 30.64 -7.50
N SER C 638 61.61 30.16 -7.67
CA SER C 638 61.35 28.73 -7.64
C SER C 638 62.01 28.02 -8.83
N ASP C 639 62.58 26.84 -8.55
CA ASP C 639 63.16 26.04 -9.62
C ASP C 639 62.11 25.58 -10.61
N SER C 640 60.85 25.42 -10.18
CA SER C 640 59.79 25.10 -11.12
C SER C 640 59.51 26.28 -12.07
N THR C 641 59.52 27.50 -11.53
CA THR C 641 59.40 28.67 -12.38
C THR C 641 60.57 28.78 -13.35
N ARG C 642 61.78 28.43 -12.89
CA ARG C 642 62.93 28.41 -13.78
C ARG C 642 62.79 27.34 -14.85
N SER C 643 62.20 26.19 -14.50
CA SER C 643 61.95 25.15 -15.48
C SER C 643 60.97 25.61 -16.54
N VAL C 644 59.93 26.34 -16.12
CA VAL C 644 59.02 26.95 -17.09
C VAL C 644 59.76 27.97 -17.94
N LEU C 645 60.70 28.70 -17.34
CA LEU C 645 61.46 29.70 -18.07
C LEU C 645 62.45 29.09 -19.05
N HIS C 646 62.87 27.84 -18.83
CA HIS C 646 63.87 27.22 -19.69
C HIS C 646 63.37 27.11 -21.14
N GLU C 647 62.18 26.55 -21.32
CA GLU C 647 61.63 26.41 -22.67
C GLU C 647 61.36 27.77 -23.30
N VAL C 648 60.81 28.70 -22.52
CA VAL C 648 60.47 30.01 -23.05
C VAL C 648 61.73 30.74 -23.50
N MET C 649 62.82 30.61 -22.73
CA MET C 649 64.06 31.30 -23.09
C MET C 649 64.76 30.62 -24.26
N GLU C 650 64.75 29.29 -24.30
CA GLU C 650 65.37 28.58 -25.41
C GLU C 650 64.65 28.88 -26.72
N GLN C 651 63.33 28.95 -26.69
CA GLN C 651 62.56 29.27 -27.90
C GLN C 651 62.44 30.77 -28.14
N GLN C 652 62.82 31.60 -27.16
CA GLN C 652 62.57 33.05 -27.19
C GLN C 652 61.08 33.37 -27.35
N THR C 653 60.22 32.39 -27.06
CA THR C 653 58.78 32.57 -27.17
C THR C 653 58.12 31.53 -26.27
N ILE C 654 56.89 31.82 -25.85
CA ILE C 654 56.16 30.99 -24.91
C ILE C 654 55.06 30.24 -25.65
N SER C 655 54.96 28.93 -25.40
CA SER C 655 53.88 28.11 -25.91
C SER C 655 53.19 27.47 -24.71
N ILE C 656 51.86 27.56 -24.68
CA ILE C 656 51.07 27.10 -23.54
C ILE C 656 49.97 26.18 -24.05
N ALA C 657 49.79 25.05 -23.38
CA ALA C 657 48.69 24.14 -23.64
C ALA C 657 47.95 23.87 -22.33
N LYS C 658 46.63 23.98 -22.37
CA LYS C 658 45.81 23.77 -21.18
C LYS C 658 44.44 23.28 -21.62
N ALA C 659 43.71 22.72 -20.65
CA ALA C 659 42.35 22.28 -20.93
C ALA C 659 41.47 23.47 -21.31
N GLY C 660 40.69 23.30 -22.38
CA GLY C 660 39.85 24.37 -22.86
C GLY C 660 40.57 25.36 -23.76
N ILE C 661 41.65 25.95 -23.25
CA ILE C 661 42.39 26.97 -23.98
C ILE C 661 43.84 26.51 -24.14
N ILE C 662 44.32 26.51 -25.38
CA ILE C 662 45.71 26.21 -25.69
C ILE C 662 46.18 27.22 -26.73
N THR C 663 47.19 28.01 -26.40
CA THR C 663 47.68 29.04 -27.29
C THR C 663 49.10 29.41 -26.91
N THR C 664 49.80 30.05 -27.85
CA THR C 664 51.18 30.47 -27.67
C THR C 664 51.25 31.99 -27.60
N LEU C 665 52.00 32.50 -26.64
CA LEU C 665 52.20 33.93 -26.46
C LEU C 665 53.67 34.27 -26.67
N ASN C 666 53.93 35.38 -27.37
CA ASN C 666 55.31 35.77 -27.63
C ASN C 666 56.02 36.11 -26.33
N ALA C 667 57.26 35.63 -26.20
CA ALA C 667 58.06 35.83 -25.00
C ALA C 667 59.47 36.28 -25.36
N ARG C 668 59.58 37.08 -26.42
CA ARG C 668 60.89 37.59 -26.87
C ARG C 668 61.27 38.77 -25.97
N SER C 669 61.70 38.43 -24.76
CA SER C 669 62.08 39.42 -23.76
C SER C 669 63.55 39.21 -23.37
N SER C 670 64.33 40.28 -23.42
CA SER C 670 65.64 40.26 -22.79
C SER C 670 65.44 40.14 -21.28
N ILE C 671 66.19 39.22 -20.66
CA ILE C 671 65.96 38.85 -19.26
C ILE C 671 67.21 39.19 -18.46
N LEU C 672 67.03 39.97 -17.41
CA LEU C 672 68.08 40.26 -16.44
C LEU C 672 67.65 39.68 -15.09
N ALA C 673 68.56 38.97 -14.44
CA ALA C 673 68.26 38.31 -13.17
C ALA C 673 69.31 38.68 -12.14
N SER C 674 68.85 39.16 -10.99
CA SER C 674 69.72 39.44 -9.85
C SER C 674 69.49 38.33 -8.82
N ALA C 675 70.55 37.58 -8.51
CA ALA C 675 70.42 36.38 -7.70
C ALA C 675 71.33 36.46 -6.48
N ASN C 676 70.80 35.98 -5.35
CA ASN C 676 71.63 35.76 -4.19
C ASN C 676 72.60 34.61 -4.44
N PRO C 677 73.76 34.62 -3.78
CA PRO C 677 74.55 33.39 -3.73
C PRO C 677 73.78 32.32 -2.97
N ILE C 678 74.04 31.06 -3.31
CA ILE C 678 73.37 29.96 -2.62
C ILE C 678 73.67 30.02 -1.13
N GLY C 679 74.93 30.27 -0.77
CA GLY C 679 75.24 30.69 0.58
C GLY C 679 74.85 32.14 0.79
N SER C 680 74.59 32.49 2.05
CA SER C 680 74.11 33.84 2.36
C SER C 680 75.08 34.90 1.85
N ARG C 681 76.38 34.62 1.91
CA ARG C 681 77.40 35.41 1.24
C ARG C 681 78.11 34.51 0.24
N TYR C 682 78.51 35.10 -0.89
CA TYR C 682 79.15 34.32 -1.95
C TYR C 682 80.42 33.67 -1.44
N ASN C 683 80.54 32.36 -1.67
CA ASN C 683 81.68 31.60 -1.18
C ASN C 683 82.65 31.34 -2.31
N PRO C 684 83.90 31.80 -2.21
CA PRO C 684 84.88 31.47 -3.25
C PRO C 684 85.09 29.98 -3.43
N ASN C 685 85.00 29.21 -2.34
CA ASN C 685 85.13 27.75 -2.45
C ASN C 685 83.98 27.14 -3.23
N LEU C 686 82.79 27.73 -3.13
CA LEU C 686 81.66 27.24 -3.91
C LEU C 686 81.88 27.56 -5.39
N PRO C 687 81.49 26.65 -6.29
CA PRO C 687 81.53 26.98 -7.71
C PRO C 687 80.62 28.16 -8.02
N VAL C 688 81.00 28.96 -9.01
CA VAL C 688 80.24 30.16 -9.34
C VAL C 688 78.84 29.79 -9.80
N THR C 689 78.72 28.74 -10.62
CA THR C 689 77.40 28.30 -11.07
C THR C 689 76.55 27.82 -9.90
N GLU C 690 77.14 27.09 -8.97
CA GLU C 690 76.40 26.63 -7.79
C GLU C 690 75.97 27.80 -6.91
N ASN C 691 76.84 28.81 -6.77
CA ASN C 691 76.49 29.99 -6.00
C ASN C 691 75.33 30.74 -6.64
N ILE C 692 75.36 30.87 -7.97
CA ILE C 692 74.22 31.45 -8.68
C ILE C 692 72.99 30.59 -8.48
N ASP C 693 73.17 29.27 -8.34
CA ASP C 693 72.11 28.30 -8.06
C ASP C 693 71.09 28.23 -9.19
N LEU C 694 71.43 28.71 -10.37
CA LEU C 694 70.53 28.59 -11.51
C LEU C 694 70.53 27.17 -12.04
N PRO C 695 69.37 26.64 -12.45
CA PRO C 695 69.35 25.32 -13.06
C PRO C 695 70.16 25.31 -14.34
N PRO C 696 70.82 24.19 -14.66
CA PRO C 696 71.75 24.17 -15.80
C PRO C 696 71.06 24.48 -17.11
N PRO C 697 69.83 23.99 -17.32
CA PRO C 697 69.12 24.33 -18.55
C PRO C 697 68.85 25.82 -18.68
N LEU C 698 68.45 26.47 -17.58
CA LEU C 698 68.23 27.90 -17.60
C LEU C 698 69.54 28.67 -17.78
N LEU C 699 70.64 28.16 -17.22
CA LEU C 699 71.94 28.80 -17.40
C LEU C 699 72.38 28.72 -18.86
N SER C 700 72.13 27.60 -19.52
CA SER C 700 72.39 27.49 -20.94
C SER C 700 71.47 28.42 -21.74
N ARG C 701 70.22 28.56 -21.30
CA ARG C 701 69.29 29.44 -21.98
C ARG C 701 69.72 30.90 -21.88
N PHE C 702 70.24 31.30 -20.72
CA PHE C 702 70.71 32.67 -20.54
C PHE C 702 71.93 32.94 -21.40
N ASP C 703 71.92 34.09 -22.08
CA ASP C 703 73.05 34.45 -22.92
C ASP C 703 74.29 34.79 -22.12
N LEU C 704 74.11 35.39 -20.94
CA LEU C 704 75.23 35.84 -20.11
C LEU C 704 75.00 35.43 -18.66
N VAL C 705 76.08 35.07 -17.98
CA VAL C 705 76.08 34.78 -16.56
C VAL C 705 77.05 35.73 -15.88
N TYR C 706 76.58 36.43 -14.85
CA TYR C 706 77.37 37.44 -14.17
C TYR C 706 77.65 37.01 -12.73
N LEU C 707 78.89 37.20 -12.30
CA LEU C 707 79.32 36.90 -10.94
C LEU C 707 80.03 38.11 -10.36
N VAL C 708 79.56 38.57 -9.19
CA VAL C 708 80.15 39.71 -8.51
C VAL C 708 80.32 39.35 -7.04
N LEU C 709 81.52 39.56 -6.51
CA LEU C 709 81.83 39.26 -5.11
C LEU C 709 82.58 40.42 -4.50
N ASP C 710 82.25 40.74 -3.25
CA ASP C 710 82.93 41.82 -2.55
C ASP C 710 84.36 41.43 -2.22
N LYS C 711 85.27 42.38 -2.39
CA LYS C 711 86.69 42.22 -2.05
C LYS C 711 87.06 43.26 -1.01
N VAL C 712 87.78 42.83 0.02
CA VAL C 712 88.04 43.67 1.20
C VAL C 712 89.49 44.09 1.20
N ASP C 713 89.72 45.40 1.19
CA ASP C 713 91.02 46.01 1.45
C ASP C 713 90.76 47.34 2.12
N GLU C 714 91.76 47.84 2.84
CA GLU C 714 91.57 49.09 3.57
C GLU C 714 91.29 50.25 2.62
N LYS C 715 92.05 50.35 1.53
CA LYS C 715 91.85 51.44 0.58
C LYS C 715 90.53 51.30 -0.16
N ASN C 716 90.16 50.07 -0.55
CA ASN C 716 88.88 49.87 -1.22
C ASN C 716 87.72 50.18 -0.30
N ASP C 717 87.84 49.83 0.98
CA ASP C 717 86.82 50.20 1.97
C ASP C 717 86.74 51.70 2.12
N ARG C 718 87.88 52.39 2.11
CA ARG C 718 87.88 53.84 2.14
C ARG C 718 87.13 54.40 0.93
N GLU C 719 87.35 53.83 -0.25
CA GLU C 719 86.68 54.33 -1.45
C GLU C 719 85.16 54.13 -1.37
N LEU C 720 84.73 52.92 -0.98
CA LEU C 720 83.30 52.65 -0.91
C LEU C 720 82.62 53.49 0.15
N ALA C 721 83.23 53.57 1.34
CA ALA C 721 82.68 54.40 2.40
C ALA C 721 82.66 55.87 2.00
N LYS C 722 83.66 56.32 1.24
CA LYS C 722 83.68 57.69 0.77
C LYS C 722 82.56 57.96 -0.20
N HIS C 723 82.26 57.00 -1.09
CA HIS C 723 81.14 57.19 -2.01
C HIS C 723 79.82 57.30 -1.27
N LEU C 724 79.57 56.36 -0.36
CA LEU C 724 78.32 56.41 0.42
C LEU C 724 78.25 57.69 1.24
N THR C 725 79.36 58.07 1.88
CA THR C 725 79.38 59.26 2.72
C THR C 725 79.28 60.54 1.90
N ASN C 726 79.72 60.54 0.65
CA ASN C 726 79.54 61.72 -0.20
C ASN C 726 78.07 61.89 -0.58
N LEU C 727 77.42 60.79 -0.96
CA LEU C 727 75.99 60.84 -1.21
C LEU C 727 75.24 61.34 0.02
N TYR C 728 75.69 60.91 1.20
CA TYR C 728 75.09 61.43 2.44
C TYR C 728 75.46 62.88 2.70
N LEU C 729 76.68 63.28 2.34
CA LEU C 729 77.17 64.63 2.62
C LEU C 729 76.35 65.66 1.87
N GLU C 730 75.99 65.38 0.63
CA GLU C 730 74.99 66.19 -0.02
C GLU C 730 73.65 66.01 0.70
N ASP C 731 72.98 67.12 1.01
CA ASP C 731 71.64 67.02 1.60
C ASP C 731 70.71 66.28 0.65
N LYS C 732 70.82 66.55 -0.64
CA LYS C 732 70.22 65.74 -1.68
C LYS C 732 71.30 65.50 -2.73
N PRO C 733 71.70 64.24 -3.00
CA PRO C 733 72.79 64.01 -3.94
C PRO C 733 72.31 63.68 -5.35
N ASP C 740 82.11 59.48 -17.04
CA ASP C 740 81.29 59.70 -18.22
C ASP C 740 80.06 58.80 -18.21
N VAL C 741 78.90 59.41 -17.99
CA VAL C 741 77.63 58.68 -17.96
C VAL C 741 76.65 59.42 -18.86
N LEU C 742 76.10 58.71 -19.84
CA LEU C 742 75.00 59.26 -20.61
C LEU C 742 73.77 59.41 -19.72
N PRO C 743 72.92 60.40 -19.98
CA PRO C 743 71.64 60.45 -19.29
C PRO C 743 70.88 59.16 -19.56
N VAL C 744 70.12 58.70 -18.56
CA VAL C 744 69.49 57.38 -18.66
C VAL C 744 68.51 57.35 -19.84
N GLU C 745 67.71 58.41 -20.00
CA GLU C 745 66.82 58.48 -21.16
C GLU C 745 67.61 58.54 -22.46
N PHE C 746 68.72 59.27 -22.47
CA PHE C 746 69.55 59.34 -23.66
C PHE C 746 70.17 57.98 -23.99
N LEU C 747 70.48 57.18 -22.98
CA LEU C 747 71.03 55.84 -23.20
C LEU C 747 69.96 54.87 -23.68
N THR C 748 68.73 55.02 -23.18
CA THR C 748 67.61 54.27 -23.73
C THR C 748 67.41 54.62 -25.20
N MET C 749 67.48 55.92 -25.53
CA MET C 749 67.38 56.34 -26.92
C MET C 749 68.56 55.84 -27.74
N TYR C 750 69.75 55.76 -27.14
CA TYR C 750 70.92 55.23 -27.83
C TYR C 750 70.75 53.75 -28.14
N ILE C 751 70.20 52.98 -27.19
CA ILE C 751 69.93 51.57 -27.45
C ILE C 751 68.87 51.43 -28.54
N SER C 752 67.83 52.27 -28.49
CA SER C 752 66.80 52.22 -29.53
C SER C 752 67.38 52.57 -30.89
N TYR C 753 68.22 53.59 -30.96
CA TYR C 753 68.85 53.97 -32.22
C TYR C 753 69.83 52.91 -32.69
N ALA C 754 70.52 52.25 -31.77
CA ALA C 754 71.41 51.15 -32.14
C ALA C 754 70.62 50.01 -32.77
N LYS C 755 69.48 49.65 -32.17
CA LYS C 755 68.64 48.61 -32.76
C LYS C 755 68.05 49.06 -34.09
N GLU C 756 67.73 50.35 -34.22
CA GLU C 756 67.06 50.84 -35.41
C GLU C 756 68.00 50.99 -36.60
N HIS C 757 69.20 51.54 -36.39
CA HIS C 757 70.12 51.84 -37.47
C HIS C 757 71.29 50.87 -37.55
N ILE C 758 71.37 49.90 -36.64
CA ILE C 758 72.42 48.89 -36.64
C ILE C 758 71.75 47.53 -36.64
N HIS C 759 72.06 46.71 -37.63
CA HIS C 759 71.55 45.35 -37.75
C HIS C 759 72.73 44.42 -37.94
N PRO C 760 73.50 44.18 -36.88
CA PRO C 760 74.73 43.38 -37.03
C PRO C 760 74.43 41.97 -37.50
N ILE C 761 75.31 41.45 -38.35
CA ILE C 761 75.24 40.09 -38.83
C ILE C 761 76.65 39.51 -38.80
N ILE C 762 76.73 38.18 -38.73
CA ILE C 762 78.03 37.51 -38.66
C ILE C 762 78.81 37.80 -39.93
N THR C 763 80.03 38.29 -39.77
CA THR C 763 80.93 38.59 -40.87
C THR C 763 82.06 37.55 -40.87
N GLU C 764 83.05 37.75 -41.75
CA GLU C 764 84.17 36.81 -41.81
C GLU C 764 85.10 36.94 -40.61
N ALA C 765 85.43 38.17 -40.22
CA ALA C 765 86.28 38.36 -39.06
C ALA C 765 85.57 37.94 -37.78
N ALA C 766 84.30 38.34 -37.63
CA ALA C 766 83.50 37.89 -36.51
C ALA C 766 83.32 36.38 -36.53
N LYS C 767 83.33 35.77 -37.73
CA LYS C 767 83.18 34.32 -37.82
C LYS C 767 84.46 33.62 -37.41
N THR C 768 85.62 34.17 -37.76
CA THR C 768 86.87 33.63 -37.25
C THR C 768 86.90 33.69 -35.73
N GLU C 769 86.51 34.83 -35.18
CA GLU C 769 86.46 34.97 -33.72
C GLU C 769 85.45 33.99 -33.12
N LEU C 770 84.31 33.80 -33.77
CA LEU C 770 83.25 32.96 -33.22
C LEU C 770 83.63 31.49 -33.28
N VAL C 771 84.22 31.04 -34.38
CA VAL C 771 84.66 29.65 -34.48
C VAL C 771 85.79 29.39 -33.49
N ARG C 772 86.73 30.34 -33.38
CA ARG C 772 87.80 30.19 -32.39
C ARG C 772 87.23 30.11 -30.98
N ALA C 773 86.28 30.98 -30.65
CA ALA C 773 85.68 30.98 -29.31
C ALA C 773 84.92 29.70 -29.05
N TYR C 774 84.17 29.20 -30.05
CA TYR C 774 83.39 27.98 -29.86
C TYR C 774 84.31 26.77 -29.66
N VAL C 775 85.33 26.63 -30.51
CA VAL C 775 86.26 25.51 -30.36
C VAL C 775 87.04 25.62 -29.06
N GLY C 776 87.48 26.82 -28.70
CA GLY C 776 88.22 26.99 -27.47
C GLY C 776 87.39 26.76 -26.23
N MET C 777 86.11 27.15 -26.26
CA MET C 777 85.22 26.87 -25.13
C MET C 777 84.88 25.39 -25.06
N ARG C 778 84.79 24.72 -26.20
CA ARG C 778 84.64 23.26 -26.19
C ARG C 778 85.87 22.61 -25.56
N LYS C 779 87.05 23.14 -25.85
CA LYS C 779 88.26 22.68 -25.17
C LYS C 779 88.23 23.05 -23.69
N MET C 780 87.54 24.13 -23.33
CA MET C 780 87.49 24.62 -21.95
C MET C 780 86.34 23.97 -21.18
N THR C 792 83.96 22.47 -22.53
CA THR C 792 82.74 22.17 -23.28
C THR C 792 82.00 23.47 -23.62
N ALA C 793 81.56 23.57 -24.87
CA ALA C 793 80.85 24.75 -25.36
C ALA C 793 79.47 24.34 -25.84
N THR C 794 78.44 24.92 -25.23
CA THR C 794 77.09 24.74 -25.75
C THR C 794 76.94 25.49 -27.07
N THR C 795 76.26 24.85 -28.03
CA THR C 795 75.96 25.54 -29.28
C THR C 795 75.10 26.77 -29.05
N ARG C 796 74.23 26.72 -28.03
CA ARG C 796 73.48 27.91 -27.65
C ARG C 796 74.39 29.01 -27.13
N GLN C 797 75.47 28.65 -26.43
CA GLN C 797 76.42 29.65 -25.97
C GLN C 797 77.10 30.34 -27.15
N LEU C 798 77.40 29.59 -28.21
CA LEU C 798 77.96 30.20 -29.42
C LEU C 798 76.95 31.15 -30.06
N GLU C 799 75.67 30.76 -30.10
CA GLU C 799 74.64 31.67 -30.57
C GLU C 799 74.48 32.86 -29.63
N SER C 800 74.60 32.63 -28.33
CA SER C 800 74.55 33.73 -27.37
C SER C 800 75.75 34.66 -27.56
N MET C 801 76.93 34.09 -27.83
CA MET C 801 78.09 34.93 -28.13
C MET C 801 77.89 35.73 -29.39
N ILE C 802 77.25 35.12 -30.41
CA ILE C 802 76.92 35.85 -31.63
C ILE C 802 75.92 36.96 -31.33
N ARG C 803 74.92 36.68 -30.50
CA ARG C 803 73.96 37.70 -30.11
C ARG C 803 74.64 38.81 -29.32
N LEU C 804 75.55 38.44 -28.40
CA LEU C 804 76.30 39.45 -27.67
C LEU C 804 77.23 40.22 -28.59
N ALA C 805 77.79 39.56 -29.60
CA ALA C 805 78.61 40.26 -30.58
C ALA C 805 77.78 41.24 -31.40
N GLU C 806 76.59 40.82 -31.83
CA GLU C 806 75.68 41.74 -32.50
C GLU C 806 75.25 42.85 -31.55
N ALA C 807 75.09 42.52 -30.27
CA ALA C 807 74.83 43.55 -29.26
C ALA C 807 75.99 44.52 -29.14
N HIS C 808 77.22 44.01 -29.18
CA HIS C 808 78.39 44.88 -29.12
C HIS C 808 78.48 45.78 -30.34
N ALA C 809 78.13 45.25 -31.52
CA ALA C 809 78.10 46.08 -32.72
C ALA C 809 77.05 47.18 -32.61
N LYS C 810 75.90 46.85 -32.03
CA LYS C 810 74.90 47.88 -31.74
C LYS C 810 75.45 48.89 -30.73
N MET C 811 76.17 48.41 -29.71
CA MET C 811 76.78 49.30 -28.74
C MET C 811 77.80 50.22 -29.40
N LYS C 812 78.52 49.69 -30.40
CA LYS C 812 79.46 50.48 -31.17
C LYS C 812 78.84 51.12 -32.40
N LEU C 813 77.55 50.90 -32.63
CA LEU C 813 76.85 51.40 -33.82
C LEU C 813 77.52 50.91 -35.11
N LYS C 814 78.02 49.67 -35.08
CA LYS C 814 78.59 49.03 -36.25
C LYS C 814 77.49 48.26 -36.98
N ASN C 815 77.40 48.46 -38.30
CA ASN C 815 76.30 47.88 -39.07
C ASN C 815 76.34 46.36 -39.08
N VAL C 816 77.54 45.77 -39.02
CA VAL C 816 77.69 44.32 -39.04
C VAL C 816 78.62 43.91 -37.91
N VAL C 817 78.46 42.67 -37.46
CA VAL C 817 79.33 42.14 -36.41
C VAL C 817 80.76 42.04 -36.93
N GLU C 818 81.72 42.35 -36.07
CA GLU C 818 83.13 42.32 -36.42
C GLU C 818 83.88 41.42 -35.45
N LEU C 819 85.14 41.13 -35.79
CA LEU C 819 85.97 40.32 -34.90
C LEU C 819 86.14 40.98 -33.55
N GLU C 820 86.26 42.31 -33.53
CA GLU C 820 86.34 43.03 -32.26
C GLU C 820 85.05 42.88 -31.47
N ASP C 821 83.90 42.91 -32.15
CA ASP C 821 82.62 42.73 -31.47
C ASP C 821 82.51 41.33 -30.88
N VAL C 822 82.87 40.31 -31.65
CA VAL C 822 82.83 38.95 -31.13
C VAL C 822 83.87 38.75 -30.04
N GLN C 823 85.05 39.36 -30.20
CA GLN C 823 86.05 39.31 -29.14
C GLN C 823 85.57 40.02 -27.89
N GLU C 824 84.93 41.19 -28.05
CA GLU C 824 84.38 41.88 -26.90
C GLU C 824 83.24 41.10 -26.27
N ALA C 825 82.43 40.42 -27.10
CA ALA C 825 81.35 39.61 -26.56
C ALA C 825 81.88 38.44 -25.75
N VAL C 826 82.92 37.77 -26.26
CA VAL C 826 83.55 36.69 -25.49
C VAL C 826 84.24 37.26 -24.27
N ARG C 827 84.89 38.41 -24.41
CA ARG C 827 85.53 39.06 -23.26
C ARG C 827 84.49 39.50 -22.23
N LEU C 828 83.35 40.01 -22.70
CA LEU C 828 82.29 40.42 -21.78
C LEU C 828 81.76 39.22 -20.99
N ILE C 829 81.55 38.09 -21.67
CA ILE C 829 81.08 36.89 -20.98
C ILE C 829 82.13 36.39 -20.00
N ARG C 830 83.40 36.43 -20.39
CA ARG C 830 84.47 36.00 -19.49
C ARG C 830 84.56 36.92 -18.28
N SER C 831 84.42 38.23 -18.49
CA SER C 831 84.47 39.16 -17.37
C SER C 831 83.19 39.11 -16.52
N ALA C 832 82.05 38.83 -17.15
CA ALA C 832 80.79 38.84 -16.41
C ALA C 832 80.75 37.76 -15.34
N ILE C 833 81.05 36.51 -15.72
CA ILE C 833 81.03 35.41 -14.76
C ILE C 833 82.30 35.32 -13.93
N LYS C 834 83.21 36.28 -14.08
CA LYS C 834 84.54 36.20 -13.47
C LYS C 834 85.25 34.91 -13.87
N ASP C 835 85.08 34.53 -15.14
CA ASP C 835 85.73 33.33 -15.65
C ASP C 835 87.24 33.46 -15.62
N TYR C 836 87.75 34.66 -15.92
CA TYR C 836 89.18 34.91 -15.74
C TYR C 836 89.56 34.78 -14.27
N ALA C 837 88.68 35.22 -13.38
CA ALA C 837 88.90 35.02 -11.95
C ALA C 837 88.73 33.55 -11.55
N THR C 838 87.87 32.81 -12.25
CA THR C 838 87.55 31.46 -11.85
C THR C 838 88.78 30.56 -11.91
N ASP C 839 88.94 29.72 -10.89
CA ASP C 839 90.04 28.78 -10.88
C ASP C 839 89.84 27.72 -11.97
N PRO C 840 90.93 27.16 -12.50
CA PRO C 840 90.79 26.24 -13.64
C PRO C 840 89.95 25.01 -13.37
N LYS C 841 89.96 24.50 -12.13
CA LYS C 841 89.28 23.25 -11.81
C LYS C 841 87.99 23.49 -11.05
N THR C 842 86.94 22.78 -11.45
CA THR C 842 85.62 22.72 -10.82
C THR C 842 84.81 24.01 -10.96
N GLY C 843 85.36 25.05 -11.57
CA GLY C 843 84.63 26.28 -11.79
C GLY C 843 84.56 27.21 -10.60
N LYS C 844 85.14 26.84 -9.47
CA LYS C 844 85.20 27.75 -8.33
C LYS C 844 86.15 28.90 -8.62
N ILE C 845 85.88 30.05 -8.01
CA ILE C 845 86.66 31.26 -8.21
C ILE C 845 87.23 31.69 -6.87
N ASP C 846 88.55 31.89 -6.83
CA ASP C 846 89.17 32.46 -5.64
C ASP C 846 88.65 33.89 -5.43
N MET C 847 88.39 34.23 -4.17
CA MET C 847 87.81 35.54 -3.87
C MET C 847 88.73 36.67 -4.30
N ASN C 848 90.03 36.52 -4.06
CA ASN C 848 90.98 37.54 -4.50
C ASN C 848 91.02 37.64 -6.02
N LEU C 849 90.87 36.51 -6.72
CA LEU C 849 90.82 36.55 -8.18
C LEU C 849 89.61 37.35 -8.66
N VAL C 850 88.46 37.19 -7.99
CA VAL C 850 87.32 38.05 -8.27
C VAL C 850 87.70 39.48 -7.95
N GLN C 851 87.22 40.42 -8.77
CA GLN C 851 87.67 41.81 -8.74
C GLN C 851 89.17 41.92 -8.95
N THR C 852 89.72 41.01 -9.75
CA THR C 852 91.15 40.96 -10.08
C THR C 852 92.02 40.97 -8.83
N ASN D 20 -25.71 10.52 -13.24
CA ASN D 20 -24.29 10.49 -12.90
C ASN D 20 -24.08 10.69 -11.40
N ASP D 21 -24.41 11.89 -10.92
CA ASP D 21 -24.34 12.16 -9.48
C ASP D 21 -25.28 11.25 -8.72
N ASP D 22 -26.49 11.04 -9.27
CA ASP D 22 -27.38 10.01 -8.72
C ASP D 22 -26.75 8.64 -8.84
N ASP D 23 -26.06 8.36 -9.95
CA ASP D 23 -25.36 7.09 -10.11
C ASP D 23 -24.21 6.97 -9.12
N ASN D 24 -23.51 8.07 -8.85
CA ASN D 24 -22.43 8.04 -7.85
C ASN D 24 -22.98 7.79 -6.46
N THR D 25 -24.09 8.44 -6.11
CA THR D 25 -24.74 8.17 -4.83
C THR D 25 -25.21 6.72 -4.75
N GLU D 26 -25.69 6.17 -5.87
CA GLU D 26 -26.08 4.77 -5.91
C GLU D 26 -24.88 3.85 -5.74
N ILE D 27 -23.72 4.25 -6.28
CA ILE D 27 -22.50 3.46 -6.09
C ILE D 27 -22.09 3.45 -4.63
N ILE D 28 -22.15 4.62 -3.98
CA ILE D 28 -21.83 4.68 -2.56
C ILE D 28 -22.82 3.85 -1.75
N LYS D 29 -24.11 3.94 -2.07
CA LYS D 29 -25.11 3.17 -1.35
C LYS D 29 -24.93 1.68 -1.58
N SER D 30 -24.52 1.28 -2.79
CA SER D 30 -24.27 -0.12 -3.08
C SER D 30 -23.05 -0.63 -2.34
N PHE D 31 -22.01 0.21 -2.21
CA PHE D 31 -20.87 -0.17 -1.40
C PHE D 31 -21.27 -0.37 0.06
N LYS D 32 -22.08 0.55 0.60
CA LYS D 32 -22.55 0.41 1.97
C LYS D 32 -23.42 -0.84 2.13
N ASN D 33 -24.28 -1.11 1.15
CA ASN D 33 -25.13 -2.29 1.21
C ASN D 33 -24.32 -3.56 1.16
N PHE D 34 -23.30 -3.62 0.29
CA PHE D 34 -22.45 -4.80 0.22
C PHE D 34 -21.66 -4.98 1.51
N ILE D 35 -21.22 -3.88 2.13
CA ILE D 35 -20.51 -3.98 3.40
C ILE D 35 -21.43 -4.51 4.48
N LEU D 36 -22.66 -3.99 4.56
CA LEU D 36 -23.58 -4.39 5.62
C LEU D 36 -24.09 -5.81 5.41
N GLU D 37 -24.18 -6.23 4.14
CA GLU D 37 -24.79 -7.54 3.83
C GLU D 37 -23.74 -8.54 3.29
N PHE D 38 -22.45 -8.31 3.54
CA PHE D 38 -21.47 -9.36 3.12
C PHE D 38 -20.96 -10.02 4.38
N ARG D 39 -21.12 -11.34 4.47
CA ARG D 39 -20.70 -12.06 5.70
C ARG D 39 -19.65 -13.12 5.34
N LEU D 40 -18.48 -13.11 5.98
CA LEU D 40 -17.46 -14.10 5.55
C LEU D 40 -17.97 -15.53 5.81
N ASP D 41 -18.51 -15.78 7.01
CA ASP D 41 -19.05 -17.13 7.34
C ASP D 41 -20.35 -16.94 8.12
N SER D 42 -21.28 -16.14 7.57
CA SER D 42 -22.57 -15.82 8.24
C SER D 42 -22.29 -14.70 9.26
N GLN D 43 -21.05 -14.21 9.30
CA GLN D 43 -20.69 -13.08 10.18
C GLN D 43 -20.12 -12.02 9.24
N PHE D 44 -20.55 -10.76 9.35
CA PHE D 44 -20.07 -9.80 8.32
C PHE D 44 -18.72 -9.28 8.74
N ILE D 45 -17.70 -9.68 7.99
CA ILE D 45 -16.30 -9.22 8.29
C ILE D 45 -16.25 -7.69 8.10
N TYR D 46 -16.90 -7.18 7.05
CA TYR D 46 -16.78 -5.74 6.75
C TYR D 46 -17.34 -4.91 7.90
N ARG D 47 -18.46 -5.34 8.47
CA ARG D 47 -19.06 -4.60 9.60
C ARG D 47 -18.16 -4.79 10.82
N ASP D 48 -17.69 -6.01 11.05
CA ASP D 48 -16.88 -6.30 12.23
C ASP D 48 -15.51 -5.63 12.13
N GLN D 49 -14.90 -5.66 10.95
CA GLN D 49 -13.59 -5.03 10.76
C GLN D 49 -13.70 -3.52 10.89
N LEU D 50 -14.76 -2.92 10.35
CA LEU D 50 -14.95 -1.48 10.52
C LEU D 50 -15.13 -1.10 11.98
N ARG D 51 -15.91 -1.90 12.72
CA ARG D 51 -16.09 -1.63 14.14
C ARG D 51 -14.78 -1.78 14.91
N ASN D 52 -13.98 -2.79 14.56
CA ASN D 52 -12.68 -2.96 15.21
C ASN D 52 -11.75 -1.79 14.90
N ASN D 53 -11.75 -1.32 13.65
CA ASN D 53 -10.93 -0.16 13.29
C ASN D 53 -11.38 1.07 14.06
N ILE D 54 -12.69 1.25 14.24
CA ILE D 54 -13.19 2.36 15.04
C ILE D 54 -12.74 2.21 16.49
N LEU D 55 -12.77 0.98 17.01
CA LEU D 55 -12.33 0.73 18.38
C LEU D 55 -10.85 1.04 18.56
N VAL D 56 -10.04 0.78 17.53
CA VAL D 56 -8.62 1.10 17.58
C VAL D 56 -8.41 2.52 17.06
N LYS D 57 -9.52 3.24 16.86
CA LYS D 57 -9.50 4.61 16.32
C LYS D 57 -8.84 4.68 14.96
N ASN D 58 -8.89 3.58 14.21
CA ASN D 58 -8.34 3.53 12.86
C ASN D 58 -9.38 4.08 11.90
N TYR D 59 -9.22 5.35 11.51
CA TYR D 59 -10.14 5.99 10.57
C TYR D 59 -9.81 5.56 9.13
N SER D 60 -9.97 4.25 8.91
CA SER D 60 -9.70 3.64 7.61
C SER D 60 -10.24 2.23 7.65
N LEU D 61 -10.40 1.64 6.46
CA LEU D 61 -10.90 0.28 6.33
C LEU D 61 -10.14 -0.44 5.22
N THR D 62 -9.79 -1.69 5.47
CA THR D 62 -9.13 -2.54 4.49
C THR D 62 -10.12 -3.57 3.97
N VAL D 63 -10.20 -3.70 2.65
CA VAL D 63 -11.14 -4.60 1.99
C VAL D 63 -10.37 -5.54 1.09
N ASN D 64 -10.72 -6.82 1.15
CA ASN D 64 -10.10 -7.84 0.30
C ASN D 64 -10.86 -7.91 -1.01
N MET D 65 -10.14 -7.75 -2.13
CA MET D 65 -10.78 -7.87 -3.43
C MET D 65 -11.28 -9.28 -3.70
N GLU D 66 -10.63 -10.29 -3.11
CA GLU D 66 -11.06 -11.67 -3.31
C GLU D 66 -12.44 -11.91 -2.73
N HIS D 67 -12.66 -11.46 -1.49
CA HIS D 67 -13.94 -11.70 -0.84
C HIS D 67 -15.08 -10.99 -1.56
N LEU D 68 -14.86 -9.75 -1.98
CA LEU D 68 -15.92 -9.00 -2.64
C LEU D 68 -16.17 -9.50 -4.07
N ILE D 69 -15.09 -9.83 -4.80
CA ILE D 69 -15.21 -10.16 -6.22
C ILE D 69 -15.32 -11.66 -6.46
N GLY D 70 -15.38 -12.47 -5.42
CA GLY D 70 -15.54 -13.91 -5.62
C GLY D 70 -16.83 -14.25 -6.36
N TYR D 71 -17.91 -13.56 -6.01
CA TYR D 71 -19.17 -13.74 -6.71
C TYR D 71 -19.91 -12.44 -7.04
N ASN D 72 -19.50 -11.30 -6.47
CA ASN D 72 -20.11 -10.01 -6.77
C ASN D 72 -19.22 -9.29 -7.78
N GLU D 73 -19.29 -9.75 -9.03
CA GLU D 73 -18.40 -9.26 -10.07
C GLU D 73 -18.76 -7.86 -10.57
N ASP D 74 -20.01 -7.43 -10.42
CA ASP D 74 -20.42 -6.14 -10.97
C ASP D 74 -19.70 -4.99 -10.27
N ILE D 75 -19.54 -5.08 -8.95
CA ILE D 75 -18.83 -4.03 -8.21
C ILE D 75 -17.39 -3.94 -8.67
N TYR D 76 -16.73 -5.09 -8.84
CA TYR D 76 -15.37 -5.10 -9.34
C TYR D 76 -15.29 -4.54 -10.76
N LYS D 77 -16.30 -4.82 -11.58
CA LYS D 77 -16.31 -4.29 -12.94
C LYS D 77 -16.39 -2.77 -12.94
N LYS D 78 -17.31 -2.22 -12.13
CA LYS D 78 -17.42 -0.77 -12.05
C LYS D 78 -16.15 -0.14 -11.49
N LEU D 79 -15.56 -0.77 -10.48
CA LEU D 79 -14.31 -0.26 -9.90
C LEU D 79 -13.19 -0.27 -10.92
N SER D 80 -13.04 -1.36 -11.66
CA SER D 80 -12.02 -1.42 -12.69
C SER D 80 -12.28 -0.42 -13.80
N ASP D 81 -13.57 -0.12 -14.05
CA ASP D 81 -13.90 0.88 -15.05
C ASP D 81 -13.40 2.26 -14.62
N GLU D 82 -13.73 2.67 -13.40
CA GLU D 82 -13.35 4.00 -12.89
C GLU D 82 -12.81 3.89 -11.47
N PRO D 83 -11.59 3.36 -11.32
CA PRO D 83 -11.08 3.16 -9.94
C PRO D 83 -10.84 4.46 -9.19
N SER D 84 -10.24 5.47 -9.84
CA SER D 84 -9.87 6.69 -9.15
C SER D 84 -11.10 7.41 -8.59
N ASP D 85 -12.11 7.63 -9.45
CA ASP D 85 -13.32 8.31 -8.99
C ASP D 85 -14.18 7.40 -8.12
N ILE D 86 -14.12 6.09 -8.34
CA ILE D 86 -14.95 5.17 -7.58
C ILE D 86 -14.47 5.07 -6.13
N ILE D 87 -13.15 5.10 -5.92
CA ILE D 87 -12.62 4.93 -4.56
C ILE D 87 -13.14 5.97 -3.60
N PRO D 88 -13.20 7.27 -3.95
CA PRO D 88 -13.75 8.25 -3.00
C PRO D 88 -15.19 7.98 -2.63
N LEU D 89 -16.00 7.46 -3.56
CA LEU D 89 -17.36 7.08 -3.22
C LEU D 89 -17.37 5.93 -2.22
N PHE D 90 -16.44 4.97 -2.38
CA PHE D 90 -16.34 3.88 -1.42
C PHE D 90 -15.93 4.39 -0.04
N GLU D 91 -15.01 5.37 -0.01
CA GLU D 91 -14.60 5.94 1.28
C GLU D 91 -15.75 6.70 1.93
N THR D 92 -16.55 7.41 1.13
CA THR D 92 -17.73 8.08 1.68
C THR D 92 -18.73 7.07 2.22
N ALA D 93 -18.91 5.95 1.52
CA ALA D 93 -19.77 4.88 2.02
C ALA D 93 -19.23 4.31 3.32
N ILE D 94 -17.91 4.16 3.41
CA ILE D 94 -17.29 3.67 4.64
C ILE D 94 -17.55 4.63 5.79
N THR D 95 -17.42 5.93 5.53
CA THR D 95 -17.70 6.93 6.57
C THR D 95 -19.16 6.87 7.01
N GLN D 96 -20.08 6.73 6.05
CA GLN D 96 -21.50 6.65 6.40
C GLN D 96 -21.79 5.40 7.22
N VAL D 97 -21.23 4.26 6.82
CA VAL D 97 -21.47 3.01 7.55
C VAL D 97 -20.86 3.09 8.95
N ALA D 98 -19.68 3.69 9.07
CA ALA D 98 -19.06 3.85 10.38
C ALA D 98 -19.90 4.75 11.28
N LYS D 99 -20.41 5.86 10.73
CA LYS D 99 -21.27 6.73 11.52
C LYS D 99 -22.53 6.02 11.96
N ARG D 100 -23.13 5.22 11.07
CA ARG D 100 -24.33 4.48 11.44
C ARG D 100 -24.05 3.45 12.53
N ILE D 101 -22.95 2.70 12.38
CA ILE D 101 -22.67 1.61 13.31
C ILE D 101 -22.22 2.14 14.67
N SER D 102 -21.50 3.26 14.70
CA SER D 102 -20.85 3.71 15.92
C SER D 102 -21.52 4.89 16.61
N ILE D 103 -22.26 5.73 15.87
CA ILE D 103 -22.88 6.93 16.42
C ILE D 103 -24.37 6.67 16.56
N LEU D 104 -24.88 6.79 17.78
CA LEU D 104 -26.30 6.60 18.03
C LEU D 104 -27.09 7.76 17.41
N SER D 105 -28.18 7.42 16.74
CA SER D 105 -29.04 8.43 16.15
C SER D 105 -29.87 9.11 17.24
N ARG D 106 -30.08 10.42 17.07
CA ARG D 106 -30.87 11.22 18.01
C ARG D 106 -30.34 11.08 19.44
N ALA D 107 -29.02 11.13 19.58
CA ALA D 107 -28.38 10.98 20.88
C ALA D 107 -27.22 11.96 21.03
N SER D 131 -19.10 15.56 11.47
CA SER D 131 -19.08 14.17 11.01
C SER D 131 -17.73 13.52 11.30
N LEU D 132 -17.66 12.21 11.09
CA LEU D 132 -16.44 11.48 11.37
C LEU D 132 -15.35 11.84 10.35
N PRO D 133 -14.08 11.73 10.73
CA PRO D 133 -13.01 11.95 9.77
C PRO D 133 -13.05 10.91 8.66
N THR D 134 -12.60 11.32 7.48
CA THR D 134 -12.66 10.45 6.31
C THR D 134 -11.88 9.16 6.55
N PHE D 135 -12.45 8.04 6.12
CA PHE D 135 -11.87 6.73 6.31
C PHE D 135 -11.19 6.28 5.02
N GLN D 136 -9.88 6.04 5.09
CA GLN D 136 -9.15 5.56 3.93
C GLN D 136 -9.55 4.14 3.60
N LEU D 137 -9.61 3.84 2.29
CA LEU D 137 -9.95 2.51 1.82
C LEU D 137 -8.66 1.80 1.40
N ILE D 138 -8.42 0.63 1.96
CA ILE D 138 -7.25 -0.19 1.66
C ILE D 138 -7.70 -1.45 0.94
N LEU D 139 -6.98 -1.82 -0.12
CA LEU D 139 -7.36 -2.95 -0.93
C LEU D 139 -6.12 -3.73 -1.36
N ASN D 140 -6.33 -5.01 -1.67
CA ASN D 140 -5.29 -5.88 -2.18
C ASN D 140 -5.79 -6.57 -3.42
N SER D 141 -5.04 -6.45 -4.52
CA SER D 141 -5.50 -7.00 -5.79
C SER D 141 -5.63 -8.52 -5.73
N ASN D 142 -4.68 -9.18 -5.05
CA ASN D 142 -4.65 -10.64 -4.94
C ASN D 142 -4.65 -11.30 -6.32
N ALA D 143 -3.98 -10.66 -7.28
CA ALA D 143 -3.92 -11.12 -8.65
C ALA D 143 -2.47 -11.23 -9.07
N ASN D 144 -2.25 -11.69 -10.30
CA ASN D 144 -0.91 -11.88 -10.82
C ASN D 144 -0.20 -10.54 -10.93
N GLN D 145 1.08 -10.52 -10.54
CA GLN D 145 1.88 -9.32 -10.63
C GLN D 145 2.34 -9.08 -12.07
N ILE D 146 2.70 -7.83 -12.35
CA ILE D 146 3.23 -7.46 -13.66
C ILE D 146 4.62 -6.88 -13.47
N PRO D 147 5.57 -7.17 -14.36
CA PRO D 147 6.90 -6.57 -14.22
C PRO D 147 6.86 -5.06 -14.36
N LEU D 148 7.72 -4.39 -13.61
CA LEU D 148 7.78 -2.94 -13.66
C LEU D 148 8.17 -2.46 -15.05
N ARG D 149 9.09 -3.17 -15.70
CA ARG D 149 9.41 -2.86 -17.09
C ARG D 149 8.26 -3.21 -18.02
N ASP D 150 7.49 -4.26 -17.69
CA ASP D 150 6.37 -4.63 -18.53
C ASP D 150 5.25 -3.61 -18.48
N LEU D 151 5.15 -2.85 -17.38
CA LEU D 151 4.16 -1.79 -17.29
C LEU D 151 4.33 -0.80 -18.43
N ASP D 152 3.23 -0.44 -19.08
CA ASP D 152 3.30 0.42 -20.25
C ASP D 152 2.27 1.54 -20.16
N SER D 153 2.13 2.30 -21.25
CA SER D 153 1.19 3.42 -21.25
C SER D 153 -0.26 2.94 -21.17
N GLU D 154 -0.57 1.78 -21.74
CA GLU D 154 -1.92 1.22 -21.62
C GLU D 154 -2.21 0.77 -20.19
N HIS D 155 -1.17 0.37 -19.45
CA HIS D 155 -1.37 -0.03 -18.06
C HIS D 155 -1.80 1.13 -17.18
N VAL D 156 -1.60 2.37 -17.63
CA VAL D 156 -2.01 3.52 -16.83
C VAL D 156 -3.52 3.57 -16.72
N SER D 157 -3.99 4.28 -15.68
CA SER D 157 -5.42 4.46 -15.39
C SER D 157 -6.11 3.15 -15.02
N LYS D 158 -5.35 2.12 -14.66
CA LYS D 158 -5.91 0.84 -14.27
C LYS D 158 -5.13 0.29 -13.09
N ILE D 159 -5.81 -0.54 -12.28
CA ILE D 159 -5.17 -1.13 -11.11
C ILE D 159 -4.04 -2.04 -11.55
N VAL D 160 -2.96 -2.05 -10.78
CA VAL D 160 -1.78 -2.84 -11.09
C VAL D 160 -1.25 -3.48 -9.82
N ARG D 161 -0.87 -4.75 -9.92
CA ARG D 161 -0.18 -5.46 -8.85
C ARG D 161 1.24 -5.75 -9.31
N LEU D 162 2.20 -5.55 -8.41
CA LEU D 162 3.60 -5.69 -8.77
C LEU D 162 4.41 -5.99 -7.51
N SER D 163 5.73 -6.06 -7.68
CA SER D 163 6.65 -6.27 -6.58
C SER D 163 7.96 -5.57 -6.89
N GLY D 164 8.72 -5.26 -5.85
CA GLY D 164 9.99 -4.60 -6.03
C GLY D 164 10.58 -4.19 -4.70
N ILE D 165 11.72 -3.51 -4.78
CA ILE D 165 12.45 -3.03 -3.62
C ILE D 165 12.41 -1.51 -3.64
N ILE D 166 11.95 -0.91 -2.53
CA ILE D 166 11.82 0.53 -2.43
C ILE D 166 13.21 1.14 -2.24
N ILE D 167 13.60 2.04 -3.13
CA ILE D 167 14.88 2.73 -2.99
C ILE D 167 14.84 3.67 -1.80
N SER D 168 13.72 4.38 -1.61
CA SER D 168 13.59 5.32 -0.51
C SER D 168 12.12 5.59 -0.26
N THR D 169 11.82 6.11 0.93
CA THR D 169 10.48 6.53 1.30
C THR D 169 10.55 8.00 1.70
N SER D 170 9.84 8.85 0.98
CA SER D 170 9.87 10.28 1.26
C SER D 170 9.13 10.59 2.56
N VAL D 171 9.51 11.72 3.17
CA VAL D 171 8.84 12.14 4.40
C VAL D 171 7.39 12.50 4.11
N LEU D 172 6.57 12.47 5.16
CA LEU D 172 5.15 12.70 5.01
C LEU D 172 4.88 14.13 4.54
N SER D 173 3.81 14.30 3.78
CA SER D 173 3.41 15.60 3.23
C SER D 173 1.91 15.73 3.40
N SER D 174 1.47 16.63 4.29
CA SER D 174 0.01 16.72 4.62
C SER D 174 -0.81 17.19 3.42
N ARG D 175 -1.74 16.36 2.95
CA ARG D 175 -2.64 16.75 1.84
C ARG D 175 -3.94 17.33 2.42
N ALA D 176 -4.31 18.56 2.01
CA ALA D 176 -5.49 19.22 2.55
C ALA D 176 -6.74 18.46 2.14
N THR D 177 -7.28 17.66 3.07
CA THR D 177 -8.55 16.97 2.82
C THR D 177 -9.70 17.95 2.74
N TYR D 178 -9.62 19.05 3.47
CA TYR D 178 -10.65 20.09 3.46
C TYR D 178 -9.98 21.45 3.49
N LEU D 179 -10.73 22.47 3.10
CA LEU D 179 -10.21 23.83 3.11
C LEU D 179 -11.38 24.80 3.23
N SER D 180 -11.07 26.02 3.68
CA SER D 180 -12.00 27.13 3.68
C SER D 180 -11.32 28.28 2.95
N ILE D 181 -11.85 28.65 1.79
CA ILE D 181 -11.23 29.65 0.93
C ILE D 181 -12.03 30.93 1.03
N MET D 182 -11.42 31.96 1.60
CA MET D 182 -12.05 33.27 1.75
C MET D 182 -11.77 34.12 0.52
N CYS D 183 -12.83 34.64 -0.09
CA CYS D 183 -12.69 35.55 -1.21
C CYS D 183 -12.30 36.93 -0.70
N ARG D 184 -11.20 37.48 -1.22
CA ARG D 184 -10.61 38.67 -0.63
C ARG D 184 -11.51 39.90 -0.79
N ASN D 185 -11.98 40.16 -2.00
CA ASN D 185 -12.63 41.44 -2.27
C ASN D 185 -14.00 41.55 -1.63
N CYS D 186 -14.66 40.42 -1.37
CA CYS D 186 -15.96 40.42 -0.70
C CYS D 186 -15.93 39.74 0.65
N ARG D 187 -14.75 39.25 1.08
CA ARG D 187 -14.49 38.80 2.45
C ARG D 187 -15.19 37.49 2.81
N HIS D 188 -16.07 36.99 1.94
CA HIS D 188 -16.81 35.78 2.24
C HIS D 188 -16.03 34.55 1.80
N THR D 189 -16.26 33.44 2.49
CA THR D 189 -15.47 32.22 2.32
C THR D 189 -16.28 31.15 1.61
N THR D 190 -15.55 30.25 0.94
CA THR D 190 -16.13 29.07 0.32
C THR D 190 -15.22 27.88 0.60
N SER D 191 -15.80 26.77 1.05
CA SER D 191 -15.01 25.61 1.43
C SER D 191 -14.61 24.80 0.21
N ILE D 192 -13.49 24.09 0.33
CA ILE D 192 -13.01 23.20 -0.72
C ILE D 192 -12.46 21.94 -0.08
N THR D 193 -12.83 20.78 -0.63
CA THR D 193 -12.32 19.49 -0.20
C THR D 193 -11.68 18.80 -1.40
N ILE D 194 -10.56 18.13 -1.15
CA ILE D 194 -9.75 17.54 -2.22
C ILE D 194 -9.51 16.07 -1.92
N ASN D 195 -9.66 15.24 -2.94
CA ASN D 195 -9.31 13.82 -2.87
C ASN D 195 -7.99 13.61 -3.59
N ASN D 196 -7.06 12.91 -2.93
CA ASN D 196 -5.73 12.67 -3.49
C ASN D 196 -5.79 11.53 -4.51
N PHE D 197 -6.51 11.79 -5.59
CA PHE D 197 -6.67 10.84 -6.68
C PHE D 197 -6.53 11.57 -8.00
N ASN D 198 -5.98 10.88 -8.99
CA ASN D 198 -5.74 11.43 -10.32
C ASN D 198 -4.89 12.70 -10.26
N VAL D 205 -8.14 19.54 -8.38
CA VAL D 205 -8.95 20.74 -8.16
C VAL D 205 -8.06 21.91 -7.73
N SER D 206 -8.44 23.11 -8.14
CA SER D 206 -7.71 24.32 -7.83
C SER D 206 -8.67 25.39 -7.35
N LEU D 207 -8.10 26.44 -6.75
CA LEU D 207 -8.92 27.51 -6.20
C LEU D 207 -9.70 28.20 -7.31
N PRO D 208 -11.02 28.36 -7.16
CA PRO D 208 -11.80 29.04 -8.20
C PRO D 208 -11.38 30.49 -8.35
N ARG D 209 -11.40 30.98 -9.59
CA ARG D 209 -11.02 32.36 -9.86
C ARG D 209 -12.09 33.32 -9.34
N SER D 210 -13.35 33.04 -9.62
CA SER D 210 -14.42 33.96 -9.25
C SER D 210 -14.56 34.06 -7.73
N CYS D 211 -14.99 35.23 -7.27
CA CYS D 211 -15.20 35.43 -5.83
C CYS D 211 -16.43 34.67 -5.35
N LEU D 212 -17.54 34.75 -6.10
CA LEU D 212 -18.78 34.07 -5.75
C LEU D 212 -19.22 34.42 -4.33
N SER D 213 -19.31 35.72 -4.06
CA SER D 213 -19.66 36.23 -2.74
C SER D 213 -18.69 35.75 -1.67
N ASN D 235 -18.82 38.13 -8.10
CA ASN D 235 -17.40 37.98 -8.42
C ASN D 235 -16.68 39.31 -8.33
N CYS D 236 -16.18 39.62 -7.14
CA CYS D 236 -15.50 40.89 -6.89
C CYS D 236 -13.99 40.82 -7.09
N GLY D 237 -13.44 39.65 -7.43
CA GLY D 237 -12.02 39.52 -7.59
C GLY D 237 -11.62 38.57 -8.71
N PRO D 238 -10.40 38.77 -9.25
CA PRO D 238 -9.91 37.87 -10.30
C PRO D 238 -9.63 36.47 -9.77
N ASP D 239 -8.88 36.38 -8.68
CA ASP D 239 -8.72 35.15 -7.91
C ASP D 239 -8.78 35.50 -6.43
N PRO D 240 -9.92 36.01 -5.97
CA PRO D 240 -9.99 36.50 -4.58
C PRO D 240 -10.00 35.41 -3.53
N TYR D 241 -10.38 34.18 -3.89
CA TYR D 241 -10.46 33.11 -2.90
C TYR D 241 -9.07 32.80 -2.34
N ILE D 242 -8.99 32.74 -1.01
CA ILE D 242 -7.74 32.47 -0.32
C ILE D 242 -8.02 31.51 0.82
N ILE D 243 -7.17 30.49 0.96
CA ILE D 243 -7.42 29.41 1.90
C ILE D 243 -7.32 29.91 3.33
N ILE D 244 -8.09 29.29 4.22
CA ILE D 244 -7.97 29.47 5.65
C ILE D 244 -7.25 28.24 6.18
N HIS D 245 -5.98 28.41 6.57
CA HIS D 245 -5.15 27.28 6.95
C HIS D 245 -5.68 26.57 8.18
N GLU D 246 -6.18 27.31 9.16
CA GLU D 246 -6.70 26.70 10.38
C GLU D 246 -7.95 25.87 10.08
N SER D 247 -8.87 26.42 9.28
CA SER D 247 -10.08 25.67 8.96
C SER D 247 -9.78 24.50 8.03
N SER D 248 -8.71 24.58 7.24
CA SER D 248 -8.36 23.51 6.34
C SER D 248 -7.94 22.26 7.10
N LYS D 249 -8.45 21.12 6.67
CA LYS D 249 -8.10 19.83 7.25
C LYS D 249 -7.15 19.10 6.32
N PHE D 250 -6.10 18.51 6.90
CA PHE D 250 -5.01 17.93 6.14
C PHE D 250 -4.80 16.47 6.49
N ILE D 251 -4.19 15.74 5.56
CA ILE D 251 -3.85 14.33 5.76
C ILE D 251 -2.43 14.11 5.24
N ASP D 252 -1.60 13.45 6.04
CA ASP D 252 -0.21 13.21 5.65
C ASP D 252 -0.13 12.27 4.46
N GLN D 253 0.80 12.56 3.55
CA GLN D 253 1.03 11.74 2.37
C GLN D 253 2.52 11.54 2.18
N GLN D 254 2.90 10.31 1.84
CA GLN D 254 4.30 9.93 1.68
C GLN D 254 4.54 9.46 0.25
N PHE D 255 5.61 9.97 -0.36
CA PHE D 255 6.04 9.52 -1.68
C PHE D 255 7.03 8.37 -1.53
N LEU D 256 6.96 7.43 -2.47
CA LEU D 256 7.81 6.25 -2.43
C LEU D 256 8.41 6.00 -3.81
N LYS D 257 9.69 5.62 -3.82
CA LYS D 257 10.38 5.23 -5.05
C LYS D 257 10.71 3.75 -4.94
N LEU D 258 10.21 2.97 -5.89
CA LEU D 258 10.32 1.51 -5.85
C LEU D 258 11.09 1.03 -7.06
N GLN D 259 12.22 0.37 -6.82
CA GLN D 259 12.98 -0.29 -7.86
C GLN D 259 12.43 -1.70 -8.09
N GLU D 260 12.50 -2.15 -9.33
CA GLU D 260 12.00 -3.48 -9.67
C GLU D 260 12.92 -4.56 -9.09
N ILE D 261 12.36 -5.76 -8.94
CA ILE D 261 13.16 -6.88 -8.43
C ILE D 261 14.24 -7.21 -9.46
N PRO D 262 15.44 -7.63 -9.02
CA PRO D 262 16.50 -7.92 -10.00
C PRO D 262 16.12 -9.00 -11.00
N GLU D 263 15.35 -10.00 -10.59
CA GLU D 263 14.90 -11.03 -11.53
C GLU D 263 14.00 -10.44 -12.60
N LEU D 264 13.14 -9.48 -12.22
CA LEU D 264 12.30 -8.82 -13.20
C LEU D 264 13.12 -8.01 -14.20
N VAL D 265 14.28 -7.51 -13.78
CA VAL D 265 15.14 -6.77 -14.70
C VAL D 265 15.70 -7.73 -15.75
N PRO D 266 15.75 -7.35 -17.02
CA PRO D 266 16.40 -8.21 -18.02
C PRO D 266 17.88 -8.35 -17.71
N VAL D 267 18.43 -9.51 -18.07
CA VAL D 267 19.84 -9.79 -17.80
C VAL D 267 20.70 -8.74 -18.48
N GLY D 268 21.66 -8.19 -17.73
CA GLY D 268 22.49 -7.12 -18.24
C GLY D 268 21.88 -5.75 -18.16
N GLU D 269 20.84 -5.57 -17.34
CA GLU D 269 20.17 -4.27 -17.20
C GLU D 269 19.95 -3.97 -15.72
N MET D 270 20.01 -2.68 -15.39
CA MET D 270 19.73 -2.22 -14.04
C MET D 270 18.22 -2.20 -13.78
N PRO D 271 17.80 -2.47 -12.55
CA PRO D 271 16.37 -2.44 -12.25
C PRO D 271 15.78 -1.05 -12.46
N ARG D 272 14.56 -1.01 -13.00
CA ARG D 272 13.87 0.24 -13.21
C ARG D 272 13.17 0.68 -11.93
N ASN D 273 13.09 2.00 -11.75
CA ASN D 273 12.47 2.59 -10.58
C ASN D 273 11.29 3.46 -11.00
N LEU D 274 10.27 3.50 -10.15
CA LEU D 274 9.06 4.26 -10.41
C LEU D 274 8.67 5.06 -9.18
N THR D 275 8.20 6.28 -9.40
CA THR D 275 7.71 7.11 -8.31
C THR D 275 6.31 6.66 -7.90
N MET D 276 6.09 6.51 -6.60
CA MET D 276 4.82 6.06 -6.08
C MET D 276 4.44 6.92 -4.87
N THR D 277 3.15 6.96 -4.57
CA THR D 277 2.62 7.79 -3.50
C THR D 277 1.77 6.97 -2.56
N CYS D 278 1.78 7.36 -1.29
CA CYS D 278 0.95 6.75 -0.26
C CYS D 278 0.50 7.83 0.71
N ASP D 279 -0.66 7.63 1.31
CA ASP D 279 -1.24 8.63 2.20
C ASP D 279 -1.95 7.94 3.36
N ARG D 280 -2.09 8.69 4.46
CA ARG D 280 -2.79 8.24 5.67
C ARG D 280 -2.08 7.01 6.20
N TYR D 281 -2.76 5.90 6.46
CA TYR D 281 -2.12 4.73 7.04
C TYR D 281 -1.12 4.09 6.08
N LEU D 282 -1.31 4.28 4.77
CA LEU D 282 -0.38 3.72 3.80
C LEU D 282 1.02 4.33 3.96
N THR D 283 1.09 5.56 4.44
CA THR D 283 2.38 6.19 4.72
C THR D 283 3.08 5.46 5.87
N ASN D 284 4.41 5.34 5.75
CA ASN D 284 5.26 4.70 6.74
C ASN D 284 4.94 3.23 6.94
N LYS D 285 4.12 2.63 6.08
CA LYS D 285 3.84 1.21 6.18
C LYS D 285 5.07 0.36 5.86
N VAL D 286 6.02 0.91 5.11
CA VAL D 286 7.25 0.23 4.75
C VAL D 286 8.43 1.15 5.04
N ILE D 287 9.63 0.65 4.78
CA ILE D 287 10.86 1.41 4.99
C ILE D 287 11.73 1.28 3.76
N PRO D 288 12.67 2.21 3.58
CA PRO D 288 13.53 2.16 2.39
C PRO D 288 14.37 0.88 2.35
N GLY D 289 14.60 0.38 1.15
CA GLY D 289 15.41 -0.80 0.94
C GLY D 289 14.67 -2.11 1.08
N THR D 290 13.40 -2.10 1.42
CA THR D 290 12.65 -3.32 1.68
C THR D 290 11.96 -3.80 0.41
N ARG D 291 12.16 -5.08 0.08
CA ARG D 291 11.41 -5.70 -0.99
C ARG D 291 9.94 -5.80 -0.58
N VAL D 292 9.05 -5.42 -1.49
CA VAL D 292 7.62 -5.34 -1.17
C VAL D 292 6.81 -5.52 -2.44
N THR D 293 5.55 -5.90 -2.27
CA THR D 293 4.60 -6.02 -3.36
C THR D 293 3.51 -4.98 -3.18
N ILE D 294 3.36 -4.09 -4.15
CA ILE D 294 2.43 -2.97 -4.06
C ILE D 294 1.20 -3.28 -4.91
N VAL D 295 0.05 -2.87 -4.41
CA VAL D 295 -1.20 -2.88 -5.17
C VAL D 295 -1.59 -1.43 -5.40
N GLY D 296 -1.55 -0.99 -6.65
CA GLY D 296 -1.82 0.40 -6.95
C GLY D 296 -2.17 0.59 -8.41
N ILE D 297 -2.93 1.64 -8.67
CA ILE D 297 -3.34 1.96 -10.04
C ILE D 297 -2.24 2.76 -10.72
N TYR D 298 -1.80 2.28 -11.88
CA TYR D 298 -0.84 3.03 -12.67
C TYR D 298 -1.49 4.32 -13.15
N SER D 299 -0.77 5.43 -13.00
CA SER D 299 -1.33 6.76 -13.27
C SER D 299 -0.28 7.60 -13.98
N ILE D 300 -0.68 8.82 -14.34
CA ILE D 300 0.21 9.75 -15.04
C ILE D 300 -0.03 11.15 -14.47
N TYR D 301 1.05 11.94 -14.46
CA TYR D 301 0.98 13.33 -14.02
C TYR D 301 2.05 14.10 -14.78
N ASN D 302 1.95 15.42 -14.73
CA ASN D 302 2.88 16.32 -15.42
C ASN D 302 3.61 17.15 -14.38
N SER D 303 4.89 16.89 -14.21
CA SER D 303 5.71 17.68 -13.30
C SER D 303 5.88 19.10 -13.85
N LYS D 304 6.00 20.06 -12.93
CA LYS D 304 6.16 21.45 -13.34
C LYS D 304 7.47 21.66 -14.10
N ASN D 305 8.50 20.89 -13.77
CA ASN D 305 9.79 21.00 -14.45
C ASN D 305 9.69 20.50 -15.89
N GLY D 320 10.77 14.87 -24.11
CA GLY D 320 9.95 14.88 -25.32
C GLY D 320 8.71 15.74 -25.17
N VAL D 321 7.96 15.85 -26.27
CA VAL D 321 6.74 16.64 -26.30
C VAL D 321 5.56 15.74 -25.96
N ALA D 322 4.57 16.29 -25.26
CA ALA D 322 3.43 15.55 -24.74
C ALA D 322 3.84 14.40 -23.84
N ILE D 323 5.10 14.41 -23.38
CA ILE D 323 5.58 13.38 -22.46
C ILE D 323 4.96 13.60 -21.09
N ARG D 324 4.70 12.51 -20.38
CA ARG D 324 4.09 12.54 -19.06
C ARG D 324 5.00 11.85 -18.06
N THR D 325 4.82 12.22 -16.78
CA THR D 325 5.58 11.59 -15.71
C THR D 325 4.74 10.46 -15.13
N PRO D 326 5.11 9.19 -15.36
CA PRO D 326 4.32 8.10 -14.80
C PRO D 326 4.44 8.02 -13.29
N TYR D 327 3.36 7.54 -12.67
CA TYR D 327 3.35 7.33 -11.23
C TYR D 327 2.24 6.33 -10.93
N ILE D 328 2.34 5.70 -9.76
CA ILE D 328 1.39 4.67 -9.35
C ILE D 328 0.78 5.09 -8.02
N LYS D 329 -0.47 5.52 -8.04
CA LYS D 329 -1.21 5.71 -6.80
C LYS D 329 -1.49 4.34 -6.17
N ILE D 330 -1.19 4.21 -4.89
CA ILE D 330 -1.18 2.90 -4.23
C ILE D 330 -2.54 2.64 -3.62
N LEU D 331 -3.10 1.47 -3.92
CA LEU D 331 -4.30 0.99 -3.24
C LEU D 331 -3.96 0.16 -2.01
N GLY D 332 -2.86 -0.58 -2.06
CA GLY D 332 -2.42 -1.35 -0.91
C GLY D 332 -0.99 -1.81 -1.12
N ILE D 333 -0.37 -2.24 -0.02
CA ILE D 333 1.03 -2.67 -0.04
C ILE D 333 1.15 -3.94 0.78
N GLN D 334 1.86 -4.93 0.22
CA GLN D 334 2.16 -6.19 0.91
C GLN D 334 3.66 -6.40 0.84
N SER D 335 4.33 -6.36 1.99
CA SER D 335 5.78 -6.41 2.02
C SER D 335 6.27 -7.85 1.90
N ASP D 336 7.19 -8.09 0.96
CA ASP D 336 7.84 -9.38 0.86
C ASP D 336 8.77 -9.61 2.04
N VAL D 337 9.39 -8.55 2.56
CA VAL D 337 10.28 -8.69 3.71
C VAL D 337 9.51 -9.14 4.94
N GLU D 338 8.27 -8.66 5.09
CA GLU D 338 7.40 -9.01 6.22
C GLU D 338 8.06 -8.72 7.56
N MET D 348 9.54 -11.54 25.24
CA MET D 348 8.86 -11.73 23.96
C MET D 348 8.63 -13.21 23.68
N PHE D 349 8.81 -14.03 24.71
CA PHE D 349 8.65 -15.47 24.59
C PHE D 349 7.31 -15.91 25.16
N THR D 350 6.74 -16.95 24.55
CA THR D 350 5.53 -17.55 25.06
C THR D 350 5.87 -18.50 26.21
N GLU D 351 4.83 -19.10 26.81
CA GLU D 351 5.03 -20.01 27.93
C GLU D 351 5.91 -21.19 27.52
N GLU D 352 5.71 -21.71 26.31
CA GLU D 352 6.57 -22.77 25.81
C GLU D 352 7.93 -22.24 25.34
N GLU D 353 7.98 -21.00 24.84
CA GLU D 353 9.21 -20.48 24.26
C GLU D 353 10.26 -20.19 25.32
N GLU D 354 9.86 -19.57 26.44
CA GLU D 354 10.83 -19.21 27.47
C GLU D 354 11.40 -20.44 28.18
N GLU D 355 10.63 -21.53 28.24
CA GLU D 355 11.10 -22.73 28.92
C GLU D 355 12.31 -23.34 28.23
N GLU D 356 12.42 -23.17 26.90
CA GLU D 356 13.59 -23.67 26.20
C GLU D 356 14.86 -22.94 26.64
N PHE D 357 14.78 -21.62 26.78
CA PHE D 357 15.91 -20.87 27.32
C PHE D 357 16.21 -21.28 28.75
N LEU D 358 15.15 -21.56 29.52
CA LEU D 358 15.35 -22.05 30.88
C LEU D 358 16.13 -23.37 30.89
N GLN D 359 15.78 -24.29 29.99
CA GLN D 359 16.49 -25.56 29.91
C GLN D 359 17.94 -25.36 29.47
N LEU D 360 18.15 -24.48 28.49
CA LEU D 360 19.52 -24.21 28.03
C LEU D 360 20.38 -23.65 29.15
N SER D 361 19.79 -22.78 29.99
CA SER D 361 20.50 -22.33 31.19
C SER D 361 20.69 -23.47 32.19
N ARG D 362 19.73 -24.39 32.25
CA ARG D 362 19.82 -25.49 33.21
C ARG D 362 20.97 -26.44 32.88
N ASN D 363 21.34 -26.55 31.61
CA ASN D 363 22.43 -27.44 31.24
C ASN D 363 23.72 -27.00 31.93
N PRO D 364 24.41 -27.90 32.65
CA PRO D 364 25.67 -27.51 33.31
C PRO D 364 26.83 -27.52 32.33
N LYS D 365 26.76 -28.37 31.31
CA LYS D 365 27.73 -28.40 30.24
C LYS D 365 27.41 -27.43 29.13
N LEU D 366 26.66 -26.36 29.44
CA LEU D 366 26.20 -25.43 28.40
C LEU D 366 27.37 -24.71 27.74
N TYR D 367 28.37 -24.30 28.53
CA TYR D 367 29.51 -23.59 27.96
C TYR D 367 30.30 -24.48 27.01
N GLU D 368 30.60 -25.71 27.44
CA GLU D 368 31.32 -26.64 26.57
C GLU D 368 30.48 -27.02 25.36
N ILE D 369 29.16 -27.11 25.53
CA ILE D 369 28.29 -27.42 24.40
C ILE D 369 28.30 -26.30 23.38
N LEU D 370 28.27 -25.05 23.85
CA LEU D 370 28.38 -23.92 22.93
C LEU D 370 29.74 -23.90 22.23
N THR D 371 30.81 -24.21 22.96
CA THR D 371 32.13 -24.26 22.35
C THR D 371 32.22 -25.36 21.29
N ASN D 372 31.60 -26.51 21.56
CA ASN D 372 31.62 -27.61 20.59
C ASN D 372 30.76 -27.29 19.38
N SER D 373 29.57 -26.74 19.59
CA SER D 373 28.70 -26.37 18.47
C SER D 373 29.35 -25.28 17.62
N ILE D 374 30.14 -24.41 18.23
CA ILE D 374 30.92 -23.44 17.46
C ILE D 374 32.04 -24.17 16.74
N ALA D 375 32.12 -23.96 15.43
CA ALA D 375 33.10 -24.61 14.57
C ALA D 375 33.07 -26.13 14.75
N PRO D 376 31.91 -26.76 14.54
CA PRO D 376 31.86 -28.23 14.69
C PRO D 376 32.77 -28.98 13.74
N SER D 377 32.94 -28.49 12.51
CA SER D 377 33.80 -29.17 11.56
C SER D 377 35.26 -29.09 11.97
N ILE D 378 35.66 -27.99 12.61
CA ILE D 378 37.04 -27.84 13.08
C ILE D 378 37.31 -28.85 14.19
N PHE D 379 38.45 -29.53 14.10
CA PHE D 379 38.88 -30.48 15.11
C PHE D 379 39.92 -29.80 16.00
N GLY D 380 39.76 -29.96 17.32
CA GLY D 380 40.62 -29.26 18.25
C GLY D 380 40.23 -27.79 18.36
N ASN D 381 41.24 -26.95 18.62
CA ASN D 381 41.04 -25.50 18.81
C ASN D 381 40.04 -25.24 19.93
N GLU D 382 40.14 -26.03 21.00
CA GLU D 382 39.24 -25.88 22.13
C GLU D 382 39.40 -24.52 22.78
N ASP D 383 40.64 -24.03 22.89
CA ASP D 383 40.87 -22.70 23.44
C ASP D 383 40.23 -21.63 22.58
N ILE D 384 40.30 -21.79 21.25
CA ILE D 384 39.69 -20.82 20.35
C ILE D 384 38.17 -20.82 20.52
N LYS D 385 37.56 -22.00 20.60
CA LYS D 385 36.11 -22.06 20.78
C LYS D 385 35.69 -21.47 22.12
N LYS D 386 36.44 -21.77 23.19
CA LYS D 386 36.12 -21.23 24.50
C LYS D 386 36.27 -19.71 24.52
N ALA D 387 37.32 -19.19 23.87
CA ALA D 387 37.50 -17.74 23.80
C ALA D 387 36.38 -17.10 23.00
N ILE D 388 35.92 -17.75 21.94
CA ILE D 388 34.80 -17.22 21.16
C ILE D 388 33.53 -17.17 22.01
N VAL D 389 33.28 -18.23 22.78
CA VAL D 389 32.10 -18.23 23.65
C VAL D 389 32.21 -17.13 24.71
N CYS D 390 33.40 -16.98 25.30
CA CYS D 390 33.59 -15.95 26.32
C CYS D 390 33.45 -14.55 25.73
N LEU D 391 33.88 -14.35 24.49
CA LEU D 391 33.72 -13.06 23.83
C LEU D 391 32.26 -12.79 23.52
N LEU D 392 31.51 -13.81 23.10
CA LEU D 392 30.08 -13.64 22.86
C LEU D 392 29.35 -13.29 24.15
N MET D 393 29.74 -13.91 25.27
CA MET D 393 29.14 -13.56 26.54
C MET D 393 29.52 -12.15 26.99
N GLY D 394 30.80 -11.80 26.87
CA GLY D 394 31.27 -10.48 27.21
C GLY D 394 31.41 -10.25 28.70
N GLY D 395 32.34 -9.39 29.09
CA GLY D 395 32.47 -9.03 30.50
C GLY D 395 31.32 -8.17 30.96
N SER D 396 31.02 -8.27 32.25
CA SER D 396 29.93 -7.49 32.83
C SER D 396 30.27 -5.99 32.79
N LYS D 397 29.30 -5.19 32.39
CA LYS D 397 29.45 -3.75 32.29
C LYS D 397 28.92 -3.10 33.56
N LYS D 398 29.69 -2.18 34.12
CA LYS D 398 29.30 -1.48 35.34
C LYS D 398 29.90 -0.08 35.34
N ILE D 399 29.25 0.82 36.07
CA ILE D 399 29.69 2.21 36.19
C ILE D 399 29.83 2.53 37.67
N LEU D 400 31.01 3.01 38.06
CA LEU D 400 31.26 3.40 39.44
C LEU D 400 30.59 4.74 39.74
N PRO D 401 30.27 5.01 41.00
CA PRO D 401 29.63 6.30 41.33
C PRO D 401 30.47 7.52 40.97
N ASP D 402 31.80 7.40 41.02
CA ASP D 402 32.67 8.50 40.65
C ASP D 402 32.64 8.81 39.17
N GLY D 403 32.05 7.93 38.35
CA GLY D 403 32.03 8.08 36.91
C GLY D 403 32.89 7.09 36.17
N MET D 404 33.77 6.37 36.86
CA MET D 404 34.54 5.32 36.21
C MET D 404 33.64 4.18 35.79
N ARG D 405 33.89 3.65 34.60
CA ARG D 405 33.08 2.57 34.04
C ARG D 405 33.97 1.41 33.65
N LEU D 406 33.51 0.19 33.98
CA LEU D 406 34.21 -1.02 33.57
C LEU D 406 33.86 -1.37 32.13
N ARG D 407 34.84 -1.84 31.38
CA ARG D 407 34.60 -2.24 30.00
C ARG D 407 33.63 -3.42 29.97
N GLY D 408 32.61 -3.30 29.12
CA GLY D 408 31.56 -4.29 29.04
C GLY D 408 31.73 -5.35 27.96
N ASP D 409 32.90 -5.43 27.34
CA ASP D 409 33.11 -6.38 26.24
C ASP D 409 34.48 -7.01 26.35
N ILE D 410 34.55 -8.30 26.05
CA ILE D 410 35.83 -8.98 25.93
C ILE D 410 36.39 -8.76 24.53
N ASN D 411 37.71 -8.85 24.42
CA ASN D 411 38.40 -8.68 23.14
C ASN D 411 39.28 -9.89 22.88
N VAL D 412 39.22 -10.42 21.66
CA VAL D 412 39.96 -11.60 21.27
C VAL D 412 40.75 -11.31 20.01
N LEU D 413 41.96 -11.85 19.92
CA LEU D 413 42.83 -11.67 18.77
C LEU D 413 43.36 -13.02 18.33
N LEU D 414 43.37 -13.24 17.01
CA LEU D 414 43.88 -14.47 16.41
C LEU D 414 45.03 -14.12 15.48
N LEU D 415 46.03 -15.00 15.43
CA LEU D 415 47.20 -14.78 14.60
C LEU D 415 47.61 -16.06 13.88
N ALA D 421 42.18 -22.12 9.62
CA ALA D 421 40.79 -22.01 9.21
C ALA D 421 40.04 -21.02 10.10
N LYS D 422 40.75 -20.00 10.58
CA LYS D 422 40.13 -18.99 11.43
C LYS D 422 39.06 -18.20 10.70
N SER D 423 39.13 -18.12 9.37
CA SER D 423 38.09 -17.43 8.61
C SER D 423 36.75 -18.13 8.76
N GLN D 424 36.74 -19.46 8.77
CA GLN D 424 35.50 -20.19 9.01
C GLN D 424 34.96 -19.92 10.41
N LEU D 425 35.85 -19.84 11.40
CA LEU D 425 35.42 -19.51 12.75
C LEU D 425 34.80 -18.13 12.82
N LEU D 426 35.39 -17.16 12.11
CA LEU D 426 34.83 -15.81 12.07
C LEU D 426 33.47 -15.80 11.36
N LYS D 427 33.35 -16.59 10.29
CA LYS D 427 32.06 -16.69 9.60
C LYS D 427 30.99 -17.28 10.50
N PHE D 428 31.36 -18.27 11.32
CA PHE D 428 30.41 -18.81 12.29
C PHE D 428 30.09 -17.80 13.38
N VAL D 429 31.09 -17.02 13.81
CA VAL D 429 30.89 -16.04 14.87
C VAL D 429 29.95 -14.92 14.40
N GLU D 430 30.04 -14.54 13.13
CA GLU D 430 29.17 -13.50 12.61
C GLU D 430 27.71 -13.94 12.67
N LYS D 431 27.44 -15.21 12.40
CA LYS D 431 26.07 -15.72 12.48
C LYS D 431 25.63 -15.90 13.93
N VAL D 432 26.52 -16.43 14.78
CA VAL D 432 26.14 -16.73 16.16
C VAL D 432 25.94 -15.46 16.97
N SER D 433 26.66 -14.39 16.63
CA SER D 433 26.56 -13.16 17.41
C SER D 433 25.22 -12.49 17.15
N PRO D 434 24.54 -12.01 18.20
CA PRO D 434 23.29 -11.26 17.97
C PRO D 434 23.49 -10.02 17.12
N ILE D 435 24.62 -9.35 17.26
CA ILE D 435 25.00 -8.23 16.41
C ILE D 435 26.46 -8.43 16.00
N ALA D 436 26.73 -8.44 14.70
CA ALA D 436 28.07 -8.69 14.21
C ALA D 436 28.25 -8.06 12.84
N VAL D 437 29.51 -7.76 12.51
CA VAL D 437 29.89 -7.26 11.20
C VAL D 437 31.16 -8.02 10.79
N TYR D 438 31.04 -8.84 9.75
CA TYR D 438 32.16 -9.63 9.26
C TYR D 438 32.75 -8.96 8.02
N THR D 439 34.06 -8.69 8.05
CA THR D 439 34.72 -8.03 6.95
C THR D 439 36.22 -8.30 7.05
N SER D 440 36.93 -8.03 5.96
CA SER D 440 38.38 -8.10 5.93
C SER D 440 39.03 -6.76 6.26
N GLY D 441 38.27 -5.82 6.82
CA GLY D 441 38.74 -4.48 7.06
C GLY D 441 38.46 -3.51 5.93
N LYS D 442 38.00 -4.01 4.77
CA LYS D 442 37.63 -3.11 3.67
C LYS D 442 36.44 -2.23 4.05
N GLY D 443 35.45 -2.81 4.72
CA GLY D 443 34.27 -2.05 5.11
C GLY D 443 33.43 -1.59 3.95
N ALA D 446 35.19 0.86 1.45
CA ALA D 446 36.41 1.52 1.93
C ALA D 446 36.22 2.06 3.35
N ALA D 447 35.05 1.80 3.92
CA ALA D 447 34.76 2.28 5.27
C ALA D 447 35.70 1.62 6.28
N GLY D 448 36.19 2.43 7.22
CA GLY D 448 37.07 1.91 8.24
C GLY D 448 36.33 1.06 9.25
N LEU D 449 37.11 0.24 9.97
CA LEU D 449 36.51 -0.61 11.01
C LEU D 449 35.92 0.25 12.12
N THR D 450 36.66 1.26 12.58
CA THR D 450 36.17 2.18 13.58
C THR D 450 35.42 3.36 12.97
N ALA D 451 35.51 3.57 11.66
CA ALA D 451 34.84 4.67 10.99
C ALA D 451 34.57 4.34 9.53
N GLU D 465 32.19 8.82 9.31
CA GLU D 465 31.23 7.77 9.02
C GLU D 465 31.16 6.75 10.16
N GLY D 466 30.24 5.79 10.04
CA GLY D 466 30.09 4.74 11.01
C GLY D 466 30.83 3.49 10.56
N GLY D 467 31.83 3.09 11.34
CA GLY D 467 32.62 1.92 11.02
C GLY D 467 31.93 0.63 11.38
N ALA D 468 32.59 -0.48 11.05
CA ALA D 468 32.06 -1.78 11.43
C ALA D 468 32.07 -1.96 12.94
N MET D 469 33.12 -1.48 13.61
CA MET D 469 33.19 -1.58 15.06
C MET D 469 32.10 -0.74 15.72
N VAL D 470 31.83 0.45 15.19
CA VAL D 470 30.77 1.29 15.74
C VAL D 470 29.40 0.70 15.44
N LEU D 471 29.21 0.17 14.23
CA LEU D 471 27.92 -0.40 13.86
C LEU D 471 27.60 -1.62 14.71
N ALA D 472 28.56 -2.51 14.89
CA ALA D 472 28.39 -3.61 15.83
C ALA D 472 28.34 -3.05 17.26
N ASP D 473 27.33 -3.47 18.02
CA ASP D 473 27.15 -3.01 19.39
C ASP D 473 26.86 -4.23 20.26
N GLY D 474 27.74 -4.51 21.20
CA GLY D 474 27.59 -5.74 21.95
C GLY D 474 27.88 -6.94 21.05
N GLY D 475 27.45 -8.10 21.52
CA GLY D 475 27.63 -9.31 20.74
C GLY D 475 29.11 -9.55 20.48
N VAL D 476 29.47 -9.57 19.19
CA VAL D 476 30.87 -9.71 18.79
C VAL D 476 31.02 -9.09 17.41
N VAL D 477 32.21 -8.59 17.11
CA VAL D 477 32.54 -8.03 15.80
C VAL D 477 33.80 -8.74 15.30
N CYS D 478 33.72 -9.33 14.13
CA CYS D 478 34.79 -10.16 13.59
C CYS D 478 35.39 -9.51 12.35
N ILE D 479 36.73 -9.54 12.27
CA ILE D 479 37.47 -9.05 11.12
C ILE D 479 38.17 -10.24 10.48
N ASP D 480 37.90 -10.49 9.19
CA ASP D 480 38.44 -11.67 8.53
C ASP D 480 39.96 -11.62 8.44
N GLU D 481 40.53 -10.45 8.14
CA GLU D 481 41.98 -10.27 8.08
C GLU D 481 42.30 -8.91 8.71
N PHE D 482 42.49 -8.91 10.03
CA PHE D 482 42.77 -7.67 10.74
C PHE D 482 44.19 -7.18 10.47
N ASP D 483 45.17 -8.09 10.53
CA ASP D 483 46.57 -7.69 10.32
C ASP D 483 46.82 -7.31 8.87
N LYS D 484 46.17 -7.99 7.94
CA LYS D 484 46.36 -7.68 6.52
C LYS D 484 45.87 -6.28 6.18
N MET D 485 44.70 -5.91 6.70
CA MET D 485 44.16 -4.58 6.45
C MET D 485 44.94 -3.53 7.22
N ARG D 486 45.20 -2.40 6.55
CA ARG D 486 45.89 -1.27 7.18
C ARG D 486 45.10 0.02 7.15
N ASP D 487 44.07 0.13 6.32
CA ASP D 487 43.17 1.27 6.39
C ASP D 487 42.43 1.26 7.72
N GLU D 488 42.07 2.44 8.20
CA GLU D 488 41.60 2.63 9.58
C GLU D 488 42.61 2.05 10.57
N ASP D 489 43.77 2.70 10.56
CA ASP D 489 44.95 2.19 11.26
C ASP D 489 44.67 1.98 12.74
N ARG D 490 45.56 1.20 13.37
CA ARG D 490 45.34 0.73 14.74
C ARG D 490 45.38 1.85 15.78
N VAL D 491 45.83 3.06 15.41
CA VAL D 491 45.86 4.16 16.38
C VAL D 491 44.45 4.50 16.84
N ALA D 492 43.52 4.62 15.90
CA ALA D 492 42.13 4.87 16.27
C ALA D 492 41.50 3.63 16.91
N ILE D 493 41.87 2.45 16.42
CA ILE D 493 41.30 1.20 16.94
C ILE D 493 41.70 0.99 18.39
N HIS D 494 42.89 1.42 18.78
CA HIS D 494 43.33 1.25 20.16
C HIS D 494 42.40 1.99 21.12
N GLU D 495 42.16 3.27 20.86
CA GLU D 495 41.22 4.03 21.69
C GLU D 495 39.83 3.43 21.61
N ALA D 496 39.38 3.09 20.40
CA ALA D 496 38.02 2.57 20.24
C ALA D 496 37.79 1.31 21.05
N MET D 497 38.66 0.32 20.89
CA MET D 497 38.49 -0.97 21.55
C MET D 497 38.99 -1.00 22.99
N GLU D 498 39.71 0.04 23.44
CA GLU D 498 40.12 0.09 24.83
C GLU D 498 39.11 0.84 25.69
N GLN D 499 38.73 2.06 25.28
CA GLN D 499 37.79 2.86 26.03
C GLN D 499 36.35 2.72 25.55
N GLN D 500 36.09 1.82 24.59
CA GLN D 500 34.77 1.68 23.97
C GLN D 500 34.27 2.99 23.39
N THR D 501 35.20 3.87 23.00
CA THR D 501 34.85 5.19 22.49
C THR D 501 35.96 5.69 21.59
N ILE D 502 35.60 6.56 20.65
CA ILE D 502 36.56 7.12 19.71
C ILE D 502 36.58 8.63 19.80
N THR D 510 37.76 15.99 15.94
CA THR D 510 37.03 15.93 17.19
C THR D 510 35.72 15.15 17.03
N THR D 511 35.85 13.91 16.58
CA THR D 511 34.70 13.02 16.38
C THR D 511 34.81 11.83 17.32
N VAL D 512 33.69 11.46 17.93
CA VAL D 512 33.63 10.35 18.87
C VAL D 512 32.51 9.41 18.45
N LEU D 513 32.78 8.11 18.49
CA LEU D 513 31.81 7.10 18.14
C LEU D 513 31.85 5.98 19.16
N ASN D 514 30.68 5.47 19.53
CA ASN D 514 30.61 4.37 20.48
C ASN D 514 31.18 3.10 19.85
N SER D 515 31.98 2.38 20.64
CA SER D 515 32.64 1.16 20.18
C SER D 515 32.45 0.05 21.21
N ARG D 516 31.26 0.00 21.82
CA ARG D 516 30.96 -0.99 22.85
C ARG D 516 30.48 -2.28 22.18
N THR D 517 31.45 -3.03 21.66
CA THR D 517 31.19 -4.33 21.06
C THR D 517 32.43 -5.19 21.21
N SER D 518 32.22 -6.48 21.44
CA SER D 518 33.34 -7.40 21.61
C SER D 518 34.19 -7.45 20.35
N VAL D 519 35.50 -7.38 20.53
CA VAL D 519 36.45 -7.29 19.42
C VAL D 519 36.96 -8.67 19.08
N LEU D 520 36.92 -9.02 17.80
CA LEU D 520 37.52 -10.26 17.29
C LEU D 520 38.37 -9.91 16.08
N ALA D 521 39.60 -10.40 16.07
CA ALA D 521 40.54 -10.11 15.00
C ALA D 521 41.18 -11.41 14.52
N ALA D 522 41.13 -11.64 13.20
CA ALA D 522 41.74 -12.81 12.59
C ALA D 522 42.94 -12.36 11.76
N ALA D 523 44.04 -13.09 11.90
CA ALA D 523 45.28 -12.74 11.20
C ALA D 523 46.03 -14.01 10.85
N ASN D 524 46.86 -13.92 9.81
CA ASN D 524 47.68 -15.03 9.34
C ASN D 524 46.84 -16.27 9.04
N THR D 544 51.95 -5.92 21.18
CA THR D 544 52.05 -4.47 21.03
C THR D 544 50.93 -3.76 21.78
N THR D 545 50.72 -2.48 21.44
CA THR D 545 49.67 -1.71 22.10
C THR D 545 48.29 -2.30 21.83
N ILE D 546 48.05 -2.77 20.61
CA ILE D 546 46.78 -3.40 20.30
C ILE D 546 46.62 -4.69 21.10
N LEU D 547 47.71 -5.45 21.26
CA LEU D 547 47.67 -6.64 22.09
C LEU D 547 47.44 -6.29 23.56
N SER D 548 48.01 -5.18 24.01
CA SER D 548 47.78 -4.73 25.38
C SER D 548 46.32 -4.37 25.60
N ARG D 549 45.69 -3.72 24.61
CA ARG D 549 44.27 -3.43 24.70
C ARG D 549 43.43 -4.70 24.61
N PHE D 550 43.90 -5.70 23.85
CA PHE D 550 43.14 -6.93 23.67
C PHE D 550 43.07 -7.70 24.98
N ASP D 551 41.87 -8.20 25.29
CA ASP D 551 41.69 -9.03 26.48
C ASP D 551 42.37 -10.38 26.35
N MET D 552 42.59 -10.86 25.13
CA MET D 552 43.22 -12.16 24.91
C MET D 552 43.88 -12.15 23.54
N ILE D 553 44.79 -13.10 23.34
CA ILE D 553 45.50 -13.25 22.08
C ILE D 553 45.70 -14.73 21.80
N PHE D 554 45.71 -15.09 20.52
CA PHE D 554 45.85 -16.48 20.12
C PHE D 554 46.45 -16.55 18.72
N ILE D 555 46.87 -17.74 18.33
CA ILE D 555 47.40 -18.02 17.00
C ILE D 555 46.49 -19.04 16.35
N VAL D 556 46.11 -18.78 15.10
CA VAL D 556 45.20 -19.64 14.34
C VAL D 556 43.88 -19.83 15.09
N ASN D 561 44.10 -33.33 12.11
CA ASN D 561 43.45 -34.64 12.19
C ASN D 561 43.01 -35.11 10.82
N GLU D 562 43.59 -36.23 10.36
CA GLU D 562 43.21 -36.77 9.06
C GLU D 562 41.77 -37.25 9.03
N GLU D 563 41.28 -37.77 10.16
CA GLU D 563 39.88 -38.20 10.23
C GLU D 563 38.94 -37.03 10.06
N ARG D 564 39.28 -35.87 10.62
CA ARG D 564 38.47 -34.68 10.41
C ARG D 564 38.45 -34.29 8.95
N ASP D 565 39.59 -34.37 8.27
CA ASP D 565 39.64 -34.07 6.85
C ASP D 565 38.77 -35.05 6.05
N ILE D 566 38.81 -36.34 6.43
CA ILE D 566 38.01 -37.34 5.73
C ILE D 566 36.53 -37.08 5.92
N SER D 567 36.13 -36.76 7.16
CA SER D 567 34.71 -36.49 7.42
C SER D 567 34.24 -35.23 6.70
N ILE D 568 35.06 -34.18 6.71
CA ILE D 568 34.68 -32.94 6.02
C ILE D 568 34.60 -33.19 4.52
N ALA D 569 35.53 -33.98 3.97
CA ALA D 569 35.47 -34.32 2.56
C ALA D 569 34.23 -35.14 2.22
N ASN D 570 33.85 -36.05 3.11
CA ASN D 570 32.63 -36.83 2.88
C ASN D 570 31.39 -35.92 2.89
N HIS D 571 31.34 -34.98 3.83
CA HIS D 571 30.21 -34.05 3.87
C HIS D 571 30.18 -33.18 2.62
N VAL D 572 31.34 -32.67 2.18
CA VAL D 572 31.40 -31.85 0.99
C VAL D 572 31.04 -32.67 -0.25
N ILE D 573 31.40 -33.96 -0.28
CA ILE D 573 31.08 -34.81 -1.42
C ILE D 573 29.59 -35.10 -1.47
N ASN D 574 28.98 -35.35 -0.31
CA ASN D 574 27.53 -35.52 -0.28
C ASN D 574 26.82 -34.24 -0.70
N ILE D 575 27.41 -33.08 -0.38
CA ILE D 575 26.90 -31.81 -0.86
C ILE D 575 27.02 -31.74 -2.38
N HIS D 576 28.16 -32.15 -2.91
CA HIS D 576 28.48 -31.94 -4.32
C HIS D 576 27.69 -32.87 -5.24
N THR D 577 27.59 -34.14 -4.89
CA THR D 577 26.94 -35.12 -5.75
C THR D 577 25.43 -34.95 -5.74
N SER D 592 27.36 -30.36 22.66
CA SER D 592 26.13 -30.83 22.04
C SER D 592 25.76 -29.96 20.83
N GLU D 593 24.68 -30.32 20.15
CA GLU D 593 24.22 -29.61 18.98
C GLU D 593 23.06 -28.70 19.35
N ILE D 594 23.18 -27.41 19.05
CA ILE D 594 22.12 -26.43 19.25
C ILE D 594 22.06 -25.55 18.02
N SER D 595 20.84 -25.13 17.67
CA SER D 595 20.65 -24.32 16.47
C SER D 595 21.43 -23.02 16.58
N ILE D 596 21.88 -22.51 15.42
CA ILE D 596 22.64 -21.26 15.42
C ILE D 596 21.75 -20.11 15.87
N GLU D 597 20.53 -20.04 15.34
CA GLU D 597 19.60 -18.99 15.75
C GLU D 597 19.22 -19.13 17.21
N LYS D 598 18.98 -20.36 17.67
CA LYS D 598 18.64 -20.57 19.08
C LYS D 598 19.80 -20.16 19.99
N MET D 599 21.04 -20.47 19.59
CA MET D 599 22.20 -20.10 20.38
C MET D 599 22.41 -18.60 20.39
N LYS D 600 22.19 -17.93 19.25
CA LYS D 600 22.28 -16.48 19.21
C LYS D 600 21.24 -15.84 20.12
N ARG D 601 20.00 -16.33 20.06
CA ARG D 601 18.94 -15.81 20.91
C ARG D 601 19.26 -16.07 22.38
N TYR D 602 19.84 -17.24 22.68
CA TYR D 602 20.20 -17.55 24.07
C TYR D 602 21.35 -16.66 24.55
N ILE D 603 22.30 -16.34 23.68
CA ILE D 603 23.39 -15.45 24.06
C ILE D 603 22.85 -14.06 24.37
N THR D 604 21.98 -13.55 23.49
CA THR D 604 21.36 -12.26 23.74
C THR D 604 20.51 -12.28 25.01
N TYR D 605 19.79 -13.39 25.24
CA TYR D 605 18.97 -13.52 26.43
C TYR D 605 19.81 -13.53 27.70
N CYS D 606 20.94 -14.25 27.70
CA CYS D 606 21.82 -14.24 28.85
C CYS D 606 22.41 -12.86 29.09
N ARG D 607 22.81 -12.17 28.01
CA ARG D 607 23.35 -10.83 28.16
C ARG D 607 22.30 -9.87 28.72
N LEU D 608 21.04 -10.03 28.31
CA LEU D 608 19.98 -9.15 28.80
C LEU D 608 19.55 -9.50 30.21
N LYS D 609 19.64 -10.78 30.60
CA LYS D 609 19.10 -11.22 31.89
C LYS D 609 20.12 -11.11 33.01
N CYS D 610 21.36 -11.54 32.80
CA CYS D 610 22.34 -11.62 33.88
C CYS D 610 23.64 -10.95 33.49
N ALA D 611 24.21 -10.22 34.44
CA ALA D 611 25.55 -9.64 34.34
C ALA D 611 26.30 -10.03 35.61
N PRO D 612 26.84 -11.24 35.66
CA PRO D 612 27.39 -11.74 36.92
C PRO D 612 28.56 -10.93 37.44
N ARG D 613 28.65 -10.83 38.75
CA ARG D 613 29.76 -10.20 39.45
C ARG D 613 30.61 -11.28 40.11
N LEU D 614 31.82 -10.90 40.52
CA LEU D 614 32.68 -11.84 41.19
C LEU D 614 32.19 -12.10 42.62
N SER D 615 32.10 -13.37 43.00
CA SER D 615 31.86 -13.71 44.39
C SER D 615 33.11 -13.40 45.21
N PRO D 616 32.98 -13.30 46.53
CA PRO D 616 34.18 -13.04 47.34
C PRO D 616 35.27 -14.08 47.16
N GLN D 617 34.88 -15.36 47.02
CA GLN D 617 35.87 -16.41 46.78
C GLN D 617 36.55 -16.22 45.43
N ALA D 618 35.78 -15.89 44.40
CA ALA D 618 36.36 -15.66 43.08
C ALA D 618 37.30 -14.46 43.09
N ALA D 619 36.92 -13.40 43.81
CA ALA D 619 37.77 -12.22 43.91
C ALA D 619 39.08 -12.54 44.64
N GLU D 620 38.99 -13.30 45.74
CA GLU D 620 40.20 -13.69 46.45
C GLU D 620 41.09 -14.56 45.59
N LYS D 621 40.50 -15.50 44.85
CA LYS D 621 41.29 -16.35 43.96
C LYS D 621 41.97 -15.53 42.87
N LEU D 622 41.24 -14.58 42.27
CA LEU D 622 41.83 -13.74 41.25
C LEU D 622 42.96 -12.89 41.81
N SER D 623 42.77 -12.33 43.01
CA SER D 623 43.82 -11.52 43.63
C SER D 623 45.07 -12.35 43.91
N SER D 624 44.89 -13.55 44.48
CA SER D 624 46.03 -14.40 44.77
C SER D 624 46.75 -14.82 43.49
N ASN D 625 46.00 -15.19 42.46
CA ASN D 625 46.62 -15.60 41.20
C ASN D 625 47.35 -14.43 40.55
N PHE D 626 46.76 -13.23 40.60
CA PHE D 626 47.42 -12.07 40.02
C PHE D 626 48.70 -11.72 40.76
N VAL D 627 48.67 -11.79 42.10
CA VAL D 627 49.88 -11.51 42.87
C VAL D 627 50.96 -12.55 42.56
N THR D 628 50.58 -13.82 42.46
CA THR D 628 51.54 -14.87 42.14
C THR D 628 52.13 -14.67 40.74
N ILE D 629 51.29 -14.31 39.77
CA ILE D 629 51.77 -14.09 38.41
C ILE D 629 52.71 -12.89 38.37
N ARG D 630 52.38 -11.83 39.10
CA ARG D 630 53.25 -10.65 39.15
C ARG D 630 54.58 -10.99 39.79
N LYS D 631 54.57 -11.79 40.87
CA LYS D 631 55.82 -12.20 41.50
C LYS D 631 56.66 -13.05 40.56
N GLN D 632 56.03 -13.97 39.83
CA GLN D 632 56.76 -14.80 38.88
C GLN D 632 57.36 -13.95 37.76
N LEU D 633 56.59 -12.98 37.25
CA LEU D 633 57.10 -12.10 36.21
C LEU D 633 58.26 -11.25 36.71
N LEU D 634 58.18 -10.78 37.97
CA LEU D 634 59.29 -10.05 38.56
C LEU D 634 60.52 -10.94 38.70
N ILE D 635 60.31 -12.22 39.02
CA ILE D 635 61.42 -13.17 39.07
C ILE D 635 62.03 -13.34 37.69
N ASN D 636 61.20 -13.31 36.66
CA ASN D 636 61.68 -13.41 35.28
C ASN D 636 62.39 -12.14 34.85
N PRO D 647 55.00 -7.32 30.04
CA PRO D 647 54.68 -7.73 31.41
C PRO D 647 53.17 -7.70 31.70
N ILE D 648 52.71 -8.61 32.55
CA ILE D 648 51.29 -8.66 32.88
C ILE D 648 50.88 -7.37 33.58
N THR D 649 49.67 -6.91 33.28
CA THR D 649 49.20 -5.63 33.79
C THR D 649 47.77 -5.77 34.32
N ILE D 650 47.35 -4.74 35.05
CA ILE D 650 46.00 -4.72 35.60
C ILE D 650 44.96 -4.64 34.49
N ARG D 651 45.35 -4.18 33.29
CA ARG D 651 44.46 -4.31 32.14
C ARG D 651 44.17 -5.77 31.84
N GLN D 652 45.21 -6.61 31.85
CA GLN D 652 44.99 -8.05 31.68
C GLN D 652 44.23 -8.64 32.86
N LEU D 653 44.45 -8.12 34.07
CA LEU D 653 43.67 -8.59 35.22
C LEU D 653 42.18 -8.29 35.04
N GLU D 654 41.86 -7.08 34.57
CA GLU D 654 40.47 -6.74 34.28
C GLU D 654 39.92 -7.60 33.15
N ALA D 655 40.77 -7.94 32.17
CA ALA D 655 40.35 -8.86 31.13
C ALA D 655 39.97 -10.23 31.70
N ILE D 656 40.78 -10.73 32.64
CA ILE D 656 40.49 -12.02 33.26
C ILE D 656 39.20 -11.95 34.08
N ILE D 657 39.00 -10.84 34.79
CA ILE D 657 37.76 -10.68 35.56
C ILE D 657 36.54 -10.64 34.62
N ARG D 658 36.68 -9.94 33.49
CA ARG D 658 35.59 -9.91 32.51
C ARG D 658 35.33 -11.30 31.93
N ILE D 659 36.39 -12.08 31.71
CA ILE D 659 36.23 -13.44 31.21
C ILE D 659 35.49 -14.29 32.24
N THR D 660 35.81 -14.14 33.53
CA THR D 660 35.12 -14.88 34.57
C THR D 660 33.63 -14.50 34.62
N GLU D 661 33.34 -13.20 34.52
CA GLU D 661 31.95 -12.76 34.50
C GLU D 661 31.22 -13.30 33.27
N SER D 662 31.90 -13.32 32.12
CA SER D 662 31.30 -13.87 30.91
C SER D 662 31.00 -15.36 31.07
N LEU D 663 31.92 -16.11 31.68
CA LEU D 663 31.69 -17.53 31.90
C LEU D 663 30.51 -17.76 32.84
N ALA D 664 30.39 -16.95 33.89
CA ALA D 664 29.25 -17.08 34.80
C ALA D 664 27.96 -16.66 34.12
N LYS D 665 28.03 -15.78 33.12
CA LYS D 665 26.82 -15.31 32.44
C LYS D 665 26.08 -16.45 31.77
N LEU D 666 26.79 -17.46 31.27
CA LEU D 666 26.13 -18.59 30.61
C LEU D 666 25.24 -19.34 31.60
N GLU D 667 25.72 -19.57 32.81
CA GLU D 667 24.90 -20.17 33.85
C GLU D 667 23.91 -19.19 34.46
N LEU D 668 24.05 -17.89 34.17
CA LEU D 668 23.17 -16.85 34.70
C LEU D 668 23.23 -16.81 36.23
N SER D 669 24.37 -17.19 36.79
CA SER D 669 24.54 -17.16 38.22
C SER D 669 24.53 -15.72 38.73
N PRO D 670 23.98 -15.48 39.92
CA PRO D 670 24.03 -14.13 40.48
C PRO D 670 25.45 -13.60 40.64
N ILE D 671 26.41 -14.48 40.95
CA ILE D 671 27.80 -14.09 41.10
C ILE D 671 28.69 -15.14 40.46
N ALA D 672 29.86 -14.70 39.99
CA ALA D 672 30.83 -15.61 39.42
C ALA D 672 31.42 -16.51 40.51
N GLN D 673 32.27 -17.45 40.11
CA GLN D 673 32.80 -18.45 41.02
C GLN D 673 34.30 -18.62 40.83
N GLU D 674 34.92 -19.26 41.83
CA GLU D 674 36.34 -19.58 41.71
C GLU D 674 36.61 -20.54 40.57
N ARG D 675 35.63 -21.37 40.21
CA ARG D 675 35.77 -22.20 39.01
C ARG D 675 35.85 -21.33 37.76
N HIS D 676 35.02 -20.29 37.68
CA HIS D 676 35.12 -19.35 36.57
C HIS D 676 36.46 -18.62 36.57
N VAL D 677 36.96 -18.28 37.77
CA VAL D 677 38.28 -17.64 37.86
C VAL D 677 39.36 -18.57 37.35
N ASP D 678 39.29 -19.86 37.72
CA ASP D 678 40.28 -20.83 37.25
C ASP D 678 40.21 -21.00 35.74
N GLU D 679 39.00 -21.07 35.19
CA GLU D 679 38.87 -21.18 33.74
C GLU D 679 39.42 -19.95 33.03
N ALA D 680 39.15 -18.76 33.57
CA ALA D 680 39.66 -17.53 32.98
C ALA D 680 41.19 -17.48 33.04
N ILE D 681 41.77 -17.90 34.16
CA ILE D 681 43.22 -17.91 34.27
C ILE D 681 43.84 -18.93 33.33
N ARG D 682 43.19 -20.10 33.18
CA ARG D 682 43.68 -21.10 32.24
C ARG D 682 43.64 -20.58 30.81
N LEU D 683 42.57 -19.88 30.44
CA LEU D 683 42.49 -19.28 29.12
C LEU D 683 43.55 -18.19 28.94
N PHE D 684 43.78 -17.40 29.99
CA PHE D 684 44.79 -16.34 29.92
C PHE D 684 46.19 -16.91 29.80
N GLN D 685 46.41 -18.12 30.32
CA GLN D 685 47.72 -18.75 30.17
C GLN D 685 48.08 -18.95 28.70
N ALA D 686 47.07 -19.08 27.83
CA ALA D 686 47.31 -19.19 26.40
C ALA D 686 47.65 -17.85 25.75
N SER D 687 47.41 -16.73 26.44
CA SER D 687 47.70 -15.41 25.90
C SER D 687 49.21 -15.20 25.75
N LYS E 102 5.31 49.41 -55.15
CA LYS E 102 6.57 49.23 -54.42
C LYS E 102 7.72 49.94 -55.12
N VAL E 103 8.56 50.61 -54.34
CA VAL E 103 9.72 51.29 -54.90
C VAL E 103 10.75 50.27 -55.36
N ASP E 104 11.48 50.62 -56.41
CA ASP E 104 12.51 49.76 -56.96
C ASP E 104 13.81 50.54 -57.09
N ASP E 105 14.92 49.89 -56.75
CA ASP E 105 16.24 50.52 -56.85
C ASP E 105 16.68 50.51 -58.31
N VAL E 106 16.86 51.71 -58.88
CA VAL E 106 17.31 51.82 -60.26
C VAL E 106 18.71 51.23 -60.40
N THR E 107 19.58 51.51 -59.43
CA THR E 107 20.91 50.91 -59.44
C THR E 107 20.84 49.39 -59.32
N GLY E 108 19.91 48.88 -58.52
CA GLY E 108 19.75 47.44 -58.40
C GLY E 108 19.29 46.80 -59.70
N GLU E 109 18.32 47.41 -60.38
CA GLU E 109 17.86 46.88 -61.65
C GLU E 109 18.96 46.95 -62.71
N LYS E 110 19.73 48.05 -62.72
CA LYS E 110 20.84 48.15 -63.65
C LYS E 110 21.90 47.09 -63.36
N VAL E 111 22.15 46.81 -62.08
CA VAL E 111 23.11 45.77 -61.71
C VAL E 111 22.60 44.39 -62.13
N ARG E 112 21.29 44.16 -62.00
CA ARG E 112 20.72 42.90 -62.44
C ARG E 112 20.87 42.72 -63.94
N GLU E 113 20.59 43.79 -64.71
CA GLU E 113 20.77 43.71 -66.15
C GLU E 113 22.23 43.50 -66.52
N ALA E 114 23.14 44.19 -65.82
CA ALA E 114 24.57 44.02 -66.08
C ALA E 114 25.04 42.61 -65.75
N PHE E 115 24.53 42.03 -64.66
CA PHE E 115 24.89 40.66 -64.30
C PHE E 115 24.36 39.66 -65.32
N GLU E 116 23.12 39.87 -65.79
CA GLU E 116 22.59 39.00 -66.84
C GLU E 116 23.41 39.10 -68.10
N GLN E 117 23.80 40.32 -68.49
CA GLN E 117 24.65 40.50 -69.66
C GLN E 117 26.00 39.84 -69.47
N PHE E 118 26.59 39.97 -68.27
CA PHE E 118 27.88 39.36 -68.01
C PHE E 118 27.80 37.84 -68.09
N LEU E 119 26.76 37.25 -67.51
CA LEU E 119 26.61 35.80 -67.56
C LEU E 119 26.39 35.32 -68.99
N GLU E 120 25.52 35.99 -69.75
CA GLU E 120 25.17 35.50 -71.08
C GLU E 120 26.25 35.80 -72.11
N ASP E 121 27.02 36.88 -71.95
CA ASP E 121 27.94 37.33 -72.98
C ASP E 121 29.28 37.71 -72.37
N PHE E 122 29.73 36.96 -71.35
CA PHE E 122 31.09 37.13 -70.88
C PHE E 122 32.08 36.85 -72.01
N SER E 123 31.79 35.83 -72.82
CA SER E 123 32.43 35.62 -74.11
C SER E 123 33.96 35.57 -74.01
N VAL E 124 34.47 35.16 -72.85
CA VAL E 124 35.90 35.07 -72.61
C VAL E 124 36.19 33.66 -72.15
N GLN E 125 36.94 32.91 -72.96
CA GLN E 125 37.32 31.53 -72.65
C GLN E 125 38.83 31.45 -72.61
N SER E 126 39.37 31.04 -71.47
CA SER E 126 40.80 30.86 -71.30
C SER E 126 41.26 29.44 -71.56
N THR E 127 40.35 28.55 -71.97
CA THR E 127 40.66 27.13 -72.13
C THR E 127 41.47 26.93 -73.41
N ASP E 128 42.74 26.51 -73.23
CA ASP E 128 43.62 26.03 -74.29
C ASP E 128 44.10 27.13 -75.22
N THR E 129 43.51 28.32 -75.13
CA THR E 129 43.88 29.46 -75.96
C THR E 129 43.00 30.64 -75.54
N GLY E 130 43.38 31.83 -76.01
CA GLY E 130 42.50 32.97 -75.90
C GLY E 130 41.34 32.81 -76.86
N GLU E 131 40.14 32.56 -76.31
CA GLU E 131 38.99 32.22 -77.13
C GLU E 131 37.73 32.80 -76.52
N VAL E 132 36.66 32.79 -77.30
CA VAL E 132 35.35 33.26 -76.87
C VAL E 132 34.41 32.06 -76.88
N GLU E 133 33.84 31.74 -75.72
CA GLU E 133 32.91 30.63 -75.62
C GLU E 133 31.72 30.93 -74.73
N LYS E 134 31.58 32.18 -74.27
CA LYS E 134 30.58 32.54 -73.27
C LYS E 134 30.67 31.59 -72.08
N VAL E 135 31.84 31.60 -71.43
CA VAL E 135 32.20 30.57 -70.46
C VAL E 135 31.17 30.51 -69.34
N TYR E 136 30.58 31.65 -68.96
CA TYR E 136 29.52 31.62 -67.96
C TYR E 136 28.28 30.90 -68.48
N ARG E 137 27.93 31.10 -69.75
CA ARG E 137 26.80 30.39 -70.33
C ARG E 137 27.08 28.89 -70.44
N ALA E 138 28.32 28.53 -70.83
CA ALA E 138 28.69 27.12 -70.87
C ALA E 138 28.69 26.50 -69.49
N GLN E 139 29.07 27.27 -68.47
CA GLN E 139 28.99 26.79 -67.10
C GLN E 139 27.54 26.64 -66.65
N ILE E 140 26.65 27.51 -67.14
CA ILE E 140 25.22 27.34 -66.89
C ILE E 140 24.74 26.04 -67.53
N GLU E 141 25.23 25.73 -68.73
CA GLU E 141 24.90 24.47 -69.38
C GLU E 141 25.42 23.28 -68.59
N PHE E 142 26.64 23.39 -68.04
CA PHE E 142 27.17 22.32 -67.21
C PHE E 142 26.37 22.13 -65.93
N MET E 143 25.98 23.23 -65.29
CA MET E 143 25.12 23.16 -64.12
C MET E 143 23.74 22.62 -64.48
N LYS E 144 23.31 22.79 -65.72
CA LYS E 144 22.08 22.15 -66.18
C LYS E 144 22.29 20.65 -66.37
N ILE E 145 23.47 20.27 -66.83
CA ILE E 145 23.79 18.84 -66.97
C ILE E 145 23.77 18.15 -65.62
N TYR E 146 24.25 18.85 -64.58
CA TYR E 146 24.29 18.28 -63.24
C TYR E 146 23.14 18.72 -62.35
N ASP E 147 22.19 19.50 -62.88
CA ASP E 147 21.10 20.11 -62.10
C ASP E 147 21.65 20.90 -60.90
N LEU E 148 22.81 21.52 -61.06
CA LEU E 148 23.45 22.24 -59.97
C LEU E 148 22.79 23.58 -59.74
N ASN E 149 22.85 24.05 -58.48
CA ASN E 149 22.20 25.29 -58.08
C ASN E 149 23.18 26.43 -57.83
N THR E 150 24.47 26.15 -57.72
CA THR E 150 25.47 27.17 -57.41
C THR E 150 26.34 27.46 -58.63
N ILE E 151 26.80 28.69 -58.72
CA ILE E 151 27.67 29.15 -59.80
C ILE E 151 28.89 29.83 -59.20
N TYR E 152 30.07 29.45 -59.66
CA TYR E 152 31.32 30.03 -59.20
C TYR E 152 31.84 31.01 -60.26
N ILE E 153 32.12 32.23 -59.85
CA ILE E 153 32.59 33.28 -60.74
C ILE E 153 33.86 33.89 -60.17
N ASP E 154 34.91 33.92 -60.98
CA ASP E 154 36.14 34.60 -60.57
C ASP E 154 35.89 36.11 -60.50
N TYR E 155 36.40 36.74 -59.44
CA TYR E 155 36.25 38.18 -59.31
C TYR E 155 36.99 38.92 -60.42
N GLN E 156 38.08 38.35 -60.91
CA GLN E 156 38.80 38.95 -62.03
C GLN E 156 37.96 38.96 -63.30
N HIS E 157 37.08 37.96 -63.47
CA HIS E 157 36.17 37.97 -64.61
C HIS E 157 35.23 39.16 -64.55
N LEU E 158 34.71 39.47 -63.35
CA LEU E 158 33.87 40.65 -63.19
C LEU E 158 34.68 41.93 -63.36
N SER E 159 35.94 41.94 -62.90
CA SER E 159 36.78 43.11 -63.05
C SER E 159 37.10 43.39 -64.53
N MET E 160 37.20 42.33 -65.34
CA MET E 160 37.38 42.53 -66.77
C MET E 160 36.08 42.91 -67.45
N ARG E 161 34.95 42.32 -67.01
CA ARG E 161 33.67 42.60 -67.62
C ARG E 161 33.20 44.01 -67.29
N GLU E 162 32.63 44.69 -68.30
CA GLU E 162 32.11 46.04 -68.15
C GLU E 162 33.16 46.99 -67.59
N ASN E 163 34.43 46.76 -67.95
CA ASN E 163 35.57 47.52 -67.41
C ASN E 163 35.59 47.50 -65.89
N GLY E 164 35.10 46.41 -65.29
CA GLY E 164 35.05 46.30 -63.85
C GLY E 164 33.89 46.99 -63.19
N ALA E 165 32.93 47.50 -63.96
CA ALA E 165 31.77 48.13 -63.35
C ALA E 165 30.95 47.12 -62.54
N LEU E 166 30.78 45.91 -63.08
CA LEU E 166 30.04 44.88 -62.35
C LEU E 166 30.78 44.48 -61.08
N ALA E 167 32.10 44.31 -61.16
CA ALA E 167 32.88 43.97 -59.97
C ALA E 167 32.83 45.08 -58.94
N MET E 168 32.90 46.33 -59.38
CA MET E 168 32.82 47.46 -58.45
C MET E 168 31.46 47.51 -57.77
N ALA E 169 30.38 47.34 -58.54
CA ALA E 169 29.05 47.33 -57.93
C ALA E 169 28.91 46.19 -56.93
N ILE E 170 29.40 45.00 -57.29
CA ILE E 170 29.30 43.86 -56.39
C ILE E 170 30.08 44.12 -55.10
N SER E 171 31.34 44.54 -55.23
CA SER E 171 32.16 44.77 -54.04
C SER E 171 31.58 45.88 -53.18
N GLU E 172 31.04 46.93 -53.79
CA GLU E 172 30.54 48.07 -53.03
C GLU E 172 29.25 47.74 -52.30
N GLN E 173 28.30 47.11 -52.98
CA GLN E 173 26.96 46.90 -52.44
C GLN E 173 26.48 45.47 -52.71
N TYR E 174 27.29 44.48 -52.34
CA TYR E 174 26.86 43.09 -52.47
C TYR E 174 25.55 42.84 -51.73
N TYR E 175 25.42 43.36 -50.50
CA TYR E 175 24.21 43.14 -49.73
C TYR E 175 22.99 43.73 -50.44
N ARG E 176 23.15 44.90 -51.06
CA ARG E 176 22.03 45.55 -51.72
C ARG E 176 21.69 44.86 -53.05
N PHE E 177 22.70 44.47 -53.82
CA PHE E 177 22.49 43.95 -55.16
C PHE E 177 22.34 42.42 -55.20
N LEU E 178 22.45 41.74 -54.07
CA LEU E 178 22.33 40.28 -54.07
C LEU E 178 20.98 39.81 -54.59
N PRO E 179 19.84 40.36 -54.14
CA PRO E 179 18.57 39.98 -54.77
C PRO E 179 18.53 40.29 -56.26
N PHE E 180 19.12 41.42 -56.67
CA PHE E 180 19.17 41.76 -58.09
C PHE E 180 20.06 40.80 -58.86
N LEU E 181 21.20 40.41 -58.27
CA LEU E 181 22.07 39.44 -58.92
C LEU E 181 21.36 38.09 -59.06
N GLN E 182 20.62 37.68 -58.04
CA GLN E 182 19.85 36.44 -58.11
C GLN E 182 18.78 36.53 -59.18
N LYS E 183 18.12 37.69 -59.29
CA LYS E 183 17.10 37.86 -60.34
C LYS E 183 17.72 37.79 -61.73
N GLY E 184 18.90 38.39 -61.91
CA GLY E 184 19.57 38.31 -63.19
C GLY E 184 20.02 36.89 -63.52
N LEU E 185 20.51 36.16 -62.51
CA LEU E 185 20.87 34.77 -62.72
C LEU E 185 19.64 33.95 -63.08
N ARG E 186 18.50 34.24 -62.45
CA ARG E 186 17.27 33.55 -62.79
C ARG E 186 16.82 33.88 -64.21
N ARG E 187 17.03 35.12 -64.64
CA ARG E 187 16.69 35.50 -66.02
C ARG E 187 17.57 34.74 -67.01
N VAL E 188 18.87 34.67 -66.75
CA VAL E 188 19.77 33.92 -67.64
C VAL E 188 19.41 32.44 -67.63
N VAL E 189 19.02 31.91 -66.47
CA VAL E 189 18.63 30.52 -66.37
C VAL E 189 17.37 30.26 -67.19
N ARG E 190 16.36 31.14 -67.06
CA ARG E 190 15.15 30.98 -67.85
C ARG E 190 15.46 31.09 -69.35
N LYS E 191 16.46 31.89 -69.71
CA LYS E 191 16.82 32.04 -71.12
C LYS E 191 17.50 30.79 -71.67
N TYR E 192 18.38 30.17 -70.88
CA TYR E 192 19.24 29.11 -71.38
C TYR E 192 18.88 27.72 -70.89
N ALA E 193 18.69 27.54 -69.57
CA ALA E 193 18.39 26.25 -68.96
C ALA E 193 17.12 26.39 -68.13
N PRO E 194 15.95 26.31 -68.76
CA PRO E 194 14.69 26.36 -67.99
C PRO E 194 14.58 25.25 -66.96
N GLU E 195 15.11 24.07 -67.27
CA GLU E 195 15.15 23.00 -66.28
C GLU E 195 15.94 23.41 -65.05
N LEU E 196 17.02 24.17 -65.26
CA LEU E 196 17.75 24.74 -64.12
C LEU E 196 16.93 25.81 -63.42
N LEU E 197 16.07 26.52 -64.16
CA LEU E 197 15.19 27.49 -63.52
C LEU E 197 14.27 26.82 -62.52
N ASN E 198 13.77 25.63 -62.86
CA ASN E 198 13.01 24.85 -61.89
C ASN E 198 13.94 23.96 -61.07
N THR E 199 13.41 23.41 -59.97
CA THR E 199 14.19 22.49 -59.16
C THR E 199 14.51 21.21 -59.94
N SER E 200 13.55 20.74 -60.72
CA SER E 200 13.73 19.57 -61.59
C SER E 200 14.22 18.34 -60.82
N SER E 255 5.19 12.81 -62.27
CA SER E 255 6.17 13.40 -61.37
C SER E 255 5.59 14.62 -60.65
N PRO E 256 6.01 14.84 -59.41
CA PRO E 256 5.51 15.99 -58.65
C PRO E 256 5.91 17.30 -59.31
N GLU E 257 5.05 18.31 -59.16
CA GLU E 257 5.34 19.63 -59.69
C GLU E 257 6.62 20.18 -59.06
N GLN E 258 7.50 20.72 -59.88
CA GLN E 258 8.81 21.17 -59.44
C GLN E 258 8.75 22.64 -59.07
N THR E 259 9.17 22.95 -57.84
CA THR E 259 9.29 24.35 -57.43
C THR E 259 10.49 25.00 -58.09
N GLU E 260 10.53 26.33 -58.04
CA GLU E 260 11.65 27.06 -58.60
C GLU E 260 12.93 26.73 -57.84
N ARG E 261 14.01 26.48 -58.57
CA ARG E 261 15.26 26.10 -57.94
C ARG E 261 15.91 27.31 -57.27
N VAL E 262 16.47 27.08 -56.08
CA VAL E 262 17.30 28.10 -55.45
C VAL E 262 18.58 28.28 -56.24
N PHE E 263 19.05 29.52 -56.33
CA PHE E 263 20.23 29.86 -57.11
C PHE E 263 21.28 30.47 -56.19
N GLN E 264 22.49 29.90 -56.20
CA GLN E 264 23.60 30.40 -55.42
C GLN E 264 24.67 30.96 -56.36
N ILE E 265 25.27 32.08 -55.95
CA ILE E 265 26.33 32.73 -56.73
C ILE E 265 27.56 32.80 -55.84
N SER E 266 28.64 32.15 -56.28
CA SER E 266 29.90 32.12 -55.55
C SER E 266 30.94 32.95 -56.28
N PHE E 267 31.69 33.74 -55.51
CA PHE E 267 32.75 34.59 -56.05
C PHE E 267 34.08 34.20 -55.41
N PHE E 268 35.08 33.92 -56.25
CA PHE E 268 36.38 33.47 -55.78
C PHE E 268 37.47 34.36 -56.37
N ASN E 269 38.68 34.21 -55.82
CA ASN E 269 39.85 34.96 -56.26
C ASN E 269 39.64 36.47 -56.10
N LEU E 270 39.18 36.87 -54.92
CA LEU E 270 39.05 38.28 -54.61
C LEU E 270 40.44 38.93 -54.54
N PRO E 271 40.56 40.18 -54.97
CA PRO E 271 41.89 40.80 -55.03
C PRO E 271 42.60 40.89 -53.69
N THR E 272 41.87 41.09 -52.59
CA THR E 272 42.47 41.30 -51.29
C THR E 272 41.87 40.34 -50.26
N VAL E 273 42.71 39.87 -49.34
CA VAL E 273 42.29 39.02 -48.24
C VAL E 273 42.70 39.70 -46.95
N HIS E 274 41.78 39.79 -45.99
CA HIS E 274 42.01 40.49 -44.75
C HIS E 274 41.96 39.53 -43.57
N ARG E 275 42.75 39.82 -42.55
CA ARG E 275 42.71 39.05 -41.32
C ARG E 275 41.42 39.35 -40.55
N ILE E 276 41.10 38.48 -39.61
CA ILE E 276 39.93 38.70 -38.76
C ILE E 276 40.10 39.98 -37.96
N ARG E 277 41.33 40.27 -37.53
CA ARG E 277 41.60 41.54 -36.86
C ARG E 277 41.46 42.71 -37.82
N ASP E 278 41.73 42.50 -39.11
CA ASP E 278 41.61 43.58 -40.09
C ASP E 278 40.17 44.01 -40.32
N ILE E 279 39.20 43.15 -40.01
CA ILE E 279 37.81 43.48 -40.24
C ILE E 279 37.38 44.62 -39.32
N ARG E 280 36.44 45.44 -39.79
CA ARG E 280 35.94 46.57 -39.04
C ARG E 280 34.43 46.69 -39.25
N SER E 281 33.79 47.43 -38.35
CA SER E 281 32.35 47.62 -38.45
C SER E 281 31.97 48.36 -39.74
N GLU E 282 32.86 49.25 -40.21
CA GLU E 282 32.60 49.93 -41.48
C GLU E 282 32.64 48.95 -42.65
N LYS E 283 33.44 47.88 -42.53
CA LYS E 283 33.53 46.89 -43.61
C LYS E 283 32.30 46.02 -43.73
N ILE E 284 31.38 46.09 -42.77
CA ILE E 284 30.17 45.29 -42.82
C ILE E 284 29.32 45.73 -44.01
N GLY E 285 28.58 44.77 -44.59
CA GLY E 285 27.72 45.04 -45.72
C GLY E 285 28.41 45.03 -47.07
N SER E 286 29.70 44.71 -47.13
CA SER E 286 30.44 44.70 -48.38
C SER E 286 31.14 43.34 -48.54
N LEU E 287 31.32 42.93 -49.79
CA LEU E 287 32.02 41.69 -50.07
C LEU E 287 33.47 41.77 -49.61
N LEU E 288 33.95 40.71 -48.99
CA LEU E 288 35.30 40.69 -48.46
C LEU E 288 35.81 39.25 -48.41
N SER E 289 37.12 39.10 -48.60
CA SER E 289 37.80 37.82 -48.46
C SER E 289 38.61 37.84 -47.18
N ILE E 290 38.50 36.78 -46.39
CA ILE E 290 39.13 36.70 -45.07
C ILE E 290 39.99 35.45 -45.02
N SER E 291 41.22 35.61 -44.55
CA SER E 291 42.15 34.50 -44.35
C SER E 291 42.19 34.14 -42.87
N GLY E 292 42.04 32.87 -42.57
CA GLY E 292 42.04 32.42 -41.19
C GLY E 292 41.92 30.92 -41.11
N THR E 293 41.89 30.42 -39.88
CA THR E 293 41.75 29.00 -39.60
C THR E 293 40.41 28.74 -38.92
N VAL E 294 39.71 27.72 -39.39
CA VAL E 294 38.37 27.39 -38.87
C VAL E 294 38.56 26.62 -37.57
N THR E 295 38.31 27.30 -36.44
CA THR E 295 38.44 26.62 -35.15
C THR E 295 37.34 25.59 -34.93
N ARG E 296 36.15 25.84 -35.47
CA ARG E 296 35.02 24.93 -35.29
C ARG E 296 34.04 25.13 -36.43
N THR E 297 33.16 24.15 -36.61
CA THR E 297 32.11 24.20 -37.62
C THR E 297 30.84 23.62 -37.03
N SER E 298 29.74 24.37 -37.15
CA SER E 298 28.47 23.91 -36.64
C SER E 298 27.89 22.83 -37.56
N GLU E 299 27.03 22.00 -36.97
CA GLU E 299 26.36 20.95 -37.74
C GLU E 299 25.43 21.57 -38.78
N VAL E 300 25.29 20.87 -39.91
CA VAL E 300 24.41 21.34 -40.97
C VAL E 300 22.97 21.36 -40.46
N ARG E 301 22.29 22.48 -40.67
CA ARG E 301 20.94 22.68 -40.17
C ARG E 301 20.05 23.24 -41.27
N PRO E 302 18.75 22.98 -41.19
CA PRO E 302 17.79 23.54 -42.18
C PRO E 302 17.25 24.92 -41.77
N GLU E 303 18.06 25.95 -42.05
CA GLU E 303 17.62 27.31 -41.77
C GLU E 303 16.37 27.66 -42.56
N LEU E 304 15.42 28.31 -41.90
CA LEU E 304 14.13 28.63 -42.50
C LEU E 304 14.30 29.80 -43.46
N TYR E 305 14.87 29.51 -44.62
CA TYR E 305 15.02 30.53 -45.65
C TYR E 305 13.67 31.00 -46.16
N LYS E 306 12.71 30.08 -46.32
CA LYS E 306 11.36 30.40 -46.74
C LYS E 306 10.38 29.66 -45.86
N ALA E 307 9.33 30.36 -45.43
CA ALA E 307 8.37 29.83 -44.47
C ALA E 307 6.96 29.88 -45.03
N SER E 308 6.18 28.83 -44.76
CA SER E 308 4.79 28.75 -45.19
C SER E 308 3.92 28.55 -43.96
N PHE E 309 2.99 29.48 -43.74
CA PHE E 309 2.13 29.47 -42.57
C PHE E 309 0.68 29.31 -42.99
N THR E 310 -0.13 28.73 -42.10
CA THR E 310 -1.55 28.55 -42.31
C THR E 310 -2.32 29.21 -41.18
N CYS E 311 -3.33 29.99 -41.53
CA CYS E 311 -4.17 30.64 -40.54
C CYS E 311 -5.21 29.66 -40.02
N ASP E 312 -5.29 29.52 -38.69
CA ASP E 312 -6.25 28.59 -38.11
C ASP E 312 -7.68 29.11 -38.22
N MET E 313 -7.84 30.44 -38.24
CA MET E 313 -9.18 31.02 -38.20
C MET E 313 -9.95 30.74 -39.49
N CYS E 314 -9.34 30.99 -40.64
CA CYS E 314 -10.03 30.89 -41.92
C CYS E 314 -9.37 29.89 -42.87
N ARG E 315 -8.40 29.11 -42.39
CA ARG E 315 -7.65 28.13 -43.18
C ARG E 315 -6.84 28.77 -44.31
N ALA E 316 -6.70 30.08 -44.30
CA ALA E 316 -5.84 30.75 -45.29
C ALA E 316 -4.39 30.41 -45.01
N ILE E 317 -3.60 30.28 -46.08
CA ILE E 317 -2.22 29.81 -45.99
C ILE E 317 -1.30 30.80 -46.69
N VAL E 318 -0.14 31.05 -46.08
CA VAL E 318 0.94 31.80 -46.72
C VAL E 318 2.03 30.81 -47.09
N ASP E 319 2.91 31.23 -47.99
CA ASP E 319 3.95 30.34 -48.50
C ASP E 319 5.25 31.12 -48.70
N ASN E 320 6.37 30.45 -48.35
CA ASN E 320 7.72 30.93 -48.65
C ASN E 320 7.96 32.34 -48.14
N VAL E 321 7.47 32.63 -46.94
CA VAL E 321 7.70 33.94 -46.33
C VAL E 321 9.17 34.05 -45.92
N GLU E 322 9.80 35.16 -46.30
CA GLU E 322 11.18 35.39 -45.92
C GLU E 322 11.29 35.63 -44.42
N GLN E 323 12.38 35.15 -43.83
CA GLN E 323 12.59 35.21 -42.39
C GLN E 323 13.82 36.06 -42.09
N SER E 324 13.71 36.89 -41.05
CA SER E 324 14.83 37.69 -40.58
C SER E 324 15.75 36.82 -39.72
N PHE E 325 16.67 37.45 -38.98
CA PHE E 325 17.54 36.70 -38.09
C PHE E 325 16.72 35.92 -37.07
N LYS E 326 15.62 36.50 -36.59
CA LYS E 326 14.67 35.79 -35.76
C LYS E 326 13.56 35.19 -36.61
N TYR E 327 12.91 34.16 -36.08
CA TYR E 327 11.80 33.54 -36.77
C TYR E 327 10.66 34.55 -36.93
N THR E 328 10.02 34.52 -38.10
CA THR E 328 9.00 35.50 -38.44
C THR E 328 7.73 34.80 -38.91
N GLU E 329 6.63 35.52 -38.79
CA GLU E 329 5.31 35.08 -39.22
C GLU E 329 4.68 36.15 -40.08
N PRO E 330 3.70 35.80 -40.91
CA PRO E 330 3.08 36.80 -41.77
C PRO E 330 2.44 37.93 -40.95
N THR E 331 2.59 39.16 -41.46
CA THR E 331 2.08 40.32 -40.73
C THR E 331 0.56 40.32 -40.67
N PHE E 332 -0.09 39.90 -41.76
CA PHE E 332 -1.55 39.88 -41.82
C PHE E 332 -1.99 38.66 -42.60
N CYS E 333 -3.23 38.25 -42.36
CA CYS E 333 -3.78 37.09 -43.05
C CYS E 333 -3.89 37.38 -44.55
N PRO E 334 -3.44 36.48 -45.42
CA PRO E 334 -3.56 36.73 -46.86
C PRO E 334 -5.00 36.92 -47.32
N ASN E 335 -5.95 36.25 -46.69
CA ASN E 335 -7.35 36.46 -47.03
C ASN E 335 -7.79 37.84 -46.57
N PRO E 336 -8.30 38.69 -47.46
CA PRO E 336 -8.74 40.03 -47.02
C PRO E 336 -9.85 39.99 -45.98
N SER E 337 -10.75 39.01 -46.05
CA SER E 337 -11.84 38.92 -45.09
C SER E 337 -11.31 38.60 -43.69
N CYS E 338 -10.45 37.60 -43.58
CA CYS E 338 -9.89 37.24 -42.29
C CYS E 338 -8.89 38.30 -41.83
N GLU E 339 -8.97 38.65 -40.56
CA GLU E 339 -8.07 39.63 -39.95
C GLU E 339 -7.02 38.98 -39.07
N ASN E 340 -6.72 37.70 -39.30
CA ASN E 340 -5.80 36.97 -38.44
C ASN E 340 -4.38 37.50 -38.59
N ARG E 341 -3.72 37.74 -37.45
CA ARG E 341 -2.30 38.04 -37.41
C ARG E 341 -1.53 37.02 -36.59
N ALA E 342 -2.19 35.93 -36.18
CA ALA E 342 -1.58 34.92 -35.33
C ALA E 342 -2.09 33.56 -35.80
N PHE E 343 -1.89 32.53 -34.97
CA PHE E 343 -2.31 31.16 -35.26
C PHE E 343 -1.63 30.62 -36.52
N TRP E 344 -0.44 31.16 -36.83
CA TRP E 344 0.29 30.73 -38.01
C TRP E 344 0.96 29.39 -37.75
N THR E 345 0.59 28.38 -38.52
CA THR E 345 1.14 27.03 -38.39
C THR E 345 2.01 26.74 -39.59
N LEU E 346 3.28 26.43 -39.34
CA LEU E 346 4.23 26.17 -40.41
C LEU E 346 4.01 24.79 -41.03
N ASN E 347 4.40 24.67 -42.29
CA ASN E 347 4.38 23.39 -43.00
C ASN E 347 5.77 23.17 -43.59
N VAL E 348 6.40 22.06 -43.21
CA VAL E 348 7.79 21.81 -43.61
C VAL E 348 7.87 21.62 -45.12
N THR E 349 6.88 20.97 -45.72
CA THR E 349 6.92 20.73 -47.17
C THR E 349 6.75 22.03 -47.95
N ARG E 350 5.74 22.83 -47.59
CA ARG E 350 5.49 24.08 -48.31
C ARG E 350 6.59 25.09 -48.03
N SER E 351 7.13 25.12 -46.82
CA SER E 351 8.26 25.99 -46.51
C SER E 351 9.54 25.43 -47.13
N ARG E 352 10.45 26.33 -47.45
CA ARG E 352 11.74 25.96 -48.04
C ARG E 352 12.85 26.30 -47.06
N PHE E 353 13.72 25.32 -46.79
CA PHE E 353 14.81 25.48 -45.85
C PHE E 353 16.14 25.28 -46.56
N LEU E 354 17.03 26.25 -46.43
CA LEU E 354 18.39 26.12 -46.91
C LEU E 354 19.27 25.47 -45.84
N ASP E 355 20.30 24.77 -46.28
CA ASP E 355 21.26 24.21 -45.35
C ASP E 355 21.97 25.34 -44.60
N TRP E 356 22.25 25.11 -43.32
CA TRP E 356 22.86 26.13 -42.47
C TRP E 356 24.01 25.52 -41.69
N GLN E 357 25.12 26.25 -41.61
CA GLN E 357 26.28 25.81 -40.83
C GLN E 357 27.11 27.03 -40.48
N LYS E 358 27.37 27.23 -39.20
CA LYS E 358 28.23 28.32 -38.74
C LYS E 358 29.61 27.75 -38.45
N VAL E 359 30.62 28.29 -39.11
CA VAL E 359 32.00 27.83 -38.96
C VAL E 359 32.79 28.94 -38.27
N ARG E 360 33.14 28.72 -37.01
CA ARG E 360 33.97 29.68 -36.29
C ARG E 360 35.38 29.67 -36.85
N ILE E 361 35.96 30.86 -37.00
CA ILE E 361 37.30 31.02 -37.55
C ILE E 361 38.09 31.96 -36.66
N GLN E 362 39.40 31.95 -36.84
CA GLN E 362 40.29 32.81 -36.08
C GLN E 362 41.50 33.16 -36.94
N GLU E 363 42.16 34.25 -36.55
CA GLU E 363 43.36 34.67 -37.26
C GLU E 363 44.47 33.65 -37.04
N ASN E 364 45.43 33.65 -37.97
CA ASN E 364 46.56 32.75 -37.85
C ASN E 364 47.45 33.19 -36.68
N ALA E 365 47.84 32.21 -35.85
CA ALA E 365 48.74 32.51 -34.74
C ALA E 365 50.06 33.06 -35.24
N ASN E 366 50.53 32.57 -36.39
CA ASN E 366 51.70 33.17 -37.03
C ASN E 366 51.39 34.57 -37.55
N GLU E 367 50.15 34.81 -37.99
CA GLU E 367 49.78 36.14 -38.47
C GLU E 367 49.80 37.17 -37.34
N ILE E 368 49.49 36.75 -36.12
CA ILE E 368 49.54 37.69 -34.99
C ILE E 368 50.99 38.11 -34.76
N PRO E 369 51.30 39.42 -34.73
CA PRO E 369 52.70 39.84 -34.59
C PRO E 369 53.25 39.64 -33.19
N THR E 370 52.49 40.03 -32.18
CA THR E 370 52.93 39.94 -30.79
C THR E 370 52.57 38.63 -30.13
N GLY E 371 52.10 37.65 -30.90
CA GLY E 371 51.67 36.39 -30.31
C GLY E 371 50.37 36.46 -29.56
N SER E 372 49.65 37.58 -29.66
CA SER E 372 48.41 37.76 -28.93
C SER E 372 47.34 36.81 -29.46
N MET E 373 46.26 36.68 -28.69
CA MET E 373 45.19 35.77 -29.06
C MET E 373 44.58 36.21 -30.39
N PRO E 374 44.48 35.33 -31.37
CA PRO E 374 43.89 35.72 -32.66
C PRO E 374 42.44 36.12 -32.51
N ARG E 375 42.05 37.16 -33.25
CA ARG E 375 40.66 37.58 -33.27
C ARG E 375 39.80 36.52 -33.95
N THR E 376 38.66 36.22 -33.37
CA THR E 376 37.76 35.19 -33.87
C THR E 376 36.61 35.83 -34.63
N LEU E 377 36.19 35.17 -35.72
CA LEU E 377 35.08 35.63 -36.53
C LEU E 377 34.17 34.46 -36.85
N ASP E 378 32.86 34.70 -36.85
CA ASP E 378 31.88 33.69 -37.18
C ASP E 378 31.59 33.74 -38.68
N VAL E 379 31.86 32.63 -39.37
CA VAL E 379 31.63 32.51 -40.80
C VAL E 379 30.42 31.59 -41.00
N ILE E 380 29.41 32.09 -41.72
CA ILE E 380 28.18 31.36 -41.95
C ILE E 380 28.30 30.60 -43.27
N LEU E 381 28.13 29.28 -43.21
CA LEU E 381 28.14 28.43 -44.39
C LEU E 381 26.73 27.91 -44.63
N ARG E 382 26.25 28.07 -45.86
CA ARG E 382 24.90 27.67 -46.20
C ARG E 382 24.88 26.99 -47.56
N GLY E 383 23.91 26.11 -47.75
CA GLY E 383 23.82 25.37 -49.00
C GLY E 383 25.04 24.50 -49.21
N ASP E 384 25.68 24.67 -50.38
CA ASP E 384 26.89 23.91 -50.68
C ASP E 384 28.03 24.27 -49.74
N SER E 385 28.01 25.49 -49.18
CA SER E 385 29.06 25.92 -48.27
C SER E 385 29.07 25.11 -46.97
N VAL E 386 27.95 24.51 -46.60
CA VAL E 386 27.92 23.66 -45.41
C VAL E 386 28.81 22.45 -45.63
N GLU E 387 29.66 22.16 -44.64
CA GLU E 387 30.62 21.06 -44.70
C GLU E 387 31.58 21.20 -45.89
N ARG E 388 31.80 22.43 -46.34
CA ARG E 388 32.80 22.72 -47.37
C ARG E 388 34.18 22.98 -46.79
N ALA E 389 34.29 23.02 -45.46
CA ALA E 389 35.57 23.23 -44.78
C ALA E 389 35.61 22.33 -43.56
N LYS E 390 36.80 22.19 -42.99
CA LYS E 390 36.97 21.33 -41.83
C LYS E 390 37.54 22.12 -40.66
N PRO E 391 37.12 21.81 -39.43
CA PRO E 391 37.69 22.50 -38.27
C PRO E 391 39.19 22.21 -38.13
N GLY E 392 39.93 23.23 -37.71
CA GLY E 392 41.36 23.10 -37.56
C GLY E 392 42.15 23.26 -38.85
N ASP E 393 41.49 23.51 -39.96
CA ASP E 393 42.16 23.70 -41.25
C ASP E 393 42.03 25.15 -41.68
N ARG E 394 43.15 25.74 -42.10
CA ARG E 394 43.12 27.12 -42.57
C ARG E 394 42.32 27.23 -43.85
N CYS E 395 41.53 28.29 -43.95
CA CYS E 395 40.64 28.47 -45.09
C CYS E 395 40.44 29.96 -45.35
N LYS E 396 40.23 30.31 -46.61
CA LYS E 396 39.90 31.66 -47.02
C LYS E 396 38.42 31.71 -47.38
N PHE E 397 37.70 32.66 -46.76
CA PHE E 397 36.27 32.81 -46.94
C PHE E 397 35.99 34.14 -47.61
N THR E 398 35.11 34.13 -48.61
CA THR E 398 34.73 35.33 -49.36
C THR E 398 33.23 35.54 -49.23
N GLY E 399 32.83 36.76 -48.94
CA GLY E 399 31.43 37.08 -48.79
C GLY E 399 31.24 38.40 -48.07
N VAL E 400 29.99 38.67 -47.72
CA VAL E 400 29.61 39.93 -47.09
C VAL E 400 29.69 39.78 -45.58
N GLU E 401 30.38 40.72 -44.93
CA GLU E 401 30.38 40.79 -43.48
C GLU E 401 29.00 41.19 -42.99
N ILE E 402 28.58 40.63 -41.86
CA ILE E 402 27.23 40.81 -41.35
C ILE E 402 27.28 41.16 -39.87
N VAL E 403 26.19 41.76 -39.40
CA VAL E 403 26.01 42.12 -38.00
C VAL E 403 24.79 41.38 -37.47
N VAL E 404 24.95 40.72 -36.34
CA VAL E 404 23.90 39.88 -35.76
C VAL E 404 23.23 40.65 -34.62
N PRO E 405 21.97 41.03 -34.74
CA PRO E 405 21.28 41.66 -33.61
C PRO E 405 20.94 40.64 -32.53
N ASP E 406 20.64 41.16 -31.34
CA ASP E 406 20.28 40.31 -30.21
C ASP E 406 18.84 39.85 -30.37
N VAL E 407 18.64 38.53 -30.41
CA VAL E 407 17.30 37.97 -30.60
C VAL E 407 16.41 38.30 -29.42
N THR E 408 16.96 38.28 -28.20
CA THR E 408 16.18 38.62 -27.02
C THR E 408 15.71 40.07 -27.07
N GLN E 409 16.60 40.98 -27.49
CA GLN E 409 16.19 42.38 -27.65
C GLN E 409 15.15 42.52 -28.74
N LEU E 410 15.29 41.76 -29.83
CA LEU E 410 14.27 41.77 -30.88
C LEU E 410 12.94 41.20 -30.40
N GLY E 411 12.96 40.34 -29.39
CA GLY E 411 11.76 39.72 -28.89
C GLY E 411 11.41 38.40 -29.55
N LEU E 412 12.15 37.99 -30.58
CA LEU E 412 11.91 36.75 -31.31
C LEU E 412 10.47 36.66 -31.81
N ASN E 434 27.29 46.68 -22.53
CA ASN E 434 27.74 47.59 -23.59
C ASN E 434 26.59 48.44 -24.12
N SER E 435 26.92 49.47 -24.88
CA SER E 435 25.91 50.36 -25.43
C SER E 435 25.02 49.64 -26.43
N GLY E 436 23.74 49.98 -26.44
CA GLY E 436 22.80 49.39 -27.36
C GLY E 436 21.80 50.39 -27.91
N VAL E 437 21.47 50.27 -29.20
CA VAL E 437 20.54 51.20 -29.82
C VAL E 437 19.14 50.99 -29.24
N THR E 438 18.43 52.10 -29.03
CA THR E 438 17.09 52.06 -28.47
C THR E 438 16.26 53.18 -29.08
N GLY E 439 14.97 53.15 -28.79
CA GLY E 439 14.05 54.13 -29.35
C GLY E 439 13.55 53.81 -30.74
N LEU E 440 13.80 52.61 -31.25
CA LEU E 440 13.33 52.21 -32.56
C LEU E 440 11.81 52.08 -32.59
N LEU E 443 12.22 47.08 -31.03
CA LEU E 443 12.95 47.18 -29.78
C LEU E 443 12.24 48.12 -28.80
N GLY E 444 11.90 49.31 -29.28
CA GLY E 444 11.28 50.31 -28.44
C GLY E 444 12.20 50.77 -27.32
N VAL E 445 11.76 50.58 -26.07
CA VAL E 445 12.59 50.95 -24.93
C VAL E 445 13.82 50.06 -24.84
N ARG E 446 13.72 48.81 -25.27
CA ARG E 446 14.81 47.86 -25.12
C ARG E 446 16.00 48.25 -25.98
N ASP E 447 17.19 48.14 -25.39
CA ASP E 447 18.44 48.35 -26.13
C ASP E 447 18.75 47.14 -26.98
N LEU E 448 19.53 47.37 -28.05
CA LEU E 448 19.91 46.32 -28.98
C LEU E 448 21.42 46.38 -29.20
N THR E 449 22.11 45.30 -28.82
CA THR E 449 23.54 45.18 -29.04
C THR E 449 23.80 44.36 -30.29
N TYR E 450 24.78 44.81 -31.08
CA TYR E 450 25.09 44.18 -32.36
C TYR E 450 26.31 43.29 -32.23
N LYS E 451 26.22 42.07 -32.74
CA LYS E 451 27.32 41.12 -32.76
C LYS E 451 27.80 40.97 -34.20
N ILE E 452 29.08 41.30 -34.44
CA ILE E 452 29.63 41.19 -35.78
C ILE E 452 29.75 39.73 -36.19
N SER E 453 29.62 39.48 -37.48
CA SER E 453 29.69 38.13 -38.03
C SER E 453 30.09 38.23 -39.50
N PHE E 454 30.21 37.07 -40.14
CA PHE E 454 30.58 37.01 -41.55
C PHE E 454 29.76 35.95 -42.25
N LEU E 455 29.31 36.27 -43.47
CA LEU E 455 28.65 35.32 -44.35
C LEU E 455 29.58 35.10 -45.54
N ALA E 456 29.92 33.84 -45.81
CA ALA E 456 30.91 33.48 -46.82
C ALA E 456 30.18 32.94 -48.05
N CYS E 457 30.22 33.70 -49.15
CA CYS E 457 29.64 33.23 -50.39
C CYS E 457 30.45 32.07 -50.97
N HIS E 458 31.78 32.11 -50.83
CA HIS E 458 32.65 31.07 -51.33
C HIS E 458 33.64 30.65 -50.25
N VAL E 459 33.93 29.36 -50.20
CA VAL E 459 34.85 28.78 -49.23
C VAL E 459 36.00 28.11 -49.97
N ILE E 460 37.22 28.45 -49.60
CA ILE E 460 38.42 27.84 -50.16
C ILE E 460 39.39 27.54 -49.03
N SER E 461 39.99 26.35 -49.08
CA SER E 461 40.89 25.90 -48.02
C SER E 461 42.31 26.37 -48.33
N ILE E 462 42.84 27.27 -47.49
CA ILE E 462 44.20 27.75 -47.65
C ILE E 462 45.20 26.96 -46.81
N GLY E 463 44.74 25.97 -46.06
CA GLY E 463 45.62 25.16 -45.23
C GLY E 463 45.62 23.69 -45.60
N ASP E 500 46.15 3.37 -53.83
CA ASP E 500 46.81 2.73 -54.96
C ASP E 500 47.92 3.63 -55.53
N GLN E 501 48.99 3.00 -56.01
CA GLN E 501 50.09 3.76 -56.60
C GLN E 501 49.66 4.47 -57.87
N GLU E 502 48.80 3.84 -58.67
CA GLU E 502 48.34 4.47 -59.91
C GLU E 502 47.51 5.71 -59.64
N VAL E 503 46.67 5.67 -58.60
CA VAL E 503 45.85 6.84 -58.26
C VAL E 503 46.74 8.00 -57.81
N PHE E 504 47.77 7.71 -57.00
CA PHE E 504 48.69 8.75 -56.57
C PHE E 504 49.47 9.31 -57.76
N LEU E 505 49.87 8.44 -58.69
CA LEU E 505 50.57 8.91 -59.88
C LEU E 505 49.68 9.81 -60.73
N ASN E 506 48.40 9.45 -60.85
CA ASN E 506 47.45 10.29 -61.58
C ASN E 506 47.25 11.63 -60.88
N SER E 507 47.20 11.63 -59.56
CA SER E 507 47.11 12.88 -58.81
C SER E 507 48.35 13.74 -59.04
N LEU E 508 49.52 13.11 -59.14
CA LEU E 508 50.74 13.82 -59.47
C LEU E 508 50.70 14.30 -60.92
N SER E 509 51.29 15.47 -61.16
CA SER E 509 51.44 15.97 -62.51
C SER E 509 52.42 15.09 -63.29
N SER E 510 52.49 15.32 -64.60
CA SER E 510 53.37 14.52 -65.44
C SER E 510 54.84 14.72 -65.05
N ASP E 511 55.24 15.97 -64.80
CA ASP E 511 56.62 16.23 -64.40
C ASP E 511 56.92 15.63 -63.03
N GLU E 512 55.97 15.73 -62.10
CA GLU E 512 56.16 15.12 -60.79
C GLU E 512 56.27 13.61 -60.90
N ILE E 513 55.47 13.00 -61.77
CA ILE E 513 55.54 11.55 -61.98
C ILE E 513 56.90 11.17 -62.56
N ASN E 514 57.40 11.96 -63.51
CA ASN E 514 58.72 11.67 -64.08
C ASN E 514 59.82 11.77 -63.02
N GLU E 515 59.77 12.82 -62.19
CA GLU E 515 60.79 12.97 -61.15
C GLU E 515 60.72 11.83 -60.13
N LEU E 516 59.51 11.46 -59.72
CA LEU E 516 59.36 10.36 -58.77
C LEU E 516 59.82 9.04 -59.40
N LYS E 517 59.55 8.86 -60.69
CA LYS E 517 60.00 7.64 -61.36
C LYS E 517 61.52 7.57 -61.42
N GLU E 518 62.18 8.71 -61.69
CA GLU E 518 63.64 8.71 -61.69
C GLU E 518 64.19 8.37 -60.31
N MET E 519 63.65 9.01 -59.28
CA MET E 519 64.13 8.75 -57.92
C MET E 519 63.90 7.31 -57.51
N VAL E 520 62.75 6.74 -57.89
CA VAL E 520 62.47 5.34 -57.58
C VAL E 520 63.40 4.42 -58.36
N LYS E 521 63.73 4.79 -59.60
CA LYS E 521 64.63 3.98 -60.41
C LYS E 521 66.04 3.98 -59.83
N ASP E 522 66.44 5.05 -59.15
CA ASP E 522 67.76 5.08 -58.54
C ASP E 522 67.94 3.92 -57.56
N GLU E 523 69.06 3.21 -57.69
CA GLU E 523 69.35 2.10 -56.79
C GLU E 523 69.78 2.60 -55.42
N HIS E 524 70.39 3.78 -55.35
CA HIS E 524 70.78 4.40 -54.08
C HIS E 524 69.67 5.25 -53.49
N ILE E 525 68.41 4.95 -53.80
CA ILE E 525 67.30 5.77 -53.34
C ILE E 525 67.20 5.77 -51.83
N TYR E 526 67.47 4.62 -51.20
CA TYR E 526 67.39 4.53 -49.74
C TYR E 526 68.41 5.46 -49.07
N ASP E 527 69.68 5.34 -49.47
CA ASP E 527 70.72 6.19 -48.89
C ASP E 527 70.49 7.65 -49.23
N LYS E 528 70.01 7.93 -50.45
CA LYS E 528 69.74 9.31 -50.84
C LYS E 528 68.64 9.93 -49.99
N LEU E 529 67.56 9.19 -49.73
CA LEU E 529 66.50 9.70 -48.87
C LEU E 529 67.00 9.89 -47.44
N VAL E 530 67.78 8.93 -46.94
CA VAL E 530 68.32 9.05 -45.59
C VAL E 530 69.20 10.29 -45.47
N ARG E 531 70.00 10.57 -46.49
CA ARG E 531 70.82 11.78 -46.48
C ARG E 531 69.96 13.03 -46.60
N SER E 532 68.90 12.96 -47.40
CA SER E 532 68.03 14.13 -47.61
C SER E 532 67.28 14.50 -46.34
N ILE E 533 67.06 13.53 -45.44
CA ILE E 533 66.40 13.85 -44.18
C ILE E 533 67.24 14.85 -43.39
N ALA E 534 66.57 15.91 -42.90
CA ALA E 534 67.18 16.97 -42.10
C ALA E 534 68.40 17.56 -42.79
N PRO E 535 68.21 18.29 -43.90
CA PRO E 535 69.38 18.83 -44.61
C PRO E 535 70.21 19.80 -43.78
N ALA E 536 69.57 20.60 -42.92
CA ALA E 536 70.32 21.54 -42.09
C ALA E 536 71.14 20.82 -41.03
N VAL E 537 70.61 19.72 -40.49
CA VAL E 537 71.30 19.00 -39.43
C VAL E 537 72.52 18.29 -40.00
N PHE E 538 73.61 18.30 -39.24
CA PHE E 538 74.82 17.56 -39.57
C PHE E 538 74.97 16.38 -38.62
N GLY E 539 75.22 15.20 -39.17
CA GLY E 539 75.29 14.00 -38.37
C GLY E 539 73.92 13.43 -38.08
N HIS E 540 73.89 12.52 -37.10
CA HIS E 540 72.67 11.82 -36.70
C HIS E 540 72.04 11.08 -37.88
N GLU E 541 72.89 10.42 -38.68
CA GLU E 541 72.41 9.69 -39.84
C GLU E 541 71.51 8.52 -39.45
N ALA E 542 71.77 7.90 -38.30
CA ALA E 542 70.87 6.84 -37.82
C ALA E 542 69.49 7.39 -37.52
N VAL E 543 69.42 8.57 -36.90
CA VAL E 543 68.14 9.21 -36.64
C VAL E 543 67.44 9.57 -37.95
N LYS E 544 68.22 10.04 -38.94
CA LYS E 544 67.63 10.35 -40.24
C LYS E 544 67.05 9.10 -40.90
N LYS E 545 67.78 7.99 -40.84
CA LYS E 545 67.28 6.75 -41.42
C LYS E 545 66.03 6.26 -40.70
N GLY E 546 66.01 6.37 -39.37
CA GLY E 546 64.81 6.01 -38.62
C GLY E 546 63.62 6.87 -38.97
N ILE E 547 63.85 8.18 -39.14
CA ILE E 547 62.76 9.08 -39.51
C ILE E 547 62.23 8.75 -40.90
N LEU E 548 63.14 8.45 -41.84
CA LEU E 548 62.70 8.08 -43.18
C LEU E 548 61.90 6.78 -43.15
N LEU E 549 62.35 5.79 -42.38
CA LEU E 549 61.62 4.54 -42.27
C LEU E 549 60.25 4.75 -41.64
N GLN E 550 60.17 5.60 -40.62
CA GLN E 550 58.89 5.88 -39.98
C GLN E 550 57.93 6.59 -40.94
N MET E 551 58.44 7.57 -41.70
CA MET E 551 57.58 8.28 -42.65
C MET E 551 57.11 7.34 -43.75
N LEU E 552 57.98 6.43 -44.21
CA LEU E 552 57.55 5.44 -45.18
C LEU E 552 56.50 4.51 -44.60
N GLY E 553 56.66 4.12 -43.34
CA GLY E 553 55.69 3.28 -42.67
C GLY E 553 55.84 1.81 -43.05
N GLY E 554 54.88 1.02 -42.57
CA GLY E 554 54.87 -0.39 -42.85
C GLY E 554 53.45 -0.90 -43.01
N VAL E 555 53.33 -2.08 -43.60
CA VAL E 555 52.03 -2.68 -43.85
C VAL E 555 51.43 -3.18 -42.53
N HIS E 556 50.16 -2.89 -42.32
CA HIS E 556 49.45 -3.38 -41.14
C HIS E 556 49.05 -4.84 -41.35
N LYS E 557 49.02 -5.59 -40.25
CA LYS E 557 48.65 -7.01 -40.30
C LYS E 557 47.91 -7.38 -39.02
N SER E 558 46.93 -8.27 -39.16
CA SER E 558 46.13 -8.73 -38.03
C SER E 558 45.99 -10.24 -38.10
N THR E 559 46.26 -10.91 -36.99
CA THR E 559 46.24 -12.37 -36.95
C THR E 559 44.81 -12.90 -37.05
N VAL E 560 44.71 -14.15 -37.50
CA VAL E 560 43.41 -14.82 -37.59
C VAL E 560 42.78 -14.98 -36.22
N GLU E 561 43.62 -15.10 -35.17
CA GLU E 561 43.10 -15.14 -33.80
C GLU E 561 42.47 -13.83 -33.38
N GLY E 562 42.72 -12.75 -34.12
CA GLY E 562 42.16 -11.44 -33.81
C GLY E 562 43.17 -10.42 -33.33
N ILE E 563 44.38 -10.83 -32.97
CA ILE E 563 45.41 -9.89 -32.55
C ILE E 563 45.82 -9.03 -33.74
N LYS E 564 45.86 -7.73 -33.55
CA LYS E 564 46.16 -6.77 -34.61
C LYS E 564 47.48 -6.08 -34.31
N LEU E 565 48.46 -6.24 -35.20
CA LEU E 565 49.74 -5.56 -35.06
C LEU E 565 49.65 -4.14 -35.64
N ARG E 566 50.55 -3.29 -35.17
CA ARG E 566 50.59 -1.90 -35.62
C ARG E 566 51.48 -1.78 -36.85
N GLY E 567 50.93 -1.21 -37.92
CA GLY E 567 51.71 -0.98 -39.12
C GLY E 567 52.60 0.24 -39.06
N ASP E 568 52.18 1.25 -38.29
CA ASP E 568 52.96 2.48 -38.20
C ASP E 568 54.19 2.26 -37.32
N ILE E 569 55.30 2.87 -37.72
CA ILE E 569 56.53 2.81 -36.94
C ILE E 569 56.48 3.88 -35.85
N ASN E 570 56.99 3.54 -34.67
CA ASN E 570 57.06 4.47 -33.55
C ASN E 570 58.45 4.41 -32.95
N ILE E 571 59.03 5.58 -32.65
CA ILE E 571 60.39 5.67 -32.16
C ILE E 571 60.45 6.67 -31.02
N CYS E 572 61.46 6.49 -30.16
CA CYS E 572 61.76 7.41 -29.08
C CYS E 572 63.25 7.70 -29.09
N VAL E 573 63.62 8.97 -29.06
CA VAL E 573 65.01 9.40 -29.13
C VAL E 573 65.41 10.00 -27.79
N VAL E 574 66.57 9.58 -27.28
CA VAL E 574 67.12 10.09 -26.04
C VAL E 574 68.55 10.52 -26.31
N GLY E 575 68.88 11.75 -25.92
CA GLY E 575 70.23 12.25 -26.15
C GLY E 575 70.45 13.54 -25.39
N ASP E 576 71.71 13.97 -25.39
CA ASP E 576 72.10 15.17 -24.67
C ASP E 576 71.55 16.41 -25.37
N PRO E 577 71.42 17.51 -24.64
CA PRO E 577 70.91 18.74 -25.26
C PRO E 577 71.88 19.30 -26.28
N SER E 578 71.35 20.19 -27.12
CA SER E 578 72.11 20.81 -28.21
C SER E 578 72.53 19.79 -29.26
N THR E 579 71.66 18.81 -29.51
CA THR E 579 71.86 17.83 -30.56
C THR E 579 70.85 17.97 -31.70
N SER E 580 70.01 19.01 -31.66
CA SER E 580 69.01 19.29 -32.69
C SER E 580 67.99 18.17 -32.84
N LYS E 581 67.70 17.45 -31.75
CA LYS E 581 66.58 16.51 -31.77
C LYS E 581 65.26 17.25 -31.94
N SER E 582 65.13 18.43 -31.30
CA SER E 582 63.96 19.26 -31.51
C SER E 582 63.89 19.76 -32.95
N GLN E 583 65.05 20.06 -33.55
CA GLN E 583 65.07 20.45 -34.96
C GLN E 583 64.61 19.31 -35.86
N PHE E 584 65.02 18.07 -35.53
CA PHE E 584 64.53 16.91 -36.27
C PHE E 584 63.03 16.76 -36.12
N LEU E 585 62.51 17.00 -34.90
CA LEU E 585 61.07 16.94 -34.70
C LEU E 585 60.35 18.00 -35.52
N LYS E 586 60.91 19.21 -35.59
CA LYS E 586 60.29 20.27 -36.38
C LYS E 586 60.29 19.91 -37.87
N TYR E 587 61.41 19.39 -38.37
CA TYR E 587 61.47 18.99 -39.77
C TYR E 587 60.48 17.87 -40.07
N VAL E 588 60.36 16.90 -39.16
CA VAL E 588 59.43 15.79 -39.36
C VAL E 588 57.99 16.29 -39.36
N VAL E 589 57.67 17.21 -38.43
CA VAL E 589 56.31 17.74 -38.37
C VAL E 589 55.98 18.53 -39.64
N GLY E 590 56.95 19.28 -40.16
CA GLY E 590 56.73 19.99 -41.40
C GLY E 590 56.54 19.05 -42.58
N PHE E 591 57.30 17.95 -42.62
CA PHE E 591 57.24 17.04 -43.75
C PHE E 591 55.96 16.19 -43.72
N ALA E 592 55.58 15.69 -42.56
CA ALA E 592 54.52 14.69 -42.48
C ALA E 592 53.15 15.33 -42.65
N PRO E 593 52.35 14.89 -43.62
CA PRO E 593 50.96 15.35 -43.70
C PRO E 593 50.15 14.83 -42.52
N ARG E 594 49.15 15.62 -42.12
CA ARG E 594 48.29 15.30 -40.98
C ARG E 594 49.12 15.04 -39.73
N SER E 595 49.99 16.00 -39.40
CA SER E 595 50.91 15.89 -38.28
C SER E 595 50.80 17.13 -37.40
N VAL E 596 51.04 16.95 -36.11
CA VAL E 596 51.01 18.03 -35.14
C VAL E 596 52.23 17.91 -34.24
N TYR E 597 52.92 19.03 -34.03
CA TYR E 597 54.09 19.09 -33.16
C TYR E 597 53.75 19.88 -31.91
N THR E 598 54.33 19.46 -30.78
CA THR E 598 54.07 20.13 -29.51
C THR E 598 55.22 19.86 -28.57
N SER E 599 55.39 20.77 -27.60
CA SER E 599 56.37 20.61 -26.54
C SER E 599 55.72 19.89 -25.36
N GLY E 600 56.41 18.86 -24.85
CA GLY E 600 55.80 18.02 -23.84
C GLY E 600 55.58 18.73 -22.51
N LYS E 601 56.53 19.59 -22.11
CA LYS E 601 56.45 20.22 -20.79
C LYS E 601 55.22 21.09 -20.65
N ALA E 602 54.91 21.87 -21.69
CA ALA E 602 53.73 22.74 -21.69
C ALA E 602 52.59 22.05 -22.44
N SER E 603 52.02 21.03 -21.82
CA SER E 603 50.95 20.27 -22.44
C SER E 603 50.16 19.54 -21.37
N SER E 604 48.94 19.14 -21.74
CA SER E 604 48.05 18.37 -20.87
C SER E 604 47.98 16.93 -21.38
N ALA E 605 48.24 15.99 -20.48
CA ALA E 605 48.36 14.58 -20.88
C ALA E 605 47.05 14.06 -21.47
N ALA E 606 45.95 14.23 -20.75
CA ALA E 606 44.66 13.76 -21.25
C ALA E 606 44.21 14.56 -22.46
N GLY E 607 44.47 15.88 -22.45
CA GLY E 607 44.05 16.72 -23.54
C GLY E 607 44.71 16.38 -24.86
N LEU E 608 45.97 15.95 -24.83
CA LEU E 608 46.65 15.53 -26.05
C LEU E 608 45.95 14.33 -26.68
N THR E 609 45.57 13.35 -25.85
CA THR E 609 44.95 12.13 -26.38
C THR E 609 43.52 12.40 -26.84
N ALA E 610 42.73 13.13 -26.05
CA ALA E 610 41.34 13.37 -26.39
C ALA E 610 40.85 14.61 -25.65
N ALA E 611 39.70 15.12 -26.09
CA ALA E 611 39.09 16.27 -25.45
C ALA E 611 37.59 16.04 -25.33
N VAL E 612 37.00 16.60 -24.28
CA VAL E 612 35.56 16.54 -24.05
C VAL E 612 35.09 17.90 -23.55
N VAL E 613 33.96 18.36 -24.07
CA VAL E 613 33.41 19.67 -23.72
C VAL E 613 31.90 19.63 -23.93
N ARG E 614 31.22 20.56 -23.27
CA ARG E 614 29.77 20.70 -23.41
C ARG E 614 29.47 21.69 -24.52
N ASP E 615 28.55 21.31 -25.41
CA ASP E 615 28.17 22.15 -26.54
C ASP E 615 26.72 22.61 -26.37
N GLU E 616 26.45 23.86 -26.73
CA GLU E 616 25.12 24.43 -26.62
C GLU E 616 24.14 23.75 -27.57
N ASP E 620 24.61 20.78 -23.66
CA ASP E 620 24.71 19.33 -23.76
C ASP E 620 26.17 18.89 -23.91
N TYR E 621 26.52 17.78 -23.26
CA TYR E 621 27.88 17.26 -23.36
C TYR E 621 28.19 16.80 -24.78
N THR E 622 29.40 17.10 -25.23
CA THR E 622 29.85 16.71 -26.56
C THR E 622 31.29 16.22 -26.46
N ILE E 623 31.90 15.95 -27.60
CA ILE E 623 33.27 15.47 -27.67
C ILE E 623 34.05 16.36 -28.63
N GLU E 624 35.19 16.88 -28.17
CA GLU E 624 36.06 17.70 -28.99
C GLU E 624 37.27 16.89 -29.45
N ALA E 625 37.75 17.20 -30.65
CA ALA E 625 38.88 16.46 -31.21
C ALA E 625 40.14 16.68 -30.38
N GLY E 626 40.85 15.58 -30.12
CA GLY E 626 42.10 15.67 -29.37
C GLY E 626 43.28 16.04 -30.25
N ALA E 627 44.40 16.34 -29.58
CA ALA E 627 45.61 16.68 -30.32
C ALA E 627 46.18 15.47 -31.06
N LEU E 628 46.01 14.27 -30.51
CA LEU E 628 46.50 13.08 -31.20
C LEU E 628 45.78 12.84 -32.52
N MET E 629 44.50 13.23 -32.60
CA MET E 629 43.77 13.08 -33.85
C MET E 629 44.34 13.98 -34.94
N LEU E 630 44.95 15.11 -34.57
CA LEU E 630 45.61 15.96 -35.54
C LEU E 630 46.80 15.25 -36.18
N ALA E 631 47.41 14.31 -35.46
CA ALA E 631 48.50 13.51 -35.98
C ALA E 631 48.05 12.21 -36.60
N ASP E 632 46.74 11.94 -36.62
CA ASP E 632 46.23 10.66 -37.11
C ASP E 632 46.60 10.47 -38.58
N ASN E 633 46.88 9.21 -38.95
CA ASN E 633 47.33 8.84 -40.29
C ASN E 633 48.61 9.57 -40.67
N GLY E 634 49.42 9.92 -39.69
CA GLY E 634 50.64 10.65 -39.92
C GLY E 634 51.55 10.57 -38.71
N ILE E 635 52.71 11.20 -38.81
CA ILE E 635 53.68 11.19 -37.73
C ILE E 635 53.25 12.16 -36.64
N CYS E 636 53.60 11.83 -35.40
CA CYS E 636 53.37 12.70 -34.26
C CYS E 636 54.72 13.02 -33.62
N CYS E 637 55.09 14.30 -33.66
CA CYS E 637 56.36 14.75 -33.08
C CYS E 637 56.13 15.17 -31.64
N ILE E 638 57.00 14.69 -30.74
CA ILE E 638 56.93 15.01 -29.32
C ILE E 638 58.27 15.62 -28.92
N ASP E 639 58.23 16.89 -28.52
CA ASP E 639 59.41 17.57 -28.01
C ASP E 639 59.35 17.63 -26.49
N GLU E 640 60.53 17.67 -25.87
CA GLU E 640 60.67 17.67 -24.42
C GLU E 640 59.95 16.47 -23.80
N PHE E 641 60.16 15.30 -24.42
CA PHE E 641 59.49 14.09 -23.96
C PHE E 641 59.89 13.73 -22.54
N ASP E 642 61.17 13.92 -22.20
CA ASP E 642 61.60 13.69 -20.82
C ASP E 642 60.92 14.67 -19.87
N LYS E 643 60.76 15.92 -20.29
CA LYS E 643 60.06 16.90 -19.46
C LYS E 643 58.59 16.56 -19.33
N MET E 644 58.02 15.87 -20.31
CA MET E 644 56.63 15.46 -20.24
C MET E 644 56.44 14.39 -19.16
N ASP E 645 55.20 14.29 -18.67
CA ASP E 645 54.90 13.40 -17.57
C ASP E 645 55.05 11.94 -17.99
N ILE E 646 55.66 11.15 -17.11
CA ILE E 646 55.73 9.71 -17.32
C ILE E 646 54.33 9.10 -17.36
N SER E 647 53.37 9.75 -16.69
CA SER E 647 51.98 9.33 -16.82
C SER E 647 51.50 9.50 -18.24
N ASP E 648 51.87 10.61 -18.89
CA ASP E 648 51.53 10.80 -20.31
C ASP E 648 52.24 9.78 -21.18
N GLN E 649 53.49 9.43 -20.84
CA GLN E 649 54.19 8.41 -21.61
C GLN E 649 53.49 7.05 -21.49
N VAL E 650 53.05 6.70 -20.28
CA VAL E 650 52.32 5.45 -20.08
C VAL E 650 50.96 5.51 -20.79
N ALA E 651 50.33 6.67 -20.84
CA ALA E 651 49.09 6.80 -21.60
C ALA E 651 49.33 6.57 -23.09
N ILE E 652 50.44 7.10 -23.62
CA ILE E 652 50.80 6.84 -25.00
C ILE E 652 51.02 5.35 -25.23
N HIS E 653 51.71 4.70 -24.29
CA HIS E 653 51.92 3.25 -24.40
C HIS E 653 50.58 2.51 -24.36
N GLU E 654 49.63 2.99 -23.56
CA GLU E 654 48.30 2.39 -23.51
C GLU E 654 47.56 2.59 -24.82
N ALA E 655 47.82 3.69 -25.53
CA ALA E 655 47.17 3.97 -26.81
C ALA E 655 48.14 3.90 -27.97
N MET E 656 49.18 3.07 -27.87
CA MET E 656 50.15 2.91 -28.96
C MET E 656 49.90 1.66 -29.78
N GLU E 657 49.97 0.48 -29.14
CA GLU E 657 49.77 -0.77 -29.87
C GLU E 657 48.29 -1.07 -30.06
N GLN E 658 47.48 -0.82 -29.02
CA GLN E 658 46.04 -1.03 -29.13
C GLN E 658 45.34 0.13 -29.83
N GLN E 659 45.94 1.32 -29.83
CA GLN E 659 45.32 2.54 -30.37
C GLN E 659 43.95 2.68 -29.70
N THR E 660 42.90 3.00 -30.45
CA THR E 660 41.51 2.95 -29.98
C THR E 660 41.32 3.79 -28.71
N ILE E 661 41.61 5.08 -28.83
CA ILE E 661 41.32 6.01 -27.76
C ILE E 661 39.82 6.14 -27.60
N SER E 662 39.36 6.13 -26.34
CA SER E 662 37.92 6.16 -26.06
C SER E 662 37.64 7.13 -24.92
N ILE E 663 36.40 7.61 -24.88
CA ILE E 663 35.93 8.53 -23.85
C ILE E 663 34.82 7.84 -23.07
N ALA E 664 34.84 8.01 -21.74
CA ALA E 664 33.82 7.46 -20.87
C ALA E 664 33.33 8.46 -19.84
N LYS E 665 33.75 9.72 -19.93
CA LYS E 665 33.38 10.75 -18.98
C LYS E 665 32.19 11.54 -19.48
N ALA E 666 31.63 12.35 -18.58
CA ALA E 666 30.49 13.24 -18.84
C ALA E 666 29.24 12.50 -19.27
N GLY E 667 29.18 11.18 -19.08
CA GLY E 667 28.03 10.39 -19.45
C GLY E 667 27.94 10.07 -20.93
N ILE E 668 28.90 10.50 -21.74
CA ILE E 668 28.90 10.28 -23.18
C ILE E 668 30.10 9.43 -23.53
N HIS E 669 29.86 8.32 -24.24
CA HIS E 669 30.92 7.42 -24.68
C HIS E 669 31.26 7.71 -26.14
N ALA E 670 32.54 7.93 -26.41
CA ALA E 670 33.02 8.23 -27.75
C ALA E 670 34.26 7.41 -28.05
N THR E 671 34.48 7.14 -29.33
CA THR E 671 35.60 6.33 -29.79
C THR E 671 36.47 7.12 -30.73
N LEU E 672 37.77 6.84 -30.70
CA LEU E 672 38.75 7.48 -31.56
C LEU E 672 39.71 6.43 -32.09
N ASN E 673 39.98 6.47 -33.40
CA ASN E 673 40.82 5.46 -34.02
C ASN E 673 42.25 5.53 -33.49
N ALA E 674 42.80 6.74 -33.38
CA ALA E 674 44.14 6.98 -32.83
C ALA E 674 45.20 6.17 -33.58
N ARG E 675 45.25 6.38 -34.89
CA ARG E 675 46.21 5.70 -35.77
C ARG E 675 47.24 6.73 -36.23
N THR E 676 48.44 6.66 -35.65
CA THR E 676 49.48 7.62 -35.96
C THR E 676 50.84 7.04 -35.61
N SER E 677 51.88 7.66 -36.17
CA SER E 677 53.26 7.37 -35.82
C SER E 677 53.73 8.36 -34.76
N ILE E 678 54.60 7.89 -33.86
CA ILE E 678 55.05 8.68 -32.72
C ILE E 678 56.56 8.89 -32.81
N LEU E 679 56.97 10.14 -32.70
CA LEU E 679 58.39 10.51 -32.63
C LEU E 679 58.60 11.37 -31.40
N ALA E 680 59.70 11.14 -30.69
CA ALA E 680 59.96 11.82 -29.44
C ALA E 680 61.42 12.27 -29.37
N ALA E 681 61.65 13.36 -28.62
CA ALA E 681 62.97 13.86 -28.32
C ALA E 681 63.06 14.12 -26.83
N ALA E 682 64.17 13.69 -26.21
CA ALA E 682 64.27 13.74 -24.76
C ALA E 682 65.72 13.96 -24.34
N ASN E 683 65.88 14.49 -23.13
CA ASN E 683 67.19 14.64 -22.51
C ASN E 683 67.38 13.54 -21.49
N PRO E 684 68.41 12.71 -21.62
CA PRO E 684 68.59 11.61 -20.65
C PRO E 684 68.91 12.13 -19.26
N VAL E 685 68.74 11.24 -18.28
CA VAL E 685 68.95 11.61 -16.88
C VAL E 685 70.35 12.15 -16.69
N GLY E 686 70.46 13.21 -15.88
CA GLY E 686 71.72 13.91 -15.71
C GLY E 686 71.98 15.00 -16.71
N GLY E 687 71.09 15.22 -17.66
CA GLY E 687 71.26 16.24 -18.68
C GLY E 687 72.12 15.83 -19.86
N ARG E 688 72.68 14.62 -19.84
CA ARG E 688 73.51 14.14 -20.94
C ARG E 688 73.46 12.63 -20.95
N TYR E 689 73.53 12.04 -22.14
CA TYR E 689 73.48 10.59 -22.27
C TYR E 689 74.69 9.96 -21.61
N ASN E 690 74.45 8.91 -20.82
CA ASN E 690 75.49 8.17 -20.13
C ASN E 690 75.60 6.80 -20.77
N ARG E 691 76.73 6.56 -21.45
CA ARG E 691 76.94 5.28 -22.12
C ARG E 691 76.98 4.13 -21.12
N LYS E 692 77.55 4.38 -19.94
CA LYS E 692 77.58 3.35 -18.90
C LYS E 692 76.17 3.01 -18.43
N LEU E 693 75.30 4.02 -18.35
CA LEU E 693 73.91 3.76 -17.97
C LEU E 693 73.21 2.95 -19.05
N SER E 694 72.34 2.05 -18.61
CA SER E 694 71.65 1.15 -19.54
C SER E 694 70.70 1.95 -20.44
N LEU E 695 70.44 1.39 -21.63
CA LEU E 695 69.53 2.03 -22.56
C LEU E 695 68.13 2.16 -21.97
N ARG E 696 67.70 1.17 -21.20
CA ARG E 696 66.46 1.24 -20.44
C ARG E 696 66.75 1.88 -19.09
N GLY E 697 65.97 2.92 -18.75
CA GLY E 697 66.14 3.65 -17.52
C GLY E 697 66.89 4.96 -17.66
N ASN E 698 67.60 5.16 -18.77
CA ASN E 698 68.21 6.46 -19.03
C ASN E 698 67.14 7.53 -19.17
N LEU E 699 66.02 7.20 -19.81
CA LEU E 699 64.83 8.03 -19.84
C LEU E 699 63.70 7.21 -19.23
N ASN E 700 63.26 7.61 -18.04
CA ASN E 700 62.28 6.81 -17.29
C ASN E 700 60.98 6.69 -18.06
N MET E 701 60.64 5.45 -18.43
CA MET E 701 59.42 5.15 -19.15
C MET E 701 59.10 3.68 -18.98
N THR E 702 57.85 3.31 -19.30
CA THR E 702 57.39 1.95 -19.06
C THR E 702 58.17 0.95 -19.91
N ALA E 703 58.50 -0.18 -19.28
CA ALA E 703 59.24 -1.23 -19.99
C ALA E 703 58.48 -1.81 -21.17
N PRO E 704 57.18 -2.13 -21.05
CA PRO E 704 56.45 -2.59 -22.23
C PRO E 704 56.41 -1.55 -23.34
N ILE E 705 56.32 -0.27 -23.00
CA ILE E 705 56.36 0.78 -24.01
C ILE E 705 57.72 0.81 -24.70
N MET E 706 58.80 0.66 -23.93
CA MET E 706 60.13 0.61 -24.51
C MET E 706 60.28 -0.59 -25.44
N SER E 707 59.72 -1.73 -25.05
CA SER E 707 59.75 -2.91 -25.91
C SER E 707 58.97 -2.69 -27.20
N ARG E 708 57.78 -2.08 -27.09
CA ARG E 708 56.96 -1.85 -28.27
C ARG E 708 57.58 -0.80 -29.20
N PHE E 709 58.37 0.11 -28.65
CA PHE E 709 59.06 1.10 -29.48
C PHE E 709 60.02 0.41 -30.43
N ASP E 710 59.97 0.81 -31.70
CA ASP E 710 60.79 0.15 -32.72
C ASP E 710 62.27 0.38 -32.48
N LEU E 711 62.66 1.58 -32.06
CA LEU E 711 64.07 1.90 -31.89
C LEU E 711 64.23 2.90 -30.76
N PHE E 712 65.41 2.86 -30.13
CA PHE E 712 65.79 3.80 -29.08
C PHE E 712 67.13 4.42 -29.49
N PHE E 713 67.08 5.58 -30.13
CA PHE E 713 68.28 6.22 -30.63
C PHE E 713 69.11 6.79 -29.48
N VAL E 714 70.43 6.69 -29.61
CA VAL E 714 71.38 7.23 -28.63
C VAL E 714 72.21 8.31 -29.30
N ILE E 715 72.25 9.49 -28.70
CA ILE E 715 73.01 10.61 -29.21
C ILE E 715 74.08 10.97 -28.18
N LEU E 716 75.33 10.99 -28.62
CA LEU E 716 76.46 11.31 -27.76
C LEU E 716 77.35 12.32 -28.46
N ASP E 717 77.80 13.32 -27.71
CA ASP E 717 78.68 14.34 -28.27
C ASP E 717 80.02 13.73 -28.66
N ASP E 718 80.52 14.13 -29.83
CA ASP E 718 81.79 13.64 -30.34
C ASP E 718 82.84 14.73 -30.13
N CYS E 719 83.91 14.37 -29.43
CA CYS E 719 84.99 15.31 -29.15
C CYS E 719 86.00 15.41 -30.29
N ASN E 720 85.79 14.67 -31.38
CA ASN E 720 86.72 14.71 -32.50
C ASN E 720 86.80 16.11 -33.07
N GLU E 721 88.04 16.59 -33.26
CA GLU E 721 88.25 17.95 -33.75
C GLU E 721 87.71 18.12 -35.15
N LYS E 722 87.84 17.09 -35.99
CA LYS E 722 87.31 17.17 -37.35
C LYS E 722 85.79 17.32 -37.34
N ILE E 723 85.10 16.54 -36.50
CA ILE E 723 83.65 16.65 -36.41
C ILE E 723 83.24 18.00 -35.86
N ASP E 724 83.99 18.50 -34.86
CA ASP E 724 83.68 19.82 -34.29
C ASP E 724 83.83 20.90 -35.34
N THR E 725 84.92 20.88 -36.11
CA THR E 725 85.13 21.88 -37.15
C THR E 725 84.09 21.77 -38.25
N GLU E 726 83.71 20.54 -38.61
CA GLU E 726 82.69 20.35 -39.64
C GLU E 726 81.34 20.91 -39.19
N LEU E 727 80.94 20.62 -37.95
CA LEU E 727 79.68 21.15 -37.45
C LEU E 727 79.72 22.67 -37.35
N ALA E 728 80.85 23.23 -36.89
CA ALA E 728 80.97 24.68 -36.81
C ALA E 728 80.88 25.33 -38.18
N SER E 729 81.58 24.77 -39.17
CA SER E 729 81.54 25.31 -40.52
C SER E 729 80.14 25.20 -41.11
N HIS E 730 79.45 24.08 -40.86
CA HIS E 730 78.09 23.92 -41.37
C HIS E 730 77.15 24.94 -40.76
N ILE E 731 77.25 25.16 -39.44
CA ILE E 731 76.39 26.14 -38.78
C ILE E 731 76.69 27.54 -39.28
N VAL E 732 77.97 27.87 -39.45
CA VAL E 732 78.35 29.20 -39.92
C VAL E 732 77.86 29.41 -41.35
N ASP E 733 78.01 28.40 -42.21
CA ASP E 733 77.53 28.52 -43.58
C ASP E 733 76.01 28.65 -43.62
N LEU E 734 75.31 27.94 -42.73
CA LEU E 734 73.87 28.10 -42.64
C LEU E 734 73.51 29.53 -42.26
N HIS E 735 74.11 30.05 -41.20
CA HIS E 735 73.82 31.41 -40.77
C HIS E 735 74.15 32.44 -41.84
N MET E 736 75.17 32.16 -42.66
CA MET E 736 75.56 33.11 -43.70
C MET E 736 74.64 33.06 -44.91
N LYS E 737 74.28 31.85 -45.36
CA LYS E 737 73.66 31.67 -46.67
C LYS E 737 72.23 31.16 -46.62
N ARG E 738 71.60 31.13 -45.45
CA ARG E 738 70.18 30.73 -45.32
C ARG E 738 70.05 29.30 -45.84
N ASP E 739 69.14 29.03 -46.77
CA ASP E 739 68.89 27.66 -47.24
C ASP E 739 69.95 27.15 -48.20
N GLU E 740 70.79 28.02 -48.76
CA GLU E 740 71.74 27.60 -49.78
C GLU E 740 72.78 26.63 -49.23
N ALA E 741 73.09 26.72 -47.94
CA ALA E 741 74.11 25.86 -47.35
C ALA E 741 73.70 24.39 -47.39
N ILE E 742 72.41 24.11 -47.15
CA ILE E 742 71.93 22.74 -47.14
C ILE E 742 71.91 22.18 -48.55
N GLU E 743 72.37 20.94 -48.71
CA GLU E 743 72.38 20.25 -50.00
C GLU E 743 71.82 18.84 -49.83
N PRO E 744 70.52 18.73 -49.56
CA PRO E 744 69.91 17.41 -49.48
C PRO E 744 69.89 16.74 -50.85
N PRO E 745 70.03 15.42 -50.90
CA PRO E 745 69.96 14.73 -52.20
C PRO E 745 68.63 14.91 -52.91
N PHE E 746 67.53 15.03 -52.16
CA PHE E 746 66.20 15.16 -52.74
C PHE E 746 65.49 16.36 -52.12
N SER E 747 64.64 17.00 -52.93
CA SER E 747 63.81 18.09 -52.44
C SER E 747 62.76 17.55 -51.48
N ALA E 748 62.26 18.43 -50.61
CA ALA E 748 61.28 18.01 -49.62
C ALA E 748 59.98 17.53 -50.27
N GLU E 749 59.51 18.25 -51.28
CA GLU E 749 58.28 17.84 -51.96
C GLU E 749 58.46 16.53 -52.71
N GLN E 750 59.61 16.37 -53.36
CA GLN E 750 59.88 15.11 -54.07
C GLN E 750 59.96 13.94 -53.09
N LEU E 751 60.60 14.15 -51.94
CA LEU E 751 60.67 13.11 -50.93
C LEU E 751 59.29 12.78 -50.37
N ARG E 752 58.44 13.80 -50.21
CA ARG E 752 57.06 13.55 -49.76
C ARG E 752 56.29 12.73 -50.79
N ARG E 753 56.46 13.04 -52.08
CA ARG E 753 55.82 12.26 -53.12
C ARG E 753 56.32 10.81 -53.12
N TYR E 754 57.63 10.63 -52.92
CA TYR E 754 58.19 9.28 -52.82
C TYR E 754 57.63 8.54 -51.62
N ILE E 755 57.45 9.24 -50.50
CA ILE E 755 56.86 8.63 -49.30
C ILE E 755 55.43 8.20 -49.58
N LYS E 756 54.67 9.04 -50.28
CA LYS E 756 53.30 8.68 -50.63
C LYS E 756 53.25 7.46 -51.54
N TYR E 757 54.15 7.41 -52.54
CA TYR E 757 54.20 6.25 -53.43
C TYR E 757 54.57 4.99 -52.66
N ALA E 758 55.56 5.09 -51.76
CA ALA E 758 55.96 3.94 -50.96
C ALA E 758 54.82 3.49 -50.03
N ARG E 759 54.07 4.44 -49.49
CA ARG E 759 52.91 4.09 -48.68
C ARG E 759 51.85 3.38 -49.50
N THR E 760 51.68 3.80 -50.76
CA THR E 760 50.80 3.07 -51.67
C THR E 760 51.30 1.66 -51.89
N PHE E 761 52.62 1.48 -51.91
CA PHE E 761 53.19 0.14 -51.97
C PHE E 761 53.05 -0.56 -50.62
N LYS E 762 52.81 -1.87 -50.66
CA LYS E 762 52.73 -2.69 -49.45
C LYS E 762 53.73 -3.83 -49.57
N PRO E 763 54.90 -3.72 -48.94
CA PRO E 763 55.92 -4.78 -49.07
C PRO E 763 55.42 -6.10 -48.51
N ILE E 764 55.83 -7.20 -49.15
CA ILE E 764 55.42 -8.54 -48.79
C ILE E 764 56.66 -9.34 -48.40
N LEU E 765 56.56 -10.10 -47.32
CA LEU E 765 57.68 -10.91 -46.85
C LEU E 765 57.96 -12.05 -47.80
N THR E 766 59.23 -12.26 -48.10
CA THR E 766 59.66 -13.42 -48.87
C THR E 766 59.96 -14.59 -47.92
N LYS E 767 60.08 -15.79 -48.49
CA LYS E 767 60.44 -16.95 -47.67
C LYS E 767 61.87 -16.84 -47.17
N GLU E 768 62.80 -16.45 -48.04
CA GLU E 768 64.17 -16.18 -47.60
C GLU E 768 64.20 -15.03 -46.61
N ALA E 769 63.33 -14.03 -46.80
CA ALA E 769 63.25 -12.93 -45.84
C ALA E 769 62.78 -13.43 -44.48
N ARG E 770 61.84 -14.38 -44.46
CA ARG E 770 61.38 -14.95 -43.19
C ARG E 770 62.48 -15.75 -42.51
N SER E 771 63.24 -16.53 -43.29
CA SER E 771 64.37 -17.26 -42.71
C SER E 771 65.41 -16.29 -42.15
N TYR E 772 65.67 -15.20 -42.86
CA TYR E 772 66.61 -14.19 -42.38
C TYR E 772 66.09 -13.52 -41.12
N LEU E 773 64.78 -13.27 -41.05
CA LEU E 773 64.19 -12.68 -39.85
C LEU E 773 64.32 -13.64 -38.67
N VAL E 774 64.16 -14.94 -38.93
CA VAL E 774 64.37 -15.94 -37.89
C VAL E 774 65.79 -15.87 -37.36
N GLU E 775 66.76 -15.84 -38.27
CA GLU E 775 68.16 -15.78 -37.86
C GLU E 775 68.47 -14.49 -37.10
N LYS E 776 67.89 -13.38 -37.55
CA LYS E 776 68.14 -12.09 -36.89
C LYS E 776 67.52 -12.03 -35.50
N TYR E 777 66.32 -12.60 -35.34
CA TYR E 777 65.71 -12.67 -34.02
C TYR E 777 66.53 -13.56 -33.09
N LYS E 778 67.07 -14.66 -33.61
CA LYS E 778 67.96 -15.48 -32.80
C LYS E 778 69.21 -14.71 -32.40
N GLU E 779 69.77 -13.91 -33.32
CA GLU E 779 70.93 -13.10 -32.99
C GLU E 779 70.61 -12.06 -31.93
N LEU E 780 69.42 -11.45 -32.01
CA LEU E 780 69.01 -10.48 -31.00
C LEU E 780 68.83 -11.14 -29.63
N ARG E 781 68.26 -12.35 -29.60
CA ARG E 781 68.16 -13.08 -28.34
C ARG E 781 69.54 -13.41 -27.78
N LYS E 782 70.48 -13.78 -28.65
CA LYS E 782 71.84 -14.03 -28.20
C LYS E 782 72.48 -12.76 -27.64
N ASP E 783 72.20 -11.61 -28.27
CA ASP E 783 72.66 -10.34 -27.72
C ASP E 783 72.06 -10.07 -26.36
N ASP E 784 70.79 -10.45 -26.18
CA ASP E 784 70.16 -10.36 -24.86
C ASP E 784 70.90 -11.24 -23.85
N ALA E 785 71.38 -12.40 -24.28
CA ALA E 785 72.17 -13.28 -23.41
C ALA E 785 73.54 -12.68 -23.10
N SER E 792 68.29 -9.61 -21.78
CA SER E 792 66.99 -10.27 -21.73
C SER E 792 65.86 -9.29 -21.99
N TYR E 793 65.82 -8.22 -21.20
CA TYR E 793 64.76 -7.23 -21.33
C TYR E 793 64.87 -6.44 -22.63
N ARG E 794 66.08 -6.28 -23.15
CA ARG E 794 66.28 -5.42 -24.32
C ARG E 794 65.61 -5.98 -25.56
N ILE E 795 65.61 -7.30 -25.73
CA ILE E 795 65.14 -7.95 -26.94
C ILE E 795 63.93 -8.80 -26.62
N THR E 796 62.94 -8.80 -27.52
CA THR E 796 61.73 -9.59 -27.34
C THR E 796 61.02 -9.77 -28.68
N VAL E 797 59.85 -10.41 -28.61
CA VAL E 797 59.02 -10.57 -29.81
C VAL E 797 58.59 -9.20 -30.33
N ARG E 798 58.49 -8.20 -29.46
CA ARG E 798 58.26 -6.84 -29.91
C ARG E 798 59.43 -6.35 -30.76
N GLN E 799 60.65 -6.75 -30.41
CA GLN E 799 61.80 -6.43 -31.25
C GLN E 799 61.69 -7.13 -32.60
N LEU E 800 61.18 -8.36 -32.62
CA LEU E 800 60.94 -9.01 -33.91
C LEU E 800 59.89 -8.27 -34.74
N GLU E 801 58.83 -7.78 -34.10
CA GLU E 801 57.82 -7.01 -34.80
C GLU E 801 58.41 -5.72 -35.36
N SER E 802 59.28 -5.06 -34.57
CA SER E 802 59.98 -3.88 -35.04
C SER E 802 60.87 -4.21 -36.23
N MET E 803 61.51 -5.38 -36.20
CA MET E 803 62.32 -5.81 -37.34
C MET E 803 61.48 -5.96 -38.59
N ILE E 804 60.30 -6.56 -38.47
CA ILE E 804 59.42 -6.71 -39.63
C ILE E 804 58.96 -5.36 -40.15
N ARG E 805 58.60 -4.45 -39.24
CA ARG E 805 58.15 -3.12 -39.65
C ARG E 805 59.28 -2.35 -40.35
N LEU E 806 60.48 -2.43 -39.80
CA LEU E 806 61.61 -1.74 -40.42
C LEU E 806 61.99 -2.38 -41.75
N SER E 807 61.82 -3.70 -41.88
CA SER E 807 62.05 -4.34 -43.17
C SER E 807 61.05 -3.85 -44.21
N GLU E 808 59.79 -3.72 -43.83
CA GLU E 808 58.79 -3.16 -44.74
C GLU E 808 59.13 -1.72 -45.13
N ALA E 809 59.56 -0.93 -44.15
CA ALA E 809 59.94 0.46 -44.44
C ALA E 809 61.15 0.52 -45.35
N ILE E 810 62.12 -0.39 -45.16
CA ILE E 810 63.32 -0.41 -46.01
C ILE E 810 62.96 -0.84 -47.42
N ALA E 811 62.05 -1.80 -47.56
CA ALA E 811 61.59 -2.19 -48.89
C ALA E 811 60.86 -1.03 -49.57
N ARG E 812 60.11 -0.25 -48.80
CA ARG E 812 59.47 0.95 -49.35
C ARG E 812 60.51 1.98 -49.79
N ALA E 813 61.54 2.20 -48.97
CA ALA E 813 62.57 3.17 -49.32
C ALA E 813 63.37 2.75 -50.54
N ASN E 814 63.68 1.46 -50.65
CA ASN E 814 64.40 0.92 -51.80
C ASN E 814 63.51 0.66 -52.99
N CYS E 815 62.19 0.88 -52.85
CA CYS E 815 61.19 0.69 -53.89
C CYS E 815 61.04 -0.77 -54.31
N VAL E 816 61.68 -1.70 -53.58
CA VAL E 816 61.50 -3.11 -53.88
C VAL E 816 60.10 -3.54 -53.47
N ASP E 817 59.45 -4.32 -54.35
CA ASP E 817 58.07 -4.70 -54.12
C ASP E 817 57.92 -5.58 -52.88
N GLU E 818 58.90 -6.44 -52.62
CA GLU E 818 58.82 -7.41 -51.54
C GLU E 818 59.95 -7.20 -50.54
N ILE E 819 59.73 -7.69 -49.33
CA ILE E 819 60.79 -7.65 -48.32
C ILE E 819 61.94 -8.54 -48.76
N THR E 820 63.15 -8.12 -48.42
CA THR E 820 64.35 -8.84 -48.83
C THR E 820 65.19 -9.18 -47.61
N PRO E 821 66.01 -10.23 -47.71
CA PRO E 821 66.92 -10.53 -46.60
C PRO E 821 67.89 -9.40 -46.31
N SER E 822 68.31 -8.65 -47.33
CA SER E 822 69.13 -7.47 -47.10
C SER E 822 68.36 -6.39 -46.34
N PHE E 823 67.07 -6.23 -46.65
CA PHE E 823 66.25 -5.28 -45.91
C PHE E 823 66.10 -5.71 -44.45
N ILE E 824 65.93 -7.01 -44.21
CA ILE E 824 65.86 -7.50 -42.84
C ILE E 824 67.20 -7.31 -42.14
N ALA E 825 68.31 -7.44 -42.87
CA ALA E 825 69.62 -7.19 -42.29
C ALA E 825 69.77 -5.73 -41.91
N GLU E 826 69.29 -4.81 -42.75
CA GLU E 826 69.33 -3.39 -42.40
C GLU E 826 68.46 -3.10 -41.19
N ALA E 827 67.30 -3.75 -41.11
CA ALA E 827 66.43 -3.58 -39.94
C ALA E 827 67.12 -4.08 -38.67
N TYR E 828 67.78 -5.23 -38.76
CA TYR E 828 68.52 -5.76 -37.61
C TYR E 828 69.68 -4.85 -37.24
N ASP E 829 70.33 -4.25 -38.24
CA ASP E 829 71.41 -3.31 -37.96
C ASP E 829 70.90 -2.06 -37.23
N LEU E 830 69.74 -1.55 -37.65
CA LEU E 830 69.15 -0.41 -36.95
C LEU E 830 68.75 -0.78 -35.54
N LEU E 831 68.18 -1.97 -35.35
CA LEU E 831 67.83 -2.43 -34.01
C LEU E 831 69.07 -2.59 -33.14
N ARG E 832 70.16 -3.09 -33.71
CA ARG E 832 71.40 -3.24 -32.95
C ARG E 832 72.00 -1.88 -32.61
N GLN E 833 71.87 -0.91 -33.51
CA GLN E 833 72.30 0.45 -33.20
C GLN E 833 71.49 1.03 -32.04
N SER E 834 70.18 0.72 -32.02
CA SER E 834 69.37 1.10 -30.86
C SER E 834 69.85 0.38 -29.60
N ILE E 835 70.27 -0.88 -29.75
CA ILE E 835 70.78 -1.63 -28.60
C ILE E 835 72.04 -0.97 -28.05
N ILE E 836 72.92 -0.52 -28.93
CA ILE E 836 74.16 0.18 -28.56
C ILE E 836 75.00 -0.64 -27.59
N ALA F 4 -7.75 52.12 8.68
CA ALA F 4 -6.46 51.60 8.24
C ALA F 4 -5.31 52.41 8.84
N LEU F 5 -5.59 53.65 9.20
CA LEU F 5 -4.59 54.57 9.75
C LEU F 5 -5.14 55.22 11.01
N PRO F 6 -5.21 54.46 12.11
CA PRO F 6 -5.71 55.04 13.36
C PRO F 6 -4.75 56.05 13.95
N SER F 7 -5.10 57.32 13.89
CA SER F 7 -4.25 58.37 14.43
C SER F 7 -4.17 58.26 15.95
N ILE F 8 -2.97 58.45 16.49
CA ILE F 8 -2.73 58.38 17.92
C ILE F 8 -1.99 59.65 18.32
N GLN F 9 -2.66 60.51 19.08
CA GLN F 9 -2.00 61.71 19.59
C GLN F 9 -0.94 61.31 20.61
N LEU F 10 0.23 61.93 20.50
CA LEU F 10 1.38 61.60 21.32
C LEU F 10 1.89 62.85 22.02
N PRO F 11 2.61 62.70 23.12
CA PRO F 11 3.11 63.85 23.89
C PRO F 11 4.28 64.57 23.22
N VAL F 12 4.12 64.88 21.93
CA VAL F 12 5.12 65.60 21.17
C VAL F 12 4.44 66.27 19.99
N ASP F 13 4.82 67.51 19.72
CA ASP F 13 4.32 68.26 18.58
C ASP F 13 5.52 68.69 17.73
N TYR F 14 5.58 68.18 16.50
CA TYR F 14 6.71 68.46 15.64
C TYR F 14 6.86 69.96 15.35
N ASN F 15 5.74 70.67 15.26
CA ASN F 15 5.81 72.12 14.99
C ASN F 15 6.50 72.87 16.11
N ASN F 16 6.06 72.64 17.35
CA ASN F 16 6.68 73.32 18.49
C ASN F 16 8.11 72.85 18.70
N LEU F 17 8.38 71.56 18.45
CA LEU F 17 9.74 71.06 18.57
C LEU F 17 10.66 71.71 17.55
N PHE F 18 10.18 71.89 16.32
CA PHE F 18 10.97 72.57 15.30
C PHE F 18 11.14 74.05 15.61
N ASN F 19 10.13 74.68 16.21
CA ASN F 19 10.29 76.06 16.67
C ASN F 19 11.37 76.16 17.73
N GLU F 20 11.40 75.20 18.67
CA GLU F 20 12.45 75.18 19.68
C GLU F 20 13.81 74.93 19.04
N ILE F 21 13.86 74.09 18.01
CA ILE F 21 15.13 73.81 17.32
C ILE F 21 15.64 75.07 16.62
N THR F 22 14.75 75.79 15.94
CA THR F 22 15.13 77.03 15.27
C THR F 22 15.57 78.08 16.28
N ASP F 23 14.90 78.13 17.43
CA ASP F 23 15.33 79.04 18.50
C ASP F 23 16.71 78.66 19.01
N PHE F 24 16.96 77.36 19.17
CA PHE F 24 18.26 76.89 19.66
C PHE F 24 19.37 77.19 18.67
N LEU F 25 19.07 77.10 17.37
CA LEU F 25 20.09 77.38 16.36
C LEU F 25 20.61 78.81 16.47
N VAL F 26 19.72 79.75 16.76
CA VAL F 26 20.13 81.15 16.86
C VAL F 26 20.63 81.52 18.25
N THR F 27 20.07 80.91 19.30
CA THR F 27 20.42 81.29 20.67
C THR F 27 21.67 80.60 21.18
N PHE F 28 21.86 79.33 20.84
CA PHE F 28 22.99 78.57 21.36
C PHE F 28 24.30 79.16 20.87
N LYS F 29 25.26 79.26 21.80
CA LYS F 29 26.58 79.76 21.47
C LYS F 29 27.59 79.12 22.42
N GLN F 30 28.84 79.05 21.97
CA GLN F 30 29.90 78.50 22.79
C GLN F 30 30.44 79.55 23.75
N ASP F 31 29.54 80.21 24.48
CA ASP F 31 29.96 81.24 25.42
C ASP F 31 30.76 80.65 26.57
N THR F 32 30.39 79.45 27.03
CA THR F 32 31.16 78.77 28.06
C THR F 32 32.56 78.45 27.56
N LEU F 33 32.68 77.99 26.32
CA LEU F 33 33.99 77.80 25.73
C LEU F 33 34.71 79.12 25.52
N SER F 34 33.97 80.20 25.25
CA SER F 34 34.56 81.51 25.04
C SER F 34 35.04 82.11 26.36
N GLY F 60 28.92 86.18 17.18
CA GLY F 60 27.57 85.65 17.11
C GLY F 60 27.46 84.23 17.62
N PRO F 61 26.27 83.64 17.49
CA PRO F 61 26.08 82.26 17.93
C PRO F 61 26.99 81.31 17.16
N LYS F 62 27.41 80.24 17.83
CA LYS F 62 28.27 79.25 17.18
C LYS F 62 27.57 78.54 16.04
N TYR F 63 26.30 78.18 16.24
CA TYR F 63 25.53 77.57 15.16
C TYR F 63 25.33 78.56 14.03
N MET F 64 25.13 79.84 14.35
CA MET F 64 25.03 80.87 13.31
C MET F 64 26.35 81.01 12.55
N ALA F 65 27.48 80.87 13.25
CA ALA F 65 28.78 80.92 12.57
C ALA F 65 28.96 79.75 11.63
N MET F 66 28.56 78.55 12.06
CA MET F 66 28.59 77.40 11.17
C MET F 66 27.67 77.60 9.97
N LEU F 67 26.50 78.20 10.20
CA LEU F 67 25.58 78.49 9.10
C LEU F 67 26.18 79.50 8.13
N GLN F 68 26.89 80.50 8.65
CA GLN F 68 27.55 81.47 7.78
C GLN F 68 28.66 80.81 6.97
N LYS F 69 29.41 79.89 7.60
CA LYS F 69 30.43 79.15 6.87
C LYS F 69 29.80 78.30 5.76
N VAL F 70 28.65 77.69 6.04
CA VAL F 70 27.95 76.92 5.01
C VAL F 70 27.44 77.83 3.90
N ALA F 71 26.98 79.04 4.26
CA ALA F 71 26.54 79.99 3.26
C ALA F 71 27.69 80.41 2.36
N ASN F 72 28.88 80.60 2.93
CA ASN F 72 30.08 80.83 2.13
C ASN F 72 30.53 79.58 1.40
N ARG F 73 29.90 78.44 1.65
CA ARG F 73 30.28 77.11 1.16
C ARG F 73 31.62 76.65 1.73
N GLU F 74 32.15 77.35 2.72
CA GLU F 74 33.36 76.87 3.41
C GLU F 74 33.06 75.63 4.23
N LEU F 75 31.80 75.47 4.66
CA LEU F 75 31.35 74.28 5.38
C LEU F 75 30.37 73.52 4.50
N ASN F 76 30.71 72.28 4.19
CA ASN F 76 29.90 71.44 3.31
C ASN F 76 28.97 70.50 4.07
N SER F 77 28.95 70.58 5.40
CA SER F 77 28.09 69.72 6.20
C SER F 77 27.88 70.35 7.56
N VAL F 78 26.85 69.89 8.26
CA VAL F 78 26.48 70.39 9.56
C VAL F 78 26.41 69.23 10.54
N ILE F 79 26.92 69.44 11.75
CA ILE F 79 26.85 68.45 12.82
C ILE F 79 26.21 69.12 14.03
N ILE F 80 25.03 68.67 14.42
CA ILE F 80 24.30 69.21 15.56
C ILE F 80 24.63 68.35 16.77
N ASP F 81 25.19 68.98 17.80
CA ASP F 81 25.61 68.25 18.99
C ASP F 81 24.42 68.01 19.91
N LEU F 82 24.22 66.75 20.29
CA LEU F 82 23.19 66.42 21.27
C LEU F 82 23.51 67.02 22.63
N ASP F 83 24.81 67.08 22.98
CA ASP F 83 25.19 67.75 24.22
C ASP F 83 24.87 69.23 24.17
N ASP F 84 25.00 69.85 22.99
CA ASP F 84 24.60 71.25 22.86
C ASP F 84 23.11 71.43 23.07
N ILE F 85 22.31 70.50 22.55
CA ILE F 85 20.86 70.56 22.77
C ILE F 85 20.53 70.39 24.24
N LEU F 86 21.22 69.46 24.91
CA LEU F 86 21.00 69.26 26.34
C LEU F 86 21.40 70.50 27.14
N GLN F 87 22.50 71.15 26.76
CA GLN F 87 22.92 72.37 27.44
C GLN F 87 21.91 73.51 27.21
N TYR F 88 21.37 73.60 25.99
CA TYR F 88 20.35 74.61 25.72
C TYR F 88 19.09 74.32 26.53
N GLN F 89 18.72 73.05 26.66
CA GLN F 89 17.57 72.69 27.49
C GLN F 89 17.83 73.02 28.96
N ASN F 90 19.06 72.81 29.43
CA ASN F 90 19.40 73.20 30.79
C ASN F 90 19.35 74.70 30.99
N GLU F 91 19.77 75.46 29.97
CA GLU F 91 19.63 76.91 30.02
C GLU F 91 18.17 77.34 30.07
N LYS F 92 17.32 76.65 29.29
CA LYS F 92 15.89 76.92 29.35
C LYS F 92 15.32 76.58 30.73
N PHE F 93 15.80 75.49 31.34
CA PHE F 93 15.35 75.15 32.69
C PHE F 93 15.79 76.19 33.71
N LEU F 94 17.01 76.71 33.57
CA LEU F 94 17.47 77.78 34.45
C LEU F 94 16.64 79.04 34.25
N GLN F 95 16.26 79.33 33.01
CA GLN F 95 15.37 80.45 32.73
C GLN F 95 13.94 80.18 33.17
N GLY F 96 13.59 78.92 33.44
CA GLY F 96 12.26 78.53 33.85
C GLY F 96 11.37 78.04 32.73
N THR F 97 11.71 78.35 31.48
CA THR F 97 10.92 77.87 30.35
C THR F 97 11.04 76.36 30.23
N GLN F 98 9.91 75.70 30.02
CA GLN F 98 9.91 74.24 29.92
C GLN F 98 10.65 73.81 28.66
N ALA F 99 11.60 72.90 28.83
CA ALA F 99 12.32 72.36 27.68
C ALA F 99 11.42 71.41 26.89
N ASP F 100 11.48 71.50 25.57
CA ASP F 100 10.79 70.56 24.71
C ASP F 100 11.47 69.20 24.67
N ASP F 101 12.50 69.01 25.50
CA ASP F 101 13.29 67.78 25.52
C ASP F 101 13.75 67.41 24.12
N LEU F 102 14.41 68.37 23.45
CA LEU F 102 14.87 68.13 22.09
C LEU F 102 15.93 67.03 22.05
N VAL F 103 16.81 67.01 23.04
CA VAL F 103 17.86 65.99 23.08
C VAL F 103 17.26 64.60 23.22
N SER F 104 16.23 64.46 24.05
CA SER F 104 15.57 63.16 24.22
C SER F 104 14.65 62.82 23.06
N ALA F 105 14.02 63.83 22.45
CA ALA F 105 13.19 63.58 21.28
C ALA F 105 14.04 63.16 20.08
N ILE F 106 15.30 63.57 20.06
CA ILE F 106 16.24 63.04 19.07
C ILE F 106 16.41 61.53 19.28
N GLN F 107 16.62 61.11 20.53
CA GLN F 107 16.68 59.69 20.81
C GLN F 107 15.37 59.00 20.48
N GLN F 108 14.26 59.71 20.58
CA GLN F 108 12.95 59.14 20.26
C GLN F 108 12.82 58.87 18.77
N ASN F 109 12.88 59.95 17.95
CA ASN F 109 12.86 59.82 16.48
C ASN F 109 13.85 60.82 15.87
N ALA F 110 15.12 60.40 15.80
CA ALA F 110 16.16 61.26 15.24
C ALA F 110 15.99 61.45 13.74
N ASN F 111 15.54 60.42 13.04
CA ASN F 111 15.32 60.56 11.60
C ASN F 111 14.28 61.63 11.30
N HIS F 112 13.17 61.62 12.04
CA HIS F 112 12.15 62.65 11.85
C HIS F 112 12.65 64.02 12.29
N PHE F 113 13.40 64.07 13.39
CA PHE F 113 13.91 65.36 13.87
C PHE F 113 14.97 65.95 12.95
N THR F 114 15.65 65.12 12.15
CA THR F 114 16.69 65.62 11.27
C THR F 114 16.12 66.52 10.18
N GLU F 115 14.94 66.17 9.65
CA GLU F 115 14.30 67.03 8.65
C GLU F 115 13.93 68.38 9.25
N LEU F 116 13.41 68.38 10.48
CA LEU F 116 13.11 69.64 11.16
C LEU F 116 14.38 70.45 11.40
N PHE F 117 15.48 69.78 11.74
CA PHE F 117 16.75 70.47 11.92
C PHE F 117 17.22 71.11 10.62
N CYS F 118 17.08 70.39 9.50
CA CYS F 118 17.46 70.95 8.20
C CYS F 118 16.58 72.15 7.84
N ARG F 119 15.26 72.04 8.12
CA ARG F 119 14.36 73.17 7.87
C ARG F 119 14.73 74.37 8.72
N ALA F 120 15.08 74.14 9.99
CA ALA F 120 15.50 75.25 10.86
C ALA F 120 16.81 75.85 10.39
N ILE F 121 17.72 75.02 9.87
CA ILE F 121 18.97 75.54 9.31
C ILE F 121 18.68 76.42 8.10
N ASP F 122 17.74 75.99 7.25
CA ASP F 122 17.33 76.82 6.11
C ASP F 122 16.72 78.14 6.59
N ASN F 123 15.92 78.08 7.66
CA ASN F 123 15.29 79.29 8.18
C ASN F 123 16.31 80.26 8.76
N ASN F 124 17.31 79.74 9.48
CA ASN F 124 18.30 80.56 10.17
C ASN F 124 19.59 80.70 9.37
N MET F 125 19.57 80.38 8.09
CA MET F 125 20.77 80.47 7.26
C MET F 125 21.14 81.92 7.02
N PRO F 126 22.33 82.37 7.41
CA PRO F 126 22.75 83.73 7.08
C PRO F 126 23.17 83.83 5.62
N LEU F 127 23.21 85.08 5.14
CA LEU F 127 23.69 85.32 3.80
C LEU F 127 25.20 85.05 3.71
N PRO F 128 25.69 84.64 2.54
CA PRO F 128 27.12 84.31 2.42
C PRO F 128 27.99 85.54 2.55
N THR F 129 28.87 85.54 3.56
CA THR F 129 29.86 86.60 3.69
C THR F 129 30.94 86.48 2.60
N LYS F 130 31.13 85.28 2.05
CA LYS F 130 32.05 85.05 0.95
C LYS F 130 31.27 84.57 -0.26
N GLU F 131 31.72 84.98 -1.45
CA GLU F 131 31.05 84.57 -2.68
C GLU F 131 31.09 83.06 -2.83
N ILE F 132 29.95 82.49 -3.22
CA ILE F 132 29.84 81.04 -3.36
C ILE F 132 30.39 80.52 -4.67
N ASP F 133 30.93 81.41 -5.52
CA ASP F 133 31.39 81.04 -6.87
C ASP F 133 30.26 80.39 -7.66
N TYR F 134 29.15 81.12 -7.75
CA TYR F 134 27.95 80.59 -8.39
C TYR F 134 28.18 80.28 -9.86
N LYS F 135 29.07 81.03 -10.52
CA LYS F 135 29.35 80.77 -11.93
C LYS F 135 29.96 79.39 -12.12
N ASP F 136 30.88 79.00 -11.24
CA ASP F 136 31.44 77.65 -11.31
C ASP F 136 30.40 76.60 -11.02
N ASP F 137 29.41 76.92 -10.18
CA ASP F 137 28.32 76.00 -9.86
C ASP F 137 27.30 76.03 -10.99
N VAL F 138 27.39 75.04 -11.88
CA VAL F 138 26.45 74.94 -12.99
C VAL F 138 25.02 74.81 -12.45
N LEU F 139 24.86 74.09 -11.35
CA LEU F 139 23.56 73.96 -10.73
C LEU F 139 23.02 75.31 -10.28
N ASP F 140 23.87 76.16 -9.70
CA ASP F 140 23.43 77.48 -9.26
C ASP F 140 23.06 78.37 -10.44
N VAL F 141 23.89 78.36 -11.50
CA VAL F 141 23.58 79.17 -12.67
C VAL F 141 22.25 78.73 -13.29
N ILE F 142 22.09 77.42 -13.48
CA ILE F 142 20.86 76.89 -14.05
C ILE F 142 19.68 77.11 -13.11
N LEU F 143 19.92 77.17 -11.80
CA LEU F 143 18.83 77.41 -10.86
C LEU F 143 18.32 78.83 -10.97
N ASN F 144 19.23 79.81 -11.08
CA ASN F 144 18.78 81.18 -11.32
C ASN F 144 18.04 81.28 -12.66
N GLN F 145 18.57 80.63 -13.70
CA GLN F 145 17.89 80.65 -14.99
C GLN F 145 16.53 79.98 -14.93
N ARG F 146 16.41 78.90 -14.18
CA ARG F 146 15.14 78.18 -14.08
C ARG F 146 14.11 78.95 -13.29
N ARG F 147 14.54 79.64 -12.22
CA ARG F 147 13.63 80.53 -11.51
C ARG F 147 13.15 81.66 -12.42
N LEU F 148 14.05 82.22 -13.22
CA LEU F 148 13.65 83.27 -14.15
C LEU F 148 12.65 82.75 -15.18
N ARG F 149 12.88 81.55 -15.70
CA ARG F 149 11.95 80.97 -16.67
C ARG F 149 10.61 80.63 -16.02
N ASN F 150 10.63 80.21 -14.75
CA ASN F 150 9.39 79.91 -14.04
C ASN F 150 8.58 81.17 -13.77
N GLU F 151 9.25 82.30 -13.55
CA GLU F 151 8.56 83.56 -13.32
C GLU F 151 7.72 83.96 -14.53
N GLU F 190 8.44 75.93 -3.53
CA GLU F 190 9.11 74.64 -3.74
C GLU F 190 9.23 74.33 -5.23
N LEU F 191 9.79 75.27 -5.99
CA LEU F 191 9.99 75.05 -7.42
C LEU F 191 10.95 73.89 -7.66
N PHE F 192 11.98 73.78 -6.83
CA PHE F 192 12.92 72.67 -6.84
C PHE F 192 13.05 72.15 -5.42
N PRO F 193 13.48 70.89 -5.25
CA PRO F 193 13.51 70.29 -3.92
C PRO F 193 14.43 71.05 -2.98
N PRO F 194 14.02 71.23 -1.73
CA PRO F 194 14.91 71.88 -0.76
C PRO F 194 16.21 71.12 -0.53
N ASN F 195 16.19 69.79 -0.66
CA ASN F 195 17.43 69.03 -0.57
C ASN F 195 18.37 69.37 -1.72
N LEU F 196 17.81 69.57 -2.92
CA LEU F 196 18.62 70.04 -4.03
C LEU F 196 19.15 71.45 -3.78
N THR F 197 18.34 72.28 -3.12
CA THR F 197 18.82 73.61 -2.75
C THR F 197 19.93 73.55 -1.72
N ARG F 198 19.91 72.56 -0.84
CA ARG F 198 20.88 72.44 0.24
C ARG F 198 22.11 71.69 -0.23
N ARG F 199 23.29 72.27 0.03
CA ARG F 199 24.57 71.65 -0.31
C ARG F 199 25.30 71.11 0.91
N TYR F 200 24.59 70.94 2.02
CA TYR F 200 25.19 70.48 3.27
C TYR F 200 24.47 69.24 3.78
N PHE F 201 25.18 68.44 4.56
CA PHE F 201 24.66 67.22 5.14
C PHE F 201 24.61 67.35 6.65
N LEU F 202 23.44 67.05 7.23
CA LEU F 202 23.27 67.14 8.67
C LEU F 202 23.94 65.95 9.36
N TYR F 203 24.35 66.17 10.61
CA TYR F 203 24.98 65.13 11.40
C TYR F 203 24.68 65.39 12.87
N PHE F 204 24.88 64.35 13.69
CA PHE F 204 24.59 64.42 15.12
C PHE F 204 25.80 63.95 15.91
N LYS F 205 26.29 64.81 16.81
CA LYS F 205 27.36 64.42 17.71
C LYS F 205 26.78 63.68 18.91
N PRO F 206 27.42 62.60 19.35
CA PRO F 206 26.89 61.83 20.48
C PRO F 206 26.86 62.67 21.75
N LEU F 207 25.86 62.40 22.59
CA LEU F 207 25.69 63.16 23.82
C LEU F 207 26.85 62.91 24.77
N SER F 208 27.31 63.97 25.42
CA SER F 208 28.40 63.85 26.38
C SER F 208 27.97 63.08 27.61
N GLN F 209 28.87 62.25 28.12
CA GLN F 209 28.57 61.48 29.32
C GLN F 209 28.43 62.40 30.53
N ASN F 210 27.46 62.09 31.39
CA ASN F 210 27.21 62.88 32.58
C ASN F 210 26.40 62.09 33.60
N ALA F 219 20.75 57.95 27.61
CA ALA F 219 22.15 57.55 27.65
C ALA F 219 22.46 56.50 26.59
N ILE F 220 21.45 56.16 25.78
CA ILE F 220 21.64 55.16 24.74
C ILE F 220 22.65 55.64 23.71
N SER F 221 22.56 56.91 23.32
CA SER F 221 23.54 57.47 22.39
C SER F 221 24.90 57.62 23.06
N SER F 222 24.92 58.03 24.33
CA SER F 222 26.19 58.18 25.03
C SER F 222 26.87 56.84 25.31
N LYS F 223 26.08 55.78 25.50
CA LYS F 223 26.63 54.48 25.80
C LYS F 223 26.81 53.68 24.51
N PRO F 224 28.03 53.30 24.15
CA PRO F 224 28.21 52.49 22.94
C PRO F 224 27.62 51.09 23.14
N LEU F 225 27.22 50.48 22.03
CA LEU F 225 26.55 49.19 22.04
C LEU F 225 27.25 48.21 21.12
N SER F 226 27.06 46.93 21.43
CA SER F 226 27.49 45.85 20.55
C SER F 226 26.38 45.52 19.56
N VAL F 227 26.74 44.79 18.50
CA VAL F 227 25.78 44.44 17.47
C VAL F 227 24.67 43.56 18.05
N ARG F 228 25.04 42.55 18.83
CA ARG F 228 24.04 41.71 19.47
C ARG F 228 23.27 42.45 20.55
N GLN F 229 23.92 43.42 21.20
CA GLN F 229 23.23 44.22 22.21
C GLN F 229 22.14 45.09 21.61
N ILE F 230 22.35 45.55 20.37
CA ILE F 230 21.34 46.38 19.72
C ILE F 230 20.07 45.57 19.49
N LYS F 231 18.93 46.25 19.57
CA LYS F 231 17.63 45.63 19.44
C LYS F 231 16.79 46.36 18.41
N GLY F 232 15.74 45.68 17.94
CA GLY F 232 14.86 46.28 16.96
C GLY F 232 14.09 47.48 17.49
N ASP F 233 13.88 47.53 18.81
CA ASP F 233 13.28 48.71 19.42
C ASP F 233 14.16 49.94 19.28
N PHE F 234 15.47 49.75 19.13
CA PHE F 234 16.39 50.87 18.95
C PHE F 234 16.29 51.51 17.57
N LEU F 235 15.53 50.92 16.66
CA LEU F 235 15.31 51.54 15.36
C LEU F 235 14.66 52.90 15.53
N GLY F 236 15.02 53.83 14.66
CA GLY F 236 14.53 55.19 14.77
C GLY F 236 15.17 56.00 15.89
N GLN F 237 16.23 55.48 16.51
CA GLN F 237 16.88 56.13 17.63
C GLN F 237 18.37 56.29 17.35
N LEU F 238 18.91 57.45 17.68
CA LEU F 238 20.36 57.65 17.61
C LEU F 238 21.03 56.80 18.66
N ILE F 239 22.08 56.09 18.26
CA ILE F 239 22.77 55.15 19.16
C ILE F 239 24.21 55.00 18.69
N THR F 240 25.12 54.87 19.64
CA THR F 240 26.51 54.60 19.36
C THR F 240 26.78 53.10 19.40
N VAL F 241 27.71 52.66 18.55
CA VAL F 241 28.06 51.25 18.45
C VAL F 241 29.57 51.12 18.50
N ARG F 242 30.04 49.96 18.96
CA ARG F 242 31.46 49.65 19.05
C ARG F 242 31.72 48.29 18.45
N GLY F 243 32.77 48.20 17.64
CA GLY F 243 33.15 46.92 17.06
C GLY F 243 34.11 47.11 15.91
N ILE F 244 34.71 45.98 15.51
CA ILE F 244 35.69 45.98 14.43
C ILE F 244 34.96 46.16 13.10
N ILE F 245 35.53 47.00 12.23
CA ILE F 245 34.96 47.24 10.91
C ILE F 245 35.37 46.09 9.99
N THR F 246 34.42 45.20 9.70
CA THR F 246 34.72 44.05 8.86
C THR F 246 35.09 44.47 7.45
N ARG F 247 34.36 45.44 6.89
CA ARG F 247 34.62 45.90 5.54
C ARG F 247 33.93 47.25 5.32
N VAL F 248 34.37 47.95 4.28
CA VAL F 248 33.76 49.21 3.88
C VAL F 248 33.49 49.14 2.38
N SER F 249 32.24 49.37 1.99
CA SER F 249 31.89 49.33 0.58
C SER F 249 32.52 50.50 -0.17
N ASP F 250 32.80 50.26 -1.45
CA ASP F 250 33.36 51.30 -2.29
C ASP F 250 32.38 52.46 -2.43
N VAL F 251 32.93 53.68 -2.50
CA VAL F 251 32.09 54.86 -2.60
C VAL F 251 31.30 54.83 -3.89
N LYS F 252 30.01 55.11 -3.80
CA LYS F 252 29.13 55.14 -4.95
C LYS F 252 28.33 56.44 -4.94
N PRO F 253 27.97 56.96 -6.11
CA PRO F 253 27.10 58.12 -6.15
C PRO F 253 25.72 57.78 -5.61
N ALA F 254 25.05 58.79 -5.07
CA ALA F 254 23.67 58.64 -4.61
C ALA F 254 22.89 59.85 -5.10
N VAL F 255 21.86 59.60 -5.91
CA VAL F 255 21.07 60.69 -6.46
C VAL F 255 20.08 61.15 -5.40
N GLU F 256 20.48 62.13 -4.59
CA GLU F 256 19.56 62.71 -3.62
C GLU F 256 18.39 63.38 -4.32
N VAL F 257 18.63 63.99 -5.47
CA VAL F 257 17.59 64.58 -6.30
C VAL F 257 17.95 64.33 -7.75
N ILE F 258 17.05 63.71 -8.50
CA ILE F 258 17.23 63.46 -9.92
C ILE F 258 16.47 64.52 -10.70
N ALA F 259 17.18 65.22 -11.59
CA ALA F 259 16.60 66.29 -12.38
C ALA F 259 16.33 65.79 -13.80
N TYR F 260 15.08 65.89 -14.23
CA TYR F 260 14.67 65.47 -15.56
C TYR F 260 14.39 66.70 -16.43
N THR F 261 14.83 66.64 -17.67
CA THR F 261 14.65 67.74 -18.62
C THR F 261 13.99 67.21 -19.89
N CYS F 262 13.07 68.00 -20.43
CA CYS F 262 12.36 67.65 -21.66
C CYS F 262 12.50 68.80 -22.66
N ASP F 263 12.88 68.46 -23.89
CA ASP F 263 13.07 69.48 -24.92
C ASP F 263 11.77 70.09 -25.38
N GLN F 264 10.69 69.30 -25.41
CA GLN F 264 9.41 69.79 -25.94
C GLN F 264 8.89 70.97 -25.13
N CYS F 265 9.03 70.91 -23.81
CA CYS F 265 8.62 72.02 -22.96
C CYS F 265 9.72 73.05 -22.79
N GLY F 266 10.98 72.64 -22.81
CA GLY F 266 12.05 73.53 -22.42
C GLY F 266 12.15 73.77 -20.94
N TYR F 267 11.38 73.02 -20.14
CA TYR F 267 11.30 73.21 -18.70
C TYR F 267 11.85 71.97 -18.00
N GLU F 268 12.56 72.19 -16.90
CA GLU F 268 13.13 71.12 -16.11
C GLU F 268 12.15 70.68 -15.03
N VAL F 269 12.04 69.37 -14.84
CA VAL F 269 11.20 68.78 -13.80
C VAL F 269 12.09 67.97 -12.89
N PHE F 270 12.06 68.27 -11.60
CA PHE F 270 12.94 67.65 -10.62
C PHE F 270 12.21 66.52 -9.89
N GLN F 271 12.94 65.46 -9.58
CA GLN F 271 12.41 64.34 -8.80
C GLN F 271 13.39 64.03 -7.68
N GLU F 272 12.91 64.06 -6.44
CA GLU F 272 13.74 63.78 -5.28
C GLU F 272 13.66 62.29 -4.96
N VAL F 273 14.81 61.62 -4.97
CA VAL F 273 14.88 60.19 -4.71
C VAL F 273 15.37 59.98 -3.28
N ASN F 274 14.52 59.36 -2.46
CA ASN F 274 14.86 59.05 -1.08
C ASN F 274 14.88 57.55 -0.80
N SER F 275 14.86 56.72 -1.84
CA SER F 275 14.81 55.27 -1.69
C SER F 275 16.09 54.65 -2.25
N ARG F 276 16.33 53.40 -1.83
CA ARG F 276 17.50 52.67 -2.32
C ARG F 276 17.41 52.45 -3.83
N THR F 277 16.21 52.34 -4.37
CA THR F 277 15.99 52.24 -5.81
C THR F 277 14.84 53.18 -6.19
N PHE F 278 14.86 53.65 -7.43
CA PHE F 278 13.88 54.62 -7.89
C PHE F 278 13.43 54.27 -9.30
N THR F 279 12.19 54.66 -9.61
CA THR F 279 11.65 54.54 -10.95
C THR F 279 11.72 55.90 -11.63
N PRO F 280 12.41 56.02 -12.76
CA PRO F 280 12.50 57.33 -13.43
C PRO F 280 11.13 57.82 -13.87
N LEU F 281 10.97 59.14 -13.88
CA LEU F 281 9.68 59.72 -14.25
C LEU F 281 9.27 59.30 -15.66
N SER F 282 10.20 59.39 -16.61
CA SER F 282 10.02 58.92 -17.99
C SER F 282 8.88 59.62 -18.71
N GLU F 283 8.28 60.64 -18.11
CA GLU F 283 7.20 61.39 -18.73
C GLU F 283 7.29 62.84 -18.25
N CYS F 284 7.34 63.76 -19.20
CA CYS F 284 7.51 65.17 -18.86
C CYS F 284 6.31 65.67 -18.06
N THR F 285 6.59 66.14 -16.84
CA THR F 285 5.56 66.72 -15.99
C THR F 285 5.43 68.23 -16.18
N SER F 286 6.14 68.80 -17.14
CA SER F 286 6.17 70.24 -17.31
C SER F 286 4.81 70.77 -17.77
N GLU F 287 4.39 71.88 -17.15
CA GLU F 287 3.15 72.54 -17.57
C GLU F 287 3.26 73.06 -18.99
N GLU F 288 4.48 73.39 -19.44
CA GLU F 288 4.65 73.79 -20.84
C GLU F 288 4.34 72.64 -21.78
N CYS F 289 4.81 71.43 -21.46
CA CYS F 289 4.46 70.27 -22.27
C CYS F 289 2.97 69.96 -22.19
N SER F 290 2.37 70.18 -21.01
CA SER F 290 0.92 69.99 -20.89
C SER F 290 0.16 70.99 -21.75
N GLN F 291 0.64 72.23 -21.81
CA GLN F 291 -0.02 73.26 -22.62
C GLN F 291 0.17 72.98 -24.10
N ASN F 292 1.34 72.50 -24.50
CA ASN F 292 1.58 72.12 -25.88
C ASN F 292 0.93 70.80 -26.25
N GLN F 293 0.44 70.05 -25.26
CA GLN F 293 -0.14 68.71 -25.39
C GLN F 293 0.87 67.68 -25.87
N THR F 294 2.14 68.05 -26.01
CA THR F 294 3.17 67.12 -26.47
C THR F 294 3.55 66.16 -25.36
N LYS F 295 3.81 64.90 -25.73
CA LYS F 295 4.28 63.89 -24.80
C LYS F 295 5.80 63.89 -24.83
N GLY F 296 6.41 64.61 -23.90
CA GLY F 296 7.85 64.76 -23.89
C GLY F 296 8.57 63.62 -23.21
N GLN F 297 9.75 63.29 -23.74
CA GLN F 297 10.62 62.27 -23.17
C GLN F 297 11.64 62.96 -22.27
N LEU F 298 11.48 62.77 -20.96
CA LEU F 298 12.38 63.41 -20.01
C LEU F 298 13.79 62.86 -20.14
N PHE F 299 14.78 63.74 -19.99
CA PHE F 299 16.18 63.36 -20.09
C PHE F 299 16.90 63.82 -18.83
N MET F 300 17.45 62.87 -18.08
CA MET F 300 18.18 63.20 -16.86
C MET F 300 19.49 63.90 -17.21
N SER F 301 19.82 64.94 -16.43
CA SER F 301 21.05 65.70 -16.62
C SER F 301 21.91 65.55 -15.37
N THR F 302 23.13 65.04 -15.55
CA THR F 302 24.03 64.84 -14.41
C THR F 302 24.39 66.17 -13.76
N ARG F 303 24.62 67.20 -14.56
CA ARG F 303 24.93 68.52 -14.01
C ARG F 303 23.75 69.10 -13.26
N ALA F 304 22.53 68.71 -13.61
CA ALA F 304 21.34 69.21 -12.93
C ALA F 304 20.92 68.33 -11.76
N SER F 305 20.99 67.01 -11.91
CA SER F 305 20.60 66.11 -10.84
C SER F 305 21.60 66.17 -9.70
N LYS F 306 21.08 66.16 -8.47
CA LYS F 306 21.95 66.13 -7.29
C LYS F 306 22.54 64.74 -7.12
N PHE F 307 23.81 64.70 -6.72
CA PHE F 307 24.51 63.44 -6.48
C PHE F 307 25.31 63.54 -5.19
N SER F 308 25.28 62.46 -4.42
CA SER F 308 26.00 62.40 -3.15
C SER F 308 26.77 61.09 -3.08
N ALA F 309 27.97 61.15 -2.51
CA ALA F 309 28.76 59.94 -2.34
C ALA F 309 28.10 59.02 -1.31
N PHE F 310 28.03 57.74 -1.63
CA PHE F 310 27.42 56.74 -0.75
C PHE F 310 28.44 55.65 -0.47
N GLN F 311 28.65 55.36 0.81
CA GLN F 311 29.56 54.30 1.24
C GLN F 311 28.90 53.50 2.35
N GLU F 312 29.23 52.21 2.42
CA GLU F 312 28.71 51.33 3.44
C GLU F 312 29.85 50.75 4.26
N CYS F 313 29.57 50.46 5.52
CA CYS F 313 30.56 49.91 6.44
C CYS F 313 29.95 48.75 7.21
N LYS F 314 30.76 47.73 7.46
CA LYS F 314 30.34 46.53 8.19
C LYS F 314 31.10 46.47 9.50
N ILE F 315 30.42 46.78 10.60
CA ILE F 315 31.02 46.77 11.94
C ILE F 315 30.66 45.44 12.60
N GLN F 316 31.67 44.71 13.05
CA GLN F 316 31.50 43.43 13.69
C GLN F 316 31.80 43.54 15.17
N GLU F 317 31.08 42.74 15.97
CA GLU F 317 31.16 42.85 17.42
C GLU F 317 32.58 42.57 17.91
N LEU F 318 32.98 43.31 18.94
CA LEU F 318 34.30 43.10 19.54
C LEU F 318 34.38 41.71 20.15
N SER F 319 35.59 41.15 20.15
CA SER F 319 35.77 39.77 20.61
C SER F 319 35.34 39.61 22.07
N GLN F 320 35.61 40.62 22.90
CA GLN F 320 35.13 40.58 24.28
C GLN F 320 33.61 40.63 24.32
N GLN F 321 33.00 41.43 23.45
CA GLN F 321 31.55 41.52 23.38
C GLN F 321 30.91 40.23 22.87
N VAL F 322 31.66 39.42 22.13
CA VAL F 322 31.13 38.16 21.61
C VAL F 322 31.05 37.14 22.74
N PRO F 323 29.89 36.51 22.97
CA PRO F 323 29.83 35.45 23.96
C PRO F 323 30.66 34.25 23.53
N VAL F 324 31.14 33.49 24.53
CA VAL F 324 31.92 32.30 24.25
C VAL F 324 31.09 31.31 23.46
N GLY F 325 31.66 30.75 22.41
CA GLY F 325 30.93 29.87 21.52
C GLY F 325 30.05 30.58 20.51
N HIS F 326 30.20 31.90 20.37
CA HIS F 326 29.40 32.67 19.44
C HIS F 326 30.30 33.48 18.52
N ILE F 327 29.87 33.64 17.28
CA ILE F 327 30.62 34.40 16.28
C ILE F 327 30.12 35.84 16.26
N PRO F 328 31.00 36.83 16.25
CA PRO F 328 30.55 38.22 16.15
C PRO F 328 29.85 38.48 14.83
N ARG F 329 28.86 39.37 14.87
CA ARG F 329 28.02 39.66 13.71
C ARG F 329 28.38 41.03 13.15
N SER F 330 28.75 41.07 11.87
CA SER F 330 28.98 42.32 11.18
C SER F 330 27.65 42.98 10.85
N LEU F 331 27.61 44.31 10.98
CA LEU F 331 26.40 45.08 10.75
C LEU F 331 26.67 46.16 9.71
N ASN F 332 25.83 46.18 8.66
CA ASN F 332 25.97 47.20 7.62
C ASN F 332 25.60 48.57 8.16
N ILE F 333 26.39 49.58 7.78
CA ILE F 333 26.18 50.95 8.21
C ILE F 333 26.27 51.85 6.98
N HIS F 334 25.30 52.77 6.84
CA HIS F 334 25.25 53.68 5.72
C HIS F 334 25.97 54.98 6.07
N VAL F 335 27.03 55.28 5.32
CA VAL F 335 27.79 56.52 5.50
C VAL F 335 27.70 57.29 4.19
N ASN F 336 27.22 58.52 4.25
CA ASN F 336 26.92 59.31 3.06
C ASN F 336 27.50 60.72 3.20
N GLY F 337 27.56 61.40 2.06
CA GLY F 337 28.03 62.79 2.05
C GLY F 337 29.47 62.91 2.48
N THR F 338 29.74 63.93 3.31
CA THR F 338 31.10 64.15 3.80
C THR F 338 31.57 63.00 4.68
N LEU F 339 30.65 62.30 5.34
CA LEU F 339 31.02 61.19 6.21
C LEU F 339 31.57 59.99 5.43
N VAL F 340 31.38 59.95 4.11
CA VAL F 340 31.85 58.82 3.32
C VAL F 340 33.37 58.77 3.34
N ARG F 341 33.91 57.55 3.24
CA ARG F 341 35.33 57.26 3.18
C ARG F 341 36.09 57.66 4.44
N SER F 342 35.38 57.93 5.54
CA SER F 342 36.05 58.35 6.77
C SER F 342 36.74 57.19 7.48
N LEU F 343 36.24 55.97 7.30
CA LEU F 343 36.67 54.82 8.09
C LEU F 343 37.70 53.97 7.35
N SER F 344 38.50 53.25 8.14
CA SER F 344 39.42 52.23 7.67
C SER F 344 39.17 50.95 8.46
N PRO F 345 39.21 49.79 7.81
CA PRO F 345 38.83 48.54 8.51
C PRO F 345 39.70 48.20 9.70
N GLY F 346 40.98 48.60 9.69
CA GLY F 346 41.92 48.12 10.69
C GLY F 346 41.61 48.57 12.10
N ASP F 347 41.08 49.78 12.27
CA ASP F 347 40.90 50.38 13.58
C ASP F 347 39.45 50.23 14.05
N ILE F 348 39.28 49.98 15.35
CA ILE F 348 37.96 49.93 15.95
C ILE F 348 37.36 51.34 15.95
N VAL F 349 36.07 51.44 15.68
CA VAL F 349 35.39 52.71 15.53
C VAL F 349 34.18 52.74 16.45
N ASP F 350 33.96 53.89 17.10
CA ASP F 350 32.78 54.15 17.92
C ASP F 350 31.95 55.20 17.19
N VAL F 351 30.90 54.74 16.50
CA VAL F 351 30.11 55.60 15.63
C VAL F 351 28.70 55.70 16.19
N THR F 352 28.22 56.93 16.38
CA THR F 352 26.84 57.17 16.75
C THR F 352 26.01 57.36 15.49
N GLY F 353 24.91 56.62 15.40
CA GLY F 353 24.06 56.70 14.23
C GLY F 353 22.65 56.27 14.56
N ILE F 354 21.69 56.86 13.85
CA ILE F 354 20.28 56.54 14.07
C ILE F 354 20.01 55.16 13.50
N PHE F 355 19.79 54.18 14.37
CA PHE F 355 19.39 52.86 13.91
C PHE F 355 18.06 52.97 13.19
N LEU F 356 17.99 52.37 12.00
CA LEU F 356 16.81 52.49 11.16
C LEU F 356 16.57 51.18 10.44
N PRO F 357 15.31 50.86 10.15
CA PRO F 357 15.03 49.66 9.34
C PRO F 357 15.54 49.82 7.92
N ALA F 358 15.96 48.71 7.33
CA ALA F 358 16.31 48.67 5.93
C ALA F 358 15.18 48.03 5.17
N PRO F 359 14.42 48.77 4.37
CA PRO F 359 13.29 48.17 3.66
C PRO F 359 13.76 47.09 2.69
N TYR F 360 12.99 46.01 2.62
CA TYR F 360 13.26 44.96 1.66
C TYR F 360 12.75 45.37 0.28
N THR F 361 13.37 44.80 -0.75
CA THR F 361 12.88 45.00 -2.11
C THR F 361 11.45 44.43 -2.22
N GLY F 362 10.80 44.69 -3.35
CA GLY F 362 9.45 44.20 -3.50
C GLY F 362 9.33 42.69 -3.49
N PHE F 363 10.07 42.04 -4.39
CA PHE F 363 10.00 40.59 -4.50
C PHE F 363 10.51 39.89 -3.24
N LYS F 364 11.62 40.37 -2.69
CA LYS F 364 12.16 39.77 -1.47
C LYS F 364 11.27 40.05 -0.27
N ALA F 365 10.63 41.22 -0.24
CA ALA F 365 9.72 41.56 0.85
C ALA F 365 8.46 40.72 0.82
N LEU F 366 7.99 40.34 -0.37
CA LEU F 366 6.84 39.45 -0.46
C LEU F 366 7.13 38.13 0.26
N LYS F 367 8.38 37.65 0.18
CA LYS F 367 8.73 36.42 0.89
C LYS F 367 9.08 36.67 2.35
N ALA F 368 9.69 37.83 2.65
CA ALA F 368 10.09 38.12 4.02
C ALA F 368 8.88 38.36 4.92
N GLY F 369 7.79 38.92 4.38
CA GLY F 369 6.64 39.20 5.20
C GLY F 369 6.92 40.35 6.16
N LEU F 370 6.41 40.20 7.39
CA LEU F 370 6.66 41.22 8.41
C LEU F 370 8.14 41.36 8.71
N LEU F 371 8.92 40.30 8.48
CA LEU F 371 10.37 40.38 8.71
C LEU F 371 10.99 41.48 7.86
N THR F 372 11.89 42.25 8.48
CA THR F 372 12.47 43.42 7.83
C THR F 372 13.97 43.45 8.06
N GLU F 373 14.70 43.93 7.06
CA GLU F 373 16.12 44.18 7.19
C GLU F 373 16.37 45.46 7.97
N THR F 374 17.58 45.58 8.50
CA THR F 374 17.94 46.73 9.33
C THR F 374 19.31 47.25 8.92
N TYR F 375 19.57 48.51 9.27
CA TYR F 375 20.84 49.16 8.98
C TYR F 375 21.01 50.32 9.96
N LEU F 376 22.18 50.96 9.90
CA LEU F 376 22.46 52.13 10.72
C LEU F 376 23.02 53.23 9.84
N GLU F 377 22.49 54.44 10.02
CA GLU F 377 22.97 55.62 9.30
C GLU F 377 23.87 56.40 10.24
N ALA F 378 25.18 56.33 10.00
CA ALA F 378 26.14 56.96 10.90
C ALA F 378 25.95 58.47 10.94
N GLN F 379 26.02 59.03 12.15
CA GLN F 379 25.94 60.46 12.37
C GLN F 379 27.28 61.07 12.78
N PHE F 380 27.95 60.47 13.76
CA PHE F 380 29.28 60.88 14.18
C PHE F 380 30.17 59.64 14.24
N VAL F 381 31.31 59.71 13.56
CA VAL F 381 32.26 58.59 13.48
C VAL F 381 33.48 58.94 14.32
N ARG F 382 33.91 57.99 15.15
CA ARG F 382 35.10 58.18 15.97
C ARG F 382 35.88 56.88 16.03
N GLN F 383 37.16 56.94 15.70
CA GLN F 383 38.05 55.78 15.76
C GLN F 383 38.96 55.90 16.98
N HIS F 384 39.17 54.77 17.66
CA HIS F 384 39.98 54.78 18.88
C HIS F 384 41.41 55.21 18.60
N LYS F 385 42.02 54.69 17.53
CA LYS F 385 43.39 55.02 17.18
C LYS F 385 43.73 54.50 15.79
N THR F 394 50.24 69.17 17.70
CA THR F 394 49.59 70.44 18.01
C THR F 394 50.18 71.05 19.29
N SER F 395 49.53 72.11 19.77
CA SER F 395 50.02 72.79 20.98
C SER F 395 49.98 71.86 22.18
N ASP F 396 48.92 71.06 22.32
CA ASP F 396 48.83 70.12 23.43
C ASP F 396 49.86 69.00 23.30
N VAL F 397 50.03 68.46 22.08
CA VAL F 397 51.02 67.42 21.86
C VAL F 397 52.42 67.97 22.08
N GLU F 398 52.67 69.20 21.61
CA GLU F 398 53.96 69.83 21.85
C GLU F 398 54.21 70.05 23.34
N GLU F 399 53.17 70.45 24.08
CA GLU F 399 53.31 70.64 25.52
C GLU F 399 53.61 69.31 26.22
N ARG F 400 52.96 68.23 25.79
CA ARG F 400 53.23 66.92 26.38
C ARG F 400 54.65 66.46 26.09
N VAL F 401 55.12 66.65 24.85
CA VAL F 401 56.50 66.29 24.51
C VAL F 401 57.48 67.13 25.30
N MET F 402 57.17 68.41 25.49
CA MET F 402 58.02 69.28 26.29
C MET F 402 58.02 68.85 27.75
N GLU F 403 56.89 68.36 28.26
CA GLU F 403 56.85 67.85 29.62
C GLU F 403 57.74 66.61 29.77
N LEU F 404 57.69 65.72 28.78
CA LEU F 404 58.59 64.57 28.80
C LEU F 404 60.05 65.00 28.73
N ILE F 405 60.36 65.98 27.90
CA ILE F 405 61.73 66.48 27.78
C ILE F 405 62.18 67.11 29.10
N THR F 406 61.29 67.84 29.77
CA THR F 406 61.63 68.44 31.05
C THR F 406 61.83 67.38 32.12
N SER F 407 61.03 66.31 32.09
CA SER F 407 61.31 65.16 32.94
C SER F 407 62.70 64.60 32.64
N GLY F 408 63.09 64.64 31.37
CA GLY F 408 64.48 64.44 31.00
C GLY F 408 64.86 62.98 30.85
N ASP F 409 66.07 62.78 30.33
CA ASP F 409 66.60 61.44 30.05
C ASP F 409 65.60 60.63 29.22
N VAL F 410 65.03 61.29 28.21
CA VAL F 410 63.81 60.79 27.58
C VAL F 410 63.99 59.38 27.03
N TYR F 411 65.16 59.08 26.48
CA TYR F 411 65.39 57.75 25.92
C TYR F 411 65.28 56.68 26.99
N ASN F 412 66.04 56.82 28.08
CA ASN F 412 66.00 55.84 29.16
C ASN F 412 64.65 55.85 29.87
N ARG F 413 64.02 57.02 29.97
CA ARG F 413 62.72 57.11 30.62
C ARG F 413 61.66 56.33 29.84
N LEU F 414 61.64 56.49 28.51
CA LEU F 414 60.72 55.73 27.69
C LEU F 414 61.05 54.24 27.71
N ALA F 415 62.35 53.91 27.73
CA ALA F 415 62.74 52.51 27.81
C ALA F 415 62.23 51.87 29.10
N LYS F 416 62.44 52.52 30.24
CA LYS F 416 61.92 52.00 31.51
C LYS F 416 60.40 52.02 31.52
N SER F 417 59.77 52.98 30.84
CA SER F 417 58.32 53.02 30.74
C SER F 417 57.78 51.82 29.97
N ILE F 418 58.55 51.31 29.00
CA ILE F 418 58.15 50.10 28.29
C ILE F 418 58.13 48.94 29.26
N ALA F 419 57.00 48.24 29.31
CA ALA F 419 56.81 47.09 30.20
C ALA F 419 57.20 47.40 31.65
N PRO F 420 56.55 48.38 32.27
CA PRO F 420 56.87 48.69 33.67
C PRO F 420 56.66 47.50 34.61
N GLU F 421 55.66 46.66 34.34
CA GLU F 421 55.46 45.47 35.15
C GLU F 421 56.65 44.51 35.03
N ILE F 422 57.21 44.38 33.83
CA ILE F 422 58.39 43.55 33.64
C ILE F 422 59.59 44.21 34.32
N TYR F 423 60.38 43.40 35.01
CA TYR F 423 61.56 43.89 35.73
C TYR F 423 62.81 43.56 34.93
N GLY F 424 63.64 44.57 34.69
CA GLY F 424 64.87 44.37 33.94
C GLY F 424 64.65 44.51 32.44
N ASN F 425 65.65 44.03 31.68
CA ASN F 425 65.64 44.09 30.22
C ASN F 425 65.54 45.53 29.72
N LEU F 426 66.21 46.44 30.43
CA LEU F 426 66.18 47.86 30.05
C LEU F 426 66.83 48.09 28.70
N ASP F 427 67.90 47.34 28.39
CA ASP F 427 68.54 47.47 27.08
C ASP F 427 67.60 47.02 25.96
N VAL F 428 66.88 45.92 26.17
CA VAL F 428 65.91 45.47 25.18
C VAL F 428 64.80 46.51 25.02
N LYS F 429 64.37 47.12 26.13
CA LYS F 429 63.35 48.16 26.05
C LYS F 429 63.86 49.38 25.29
N LYS F 430 65.13 49.74 25.49
CA LYS F 430 65.71 50.85 24.75
C LYS F 430 65.79 50.56 23.26
N ALA F 431 66.17 49.33 22.90
CA ALA F 431 66.18 48.96 21.49
C ALA F 431 64.77 48.99 20.91
N LEU F 432 63.78 48.55 21.69
CA LEU F 432 62.39 48.60 21.24
C LEU F 432 61.93 50.04 21.03
N LEU F 433 62.33 50.95 21.93
CA LEU F 433 61.99 52.36 21.75
C LEU F 433 62.66 52.94 20.52
N LEU F 434 63.90 52.54 20.26
CA LEU F 434 64.58 52.98 19.03
C LEU F 434 63.85 52.48 17.80
N LEU F 435 63.38 51.23 17.83
CA LEU F 435 62.60 50.71 16.72
C LEU F 435 61.27 51.45 16.57
N LEU F 436 60.65 51.82 17.68
CA LEU F 436 59.39 52.56 17.63
C LEU F 436 59.59 53.93 17.00
N VAL F 437 60.66 54.62 17.38
CA VAL F 437 60.95 55.92 16.77
C VAL F 437 61.32 55.76 15.30
N GLY F 438 62.07 54.71 14.98
CA GLY F 438 62.47 54.45 13.62
C GLY F 438 63.59 55.39 13.15
N GLY F 439 64.30 54.94 12.12
CA GLY F 439 65.32 55.75 11.50
C GLY F 439 64.81 56.47 10.26
N VAL F 440 65.62 57.41 9.79
CA VAL F 440 65.25 58.20 8.63
C VAL F 440 65.31 57.34 7.38
N ASP F 441 64.25 57.41 6.55
CA ASP F 441 64.20 56.69 5.29
C ASP F 441 64.82 57.57 4.21
N LYS F 442 65.82 57.03 3.52
CA LYS F 442 66.58 57.79 2.52
C LYS F 442 66.34 57.22 1.14
N ARG F 443 66.15 58.12 0.17
CA ARG F 443 66.00 57.76 -1.23
C ARG F 443 66.97 58.60 -2.05
N VAL F 444 67.87 57.94 -2.78
CA VAL F 444 68.87 58.66 -3.56
C VAL F 444 68.22 59.22 -4.82
N GLY F 445 68.85 60.28 -5.36
CA GLY F 445 68.36 60.88 -6.59
C GLY F 445 68.45 59.95 -7.77
N ASP F 446 69.47 59.09 -7.82
CA ASP F 446 69.61 58.13 -8.90
C ASP F 446 68.51 57.07 -8.86
N GLY F 447 67.87 56.86 -7.71
CA GLY F 447 66.78 55.91 -7.62
C GLY F 447 66.89 54.94 -6.46
N MET F 448 68.07 54.87 -5.84
CA MET F 448 68.28 53.96 -4.72
C MET F 448 67.44 54.40 -3.52
N LYS F 449 66.82 53.43 -2.86
CA LYS F 449 66.00 53.68 -1.69
C LYS F 449 66.49 52.81 -0.56
N ILE F 450 66.87 53.43 0.55
CA ILE F 450 67.32 52.74 1.75
C ILE F 450 66.26 52.91 2.83
N ARG F 451 65.78 51.79 3.37
CA ARG F 451 64.70 51.83 4.35
C ARG F 451 65.16 52.51 5.64
N GLY F 452 64.26 53.27 6.25
CA GLY F 452 64.54 53.88 7.53
C GLY F 452 63.92 53.13 8.69
N ASP F 453 62.99 52.23 8.38
CA ASP F 453 62.35 51.44 9.44
C ASP F 453 63.36 50.51 10.09
N ILE F 454 63.24 50.35 11.40
CA ILE F 454 64.17 49.54 12.19
C ILE F 454 63.50 48.21 12.52
N ASN F 455 64.29 47.14 12.50
CA ASN F 455 63.82 45.81 12.85
C ASN F 455 64.66 45.25 13.99
N VAL F 456 64.00 44.56 14.92
CA VAL F 456 64.66 44.02 16.09
C VAL F 456 64.26 42.56 16.28
N CYS F 457 65.14 41.80 16.93
CA CYS F 457 64.88 40.41 17.27
C CYS F 457 65.30 40.16 18.70
N LEU F 458 64.49 39.38 19.43
CA LEU F 458 64.77 39.03 20.80
C LEU F 458 64.95 37.52 20.90
N MET F 459 66.12 37.09 21.38
CA MET F 459 66.43 35.69 21.57
C MET F 459 66.65 35.46 23.06
N GLY F 460 65.82 34.62 23.67
CA GLY F 460 65.90 34.43 25.10
C GLY F 460 65.44 33.06 25.52
N ASP F 461 65.90 32.66 26.70
CA ASP F 461 65.50 31.39 27.29
C ASP F 461 64.05 31.47 27.76
N PRO F 462 63.39 30.33 27.96
CA PRO F 462 61.99 30.33 28.37
C PRO F 462 61.80 31.01 29.72
N GLY F 463 60.66 31.67 29.88
CA GLY F 463 60.36 32.34 31.12
C GLY F 463 61.13 33.62 31.36
N VAL F 464 61.45 34.35 30.29
CA VAL F 464 62.14 35.63 30.38
C VAL F 464 61.26 36.77 29.87
N ALA F 465 59.94 36.55 29.84
CA ALA F 465 58.96 37.53 29.40
C ALA F 465 59.20 37.98 27.96
N LYS F 466 59.66 37.07 27.10
CA LYS F 466 59.74 37.38 25.68
C LYS F 466 58.36 37.62 25.11
N SER F 467 57.43 36.68 25.34
CA SER F 467 56.06 36.83 24.85
C SER F 467 55.35 37.98 25.55
N GLN F 468 55.59 38.14 26.86
CA GLN F 468 54.96 39.23 27.59
C GLN F 468 55.42 40.59 27.06
N LEU F 469 56.73 40.74 26.82
CA LEU F 469 57.25 41.99 26.28
C LEU F 469 56.76 42.21 24.85
N LEU F 470 56.65 41.15 24.06
CA LEU F 470 56.14 41.30 22.69
C LEU F 470 54.68 41.76 22.70
N LYS F 471 53.86 41.16 23.57
CA LYS F 471 52.47 41.58 23.67
C LYS F 471 52.35 43.01 24.19
N ALA F 472 53.20 43.38 25.15
CA ALA F 472 53.19 44.76 25.65
C ALA F 472 53.58 45.73 24.54
N ILE F 473 54.56 45.36 23.71
CA ILE F 473 54.95 46.21 22.60
C ILE F 473 53.84 46.32 21.57
N CYS F 474 53.14 45.20 21.32
CA CYS F 474 52.02 45.23 20.39
C CYS F 474 50.90 46.14 20.90
N LYS F 475 50.63 46.09 22.20
CA LYS F 475 49.65 47.02 22.78
C LYS F 475 50.15 48.46 22.72
N ILE F 476 51.46 48.67 22.87
CA ILE F 476 52.02 50.01 22.79
C ILE F 476 51.88 50.57 21.39
N SER F 477 52.00 49.71 20.38
CA SER F 477 51.87 50.15 19.00
C SER F 477 50.40 50.30 18.64
N PRO F 478 49.93 51.50 18.30
CA PRO F 478 48.51 51.66 17.94
C PRO F 478 48.10 50.84 16.72
N ARG F 479 48.99 50.69 15.74
CA ARG F 479 48.70 49.94 14.53
C ARG F 479 49.49 48.64 14.44
N GLY F 480 50.29 48.31 15.45
CA GLY F 480 51.06 47.10 15.42
C GLY F 480 50.20 45.86 15.57
N VAL F 481 50.72 44.74 15.06
CA VAL F 481 50.01 43.46 15.07
C VAL F 481 50.90 42.43 15.74
N TYR F 482 50.30 41.66 16.66
CA TYR F 482 50.98 40.56 17.32
C TYR F 482 50.66 39.26 16.60
N THR F 483 51.68 38.44 16.36
CA THR F 483 51.50 37.20 15.63
C THR F 483 52.39 36.13 16.24
N THR F 484 52.02 34.87 15.99
CA THR F 484 52.78 33.72 16.44
C THR F 484 53.25 32.92 15.23
N GLY F 485 54.40 32.28 15.37
CA GLY F 485 54.95 31.50 14.26
C GLY F 485 54.08 30.34 13.86
N LYS F 486 53.50 29.65 14.85
CA LYS F 486 52.64 28.51 14.55
C LYS F 486 51.21 28.93 14.25
N GLY F 487 50.75 30.05 14.83
CA GLY F 487 49.37 30.45 14.66
C GLY F 487 49.02 30.89 13.26
N SER F 488 49.93 31.61 12.60
CA SER F 488 49.66 32.18 11.29
C SER F 488 50.77 31.81 10.31
N SER F 489 50.37 31.49 9.09
CA SER F 489 51.33 31.24 8.03
C SER F 489 52.03 32.55 7.63
N GLY F 490 53.24 32.41 7.10
CA GLY F 490 53.99 33.59 6.68
C GLY F 490 53.31 34.34 5.56
N VAL F 491 52.77 33.60 4.58
CA VAL F 491 52.02 34.24 3.49
C VAL F 491 50.79 34.93 4.04
N GLY F 492 50.06 34.28 4.94
CA GLY F 492 48.87 34.89 5.52
C GLY F 492 49.18 36.14 6.30
N LEU F 493 50.31 36.16 7.01
CA LEU F 493 50.73 37.35 7.72
C LEU F 493 51.13 38.46 6.76
N THR F 494 51.88 38.12 5.71
CA THR F 494 52.25 39.12 4.72
C THR F 494 51.02 39.62 3.97
N ALA F 495 50.24 38.71 3.41
CA ALA F 495 48.95 39.03 2.81
C ALA F 495 48.18 37.72 2.65
N ALA F 496 47.09 37.57 3.40
CA ALA F 496 46.36 36.30 3.39
C ALA F 496 45.48 36.22 2.14
N VAL F 497 45.70 35.19 1.33
CA VAL F 497 44.80 34.92 0.22
C VAL F 497 43.47 34.41 0.76
N MET F 498 42.39 34.88 0.17
CA MET F 498 41.06 34.44 0.60
C MET F 498 40.90 32.94 0.38
N ILE F 507 40.23 38.36 -5.03
CA ILE F 507 40.63 39.77 -4.85
C ILE F 507 41.45 39.86 -3.58
N LEU F 508 42.59 40.54 -3.67
CA LEU F 508 43.55 40.55 -2.57
C LEU F 508 43.00 41.32 -1.36
N GLU F 509 43.43 40.89 -0.17
CA GLU F 509 43.12 41.54 1.08
C GLU F 509 44.38 41.67 1.92
N GLY F 510 44.46 42.76 2.68
CA GLY F 510 45.62 43.02 3.50
C GLY F 510 45.87 41.99 4.58
N GLY F 511 47.12 41.52 4.69
CA GLY F 511 47.50 40.58 5.70
C GLY F 511 47.88 41.25 7.01
N ALA F 512 48.56 40.49 7.88
CA ALA F 512 49.01 41.04 9.15
C ALA F 512 50.07 42.12 8.93
N LEU F 513 50.95 41.94 7.94
CA LEU F 513 51.94 42.97 7.65
C LEU F 513 51.28 44.23 7.10
N VAL F 514 50.26 44.07 6.25
CA VAL F 514 49.54 45.24 5.74
C VAL F 514 48.78 45.92 6.86
N LEU F 515 48.25 45.15 7.81
CA LEU F 515 47.65 45.74 9.01
C LEU F 515 48.69 46.39 9.90
N ALA F 516 49.96 45.99 9.75
CA ALA F 516 51.07 46.61 10.46
C ALA F 516 51.67 47.78 9.70
N ASP F 517 51.04 48.20 8.59
CA ASP F 517 51.51 49.38 7.88
C ASP F 517 51.48 50.59 8.81
N ASN F 518 52.58 51.35 8.80
CA ASN F 518 52.79 52.42 9.78
C ASN F 518 52.67 51.89 11.21
N GLY F 519 53.12 50.65 11.41
CA GLY F 519 53.06 49.99 12.70
C GLY F 519 54.13 48.93 12.82
N ILE F 520 54.05 48.10 13.86
CA ILE F 520 55.08 47.10 14.16
C ILE F 520 54.44 45.72 14.16
N CYS F 521 54.89 44.86 13.24
CA CYS F 521 54.44 43.47 13.21
C CYS F 521 55.27 42.67 14.20
N CYS F 522 54.61 42.05 15.17
CA CYS F 522 55.27 41.28 16.20
C CYS F 522 55.09 39.78 15.95
N ILE F 523 56.17 39.03 16.13
CA ILE F 523 56.18 37.59 15.88
C ILE F 523 56.60 36.90 17.17
N ASP F 524 55.65 36.29 17.86
CA ASP F 524 55.95 35.49 19.04
C ASP F 524 56.43 34.10 18.63
N GLU F 525 57.32 33.53 19.44
CA GLU F 525 57.92 32.23 19.16
C GLU F 525 58.52 32.18 17.76
N PHE F 526 59.27 33.23 17.42
CA PHE F 526 59.80 33.37 16.08
C PHE F 526 60.73 32.22 15.71
N ASP F 527 61.36 31.59 16.71
CA ASP F 527 62.20 30.43 16.42
C ASP F 527 61.37 29.28 15.87
N LYS F 528 60.14 29.11 16.36
CA LYS F 528 59.29 28.03 15.89
C LYS F 528 58.81 28.24 14.46
N MET F 529 58.83 29.47 13.96
CA MET F 529 58.36 29.76 12.61
C MET F 529 59.25 29.07 11.58
N ASP F 530 58.62 28.57 10.52
CA ASP F 530 59.34 27.82 9.50
C ASP F 530 60.18 28.75 8.63
N GLU F 531 61.31 28.21 8.14
CA GLU F 531 62.17 28.99 7.25
C GLU F 531 61.47 29.32 5.93
N SER F 532 60.51 28.50 5.52
CA SER F 532 59.75 28.82 4.30
C SER F 532 58.99 30.12 4.46
N ASP F 533 58.32 30.31 5.61
CA ASP F 533 57.66 31.58 5.89
C ASP F 533 58.68 32.68 6.19
N ARG F 534 59.82 32.31 6.76
CA ARG F 534 60.89 33.27 6.98
C ARG F 534 61.38 33.87 5.67
N THR F 535 61.33 33.11 4.58
CA THR F 535 61.66 33.66 3.27
C THR F 535 60.68 34.75 2.85
N ALA F 536 59.38 34.53 3.11
CA ALA F 536 58.39 35.57 2.82
C ALA F 536 58.63 36.80 3.67
N ILE F 537 59.06 36.60 4.92
CA ILE F 537 59.39 37.73 5.77
C ILE F 537 60.64 38.45 5.26
N HIS F 538 61.60 37.69 4.74
CA HIS F 538 62.84 38.27 4.22
C HIS F 538 62.60 39.08 2.96
N GLU F 539 61.58 38.70 2.18
CA GLU F 539 61.23 39.49 1.00
C GLU F 539 60.81 40.90 1.38
N VAL F 540 60.21 41.08 2.57
CA VAL F 540 59.63 42.36 2.95
C VAL F 540 60.57 43.14 3.86
N MET F 541 61.38 42.43 4.65
CA MET F 541 62.25 43.12 5.61
C MET F 541 63.30 43.97 4.89
N GLU F 542 63.88 43.46 3.81
CA GLU F 542 64.90 44.23 3.09
C GLU F 542 64.27 45.35 2.27
N GLN F 543 63.16 45.06 1.59
CA GLN F 543 62.41 46.06 0.83
C GLN F 543 60.96 46.01 1.27
N GLN F 544 60.43 47.17 1.69
CA GLN F 544 59.12 47.20 2.34
C GLN F 544 58.03 46.63 1.44
N THR F 545 58.13 46.83 0.13
CA THR F 545 57.07 46.43 -0.79
C THR F 545 56.90 44.91 -0.80
N ILE F 546 55.69 44.48 -1.12
CA ILE F 546 55.35 43.07 -1.25
C ILE F 546 55.09 42.76 -2.71
N SER F 547 55.59 41.60 -3.16
CA SER F 547 55.42 41.16 -4.53
C SER F 547 54.69 39.82 -4.55
N ILE F 548 53.69 39.71 -5.43
CA ILE F 548 52.91 38.48 -5.54
C ILE F 548 52.75 38.08 -6.99
N ASN F 554 49.22 40.00 -10.81
CA ASN F 554 50.03 40.25 -9.62
C ASN F 554 49.50 41.44 -8.84
N THR F 555 49.81 41.48 -7.54
CA THR F 555 49.40 42.56 -6.67
C THR F 555 50.57 42.96 -5.79
N THR F 556 50.69 44.25 -5.51
CA THR F 556 51.81 44.78 -4.73
C THR F 556 51.30 45.84 -3.76
N LEU F 557 51.92 45.88 -2.58
CA LEU F 557 51.61 46.87 -1.56
C LEU F 557 52.90 47.37 -0.94
N ASN F 558 52.88 48.64 -0.51
CA ASN F 558 54.10 49.26 0.04
C ASN F 558 54.54 48.56 1.32
N ALA F 559 53.59 48.23 2.19
CA ALA F 559 53.84 47.40 3.39
C ALA F 559 55.01 47.92 4.21
N ARG F 560 55.00 49.22 4.49
CA ARG F 560 56.04 49.85 5.29
C ARG F 560 55.75 49.60 6.76
N THR F 561 56.71 49.02 7.48
CA THR F 561 56.50 48.67 8.88
C THR F 561 57.85 48.38 9.53
N SER F 562 57.84 48.30 10.85
CA SER F 562 58.98 47.88 11.64
C SER F 562 58.73 46.46 12.14
N ILE F 563 59.74 45.60 12.04
CA ILE F 563 59.60 44.18 12.33
C ILE F 563 60.22 43.88 13.69
N LEU F 564 59.50 43.11 14.50
CA LEU F 564 59.99 42.65 15.80
C LEU F 564 59.77 41.16 15.90
N ALA F 565 60.76 40.46 16.49
CA ALA F 565 60.70 39.01 16.60
C ALA F 565 61.15 38.56 17.97
N ALA F 566 60.49 37.55 18.51
CA ALA F 566 60.84 36.94 19.79
C ALA F 566 61.05 35.45 19.57
N ALA F 567 62.25 34.97 19.88
CA ALA F 567 62.63 33.59 19.58
C ALA F 567 63.27 32.94 20.80
N ASN F 568 63.00 31.63 20.96
CA ASN F 568 63.68 30.83 21.96
C ASN F 568 64.91 30.16 21.37
N PRO F 569 65.96 29.98 22.18
CA PRO F 569 67.19 29.37 21.64
C PRO F 569 67.01 27.89 21.34
N LEU F 570 67.81 27.41 20.38
CA LEU F 570 67.70 26.04 19.89
C LEU F 570 67.66 25.04 21.04
N TYR F 571 66.83 24.01 20.86
CA TYR F 571 66.51 23.03 21.89
C TYR F 571 65.76 23.65 23.06
N GLY F 572 65.20 24.85 22.88
CA GLY F 572 64.40 25.50 23.89
C GLY F 572 65.17 26.39 24.85
N ARG F 573 66.50 26.39 24.79
CA ARG F 573 67.29 27.16 25.74
C ARG F 573 68.72 27.28 25.22
N TYR F 574 69.39 28.35 25.63
CA TYR F 574 70.73 28.65 25.13
C TYR F 574 71.74 27.64 25.64
N ASN F 575 72.66 27.24 24.75
CA ASN F 575 73.74 26.34 25.10
C ASN F 575 75.07 27.04 24.85
N PRO F 576 75.89 27.27 25.89
CA PRO F 576 77.19 27.91 25.65
C PRO F 576 78.09 27.12 24.73
N ARG F 577 78.00 25.79 24.75
CA ARG F 577 78.77 24.97 23.81
C ARG F 577 78.34 25.26 22.38
N LEU F 578 77.04 25.46 22.15
CA LEU F 578 76.58 25.91 20.85
C LEU F 578 77.05 27.34 20.61
N SER F 579 77.43 27.61 19.37
CA SER F 579 77.83 28.96 19.00
C SER F 579 76.63 29.90 19.10
N PRO F 580 76.87 31.21 19.25
CA PRO F 580 75.73 32.14 19.24
C PRO F 580 74.91 32.05 17.97
N LEU F 581 75.58 31.87 16.83
CA LEU F 581 74.85 31.69 15.57
C LEU F 581 74.04 30.39 15.58
N ASP F 582 74.59 29.32 16.14
CA ASP F 582 73.86 28.06 16.21
C ASP F 582 72.64 28.17 17.11
N ASN F 583 72.79 28.84 18.26
CA ASN F 583 71.65 29.04 19.15
C ASN F 583 70.60 29.94 18.51
N ILE F 584 71.03 30.94 17.73
CA ILE F 584 70.09 31.75 16.97
C ILE F 584 69.35 30.90 15.94
N ASN F 585 70.07 29.99 15.28
CA ASN F 585 69.50 29.07 14.30
C ASN F 585 68.74 29.83 13.21
N LEU F 586 69.35 30.90 12.73
CA LEU F 586 68.71 31.77 11.75
C LEU F 586 69.62 31.99 10.56
N PRO F 587 69.03 32.26 9.39
CA PRO F 587 69.87 32.55 8.22
C PRO F 587 70.63 33.85 8.37
N ALA F 588 71.83 33.89 7.77
CA ALA F 588 72.62 35.11 7.81
C ALA F 588 71.92 36.25 7.08
N ALA F 589 71.08 35.93 6.09
CA ALA F 589 70.26 36.96 5.45
C ALA F 589 69.31 37.58 6.46
N LEU F 590 68.68 36.74 7.31
CA LEU F 590 67.80 37.28 8.35
C LEU F 590 68.59 38.12 9.36
N LEU F 591 69.78 37.64 9.74
CA LEU F 591 70.60 38.41 10.68
C LEU F 591 71.01 39.76 10.11
N SER F 592 71.34 39.80 8.81
CA SER F 592 71.74 41.04 8.18
C SER F 592 70.56 41.99 7.99
N ARG F 593 69.40 41.44 7.62
CA ARG F 593 68.22 42.27 7.45
C ARG F 593 67.76 42.88 8.78
N PHE F 594 67.86 42.11 9.86
CA PHE F 594 67.55 42.65 11.17
C PHE F 594 68.59 43.68 11.58
N ASP F 595 68.12 44.79 12.15
CA ASP F 595 69.04 45.82 12.61
C ASP F 595 69.81 45.37 13.84
N ILE F 596 69.15 44.66 14.75
CA ILE F 596 69.80 44.18 15.97
C ILE F 596 69.03 42.97 16.48
N LEU F 597 69.77 42.02 17.05
CA LEU F 597 69.20 40.84 17.69
C LEU F 597 69.75 40.76 19.11
N PHE F 598 68.86 40.56 20.08
CA PHE F 598 69.21 40.54 21.48
C PHE F 598 69.19 39.10 22.00
N LEU F 599 70.26 38.70 22.68
CA LEU F 599 70.37 37.37 23.27
C LEU F 599 70.39 37.51 24.79
N MET F 600 69.43 36.87 25.45
CA MET F 600 69.32 36.88 26.89
C MET F 600 69.34 35.45 27.42
N LEU F 601 70.07 35.24 28.51
CA LEU F 601 70.24 33.92 29.10
C LEU F 601 69.66 33.90 30.51
N ASP F 602 69.15 32.73 30.89
CA ASP F 602 68.60 32.51 32.23
C ASP F 602 69.69 31.90 33.10
N ILE F 603 70.27 32.70 33.99
CA ILE F 603 71.33 32.28 34.88
C ILE F 603 70.84 32.45 36.31
N PRO F 604 70.89 31.41 37.14
CA PRO F 604 70.46 31.57 38.54
C PRO F 604 71.33 32.58 39.27
N SER F 605 70.70 33.36 40.14
CA SER F 605 71.40 34.37 40.93
C SER F 605 70.53 34.71 42.13
N ARG F 606 71.14 34.73 43.32
CA ARG F 606 70.38 34.96 44.54
C ARG F 606 69.81 36.38 44.57
N ASP F 607 70.66 37.38 44.34
CA ASP F 607 70.20 38.76 44.38
C ASP F 607 69.21 39.06 43.26
N ASP F 608 69.47 38.54 42.06
CA ASP F 608 68.54 38.74 40.95
C ASP F 608 67.20 38.09 41.23
N ASP F 609 67.22 36.88 41.79
CA ASP F 609 65.97 36.22 42.15
C ASP F 609 65.21 37.02 43.22
N GLU F 610 65.93 37.53 44.22
CA GLU F 610 65.28 38.31 45.27
C GLU F 610 64.65 39.58 44.70
N LYS F 611 65.39 40.29 43.84
CA LYS F 611 64.86 41.53 43.28
C LYS F 611 63.69 41.28 42.35
N LEU F 612 63.79 40.25 41.49
CA LEU F 612 62.69 39.92 40.59
C LEU F 612 61.46 39.47 41.37
N ALA F 613 61.66 38.67 42.43
CA ALA F 613 60.54 38.25 43.25
C ALA F 613 59.91 39.42 43.98
N GLU F 614 60.73 40.37 44.43
CA GLU F 614 60.18 41.56 45.08
C GLU F 614 59.32 42.36 44.10
N HIS F 615 59.84 42.59 42.89
CA HIS F 615 59.08 43.34 41.90
C HIS F 615 57.80 42.60 41.51
N VAL F 616 57.87 41.28 41.34
CA VAL F 616 56.72 40.50 40.93
C VAL F 616 55.68 40.44 42.04
N THR F 617 56.11 40.29 43.28
CA THR F 617 55.17 40.28 44.41
C THR F 617 54.53 41.65 44.60
N TYR F 618 55.30 42.72 44.37
CA TYR F 618 54.71 44.06 44.39
C TYR F 618 53.67 44.21 43.29
N VAL F 619 53.95 43.66 42.10
CA VAL F 619 53.00 43.73 41.01
C VAL F 619 51.75 42.91 41.32
N HIS F 620 51.92 41.79 42.01
CA HIS F 620 50.77 40.93 42.33
C HIS F 620 49.89 41.57 43.41
N MET F 621 50.51 42.07 44.48
CA MET F 621 49.74 42.71 45.54
C MET F 621 49.13 44.02 45.09
N HIS F 622 49.83 44.76 44.22
CA HIS F 622 49.35 46.02 43.68
C HIS F 622 49.68 46.06 42.19
N ASN F 623 48.69 46.39 41.37
CA ASN F 623 48.88 46.32 39.92
C ASN F 623 50.05 47.17 39.46
N LYS F 624 50.34 48.26 40.16
CA LYS F 624 51.47 49.10 39.81
C LYS F 624 52.79 48.40 40.15
N GLN F 625 53.79 48.65 39.31
CA GLN F 625 55.13 48.19 39.62
C GLN F 625 55.69 48.97 40.81
N PRO F 626 56.56 48.33 41.62
CA PRO F 626 57.05 49.04 42.82
C PRO F 626 57.76 50.35 42.53
N ASP F 627 58.56 50.40 41.47
CA ASP F 627 59.31 51.60 41.12
C ASP F 627 59.99 51.43 39.76
N PHE F 630 61.31 56.02 39.42
CA PHE F 630 60.89 56.23 38.03
C PHE F 630 59.43 55.87 37.83
N THR F 631 58.69 56.75 37.16
CA THR F 631 57.29 56.52 36.85
C THR F 631 57.12 56.39 35.34
N PRO F 632 56.59 55.28 34.85
CA PRO F 632 56.44 55.11 33.40
C PRO F 632 55.52 56.18 32.82
N VAL F 633 55.88 56.65 31.61
CA VAL F 633 55.04 57.62 30.93
C VAL F 633 53.79 56.94 30.38
N GLU F 634 52.72 57.72 30.24
CA GLU F 634 51.48 57.17 29.72
C GLU F 634 51.68 56.72 28.26
N PRO F 635 50.98 55.67 27.84
CA PRO F 635 51.18 55.18 26.46
C PRO F 635 50.83 56.21 25.40
N SER F 636 49.82 57.06 25.64
CA SER F 636 49.46 58.09 24.66
C SER F 636 50.60 59.08 24.50
N LYS F 637 51.16 59.56 25.61
CA LYS F 637 52.29 60.49 25.53
C LYS F 637 53.52 59.81 24.95
N MET F 638 53.69 58.51 25.20
CA MET F 638 54.83 57.78 24.62
C MET F 638 54.70 57.70 23.11
N ARG F 639 53.51 57.38 22.60
CA ARG F 639 53.30 57.36 21.16
C ARG F 639 53.45 58.75 20.55
N GLU F 640 52.99 59.78 21.27
CA GLU F 640 53.16 61.14 20.79
C GLU F 640 54.64 61.51 20.71
N TYR F 641 55.43 61.11 21.70
CA TYR F 641 56.87 61.36 21.66
C TYR F 641 57.53 60.57 20.54
N ILE F 642 57.05 59.35 20.26
CA ILE F 642 57.58 58.59 19.14
C ILE F 642 57.32 59.31 17.83
N ALA F 643 56.10 59.84 17.66
CA ALA F 643 55.79 60.59 16.44
C ALA F 643 56.61 61.86 16.35
N TYR F 644 56.81 62.56 17.48
CA TYR F 644 57.62 63.78 17.47
C TYR F 644 59.07 63.47 17.11
N ALA F 645 59.58 62.34 17.60
CA ALA F 645 60.93 61.92 17.21
C ALA F 645 60.99 61.59 15.72
N LYS F 646 59.99 60.86 15.21
CA LYS F 646 59.98 60.51 13.79
C LYS F 646 59.92 61.76 12.92
N THR F 647 59.27 62.83 13.39
CA THR F 647 59.21 64.07 12.63
C THR F 647 60.58 64.74 12.51
N LYS F 648 61.53 64.43 13.39
CA LYS F 648 62.82 65.10 13.37
C LYS F 648 63.61 64.78 12.11
N ARG F 649 63.70 63.50 11.75
CA ARG F 649 64.42 63.04 10.58
C ARG F 649 65.86 63.56 10.55
N PRO F 650 66.68 63.22 11.54
CA PRO F 650 68.05 63.75 11.57
C PRO F 650 68.88 63.22 10.42
N VAL F 651 69.84 64.04 10.00
CA VAL F 651 70.74 63.72 8.90
C VAL F 651 72.16 63.56 9.46
N MET F 652 72.96 62.76 8.76
CA MET F 652 74.33 62.52 9.18
C MET F 652 75.22 63.70 8.85
N SER F 653 76.29 63.85 9.63
CA SER F 653 77.31 64.86 9.40
C SER F 653 78.60 64.19 8.95
N GLU F 654 79.58 65.02 8.58
CA GLU F 654 80.85 64.48 8.08
C GLU F 654 81.58 63.68 9.16
N ALA F 655 81.63 64.22 10.38
CA ALA F 655 82.33 63.51 11.46
C ALA F 655 81.63 62.20 11.81
N VAL F 656 80.30 62.22 11.90
CA VAL F 656 79.55 61.01 12.21
C VAL F 656 79.72 59.98 11.10
N ASN F 657 79.69 60.42 9.84
CA ASN F 657 79.85 59.50 8.72
C ASN F 657 81.25 58.89 8.71
N ASP F 658 82.28 59.69 8.96
CA ASP F 658 83.64 59.15 9.02
C ASP F 658 83.79 58.16 10.17
N TYR F 659 83.20 58.48 11.33
CA TYR F 659 83.25 57.57 12.47
C TYR F 659 82.52 56.27 12.16
N VAL F 660 81.38 56.35 11.46
CA VAL F 660 80.63 55.16 11.09
C VAL F 660 81.42 54.33 10.08
N VAL F 661 82.15 55.00 9.17
CA VAL F 661 83.00 54.27 8.24
C VAL F 661 84.12 53.55 8.97
N GLN F 662 84.73 54.22 9.95
CA GLN F 662 85.76 53.57 10.76
C GLN F 662 85.18 52.39 11.53
N ALA F 663 83.95 52.54 12.04
CA ALA F 663 83.29 51.44 12.74
C ALA F 663 82.99 50.29 11.79
N TYR F 664 82.63 50.60 10.54
CA TYR F 664 82.40 49.55 9.55
C TYR F 664 83.67 48.78 9.26
N ILE F 665 84.79 49.51 9.09
CA ILE F 665 86.07 48.83 8.87
C ILE F 665 86.44 47.98 10.07
N ARG F 666 86.24 48.52 11.28
CA ARG F 666 86.56 47.79 12.50
C ARG F 666 85.69 46.53 12.62
N LEU F 667 84.40 46.63 12.28
CA LEU F 667 83.52 45.49 12.39
C LEU F 667 83.87 44.43 11.34
N ARG F 668 84.21 44.85 10.12
CA ARG F 668 84.64 43.89 9.11
C ARG F 668 85.91 43.17 9.54
N GLN F 669 86.87 43.91 10.08
CA GLN F 669 88.11 43.28 10.55
C GLN F 669 87.84 42.38 11.76
N ASP F 670 86.93 42.79 12.64
CA ASP F 670 86.58 41.98 13.80
C ASP F 670 85.86 40.70 13.39
N SER F 671 85.11 40.75 12.29
CA SER F 671 84.52 39.52 11.77
C SER F 671 85.56 38.63 11.10
N LYS F 672 86.50 39.25 10.37
CA LYS F 672 87.57 38.47 9.73
C LYS F 672 88.43 37.75 10.75
N ARG F 673 88.77 38.43 11.85
CA ARG F 673 89.53 37.80 12.92
C ARG F 673 88.67 36.90 13.79
N GLU F 674 87.39 37.26 13.98
CA GLU F 674 86.48 36.51 14.83
C GLU F 674 85.65 35.54 13.99
N MET F 675 86.37 34.66 13.29
CA MET F 675 85.73 33.53 12.63
C MET F 675 85.39 32.41 13.60
N ASP F 676 85.89 32.48 14.83
CA ASP F 676 85.53 31.50 15.84
C ASP F 676 84.04 31.56 16.14
N SER F 677 83.35 30.45 15.88
CA SER F 677 81.89 30.45 15.94
C SER F 677 81.37 30.83 17.33
N LYS F 678 82.07 30.40 18.38
CA LYS F 678 81.64 30.72 19.73
C LYS F 678 81.62 32.22 19.97
N PHE F 679 82.55 32.96 19.36
CA PHE F 679 82.57 34.41 19.47
C PHE F 679 82.04 35.12 18.24
N SER F 680 81.86 34.41 17.13
CA SER F 680 81.37 35.03 15.89
C SER F 680 79.86 35.24 15.99
N PHE F 681 79.43 36.49 15.87
CA PHE F 681 78.02 36.85 15.81
C PHE F 681 77.57 37.13 14.39
N GLY F 682 78.41 36.86 13.39
CA GLY F 682 78.10 37.15 12.01
C GLY F 682 79.02 38.19 11.40
N GLN F 683 79.34 38.03 10.11
CA GLN F 683 80.31 38.94 9.46
C GLN F 683 79.80 40.39 9.44
N ALA F 684 80.71 41.36 9.38
CA ALA F 684 80.31 42.78 9.32
C ALA F 684 79.53 43.03 8.02
N THR F 685 78.49 43.84 8.08
CA THR F 685 77.64 44.07 6.89
C THR F 685 77.64 45.54 6.52
N PRO F 686 77.85 45.90 5.24
CA PRO F 686 77.74 47.30 4.84
C PRO F 686 76.28 47.64 5.13
N ARG F 687 75.38 46.70 4.82
CA ARG F 687 73.93 46.90 5.10
C ARG F 687 73.77 47.06 6.62
N THR F 688 74.52 46.28 7.41
CA THR F 688 74.44 46.39 8.89
C THR F 688 74.89 47.78 9.32
N LEU F 689 75.94 48.33 8.71
CA LEU F 689 76.35 49.73 9.02
C LEU F 689 75.17 50.63 8.63
N LEU F 690 74.44 50.26 7.58
CA LEU F 690 73.22 50.99 7.15
C LEU F 690 72.23 50.87 8.30
N GLY F 691 71.87 49.64 8.66
CA GLY F 691 71.09 49.49 9.88
C GLY F 691 71.63 50.31 11.03
N ILE F 692 72.96 50.37 11.15
CA ILE F 692 73.58 51.21 12.18
C ILE F 692 73.27 52.68 11.91
N ILE F 693 73.27 53.08 10.64
CA ILE F 693 72.92 54.45 10.30
C ILE F 693 71.47 54.74 10.69
N ARG F 694 70.57 53.80 10.42
CA ARG F 694 69.18 53.97 10.79
C ARG F 694 69.01 54.07 12.31
N LEU F 695 69.77 53.25 13.05
CA LEU F 695 69.69 53.29 14.51
C LEU F 695 70.23 54.61 15.05
N SER F 696 71.31 55.13 14.46
CA SER F 696 71.82 56.44 14.88
C SER F 696 70.81 57.54 14.58
N GLN F 697 70.15 57.45 13.42
CA GLN F 697 69.10 58.41 13.10
C GLN F 697 67.95 58.32 14.09
N ALA F 698 67.59 57.10 14.50
CA ALA F 698 66.53 56.93 15.49
C ALA F 698 66.93 57.53 16.84
N LEU F 699 68.19 57.34 17.24
CA LEU F 699 68.65 57.92 18.49
C LEU F 699 68.64 59.45 18.44
N ALA F 700 69.10 60.03 17.33
CA ALA F 700 69.04 61.48 17.19
C ALA F 700 67.61 61.98 17.11
N LYS F 701 66.69 61.15 16.61
CA LYS F 701 65.27 61.51 16.62
C LYS F 701 64.72 61.52 18.03
N LEU F 702 65.06 60.50 18.83
CA LEU F 702 64.61 60.44 20.21
C LEU F 702 65.17 61.61 21.01
N ARG F 703 66.42 62.00 20.73
CA ARG F 703 66.98 63.21 21.31
C ARG F 703 66.48 64.46 20.62
N LEU F 704 65.70 64.32 19.54
CA LEU F 704 65.14 65.43 18.76
C LEU F 704 66.21 66.29 18.12
N ALA F 705 67.40 65.74 17.91
CA ALA F 705 68.45 66.47 17.21
C ALA F 705 68.09 66.62 15.74
N ASP F 706 68.31 67.82 15.20
CA ASP F 706 68.05 68.06 13.78
C ASP F 706 68.98 67.26 12.89
N MET F 707 70.13 66.84 13.40
CA MET F 707 71.09 66.06 12.64
C MET F 707 71.59 64.89 13.49
N VAL F 708 71.99 63.81 12.81
CA VAL F 708 72.48 62.63 13.51
C VAL F 708 73.81 62.96 14.19
N ASP F 709 74.04 62.32 15.33
CA ASP F 709 75.20 62.60 16.15
C ASP F 709 76.12 61.39 16.26
N ILE F 710 77.41 61.66 16.39
CA ILE F 710 78.38 60.60 16.63
C ILE F 710 78.06 59.88 17.94
N ASP F 711 77.50 60.60 18.91
CA ASP F 711 77.03 59.95 20.13
C ASP F 711 75.93 58.95 19.83
N ASP F 712 75.01 59.30 18.92
CA ASP F 712 73.96 58.36 18.53
C ASP F 712 74.54 57.14 17.82
N VAL F 713 75.52 57.35 16.95
CA VAL F 713 76.15 56.21 16.26
C VAL F 713 76.83 55.30 17.27
N GLU F 714 77.57 55.89 18.22
CA GLU F 714 78.23 55.09 19.25
C GLU F 714 77.22 54.38 20.14
N GLU F 715 76.06 54.99 20.38
CA GLU F 715 75.04 54.34 21.19
C GLU F 715 74.44 53.13 20.47
N ALA F 716 74.22 53.25 19.16
CA ALA F 716 73.76 52.09 18.40
C ALA F 716 74.79 50.96 18.41
N LEU F 717 76.06 51.32 18.20
CA LEU F 717 77.13 50.33 18.27
C LEU F 717 77.18 49.70 19.65
N ARG F 718 76.92 50.49 20.69
CA ARG F 718 76.90 49.97 22.06
C ARG F 718 75.72 49.04 22.28
N LEU F 719 74.58 49.30 21.62
CA LEU F 719 73.46 48.37 21.70
C LEU F 719 73.84 47.00 21.12
N VAL F 720 74.49 47.01 19.96
CA VAL F 720 74.95 45.74 19.39
C VAL F 720 76.00 45.08 20.29
N ARG F 721 76.88 45.91 20.86
CA ARG F 721 77.93 45.38 21.74
C ARG F 721 77.32 44.75 22.98
N VAL F 722 76.25 45.33 23.52
CA VAL F 722 75.55 44.74 24.65
C VAL F 722 74.86 43.45 24.24
N SER F 723 74.34 43.41 23.01
CA SER F 723 73.75 42.17 22.51
C SER F 723 74.77 41.04 22.53
N LYS F 724 76.03 41.34 22.20
CA LYS F 724 77.07 40.31 22.30
C LYS F 724 77.52 40.08 23.75
N GLU F 725 77.59 41.15 24.55
CA GLU F 725 78.15 41.04 25.90
C GLU F 725 77.22 40.29 26.83
N SER F 726 75.91 40.30 26.55
CA SER F 726 74.99 39.51 27.37
C SER F 726 75.33 38.03 27.32
N LEU F 727 75.70 37.54 26.13
CA LEU F 727 76.17 36.16 26.02
C LEU F 727 77.58 36.01 26.56
N TYR F 728 78.44 37.02 26.35
CA TYR F 728 79.81 36.94 26.84
C TYR F 728 79.86 36.81 28.37
N GLN F 729 78.91 37.44 29.07
CA GLN F 729 78.90 37.35 30.53
C GLN F 729 78.64 35.92 31.00
N GLU F 730 77.74 35.21 30.31
CA GLU F 730 77.40 33.83 30.64
C GLU F 730 76.94 33.68 32.08
N MET G 1 18.80 -9.16 50.84
CA MET G 1 18.47 -9.52 52.22
C MET G 1 17.89 -10.93 52.30
N TYR G 2 17.50 -11.34 53.50
CA TYR G 2 16.96 -12.68 53.68
C TYR G 2 15.66 -12.87 52.92
N GLY G 3 14.82 -11.83 52.89
CA GLY G 3 13.57 -11.91 52.16
C GLY G 3 13.72 -11.81 50.65
N ASP G 4 14.88 -11.41 50.16
CA ASP G 4 15.09 -11.30 48.71
C ASP G 4 15.05 -12.67 48.04
N LEU G 5 15.60 -13.70 48.70
CA LEU G 5 15.53 -15.04 48.14
C LEU G 5 14.09 -15.53 48.04
N GLY G 6 13.29 -15.28 49.08
CA GLY G 6 11.88 -15.64 49.02
C GLY G 6 11.14 -14.84 47.96
N ASN G 7 11.52 -13.58 47.78
CA ASN G 7 10.92 -12.78 46.72
C ASN G 7 11.24 -13.35 45.34
N LYS G 8 12.48 -13.82 45.15
CA LYS G 8 12.85 -14.46 43.89
C LYS G 8 12.09 -15.75 43.68
N LEU G 9 11.92 -16.54 44.75
CA LEU G 9 11.14 -17.77 44.63
C LEU G 9 9.68 -17.48 44.29
N VAL G 10 9.11 -16.44 44.90
CA VAL G 10 7.73 -16.06 44.59
C VAL G 10 7.64 -15.51 43.17
N LEU G 11 8.68 -14.84 42.69
CA LEU G 11 8.70 -14.38 41.30
C LEU G 11 8.69 -15.56 40.34
N GLU G 12 9.48 -16.59 40.65
CA GLU G 12 9.45 -17.81 39.84
C GLU G 12 8.07 -18.46 39.89
N ALA G 13 7.44 -18.46 41.08
CA ALA G 13 6.10 -19.01 41.21
C ALA G 13 5.10 -18.25 40.35
N LYS G 14 5.19 -16.91 40.35
CA LYS G 14 4.30 -16.10 39.52
C LYS G 14 4.56 -16.34 38.04
N ARG G 15 5.82 -16.50 37.66
CA ARG G 15 6.14 -16.80 36.26
C ARG G 15 5.53 -18.12 35.83
N THR G 16 5.67 -19.16 36.67
CA THR G 16 5.08 -20.45 36.35
C THR G 16 3.56 -20.38 36.32
N LYS G 17 2.97 -19.60 37.23
CA LYS G 17 1.51 -19.45 37.24
C LYS G 17 1.02 -18.78 35.97
N GLN G 18 1.71 -17.72 35.53
CA GLN G 18 1.34 -17.07 34.28
C GLN G 18 1.51 -17.99 33.09
N LEU G 19 2.58 -18.80 33.10
CA LEU G 19 2.80 -19.75 32.01
C LEU G 19 1.66 -20.78 31.94
N TYR G 20 1.32 -21.37 33.09
CA TYR G 20 0.25 -22.36 33.12
C TYR G 20 -1.10 -21.75 32.76
N ALA G 21 -1.33 -20.50 33.15
CA ALA G 21 -2.56 -19.82 32.73
C ALA G 21 -2.56 -19.54 31.23
N ARG G 22 -1.37 -19.29 30.66
CA ARG G 22 -1.29 -19.02 29.23
C ARG G 22 -1.57 -20.28 28.40
N SER G 23 -1.03 -21.43 28.84
CA SER G 23 -1.21 -22.68 28.11
C SER G 23 -2.36 -23.47 28.70
N ASN G 24 -3.40 -23.72 27.89
CA ASN G 24 -4.54 -24.49 28.37
C ASN G 24 -4.15 -25.93 28.66
N GLN G 25 -3.46 -26.58 27.72
CA GLN G 25 -2.95 -27.92 27.96
C GLN G 25 -1.84 -27.87 29.00
N ASP G 26 -1.83 -28.87 29.88
CA ASP G 26 -0.88 -28.89 30.99
C ASP G 26 0.51 -29.22 30.48
N VAL G 27 1.43 -28.25 30.60
CA VAL G 27 2.83 -28.50 30.28
C VAL G 27 3.51 -29.16 31.46
N ASN G 28 4.64 -29.82 31.19
CA ASN G 28 5.48 -30.34 32.26
C ASN G 28 5.95 -29.18 33.13
N LEU G 29 5.62 -29.23 34.41
CA LEU G 29 5.84 -28.10 35.29
C LEU G 29 7.33 -27.80 35.42
N PRO G 30 7.70 -26.54 35.66
CA PRO G 30 9.11 -26.20 35.83
C PRO G 30 9.71 -26.94 37.01
N MET G 31 10.99 -27.28 36.89
CA MET G 31 11.67 -28.03 37.92
C MET G 31 11.65 -27.27 39.25
N TYR G 32 11.49 -28.01 40.34
CA TYR G 32 11.37 -27.40 41.66
C TYR G 32 12.60 -26.56 41.98
N HIS G 33 12.38 -25.34 42.46
CA HIS G 33 13.45 -24.37 42.71
C HIS G 33 14.17 -24.74 44.01
N GLU G 34 14.82 -25.91 43.97
CA GLU G 34 15.50 -26.43 45.15
C GLU G 34 16.63 -25.52 45.60
N ASP G 35 17.33 -24.90 44.65
CA ASP G 35 18.46 -24.04 45.02
C ASP G 35 17.99 -22.83 45.82
N ILE G 36 16.99 -22.10 45.32
CA ILE G 36 16.49 -20.94 46.03
C ILE G 36 15.84 -21.35 47.35
N ILE G 37 15.13 -22.49 47.36
CA ILE G 37 14.51 -22.95 48.60
C ILE G 37 15.57 -23.27 49.65
N ARG G 38 16.65 -23.92 49.24
CA ARG G 38 17.73 -24.26 50.17
C ARG G 38 18.44 -23.01 50.66
N ASN G 39 18.63 -22.02 49.79
CA ASN G 39 19.23 -20.76 50.23
C ASN G 39 18.34 -20.08 51.26
N ILE G 40 17.03 -20.09 51.04
CA ILE G 40 16.11 -19.49 52.01
C ILE G 40 16.13 -20.25 53.32
N LEU G 41 16.23 -21.58 53.26
CA LEU G 41 16.30 -22.38 54.47
C LEU G 41 17.59 -22.12 55.25
N LYS G 42 18.70 -21.96 54.54
CA LYS G 42 19.96 -21.62 55.21
C LYS G 42 19.88 -20.23 55.85
N GLU G 43 19.23 -19.29 55.15
CA GLU G 43 19.02 -17.96 55.75
C GLU G 43 18.15 -18.06 56.99
N VAL G 44 17.14 -18.92 56.97
CA VAL G 44 16.27 -19.10 58.13
C VAL G 44 17.06 -19.69 59.29
N SER G 45 17.95 -20.66 59.01
CA SER G 45 18.78 -21.23 60.06
C SER G 45 19.72 -20.19 60.65
N ASN G 46 20.31 -19.35 59.78
CA ASN G 46 21.17 -18.27 60.27
C ASN G 46 20.39 -17.28 61.13
N LEU G 47 19.16 -16.96 60.72
CA LEU G 47 18.32 -16.06 61.51
C LEU G 47 17.92 -16.70 62.84
N ARG G 48 17.70 -18.01 62.86
CA ARG G 48 17.42 -18.70 64.12
C ARG G 48 18.62 -18.65 65.05
N LYS G 49 19.83 -18.85 64.51
CA LYS G 49 21.03 -18.71 65.33
C LYS G 49 21.19 -17.28 65.85
N ASN G 50 20.86 -16.30 65.00
CA ASN G 50 20.92 -14.90 65.43
C ASN G 50 19.90 -14.62 66.54
N THR G 51 18.71 -15.20 66.44
CA THR G 51 17.71 -15.04 67.49
C THR G 51 18.15 -15.70 68.78
N GLU G 52 18.80 -16.86 68.69
CA GLU G 52 19.35 -17.48 69.89
C GLU G 52 20.43 -16.63 70.53
N TYR G 53 21.29 -16.02 69.70
CA TYR G 53 22.31 -15.11 70.23
C TYR G 53 21.68 -13.88 70.85
N LEU G 54 20.60 -13.38 70.26
CA LEU G 54 19.90 -12.24 70.83
C LEU G 54 19.24 -12.59 72.16
N LYS G 55 18.71 -13.81 72.27
CA LYS G 55 18.16 -14.26 73.54
C LYS G 55 19.25 -14.40 74.60
N GLU G 56 20.44 -14.87 74.20
CA GLU G 56 21.57 -14.91 75.12
C GLU G 56 21.97 -13.51 75.56
N GLN G 57 21.95 -12.55 74.63
CA GLN G 57 22.23 -11.17 74.98
C GLN G 57 21.17 -10.61 75.93
N GLN G 58 19.91 -11.02 75.74
CA GLN G 58 18.86 -10.62 76.67
C GLN G 58 19.07 -11.22 78.04
N GLN G 59 19.56 -12.45 78.10
CA GLN G 59 19.96 -13.04 79.39
C GLN G 59 21.09 -12.23 80.01
N LEU G 60 22.01 -11.75 79.18
CA LEU G 60 23.02 -10.81 79.67
C LEU G 60 22.39 -9.51 80.15
N GLY G 61 21.23 -9.14 79.60
CA GLY G 61 20.45 -8.04 80.07
C GLY G 61 20.69 -6.70 79.40
N MET G 62 21.67 -6.61 78.51
CA MET G 62 22.01 -5.33 77.89
C MET G 62 20.96 -4.94 76.86
N LEU G 63 20.20 -3.88 77.15
CA LEU G 63 19.19 -3.34 76.23
C LEU G 63 18.19 -4.42 75.81
N ASP G 64 17.93 -5.37 76.69
CA ASP G 64 17.05 -6.49 76.36
C ASP G 64 15.61 -6.04 76.16
N ASP G 65 15.19 -4.98 76.86
CA ASP G 65 13.79 -4.56 76.81
C ASP G 65 13.43 -3.97 75.45
N LYS G 66 14.32 -3.16 74.87
CA LYS G 66 14.00 -2.41 73.66
C LYS G 66 14.82 -2.84 72.45
N VAL G 67 16.16 -2.78 72.54
CA VAL G 67 16.99 -3.08 71.38
C VAL G 67 16.87 -4.56 71.01
N ALA G 68 16.96 -5.44 72.01
CA ALA G 68 16.82 -6.87 71.73
C ALA G 68 15.41 -7.19 71.26
N LYS G 69 14.40 -6.51 71.80
CA LYS G 69 13.03 -6.72 71.35
C LYS G 69 12.87 -6.35 69.88
N CYS G 70 13.41 -5.20 69.49
CA CYS G 70 13.32 -4.79 68.09
C CYS G 70 14.10 -5.74 67.17
N GLN G 71 15.29 -6.17 67.59
CA GLN G 71 16.07 -7.09 66.77
C GLN G 71 15.36 -8.43 66.61
N TYR G 72 14.82 -8.97 67.70
CA TYR G 72 14.08 -10.23 67.62
C TYR G 72 12.84 -10.09 66.75
N PHE G 73 12.15 -8.94 66.87
CA PHE G 73 10.97 -8.71 66.02
C PHE G 73 11.36 -8.67 64.55
N VAL G 74 12.47 -8.01 64.22
CA VAL G 74 12.91 -7.94 62.83
C VAL G 74 13.28 -9.33 62.31
N THR G 75 14.01 -10.11 63.11
CA THR G 75 14.38 -11.45 62.68
C THR G 75 13.16 -12.34 62.51
N LEU G 76 12.19 -12.24 63.42
CA LEU G 76 10.97 -13.02 63.30
C LEU G 76 10.17 -12.61 62.06
N LEU G 77 10.14 -11.31 61.75
CA LEU G 77 9.47 -10.86 60.55
C LEU G 77 10.14 -11.40 59.29
N CYS G 78 11.48 -11.43 59.29
CA CYS G 78 12.19 -12.01 58.16
C CYS G 78 11.87 -13.49 58.00
N MET G 79 11.85 -14.24 59.10
CA MET G 79 11.51 -15.65 59.03
C MET G 79 10.07 -15.84 58.53
N GLU G 80 9.15 -15.00 59.00
CA GLU G 80 7.76 -15.10 58.57
C GLU G 80 7.62 -14.82 57.08
N ARG G 81 8.32 -13.80 56.58
CA ARG G 81 8.26 -13.50 55.14
C ARG G 81 8.82 -14.65 54.32
N ASN G 82 9.95 -15.21 54.74
CA ASN G 82 10.53 -16.33 54.01
C ASN G 82 9.59 -17.54 54.03
N LYS G 83 8.99 -17.83 55.18
CA LYS G 83 8.05 -18.94 55.27
C LYS G 83 6.83 -18.72 54.38
N ARG G 84 6.32 -17.48 54.34
CA ARG G 84 5.18 -17.18 53.48
C ARG G 84 5.52 -17.38 52.01
N CYS G 85 6.70 -16.92 51.59
CA CYS G 85 7.11 -17.09 50.20
C CYS G 85 7.24 -18.57 49.85
N LEU G 86 7.90 -19.34 50.72
CA LEU G 86 8.06 -20.77 50.46
C LEU G 86 6.72 -21.48 50.41
N LEU G 87 5.81 -21.14 51.33
CA LEU G 87 4.49 -21.76 51.34
C LEU G 87 3.72 -21.43 50.08
N ALA G 88 3.80 -20.17 49.62
CA ALA G 88 3.10 -19.78 48.40
C ALA G 88 3.62 -20.56 47.20
N TYR G 89 4.94 -20.65 47.06
CA TYR G 89 5.52 -21.39 45.93
C TYR G 89 5.13 -22.86 45.97
N GLN G 90 5.24 -23.48 47.15
CA GLN G 90 4.90 -24.90 47.27
C GLN G 90 3.42 -25.14 47.01
N ARG G 91 2.55 -24.24 47.48
CA ARG G 91 1.12 -24.39 47.24
C ARG G 91 0.79 -24.27 45.76
N LEU G 92 1.43 -23.33 45.06
CA LEU G 92 1.19 -23.19 43.63
C LEU G 92 1.62 -24.45 42.88
N ARG G 93 2.81 -24.97 43.21
CA ARG G 93 3.28 -26.18 42.55
C ARG G 93 2.38 -27.38 42.86
N THR G 94 1.91 -27.49 44.11
CA THR G 94 1.04 -28.60 44.48
C THR G 94 -0.32 -28.49 43.81
N ASP G 95 -0.83 -27.27 43.64
CA ASP G 95 -2.07 -27.09 42.90
C ASP G 95 -1.92 -27.49 41.44
N ILE G 96 -0.77 -27.16 40.84
CA ILE G 96 -0.51 -27.61 39.47
C ILE G 96 -0.47 -29.13 39.42
N LEU G 97 0.16 -29.76 40.41
CA LEU G 97 0.22 -31.22 40.46
C LEU G 97 -1.18 -31.82 40.60
N ASP G 98 -2.03 -31.21 41.43
CA ASP G 98 -3.40 -31.71 41.59
C ASP G 98 -4.19 -31.57 40.29
N SER G 99 -4.00 -30.46 39.58
CA SER G 99 -4.66 -30.30 38.28
C SER G 99 -4.19 -31.37 37.30
N MET G 100 -2.89 -31.66 37.28
CA MET G 100 -2.37 -32.70 36.41
C MET G 100 -2.95 -34.07 36.78
N ALA G 101 -3.05 -34.36 38.08
CA ALA G 101 -3.61 -35.64 38.51
C ALA G 101 -5.06 -35.77 38.12
N TRP G 102 -5.83 -34.68 38.22
CA TRP G 102 -7.21 -34.71 37.76
C TRP G 102 -7.30 -34.88 36.25
N ASN G 103 -6.34 -34.29 35.52
CA ASN G 103 -6.39 -34.37 34.06
C ASN G 103 -6.06 -35.76 33.55
N ASN G 104 -5.00 -36.38 34.07
CA ASN G 104 -4.50 -37.62 33.51
C ASN G 104 -4.58 -38.79 34.46
N ASN G 105 -4.09 -38.65 35.69
CA ASN G 105 -4.03 -39.79 36.60
C ASN G 105 -5.41 -40.32 36.94
N GLY G 106 -6.44 -39.49 36.85
CA GLY G 106 -7.79 -39.96 37.07
C GLY G 106 -8.32 -40.84 35.96
N LEU G 107 -7.74 -40.74 34.76
CA LEU G 107 -8.17 -41.55 33.63
C LEU G 107 -6.96 -42.23 32.98
N ASP G 119 7.49 -36.09 33.81
CA ASP G 119 8.29 -35.00 34.36
C ASP G 119 8.54 -35.19 35.85
N THR G 120 8.82 -36.44 36.25
CA THR G 120 9.09 -36.72 37.65
C THR G 120 10.35 -36.02 38.14
N ASN G 121 11.29 -35.73 37.23
CA ASN G 121 12.48 -35.00 37.62
C ASN G 121 12.16 -33.58 38.07
N ASN G 122 11.15 -32.95 37.45
CA ASN G 122 10.78 -31.60 37.83
C ASN G 122 10.25 -31.53 39.26
N LEU G 123 9.50 -32.56 39.67
CA LEU G 123 8.93 -32.58 41.01
C LEU G 123 9.98 -32.99 42.04
N SER G 124 9.80 -32.50 43.26
CA SER G 124 10.57 -33.01 44.38
C SER G 124 10.10 -34.43 44.71
N HIS G 125 10.91 -35.14 45.50
CA HIS G 125 10.51 -36.49 45.91
C HIS G 125 9.26 -36.44 46.79
N GLN G 126 9.22 -35.48 47.72
CA GLN G 126 8.03 -35.29 48.54
C GLN G 126 6.84 -34.88 47.67
N GLU G 127 7.08 -34.06 46.64
CA GLU G 127 6.01 -33.66 45.74
C GLU G 127 5.49 -34.85 44.94
N GLN G 128 6.38 -35.76 44.54
CA GLN G 128 5.95 -36.95 43.82
C GLN G 128 5.13 -37.87 44.72
N GLU G 129 5.56 -38.02 45.97
CA GLU G 129 4.76 -38.80 46.92
C GLU G 129 3.40 -38.15 47.14
N TYR G 130 3.36 -36.81 47.20
CA TYR G 130 2.11 -36.10 47.38
C TYR G 130 1.19 -36.28 46.17
N LEU G 131 1.75 -36.23 44.97
CA LEU G 131 0.95 -36.44 43.76
C LEU G 131 0.41 -37.87 43.70
N LYS G 132 1.23 -38.84 44.10
CA LYS G 132 0.75 -40.22 44.17
C LYS G 132 -0.37 -40.36 45.19
N GLU G 133 -0.24 -39.70 46.34
CA GLU G 133 -1.29 -39.72 47.35
C GLU G 133 -2.56 -39.05 46.84
N TYR G 134 -2.42 -37.97 46.07
CA TYR G 134 -3.59 -37.30 45.50
C TYR G 134 -4.29 -38.19 44.48
N CYS G 135 -3.53 -38.88 43.64
CA CYS G 135 -4.13 -39.81 42.69
C CYS G 135 -4.84 -40.95 43.42
N ASP G 136 -4.22 -41.46 44.49
CA ASP G 136 -4.87 -42.50 45.29
C ASP G 136 -6.15 -41.98 45.92
N LEU G 137 -6.14 -40.72 46.40
CA LEU G 137 -7.34 -40.13 46.98
C LEU G 137 -8.44 -39.97 45.94
N ILE G 138 -8.08 -39.58 44.71
CA ILE G 138 -9.08 -39.45 43.65
C ILE G 138 -9.70 -40.81 43.34
N THR G 139 -8.85 -41.83 43.19
CA THR G 139 -9.35 -43.17 42.92
C THR G 139 -10.21 -43.69 44.06
N ASP G 140 -9.86 -43.34 45.30
CA ASP G 140 -10.65 -43.76 46.44
C ASP G 140 -11.99 -43.03 46.50
N LEU G 141 -11.99 -41.73 46.17
CA LEU G 141 -13.25 -40.98 46.15
C LEU G 141 -14.20 -41.55 45.09
N LYS G 142 -13.67 -41.90 43.92
CA LYS G 142 -14.49 -42.60 42.94
C LYS G 142 -14.83 -44.02 43.39
N SER G 143 -14.02 -44.62 44.26
CA SER G 143 -14.21 -46.00 44.69
C SER G 143 -15.01 -46.02 45.99
N GLY G 144 -16.32 -46.15 45.87
CA GLY G 144 -17.19 -46.17 47.02
C GLY G 144 -18.51 -45.49 46.75
N ASP G 145 -18.91 -44.56 47.62
CA ASP G 145 -20.08 -43.75 47.34
C ASP G 145 -19.82 -42.83 46.15
N LEU G 146 -20.89 -42.51 45.42
CA LEU G 146 -20.81 -41.70 44.21
C LEU G 146 -19.93 -42.36 43.14
N VAL G 147 -19.80 -43.69 43.19
CA VAL G 147 -19.07 -44.40 42.16
C VAL G 147 -19.86 -44.48 40.86
N ASP G 148 -21.17 -44.27 40.91
CA ASP G 148 -22.00 -44.42 39.72
C ASP G 148 -21.57 -43.44 38.63
N ILE G 149 -21.22 -42.21 39.02
CA ILE G 149 -20.72 -41.20 38.09
C ILE G 149 -19.19 -41.17 38.19
N ASP G 150 -18.53 -41.29 37.05
CA ASP G 150 -17.07 -41.23 37.01
C ASP G 150 -16.63 -39.81 37.32
N LEU G 151 -16.20 -39.57 38.56
CA LEU G 151 -15.78 -38.22 38.95
C LEU G 151 -14.59 -37.76 38.13
N SER G 152 -13.76 -38.69 37.65
CA SER G 152 -12.70 -38.33 36.72
C SER G 152 -13.21 -38.02 35.32
N GLY G 153 -14.50 -38.27 35.06
CA GLY G 153 -15.05 -37.96 33.75
C GLY G 153 -14.99 -36.48 33.43
N SER G 154 -15.02 -36.20 32.12
CA SER G 154 -14.82 -34.84 31.65
C SER G 154 -15.89 -33.91 32.18
N LEU G 155 -15.49 -32.68 32.50
CA LEU G 155 -16.42 -31.67 33.00
C LEU G 155 -17.12 -30.91 31.89
N VAL G 156 -16.81 -31.21 30.63
CA VAL G 156 -17.51 -30.57 29.50
C VAL G 156 -18.95 -31.06 29.48
N PRO G 157 -19.93 -30.17 29.26
CA PRO G 157 -21.31 -30.63 29.22
C PRO G 157 -21.54 -31.57 28.06
N PRO G 158 -22.43 -32.55 28.21
CA PRO G 158 -22.69 -33.49 27.11
C PRO G 158 -23.47 -32.85 25.97
N SER G 159 -22.79 -32.01 25.18
CA SER G 159 -23.46 -31.29 24.11
C SER G 159 -23.90 -32.23 23.00
N ASP G 160 -23.10 -33.25 22.68
CA ASP G 160 -23.38 -34.16 21.58
C ASP G 160 -23.54 -35.57 22.13
N VAL G 161 -24.71 -36.16 21.88
CA VAL G 161 -24.93 -37.55 22.29
C VAL G 161 -24.13 -38.50 21.40
N PHE G 162 -24.14 -38.26 20.08
CA PHE G 162 -23.41 -39.07 19.13
C PHE G 162 -22.43 -38.20 18.36
N ILE G 163 -21.27 -38.75 18.06
CA ILE G 163 -20.23 -38.03 17.33
C ILE G 163 -19.38 -39.05 16.57
N ASP G 164 -19.09 -38.74 15.31
CA ASP G 164 -18.23 -39.60 14.52
C ASP G 164 -16.82 -39.58 15.08
N VAL G 165 -16.19 -40.76 15.14
CA VAL G 165 -14.88 -40.96 15.76
C VAL G 165 -14.00 -41.81 14.84
N ARG G 166 -12.73 -41.44 14.72
CA ARG G 166 -11.73 -42.19 13.99
C ARG G 166 -10.39 -41.95 14.66
N VAL G 167 -9.46 -42.83 14.36
CA VAL G 167 -8.25 -42.95 15.15
C VAL G 167 -7.31 -41.80 14.84
N LEU G 168 -6.88 -41.10 15.89
CA LEU G 168 -5.68 -40.28 15.79
C LEU G 168 -4.43 -41.14 15.72
N LYS G 169 -4.50 -42.37 16.21
CA LYS G 169 -3.38 -43.30 16.19
C LYS G 169 -3.90 -44.72 16.04
N ASP G 170 -3.08 -45.58 15.42
CA ASP G 170 -3.46 -46.97 15.15
C ASP G 170 -3.16 -47.84 16.36
N ALA G 171 -4.01 -47.68 17.39
CA ALA G 171 -3.86 -48.46 18.62
C ALA G 171 -4.30 -49.91 18.48
N GLY G 172 -5.17 -50.20 17.51
CA GLY G 172 -5.68 -51.55 17.34
C GLY G 172 -7.05 -51.75 17.94
N GLU G 173 -7.36 -52.96 18.37
CA GLU G 173 -8.67 -53.25 18.95
C GLU G 173 -8.88 -52.45 20.23
N ILE G 174 -10.11 -52.02 20.46
CA ILE G 174 -10.48 -51.23 21.63
C ILE G 174 -11.81 -51.72 22.16
N GLN G 175 -11.98 -51.62 23.48
CA GLN G 175 -13.21 -52.08 24.12
C GLN G 175 -14.32 -51.05 23.99
N THR G 176 -15.55 -51.53 24.07
CA THR G 176 -16.74 -50.69 24.11
C THR G 176 -17.73 -51.35 25.05
N GLU G 177 -18.93 -50.77 25.14
CA GLU G 177 -19.95 -51.33 26.03
C GLU G 177 -20.31 -52.76 25.64
N TYR G 178 -20.51 -53.00 24.34
CA TYR G 178 -20.73 -54.36 23.84
C TYR G 178 -20.06 -54.57 22.49
N GLY G 179 -18.82 -54.10 22.32
CA GLY G 179 -18.15 -54.27 21.06
C GLY G 179 -16.66 -54.04 21.15
N VAL G 180 -15.95 -54.61 20.18
CA VAL G 180 -14.51 -54.41 20.02
C VAL G 180 -14.29 -53.73 18.68
N PHE G 181 -13.67 -52.56 18.69
CA PHE G 181 -13.50 -51.74 17.50
C PHE G 181 -12.02 -51.64 17.15
N ASN G 182 -11.68 -51.96 15.91
CA ASN G 182 -10.32 -51.76 15.44
C ASN G 182 -10.03 -50.29 15.29
N LEU G 183 -8.82 -49.88 15.68
CA LEU G 183 -8.37 -48.51 15.53
C LEU G 183 -7.36 -48.38 14.38
N ILE G 184 -7.56 -49.13 13.30
CA ILE G 184 -6.68 -49.07 12.14
C ILE G 184 -6.57 -47.63 11.69
N LYS G 185 -5.41 -47.26 11.15
CA LYS G 185 -5.13 -45.85 10.87
C LYS G 185 -6.18 -45.27 9.93
N ASP G 186 -6.71 -44.11 10.31
CA ASP G 186 -7.71 -43.38 9.51
C ASP G 186 -8.97 -44.21 9.28
N SER G 187 -9.49 -44.80 10.36
CA SER G 187 -10.71 -45.60 10.31
C SER G 187 -11.80 -44.89 11.11
N GLN G 188 -12.83 -44.42 10.41
CA GLN G 188 -13.91 -43.63 11.01
C GLN G 188 -14.98 -44.51 11.63
N PHE G 189 -15.75 -43.92 12.54
CA PHE G 189 -16.83 -44.61 13.22
C PHE G 189 -17.97 -43.65 13.47
N PHE G 190 -19.10 -44.20 13.91
CA PHE G 190 -20.25 -43.42 14.35
C PHE G 190 -20.75 -44.05 15.65
N VAL G 191 -20.47 -43.38 16.77
CA VAL G 191 -20.77 -43.93 18.09
C VAL G 191 -21.18 -42.80 19.02
N ARG G 192 -21.79 -43.19 20.14
CA ARG G 192 -22.16 -42.22 21.16
C ARG G 192 -20.91 -41.61 21.77
N GLN G 193 -20.99 -40.33 22.12
CA GLN G 193 -19.82 -39.61 22.63
C GLN G 193 -19.35 -40.17 23.97
N SER G 194 -20.27 -40.67 24.79
CA SER G 194 -19.89 -41.14 26.12
C SER G 194 -18.93 -42.32 26.05
N ASP G 195 -19.21 -43.28 25.18
CA ASP G 195 -18.35 -44.46 25.07
C ASP G 195 -16.97 -44.09 24.54
N VAL G 196 -16.91 -43.14 23.59
CA VAL G 196 -15.65 -42.74 22.99
C VAL G 196 -14.93 -41.66 23.81
N GLU G 197 -15.52 -41.19 24.91
CA GLU G 197 -14.86 -40.18 25.73
C GLU G 197 -13.57 -40.71 26.32
N ARG G 198 -13.58 -41.96 26.81
CA ARG G 198 -12.37 -42.54 27.38
C ARG G 198 -11.29 -42.72 26.31
N LEU G 199 -11.67 -43.17 25.11
CA LEU G 199 -10.69 -43.32 24.04
C LEU G 199 -10.11 -41.98 23.62
N ILE G 200 -10.94 -40.93 23.61
CA ILE G 200 -10.44 -39.59 23.30
C ILE G 200 -9.50 -39.12 24.39
N GLN G 201 -9.80 -39.42 25.65
CA GLN G 201 -8.90 -39.09 26.74
C GLN G 201 -7.56 -39.82 26.57
N GLN G 202 -7.60 -41.05 26.05
CA GLN G 202 -6.37 -41.74 25.70
C GLN G 202 -5.65 -41.08 24.53
N GLY G 203 -6.36 -40.29 23.73
CA GLY G 203 -5.79 -39.64 22.57
C GLY G 203 -5.71 -40.50 21.33
N TYR G 204 -6.19 -41.75 21.40
CA TYR G 204 -6.05 -42.66 20.26
C TYR G 204 -6.95 -42.27 19.10
N LEU G 205 -8.12 -41.70 19.38
CA LEU G 205 -9.07 -41.30 18.35
C LEU G 205 -9.40 -39.82 18.51
N GLN G 206 -9.37 -39.06 17.41
CA GLN G 206 -9.59 -37.62 17.46
C GLN G 206 -10.49 -37.19 16.31
N LYS G 207 -11.69 -36.70 16.64
CA LYS G 207 -12.56 -35.98 15.72
C LYS G 207 -12.93 -36.82 14.50
N ILE G 208 -13.51 -37.98 14.75
CA ILE G 208 -13.61 -38.94 13.69
C ILE G 208 -12.23 -39.04 13.11
N MET H 1 -6.57 -27.20 39.80
CA MET H 1 -7.68 -27.33 40.74
C MET H 1 -8.92 -27.90 40.06
N SER H 2 -9.95 -28.16 40.86
CA SER H 2 -11.19 -28.74 40.30
C SER H 2 -11.86 -27.76 39.34
N LEU H 3 -11.83 -26.47 39.65
CA LEU H 3 -12.46 -25.46 38.80
C LEU H 3 -11.43 -24.77 37.94
N PRO H 4 -11.63 -24.71 36.63
CA PRO H 4 -10.69 -23.97 35.77
C PRO H 4 -10.68 -22.49 36.14
N ALA H 5 -9.51 -21.86 35.94
CA ALA H 5 -9.33 -20.48 36.37
C ALA H 5 -10.30 -19.54 35.67
N HIS H 6 -10.54 -19.75 34.38
CA HIS H 6 -11.49 -18.91 33.67
C HIS H 6 -12.92 -19.13 34.18
N LEU H 7 -13.24 -20.38 34.56
CA LEU H 7 -14.56 -20.69 35.08
C LEU H 7 -14.77 -20.24 36.52
N GLN H 8 -13.71 -19.77 37.19
CA GLN H 8 -13.85 -19.34 38.59
C GLN H 8 -14.75 -18.12 38.73
N GLN H 9 -14.84 -17.29 37.69
CA GLN H 9 -15.58 -16.04 37.77
C GLN H 9 -16.87 -16.03 36.97
N THR H 10 -16.90 -16.64 35.78
CA THR H 10 -18.06 -16.56 34.92
C THR H 10 -18.30 -17.90 34.24
N PHE H 11 -19.56 -18.12 33.86
CA PHE H 11 -19.92 -19.33 33.14
C PHE H 11 -19.44 -19.26 31.69
N SER H 12 -19.08 -20.42 31.15
CA SER H 12 -18.64 -20.51 29.78
C SER H 12 -19.83 -20.33 28.82
N PRO H 13 -19.56 -19.91 27.59
CA PRO H 13 -20.65 -19.85 26.60
C PRO H 13 -21.32 -21.19 26.38
N GLU H 14 -20.57 -22.28 26.46
CA GLU H 14 -21.18 -23.61 26.37
C GLU H 14 -22.09 -23.87 27.56
N GLU H 15 -21.72 -23.40 28.75
CA GLU H 15 -22.59 -23.54 29.91
C GLU H 15 -23.88 -22.73 29.75
N ILE H 16 -23.77 -21.51 29.21
CA ILE H 16 -24.96 -20.72 28.94
C ILE H 16 -25.84 -21.42 27.91
N GLN H 17 -25.21 -22.03 26.90
CA GLN H 17 -25.97 -22.81 25.91
C GLN H 17 -26.65 -24.01 26.57
N PHE H 18 -26.00 -24.62 27.54
CA PHE H 18 -26.61 -25.74 28.27
C PHE H 18 -27.84 -25.27 29.05
N ILE H 19 -27.75 -24.09 29.67
CA ILE H 19 -28.91 -23.54 30.37
C ILE H 19 -30.06 -23.27 29.38
N VAL H 20 -29.73 -22.67 28.23
CA VAL H 20 -30.74 -22.40 27.22
C VAL H 20 -31.36 -23.70 26.72
N GLU H 21 -30.55 -24.76 26.63
CA GLU H 21 -31.09 -26.07 26.29
C GLU H 21 -32.01 -26.59 27.39
N ASN H 22 -31.67 -26.29 28.65
CA ASN H 22 -32.55 -26.66 29.76
C ASN H 22 -33.90 -25.96 29.66
N GLU H 23 -33.94 -24.80 29.02
CA GLU H 23 -35.23 -24.17 28.74
C GLU H 23 -36.03 -25.02 27.75
N PRO H 24 -37.35 -24.91 27.76
CA PRO H 24 -38.19 -25.69 26.86
C PRO H 24 -38.50 -24.94 25.56
N ILE H 25 -39.06 -25.69 24.60
CA ILE H 25 -39.36 -25.12 23.28
C ILE H 25 -40.46 -25.95 22.64
N LYS H 26 -41.32 -25.28 21.88
CA LYS H 26 -42.40 -25.95 21.16
C LYS H 26 -41.88 -26.55 19.85
N ILE H 27 -42.51 -27.66 19.43
CA ILE H 27 -42.10 -28.37 18.23
C ILE H 27 -43.30 -29.14 17.70
N PHE H 28 -43.20 -29.57 16.44
CA PHE H 28 -44.23 -30.38 15.81
C PHE H 28 -43.74 -31.82 15.67
N PRO H 29 -44.32 -32.78 16.37
CA PRO H 29 -43.88 -34.17 16.23
C PRO H 29 -44.34 -34.76 14.90
N ARG H 30 -43.69 -35.88 14.53
CA ARG H 30 -44.11 -36.67 13.37
C ARG H 30 -44.29 -38.13 13.74
N ILE H 31 -44.36 -38.47 15.02
CA ILE H 31 -44.52 -39.83 15.48
C ILE H 31 -45.68 -39.87 16.47
N THR H 32 -46.55 -40.87 16.33
CA THR H 32 -47.68 -41.04 17.24
C THR H 32 -47.22 -41.85 18.45
N THR H 33 -46.42 -41.19 19.29
CA THR H 33 -45.98 -41.81 20.54
C THR H 33 -47.17 -42.15 21.42
N ARG H 34 -48.20 -41.30 21.40
CA ARG H 34 -49.46 -41.65 22.05
C ARG H 34 -50.06 -42.87 21.38
N GLN H 35 -50.49 -43.84 22.18
CA GLN H 35 -51.04 -45.09 21.68
C GLN H 35 -52.55 -45.07 21.82
N LYS H 36 -53.24 -45.47 20.77
CA LYS H 36 -54.70 -45.52 20.79
C LYS H 36 -55.18 -46.58 21.78
N ILE H 37 -56.40 -46.39 22.27
CA ILE H 37 -56.98 -47.32 23.23
C ILE H 37 -57.10 -48.71 22.61
N ARG H 38 -57.29 -48.79 21.30
CA ARG H 38 -57.37 -50.07 20.60
C ARG H 38 -56.04 -50.82 20.67
N HIS H 47 -44.37 -50.92 24.46
CA HIS H 47 -43.87 -49.71 23.83
C HIS H 47 -42.87 -49.01 24.74
N THR H 48 -41.75 -48.57 24.16
CA THR H 48 -40.73 -47.86 24.91
C THR H 48 -41.25 -46.51 25.39
N ARG H 49 -40.81 -46.11 26.57
CA ARG H 49 -41.24 -44.87 27.19
C ARG H 49 -40.04 -44.09 27.72
N TRP H 50 -40.16 -42.76 27.70
CA TRP H 50 -39.05 -41.91 28.11
C TRP H 50 -38.76 -42.05 29.59
N GLN H 51 -39.81 -41.96 30.43
CA GLN H 51 -39.68 -42.12 31.88
C GLN H 51 -38.60 -41.20 32.46
N LEU H 52 -38.55 -39.98 31.94
CA LEU H 52 -37.50 -39.04 32.33
C LEU H 52 -37.64 -38.66 33.80
N ILE H 53 -36.51 -38.66 34.52
CA ILE H 53 -36.51 -38.33 35.93
C ILE H 53 -36.36 -36.82 36.19
N THR H 54 -35.83 -36.07 35.22
CA THR H 54 -35.65 -34.64 35.37
C THR H 54 -36.65 -33.82 34.56
N THR H 55 -37.48 -34.47 33.75
CA THR H 55 -38.42 -33.75 32.89
C THR H 55 -39.65 -34.61 32.67
N ASP H 56 -40.71 -33.97 32.17
CA ASP H 56 -41.96 -34.67 31.94
C ASP H 56 -41.80 -35.74 30.86
N ASP H 57 -42.29 -36.94 31.14
CA ASP H 57 -42.35 -37.99 30.14
C ASP H 57 -43.67 -38.05 29.41
N LYS H 58 -44.74 -37.51 30.03
CA LYS H 58 -46.08 -37.63 29.45
C LYS H 58 -46.18 -36.89 28.13
N ALA H 59 -45.56 -35.72 28.01
CA ALA H 59 -45.63 -34.97 26.76
C ALA H 59 -44.97 -35.74 25.63
N LEU H 60 -43.77 -36.28 25.88
CA LEU H 60 -43.09 -37.06 24.85
C LEU H 60 -43.87 -38.32 24.49
N ASN H 61 -44.43 -39.01 25.50
CA ASN H 61 -45.19 -40.22 25.23
C ASN H 61 -46.56 -39.94 24.61
N ASN H 62 -47.05 -38.71 24.72
CA ASN H 62 -48.34 -38.33 24.14
C ASN H 62 -48.18 -37.56 22.84
N MET H 63 -46.95 -37.30 22.39
CA MET H 63 -46.75 -36.62 21.12
C MET H 63 -47.36 -37.40 19.98
N VAL H 64 -48.00 -36.68 19.05
CA VAL H 64 -48.56 -37.24 17.84
C VAL H 64 -48.10 -36.38 16.67
N ALA H 65 -48.16 -36.96 15.47
CA ALA H 65 -47.65 -36.28 14.29
C ALA H 65 -48.35 -34.96 14.06
N MET H 66 -47.55 -33.90 13.83
CA MET H 66 -48.05 -32.55 13.58
C MET H 66 -48.94 -32.04 14.70
N ARG H 67 -48.72 -32.52 15.92
CA ARG H 67 -49.41 -32.03 17.11
C ARG H 67 -48.39 -31.26 17.94
N SER H 68 -48.52 -29.93 17.96
CA SER H 68 -47.53 -29.08 18.59
C SER H 68 -47.40 -29.40 20.07
N THR H 69 -46.16 -29.49 20.53
CA THR H 69 -45.88 -29.82 21.92
C THR H 69 -44.58 -29.15 22.35
N GLU H 70 -44.45 -28.91 23.65
CA GLU H 70 -43.28 -28.27 24.22
C GLU H 70 -42.45 -29.29 24.98
N VAL H 71 -41.13 -29.20 24.82
CA VAL H 71 -40.18 -30.07 25.52
C VAL H 71 -38.89 -29.29 25.72
N VAL H 72 -38.04 -29.81 26.61
CA VAL H 72 -36.78 -29.16 26.89
C VAL H 72 -35.98 -29.01 25.60
N LEU H 73 -35.32 -27.85 25.45
CA LEU H 73 -34.71 -27.50 24.17
C LEU H 73 -33.65 -28.49 23.74
N TRP H 74 -32.92 -29.09 24.69
CA TRP H 74 -31.93 -30.08 24.33
C TRP H 74 -32.58 -31.32 23.72
N ILE H 75 -33.66 -31.81 24.34
CA ILE H 75 -34.39 -32.94 23.78
C ILE H 75 -35.05 -32.54 22.47
N ALA H 76 -35.52 -31.29 22.37
CA ALA H 76 -36.11 -30.84 21.12
C ALA H 76 -35.10 -30.86 19.98
N LEU H 77 -33.88 -30.41 20.24
CA LEU H 77 -32.84 -30.45 19.21
C LEU H 77 -32.41 -31.88 18.90
N LEU H 78 -32.37 -32.74 19.93
CA LEU H 78 -32.04 -34.14 19.71
C LEU H 78 -33.04 -34.80 18.79
N LEU H 79 -34.33 -34.53 19.00
CA LEU H 79 -35.35 -35.05 18.09
C LEU H 79 -35.28 -34.38 16.72
N LYS H 80 -34.94 -33.08 16.69
CA LYS H 80 -34.83 -32.36 15.42
C LYS H 80 -33.69 -32.90 14.57
N GLN H 81 -32.68 -33.50 15.20
CA GLN H 81 -31.65 -34.20 14.43
C GLN H 81 -32.27 -35.27 13.55
N GLN H 82 -33.32 -35.93 14.04
CA GLN H 82 -34.15 -36.79 13.22
C GLN H 82 -35.18 -35.96 12.48
N SER H 83 -35.68 -36.52 11.36
CA SER H 83 -36.70 -35.84 10.58
C SER H 83 -38.04 -35.72 11.31
N LYS H 84 -38.21 -36.47 12.41
CA LYS H 84 -39.51 -36.52 13.06
C LYS H 84 -39.89 -35.20 13.71
N CYS H 85 -38.91 -34.40 14.14
CA CYS H 85 -39.18 -33.18 14.87
C CYS H 85 -38.92 -31.95 14.02
N SER H 86 -39.82 -30.99 14.11
CA SER H 86 -39.66 -29.67 13.51
C SER H 86 -39.97 -28.63 14.58
N ILE H 87 -38.96 -27.86 14.97
CA ILE H 87 -39.13 -26.92 16.07
C ILE H 87 -40.03 -25.76 15.64
N VAL H 88 -40.82 -25.27 16.59
CA VAL H 88 -41.70 -24.13 16.36
C VAL H 88 -40.92 -22.84 16.63
N ALA H 89 -40.95 -21.93 15.67
CA ALA H 89 -40.20 -20.69 15.80
C ALA H 89 -40.79 -19.82 16.90
N PRO H 90 -39.96 -19.19 17.74
CA PRO H 90 -40.49 -18.27 18.74
C PRO H 90 -41.17 -17.07 18.08
N GLN H 91 -42.25 -16.61 18.70
CA GLN H 91 -43.00 -15.48 18.16
C GLN H 91 -42.16 -14.20 18.15
N TRP H 92 -41.40 -13.97 19.22
CA TRP H 92 -40.48 -12.84 19.22
C TRP H 92 -39.40 -12.99 18.16
N LEU H 93 -39.10 -14.24 17.77
CA LEU H 93 -38.18 -14.51 16.67
C LEU H 93 -38.95 -14.49 15.35
N THR H 94 -39.50 -13.32 15.04
CA THR H 94 -40.14 -13.03 13.78
C THR H 94 -39.64 -11.68 13.29
N THR H 95 -39.71 -11.46 11.97
CA THR H 95 -39.17 -10.23 11.42
C THR H 95 -39.91 -9.00 11.96
N LYS H 96 -41.23 -9.09 12.09
CA LYS H 96 -42.00 -7.97 12.63
C LYS H 96 -41.63 -7.70 14.08
N GLU H 97 -41.49 -8.76 14.89
CA GLU H 97 -41.13 -8.57 16.29
C GLU H 97 -39.73 -7.99 16.43
N LEU H 98 -38.79 -8.45 15.59
CA LEU H 98 -37.44 -7.91 15.61
C LEU H 98 -37.42 -6.45 15.20
N ASP H 99 -38.22 -6.08 14.20
CA ASP H 99 -38.32 -4.68 13.81
C ASP H 99 -38.93 -3.85 14.93
N ARG H 100 -39.92 -4.40 15.63
CA ARG H 100 -40.51 -3.70 16.77
C ARG H 100 -39.48 -3.48 17.88
N LYS H 101 -38.68 -4.51 18.16
CA LYS H 101 -37.64 -4.37 19.18
C LYS H 101 -36.59 -3.34 18.76
N ILE H 102 -36.22 -3.34 17.47
CA ILE H 102 -35.25 -2.37 16.97
C ILE H 102 -35.79 -0.95 17.08
N GLN H 103 -37.06 -0.76 16.72
CA GLN H 103 -37.68 0.55 16.85
C GLN H 103 -37.77 0.98 18.31
N TYR H 104 -38.06 0.03 19.21
CA TYR H 104 -38.10 0.34 20.63
C TYR H 104 -36.73 0.77 21.13
N GLU H 105 -35.67 0.07 20.71
CA GLU H 105 -34.32 0.46 21.10
C GLU H 105 -33.94 1.82 20.54
N LYS H 106 -34.35 2.10 19.30
CA LYS H 106 -34.06 3.40 18.70
C LYS H 106 -34.78 4.53 19.43
N THR H 107 -36.06 4.32 19.78
CA THR H 107 -36.80 5.33 20.51
C THR H 107 -36.34 5.45 21.96
N HIS H 108 -35.72 4.39 22.51
CA HIS H 108 -35.28 4.37 23.89
C HIS H 108 -33.82 3.93 23.92
N PRO H 109 -32.89 4.84 23.66
CA PRO H 109 -31.47 4.48 23.80
C PRO H 109 -31.10 4.04 25.20
N ASP H 110 -31.76 4.59 26.21
CA ASP H 110 -31.48 4.17 27.59
C ASP H 110 -32.07 2.81 27.90
N ARG H 111 -33.26 2.52 27.38
CA ARG H 111 -34.00 1.31 27.73
C ARG H 111 -33.78 0.25 26.66
N PHE H 112 -33.27 -0.91 27.08
CA PHE H 112 -33.12 -2.03 26.16
C PHE H 112 -34.47 -2.63 25.81
N SER H 113 -34.60 -3.10 24.57
CA SER H 113 -35.82 -3.79 24.16
C SER H 113 -35.97 -5.07 24.96
N GLU H 114 -37.22 -5.40 25.30
CA GLU H 114 -37.48 -6.50 26.22
C GLU H 114 -37.27 -7.85 25.55
N LEU H 115 -36.04 -8.10 25.08
CA LEU H 115 -35.69 -9.40 24.53
C LEU H 115 -35.42 -10.39 25.66
N PRO H 116 -35.63 -11.67 25.42
CA PRO H 116 -35.27 -12.68 26.43
C PRO H 116 -33.76 -12.66 26.69
N TRP H 117 -33.39 -13.01 27.92
CA TRP H 117 -31.97 -13.02 28.28
C TRP H 117 -31.18 -13.96 27.39
N ASN H 118 -31.81 -15.03 26.90
CA ASN H 118 -31.17 -15.95 25.98
C ASN H 118 -31.55 -15.69 24.53
N TRP H 119 -31.90 -14.44 24.20
CA TRP H 119 -32.32 -14.14 22.83
C TRP H 119 -31.18 -14.39 21.84
N LEU H 120 -29.98 -13.92 22.17
CA LEU H 120 -28.85 -14.09 21.25
C LEU H 120 -28.48 -15.55 21.09
N VAL H 121 -28.37 -16.29 22.20
CA VAL H 121 -27.99 -17.70 22.13
C VAL H 121 -29.07 -18.50 21.41
N LEU H 122 -30.33 -18.22 21.70
CA LEU H 122 -31.43 -18.93 21.06
C LEU H 122 -31.47 -18.65 19.55
N ALA H 123 -31.27 -17.39 19.16
CA ALA H 123 -31.24 -17.07 17.74
C ALA H 123 -30.08 -17.75 17.04
N ARG H 124 -28.91 -17.78 17.67
CA ARG H 124 -27.76 -18.45 17.08
C ARG H 124 -28.01 -19.95 16.94
N ILE H 125 -28.56 -20.58 17.97
CA ILE H 125 -28.83 -22.01 17.93
C ILE H 125 -29.87 -22.33 16.87
N LEU H 126 -30.93 -21.52 16.78
CA LEU H 126 -31.95 -21.73 15.77
C LEU H 126 -31.39 -21.54 14.36
N PHE H 127 -30.53 -20.54 14.16
CA PHE H 127 -29.87 -20.39 12.87
C PHE H 127 -29.01 -21.59 12.55
N ASN H 128 -28.37 -22.16 13.56
CA ASN H 128 -27.56 -23.36 13.35
C ASN H 128 -28.42 -24.56 12.95
N LYS H 129 -29.59 -24.71 13.59
CA LYS H 129 -30.41 -25.91 13.39
C LYS H 129 -31.80 -25.61 12.85
N ALA H 130 -32.54 -24.67 13.48
CA ALA H 130 -33.94 -24.43 13.16
C ALA H 130 -34.12 -23.43 12.03
N LYS H 131 -33.11 -23.23 11.19
CA LYS H 131 -33.24 -22.28 10.08
C LYS H 131 -34.32 -22.70 9.09
N ASP H 132 -34.52 -24.00 8.93
CA ASP H 132 -35.54 -24.48 8.00
C ASP H 132 -36.95 -24.14 8.48
N ASP H 133 -37.19 -24.25 9.80
CA ASP H 133 -38.52 -24.06 10.34
C ASP H 133 -39.02 -22.62 10.20
N PHE H 134 -38.12 -21.65 10.03
CA PHE H 134 -38.51 -20.25 9.97
C PHE H 134 -39.30 -19.98 8.70
N HIS H 135 -40.54 -19.52 8.84
CA HIS H 135 -41.31 -19.07 7.69
C HIS H 135 -40.67 -17.84 7.06
N ASP H 136 -40.23 -16.90 7.88
CA ASP H 136 -39.44 -15.78 7.38
C ASP H 136 -38.04 -16.27 6.99
N PRO H 137 -37.44 -15.66 5.97
CA PRO H 137 -36.09 -16.07 5.58
C PRO H 137 -35.10 -15.89 6.72
N ILE H 138 -34.16 -16.83 6.83
CA ILE H 138 -33.22 -16.82 7.94
C ILE H 138 -32.27 -15.63 7.85
N HIS H 139 -31.94 -15.19 6.63
CA HIS H 139 -31.00 -14.09 6.47
C HIS H 139 -31.53 -12.78 7.05
N GLU H 140 -32.81 -12.50 6.83
CA GLU H 140 -33.40 -11.29 7.38
C GLU H 140 -33.39 -11.31 8.90
N LEU H 141 -33.73 -12.45 9.50
CA LEU H 141 -33.68 -12.58 10.95
C LEU H 141 -32.26 -12.43 11.47
N ARG H 142 -31.28 -12.98 10.76
CA ARG H 142 -29.89 -12.81 11.17
C ARG H 142 -29.46 -11.36 11.11
N GLY H 143 -29.85 -10.65 10.06
CA GLY H 143 -29.53 -9.23 9.97
C GLY H 143 -30.18 -8.41 11.06
N LYS H 144 -31.44 -8.71 11.37
CA LYS H 144 -32.12 -8.01 12.46
C LYS H 144 -31.46 -8.31 13.80
N ILE H 145 -31.04 -9.55 14.01
CA ILE H 145 -30.35 -9.92 15.24
C ILE H 145 -29.02 -9.17 15.35
N GLN H 146 -28.29 -9.06 14.24
CA GLN H 146 -27.05 -8.32 14.25
C GLN H 146 -27.28 -6.84 14.56
N ASP H 147 -28.34 -6.26 13.99
CA ASP H 147 -28.65 -4.86 14.27
C ASP H 147 -29.01 -4.66 15.75
N LEU H 148 -29.81 -5.55 16.31
CA LEU H 148 -30.16 -5.46 17.71
C LEU H 148 -28.93 -5.63 18.60
N ARG H 149 -28.03 -6.55 18.22
CA ARG H 149 -26.80 -6.73 18.98
C ARG H 149 -25.93 -5.48 18.93
N GLU H 150 -25.84 -4.83 17.77
CA GLU H 150 -25.06 -3.60 17.67
C GLU H 150 -25.66 -2.49 18.52
N ILE H 151 -26.99 -2.36 18.50
CA ILE H 151 -27.64 -1.33 19.31
C ILE H 151 -27.41 -1.60 20.80
N ARG H 152 -27.55 -2.86 21.21
CA ARG H 152 -27.31 -3.20 22.62
C ARG H 152 -25.85 -2.99 23.00
N GLN H 153 -24.93 -3.24 22.08
CA GLN H 153 -23.51 -3.00 22.36
C GLN H 153 -23.23 -1.51 22.53
N ILE H 154 -23.85 -0.66 21.71
CA ILE H 154 -23.67 0.78 21.87
C ILE H 154 -24.25 1.23 23.21
N LYS H 155 -25.41 0.70 23.58
CA LYS H 155 -25.99 1.02 24.88
C LYS H 155 -25.09 0.55 26.02
N VAL H 156 -24.46 -0.61 25.87
CA VAL H 156 -23.55 -1.12 26.88
C VAL H 156 -22.32 -0.24 26.99
N LEU H 157 -21.83 0.28 25.85
CA LEU H 157 -20.71 1.20 25.89
C LEU H 157 -21.07 2.48 26.64
N LYS H 158 -22.26 3.02 26.38
CA LYS H 158 -22.69 4.21 27.12
C LYS H 158 -22.83 3.91 28.61
N GLY H 159 -23.39 2.75 28.95
CA GLY H 159 -23.52 2.38 30.35
C GLY H 159 -22.18 2.21 31.05
N LEU H 160 -21.21 1.63 30.35
CA LEU H 160 -19.85 1.54 30.89
C LEU H 160 -19.24 2.92 31.06
N LYS H 161 -19.56 3.85 30.16
CA LYS H 161 -19.17 5.24 30.38
C LYS H 161 -19.83 5.82 31.62
N TYR H 162 -21.02 5.31 31.98
CA TYR H 162 -21.77 5.80 33.13
C TYR H 162 -21.77 4.80 34.28
N LEU H 163 -20.63 4.16 34.53
CA LEU H 163 -20.53 3.18 35.60
C LEU H 163 -20.56 3.85 36.98
N ASN H 164 -21.02 3.11 37.98
CA ASN H 164 -21.07 3.58 39.35
C ASN H 164 -20.74 2.43 40.30
N GLU H 165 -19.97 2.74 41.35
CA GLU H 165 -19.53 1.70 42.27
C GLU H 165 -20.70 1.15 43.10
N SER H 166 -21.72 1.97 43.36
CA SER H 166 -22.80 1.55 44.25
C SER H 166 -23.55 0.35 43.71
N HIS H 167 -24.02 0.44 42.47
CA HIS H 167 -24.82 -0.63 41.87
C HIS H 167 -25.02 -0.30 40.38
N LEU H 168 -25.68 -1.22 39.69
CA LEU H 168 -26.08 -1.03 38.31
C LEU H 168 -27.31 -1.89 38.04
N GLN H 169 -28.10 -1.48 37.06
CA GLN H 169 -29.31 -2.21 36.68
C GLN H 169 -29.30 -2.43 35.17
N LEU H 170 -29.45 -3.69 34.76
CA LEU H 170 -29.53 -4.07 33.36
C LEU H 170 -30.74 -4.99 33.21
N ASP H 171 -31.88 -4.41 32.82
CA ASP H 171 -33.14 -5.16 32.85
C ASP H 171 -33.23 -6.17 31.72
N ASN H 172 -33.20 -5.70 30.48
CA ASN H 172 -33.47 -6.53 29.32
C ASN H 172 -32.19 -7.06 28.66
N LEU H 173 -31.04 -6.87 29.28
CA LEU H 173 -29.79 -7.31 28.68
C LEU H 173 -29.77 -8.83 28.54
N SER H 174 -29.13 -9.29 27.47
CA SER H 174 -29.04 -10.72 27.21
C SER H 174 -28.20 -11.42 28.26
N LEU H 175 -28.54 -12.68 28.55
CA LEU H 175 -27.76 -13.47 29.50
C LEU H 175 -26.34 -13.69 29.01
N LEU H 176 -26.17 -13.91 27.71
CA LEU H 176 -24.83 -14.05 27.15
C LEU H 176 -24.04 -12.75 27.28
N GLU H 177 -24.70 -11.61 27.04
CA GLU H 177 -24.04 -10.32 27.22
C GLU H 177 -23.63 -10.11 28.68
N ILE H 178 -24.50 -10.50 29.61
CA ILE H 178 -24.18 -10.37 31.03
C ILE H 178 -22.99 -11.27 31.39
N ASN H 179 -22.97 -12.50 30.86
CA ASN H 179 -21.85 -13.39 31.14
C ASN H 179 -20.55 -12.85 30.57
N GLU H 180 -20.59 -12.28 29.37
CA GLU H 180 -19.39 -11.72 28.77
C GLU H 180 -18.91 -10.49 29.54
N LEU H 181 -19.84 -9.66 30.00
CA LEU H 181 -19.47 -8.44 30.71
C LEU H 181 -19.14 -8.67 32.18
N ARG H 182 -19.47 -9.86 32.72
CA ARG H 182 -19.23 -10.11 34.14
C ARG H 182 -17.78 -9.92 34.54
N PRO H 183 -16.79 -10.47 33.84
CA PRO H 183 -15.39 -10.31 34.30
C PRO H 183 -14.93 -8.86 34.34
N PHE H 184 -15.04 -8.15 33.21
CA PHE H 184 -14.51 -6.79 33.15
C PHE H 184 -15.26 -5.85 34.10
N ILE H 185 -16.60 -5.89 34.05
CA ILE H 185 -17.39 -5.00 34.89
C ILE H 185 -17.17 -5.32 36.37
N THR H 186 -17.16 -6.60 36.71
CA THR H 186 -16.96 -6.98 38.11
C THR H 186 -15.59 -6.54 38.61
N GLU H 187 -14.54 -6.75 37.81
CA GLU H 187 -13.20 -6.34 38.23
C GLU H 187 -13.10 -4.84 38.38
N ILE H 188 -13.66 -4.09 37.42
CA ILE H 188 -13.57 -2.63 37.48
C ILE H 188 -14.33 -2.09 38.68
N MET H 189 -15.54 -2.60 38.92
CA MET H 189 -16.34 -2.14 40.05
C MET H 189 -15.69 -2.52 41.37
N ASP H 190 -15.10 -3.72 41.45
CA ASP H 190 -14.40 -4.11 42.67
C ASP H 190 -13.19 -3.24 42.94
N LYS H 191 -12.44 -2.90 41.89
CA LYS H 191 -11.29 -2.01 42.07
C LYS H 191 -11.74 -0.62 42.51
N LEU H 192 -12.82 -0.11 41.92
CA LEU H 192 -13.34 1.19 42.33
C LEU H 192 -13.83 1.17 43.77
N ARG H 193 -14.50 0.08 44.17
CA ARG H 193 -14.95 -0.04 45.55
C ARG H 193 -13.78 -0.13 46.52
N GLU H 194 -12.72 -0.85 46.13
CA GLU H 194 -11.53 -0.91 46.97
C GLU H 194 -10.87 0.46 47.12
N ILE H 195 -10.82 1.22 46.02
CA ILE H 195 -10.25 2.57 46.08
C ILE H 195 -11.09 3.45 47.00
N HIS H 196 -12.42 3.38 46.88
CA HIS H 196 -13.29 4.17 47.74
C HIS H 196 -13.16 3.77 49.20
N THR H 197 -13.04 2.47 49.46
CA THR H 197 -12.87 1.99 50.84
C THR H 197 -11.55 2.45 51.44
N ALA H 198 -10.47 2.39 50.64
CA ALA H 198 -9.19 2.90 51.12
C ALA H 198 -9.26 4.41 51.37
N SER H 199 -10.01 5.12 50.54
CA SER H 199 -10.23 6.54 50.78
C SER H 199 -11.04 6.78 52.04
N LEU H 200 -11.96 5.89 52.38
CA LEU H 200 -12.76 6.02 53.58
C LEU H 200 -11.87 5.92 54.83
N THR H 201 -12.16 6.76 55.82
CA THR H 201 -11.38 6.80 57.04
C THR H 201 -11.56 5.52 57.85
N MET I 1 -4.30 -9.53 47.19
CA MET I 1 -3.44 -9.06 48.27
C MET I 1 -3.31 -10.12 49.37
N GLY I 2 -3.40 -11.39 48.97
CA GLY I 2 -3.33 -12.47 49.94
C GLY I 2 -1.93 -12.63 50.50
N TYR I 3 -1.86 -13.35 51.63
CA TYR I 3 -0.56 -13.62 52.25
C TYR I 3 0.33 -14.43 51.33
N TYR I 4 -0.25 -15.38 50.59
CA TYR I 4 0.48 -16.18 49.62
C TYR I 4 0.52 -15.54 48.24
N ASP I 5 -0.10 -14.38 48.06
CA ASP I 5 -0.11 -13.71 46.76
C ASP I 5 1.30 -13.22 46.43
N ILE I 6 1.88 -13.76 45.35
CA ILE I 6 3.25 -13.42 45.00
C ILE I 6 3.35 -11.95 44.57
N ASP I 7 2.33 -11.45 43.87
CA ASP I 7 2.35 -10.04 43.48
C ASP I 7 2.32 -9.13 44.70
N ASP I 8 1.49 -9.46 45.68
CA ASP I 8 1.45 -8.68 46.91
C ASP I 8 2.78 -8.78 47.66
N VAL I 9 3.41 -9.95 47.65
CA VAL I 9 4.70 -10.11 48.30
C VAL I 9 5.75 -9.23 47.63
N LEU I 10 5.76 -9.20 46.29
CA LEU I 10 6.72 -8.35 45.58
C LEU I 10 6.46 -6.88 45.87
N ALA I 11 5.19 -6.46 45.86
CA ALA I 11 4.86 -5.08 46.16
C ALA I 11 5.29 -4.69 47.58
N ASP I 12 5.12 -5.61 48.54
CA ASP I 12 5.61 -5.38 49.88
C ASP I 12 7.14 -5.33 49.94
N GLY I 13 7.80 -6.11 49.10
CA GLY I 13 9.25 -6.08 49.04
C GLY I 13 9.82 -4.85 48.40
N THR I 14 9.01 -4.13 47.62
CA THR I 14 9.46 -2.85 47.06
C THR I 14 9.80 -1.87 48.18
N GLU I 15 10.87 -1.10 47.98
CA GLU I 15 11.35 -0.15 48.96
C GLU I 15 10.81 1.24 48.70
N PHE I 16 10.69 2.03 49.77
CA PHE I 16 10.24 3.41 49.68
C PHE I 16 11.12 4.29 50.55
N PRO I 17 11.39 5.53 50.12
CA PRO I 17 12.25 6.41 50.93
C PRO I 17 11.63 6.72 52.28
N CYS I 18 12.49 6.88 53.28
CA CYS I 18 12.04 7.15 54.63
C CYS I 18 13.12 7.94 55.37
N LYS I 19 12.69 8.62 56.45
CA LYS I 19 13.57 9.38 57.31
C LYS I 19 13.44 8.85 58.73
N PHE I 20 14.58 8.51 59.34
CA PHE I 20 14.57 7.92 60.67
C PHE I 20 14.14 8.96 61.72
N GLN I 21 13.29 8.52 62.64
CA GLN I 21 12.89 9.33 63.78
C GLN I 21 13.55 8.86 65.08
N TYR I 22 14.45 7.89 65.01
CA TYR I 22 15.08 7.35 66.20
C TYR I 22 16.52 6.94 65.87
N ASP I 23 17.32 6.81 66.91
CA ASP I 23 18.72 6.39 66.81
C ASP I 23 18.87 5.07 67.55
N ILE I 24 19.05 3.98 66.79
CA ILE I 24 19.07 2.64 67.37
C ILE I 24 20.41 1.97 67.10
N PRO I 25 21.26 1.79 68.11
CA PRO I 25 22.48 1.00 67.91
C PRO I 25 22.16 -0.46 67.63
N GLY I 26 23.02 -1.08 66.84
CA GLY I 26 22.83 -2.46 66.44
C GLY I 26 21.94 -2.67 65.23
N LEU I 27 21.36 -1.60 64.69
CA LEU I 27 20.54 -1.66 63.49
C LEU I 27 21.32 -1.26 62.25
N GLY I 28 22.65 -1.33 62.29
CA GLY I 28 23.47 -0.93 61.16
C GLY I 28 23.32 -1.83 59.95
N TYR I 29 22.77 -3.03 60.13
CA TYR I 29 22.51 -3.90 58.98
C TYR I 29 21.54 -3.23 58.01
N LEU I 30 20.50 -2.60 58.53
CA LEU I 30 19.62 -1.79 57.68
C LEU I 30 20.39 -0.63 57.07
N GLU I 31 21.28 -0.01 57.85
CA GLU I 31 22.13 1.05 57.32
C GLU I 31 23.16 0.52 56.33
N ASN I 32 23.40 -0.79 56.33
CA ASN I 32 24.42 -1.49 55.53
C ASN I 32 25.83 -1.24 56.05
N ASN I 33 25.97 -0.63 57.22
CA ASN I 33 27.26 -0.51 57.91
C ASN I 33 27.31 -1.48 59.07
N PRO I 34 28.34 -2.34 59.14
CA PRO I 34 28.30 -3.43 60.12
C PRO I 34 28.17 -3.00 61.57
N GLY I 35 28.84 -1.92 61.97
CA GLY I 35 28.85 -1.54 63.36
C GLY I 35 28.35 -0.15 63.66
N ARG I 36 27.86 0.55 62.65
CA ARG I 36 27.40 1.92 62.83
C ARG I 36 26.00 1.93 63.45
N PRO I 37 25.80 2.60 64.58
CA PRO I 37 24.45 2.73 65.13
C PRO I 37 23.57 3.58 64.23
N ILE I 38 22.28 3.26 64.22
CA ILE I 38 21.32 4.09 63.51
C ILE I 38 21.22 5.45 64.20
N THR I 39 20.94 6.48 63.41
CA THR I 39 20.87 7.84 63.92
C THR I 39 19.54 8.47 63.52
N LYS I 40 19.05 9.38 64.36
CA LYS I 40 17.83 10.11 64.06
C LYS I 40 18.05 11.02 62.86
N ASN I 41 16.96 11.27 62.12
CA ASN I 41 16.92 12.07 60.90
C ASN I 41 17.63 11.41 59.73
N THR I 42 18.19 10.21 59.91
CA THR I 42 18.83 9.51 58.80
C THR I 42 17.78 9.12 57.76
N LYS I 43 18.11 9.35 56.49
CA LYS I 43 17.20 9.06 55.39
C LYS I 43 17.64 7.77 54.72
N LEU I 44 16.72 6.80 54.64
CA LEU I 44 17.03 5.50 54.04
C LEU I 44 15.75 4.90 53.48
N SER I 45 15.81 4.44 52.24
CA SER I 45 14.71 3.70 51.66
C SER I 45 14.62 2.31 52.30
N LEU I 46 13.41 1.91 52.64
CA LEU I 46 13.19 0.65 53.33
C LEU I 46 12.09 -0.15 52.65
N PRO I 47 12.14 -1.47 52.73
CA PRO I 47 11.11 -2.30 52.09
C PRO I 47 9.73 -1.98 52.65
N LEU I 48 8.72 -2.02 51.77
CA LEU I 48 7.39 -1.57 52.15
C LEU I 48 6.83 -2.38 53.30
N TRP I 49 7.10 -3.70 53.33
CA TRP I 49 6.61 -4.52 54.42
C TRP I 49 7.18 -4.09 55.76
N LEU I 50 8.45 -3.69 55.78
CA LEU I 50 9.08 -3.20 57.00
C LEU I 50 8.87 -1.71 57.21
N ALA I 51 8.91 -0.93 56.13
CA ALA I 51 8.76 0.52 56.25
C ALA I 51 7.36 0.88 56.74
N ARG I 52 6.33 0.17 56.27
CA ARG I 52 4.97 0.45 56.71
C ARG I 52 4.82 0.17 58.21
N ILE I 53 5.36 -0.95 58.68
CA ILE I 53 5.27 -1.27 60.10
C ILE I 53 6.05 -0.23 60.92
N LEU I 54 7.22 0.18 60.45
CA LEU I 54 8.00 1.18 61.16
C LEU I 54 7.27 2.52 61.22
N ALA I 55 6.57 2.87 60.14
CA ALA I 55 5.77 4.09 60.15
C ALA I 55 4.57 3.96 61.08
N ILE I 56 3.99 2.77 61.16
CA ILE I 56 2.80 2.57 61.99
C ILE I 56 3.14 2.66 63.47
N VAL I 57 4.22 2.00 63.88
CA VAL I 57 4.51 1.85 65.30
C VAL I 57 5.82 2.56 65.65
N GLY I 58 6.01 2.79 66.95
CA GLY I 58 7.21 3.43 67.44
C GLY I 58 7.10 3.86 68.89
N PRO I 68 3.06 7.86 71.06
CA PRO I 68 4.50 7.68 70.86
C PRO I 68 4.95 8.07 69.45
N VAL I 69 6.22 8.40 69.31
CA VAL I 69 6.77 8.78 68.00
C VAL I 69 7.01 7.52 67.17
N PRO I 70 6.49 7.44 65.96
CA PRO I 70 6.76 6.26 65.12
C PRO I 70 8.24 6.10 64.84
N PHE I 71 8.68 4.84 64.71
CA PHE I 71 10.10 4.55 64.58
C PHE I 71 10.69 5.23 63.35
N VAL I 72 9.94 5.27 62.25
CA VAL I 72 10.39 5.94 61.02
C VAL I 72 9.19 6.59 60.35
N GLU I 73 9.48 7.53 59.46
CA GLU I 73 8.47 8.22 58.67
C GLU I 73 8.85 8.08 57.20
N LEU I 74 7.95 7.49 56.41
CA LEU I 74 8.22 7.26 55.00
C LEU I 74 8.24 8.58 54.23
N LEU I 75 9.24 8.75 53.38
CA LEU I 75 9.29 9.91 52.49
C LEU I 75 8.43 9.65 51.25
N PRO I 76 7.92 10.72 50.63
CA PRO I 76 7.05 10.54 49.46
C PRO I 76 7.83 10.02 48.27
N PRO I 77 7.38 8.94 47.65
CA PRO I 77 8.08 8.41 46.48
C PRO I 77 7.81 9.21 45.22
N ASP I 78 8.75 9.09 44.27
CA ASP I 78 8.58 9.74 42.98
C ASP I 78 7.37 9.18 42.24
N MET I 79 7.03 7.91 42.49
CA MET I 79 5.81 7.36 41.91
C MET I 79 4.56 8.04 42.45
N PHE I 80 4.64 8.58 43.66
CA PHE I 80 3.56 9.37 44.25
C PHE I 80 3.79 10.87 44.07
N SER I 81 4.84 11.26 43.35
CA SER I 81 5.15 12.67 43.17
C SER I 81 4.04 13.42 42.44
N THR I 82 3.91 14.70 42.76
CA THR I 82 2.90 15.54 42.13
C THR I 82 3.16 15.71 40.64
N LYS I 83 4.41 15.60 40.21
CA LYS I 83 4.70 15.64 38.78
C LYS I 83 4.09 14.46 38.05
N VAL I 84 4.21 13.25 38.63
CA VAL I 84 3.56 12.08 38.06
C VAL I 84 2.05 12.24 38.10
N MET I 85 1.55 12.84 39.19
CA MET I 85 0.11 13.11 39.27
C MET I 85 -0.34 14.04 38.14
N ASN I 86 0.46 15.07 37.84
CA ASN I 86 0.12 15.99 36.76
C ASN I 86 0.16 15.30 35.41
N ALA I 87 1.16 14.44 35.19
CA ALA I 87 1.22 13.68 33.94
C ALA I 87 -0.02 12.79 33.79
N ILE I 88 -0.44 12.16 34.89
CA ILE I 88 -1.64 11.32 34.85
C ILE I 88 -2.88 12.17 34.54
N LYS I 89 -2.99 13.34 35.18
CA LYS I 89 -4.13 14.22 34.91
C LYS I 89 -4.13 14.68 33.46
N THR I 90 -2.95 14.86 32.87
CA THR I 90 -2.86 15.15 31.44
C THR I 90 -3.41 14.01 30.61
N ASP I 91 -2.80 12.83 30.74
CA ASP I 91 -3.14 11.69 29.91
C ASP I 91 -2.87 10.43 30.73
N PRO I 92 -3.90 9.82 31.31
CA PRO I 92 -3.67 8.58 32.06
C PRO I 92 -3.08 7.46 31.22
N VAL I 93 -3.48 7.37 29.95
CA VAL I 93 -3.02 6.27 29.09
C VAL I 93 -1.58 6.46 28.66
N ALA I 94 -1.20 7.71 28.34
CA ALA I 94 0.14 7.94 27.79
C ALA I 94 1.24 7.63 28.80
N LEU I 95 0.95 7.79 30.10
CA LEU I 95 1.95 7.52 31.11
C LEU I 95 2.28 6.04 31.19
N ASP I 96 3.55 5.73 31.49
CA ASP I 96 4.03 4.36 31.60
C ASP I 96 4.01 3.96 33.07
N LEU I 97 2.82 3.56 33.52
CA LEU I 97 2.65 3.13 34.91
C LEU I 97 3.48 1.89 35.20
N HIS I 98 3.66 1.00 34.23
CA HIS I 98 4.52 -0.15 34.43
C HIS I 98 5.97 0.25 34.62
N SER I 99 6.44 1.21 33.81
CA SER I 99 7.81 1.69 33.98
C SER I 99 8.00 2.35 35.33
N ILE I 100 6.98 3.07 35.81
CA ILE I 100 7.05 3.64 37.16
C ILE I 100 7.11 2.53 38.21
N ASN I 101 6.19 1.57 38.11
CA ASN I 101 6.12 0.43 39.02
C ASN I 101 5.13 -0.60 38.49
N SER I 102 5.53 -1.88 38.45
CA SER I 102 4.62 -2.93 38.01
C SER I 102 3.43 -3.06 38.97
N HIS I 103 3.65 -2.82 40.25
CA HIS I 103 2.58 -2.83 41.26
C HIS I 103 2.22 -1.41 41.69
N PHE I 104 2.18 -0.48 40.73
CA PHE I 104 1.94 0.92 41.07
C PHE I 104 0.57 1.12 41.68
N PHE I 105 -0.46 0.47 41.14
CA PHE I 105 -1.81 0.61 41.68
C PHE I 105 -1.91 0.04 43.09
N SER I 106 -1.32 -1.13 43.32
CA SER I 106 -1.34 -1.73 44.65
C SER I 106 -0.56 -0.87 45.64
N LEU I 107 0.57 -0.31 45.21
CA LEU I 107 1.33 0.59 46.07
C LEU I 107 0.54 1.85 46.39
N ALA I 108 -0.20 2.38 45.42
CA ALA I 108 -1.04 3.54 45.67
C ALA I 108 -2.15 3.20 46.67
N ILE I 109 -2.73 2.01 46.55
CA ILE I 109 -3.77 1.59 47.50
C ILE I 109 -3.18 1.45 48.89
N LYS I 110 -1.98 0.86 49.00
CA LYS I 110 -1.34 0.72 50.30
C LYS I 110 -0.98 2.08 50.89
N TRP I 111 -0.52 3.01 50.07
CA TRP I 111 -0.21 4.36 50.54
C TRP I 111 -1.47 5.09 50.98
N ILE I 112 -2.59 4.86 50.29
CA ILE I 112 -3.85 5.47 50.71
C ILE I 112 -4.32 4.88 52.03
N MET I 113 -4.12 3.57 52.21
CA MET I 113 -4.48 2.94 53.49
C MET I 113 -3.62 3.48 54.63
N LEU I 114 -2.32 3.62 54.40
CA LEU I 114 -1.42 4.16 55.41
C LEU I 114 -1.65 5.66 55.63
N PHE I 115 -2.17 6.37 54.63
CA PHE I 115 -2.41 7.80 54.72
C PHE I 115 -3.60 8.10 53.81
N SER I 116 -4.79 8.25 54.41
CA SER I 116 -6.00 8.46 53.64
C SER I 116 -5.89 9.76 52.84
N GLU I 117 -6.01 9.64 51.51
CA GLU I 117 -5.88 10.79 50.61
C GLU I 117 -7.01 10.69 49.58
N LYS I 118 -8.08 11.45 49.79
CA LYS I 118 -9.24 11.38 48.91
C LYS I 118 -8.90 11.84 47.49
N GLU I 119 -8.15 12.93 47.38
CA GLU I 119 -7.77 13.43 46.05
C GLU I 119 -6.88 12.43 45.33
N LEU I 120 -5.94 11.81 46.05
CA LEU I 120 -5.10 10.80 45.44
C LEU I 120 -5.93 9.60 44.99
N ALA I 121 -6.90 9.18 45.79
CA ALA I 121 -7.77 8.08 45.40
C ALA I 121 -8.58 8.45 44.16
N ASN I 122 -9.07 9.69 44.09
CA ASN I 122 -9.84 10.12 42.92
C ASN I 122 -8.97 10.13 41.66
N VAL I 123 -7.75 10.64 41.76
CA VAL I 123 -6.86 10.68 40.61
C VAL I 123 -6.51 9.26 40.16
N VAL I 124 -6.23 8.37 41.12
CA VAL I 124 -5.90 6.99 40.80
C VAL I 124 -7.09 6.31 40.14
N SER I 125 -8.30 6.56 40.65
CA SER I 125 -9.49 5.96 40.05
C SER I 125 -9.74 6.46 38.64
N GLU I 126 -9.52 7.76 38.39
CA GLU I 126 -9.68 8.28 37.04
C GLU I 126 -8.66 7.69 36.08
N LEU I 127 -7.40 7.58 36.53
CA LEU I 127 -6.38 6.95 35.69
C LEU I 127 -6.72 5.50 35.41
N LEU I 128 -7.18 4.77 36.43
CA LEU I 128 -7.56 3.38 36.24
C LEU I 128 -8.73 3.26 35.28
N LEU I 129 -9.70 4.17 35.37
CA LEU I 129 -10.86 4.12 34.47
C LEU I 129 -10.45 4.36 33.02
N GLN I 130 -9.60 5.36 32.78
CA GLN I 130 -9.17 5.64 31.41
C GLN I 130 -8.34 4.48 30.85
N ARG I 131 -7.37 3.99 31.64
CA ARG I 131 -6.56 2.87 31.20
C ARG I 131 -7.40 1.61 31.00
N ALA I 132 -8.45 1.44 31.81
CA ALA I 132 -9.32 0.28 31.66
C ALA I 132 -10.17 0.39 30.41
N GLN I 133 -10.60 1.61 30.06
CA GLN I 133 -11.30 1.79 28.79
C GLN I 133 -10.41 1.44 27.61
N GLU I 134 -9.16 1.91 27.65
CA GLU I 134 -8.22 1.57 26.58
C GLU I 134 -7.96 0.06 26.54
N LEU I 135 -7.78 -0.56 27.70
CA LEU I 135 -7.53 -2.00 27.76
C LEU I 135 -8.74 -2.79 27.27
N ASN I 136 -9.95 -2.32 27.56
CA ASN I 136 -11.15 -2.97 27.07
C ASN I 136 -11.25 -2.86 25.56
N HIS I 137 -10.88 -1.70 25.00
CA HIS I 137 -10.85 -1.57 23.54
C HIS I 137 -9.85 -2.56 22.93
N HIS I 138 -8.65 -2.66 23.53
CA HIS I 138 -7.64 -3.58 23.03
C HIS I 138 -8.11 -5.03 23.13
N ALA I 139 -8.71 -5.41 24.26
CA ALA I 139 -9.16 -6.78 24.45
C ALA I 139 -10.32 -7.11 23.52
N SER I 140 -11.21 -6.15 23.26
CA SER I 140 -12.28 -6.35 22.30
C SER I 140 -11.71 -6.55 20.90
N SER I 141 -10.62 -5.84 20.58
CA SER I 141 -9.91 -6.10 19.34
C SER I 141 -9.31 -7.50 19.37
N LEU I 142 -9.80 -8.39 18.50
CA LEU I 142 -9.39 -9.78 18.50
C LEU I 142 -8.95 -10.21 17.11
N SER I 143 -8.04 -11.19 17.08
CA SER I 143 -7.58 -11.73 15.81
C SER I 143 -8.70 -12.49 15.10
N ILE I 144 -8.80 -12.27 13.79
CA ILE I 144 -9.82 -12.93 12.99
C ILE I 144 -9.24 -14.15 12.30
N THR I 158 2.74 -9.30 16.87
CA THR I 158 1.93 -8.47 17.76
C THR I 158 1.85 -7.04 17.25
N ASN I 159 0.69 -6.42 17.43
CA ASN I 159 0.49 -5.04 16.97
C ASN I 159 1.35 -4.08 17.79
N ILE I 160 1.88 -3.06 17.10
CA ILE I 160 2.77 -2.10 17.75
C ILE I 160 1.99 -1.26 18.78
N ALA I 161 0.78 -0.84 18.42
CA ALA I 161 -0.01 -0.01 19.33
C ALA I 161 -0.36 -0.78 20.61
N THR I 162 -0.83 -2.02 20.46
CA THR I 162 -1.13 -2.85 21.62
C THR I 162 0.13 -3.18 22.41
N SER I 163 1.26 -3.36 21.73
CA SER I 163 2.51 -3.63 22.43
C SER I 163 2.94 -2.44 23.29
N THR I 164 2.86 -1.23 22.74
CA THR I 164 3.21 -0.04 23.52
C THR I 164 2.22 0.17 24.66
N PHE I 165 0.93 -0.07 24.42
CA PHE I 165 -0.07 0.05 25.47
C PHE I 165 0.20 -0.94 26.59
N LEU I 166 0.56 -2.17 26.25
CA LEU I 166 0.89 -3.17 27.27
C LEU I 166 2.16 -2.79 28.02
N LEU I 167 3.15 -2.24 27.32
CA LEU I 167 4.37 -1.80 27.97
C LEU I 167 4.08 -0.71 28.98
N LYS I 168 3.18 0.21 28.64
CA LYS I 168 2.72 1.19 29.62
C LYS I 168 1.91 0.53 30.74
N LEU I 169 1.15 -0.51 30.42
CA LEU I 169 0.28 -1.15 31.38
C LEU I 169 1.09 -1.96 32.40
N GLU I 170 0.70 -1.85 33.67
CA GLU I 170 1.33 -2.59 34.74
C GLU I 170 1.05 -4.08 34.58
N GLU I 171 1.76 -4.89 35.38
CA GLU I 171 1.60 -6.35 35.28
C GLU I 171 0.20 -6.78 35.70
N MET I 172 -0.36 -6.18 36.75
CA MET I 172 -1.71 -6.53 37.17
C MET I 172 -2.74 -6.14 36.11
N GLU I 173 -2.60 -4.94 35.54
CA GLU I 173 -3.48 -4.53 34.46
C GLU I 173 -3.31 -5.43 33.24
N LYS I 174 -2.10 -5.91 33.00
CA LYS I 174 -1.86 -6.82 31.88
C LYS I 174 -2.52 -8.17 32.13
N GLU I 175 -2.51 -8.64 33.38
CA GLU I 175 -3.23 -9.87 33.71
C GLU I 175 -4.73 -9.70 33.50
N ILE I 176 -5.28 -8.55 33.92
CA ILE I 176 -6.70 -8.29 33.71
C ILE I 176 -7.01 -8.23 32.22
N TYR I 177 -6.16 -7.56 31.44
CA TYR I 177 -6.35 -7.47 30.00
C TYR I 177 -6.25 -8.83 29.34
N LYS I 178 -5.32 -9.67 29.79
CA LYS I 178 -5.20 -11.02 29.25
C LYS I 178 -6.46 -11.83 29.55
N LYS I 179 -6.99 -11.72 30.77
CA LYS I 179 -8.22 -12.45 31.10
C LYS I 179 -9.38 -11.99 30.22
N SER I 180 -9.56 -10.67 30.10
CA SER I 180 -10.68 -10.15 29.31
C SER I 180 -10.52 -10.51 27.83
N HIS I 181 -9.32 -10.36 27.29
CA HIS I 181 -9.09 -10.68 25.88
C HIS I 181 -9.24 -12.17 25.60
N GLU I 182 -8.79 -13.01 26.53
CA GLU I 182 -8.98 -14.45 26.37
C GLU I 182 -10.46 -14.81 26.41
N SER I 183 -11.23 -14.17 27.30
CA SER I 183 -12.67 -14.41 27.33
C SER I 183 -13.32 -14.00 26.01
N TYR I 184 -12.96 -12.83 25.49
CA TYR I 184 -13.53 -12.36 24.23
C TYR I 184 -13.13 -13.29 23.08
N LYS I 185 -11.88 -13.72 23.05
CA LYS I 185 -11.41 -14.60 21.98
C LYS I 185 -12.10 -15.96 22.05
N ASP I 186 -12.26 -16.51 23.26
CA ASP I 186 -12.96 -17.78 23.40
C ASP I 186 -14.42 -17.66 22.98
N THR I 187 -15.07 -16.55 23.34
CA THR I 187 -16.45 -16.34 22.92
C THR I 187 -16.56 -16.25 21.40
N LYS I 188 -15.66 -15.48 20.77
CA LYS I 188 -15.69 -15.33 19.32
C LYS I 188 -15.41 -16.66 18.63
N ARG I 189 -14.45 -17.43 19.14
CA ARG I 189 -14.13 -18.73 18.54
C ARG I 189 -15.30 -19.69 18.69
N TRP I 190 -15.95 -19.73 19.85
CA TRP I 190 -17.09 -20.60 20.04
C TRP I 190 -18.27 -20.17 19.18
N MET I 191 -18.40 -18.86 18.90
CA MET I 191 -19.47 -18.39 18.05
C MET I 191 -19.22 -18.76 16.59
N PHE I 192 -17.98 -18.54 16.11
CA PHE I 192 -17.66 -18.78 14.70
C PHE I 192 -17.37 -20.24 14.38
N LYS I 193 -17.20 -21.09 15.40
CA LYS I 193 -16.94 -22.50 15.19
C LYS I 193 -18.03 -23.32 15.88
N LYS I 194 -18.38 -24.45 15.27
CA LYS I 194 -19.44 -25.30 15.78
C LYS I 194 -19.16 -25.77 17.20
N ASP J 2 -68.39 -2.99 37.14
CA ASP J 2 -69.28 -4.13 37.20
C ASP J 2 -68.86 -5.11 38.28
N ILE J 3 -69.70 -6.11 38.53
CA ILE J 3 -69.42 -7.10 39.56
C ILE J 3 -68.22 -7.95 39.14
N ASN J 4 -67.28 -8.13 40.05
CA ASN J 4 -66.09 -8.94 39.80
C ASN J 4 -66.29 -10.31 40.46
N ILE J 5 -66.35 -11.35 39.63
CA ILE J 5 -66.58 -12.70 40.10
C ILE J 5 -65.33 -13.58 39.91
N ASP J 6 -64.16 -12.95 39.79
CA ASP J 6 -62.93 -13.72 39.61
C ASP J 6 -62.65 -14.61 40.81
N ASP J 7 -62.92 -14.13 42.02
CA ASP J 7 -62.73 -14.95 43.21
C ASP J 7 -63.67 -16.15 43.20
N ILE J 8 -64.93 -15.94 42.80
CA ILE J 8 -65.89 -17.05 42.74
C ILE J 8 -65.46 -18.07 41.70
N LEU J 9 -65.00 -17.59 40.54
CA LEU J 9 -64.52 -18.50 39.50
C LEU J 9 -63.31 -19.29 39.96
N ALA J 10 -62.39 -18.64 40.68
CA ALA J 10 -61.22 -19.33 41.20
C ALA J 10 -61.61 -20.38 42.24
N GLU J 11 -62.54 -20.04 43.13
CA GLU J 11 -63.00 -21.01 44.13
C GLU J 11 -63.69 -22.19 43.48
N LEU J 12 -64.45 -21.94 42.41
CA LEU J 12 -65.06 -23.04 41.67
C LEU J 12 -64.01 -23.88 40.94
N ASP J 13 -62.95 -23.24 40.46
CA ASP J 13 -61.91 -23.97 39.72
C ASP J 13 -61.05 -24.81 40.64
N LYS J 14 -60.86 -24.38 41.90
CA LYS J 14 -60.02 -25.11 42.83
C LYS J 14 -60.60 -26.47 43.20
N GLU J 15 -61.86 -26.73 42.90
CA GLU J 15 -62.52 -27.99 43.22
C GLU J 15 -61.77 -29.20 42.64
N VAL J 54 -43.50 -34.40 46.63
CA VAL J 54 -42.12 -34.29 46.15
C VAL J 54 -42.04 -34.70 44.69
N SER J 55 -41.80 -33.72 43.82
CA SER J 55 -41.65 -33.98 42.39
C SER J 55 -40.17 -34.18 42.08
N PRO J 56 -39.77 -35.33 41.50
CA PRO J 56 -38.34 -35.50 41.17
C PRO J 56 -37.82 -34.48 40.18
N GLN J 57 -38.65 -34.05 39.22
CA GLN J 57 -38.23 -32.99 38.31
C GLN J 57 -38.03 -31.68 39.05
N GLN J 58 -38.90 -31.37 40.01
CA GLN J 58 -38.70 -30.17 40.81
C GLN J 58 -37.45 -30.29 41.66
N ASP J 59 -37.14 -31.50 42.13
CA ASP J 59 -35.90 -31.71 42.88
C ASP J 59 -34.69 -31.48 41.99
N PHE J 60 -34.76 -31.92 40.73
CA PHE J 60 -33.68 -31.66 39.79
C PHE J 60 -33.52 -30.16 39.53
N SER J 61 -34.64 -29.45 39.40
CA SER J 61 -34.57 -28.00 39.21
C SER J 61 -33.98 -27.32 40.44
N ASP J 62 -34.34 -27.78 41.64
CA ASP J 62 -33.77 -27.24 42.86
C ASP J 62 -32.28 -27.51 42.93
N LEU J 63 -31.86 -28.70 42.50
CA LEU J 63 -30.42 -29.01 42.46
C LEU J 63 -29.70 -28.12 41.47
N MET J 64 -30.32 -27.82 40.33
CA MET J 64 -29.72 -26.91 39.36
C MET J 64 -29.55 -25.52 39.95
N LYS J 65 -30.59 -25.01 40.60
CA LYS J 65 -30.51 -23.69 41.22
C LYS J 65 -29.46 -23.67 42.33
N SER J 66 -29.40 -24.74 43.13
CA SER J 66 -28.42 -24.81 44.21
C SER J 66 -27.00 -24.87 43.67
N TRP J 67 -26.78 -25.62 42.60
CA TRP J 67 -25.45 -25.69 42.00
C TRP J 67 -25.04 -24.34 41.40
N LYS J 68 -25.98 -23.65 40.76
CA LYS J 68 -25.68 -22.32 40.25
C LYS J 68 -25.33 -21.36 41.38
N ASN J 69 -26.09 -21.40 42.48
CA ASN J 69 -25.80 -20.54 43.62
C ASN J 69 -24.47 -20.92 44.28
N GLU J 70 -24.11 -22.20 44.27
CA GLU J 70 -22.83 -22.61 44.83
C GLU J 70 -21.67 -22.13 43.96
N ARG J 71 -21.82 -22.22 42.65
CA ARG J 71 -20.77 -21.73 41.76
C ARG J 71 -20.61 -20.22 41.88
N CYS J 72 -21.72 -19.49 42.00
CA CYS J 72 -21.64 -18.03 42.08
C CYS J 72 -21.20 -17.53 43.45
N SER J 73 -21.65 -18.19 44.52
CA SER J 73 -21.44 -17.68 45.86
C SER J 73 -20.05 -18.08 46.37
N PRO J 74 -19.23 -17.12 46.80
CA PRO J 74 -17.94 -17.49 47.42
C PRO J 74 -18.09 -18.38 48.64
N GLU J 75 -19.11 -18.15 49.46
CA GLU J 75 -19.35 -18.97 50.63
C GLU J 75 -19.93 -20.32 50.22
N LEU J 76 -19.51 -21.37 50.93
CA LEU J 76 -20.06 -22.70 50.68
C LEU J 76 -21.50 -22.76 51.20
N LEU J 77 -22.40 -23.26 50.37
CA LEU J 77 -23.78 -23.40 50.80
C LEU J 77 -23.93 -24.60 51.73
N PRO J 78 -24.91 -24.56 52.63
CA PRO J 78 -25.17 -25.75 53.46
C PRO J 78 -25.59 -26.93 52.60
N TYR J 79 -25.14 -28.12 52.99
CA TYR J 79 -25.35 -29.31 52.17
C TYR J 79 -26.77 -29.83 52.35
N PRO J 80 -27.58 -29.88 51.28
CA PRO J 80 -28.90 -30.53 51.40
C PRO J 80 -28.81 -32.04 51.27
N HIS J 81 -28.83 -32.71 52.42
CA HIS J 81 -28.61 -34.15 52.45
C HIS J 81 -29.81 -34.90 51.87
N GLN J 82 -31.02 -34.48 52.23
CA GLN J 82 -32.22 -35.19 51.80
C GLN J 82 -32.40 -35.11 50.29
N LEU J 83 -32.27 -33.90 49.72
CA LEU J 83 -32.42 -33.75 48.28
C LEU J 83 -31.31 -34.50 47.53
N MET J 84 -30.07 -34.40 48.00
CA MET J 84 -28.99 -35.12 47.34
C MET J 84 -29.20 -36.62 47.39
N LYS J 85 -29.64 -37.15 48.54
CA LYS J 85 -29.86 -38.58 48.68
C LYS J 85 -31.02 -39.05 47.80
N ARG J 86 -32.10 -38.27 47.74
CA ARG J 86 -33.22 -38.65 46.87
C ARG J 86 -32.81 -38.68 45.41
N LEU J 87 -32.03 -37.67 44.98
CA LEU J 87 -31.54 -37.66 43.60
C LEU J 87 -30.65 -38.86 43.33
N LEU J 88 -29.77 -39.20 44.27
CA LEU J 88 -28.89 -40.35 44.09
C LEU J 88 -29.68 -41.66 44.00
N ASN J 89 -30.70 -41.80 44.85
CA ASN J 89 -31.53 -43.00 44.79
C ASN J 89 -32.29 -43.09 43.46
N ARG J 90 -32.79 -41.96 42.97
CA ARG J 90 -33.46 -41.95 41.68
C ARG J 90 -32.49 -42.33 40.57
N ILE J 91 -31.25 -41.83 40.64
CA ILE J 91 -30.25 -42.18 39.63
C ILE J 91 -29.94 -43.67 39.68
N SER J 92 -29.82 -44.24 40.88
CA SER J 92 -29.55 -45.66 41.00
C SER J 92 -30.69 -46.50 40.42
N MET J 93 -31.93 -46.13 40.73
CA MET J 93 -33.08 -46.87 40.20
C MET J 93 -33.15 -46.74 38.69
N GLN J 94 -32.86 -45.55 38.15
CA GLN J 94 -32.87 -45.37 36.70
C GLN J 94 -31.79 -46.19 36.03
N SER J 95 -30.60 -46.24 36.62
CA SER J 95 -29.53 -47.07 36.05
C SER J 95 -29.90 -48.55 36.08
N GLN J 96 -30.51 -49.00 37.18
CA GLN J 96 -30.95 -50.39 37.26
C GLN J 96 -32.01 -50.71 36.21
N LEU J 97 -32.97 -49.79 36.02
CA LEU J 97 -33.99 -50.01 35.01
C LEU J 97 -33.41 -50.03 33.60
N ILE J 98 -32.43 -49.15 33.34
CA ILE J 98 -31.78 -49.12 32.04
C ILE J 98 -31.02 -50.43 31.80
N GLU J 99 -30.36 -50.94 32.84
CA GLU J 99 -29.67 -52.22 32.71
C GLU J 99 -30.65 -53.36 32.44
N ASN J 100 -31.79 -53.34 33.12
CA ASN J 100 -32.81 -54.37 32.87
C ASN J 100 -33.34 -54.29 31.44
N ILE J 101 -33.56 -53.08 30.95
CA ILE J 101 -34.01 -52.90 29.57
C ILE J 101 -32.95 -53.37 28.59
N SER J 102 -31.67 -53.13 28.92
CA SER J 102 -30.59 -53.61 28.07
C SER J 102 -30.56 -55.13 28.03
N MET J 103 -30.76 -55.78 29.18
CA MET J 103 -30.83 -57.23 29.20
C MET J 103 -32.00 -57.74 28.38
N GLY J 104 -33.16 -57.10 28.50
CA GLY J 104 -34.31 -57.50 27.71
C GLY J 104 -34.09 -57.35 26.22
N PHE J 105 -33.45 -56.24 25.81
CA PHE J 105 -33.13 -56.04 24.40
C PHE J 105 -32.12 -57.07 23.92
N LEU J 106 -31.13 -57.40 24.75
CA LEU J 106 -30.16 -58.43 24.38
C LEU J 106 -30.82 -59.79 24.26
N ASP J 107 -31.88 -60.03 25.00
CA ASP J 107 -32.63 -61.29 24.90
C ASP J 107 -33.27 -61.43 23.53
N ASN J 120 -42.43 -52.98 23.43
CA ASN J 120 -41.83 -53.08 22.11
C ASN J 120 -40.30 -53.00 22.20
N GLU J 121 -39.65 -52.86 21.05
CA GLU J 121 -38.19 -52.79 20.95
C GLU J 121 -37.82 -51.45 20.30
N SER J 122 -37.71 -50.42 21.12
CA SER J 122 -37.30 -49.09 20.65
C SER J 122 -36.28 -48.54 21.64
N LYS J 123 -35.04 -48.37 21.20
CA LYS J 123 -33.97 -47.93 22.07
C LYS J 123 -33.88 -46.41 22.19
N LEU J 124 -34.71 -45.66 21.46
CA LEU J 124 -34.70 -44.21 21.59
C LEU J 124 -35.05 -43.76 23.01
N PRO J 125 -36.09 -44.29 23.65
CA PRO J 125 -36.33 -43.93 25.05
C PRO J 125 -35.19 -44.31 25.97
N LEU J 126 -34.52 -45.44 25.70
CA LEU J 126 -33.36 -45.82 26.50
C LEU J 126 -32.23 -44.82 26.35
N LEU J 127 -32.00 -44.34 25.12
CA LEU J 127 -30.98 -43.31 24.90
C LEU J 127 -31.37 -42.01 25.60
N CYS J 128 -32.66 -41.67 25.60
CA CYS J 128 -33.11 -40.48 26.30
C CYS J 128 -32.84 -40.59 27.80
N MET J 129 -33.15 -41.75 28.38
CA MET J 129 -32.90 -41.96 29.80
C MET J 129 -31.41 -41.93 30.11
N GLU J 130 -30.59 -42.52 29.22
CA GLU J 130 -29.15 -42.51 29.43
C GLU J 130 -28.59 -41.09 29.39
N THR J 131 -29.05 -40.28 28.43
CA THR J 131 -28.59 -38.89 28.36
C THR J 131 -29.05 -38.10 29.58
N GLU J 132 -30.27 -38.34 30.05
CA GLU J 132 -30.75 -37.65 31.24
C GLU J 132 -29.91 -38.03 32.46
N LEU J 133 -29.60 -39.32 32.61
CA LEU J 133 -28.76 -39.75 33.72
C LEU J 133 -27.37 -39.14 33.63
N GLU J 134 -26.82 -39.08 32.41
CA GLU J 134 -25.50 -38.47 32.24
C GLU J 134 -25.50 -37.00 32.62
N ARG J 135 -26.53 -36.26 32.19
CA ARG J 135 -26.61 -34.84 32.53
C ARG J 135 -26.77 -34.64 34.04
N LEU J 136 -27.63 -35.44 34.68
CA LEU J 136 -27.83 -35.31 36.12
C LEU J 136 -26.56 -35.64 36.88
N LYS J 137 -25.87 -36.71 36.48
CA LYS J 137 -24.61 -37.08 37.13
C LYS J 137 -23.56 -36.01 36.94
N PHE J 138 -23.50 -35.42 35.74
CA PHE J 138 -22.54 -34.34 35.50
C PHE J 138 -22.83 -33.14 36.39
N VAL J 139 -24.11 -32.78 36.53
CA VAL J 139 -24.45 -31.64 37.39
C VAL J 139 -24.09 -31.93 38.84
N ILE J 140 -24.40 -33.14 39.32
CA ILE J 140 -24.09 -33.51 40.70
C ILE J 140 -22.58 -33.50 40.93
N ARG J 141 -21.82 -34.06 39.98
CA ARG J 141 -20.37 -34.11 40.13
C ARG J 141 -19.77 -32.71 40.10
N SER J 142 -20.30 -31.82 39.25
CA SER J 142 -19.81 -30.45 39.20
C SER J 142 -20.08 -29.72 40.52
N TYR J 143 -21.28 -29.89 41.07
CA TYR J 143 -21.58 -29.27 42.36
C TYR J 143 -20.68 -29.82 43.46
N ILE J 144 -20.45 -31.13 43.48
CA ILE J 144 -19.62 -31.73 44.50
C ILE J 144 -18.17 -31.27 44.36
N ARG J 145 -17.68 -31.15 43.12
CA ARG J 145 -16.32 -30.69 42.91
C ARG J 145 -16.16 -29.24 43.33
N CYS J 146 -17.15 -28.40 43.04
CA CYS J 146 -17.09 -27.01 43.51
C CYS J 146 -17.13 -26.95 45.04
N ARG J 147 -17.93 -27.80 45.67
CA ARG J 147 -17.96 -27.86 47.13
C ARG J 147 -16.62 -28.28 47.70
N LEU J 148 -15.97 -29.27 47.08
CA LEU J 148 -14.65 -29.69 47.52
C LEU J 148 -13.61 -28.59 47.31
N SER J 149 -13.74 -27.84 46.21
CA SER J 149 -12.84 -26.70 45.99
C SER J 149 -13.00 -25.65 47.08
N LYS J 150 -14.25 -25.35 47.45
CA LYS J 150 -14.49 -24.41 48.54
C LYS J 150 -13.95 -24.95 49.86
N ILE J 151 -14.11 -26.26 50.09
CA ILE J 151 -13.61 -26.88 51.33
C ILE J 151 -12.10 -26.76 51.41
N ASP J 152 -11.40 -27.03 50.31
CA ASP J 152 -9.95 -26.89 50.32
C ASP J 152 -9.52 -25.43 50.43
N LYS J 153 -10.28 -24.52 49.80
CA LYS J 153 -9.96 -23.10 49.87
C LYS J 153 -10.10 -22.55 51.28
N PHE J 154 -11.07 -23.04 52.04
CA PHE J 154 -11.29 -22.59 53.41
C PHE J 154 -11.10 -23.74 54.41
N SER J 155 -10.13 -24.63 54.15
CA SER J 155 -9.82 -25.67 55.12
C SER J 155 -9.43 -25.10 56.48
N LEU J 156 -8.60 -24.05 56.49
CA LEU J 156 -8.22 -23.44 57.75
C LEU J 156 -9.42 -22.84 58.46
N TYR J 157 -10.28 -22.12 57.72
CA TYR J 157 -11.47 -21.52 58.32
C TYR J 157 -12.47 -22.59 58.76
N LEU J 158 -12.51 -23.73 58.06
CA LEU J 158 -13.43 -24.80 58.43
C LEU J 158 -12.94 -25.52 59.68
N ARG J 159 -11.63 -25.72 59.81
CA ARG J 159 -11.08 -26.22 61.07
C ARG J 159 -11.35 -25.24 62.20
N GLN J 160 -11.23 -23.94 61.91
CA GLN J 160 -11.55 -22.92 62.93
C GLN J 160 -13.02 -22.97 63.32
N LEU J 161 -13.91 -23.17 62.35
CA LEU J 161 -15.34 -23.23 62.65
C LEU J 161 -15.69 -24.48 63.44
N ASN J 162 -15.07 -25.62 63.09
CA ASN J 162 -15.28 -26.84 63.85
C ASN J 162 -14.77 -26.70 65.27
N GLU J 163 -13.63 -26.02 65.44
CA GLU J 163 -13.12 -25.77 66.79
C GLU J 163 -13.98 -24.76 67.53
N ASP J 164 -14.65 -23.87 66.81
CA ASP J 164 -15.40 -22.77 67.41
C ASP J 164 -16.82 -23.23 67.69
N GLU J 165 -17.13 -23.48 68.96
CA GLU J 165 -18.50 -23.79 69.34
C GLU J 165 -19.42 -22.59 69.15
N ASN J 166 -18.88 -21.38 69.26
CA ASN J 166 -19.68 -20.18 69.04
C ASN J 166 -20.16 -20.05 67.60
N SER J 167 -19.51 -20.73 66.66
CA SER J 167 -19.97 -20.71 65.28
C SER J 167 -21.37 -21.31 65.21
N LEU J 168 -22.27 -20.60 64.50
CA LEU J 168 -23.67 -21.02 64.46
C LEU J 168 -23.83 -22.36 63.76
N ILE J 169 -23.06 -22.60 62.69
CA ILE J 169 -23.20 -23.80 61.87
C ILE J 169 -22.13 -24.79 62.29
N SER J 170 -22.55 -26.00 62.64
CA SER J 170 -21.60 -27.09 62.84
C SER J 170 -21.02 -27.49 61.49
N LEU J 171 -19.75 -27.94 61.53
CA LEU J 171 -19.08 -28.34 60.30
C LEU J 171 -19.83 -29.49 59.62
N THR J 172 -20.30 -30.45 60.42
CA THR J 172 -21.10 -31.54 59.87
C THR J 172 -22.42 -31.03 59.31
N ASP J 173 -23.00 -30.00 59.90
CA ASP J 173 -24.22 -29.42 59.36
C ASP J 173 -23.96 -28.79 58.00
N LEU J 174 -22.84 -28.07 57.85
CA LEU J 174 -22.56 -27.41 56.59
C LEU J 174 -22.18 -28.42 55.50
N LEU J 175 -21.49 -29.49 55.88
CA LEU J 175 -20.94 -30.43 54.91
C LEU J 175 -21.73 -31.74 54.90
N SER J 176 -21.45 -32.55 53.89
CA SER J 176 -21.86 -33.94 53.92
C SER J 176 -20.89 -34.75 54.78
N LYS J 177 -21.26 -36.00 55.07
CA LYS J 177 -20.37 -36.85 55.85
C LYS J 177 -19.06 -37.12 55.10
N ASP J 178 -19.17 -37.43 53.81
CA ASP J 178 -17.97 -37.64 53.00
C ASP J 178 -17.18 -36.34 52.87
N GLU J 179 -17.87 -35.20 52.76
CA GLU J 179 -17.17 -33.92 52.70
C GLU J 179 -16.41 -33.64 53.98
N ILE J 180 -17.01 -33.94 55.14
CA ILE J 180 -16.34 -33.74 56.42
C ILE J 180 -15.12 -34.63 56.54
N LYS J 181 -15.26 -35.91 56.16
CA LYS J 181 -14.12 -36.82 56.22
C LYS J 181 -13.01 -36.36 55.28
N TYR J 182 -13.38 -35.91 54.08
CA TYR J 182 -12.39 -35.42 53.12
C TYR J 182 -11.67 -34.19 53.65
N HIS J 183 -12.42 -33.23 54.21
CA HIS J 183 -11.80 -32.03 54.76
C HIS J 183 -10.84 -32.38 55.90
N ASP J 184 -11.27 -33.26 56.80
CA ASP J 184 -10.41 -33.63 57.93
C ASP J 184 -9.13 -34.31 57.45
N THR J 185 -9.26 -35.31 56.57
CA THR J 185 -8.09 -36.05 56.11
C THR J 185 -7.16 -35.15 55.29
N HIS J 186 -7.72 -34.31 54.43
CA HIS J 186 -6.89 -33.42 53.62
C HIS J 186 -6.16 -32.40 54.49
N SER J 187 -6.85 -31.82 55.48
CA SER J 187 -6.20 -30.89 56.39
C SER J 187 -5.09 -31.59 57.17
N LEU J 188 -5.33 -32.81 57.62
CA LEU J 188 -4.31 -33.55 58.36
C LEU J 188 -3.08 -33.82 57.49
N ILE J 189 -3.30 -34.25 56.24
CA ILE J 189 -2.18 -34.53 55.35
C ILE J 189 -1.39 -33.27 55.04
N TRP J 190 -2.09 -32.18 54.74
CA TRP J 190 -1.41 -30.91 54.45
C TRP J 190 -0.65 -30.42 55.67
N LEU J 191 -1.23 -30.55 56.87
CA LEU J 191 -0.55 -30.15 58.08
C LEU J 191 0.71 -30.97 58.32
N LYS J 192 0.63 -32.28 58.10
CA LYS J 192 1.81 -33.13 58.25
C LYS J 192 2.91 -32.71 57.29
N LEU J 193 2.55 -32.49 56.03
CA LEU J 193 3.54 -32.10 55.03
C LEU J 193 4.19 -30.76 55.39
N VAL J 194 3.36 -29.75 55.68
CA VAL J 194 3.90 -28.42 55.98
C VAL J 194 4.73 -28.45 57.26
N ASN J 195 4.29 -29.22 58.25
CA ASN J 195 5.04 -29.30 59.51
C ASN J 195 6.40 -29.92 59.28
N ASP J 196 6.45 -31.10 58.65
CA ASP J 196 7.73 -31.74 58.39
C ASP J 196 8.61 -30.88 57.48
N SER J 197 8.00 -30.04 56.64
CA SER J 197 8.79 -29.20 55.76
C SER J 197 9.42 -28.03 56.50
N ILE J 198 8.62 -27.23 57.20
CA ILE J 198 9.13 -25.96 57.72
C ILE J 198 8.94 -25.81 59.23
N LEU J 199 7.93 -26.46 59.80
CA LEU J 199 7.60 -26.18 61.19
C LEU J 199 8.65 -26.74 62.15
N LYS J 200 9.36 -27.80 61.74
CA LYS J 200 10.42 -28.34 62.58
C LYS J 200 11.53 -27.32 62.80
N TYR J 201 11.88 -26.56 61.75
CA TYR J 201 12.87 -25.51 61.91
C TYR J 201 12.26 -24.22 62.46
N MET J 202 10.98 -23.99 62.21
CA MET J 202 10.33 -22.77 62.68
C MET J 202 10.22 -22.79 64.20
N PRO J 203 10.40 -21.64 64.86
CA PRO J 203 10.20 -21.60 66.32
C PRO J 203 8.76 -21.96 66.68
N GLU J 204 8.61 -22.61 67.83
CA GLU J 204 7.30 -23.14 68.22
C GLU J 204 6.27 -22.04 68.38
N GLU J 205 6.68 -20.85 68.80
CA GLU J 205 5.74 -19.74 68.97
C GLU J 205 5.12 -19.33 67.63
N LEU J 206 5.86 -19.48 66.54
CA LEU J 206 5.37 -19.16 65.21
C LEU J 206 5.04 -20.41 64.39
N GLN J 207 5.12 -21.59 65.00
CA GLN J 207 4.93 -22.84 64.26
C GLN J 207 3.46 -23.10 63.93
N ALA J 208 2.54 -22.44 64.62
CA ALA J 208 1.12 -22.67 64.36
C ALA J 208 0.77 -22.29 62.94
N ILE J 209 0.06 -23.18 62.25
CA ILE J 209 -0.23 -22.99 60.83
C ILE J 209 -1.40 -22.03 60.64
N ASN J 210 -2.44 -22.15 61.45
CA ASN J 210 -3.67 -21.38 61.29
C ASN J 210 -3.72 -20.14 62.17
N ASP J 211 -2.62 -19.79 62.82
CA ASP J 211 -2.62 -18.69 63.78
C ASP J 211 -2.92 -17.36 63.09
N THR J 212 -3.61 -16.48 63.81
CA THR J 212 -3.88 -15.13 63.35
C THR J 212 -2.79 -14.14 63.75
N GLU J 213 -1.73 -14.62 64.41
CA GLU J 213 -0.67 -13.72 64.88
C GLU J 213 0.02 -13.00 63.74
N GLY J 214 0.08 -13.62 62.56
CA GLY J 214 0.66 -12.95 61.42
C GLY J 214 -0.16 -11.76 60.98
N SER J 215 0.51 -10.80 60.33
CA SER J 215 -0.17 -9.60 59.88
C SER J 215 -1.31 -9.94 58.93
N VAL J 216 -1.11 -10.94 58.08
CA VAL J 216 -2.17 -11.53 57.28
C VAL J 216 -2.49 -12.88 57.90
N ASN J 217 -3.70 -13.04 58.41
CA ASN J 217 -4.09 -14.27 59.09
C ASN J 217 -3.98 -15.44 58.11
N MET J 218 -3.32 -16.52 58.56
CA MET J 218 -3.14 -17.67 57.68
C MET J 218 -4.45 -18.38 57.38
N ILE J 219 -5.43 -18.27 58.28
CA ILE J 219 -6.76 -18.81 58.02
C ILE J 219 -7.40 -18.02 56.89
N ASP J 220 -7.96 -18.73 55.91
CA ASP J 220 -8.60 -18.13 54.76
C ASP J 220 -10.09 -18.40 54.80
N GLU J 221 -10.88 -17.34 54.70
CA GLU J 221 -12.33 -17.41 54.82
C GLU J 221 -12.99 -16.80 53.59
N PRO J 222 -14.23 -17.18 53.29
CA PRO J 222 -14.92 -16.61 52.13
C PRO J 222 -15.11 -15.11 52.28
N ASP J 223 -15.03 -14.41 51.15
CA ASP J 223 -15.21 -12.96 51.14
C ASP J 223 -16.69 -12.66 51.14
N TRP J 224 -17.23 -12.27 52.30
CA TRP J 224 -18.64 -11.93 52.39
C TRP J 224 -18.96 -10.71 51.55
N ASN J 225 -18.08 -9.72 51.53
CA ASN J 225 -18.35 -8.46 50.86
C ASN J 225 -18.13 -8.52 49.35
N LYS J 226 -17.68 -9.65 48.80
CA LYS J 226 -17.40 -9.73 47.38
C LYS J 226 -18.67 -9.53 46.56
N PHE J 227 -18.55 -8.75 45.49
CA PHE J 227 -19.68 -8.50 44.62
C PHE J 227 -20.04 -9.76 43.83
N VAL J 228 -21.34 -9.99 43.66
CA VAL J 228 -21.83 -11.13 42.89
C VAL J 228 -23.14 -10.74 42.24
N PHE J 229 -23.30 -11.15 40.98
CA PHE J 229 -24.54 -10.89 40.26
C PHE J 229 -25.69 -11.71 40.84
N ILE J 230 -26.89 -11.17 40.77
CA ILE J 230 -28.07 -11.83 41.31
C ILE J 230 -29.29 -11.37 40.53
N HIS J 231 -30.26 -12.28 40.39
CA HIS J 231 -31.56 -11.97 39.83
C HIS J 231 -32.61 -12.17 40.93
N VAL J 232 -33.41 -11.15 41.16
CA VAL J 232 -34.42 -11.21 42.22
C VAL J 232 -35.47 -12.25 41.83
N ASN J 233 -35.50 -13.36 42.56
CA ASN J 233 -36.47 -14.41 42.26
C ASN J 233 -37.88 -14.00 42.64
N GLY J 234 -38.03 -12.99 43.50
CA GLY J 234 -39.32 -12.66 44.06
C GLY J 234 -39.60 -13.53 45.27
N PRO J 235 -40.76 -13.33 45.90
CA PRO J 235 -41.11 -14.16 47.06
C PRO J 235 -41.24 -15.62 46.66
N PRO J 236 -40.78 -16.54 47.52
CA PRO J 236 -41.05 -17.96 47.24
C PRO J 236 -42.52 -18.29 47.15
N ASP J 237 -43.35 -17.62 47.95
CA ASP J 237 -44.79 -17.75 47.84
C ASP J 237 -45.30 -17.00 46.63
N GLY J 238 -46.41 -17.48 46.07
CA GLY J 238 -46.99 -16.82 44.92
C GLY J 238 -47.50 -15.42 45.21
N LYS J 239 -48.01 -15.20 46.41
CA LYS J 239 -48.55 -13.89 46.77
C LYS J 239 -47.43 -12.92 47.10
N TRP J 240 -47.35 -11.83 46.34
CA TRP J 240 -46.33 -10.82 46.61
C TRP J 240 -46.58 -10.12 47.93
N ASN J 241 -47.85 -9.85 48.26
CA ASN J 241 -48.17 -9.18 49.52
C ASN J 241 -47.85 -10.05 50.72
N GLU J 242 -47.87 -11.37 50.57
CA GLU J 242 -47.61 -12.27 51.69
C GLU J 242 -46.18 -12.11 52.20
N ASP J 243 -45.24 -11.74 51.33
CA ASP J 243 -43.86 -11.57 51.75
C ASP J 243 -43.68 -10.20 52.38
N PRO J 244 -43.30 -10.12 53.66
CA PRO J 244 -43.04 -8.79 54.26
C PRO J 244 -41.92 -8.04 53.57
N LEU J 245 -40.90 -8.75 53.09
CA LEU J 245 -39.81 -8.08 52.39
C LEU J 245 -40.31 -7.43 51.10
N LEU J 246 -41.21 -8.11 50.39
CA LEU J 246 -41.83 -7.51 49.21
C LEU J 246 -42.66 -6.31 49.62
N GLN J 247 -42.48 -5.20 48.90
CA GLN J 247 -43.19 -3.98 49.20
C GLN J 247 -43.37 -3.18 47.91
N GLU J 248 -44.45 -2.43 47.84
CA GLU J 248 -44.72 -1.62 46.66
C GLU J 248 -43.67 -0.53 46.53
N ASN J 249 -43.13 -0.38 45.33
CA ASN J 249 -42.23 0.71 44.98
C ASN J 249 -42.87 1.56 43.88
N GLU J 250 -42.18 2.63 43.49
CA GLU J 250 -42.74 3.56 42.52
C GLU J 250 -43.03 2.84 41.21
N PHE J 251 -44.08 3.31 40.52
CA PHE J 251 -44.59 2.69 39.30
C PHE J 251 -45.13 1.28 39.55
N GLY J 252 -45.63 1.04 40.76
CA GLY J 252 -46.29 -0.22 41.07
C GLY J 252 -45.42 -1.44 40.96
N LYS J 253 -44.14 -1.32 41.28
CA LYS J 253 -43.20 -2.44 41.17
C LYS J 253 -42.88 -2.99 42.55
N PRO J 254 -43.14 -4.27 42.82
CA PRO J 254 -42.71 -4.84 44.10
C PRO J 254 -41.18 -4.82 44.19
N CYS J 255 -40.69 -4.65 45.42
CA CYS J 255 -39.26 -4.52 45.64
C CYS J 255 -38.91 -5.00 47.03
N TYR J 256 -37.62 -5.27 47.24
CA TYR J 256 -37.09 -5.66 48.54
C TYR J 256 -36.00 -4.68 48.93
N THR J 257 -36.18 -4.03 50.08
CA THR J 257 -35.18 -3.10 50.58
C THR J 257 -33.92 -3.85 51.02
N VAL J 258 -32.76 -3.29 50.69
CA VAL J 258 -31.48 -3.89 51.04
C VAL J 258 -30.51 -2.77 51.37
N THR J 259 -29.50 -3.10 52.17
CA THR J 259 -28.51 -2.13 52.63
C THR J 259 -27.10 -2.69 52.47
N ILE J 260 -26.18 -1.82 52.07
CA ILE J 260 -24.76 -2.15 52.00
C ILE J 260 -24.08 -1.54 53.21
N PRO J 261 -23.57 -2.34 54.16
CA PRO J 261 -23.04 -1.75 55.41
C PRO J 261 -21.89 -0.79 55.23
N ASP J 262 -21.02 -1.02 54.24
CA ASP J 262 -19.82 -0.20 54.09
C ASP J 262 -20.17 1.26 53.82
N LEU J 263 -21.02 1.50 52.83
CA LEU J 263 -21.50 2.84 52.54
C LEU J 263 -22.75 3.21 53.33
N LYS J 264 -23.33 2.26 54.07
CA LYS J 264 -24.58 2.47 54.80
C LYS J 264 -25.70 2.94 53.86
N GLU J 265 -25.64 2.51 52.61
CA GLU J 265 -26.62 2.90 51.61
C GLU J 265 -27.74 1.87 51.52
N GLU J 266 -28.97 2.36 51.43
CA GLU J 266 -30.16 1.52 51.34
C GLU J 266 -30.75 1.63 49.95
N VAL J 267 -31.10 0.49 49.36
CA VAL J 267 -31.66 0.43 48.02
C VAL J 267 -32.74 -0.65 47.97
N GLU J 268 -33.66 -0.50 47.02
CA GLU J 268 -34.74 -1.44 46.81
C GLU J 268 -34.47 -2.23 45.52
N LEU J 269 -34.62 -3.55 45.61
CA LEU J 269 -34.39 -4.44 44.47
C LEU J 269 -35.74 -4.92 43.95
N THR J 270 -36.08 -4.53 42.72
CA THR J 270 -37.35 -4.91 42.13
C THR J 270 -37.41 -6.42 41.91
N ILE J 271 -38.59 -6.99 42.11
CA ILE J 271 -38.78 -8.43 41.90
C ILE J 271 -38.60 -8.76 40.43
N GLY J 272 -38.00 -9.92 40.17
CA GLY J 272 -37.76 -10.34 38.80
C GLY J 272 -36.72 -9.51 38.07
N SER J 273 -35.79 -8.92 38.80
CA SER J 273 -34.79 -8.02 38.23
C SER J 273 -33.39 -8.46 38.63
N ILE J 274 -32.42 -8.12 37.79
CA ILE J 274 -31.03 -8.49 38.00
C ILE J 274 -30.28 -7.31 38.60
N TYR J 275 -29.32 -7.60 39.46
CA TYR J 275 -28.54 -6.57 40.12
C TYR J 275 -27.17 -7.13 40.49
N VAL J 276 -26.23 -6.21 40.74
CA VAL J 276 -24.89 -6.55 41.20
C VAL J 276 -24.74 -5.97 42.60
N MET J 277 -24.39 -6.81 43.56
CA MET J 277 -24.31 -6.39 44.95
C MET J 277 -23.29 -7.24 45.69
N ARG J 278 -22.84 -6.72 46.82
CA ARG J 278 -21.91 -7.46 47.67
C ARG J 278 -22.57 -8.73 48.18
N TYR J 279 -21.77 -9.81 48.27
CA TYR J 279 -22.33 -11.10 48.65
C TYR J 279 -22.83 -11.12 50.09
N GLU J 280 -22.27 -10.25 50.95
CA GLU J 280 -22.72 -10.23 52.35
C GLU J 280 -24.17 -9.75 52.45
N VAL J 281 -24.48 -8.62 51.81
CA VAL J 281 -25.85 -8.13 51.82
C VAL J 281 -26.75 -9.07 51.03
N ILE J 282 -26.24 -9.65 49.95
CA ILE J 282 -27.04 -10.57 49.15
C ILE J 282 -27.33 -11.87 49.89
N ARG J 283 -26.51 -12.22 50.89
CA ARG J 283 -26.67 -13.50 51.57
C ARG J 283 -27.98 -13.57 52.36
N ASP J 284 -28.46 -12.44 52.87
CA ASP J 284 -29.73 -12.44 53.57
C ASP J 284 -30.88 -12.85 52.64
N LEU J 285 -30.97 -12.18 51.48
CA LEU J 285 -32.01 -12.53 50.52
C LEU J 285 -31.77 -13.91 49.91
N LEU J 286 -30.51 -14.36 49.85
CA LEU J 286 -30.24 -15.70 49.33
C LEU J 286 -30.71 -16.78 50.29
N ARG J 287 -30.46 -16.59 51.59
CA ARG J 287 -31.01 -17.50 52.59
C ARG J 287 -32.53 -17.45 52.61
N ASP J 288 -33.10 -16.26 52.37
CA ASP J 288 -34.53 -16.15 52.19
C ASP J 288 -35.02 -16.73 50.86
N ASP J 289 -34.10 -17.05 49.95
CA ASP J 289 -34.39 -17.51 48.60
C ASP J 289 -35.14 -16.45 47.77
N LYS J 290 -35.16 -15.20 48.24
CA LYS J 290 -35.84 -14.15 47.48
C LYS J 290 -35.08 -13.79 46.22
N VAL J 291 -33.77 -14.02 46.19
CA VAL J 291 -32.94 -13.74 45.03
C VAL J 291 -32.02 -14.93 44.79
N ALA J 292 -31.88 -15.32 43.53
CA ALA J 292 -30.99 -16.40 43.13
C ALA J 292 -29.75 -15.81 42.48
N LEU J 293 -28.57 -16.25 42.92
CA LEU J 293 -27.32 -15.79 42.32
C LEU J 293 -27.26 -16.22 40.85
N ILE J 294 -26.79 -15.31 40.01
CA ILE J 294 -26.70 -15.58 38.58
C ILE J 294 -25.70 -16.69 38.30
N MET K 1 -27.76 -61.02 -9.93
CA MET K 1 -28.54 -62.25 -10.06
C MET K 1 -29.10 -62.70 -8.72
N TYR K 2 -28.19 -62.99 -7.77
CA TYR K 2 -28.62 -63.45 -6.45
C TYR K 2 -29.50 -62.43 -5.75
N TYR K 3 -29.24 -61.14 -5.97
CA TYR K 3 -30.10 -60.07 -5.47
C TYR K 3 -30.42 -59.16 -6.63
N GLY K 4 -31.71 -59.07 -6.98
CA GLY K 4 -32.12 -58.19 -8.05
C GLY K 4 -31.91 -56.73 -7.69
N ILE K 5 -31.84 -55.90 -8.74
CA ILE K 5 -31.67 -54.46 -8.53
C ILE K 5 -32.82 -53.90 -7.73
N SER K 6 -34.04 -54.38 -7.99
CA SER K 6 -35.17 -54.03 -7.15
C SER K 6 -35.05 -54.63 -5.76
N GLN K 7 -34.36 -55.76 -5.64
CA GLN K 7 -34.17 -56.43 -4.36
C GLN K 7 -32.98 -55.90 -3.58
N PHE K 8 -32.27 -54.89 -4.09
CA PHE K 8 -31.15 -54.32 -3.36
C PHE K 8 -31.60 -53.68 -2.06
N SER K 9 -32.74 -52.97 -2.10
CA SER K 9 -33.30 -52.42 -0.87
C SER K 9 -33.72 -53.51 0.09
N GLU K 10 -34.21 -54.65 -0.44
CA GLU K 10 -34.54 -55.78 0.42
C GLU K 10 -33.30 -56.36 1.07
N ALA K 11 -32.19 -56.43 0.33
CA ALA K 11 -30.93 -56.88 0.93
C ALA K 11 -30.46 -55.91 2.00
N TYR K 12 -30.63 -54.61 1.77
CA TYR K 12 -30.29 -53.62 2.79
C TYR K 12 -31.16 -53.80 4.04
N ASN K 13 -32.46 -54.10 3.85
CA ASN K 13 -33.33 -54.37 4.97
C ASN K 13 -32.91 -55.63 5.72
N LYS K 14 -32.43 -56.64 4.99
CA LYS K 14 -31.90 -57.84 5.64
C LYS K 14 -30.65 -57.52 6.44
N ILE K 15 -29.79 -56.65 5.89
CA ILE K 15 -28.60 -56.22 6.61
C ILE K 15 -28.99 -55.49 7.89
N LEU K 16 -30.02 -54.65 7.82
CA LEU K 16 -30.52 -53.98 9.01
C LEU K 16 -31.07 -54.98 10.02
N ARG K 17 -31.82 -55.98 9.55
CA ARG K 17 -32.36 -56.99 10.46
C ARG K 17 -31.25 -57.81 11.11
N ASN K 18 -30.13 -57.99 10.42
CA ASN K 18 -29.06 -58.81 10.96
C ASN K 18 -28.14 -58.04 11.90
N SER K 19 -27.83 -56.78 11.57
CA SER K 19 -26.79 -56.04 12.28
C SER K 19 -27.29 -54.77 12.96
N SER K 20 -28.60 -54.53 12.98
CA SER K 20 -29.15 -53.31 13.55
C SER K 20 -29.45 -53.56 15.02
N SER K 21 -28.63 -52.99 15.90
CA SER K 21 -28.82 -53.14 17.34
C SER K 21 -28.10 -52.00 18.04
N HIS K 22 -28.83 -51.29 18.90
CA HIS K 22 -28.18 -50.27 19.72
C HIS K 22 -27.20 -50.89 20.70
N SER K 23 -27.42 -52.15 21.08
CA SER K 23 -26.55 -52.81 22.04
C SER K 23 -25.15 -53.03 21.47
N SER K 24 -25.05 -53.44 20.21
CA SER K 24 -23.77 -53.86 19.66
C SER K 24 -23.60 -53.35 18.24
N CYS K 25 -22.33 -53.13 17.86
CA CYS K 25 -21.97 -52.78 16.48
C CYS K 25 -21.73 -54.08 15.74
N GLN K 26 -22.70 -54.50 14.94
CA GLN K 26 -22.68 -55.80 14.28
C GLN K 26 -22.45 -55.70 12.78
N LEU K 27 -21.96 -54.56 12.29
CA LEU K 27 -21.76 -54.36 10.86
C LEU K 27 -20.33 -53.96 10.58
N VAL K 28 -19.84 -54.36 9.42
CA VAL K 28 -18.50 -54.01 8.94
C VAL K 28 -18.57 -53.78 7.44
N ILE K 29 -17.85 -52.78 6.96
CA ILE K 29 -17.84 -52.42 5.55
C ILE K 29 -16.41 -52.44 5.05
N PHE K 30 -16.19 -53.11 3.92
CA PHE K 30 -14.88 -53.18 3.28
C PHE K 30 -14.97 -52.52 1.90
N VAL K 31 -14.02 -51.64 1.61
CA VAL K 31 -14.00 -50.90 0.36
C VAL K 31 -12.58 -50.97 -0.21
N SER K 32 -12.49 -51.16 -1.53
CA SER K 32 -11.19 -51.17 -2.19
C SER K 32 -10.63 -49.76 -2.25
N CYS K 33 -9.52 -49.54 -1.56
CA CYS K 33 -8.91 -48.21 -1.52
C CYS K 33 -8.43 -47.80 -2.90
N LEU K 34 -8.37 -46.49 -3.13
CA LEU K 34 -7.97 -45.90 -4.40
C LEU K 34 -8.92 -46.30 -5.54
N ASN K 35 -10.22 -46.33 -5.23
CA ASN K 35 -11.26 -46.54 -6.22
C ASN K 35 -12.31 -45.45 -6.05
N ILE K 36 -12.50 -44.63 -7.09
CA ILE K 36 -13.35 -43.45 -6.96
C ILE K 36 -14.82 -43.86 -6.88
N ASP K 37 -15.26 -44.76 -7.76
CA ASP K 37 -16.65 -45.20 -7.75
C ASP K 37 -16.97 -45.93 -6.45
N ALA K 38 -16.07 -46.80 -6.00
CA ALA K 38 -16.25 -47.48 -4.72
C ALA K 38 -16.28 -46.49 -3.57
N LEU K 39 -15.46 -45.43 -3.65
CA LEU K 39 -15.45 -44.42 -2.60
C LEU K 39 -16.78 -43.67 -2.54
N CYS K 40 -17.33 -43.30 -3.69
CA CYS K 40 -18.62 -42.62 -3.70
C CYS K 40 -19.73 -43.53 -3.19
N ALA K 41 -19.72 -44.80 -3.62
CA ALA K 41 -20.73 -45.75 -3.13
C ALA K 41 -20.61 -45.97 -1.64
N THR K 42 -19.38 -46.06 -1.13
CA THR K 42 -19.18 -46.24 0.31
C THR K 42 -19.60 -45.01 1.08
N LYS K 43 -19.38 -43.81 0.53
CA LYS K 43 -19.85 -42.60 1.19
C LYS K 43 -21.37 -42.57 1.28
N MET K 44 -22.04 -42.92 0.19
CA MET K 44 -23.50 -42.97 0.23
C MET K 44 -23.99 -44.02 1.22
N LEU K 45 -23.36 -45.20 1.23
CA LEU K 45 -23.75 -46.25 2.14
C LEU K 45 -23.51 -45.84 3.59
N SER K 46 -22.39 -45.16 3.86
CA SER K 46 -22.11 -44.69 5.22
C SER K 46 -23.11 -43.64 5.66
N LEU K 47 -23.51 -42.75 4.77
CA LEU K 47 -24.55 -41.77 5.11
C LEU K 47 -25.87 -42.48 5.41
N LEU K 48 -26.24 -43.47 4.61
CA LEU K 48 -27.47 -44.23 4.86
C LEU K 48 -27.40 -44.96 6.20
N PHE K 49 -26.25 -45.56 6.51
CA PHE K 49 -26.10 -46.26 7.79
C PHE K 49 -26.12 -45.29 8.96
N LYS K 50 -25.56 -44.09 8.78
CA LYS K 50 -25.63 -43.08 9.83
C LYS K 50 -27.07 -42.64 10.07
N LYS K 51 -27.86 -42.51 9.00
CA LYS K 51 -29.28 -42.23 9.16
C LYS K 51 -29.98 -43.39 9.88
N GLN K 52 -29.57 -44.62 9.57
CA GLN K 52 -30.13 -45.80 10.24
C GLN K 52 -29.62 -45.97 11.66
N LEU K 53 -28.60 -45.21 12.07
CA LEU K 53 -27.97 -45.25 13.38
C LEU K 53 -27.26 -46.58 13.67
N VAL K 54 -27.16 -47.47 12.70
CA VAL K 54 -26.50 -48.75 12.90
C VAL K 54 -24.99 -48.53 12.91
N GLN K 55 -24.35 -48.91 14.02
CA GLN K 55 -22.91 -48.74 14.13
C GLN K 55 -22.19 -49.73 13.22
N SER K 56 -21.10 -49.29 12.62
CA SER K 56 -20.35 -50.11 11.68
C SER K 56 -18.91 -49.59 11.61
N GLN K 57 -18.06 -50.38 10.97
CA GLN K 57 -16.66 -50.05 10.77
C GLN K 57 -16.34 -49.96 9.29
N ILE K 58 -15.43 -49.06 8.93
CA ILE K 58 -14.99 -48.87 7.56
C ILE K 58 -13.48 -49.02 7.52
N VAL K 59 -13.00 -49.93 6.69
CA VAL K 59 -11.56 -50.18 6.54
C VAL K 59 -11.23 -50.26 5.05
N PRO K 60 -10.58 -49.25 4.49
CA PRO K 60 -10.15 -49.34 3.08
C PRO K 60 -9.15 -50.47 2.88
N ILE K 61 -9.25 -51.11 1.72
CA ILE K 61 -8.41 -52.26 1.38
C ILE K 61 -7.74 -52.00 0.05
N PHE K 62 -6.49 -52.45 -0.08
CA PHE K 62 -5.71 -52.24 -1.30
C PHE K 62 -5.73 -53.43 -2.24
N GLY K 63 -5.67 -54.66 -1.70
CA GLY K 63 -5.55 -55.83 -2.54
C GLY K 63 -6.34 -57.00 -2.00
N TYR K 64 -6.37 -58.07 -2.80
CA TYR K 64 -7.10 -59.28 -2.42
C TYR K 64 -6.43 -59.98 -1.24
N SER K 65 -5.10 -60.00 -1.21
CA SER K 65 -4.41 -60.58 -0.05
C SER K 65 -4.70 -59.78 1.21
N GLU K 66 -4.74 -58.45 1.08
CA GLU K 66 -5.14 -57.60 2.21
C GLU K 66 -6.56 -57.89 2.63
N LEU K 67 -7.45 -58.14 1.67
CA LEU K 67 -8.84 -58.48 1.99
C LEU K 67 -8.92 -59.80 2.75
N ARG K 68 -8.13 -60.79 2.34
CA ARG K 68 -8.11 -62.07 3.05
C ARG K 68 -7.56 -61.92 4.46
N ARG K 69 -6.47 -61.15 4.61
CA ARG K 69 -5.92 -60.91 5.93
C ARG K 69 -6.90 -60.15 6.82
N HIS K 70 -7.69 -59.24 6.23
CA HIS K 70 -8.71 -58.53 6.99
C HIS K 70 -9.84 -59.47 7.40
N TYR K 71 -10.25 -60.36 6.50
CA TYR K 71 -11.27 -61.36 6.84
C TYR K 71 -10.79 -62.29 7.94
N SER K 72 -9.47 -62.52 8.02
CA SER K 72 -8.93 -63.32 9.11
C SER K 72 -9.16 -62.68 10.46
N GLN K 73 -9.21 -61.34 10.52
CA GLN K 73 -9.36 -60.61 11.77
C GLN K 73 -10.79 -60.16 12.03
N LEU K 74 -11.77 -60.69 11.30
CA LEU K 74 -13.16 -60.28 11.46
C LEU K 74 -13.68 -60.70 12.83
N ASP K 75 -14.51 -59.84 13.42
CA ASP K 75 -15.14 -60.12 14.69
C ASP K 75 -16.45 -60.87 14.46
N ASP K 76 -16.69 -61.89 15.28
CA ASP K 76 -17.93 -62.67 15.17
C ASP K 76 -19.16 -61.85 15.52
N ASN K 77 -19.01 -60.78 16.30
CA ASN K 77 -20.15 -59.92 16.60
C ASN K 77 -20.72 -59.28 15.33
N ILE K 78 -19.89 -59.10 14.31
CA ILE K 78 -20.35 -58.57 13.03
C ILE K 78 -21.02 -59.71 12.26
N ASN K 79 -22.32 -59.58 12.04
CA ASN K 79 -23.09 -60.59 11.32
C ASN K 79 -23.23 -60.29 9.83
N SER K 80 -22.68 -59.17 9.35
CA SER K 80 -22.79 -58.79 7.96
C SER K 80 -21.47 -58.19 7.49
N LEU K 81 -21.05 -58.59 6.30
CA LEU K 81 -19.84 -58.08 5.67
C LEU K 81 -20.19 -57.54 4.30
N LEU K 82 -19.69 -56.35 3.97
CA LEU K 82 -20.02 -55.68 2.72
C LEU K 82 -18.76 -55.44 1.91
N LEU K 83 -18.87 -55.63 0.60
CA LEU K 83 -17.80 -55.35 -0.35
C LEU K 83 -18.27 -54.33 -1.36
N VAL K 84 -17.44 -53.34 -1.66
CA VAL K 84 -17.79 -52.23 -2.52
C VAL K 84 -16.77 -52.17 -3.65
N GLY K 85 -17.22 -52.42 -4.88
CA GLY K 85 -16.40 -52.23 -6.06
C GLY K 85 -15.32 -53.26 -6.30
N PHE K 86 -15.37 -54.39 -5.60
CA PHE K 86 -14.33 -55.40 -5.77
C PHE K 86 -14.89 -56.78 -5.44
N GLY K 87 -14.23 -57.79 -5.98
CA GLY K 87 -14.54 -59.18 -5.68
C GLY K 87 -15.62 -59.81 -6.54
N GLY K 88 -16.29 -59.03 -7.39
CA GLY K 88 -17.33 -59.61 -8.23
C GLY K 88 -16.77 -60.54 -9.29
N VAL K 89 -15.71 -60.10 -9.98
CA VAL K 89 -15.15 -60.88 -11.08
C VAL K 89 -14.56 -62.19 -10.55
N ILE K 90 -13.98 -62.16 -9.36
CA ILE K 90 -13.39 -63.35 -8.78
C ILE K 90 -14.44 -64.10 -7.96
N ASP K 91 -14.16 -65.37 -7.69
CA ASP K 91 -14.98 -66.17 -6.77
C ASP K 91 -14.43 -65.93 -5.38
N LEU K 92 -15.01 -64.96 -4.68
CA LEU K 92 -14.50 -64.57 -3.36
C LEU K 92 -14.58 -65.72 -2.36
N GLU K 93 -15.61 -66.57 -2.49
CA GLU K 93 -15.70 -67.73 -1.61
C GLU K 93 -14.53 -68.68 -1.84
N ALA K 94 -14.13 -68.87 -3.10
CA ALA K 94 -12.96 -69.70 -3.39
C ALA K 94 -11.68 -69.03 -2.90
N PHE K 95 -11.60 -67.70 -3.03
CA PHE K 95 -10.39 -67.00 -2.60
C PHE K 95 -10.21 -67.06 -1.09
N LEU K 96 -11.28 -66.84 -0.33
CA LEU K 96 -11.24 -66.83 1.12
C LEU K 96 -11.49 -68.21 1.73
N GLU K 97 -11.75 -69.22 0.90
CA GLU K 97 -11.97 -70.59 1.37
C GLU K 97 -13.11 -70.67 2.38
N ILE K 98 -14.19 -69.93 2.12
CA ILE K 98 -15.33 -69.87 3.03
C ILE K 98 -16.13 -71.16 2.93
N ASP K 99 -16.71 -71.58 4.05
CA ASP K 99 -17.55 -72.77 4.11
C ASP K 99 -18.96 -72.39 4.52
N PRO K 100 -19.93 -72.48 3.60
CA PRO K 100 -21.32 -72.16 4.00
C PRO K 100 -21.83 -73.03 5.13
N GLN K 101 -21.46 -74.32 5.14
CA GLN K 101 -21.92 -75.21 6.21
C GLN K 101 -21.39 -74.76 7.56
N GLU K 102 -20.13 -74.35 7.62
CA GLU K 102 -19.58 -73.80 8.85
C GLU K 102 -20.27 -72.49 9.23
N TYR K 103 -20.58 -71.65 8.24
CA TYR K 103 -21.22 -70.38 8.53
C TYR K 103 -22.73 -70.51 8.74
N VAL K 104 -23.38 -71.48 8.09
CA VAL K 104 -24.84 -71.56 8.12
C VAL K 104 -25.32 -71.85 9.53
N ILE K 105 -26.32 -71.11 9.97
CA ILE K 105 -26.96 -71.30 11.27
C ILE K 105 -28.47 -71.36 11.04
N ASP K 106 -29.13 -72.29 11.74
CA ASP K 106 -30.56 -72.52 11.56
C ASP K 106 -30.89 -72.83 10.10
N THR K 107 -30.06 -73.67 9.48
CA THR K 107 -30.27 -74.04 8.08
C THR K 107 -31.57 -74.80 7.88
N ASP K 108 -32.10 -75.42 8.93
CA ASP K 108 -33.38 -76.14 8.83
C ASP K 108 -34.31 -75.72 9.96
N SER K 111 -37.10 -76.59 7.88
CA SER K 111 -37.40 -75.38 7.14
C SER K 111 -36.34 -75.13 6.04
N GLY K 112 -36.81 -74.83 4.84
CA GLY K 112 -35.92 -74.52 3.75
C GLY K 112 -35.44 -73.09 3.75
N GLU K 113 -34.70 -72.71 4.77
CA GLU K 113 -34.20 -71.34 4.92
C GLU K 113 -32.68 -71.37 5.13
N GLN K 114 -31.97 -70.54 4.38
CA GLN K 114 -30.52 -70.43 4.49
C GLN K 114 -30.20 -69.18 5.31
N SER K 115 -29.46 -69.38 6.40
CA SER K 115 -29.05 -68.27 7.26
C SER K 115 -27.65 -68.57 7.79
N PHE K 116 -26.81 -67.54 7.83
CA PHE K 116 -25.42 -67.67 8.23
C PHE K 116 -25.10 -66.67 9.34
N ARG K 117 -24.11 -67.03 10.16
CA ARG K 117 -23.67 -66.12 11.21
C ARG K 117 -23.10 -64.84 10.64
N ARG K 118 -22.44 -64.92 9.48
CA ARG K 118 -21.91 -63.75 8.79
C ARG K 118 -22.27 -63.85 7.31
N ASP K 119 -22.84 -62.78 6.77
CA ASP K 119 -23.24 -62.72 5.37
C ASP K 119 -22.33 -61.75 4.62
N ILE K 120 -21.98 -62.11 3.40
CA ILE K 120 -21.06 -61.34 2.57
C ILE K 120 -21.82 -60.80 1.36
N TYR K 121 -21.94 -59.48 1.29
CA TYR K 121 -22.56 -58.81 0.15
C TYR K 121 -21.47 -58.26 -0.76
N VAL K 122 -21.60 -58.52 -2.06
CA VAL K 122 -20.56 -58.22 -3.03
C VAL K 122 -21.06 -57.18 -4.03
N LEU K 123 -20.22 -56.20 -4.33
CA LEU K 123 -20.48 -55.22 -5.37
C LEU K 123 -19.21 -55.02 -6.18
N ASP K 124 -19.36 -54.96 -7.50
CA ASP K 124 -18.22 -54.77 -8.39
C ASP K 124 -18.70 -54.14 -9.69
N ALA K 125 -17.97 -53.13 -10.15
CA ALA K 125 -18.36 -52.42 -11.37
C ALA K 125 -18.23 -53.31 -12.61
N HIS K 126 -17.24 -54.19 -12.64
CA HIS K 126 -17.01 -55.02 -13.81
C HIS K 126 -18.18 -55.96 -14.06
N ARG K 127 -18.67 -55.98 -15.30
CA ARG K 127 -19.75 -56.90 -15.67
C ARG K 127 -19.36 -58.36 -15.47
N PRO K 128 -18.17 -58.80 -15.89
CA PRO K 128 -17.79 -60.19 -15.64
C PRO K 128 -17.75 -60.49 -14.14
N TRP K 129 -18.37 -61.60 -13.77
CA TRP K 129 -18.40 -62.06 -12.39
C TRP K 129 -18.24 -63.57 -12.41
N ASN K 130 -17.43 -64.09 -11.48
CA ASN K 130 -17.24 -65.53 -11.40
C ASN K 130 -18.58 -66.22 -11.23
N LEU K 131 -18.82 -67.25 -12.04
CA LEU K 131 -20.10 -67.96 -11.96
C LEU K 131 -20.27 -68.61 -10.60
N ASP K 132 -19.18 -69.09 -10.00
CA ASP K 132 -19.25 -69.62 -8.64
C ASP K 132 -19.59 -68.52 -7.64
N ASN K 133 -19.04 -67.31 -7.83
CA ASN K 133 -19.37 -66.21 -6.94
C ASN K 133 -20.84 -65.82 -7.06
N ILE K 134 -21.36 -65.76 -8.29
CA ILE K 134 -22.75 -65.37 -8.50
C ILE K 134 -23.71 -66.46 -8.03
N PHE K 135 -23.31 -67.74 -8.15
CA PHE K 135 -24.23 -68.85 -7.93
C PHE K 135 -23.76 -69.78 -6.82
N GLY K 136 -22.50 -70.22 -6.84
CA GLY K 136 -22.08 -71.30 -5.96
C GLY K 136 -22.18 -70.96 -4.48
N SER K 137 -21.79 -69.74 -4.12
CA SER K 137 -21.75 -69.33 -2.72
C SER K 137 -23.04 -68.64 -2.33
N GLN K 138 -23.66 -69.11 -1.25
CA GLN K 138 -24.85 -68.49 -0.70
C GLN K 138 -24.50 -67.36 0.29
N ILE K 139 -23.42 -67.52 1.05
CA ILE K 139 -22.96 -66.44 1.92
C ILE K 139 -22.61 -65.22 1.08
N ILE K 140 -21.99 -65.44 -0.07
CA ILE K 140 -21.85 -64.38 -1.06
C ILE K 140 -23.22 -64.07 -1.65
N GLN K 141 -23.58 -62.79 -1.68
CA GLN K 141 -24.86 -62.33 -2.22
C GLN K 141 -24.55 -61.25 -3.26
N CYS K 142 -24.29 -61.69 -4.48
CA CYS K 142 -23.88 -60.76 -5.53
C CYS K 142 -25.01 -59.81 -5.89
N PHE K 143 -24.67 -58.55 -6.13
CA PHE K 143 -25.61 -57.54 -6.58
C PHE K 143 -25.35 -57.23 -8.05
N ASP K 144 -26.41 -57.21 -8.84
CA ASP K 144 -26.30 -56.95 -10.28
C ASP K 144 -27.47 -56.11 -10.74
N ASP K 145 -27.26 -55.43 -11.87
CA ASP K 145 -28.29 -54.60 -12.47
C ASP K 145 -29.25 -55.40 -13.35
N GLY K 146 -29.07 -56.71 -13.46
CA GLY K 146 -29.84 -57.55 -14.32
C GLY K 146 -29.18 -57.88 -15.64
N THR K 147 -28.16 -57.10 -16.04
CA THR K 147 -27.37 -57.45 -17.20
C THR K 147 -26.62 -58.76 -16.97
N VAL K 148 -26.11 -58.95 -15.75
CA VAL K 148 -25.47 -60.22 -15.41
C VAL K 148 -26.46 -61.36 -15.53
N ASP K 149 -27.70 -61.15 -15.05
CA ASP K 149 -28.71 -62.21 -15.15
C ASP K 149 -29.06 -62.52 -16.59
N ASP K 150 -29.21 -61.48 -17.42
CA ASP K 150 -29.54 -61.70 -18.83
C ASP K 150 -28.42 -62.44 -19.56
N THR K 151 -27.17 -62.04 -19.33
CA THR K 151 -26.05 -62.71 -19.96
C THR K 151 -25.84 -64.11 -19.42
N LEU K 152 -26.18 -64.34 -18.15
CA LEU K 152 -25.89 -65.58 -17.46
C LEU K 152 -27.09 -66.51 -17.37
N GLY K 153 -28.19 -66.22 -18.05
CA GLY K 153 -29.23 -67.22 -18.16
C GLY K 153 -28.68 -68.55 -18.68
N GLU K 154 -28.12 -68.52 -19.89
CA GLU K 154 -27.53 -69.73 -20.47
C GLU K 154 -26.34 -70.22 -19.65
N GLN K 155 -25.54 -69.29 -19.13
CA GLN K 155 -24.37 -69.67 -18.34
C GLN K 155 -24.77 -70.41 -17.07
N LYS K 156 -25.83 -69.95 -16.40
CA LYS K 156 -26.31 -70.59 -15.19
C LYS K 156 -26.98 -71.92 -15.51
N GLU K 157 -27.71 -72.00 -16.62
CA GLU K 157 -28.26 -73.28 -17.02
C GLU K 157 -27.15 -74.30 -17.23
N ALA K 158 -26.12 -73.92 -17.99
CA ALA K 158 -25.00 -74.83 -18.25
C ALA K 158 -24.24 -75.15 -16.97
N TYR K 159 -24.04 -74.16 -16.11
CA TYR K 159 -23.27 -74.38 -14.88
C TYR K 159 -24.01 -75.30 -13.91
N TYR K 160 -25.31 -75.09 -13.73
CA TYR K 160 -26.09 -75.98 -12.87
C TYR K 160 -26.17 -77.38 -13.47
N LYS K 161 -26.32 -77.48 -14.80
CA LYS K 161 -26.35 -78.78 -15.44
C LYS K 161 -25.01 -79.50 -15.31
N LEU K 162 -23.91 -78.76 -15.34
CA LEU K 162 -22.59 -79.37 -15.17
C LEU K 162 -22.37 -79.80 -13.72
N LEU K 163 -22.85 -78.99 -12.77
CA LEU K 163 -22.74 -79.35 -11.36
C LEU K 163 -23.56 -80.60 -11.06
N GLU K 164 -24.74 -80.71 -11.66
CA GLU K 164 -25.55 -81.91 -11.49
C GLU K 164 -24.93 -83.11 -12.19
N LEU K 165 -24.42 -82.91 -13.41
CA LEU K 165 -23.83 -84.00 -14.17
C LEU K 165 -22.52 -84.44 -13.53
N ASP K 166 -22.29 -85.75 -13.54
CA ASP K 166 -21.08 -86.32 -12.94
C ASP K 166 -20.20 -86.95 -14.00
N ARG K 223 -21.13 -92.14 -19.82
CA ARG K 223 -21.74 -92.39 -21.12
C ARG K 223 -21.31 -91.34 -22.14
N LYS K 224 -21.24 -91.75 -23.41
CA LYS K 224 -20.84 -90.83 -24.47
C LYS K 224 -21.82 -89.68 -24.61
N GLN K 225 -23.12 -89.97 -24.45
CA GLN K 225 -24.11 -88.89 -24.45
C GLN K 225 -23.93 -87.98 -23.25
N ARG K 226 -23.64 -88.55 -22.08
CA ARG K 226 -23.31 -87.75 -20.92
C ARG K 226 -22.05 -86.93 -21.15
N LYS K 227 -21.07 -87.53 -21.84
CA LYS K 227 -19.86 -86.79 -22.20
C LYS K 227 -20.19 -85.61 -23.11
N LYS K 228 -21.11 -85.80 -24.06
CA LYS K 228 -21.50 -84.71 -24.95
C LYS K 228 -22.20 -83.60 -24.17
N GLN K 229 -23.10 -83.96 -23.26
CA GLN K 229 -23.80 -82.94 -22.47
C GLN K 229 -22.83 -82.19 -21.58
N ILE K 230 -21.90 -82.90 -20.93
CA ILE K 230 -20.92 -82.24 -20.07
C ILE K 230 -19.99 -81.36 -20.91
N HIS K 231 -19.66 -81.80 -22.12
CA HIS K 231 -18.83 -80.98 -23.01
C HIS K 231 -19.57 -79.72 -23.42
N GLU K 232 -20.87 -79.81 -23.69
CA GLU K 232 -21.64 -78.62 -24.00
C GLU K 232 -21.67 -77.64 -22.83
N TYR K 233 -21.89 -78.16 -21.62
CA TYR K 233 -21.89 -77.29 -20.45
C TYR K 233 -20.52 -76.65 -20.23
N GLU K 234 -19.45 -77.43 -20.39
CA GLU K 234 -18.10 -76.90 -20.23
C GLU K 234 -17.78 -75.87 -21.31
N GLY K 235 -18.27 -76.08 -22.53
CA GLY K 235 -18.07 -75.11 -23.59
C GLY K 235 -18.78 -73.80 -23.30
N VAL K 236 -20.00 -73.87 -22.79
CA VAL K 236 -20.72 -72.65 -22.43
C VAL K 236 -19.99 -71.92 -21.30
N LEU K 237 -19.55 -72.67 -20.28
CA LEU K 237 -18.83 -72.04 -19.17
C LEU K 237 -17.53 -71.42 -19.62
N GLU K 238 -16.80 -72.09 -20.51
CA GLU K 238 -15.54 -71.56 -21.02
C GLU K 238 -15.76 -70.36 -21.94
N GLU K 239 -16.84 -70.36 -22.71
CA GLU K 239 -17.17 -69.19 -23.51
C GLU K 239 -17.48 -67.99 -22.61
N TYR K 240 -18.15 -68.24 -21.48
CA TYR K 240 -18.30 -67.19 -20.48
C TYR K 240 -16.94 -66.78 -19.93
N TYR K 241 -16.03 -67.74 -19.79
CA TYR K 241 -14.69 -67.47 -19.29
C TYR K 241 -13.78 -66.99 -20.43
N SER K 242 -12.53 -66.71 -20.08
CA SER K 242 -11.51 -66.27 -21.06
C SER K 242 -12.00 -65.04 -21.83
N GLN K 243 -12.73 -64.17 -21.13
CA GLN K 243 -13.25 -62.94 -21.71
C GLN K 243 -12.67 -61.76 -20.94
N GLY K 244 -12.19 -60.75 -21.69
CA GLY K 244 -11.62 -59.58 -21.07
C GLY K 244 -12.59 -58.86 -20.16
N THR K 245 -12.12 -58.51 -18.96
CA THR K 245 -12.98 -57.85 -17.98
C THR K 245 -13.38 -56.46 -18.48
N THR K 246 -14.63 -56.08 -18.19
CA THR K 246 -15.14 -54.79 -18.60
C THR K 246 -16.21 -54.35 -17.60
N VAL K 247 -16.26 -53.04 -17.35
CA VAL K 247 -17.23 -52.46 -16.44
C VAL K 247 -18.46 -52.04 -17.24
N VAL K 248 -19.63 -52.54 -16.83
CA VAL K 248 -20.89 -52.18 -17.48
C VAL K 248 -21.76 -51.29 -16.62
N ASN K 249 -21.47 -51.15 -15.32
CA ASN K 249 -22.25 -50.31 -14.44
C ASN K 249 -21.37 -49.79 -13.33
N SER K 250 -21.80 -48.67 -12.75
CA SER K 250 -21.06 -48.05 -11.64
C SER K 250 -21.61 -48.53 -10.31
N ILE K 251 -20.71 -48.75 -9.35
CA ILE K 251 -21.14 -49.14 -8.01
C ILE K 251 -21.93 -48.01 -7.37
N SER K 252 -21.53 -46.77 -7.62
CA SER K 252 -22.32 -45.63 -7.16
C SER K 252 -23.70 -45.62 -7.80
N ALA K 253 -23.78 -46.00 -9.09
CA ALA K 253 -25.07 -46.09 -9.74
C ALA K 253 -25.94 -47.18 -9.12
N GLN K 254 -25.35 -48.33 -8.77
CA GLN K 254 -26.11 -49.38 -8.11
C GLN K 254 -26.60 -48.94 -6.73
N ILE K 255 -25.75 -48.26 -5.97
CA ILE K 255 -26.16 -47.75 -4.67
C ILE K 255 -27.27 -46.70 -4.83
N TYR K 256 -27.18 -45.89 -5.88
CA TYR K 256 -28.22 -44.90 -6.14
C TYR K 256 -29.53 -45.57 -6.54
N SER K 257 -29.46 -46.66 -7.28
CA SER K 257 -30.66 -47.41 -7.62
C SER K 257 -31.30 -48.02 -6.37
N LEU K 258 -30.48 -48.55 -5.45
CA LEU K 258 -31.01 -49.04 -4.19
C LEU K 258 -31.64 -47.91 -3.38
N LEU K 259 -30.98 -46.75 -3.34
CA LEU K 259 -31.52 -45.61 -2.63
C LEU K 259 -32.80 -45.09 -3.28
N SER K 260 -32.95 -45.27 -4.58
CA SER K 260 -34.20 -44.89 -5.25
C SER K 260 -35.30 -45.89 -4.93
N ALA K 261 -34.96 -47.18 -4.85
CA ALA K 261 -35.93 -48.18 -4.40
C ALA K 261 -36.40 -47.86 -2.99
N ILE K 262 -35.49 -47.38 -2.14
CA ILE K 262 -35.89 -46.94 -0.81
C ILE K 262 -36.51 -45.54 -0.82
N GLY K 263 -36.37 -44.79 -1.91
CA GLY K 263 -36.78 -43.41 -1.96
C GLY K 263 -35.82 -42.42 -1.36
N GLU K 264 -34.66 -42.86 -0.88
CA GLU K 264 -33.76 -42.02 -0.09
C GLU K 264 -32.84 -41.14 -0.94
N THR K 265 -32.88 -41.27 -2.26
CA THR K 265 -31.97 -40.50 -3.10
C THR K 265 -32.24 -38.99 -2.97
N ASN K 266 -31.17 -38.22 -2.85
CA ASN K 266 -31.23 -36.77 -2.76
C ASN K 266 -30.24 -36.18 -3.76
N LEU K 267 -30.15 -34.84 -3.77
CA LEU K 267 -29.24 -34.18 -4.69
C LEU K 267 -27.78 -34.54 -4.40
N SER K 268 -27.42 -34.65 -3.12
CA SER K 268 -26.06 -35.03 -2.77
C SER K 268 -25.73 -36.45 -3.21
N ASN K 269 -26.66 -37.39 -3.01
CA ASN K 269 -26.44 -38.76 -3.45
C ASN K 269 -26.36 -38.83 -4.98
N LEU K 270 -27.19 -38.04 -5.66
CA LEU K 270 -27.13 -37.98 -7.12
C LEU K 270 -25.78 -37.42 -7.58
N TRP K 271 -25.26 -36.42 -6.87
CA TRP K 271 -23.94 -35.88 -7.20
C TRP K 271 -22.85 -36.92 -6.97
N LEU K 272 -22.96 -37.71 -5.91
CA LEU K 272 -21.99 -38.77 -5.67
C LEU K 272 -22.02 -39.81 -6.78
N ASN K 273 -23.23 -40.21 -7.20
CA ASN K 273 -23.35 -41.16 -8.30
C ASN K 273 -22.82 -40.57 -9.60
N ILE K 274 -23.05 -39.27 -9.82
CA ILE K 274 -22.53 -38.60 -11.01
C ILE K 274 -21.01 -38.58 -10.97
N LEU K 275 -20.42 -38.38 -9.79
CA LEU K 275 -18.97 -38.41 -9.67
C LEU K 275 -18.42 -39.81 -9.98
N GLY K 276 -19.09 -40.85 -9.50
CA GLY K 276 -18.67 -42.21 -9.84
C GLY K 276 -18.74 -42.47 -11.34
N THR K 277 -19.84 -42.02 -11.97
CA THR K 277 -19.97 -42.18 -13.41
C THR K 277 -18.89 -41.38 -14.15
N THR K 278 -18.58 -40.18 -13.66
CA THR K 278 -17.55 -39.36 -14.29
C THR K 278 -16.18 -40.02 -14.16
N SER K 279 -15.91 -40.66 -13.03
CA SER K 279 -14.69 -41.45 -12.91
C SER K 279 -14.66 -42.56 -13.95
N LEU K 280 -15.80 -43.21 -14.18
CA LEU K 280 -15.85 -44.25 -15.21
C LEU K 280 -15.69 -43.66 -16.61
N ASP K 281 -16.07 -42.40 -16.81
CA ASP K 281 -16.27 -41.85 -18.16
C ASP K 281 -15.07 -42.04 -19.07
N ILE K 282 -13.86 -41.75 -18.58
CA ILE K 282 -12.68 -41.86 -19.44
C ILE K 282 -12.48 -43.31 -19.89
N ALA K 283 -12.65 -44.25 -18.97
CA ALA K 283 -12.44 -45.66 -19.30
C ALA K 283 -13.55 -46.19 -20.21
N TYR K 284 -14.81 -45.85 -19.90
CA TYR K 284 -15.96 -46.29 -20.69
C TYR K 284 -16.87 -45.09 -20.98
N ALA K 285 -16.48 -44.31 -22.00
CA ALA K 285 -17.33 -43.26 -22.52
C ALA K 285 -18.71 -43.76 -22.94
N GLN K 286 -18.79 -44.99 -23.45
CA GLN K 286 -20.10 -45.54 -23.83
C GLN K 286 -20.99 -45.71 -22.61
N VAL K 287 -20.44 -46.28 -21.53
CA VAL K 287 -21.22 -46.43 -20.30
C VAL K 287 -21.57 -45.07 -19.72
N TYR K 288 -20.65 -44.10 -19.82
CA TYR K 288 -20.93 -42.75 -19.36
C TYR K 288 -22.07 -42.13 -20.15
N ASN K 289 -22.11 -42.37 -21.46
CA ASN K 289 -23.21 -41.86 -22.28
C ASN K 289 -24.52 -42.54 -21.91
N ARG K 290 -24.47 -43.83 -21.60
CA ARG K 290 -25.67 -44.53 -21.15
C ARG K 290 -26.18 -43.97 -19.83
N LEU K 291 -25.26 -43.58 -18.94
CA LEU K 291 -25.65 -43.12 -17.61
C LEU K 291 -26.05 -41.64 -17.59
N TYR K 292 -25.49 -40.83 -18.49
CA TYR K 292 -25.70 -39.38 -18.42
C TYR K 292 -27.16 -38.97 -18.54
N PRO K 293 -27.94 -39.49 -19.49
CA PRO K 293 -29.36 -39.13 -19.52
C PRO K 293 -30.11 -39.49 -18.25
N LEU K 294 -29.78 -40.62 -17.64
CA LEU K 294 -30.41 -41.00 -16.37
C LEU K 294 -30.05 -40.02 -15.27
N LEU K 295 -28.78 -39.60 -15.21
CA LEU K 295 -28.38 -38.61 -14.22
C LEU K 295 -29.08 -37.28 -14.45
N GLN K 296 -29.26 -36.89 -15.72
CA GLN K 296 -29.98 -35.67 -16.03
C GLN K 296 -31.44 -35.76 -15.60
N ASP K 297 -32.06 -36.92 -15.83
CA ASP K 297 -33.44 -37.11 -15.40
C ASP K 297 -33.56 -37.06 -13.88
N GLU K 298 -32.60 -37.67 -13.17
CA GLU K 298 -32.61 -37.60 -11.71
C GLU K 298 -32.41 -36.17 -11.22
N VAL K 299 -31.53 -35.42 -11.89
CA VAL K 299 -31.30 -34.02 -11.50
C VAL K 299 -32.54 -33.18 -11.76
N LYS K 300 -33.27 -33.47 -12.84
CA LYS K 300 -34.52 -32.76 -13.10
C LYS K 300 -35.57 -33.12 -12.05
N ARG K 301 -35.67 -34.39 -11.68
CA ARG K 301 -36.66 -34.81 -10.69
C ARG K 301 -36.37 -34.21 -9.32
N LEU K 302 -35.11 -34.18 -8.92
CA LEU K 302 -34.71 -33.64 -7.62
C LEU K 302 -34.43 -32.14 -7.67
N THR K 303 -34.55 -31.52 -8.83
CA THR K 303 -34.24 -30.10 -8.96
C THR K 303 -35.25 -29.27 -8.18
N PRO K 304 -34.80 -28.29 -7.39
CA PRO K 304 -35.75 -27.47 -6.65
C PRO K 304 -36.66 -26.68 -7.59
N SER K 305 -37.89 -26.47 -7.14
CA SER K 305 -38.87 -25.74 -7.96
C SER K 305 -38.41 -24.31 -8.22
N SER K 306 -37.76 -23.71 -7.24
CA SER K 306 -37.25 -22.35 -7.40
C SER K 306 -36.14 -22.32 -8.44
N ARG K 307 -36.21 -21.35 -9.35
CA ARG K 307 -35.20 -21.16 -10.38
C ARG K 307 -34.80 -19.70 -10.43
N ASN K 308 -33.54 -19.46 -10.83
CA ASN K 308 -32.95 -18.12 -10.83
C ASN K 308 -33.06 -17.47 -9.45
N SER K 309 -32.87 -18.28 -8.41
CA SER K 309 -33.00 -17.80 -7.04
C SER K 309 -31.90 -16.80 -6.71
N VAL K 310 -32.23 -15.85 -5.83
CA VAL K 310 -31.25 -14.86 -5.41
C VAL K 310 -30.10 -15.54 -4.69
N LYS K 311 -28.89 -15.04 -4.94
CA LYS K 311 -27.69 -15.68 -4.40
C LYS K 311 -27.64 -15.54 -2.88
N THR K 312 -27.35 -16.65 -2.21
CA THR K 312 -27.10 -16.68 -0.78
C THR K 312 -26.27 -17.92 -0.49
N PRO K 313 -25.42 -17.90 0.54
CA PRO K 313 -24.52 -19.04 0.76
C PRO K 313 -25.23 -20.37 0.93
N ASP K 314 -26.45 -20.37 1.49
CA ASP K 314 -27.15 -21.62 1.71
C ASP K 314 -27.71 -22.22 0.43
N THR K 315 -27.98 -21.39 -0.58
CA THR K 315 -28.62 -21.87 -1.81
C THR K 315 -27.74 -22.88 -2.51
N LEU K 316 -28.25 -24.10 -2.70
CA LEU K 316 -27.52 -25.18 -3.31
C LEU K 316 -28.37 -25.85 -4.38
N THR K 317 -27.74 -26.19 -5.51
CA THR K 317 -28.43 -26.87 -6.59
C THR K 317 -27.41 -27.53 -7.50
N LEU K 318 -27.85 -28.54 -8.23
CA LEU K 318 -27.05 -29.23 -9.22
C LEU K 318 -27.47 -28.77 -10.61
N ASN K 319 -26.50 -28.32 -11.41
CA ASN K 319 -26.79 -27.72 -12.71
C ASN K 319 -26.28 -28.62 -13.82
N ILE K 320 -27.16 -28.95 -14.76
CA ILE K 320 -26.78 -29.65 -15.98
C ILE K 320 -26.41 -28.57 -17.00
N GLN K 321 -25.11 -28.36 -17.18
CA GLN K 321 -24.57 -27.31 -18.02
C GLN K 321 -23.45 -27.88 -18.87
N PRO K 322 -23.09 -27.20 -19.96
CA PRO K 322 -21.96 -27.66 -20.78
C PRO K 322 -20.68 -27.69 -19.96
N ASP K 323 -19.88 -28.74 -20.19
CA ASP K 323 -18.60 -28.92 -19.50
C ASP K 323 -17.60 -29.37 -20.55
N TYR K 324 -16.86 -28.41 -21.10
CA TYR K 324 -15.94 -28.70 -22.19
C TYR K 324 -14.81 -29.61 -21.74
N TYR K 325 -14.28 -30.38 -22.67
CA TYR K 325 -13.18 -31.31 -22.40
C TYR K 325 -11.89 -30.51 -22.27
N LEU K 326 -11.70 -29.92 -21.09
CA LEU K 326 -10.52 -29.12 -20.79
C LEU K 326 -10.07 -29.43 -19.38
N PHE K 327 -8.83 -29.07 -19.06
CA PHE K 327 -8.19 -29.42 -17.80
C PHE K 327 -8.45 -28.32 -16.78
N LEU K 328 -9.45 -28.54 -15.91
CA LEU K 328 -9.75 -27.64 -14.79
C LEU K 328 -9.92 -26.21 -15.28
N LEU K 329 -10.76 -26.03 -16.30
CA LEU K 329 -10.89 -24.74 -16.97
C LEU K 329 -11.34 -23.66 -15.99
N ARG K 330 -12.22 -24.00 -15.04
CA ARG K 330 -12.63 -23.03 -14.04
C ARG K 330 -11.47 -22.68 -13.11
N HIS K 331 -10.63 -23.66 -12.77
CA HIS K 331 -9.54 -23.46 -11.84
C HIS K 331 -8.20 -23.19 -12.51
N SER K 332 -8.06 -23.48 -13.79
CA SER K 332 -6.82 -23.26 -14.52
C SER K 332 -7.05 -22.26 -15.64
N SER K 333 -5.99 -21.53 -15.98
CA SER K 333 -6.04 -20.60 -17.11
C SER K 333 -6.54 -21.31 -18.35
N LEU K 334 -7.13 -20.54 -19.27
CA LEU K 334 -7.71 -21.15 -20.47
C LEU K 334 -6.64 -21.84 -21.31
N TYR K 335 -5.49 -21.18 -21.50
CA TYR K 335 -4.43 -21.76 -22.31
C TYR K 335 -3.86 -23.02 -21.67
N ASP K 336 -3.64 -22.99 -20.35
CA ASP K 336 -3.12 -24.17 -19.66
C ASP K 336 -4.15 -25.29 -19.62
N SER K 337 -5.43 -24.96 -19.51
CA SER K 337 -6.49 -25.96 -19.55
C SER K 337 -6.53 -26.65 -20.91
N PHE K 338 -6.33 -25.89 -21.98
CA PHE K 338 -6.18 -26.51 -23.29
C PHE K 338 -4.90 -27.34 -23.37
N TYR K 339 -3.82 -26.85 -22.78
CA TYR K 339 -2.52 -27.52 -22.89
C TYR K 339 -2.52 -28.87 -22.19
N TYR K 340 -3.13 -28.96 -21.01
CA TYR K 340 -3.13 -30.20 -20.25
C TYR K 340 -4.22 -31.18 -20.67
N SER K 341 -5.06 -30.81 -21.64
CA SER K 341 -6.08 -31.73 -22.12
C SER K 341 -5.45 -32.80 -22.99
N ASN K 342 -5.66 -34.06 -22.62
CA ASN K 342 -5.10 -35.17 -23.37
C ASN K 342 -5.67 -35.21 -24.79
N TYR K 343 -6.96 -34.96 -24.94
CA TYR K 343 -7.57 -34.94 -26.27
C TYR K 343 -7.02 -33.79 -27.11
N VAL K 344 -6.81 -32.62 -26.50
CA VAL K 344 -6.24 -31.49 -27.24
C VAL K 344 -4.83 -31.81 -27.72
N ASN K 345 -4.02 -32.40 -26.84
CA ASN K 345 -2.67 -32.79 -27.24
C ASN K 345 -2.69 -33.86 -28.32
N ALA K 346 -3.61 -34.82 -28.19
CA ALA K 346 -3.69 -35.91 -29.16
C ALA K 346 -4.18 -35.44 -30.52
N LYS K 347 -4.99 -34.39 -30.54
CA LYS K 347 -5.47 -33.86 -31.82
C LYS K 347 -4.44 -32.96 -32.47
N LEU K 348 -3.88 -32.01 -31.71
CA LEU K 348 -2.96 -31.04 -32.29
C LEU K 348 -1.52 -31.54 -32.36
N SER K 349 -1.24 -32.75 -31.85
CA SER K 349 0.13 -33.22 -31.66
C SER K 349 0.93 -32.23 -30.80
N LEU K 350 0.31 -31.81 -29.69
CA LEU K 350 0.89 -30.78 -28.84
C LEU K 350 2.20 -31.22 -28.19
N TRP K 351 2.46 -32.52 -28.11
CA TRP K 351 3.76 -32.98 -27.64
C TRP K 351 4.88 -32.41 -28.50
N ASN K 352 4.59 -32.12 -29.76
CA ASN K 352 5.53 -31.45 -30.64
C ASN K 352 5.37 -29.93 -30.54
N GLU K 353 6.48 -29.23 -30.75
CA GLU K 353 6.43 -27.77 -30.84
C GLU K 353 5.49 -27.32 -31.96
N ASN K 354 5.35 -28.14 -33.01
CA ASN K 354 4.36 -27.85 -34.03
C ASN K 354 2.96 -27.86 -33.45
N GLY K 355 2.67 -28.80 -32.56
CA GLY K 355 1.38 -28.81 -31.90
C GLY K 355 1.17 -27.61 -30.99
N LYS K 356 2.21 -27.22 -30.26
CA LYS K 356 2.09 -26.01 -29.43
C LYS K 356 1.83 -24.77 -30.30
N LYS K 357 2.53 -24.67 -31.43
CA LYS K 357 2.31 -23.56 -32.35
C LYS K 357 0.92 -23.61 -32.96
N ARG K 358 0.40 -24.81 -33.21
CA ARG K 358 -0.97 -24.94 -33.70
C ARG K 358 -1.97 -24.45 -32.66
N LEU K 359 -1.71 -24.74 -31.39
CA LEU K 359 -2.58 -24.22 -30.33
C LEU K 359 -2.53 -22.70 -30.28
N HIS K 360 -1.31 -22.12 -30.42
CA HIS K 360 -1.20 -20.67 -30.43
C HIS K 360 -1.94 -20.06 -31.63
N LYS K 361 -1.83 -20.69 -32.79
CA LYS K 361 -2.53 -20.21 -33.97
C LYS K 361 -4.04 -20.33 -33.80
N MET K 362 -4.50 -21.39 -33.13
CA MET K 362 -5.92 -21.53 -32.85
C MET K 362 -6.41 -20.43 -31.92
N PHE K 363 -5.61 -20.07 -30.91
CA PHE K 363 -5.98 -18.95 -30.06
C PHE K 363 -6.04 -17.65 -30.85
N ALA K 364 -5.07 -17.44 -31.76
CA ALA K 364 -5.09 -16.25 -32.61
C ALA K 364 -6.33 -16.21 -33.49
N ARG K 365 -6.71 -17.35 -34.08
CA ARG K 365 -7.91 -17.41 -34.91
C ARG K 365 -9.15 -17.15 -34.08
N MET K 366 -9.19 -17.65 -32.85
CA MET K 366 -10.27 -17.32 -31.94
C MET K 366 -10.30 -15.84 -31.60
N GLY K 367 -9.16 -15.16 -31.69
CA GLY K 367 -9.10 -13.73 -31.48
C GLY K 367 -8.89 -13.31 -30.05
N ILE K 368 -8.90 -14.25 -29.11
CA ILE K 368 -8.50 -13.93 -27.74
C ILE K 368 -7.00 -13.67 -27.71
N PRO K 369 -6.53 -12.64 -27.01
CA PRO K 369 -5.08 -12.47 -26.87
C PRO K 369 -4.47 -13.70 -26.19
N LEU K 370 -3.29 -14.09 -26.65
CA LEU K 370 -2.63 -15.25 -26.08
C LEU K 370 -2.38 -15.05 -24.59
N SER K 371 -2.05 -13.82 -24.19
CA SER K 371 -1.90 -13.52 -22.78
C SER K 371 -3.24 -13.64 -22.05
N THR K 372 -4.34 -13.27 -22.72
CA THR K 372 -5.66 -13.43 -22.10
C THR K 372 -5.98 -14.89 -21.86
N ALA K 373 -5.65 -15.75 -22.82
CA ALA K 373 -5.86 -17.19 -22.64
C ALA K 373 -4.96 -17.75 -21.54
N GLN K 374 -3.71 -17.29 -21.49
CA GLN K 374 -2.76 -17.79 -20.49
C GLN K 374 -3.04 -17.24 -19.10
N GLU K 375 -3.76 -16.13 -18.99
CA GLU K 375 -4.11 -15.60 -17.68
C GLU K 375 -5.10 -16.52 -16.98
N THR K 376 -5.06 -16.50 -15.65
CA THR K 376 -5.92 -17.37 -14.86
C THR K 376 -7.38 -17.17 -15.25
N TRP K 377 -8.10 -18.28 -15.36
CA TRP K 377 -9.48 -18.21 -15.85
C TRP K 377 -10.37 -17.43 -14.90
N LEU K 378 -10.14 -17.57 -13.59
CA LEU K 378 -10.92 -16.80 -12.63
C LEU K 378 -10.64 -15.31 -12.76
N TYR K 379 -9.40 -14.95 -13.08
CA TYR K 379 -9.03 -13.55 -13.25
C TYR K 379 -9.32 -13.00 -14.64
N MET K 380 -9.69 -13.87 -15.58
CA MET K 380 -10.00 -13.43 -16.94
C MET K 380 -11.24 -12.53 -16.94
N ASP K 381 -11.37 -11.77 -18.03
CA ASP K 381 -12.41 -10.75 -18.12
C ASP K 381 -13.81 -11.37 -18.18
N HIS K 382 -14.76 -10.65 -17.58
CA HIS K 382 -16.12 -11.15 -17.48
C HIS K 382 -16.76 -11.36 -18.84
N SER K 383 -16.60 -10.38 -19.74
CA SER K 383 -17.21 -10.50 -21.07
C SER K 383 -16.57 -11.63 -21.87
N ILE K 384 -15.26 -11.82 -21.73
CA ILE K 384 -14.58 -12.91 -22.44
C ILE K 384 -15.10 -14.25 -21.95
N LYS K 385 -15.41 -14.36 -20.65
CA LYS K 385 -15.98 -15.61 -20.16
C LYS K 385 -17.29 -15.96 -20.85
N ARG K 386 -18.16 -14.97 -21.04
CA ARG K 386 -19.44 -15.22 -21.71
C ARG K 386 -19.24 -15.49 -23.19
N GLU K 387 -18.27 -14.81 -23.82
CA GLU K 387 -18.00 -15.03 -25.24
C GLU K 387 -17.27 -16.33 -25.52
N LEU K 388 -16.73 -16.99 -24.48
CA LEU K 388 -15.95 -18.20 -24.67
C LEU K 388 -16.75 -19.31 -25.34
N GLY K 389 -18.04 -19.44 -25.00
CA GLY K 389 -18.84 -20.49 -25.61
C GLY K 389 -18.99 -20.31 -27.11
N ILE K 390 -19.28 -19.08 -27.55
CA ILE K 390 -19.39 -18.81 -28.98
C ILE K 390 -18.03 -18.96 -29.66
N ILE K 391 -16.96 -18.55 -28.98
CA ILE K 391 -15.62 -18.70 -29.56
C ILE K 391 -15.30 -20.17 -29.76
N PHE K 392 -15.67 -21.02 -28.79
CA PHE K 392 -15.46 -22.46 -28.94
C PHE K 392 -16.28 -23.00 -30.10
N ASP K 393 -17.57 -22.65 -30.15
CA ASP K 393 -18.42 -23.14 -31.23
C ASP K 393 -17.89 -22.71 -32.59
N LYS K 394 -17.20 -21.57 -32.65
CA LYS K 394 -16.65 -21.12 -33.93
C LYS K 394 -15.34 -21.81 -34.28
N ASN K 395 -14.43 -21.95 -33.31
CA ASN K 395 -13.07 -22.36 -33.62
C ASN K 395 -12.81 -23.85 -33.49
N LEU K 396 -13.51 -24.54 -32.58
CA LEU K 396 -13.29 -25.98 -32.44
C LEU K 396 -13.69 -26.72 -33.72
N ASP K 397 -14.72 -26.24 -34.40
CA ASP K 397 -15.07 -26.80 -35.72
C ASP K 397 -13.98 -26.48 -36.74
N ARG K 398 -13.38 -25.29 -36.66
CA ARG K 398 -12.32 -24.93 -37.60
C ARG K 398 -11.12 -25.84 -37.44
N TYR K 399 -10.73 -26.13 -36.20
CA TYR K 399 -9.62 -27.04 -35.94
C TYR K 399 -10.03 -28.51 -35.92
N GLY K 400 -11.34 -28.80 -36.01
CA GLY K 400 -11.82 -30.16 -35.92
C GLY K 400 -11.94 -30.70 -34.52
N LEU K 401 -11.67 -29.88 -33.50
CA LEU K 401 -11.74 -30.30 -32.11
C LEU K 401 -13.11 -30.03 -31.48
N GLN K 402 -14.17 -30.09 -32.28
CA GLN K 402 -15.52 -29.81 -31.76
C GLN K 402 -15.95 -30.82 -30.71
N ASP K 403 -15.29 -31.98 -30.63
CA ASP K 403 -15.61 -32.95 -29.59
C ASP K 403 -15.31 -32.42 -28.19
N ILE K 404 -14.50 -31.37 -28.08
CA ILE K 404 -14.17 -30.81 -26.77
C ILE K 404 -15.43 -30.29 -26.09
N ILE K 405 -16.34 -29.71 -26.87
CA ILE K 405 -17.62 -29.28 -26.30
C ILE K 405 -18.37 -30.48 -25.74
N ARG K 406 -18.78 -30.38 -24.49
CA ARG K 406 -19.42 -31.50 -23.82
C ARG K 406 -20.27 -30.96 -22.68
N ASP K 407 -21.17 -31.81 -22.18
CA ASP K 407 -22.06 -31.47 -21.08
C ASP K 407 -21.66 -32.24 -19.83
N GLY K 408 -21.69 -31.56 -18.69
CA GLY K 408 -21.36 -32.19 -17.43
C GLY K 408 -22.07 -31.55 -16.26
N PHE K 409 -22.51 -32.37 -15.31
CA PHE K 409 -23.21 -31.85 -14.13
C PHE K 409 -22.27 -31.01 -13.28
N VAL K 410 -22.75 -29.85 -12.84
CA VAL K 410 -21.99 -28.93 -12.00
C VAL K 410 -22.89 -28.52 -10.84
N ARG K 411 -22.53 -28.95 -9.63
CA ARG K 411 -23.33 -28.67 -8.44
C ARG K 411 -22.85 -27.38 -7.79
N THR K 412 -23.80 -26.50 -7.47
CA THR K 412 -23.50 -25.19 -6.90
C THR K 412 -24.04 -25.10 -5.48
N LEU K 413 -23.36 -24.33 -4.64
CA LEU K 413 -23.85 -24.03 -3.29
C LEU K 413 -23.57 -22.55 -2.99
N GLY K 414 -24.48 -21.69 -3.42
CA GLY K 414 -24.42 -20.29 -3.05
C GLY K 414 -23.08 -19.64 -3.34
N TYR K 415 -22.54 -18.94 -2.32
CA TYR K 415 -21.24 -18.30 -2.47
C TYR K 415 -20.14 -19.32 -2.66
N ARG K 416 -20.30 -20.53 -2.13
CA ARG K 416 -19.34 -21.60 -2.40
C ARG K 416 -19.30 -21.95 -3.88
N GLY K 417 -20.40 -21.71 -4.59
CA GLY K 417 -20.38 -21.74 -6.04
C GLY K 417 -20.49 -23.14 -6.63
N SER K 418 -20.42 -23.17 -7.95
CA SER K 418 -20.57 -24.40 -8.72
C SER K 418 -19.23 -25.08 -8.94
N ILE K 419 -19.24 -26.40 -8.94
CA ILE K 419 -18.06 -27.20 -9.22
C ILE K 419 -18.46 -28.34 -10.16
N SER K 420 -17.69 -28.53 -11.23
CA SER K 420 -17.97 -29.59 -12.17
C SER K 420 -17.58 -30.95 -11.59
N ALA K 421 -18.27 -32.00 -12.06
CA ALA K 421 -17.94 -33.34 -11.61
C ALA K 421 -16.57 -33.78 -12.07
N SER K 422 -16.14 -33.35 -13.26
CA SER K 422 -14.84 -33.77 -13.77
C SER K 422 -13.69 -33.21 -12.93
N GLU K 423 -13.75 -31.92 -12.61
CA GLU K 423 -12.69 -31.32 -11.78
C GLU K 423 -12.71 -31.91 -10.38
N PHE K 424 -13.89 -32.18 -9.84
CA PHE K 424 -13.99 -32.80 -8.52
C PHE K 424 -13.36 -34.20 -8.52
N VAL K 425 -13.63 -34.98 -9.57
CA VAL K 425 -13.06 -36.31 -9.66
C VAL K 425 -11.56 -36.24 -9.84
N GLU K 426 -11.08 -35.24 -10.59
CA GLU K 426 -9.63 -35.07 -10.74
C GLU K 426 -8.98 -34.73 -9.40
N ALA K 427 -9.60 -33.84 -8.62
CA ALA K 427 -9.07 -33.52 -7.30
C ALA K 427 -9.09 -34.74 -6.39
N LEU K 428 -10.15 -35.55 -6.48
CA LEU K 428 -10.23 -36.76 -5.67
C LEU K 428 -9.14 -37.76 -6.06
N THR K 429 -8.89 -37.93 -7.36
CA THR K 429 -7.83 -38.83 -7.81
C THR K 429 -6.47 -38.34 -7.34
N ALA K 430 -6.25 -37.02 -7.39
CA ALA K 430 -5.00 -36.46 -6.89
C ALA K 430 -4.85 -36.70 -5.40
N LEU K 431 -5.93 -36.54 -4.64
CA LEU K 431 -5.89 -36.80 -3.21
C LEU K 431 -5.57 -38.26 -2.94
N LEU K 432 -6.15 -39.16 -3.73
CA LEU K 432 -5.86 -40.59 -3.58
C LEU K 432 -4.39 -40.88 -3.90
N GLU K 433 -3.85 -40.22 -4.92
CA GLU K 433 -2.47 -40.51 -5.33
C GLU K 433 -1.46 -39.95 -4.33
N VAL K 434 -1.63 -38.70 -3.90
CA VAL K 434 -0.60 -37.99 -3.14
C VAL K 434 -1.17 -37.38 -1.86
N GLY K 435 -2.14 -38.06 -1.25
CA GLY K 435 -2.75 -37.53 -0.05
C GLY K 435 -1.80 -37.39 1.13
N ASN K 436 -0.70 -38.12 1.12
CA ASN K 436 0.31 -38.00 2.17
C ASN K 436 1.60 -37.42 1.61
N ASN K 461 12.36 -56.14 3.74
CA ASN K 461 11.91 -54.85 4.23
C ASN K 461 11.15 -54.08 3.15
N SER K 462 11.42 -54.44 1.89
CA SER K 462 10.72 -53.80 0.78
C SER K 462 9.22 -54.09 0.83
N ALA K 463 8.85 -55.30 1.25
CA ALA K 463 7.44 -55.60 1.46
C ALA K 463 6.86 -54.77 2.60
N GLN K 464 7.65 -54.53 3.65
CA GLN K 464 7.20 -53.65 4.72
C GLN K 464 7.03 -52.22 4.22
N LYS K 465 7.93 -51.76 3.34
CA LYS K 465 7.77 -50.44 2.75
C LYS K 465 6.51 -50.38 1.88
N LEU K 466 6.22 -51.46 1.16
CA LEU K 466 4.99 -51.51 0.37
C LEU K 466 3.75 -51.50 1.26
N THR K 467 3.82 -52.18 2.40
CA THR K 467 2.71 -52.15 3.35
C THR K 467 2.51 -50.74 3.93
N ASN K 468 3.61 -50.05 4.25
CA ASN K 468 3.50 -48.68 4.71
C ASN K 468 2.94 -47.77 3.63
N LEU K 469 3.33 -48.01 2.37
CA LEU K 469 2.77 -47.25 1.26
C LEU K 469 1.29 -47.55 1.06
N ARG K 470 0.87 -48.79 1.30
CA ARG K 470 -0.55 -49.11 1.23
C ARG K 470 -1.32 -48.44 2.36
N LYS K 471 -0.71 -48.34 3.54
CA LYS K 471 -1.31 -47.57 4.62
C LYS K 471 -1.42 -46.09 4.23
N ARG K 472 -0.40 -45.57 3.55
CA ARG K 472 -0.46 -44.21 3.05
C ARG K 472 -1.57 -44.04 2.00
N TRP K 473 -1.77 -45.07 1.17
CA TRP K 473 -2.85 -45.03 0.20
C TRP K 473 -4.22 -45.06 0.89
N VAL K 474 -4.34 -45.83 1.96
CA VAL K 474 -5.59 -45.83 2.74
C VAL K 474 -5.79 -44.47 3.39
N SER K 475 -4.71 -43.85 3.86
CA SER K 475 -4.81 -42.50 4.41
C SER K 475 -5.24 -41.50 3.35
N ASN K 476 -4.73 -41.66 2.12
CA ASN K 476 -5.14 -40.80 1.03
C ASN K 476 -6.61 -41.02 0.68
N PHE K 477 -7.08 -42.28 0.74
CA PHE K 477 -8.49 -42.56 0.53
C PHE K 477 -9.34 -41.89 1.61
N TRP K 478 -8.90 -41.95 2.87
CA TRP K 478 -9.61 -41.26 3.94
C TRP K 478 -9.60 -39.75 3.75
N LEU K 479 -8.48 -39.22 3.24
CA LEU K 479 -8.40 -37.79 2.97
C LEU K 479 -9.37 -37.37 1.87
N SER K 480 -9.47 -38.18 0.81
CA SER K 480 -10.43 -37.90 -0.24
C SER K 480 -11.86 -38.01 0.28
N TRP K 481 -12.12 -39.00 1.14
CA TRP K 481 -13.44 -39.14 1.74
C TRP K 481 -13.78 -37.93 2.59
N ASP K 482 -12.81 -37.41 3.35
CA ASP K 482 -13.04 -36.19 4.14
C ASP K 482 -13.27 -34.99 3.23
N ALA K 483 -12.52 -34.90 2.13
CA ALA K 483 -12.72 -33.82 1.17
C ALA K 483 -14.09 -33.91 0.51
N LEU K 484 -14.66 -35.11 0.42
CA LEU K 484 -16.01 -35.27 -0.10
C LEU K 484 -17.02 -34.49 0.72
N ASP K 485 -16.76 -34.31 2.01
CA ASP K 485 -17.59 -33.42 2.82
C ASP K 485 -17.48 -32.00 2.32
N ASP K 486 -18.61 -31.31 2.22
CA ASP K 486 -18.63 -29.97 1.67
C ASP K 486 -17.84 -29.00 2.54
N ARG K 487 -17.81 -29.23 3.85
CA ARG K 487 -17.06 -28.34 4.73
C ARG K 487 -15.56 -28.38 4.45
N LYS K 488 -15.06 -29.49 3.91
CA LYS K 488 -13.65 -29.61 3.56
C LYS K 488 -13.38 -29.14 2.14
N VAL K 489 -13.87 -27.93 1.84
CA VAL K 489 -13.62 -27.32 0.54
C VAL K 489 -12.14 -27.01 0.39
N GLU K 490 -11.46 -26.69 1.48
CA GLU K 490 -10.01 -26.48 1.42
C GLU K 490 -9.29 -27.77 1.07
N LEU K 491 -9.75 -28.91 1.61
CA LEU K 491 -9.19 -30.19 1.23
C LEU K 491 -9.43 -30.47 -0.25
N LEU K 492 -10.62 -30.14 -0.75
CA LEU K 492 -10.89 -30.30 -2.17
C LEU K 492 -9.97 -29.41 -3.01
N ASN K 493 -9.70 -28.19 -2.54
CA ASN K 493 -8.81 -27.29 -3.27
C ASN K 493 -7.37 -27.81 -3.28
N ARG K 494 -6.93 -28.38 -2.15
CA ARG K 494 -5.62 -29.03 -2.12
C ARG K 494 -5.57 -30.19 -3.10
N GLY K 495 -6.65 -30.96 -3.19
CA GLY K 495 -6.72 -32.00 -4.20
C GLY K 495 -6.66 -31.46 -5.61
N ILE K 496 -7.29 -30.30 -5.83
CA ILE K 496 -7.25 -29.68 -7.16
C ILE K 496 -5.84 -29.25 -7.53
N GLN K 497 -5.12 -28.64 -6.57
CA GLN K 497 -3.74 -28.25 -6.83
C GLN K 497 -2.85 -29.48 -7.08
N LEU K 498 -3.07 -30.55 -6.30
CA LEU K 498 -2.33 -31.79 -6.53
C LEU K 498 -2.67 -32.37 -7.90
N ALA K 499 -3.92 -32.22 -8.34
CA ALA K 499 -4.30 -32.69 -9.67
C ALA K 499 -3.61 -31.88 -10.76
N GLN K 500 -3.50 -30.57 -10.56
CA GLN K 500 -2.76 -29.75 -11.52
C GLN K 500 -1.30 -30.20 -11.62
N ASP K 501 -0.66 -30.41 -10.47
CA ASP K 501 0.73 -30.85 -10.48
C ASP K 501 0.88 -32.23 -11.11
N LEU K 502 -0.02 -33.16 -10.77
CA LEU K 502 0.06 -34.52 -11.31
C LEU K 502 -0.19 -34.54 -12.81
N GLN K 503 -1.15 -33.75 -13.29
CA GLN K 503 -1.40 -33.67 -14.72
C GLN K 503 -0.25 -33.03 -15.46
N ARG K 504 0.40 -32.03 -14.85
CA ARG K 504 1.58 -31.44 -15.47
C ARG K 504 2.71 -32.47 -15.58
N ALA K 505 2.94 -33.23 -14.51
CA ALA K 505 3.96 -34.27 -14.56
C ALA K 505 3.61 -35.35 -15.59
N ILE K 506 2.34 -35.71 -15.67
CA ILE K 506 1.90 -36.73 -16.62
C ILE K 506 2.09 -36.23 -18.05
N PHE K 507 1.75 -34.97 -18.32
CA PHE K 507 1.95 -34.42 -19.66
C PHE K 507 3.42 -34.36 -20.03
N ASN K 508 4.27 -33.94 -19.08
CA ASN K 508 5.70 -33.91 -19.34
C ASN K 508 6.25 -35.30 -19.64
N THR K 509 5.86 -36.28 -18.82
CA THR K 509 6.33 -37.64 -19.03
C THR K 509 5.82 -38.21 -20.35
N GLY K 510 4.56 -37.91 -20.71
CA GLY K 510 4.02 -38.40 -21.96
C GLY K 510 4.70 -37.79 -23.18
N VAL K 511 4.98 -36.48 -23.13
CA VAL K 511 5.69 -35.84 -24.23
C VAL K 511 7.10 -36.41 -24.35
N ALA K 512 7.77 -36.60 -23.21
CA ALA K 512 9.10 -37.19 -23.23
C ALA K 512 9.08 -38.61 -23.78
N ILE K 513 8.05 -39.38 -23.41
CA ILE K 513 7.94 -40.76 -23.89
C ILE K 513 7.65 -40.80 -25.38
N LEU K 514 6.82 -39.86 -25.87
CA LEU K 514 6.57 -39.79 -27.30
C LEU K 514 7.84 -39.42 -28.07
N GLU K 515 8.62 -38.48 -27.53
CA GLU K 515 9.87 -38.12 -28.19
C GLU K 515 10.88 -39.26 -28.14
N LYS K 516 10.89 -40.03 -27.05
CA LYS K 516 11.82 -41.13 -26.88
C LYS K 516 11.37 -42.40 -27.60
N LYS K 517 10.11 -42.46 -28.03
CA LYS K 517 9.54 -43.66 -28.66
C LYS K 517 9.69 -44.88 -27.75
N LEU K 518 9.50 -44.65 -26.45
CA LEU K 518 9.61 -45.75 -25.49
C LEU K 518 8.57 -46.83 -25.75
N ILE K 519 7.37 -46.44 -26.18
CA ILE K 519 6.37 -47.41 -26.59
C ILE K 519 6.83 -48.13 -27.84
N LYS K 520 6.74 -49.46 -27.82
CA LYS K 520 7.17 -50.29 -28.93
C LYS K 520 5.99 -51.11 -29.44
N HIS K 521 5.74 -51.04 -30.74
CA HIS K 521 4.64 -51.79 -31.36
C HIS K 521 5.12 -53.21 -31.64
N LEU K 522 4.88 -54.10 -30.66
CA LEU K 522 5.30 -55.48 -30.78
C LEU K 522 4.35 -56.33 -31.61
N ARG K 523 3.21 -55.78 -32.02
CA ARG K 523 2.19 -56.42 -32.85
C ARG K 523 1.44 -57.49 -32.08
N ILE K 524 1.91 -57.82 -30.87
CA ILE K 524 1.17 -58.65 -29.94
C ILE K 524 0.59 -57.72 -28.89
N TYR K 525 1.27 -56.61 -28.67
CA TYR K 525 0.85 -55.55 -27.76
C TYR K 525 1.77 -54.36 -27.99
N ARG K 526 1.57 -53.31 -27.20
CA ARG K 526 2.45 -52.15 -27.19
C ARG K 526 3.23 -52.16 -25.88
N LEU K 527 4.55 -52.28 -25.97
CA LEU K 527 5.40 -52.42 -24.81
C LEU K 527 6.06 -51.08 -24.47
N CYS K 528 5.99 -50.70 -23.20
CA CYS K 528 6.63 -49.49 -22.71
C CYS K 528 7.15 -49.74 -21.30
N VAL K 529 8.41 -49.40 -21.07
CA VAL K 529 9.05 -49.58 -19.77
C VAL K 529 9.72 -48.26 -19.38
N LEU K 530 9.57 -47.88 -18.12
CA LEU K 530 10.04 -46.58 -17.63
C LEU K 530 11.25 -46.78 -16.73
N GLN K 531 12.37 -46.16 -17.11
CA GLN K 531 13.53 -46.06 -16.25
C GLN K 531 13.86 -44.61 -15.88
N ASP K 532 13.01 -43.67 -16.29
CA ASP K 532 13.26 -42.26 -16.01
C ASP K 532 13.17 -42.00 -14.51
N GLY K 533 14.04 -41.11 -14.02
CA GLY K 533 14.08 -40.78 -12.61
C GLY K 533 12.83 -40.10 -12.12
N PRO K 534 12.35 -39.11 -12.87
CA PRO K 534 11.16 -38.38 -12.44
C PRO K 534 9.90 -39.22 -12.57
N ASP K 535 8.98 -39.02 -11.62
CA ASP K 535 7.64 -39.59 -11.64
C ASP K 535 7.61 -41.11 -11.61
N LEU K 536 8.75 -41.77 -11.41
CA LEU K 536 8.74 -43.22 -11.23
C LEU K 536 8.12 -43.59 -9.89
N ASP K 537 8.48 -42.86 -8.84
CA ASP K 537 7.85 -43.07 -7.54
C ASP K 537 6.38 -42.67 -7.56
N LEU K 538 6.00 -41.77 -8.46
CA LEU K 538 4.59 -41.43 -8.61
C LEU K 538 3.84 -42.55 -9.35
N TYR K 539 4.44 -43.08 -10.42
CA TYR K 539 3.82 -44.17 -11.16
C TYR K 539 3.79 -45.47 -10.38
N ARG K 540 4.65 -45.60 -9.36
CA ARG K 540 4.49 -46.69 -8.41
C ARG K 540 3.10 -46.66 -7.79
N ASN K 541 2.51 -45.49 -7.68
CA ASN K 541 1.08 -45.39 -7.41
C ASN K 541 0.30 -45.77 -8.66
N PRO K 542 -0.59 -46.76 -8.59
CA PRO K 542 -1.32 -47.17 -9.80
C PRO K 542 -2.14 -46.07 -10.42
N LEU K 543 -2.62 -45.11 -9.62
CA LEU K 543 -3.41 -44.01 -10.17
C LEU K 543 -2.59 -43.16 -11.13
N THR K 544 -1.39 -42.77 -10.71
CA THR K 544 -0.53 -41.97 -11.59
C THR K 544 -0.06 -42.78 -12.79
N LEU K 545 0.25 -44.08 -12.58
CA LEU K 545 0.62 -44.91 -13.71
C LEU K 545 -0.51 -44.98 -14.74
N LEU K 546 -1.74 -45.16 -14.28
CA LEU K 546 -2.89 -45.23 -15.16
C LEU K 546 -3.17 -43.88 -15.82
N ARG K 547 -2.90 -42.78 -15.13
CA ARG K 547 -3.09 -41.46 -15.74
C ARG K 547 -2.12 -41.25 -16.90
N LEU K 548 -0.86 -41.62 -16.71
CA LEU K 548 0.10 -41.53 -17.82
C LEU K 548 -0.30 -42.46 -18.96
N GLY K 549 -0.75 -43.68 -18.61
CA GLY K 549 -1.22 -44.60 -19.64
C GLY K 549 -2.43 -44.06 -20.41
N ASN K 550 -3.33 -43.37 -19.70
CA ASN K 550 -4.50 -42.80 -20.36
C ASN K 550 -4.11 -41.66 -21.29
N TRP K 551 -3.13 -40.85 -20.89
CA TRP K 551 -2.65 -39.80 -21.79
C TRP K 551 -2.06 -40.41 -23.06
N LEU K 552 -1.21 -41.43 -22.90
CA LEU K 552 -0.63 -42.09 -24.07
C LEU K 552 -1.70 -42.74 -24.92
N ILE K 553 -2.73 -43.31 -24.27
CA ILE K 553 -3.80 -43.97 -25.00
C ILE K 553 -4.63 -42.96 -25.78
N GLU K 554 -4.85 -41.78 -25.20
CA GLU K 554 -5.54 -40.72 -25.94
C GLU K 554 -4.73 -40.31 -27.16
N CYS K 555 -3.42 -40.17 -27.02
CA CYS K 555 -2.57 -39.86 -28.16
C CYS K 555 -2.70 -40.92 -29.25
N CYS K 556 -2.58 -42.19 -28.86
CA CYS K 556 -2.65 -43.27 -29.83
C CYS K 556 -4.03 -43.37 -30.48
N ALA K 557 -5.09 -43.09 -29.71
CA ALA K 557 -6.43 -43.19 -30.24
C ALA K 557 -6.72 -42.09 -31.24
N GLU K 558 -6.33 -40.86 -30.93
CA GLU K 558 -6.51 -39.78 -31.90
C GLU K 558 -5.64 -39.97 -33.13
N SER K 559 -4.46 -40.58 -32.97
CA SER K 559 -3.61 -40.87 -34.11
C SER K 559 -4.19 -42.06 -34.88
N GLU K 560 -4.69 -41.80 -36.09
CA GLU K 560 -5.28 -42.86 -36.89
C GLU K 560 -4.24 -43.89 -37.33
N ASP K 561 -3.01 -43.45 -37.58
CA ASP K 561 -1.96 -44.37 -38.02
C ASP K 561 -1.64 -45.39 -36.93
N LYS K 562 -1.75 -45.00 -35.67
CA LYS K 562 -1.46 -45.92 -34.57
C LYS K 562 -2.57 -46.95 -34.44
N GLN K 563 -2.22 -48.22 -34.64
CA GLN K 563 -3.20 -49.28 -34.51
C GLN K 563 -3.66 -49.42 -33.06
N LEU K 564 -4.95 -49.63 -32.87
CA LEU K 564 -5.52 -49.82 -31.54
C LEU K 564 -5.10 -51.18 -31.02
N LEU K 565 -4.10 -51.20 -30.15
CA LEU K 565 -3.51 -52.42 -29.62
C LEU K 565 -3.43 -52.33 -28.11
N PRO K 566 -3.37 -53.47 -27.42
CA PRO K 566 -3.13 -53.43 -25.98
C PRO K 566 -1.77 -52.81 -25.68
N MET K 567 -1.72 -52.01 -24.62
CA MET K 567 -0.53 -51.28 -24.23
C MET K 567 -0.03 -51.75 -22.87
N VAL K 568 1.28 -51.85 -22.73
CA VAL K 568 1.91 -52.27 -21.49
C VAL K 568 2.74 -51.09 -20.97
N LEU K 569 2.50 -50.72 -19.71
CA LEU K 569 3.24 -49.65 -19.05
C LEU K 569 3.90 -50.24 -17.81
N ALA K 570 5.23 -50.12 -17.75
CA ALA K 570 6.02 -50.70 -16.66
C ALA K 570 6.92 -49.63 -16.07
N SER K 571 6.58 -49.18 -14.87
CA SER K 571 7.40 -48.24 -14.12
C SER K 571 7.92 -48.91 -12.85
N ILE K 572 9.14 -48.54 -12.46
CA ILE K 572 9.82 -49.20 -11.35
C ILE K 572 10.26 -48.14 -10.34
N ASP K 573 9.98 -48.39 -9.07
CA ASP K 573 10.53 -47.58 -7.99
C ASP K 573 11.86 -48.19 -7.56
N GLU K 574 12.87 -47.34 -7.38
CA GLU K 574 14.22 -47.83 -7.12
C GLU K 574 14.30 -48.58 -5.78
N ASN K 575 13.58 -48.10 -4.77
CA ASN K 575 13.64 -48.74 -3.45
C ASN K 575 13.13 -50.16 -3.50
N THR K 576 11.92 -50.36 -4.05
CA THR K 576 11.39 -51.71 -4.21
C THR K 576 12.10 -52.45 -5.34
N ASP K 577 12.65 -51.71 -6.30
CA ASP K 577 13.36 -52.30 -7.45
C ASP K 577 12.47 -53.28 -8.20
N THR K 578 11.19 -52.93 -8.35
CA THR K 578 10.23 -53.78 -9.03
C THR K 578 9.39 -52.94 -9.99
N TYR K 579 9.15 -53.49 -11.18
CA TYR K 579 8.37 -52.80 -12.20
C TYR K 579 6.88 -53.04 -12.00
N LEU K 580 6.11 -51.97 -11.97
CA LEU K 580 4.66 -52.04 -11.84
C LEU K 580 4.05 -52.08 -13.23
N VAL K 581 3.70 -53.28 -13.68
CA VAL K 581 3.15 -53.49 -15.02
C VAL K 581 1.63 -53.53 -14.91
N ALA K 582 0.96 -52.68 -15.67
CA ALA K 582 -0.50 -52.61 -15.69
C ALA K 582 -0.99 -52.68 -17.13
N GLY K 583 -2.03 -53.48 -17.36
CA GLY K 583 -2.60 -53.59 -18.69
C GLY K 583 -3.38 -52.36 -19.07
N LEU K 584 -3.40 -52.07 -20.37
CA LEU K 584 -4.10 -50.90 -20.91
C LEU K 584 -4.75 -51.30 -22.22
N THR K 585 -6.08 -51.36 -22.23
CA THR K 585 -6.80 -51.68 -23.45
C THR K 585 -6.85 -50.46 -24.36
N PRO K 586 -6.77 -50.66 -25.68
CA PRO K 586 -6.93 -49.52 -26.60
C PRO K 586 -8.37 -49.03 -26.62
N ARG K 587 -8.53 -47.75 -26.97
CA ARG K 587 -9.83 -47.14 -27.09
C ARG K 587 -9.92 -46.35 -28.38
N TYR K 588 -11.14 -46.15 -28.85
CA TYR K 588 -11.35 -45.37 -30.06
C TYR K 588 -11.17 -43.88 -29.78
N PRO K 589 -10.92 -43.08 -30.81
CA PRO K 589 -10.80 -41.63 -30.60
C PRO K 589 -12.11 -41.04 -30.09
N ARG K 590 -12.00 -39.94 -29.36
CA ARG K 590 -13.18 -39.34 -28.73
C ARG K 590 -14.26 -38.99 -29.74
N GLY K 591 -13.87 -38.64 -30.97
CA GLY K 591 -14.86 -38.44 -32.01
C GLY K 591 -15.61 -39.71 -32.35
N LEU K 592 -14.91 -40.84 -32.38
CA LEU K 592 -15.56 -42.12 -32.60
C LEU K 592 -16.34 -42.54 -31.36
N ASP K 593 -17.47 -43.19 -31.58
CA ASP K 593 -18.31 -43.66 -30.48
C ASP K 593 -19.28 -44.75 -30.96
N LYS K 598 -19.18 -48.79 -31.58
CA LYS K 598 -18.07 -49.72 -31.48
C LYS K 598 -17.84 -50.17 -30.05
N LYS K 599 -17.84 -51.48 -29.83
CA LYS K 599 -17.64 -52.01 -28.49
C LYS K 599 -16.20 -51.75 -28.03
N PRO K 600 -16.01 -51.38 -26.76
CA PRO K 600 -14.64 -51.16 -26.27
C PRO K 600 -13.83 -52.45 -26.28
N ILE K 601 -12.53 -52.30 -26.48
CA ILE K 601 -11.65 -53.47 -26.55
C ILE K 601 -11.56 -54.11 -25.17
N LEU K 602 -11.75 -55.43 -25.13
CA LEU K 602 -11.61 -56.16 -23.88
C LEU K 602 -10.16 -56.28 -23.47
N ASN K 603 -9.93 -56.36 -22.16
CA ASN K 603 -8.58 -56.40 -21.60
C ASN K 603 -8.13 -57.85 -21.44
N ASN K 604 -7.22 -58.28 -22.29
CA ASN K 604 -6.61 -59.60 -22.17
C ASN K 604 -5.40 -59.60 -21.24
N PHE K 605 -4.99 -58.43 -20.76
CA PHE K 605 -3.77 -58.32 -19.97
C PHE K 605 -3.87 -59.07 -18.66
N SER K 606 -5.06 -59.10 -18.05
CA SER K 606 -5.21 -59.77 -16.76
C SER K 606 -4.88 -61.26 -16.86
N MET K 607 -5.61 -61.97 -17.72
CA MET K 607 -5.36 -63.40 -17.89
C MET K 607 -4.00 -63.67 -18.51
N ALA K 608 -3.54 -62.78 -19.41
CA ALA K 608 -2.22 -62.97 -19.99
C ALA K 608 -1.13 -62.90 -18.93
N PHE K 609 -1.21 -61.92 -18.03
CA PHE K 609 -0.25 -61.81 -16.94
C PHE K 609 -0.39 -62.96 -15.97
N GLN K 610 -1.62 -63.44 -15.73
CA GLN K 610 -1.80 -64.60 -14.86
C GLN K 610 -1.09 -65.82 -15.42
N GLN K 611 -1.29 -66.10 -16.71
CA GLN K 611 -0.62 -67.26 -17.32
C GLN K 611 0.89 -67.07 -17.35
N ILE K 612 1.35 -65.86 -17.66
CA ILE K 612 2.78 -65.60 -17.72
C ILE K 612 3.41 -65.72 -16.34
N THR K 613 2.69 -65.34 -15.28
CA THR K 613 3.22 -65.48 -13.93
C THR K 613 3.23 -66.94 -13.50
N ALA K 614 2.20 -67.70 -13.87
CA ALA K 614 2.18 -69.12 -13.54
C ALA K 614 3.31 -69.87 -14.25
N GLU K 615 3.61 -69.49 -15.49
CA GLU K 615 4.65 -70.19 -16.24
C GLU K 615 6.04 -69.71 -15.86
N THR K 616 6.25 -68.41 -15.83
CA THR K 616 7.58 -67.85 -15.59
C THR K 616 7.98 -67.97 -14.14
N ASP K 617 9.28 -68.19 -13.92
CA ASP K 617 9.83 -68.18 -12.57
C ASP K 617 9.93 -66.78 -11.98
N ALA K 618 9.84 -65.76 -12.84
CA ALA K 618 9.91 -64.38 -12.36
C ALA K 618 8.76 -64.06 -11.42
N LYS K 619 9.08 -63.41 -10.31
CA LYS K 619 8.05 -63.08 -9.32
C LYS K 619 7.09 -62.04 -9.87
N VAL K 620 5.80 -62.26 -9.64
CA VAL K 620 4.75 -61.33 -10.06
C VAL K 620 3.71 -61.27 -8.95
N ARG K 621 3.22 -60.06 -8.67
CA ARG K 621 2.25 -59.83 -7.61
C ARG K 621 0.85 -59.68 -8.21
N ILE K 622 -0.09 -60.48 -7.70
CA ILE K 622 -1.49 -60.38 -8.07
C ILE K 622 -2.36 -60.04 -6.87
N ASP K 623 -1.75 -59.71 -5.73
CA ASP K 623 -2.51 -59.44 -4.51
C ASP K 623 -3.44 -58.25 -4.70
N ASN K 624 -3.04 -57.26 -5.49
CA ASN K 624 -3.86 -56.07 -5.70
C ASN K 624 -5.20 -56.44 -6.32
N PHE K 625 -6.22 -55.66 -5.99
CA PHE K 625 -7.56 -55.93 -6.49
C PHE K 625 -7.62 -55.88 -8.02
N GLU K 626 -6.74 -55.09 -8.64
CA GLU K 626 -6.65 -55.02 -10.09
C GLU K 626 -5.71 -56.11 -10.58
N SER K 627 -6.26 -57.11 -11.26
CA SER K 627 -5.43 -58.21 -11.75
C SER K 627 -4.47 -57.75 -12.85
N SER K 628 -4.90 -56.79 -13.69
CA SER K 628 -4.03 -56.30 -14.75
C SER K 628 -2.79 -55.63 -14.18
N ILE K 629 -2.94 -54.88 -13.10
CA ILE K 629 -1.80 -54.30 -12.42
C ILE K 629 -1.02 -55.41 -11.73
N ILE K 630 0.30 -55.39 -11.87
CA ILE K 630 1.16 -56.42 -11.30
C ILE K 630 2.52 -55.82 -10.99
N GLU K 631 3.15 -56.32 -9.94
CA GLU K 631 4.49 -55.90 -9.54
C GLU K 631 5.47 -57.02 -9.85
N ILE K 632 6.53 -56.69 -10.57
CA ILE K 632 7.56 -57.66 -10.96
C ILE K 632 8.92 -57.00 -10.80
N ARG K 633 9.90 -57.78 -10.36
CA ARG K 633 11.24 -57.26 -10.11
C ARG K 633 11.85 -56.69 -11.39
N ARG K 634 12.81 -55.79 -11.20
CA ARG K 634 13.41 -55.08 -12.33
C ARG K 634 14.00 -56.05 -13.35
N GLU K 635 14.82 -56.99 -12.88
CA GLU K 635 15.34 -58.02 -13.78
C GLU K 635 14.25 -58.99 -14.20
N ASP K 636 13.27 -59.24 -13.33
CA ASP K 636 12.20 -60.17 -13.64
C ASP K 636 11.33 -59.70 -14.79
N LEU K 637 11.27 -58.39 -15.05
CA LEU K 637 10.34 -57.86 -16.04
C LEU K 637 10.72 -58.30 -17.45
N SER K 638 12.01 -58.19 -17.80
CA SER K 638 12.42 -58.46 -19.18
C SER K 638 12.11 -59.88 -19.62
N PRO K 639 12.50 -60.94 -18.90
CA PRO K 639 12.04 -62.28 -19.28
C PRO K 639 10.53 -62.40 -19.22
N PHE K 640 9.89 -61.73 -18.25
CA PHE K 640 8.44 -61.71 -18.20
C PHE K 640 7.85 -61.01 -19.42
N LEU K 641 8.50 -59.94 -19.89
CA LEU K 641 8.02 -59.28 -21.10
C LEU K 641 8.16 -60.18 -22.33
N GLU K 642 9.27 -60.92 -22.41
CA GLU K 642 9.42 -61.87 -23.51
C GLU K 642 8.34 -62.94 -23.47
N LYS K 643 8.06 -63.48 -22.27
CA LYS K 643 6.99 -64.45 -22.14
C LYS K 643 5.63 -63.84 -22.43
N LEU K 644 5.45 -62.55 -22.14
CA LEU K 644 4.19 -61.88 -22.44
C LEU K 644 3.98 -61.74 -23.94
N THR K 645 5.03 -61.36 -24.67
CA THR K 645 4.94 -61.33 -26.13
C THR K 645 4.70 -62.73 -26.67
N LEU K 646 5.28 -63.75 -26.04
CA LEU K 646 5.02 -65.13 -26.43
C LEU K 646 3.60 -65.56 -26.13
N SER K 647 2.95 -64.95 -25.14
CA SER K 647 1.61 -65.37 -24.72
C SER K 647 0.60 -65.13 -25.84
N GLY K 648 -0.25 -66.14 -26.06
CA GLY K 648 -1.30 -66.02 -27.05
C GLY K 648 -2.53 -65.26 -26.60
N LEU K 649 -2.68 -65.04 -25.30
CA LEU K 649 -3.82 -64.26 -24.80
C LEU K 649 -3.75 -62.82 -25.28
N LEU K 650 -2.55 -62.27 -25.43
CA LEU K 650 -2.38 -60.90 -25.93
C LEU K 650 -2.33 -60.89 -27.45
N LYS L 473 -71.03 -20.17 -17.99
CA LYS L 473 -71.58 -21.19 -17.12
C LYS L 473 -70.47 -21.85 -16.29
N PHE L 474 -70.86 -22.79 -15.42
CA PHE L 474 -69.90 -23.48 -14.58
C PHE L 474 -68.97 -24.35 -15.41
N ARG L 475 -67.70 -24.40 -15.01
CA ARG L 475 -66.69 -25.20 -15.68
C ARG L 475 -66.35 -26.40 -14.80
N TYR L 476 -66.41 -27.59 -15.38
CA TYR L 476 -66.12 -28.82 -14.65
C TYR L 476 -64.63 -29.13 -14.76
N MET L 477 -63.94 -29.15 -13.62
CA MET L 477 -62.51 -29.41 -13.58
C MET L 477 -62.21 -30.46 -12.52
N PRO L 478 -61.11 -31.20 -12.68
CA PRO L 478 -60.72 -32.16 -11.64
C PRO L 478 -60.42 -31.45 -10.32
N PHE L 479 -60.79 -32.10 -9.23
CA PHE L 479 -60.61 -31.55 -7.89
C PHE L 479 -59.80 -32.53 -7.04
N SER L 480 -58.74 -32.03 -6.42
CA SER L 480 -57.94 -32.80 -5.49
C SER L 480 -57.84 -32.01 -4.18
N PRO L 481 -58.04 -32.65 -3.03
CA PRO L 481 -58.04 -31.90 -1.77
C PRO L 481 -56.72 -31.18 -1.53
N ALA L 482 -56.81 -29.92 -1.13
CA ALA L 482 -55.65 -29.05 -0.93
C ALA L 482 -54.76 -29.02 -2.16
N GLY L 483 -55.35 -29.21 -3.34
CA GLY L 483 -54.58 -29.17 -4.57
C GLY L 483 -54.11 -27.78 -4.90
N THR L 484 -52.95 -27.70 -5.55
CA THR L 484 -52.35 -26.44 -5.92
C THR L 484 -52.12 -26.39 -7.42
N PRO L 485 -52.56 -25.34 -8.10
CA PRO L 485 -52.26 -25.23 -9.55
C PRO L 485 -50.78 -25.05 -9.79
N PHE L 486 -50.34 -25.52 -10.96
CA PHE L 486 -48.96 -25.26 -11.37
C PHE L 486 -48.71 -23.77 -11.52
N GLY L 487 -49.64 -23.06 -12.16
CA GLY L 487 -49.50 -21.63 -12.34
C GLY L 487 -48.24 -21.31 -13.11
N PHE L 488 -47.48 -20.34 -12.61
CA PHE L 488 -46.17 -20.04 -13.19
C PHE L 488 -45.19 -21.18 -12.94
N THR L 489 -45.29 -21.85 -11.79
CA THR L 489 -44.38 -22.93 -11.46
C THR L 489 -44.66 -24.15 -12.32
N ASP L 490 -43.59 -24.83 -12.73
CA ASP L 490 -43.74 -26.11 -13.43
C ASP L 490 -44.18 -27.22 -12.49
N ARG L 491 -43.90 -27.09 -11.19
CA ARG L 491 -44.27 -28.07 -10.19
C ARG L 491 -45.40 -27.55 -9.33
N ARG L 492 -46.18 -28.48 -8.78
CA ARG L 492 -47.32 -28.12 -7.94
C ARG L 492 -47.67 -29.29 -7.05
N TYR L 493 -48.44 -29.00 -6.01
CA TYR L 493 -48.95 -30.04 -5.12
C TYR L 493 -50.18 -30.66 -5.77
N LEU L 494 -50.06 -31.94 -6.15
CA LEU L 494 -51.22 -32.65 -6.70
C LEU L 494 -52.35 -32.71 -5.69
N THR L 495 -52.02 -33.05 -4.44
CA THR L 495 -52.97 -33.03 -3.34
C THR L 495 -52.18 -32.99 -2.04
N MET L 496 -52.86 -32.58 -0.97
CA MET L 496 -52.25 -32.51 0.34
C MET L 496 -53.26 -32.90 1.41
N ASN L 497 -52.79 -33.67 2.39
CA ASN L 497 -53.63 -34.13 3.49
C ASN L 497 -52.72 -34.49 4.66
N GLU L 498 -53.34 -34.76 5.81
CA GLU L 498 -52.58 -35.15 6.98
C GLU L 498 -51.82 -36.45 6.75
N VAL L 499 -52.37 -37.35 5.93
CA VAL L 499 -51.66 -38.59 5.61
C VAL L 499 -50.38 -38.28 4.86
N GLY L 500 -50.40 -37.26 4.01
CA GLY L 500 -49.22 -36.85 3.29
C GLY L 500 -49.49 -35.77 2.26
N TYR L 501 -48.43 -35.10 1.82
CA TYR L 501 -48.53 -34.05 0.81
C TYR L 501 -47.86 -34.54 -0.48
N VAL L 502 -48.62 -34.59 -1.56
CA VAL L 502 -48.13 -35.06 -2.85
C VAL L 502 -47.82 -33.85 -3.72
N SER L 503 -46.61 -33.80 -4.26
CA SER L 503 -46.18 -32.71 -5.13
C SER L 503 -45.66 -33.30 -6.44
N THR L 504 -46.19 -32.83 -7.55
CA THR L 504 -45.75 -33.26 -8.87
C THR L 504 -44.84 -32.19 -9.47
N VAL L 505 -43.76 -32.63 -10.11
CA VAL L 505 -42.78 -31.75 -10.72
C VAL L 505 -42.71 -32.08 -12.21
N LYS L 506 -42.95 -31.08 -13.05
CA LYS L 506 -42.87 -31.28 -14.49
C LYS L 506 -41.44 -31.61 -14.89
N ASN L 507 -41.28 -32.65 -15.72
CA ASN L 507 -39.97 -33.10 -16.20
C ASN L 507 -40.12 -33.43 -17.68
N SER L 508 -39.85 -32.45 -18.54
CA SER L 508 -39.97 -32.59 -19.98
C SER L 508 -41.37 -33.06 -20.36
N GLU L 509 -42.38 -32.38 -19.83
CA GLU L 509 -43.80 -32.62 -20.01
C GLU L 509 -44.27 -33.91 -19.35
N GLN L 510 -43.37 -34.68 -18.73
CA GLN L 510 -43.74 -35.84 -17.93
C GLN L 510 -43.56 -35.44 -16.47
N TYR L 511 -44.67 -35.17 -15.80
CA TYR L 511 -44.64 -34.61 -14.45
C TYR L 511 -44.22 -35.68 -13.45
N SER L 512 -43.01 -35.56 -12.92
CA SER L 512 -42.56 -36.49 -11.87
C SER L 512 -43.38 -36.30 -10.62
N ILE L 513 -43.76 -37.41 -10.00
CA ILE L 513 -44.65 -37.42 -8.84
C ILE L 513 -43.85 -37.81 -7.61
N THR L 514 -44.03 -37.08 -6.52
CA THR L 514 -43.42 -37.39 -5.23
C THR L 514 -44.53 -37.48 -4.19
N VAL L 515 -44.47 -38.52 -3.36
CA VAL L 515 -45.50 -38.78 -2.36
C VAL L 515 -44.84 -38.72 -0.98
N SER L 516 -44.89 -37.55 -0.37
CA SER L 516 -44.36 -37.38 0.99
C SER L 516 -45.39 -37.86 2.01
N PHE L 517 -44.88 -38.35 3.14
CA PHE L 517 -45.72 -38.85 4.23
C PHE L 517 -45.37 -38.11 5.51
N PHE L 518 -46.38 -37.51 6.14
CA PHE L 518 -46.15 -36.76 7.38
C PHE L 518 -45.69 -37.68 8.51
N ASP L 519 -46.25 -38.89 8.58
CA ASP L 519 -45.86 -39.87 9.59
C ASP L 519 -44.67 -40.65 9.03
N VAL L 520 -43.46 -40.20 9.39
CA VAL L 520 -42.25 -40.80 8.84
C VAL L 520 -42.11 -42.25 9.29
N GLY L 521 -42.47 -42.53 10.55
CA GLY L 521 -42.36 -43.90 11.05
C GLY L 521 -43.31 -44.86 10.37
N ARG L 522 -44.54 -44.40 10.08
CA ARG L 522 -45.54 -45.29 9.51
C ARG L 522 -45.27 -45.61 8.06
N PHE L 523 -44.79 -44.64 7.28
CA PHE L 523 -44.63 -44.80 5.85
C PHE L 523 -43.31 -44.21 5.38
N ARG L 524 -42.77 -44.78 4.31
CA ARG L 524 -41.56 -44.29 3.68
C ARG L 524 -41.92 -43.55 2.40
N GLU L 525 -41.32 -42.38 2.20
CA GLU L 525 -41.61 -41.58 1.02
C GLU L 525 -41.16 -42.29 -0.24
N TYR L 526 -41.97 -42.20 -1.29
CA TYR L 526 -41.64 -42.78 -2.58
C TYR L 526 -42.00 -41.78 -3.68
N HIS L 527 -41.04 -41.53 -4.57
CA HIS L 527 -41.22 -40.61 -5.68
C HIS L 527 -41.01 -41.36 -7.00
N PHE L 528 -41.92 -41.15 -7.95
CA PHE L 528 -41.85 -41.80 -9.23
C PHE L 528 -42.26 -40.84 -10.33
N GLU L 529 -41.51 -40.85 -11.43
CA GLU L 529 -41.87 -40.02 -12.58
C GLU L 529 -43.16 -40.54 -13.21
N ASP L 530 -44.00 -39.61 -13.67
CA ASP L 530 -45.29 -39.96 -14.25
C ASP L 530 -45.41 -39.29 -15.61
N LEU L 531 -45.37 -40.10 -16.66
CA LEU L 531 -45.66 -39.58 -18.01
C LEU L 531 -47.11 -39.17 -18.14
N PHE L 532 -48.01 -39.86 -17.42
CA PHE L 532 -49.43 -39.50 -17.48
C PHE L 532 -49.68 -38.12 -16.90
N GLY L 533 -48.94 -37.75 -15.85
CA GLY L 533 -49.19 -36.49 -15.17
C GLY L 533 -50.59 -36.44 -14.60
N TYR L 534 -50.97 -37.51 -13.89
CA TYR L 534 -52.33 -37.67 -13.38
C TYR L 534 -52.78 -36.42 -12.62
N ASP L 535 -53.82 -35.77 -13.15
CA ASP L 535 -54.31 -34.53 -12.58
C ASP L 535 -55.10 -34.73 -11.29
N LEU L 536 -55.49 -35.96 -10.97
CA LEU L 536 -56.22 -36.26 -9.75
C LEU L 536 -55.36 -37.14 -8.86
N CYS L 537 -55.22 -36.74 -7.60
CA CYS L 537 -54.45 -37.51 -6.62
C CYS L 537 -55.22 -37.57 -5.32
N PHE L 538 -55.42 -38.79 -4.81
CA PHE L 538 -56.05 -39.02 -3.53
C PHE L 538 -55.15 -39.90 -2.68
N LEU L 539 -55.00 -39.55 -1.40
CA LEU L 539 -54.08 -40.22 -0.50
C LEU L 539 -54.83 -40.80 0.67
N ASN L 540 -54.71 -42.11 0.87
CA ASN L 540 -55.22 -42.80 2.05
C ASN L 540 -54.12 -43.73 2.56
N GLU L 541 -54.20 -44.05 3.85
CA GLU L 541 -53.14 -44.84 4.47
C GLU L 541 -52.99 -46.21 3.80
N LYS L 542 -54.10 -46.79 3.32
CA LYS L 542 -54.02 -48.07 2.63
C LYS L 542 -53.31 -47.93 1.29
N GLY L 543 -53.53 -46.82 0.59
CA GLY L 543 -52.91 -46.63 -0.71
C GLY L 543 -53.19 -45.26 -1.28
N THR L 544 -52.41 -44.91 -2.29
CA THR L 544 -52.49 -43.62 -2.96
C THR L 544 -53.17 -43.78 -4.31
N LEU L 545 -54.15 -42.94 -4.58
CA LEU L 545 -54.89 -42.97 -5.83
C LEU L 545 -54.39 -41.87 -6.76
N PHE L 546 -54.26 -42.21 -8.04
CA PHE L 546 -53.84 -41.26 -9.07
C PHE L 546 -54.75 -41.41 -10.28
N GLY L 547 -55.13 -40.29 -10.88
CA GLY L 547 -56.03 -40.32 -12.01
C GLY L 547 -55.83 -39.19 -13.00
N GLN L 548 -55.94 -39.50 -14.29
CA GLN L 548 -55.89 -38.50 -15.36
C GLN L 548 -57.32 -38.29 -15.85
N SER L 549 -57.88 -37.11 -15.54
CA SER L 549 -59.30 -36.88 -15.80
C SER L 549 -59.63 -36.94 -17.28
N LYS L 550 -58.79 -36.35 -18.12
CA LYS L 550 -59.08 -36.32 -19.56
C LYS L 550 -58.98 -37.71 -20.17
N THR L 551 -57.89 -38.42 -19.90
CA THR L 551 -57.72 -39.76 -20.46
C THR L 551 -58.59 -40.79 -19.76
N GLY L 552 -58.95 -40.54 -18.49
CA GLY L 552 -59.63 -41.53 -17.70
C GLY L 552 -58.73 -42.56 -17.04
N GLN L 553 -57.42 -42.47 -17.27
CA GLN L 553 -56.49 -43.40 -16.65
C GLN L 553 -56.46 -43.17 -15.14
N ILE L 554 -56.55 -44.25 -14.37
CA ILE L 554 -56.58 -44.17 -12.91
C ILE L 554 -55.60 -45.21 -12.38
N GLN L 555 -54.63 -44.77 -11.58
CA GLN L 555 -53.65 -45.65 -10.97
C GLN L 555 -53.78 -45.56 -9.45
N TYR L 556 -53.89 -46.71 -8.80
CA TYR L 556 -53.96 -46.80 -7.35
C TYR L 556 -52.73 -47.55 -6.86
N ARG L 557 -51.93 -46.89 -6.02
CA ARG L 557 -50.72 -47.49 -5.48
C ARG L 557 -50.86 -47.72 -3.99
N PRO L 558 -50.90 -48.97 -3.53
CA PRO L 558 -50.95 -49.21 -2.08
C PRO L 558 -49.72 -48.64 -1.39
N HIS L 559 -49.93 -48.09 -0.19
CA HIS L 559 -48.82 -47.49 0.54
C HIS L 559 -47.75 -48.52 0.86
N ASP L 560 -48.16 -49.71 1.29
CA ASP L 560 -47.22 -50.82 1.42
C ASP L 560 -46.74 -51.29 0.07
N SER L 561 -47.56 -51.15 -0.96
CA SER L 561 -47.28 -51.58 -2.33
C SER L 561 -47.00 -53.07 -2.43
N ILE L 562 -47.32 -53.85 -1.40
CA ILE L 562 -47.21 -55.30 -1.49
C ILE L 562 -48.13 -55.82 -2.58
N HIS L 563 -49.34 -55.27 -2.66
CA HIS L 563 -50.18 -55.45 -3.83
C HIS L 563 -49.73 -54.50 -4.92
N SER L 564 -49.65 -55.01 -6.15
CA SER L 564 -49.15 -54.22 -7.26
C SER L 564 -50.04 -53.01 -7.49
N ASN L 565 -49.42 -51.89 -7.86
CA ASN L 565 -50.16 -50.64 -8.09
C ASN L 565 -50.98 -50.80 -9.37
N TRP L 566 -52.26 -51.12 -9.20
CA TRP L 566 -53.12 -51.37 -10.36
C TRP L 566 -53.48 -50.06 -11.04
N THR L 567 -53.60 -50.11 -12.37
CA THR L 567 -53.99 -48.97 -13.17
C THR L 567 -55.06 -49.39 -14.16
N LYS L 568 -55.95 -48.46 -14.49
CA LYS L 568 -57.04 -48.75 -15.41
C LYS L 568 -57.53 -47.46 -16.04
N ILE L 569 -58.23 -47.61 -17.17
CA ILE L 569 -58.85 -46.50 -17.87
C ILE L 569 -60.37 -46.65 -17.74
N ILE L 570 -61.04 -45.52 -17.50
CA ILE L 570 -62.49 -45.53 -17.34
C ILE L 570 -63.13 -44.99 -18.62
N PRO L 571 -64.33 -45.44 -18.98
CA PRO L 571 -64.98 -44.93 -20.20
C PRO L 571 -65.43 -43.49 -20.03
N LEU L 572 -64.77 -42.57 -20.72
CA LEU L 572 -65.10 -41.15 -20.66
C LEU L 572 -65.68 -40.73 -22.00
N GLN L 573 -66.94 -40.29 -21.99
CA GLN L 573 -67.56 -39.77 -23.19
C GLN L 573 -66.94 -38.43 -23.56
N ALA L 574 -67.19 -38.01 -24.81
CA ALA L 574 -66.70 -36.71 -25.27
C ALA L 574 -67.20 -35.61 -24.35
N GLY L 575 -66.28 -34.90 -23.72
CA GLY L 575 -66.62 -33.89 -22.74
C GLY L 575 -66.75 -34.40 -21.32
N GLU L 576 -66.51 -35.69 -21.09
CA GLU L 576 -66.56 -36.27 -19.75
C GLU L 576 -65.16 -36.32 -19.16
N ARG L 577 -65.02 -35.86 -17.93
CA ARG L 577 -63.73 -35.84 -17.23
C ARG L 577 -63.96 -36.14 -15.76
N ILE L 578 -62.92 -36.63 -15.11
CA ILE L 578 -62.99 -37.00 -13.70
C ILE L 578 -62.90 -35.72 -12.86
N THR L 579 -64.04 -35.33 -12.28
CA THR L 579 -64.05 -34.11 -11.46
C THR L 579 -63.33 -34.32 -10.13
N SER L 580 -63.32 -35.55 -9.61
CA SER L 580 -62.66 -35.84 -8.35
C SER L 580 -62.51 -37.34 -8.22
N VAL L 581 -61.75 -37.75 -7.20
CA VAL L 581 -61.55 -39.16 -6.89
C VAL L 581 -61.43 -39.30 -5.37
N ALA L 582 -61.64 -40.52 -4.88
CA ALA L 582 -61.51 -40.81 -3.46
C ALA L 582 -61.04 -42.25 -3.30
N ALA L 583 -60.37 -42.51 -2.18
CA ALA L 583 -59.81 -43.81 -1.88
C ALA L 583 -60.46 -44.39 -0.63
N THR L 584 -60.68 -45.69 -0.64
CA THR L 584 -61.23 -46.43 0.49
C THR L 584 -60.35 -47.64 0.75
N PRO L 585 -60.36 -48.15 2.00
CA PRO L 585 -59.51 -49.31 2.30
C PRO L 585 -59.83 -50.54 1.46
N VAL L 586 -61.09 -50.72 1.07
CA VAL L 586 -61.49 -51.88 0.27
C VAL L 586 -62.06 -51.48 -1.08
N ARG L 587 -62.14 -50.19 -1.39
CA ARG L 587 -62.80 -49.74 -2.61
C ARG L 587 -62.09 -48.52 -3.18
N VAL L 588 -62.43 -48.20 -4.43
CA VAL L 588 -61.92 -47.02 -5.12
C VAL L 588 -63.11 -46.25 -5.65
N ILE L 589 -63.11 -44.93 -5.47
CA ILE L 589 -64.23 -44.07 -5.84
C ILE L 589 -63.85 -43.25 -7.06
N VAL L 590 -64.79 -43.12 -7.99
CA VAL L 590 -64.59 -42.35 -9.22
C VAL L 590 -65.82 -41.51 -9.48
N GLY L 591 -65.62 -40.24 -9.77
CA GLY L 591 -66.70 -39.35 -10.15
C GLY L 591 -66.35 -38.60 -11.41
N THR L 592 -67.37 -38.36 -12.24
CA THR L 592 -67.19 -37.76 -13.55
C THR L 592 -67.90 -36.42 -13.64
N SER L 593 -67.41 -35.57 -14.54
CA SER L 593 -68.06 -34.28 -14.79
C SER L 593 -69.47 -34.47 -15.34
N LEU L 594 -69.68 -35.51 -16.13
CA LEU L 594 -71.02 -35.85 -16.60
C LEU L 594 -71.90 -36.42 -15.49
N GLY L 595 -71.33 -36.71 -14.33
CA GLY L 595 -72.07 -37.25 -13.21
C GLY L 595 -72.05 -38.76 -13.10
N TYR L 596 -71.45 -39.46 -14.06
CA TYR L 596 -71.32 -40.90 -13.96
C TYR L 596 -70.42 -41.27 -12.79
N PHE L 597 -70.87 -42.23 -11.98
CA PHE L 597 -70.13 -42.68 -10.81
C PHE L 597 -69.79 -44.15 -10.97
N ARG L 598 -68.53 -44.49 -10.75
CA ARG L 598 -68.06 -45.87 -10.85
C ARG L 598 -67.38 -46.28 -9.57
N SER L 599 -67.82 -47.39 -8.99
CA SER L 599 -67.22 -47.94 -7.78
C SER L 599 -66.37 -49.15 -8.15
N PHE L 600 -65.17 -49.21 -7.58
CA PHE L 600 -64.24 -50.31 -7.83
C PHE L 600 -63.65 -50.78 -6.50
N ASN L 601 -63.36 -52.07 -6.42
CA ASN L 601 -62.77 -52.63 -5.21
C ASN L 601 -61.31 -52.21 -5.09
N GLN L 602 -60.71 -52.53 -3.94
CA GLN L 602 -59.30 -52.20 -3.72
C GLN L 602 -58.40 -52.88 -4.73
N PHE L 603 -58.82 -54.02 -5.27
CA PHE L 603 -58.08 -54.71 -6.32
C PHE L 603 -58.38 -54.14 -7.71
N GLY L 604 -59.20 -53.11 -7.80
CA GLY L 604 -59.54 -52.51 -9.07
C GLY L 604 -60.76 -53.10 -9.75
N VAL L 605 -61.34 -54.16 -9.21
CA VAL L 605 -62.54 -54.76 -9.81
C VAL L 605 -63.71 -53.80 -9.65
N PRO L 606 -64.39 -53.42 -10.73
CA PRO L 606 -65.48 -52.44 -10.61
C PRO L 606 -66.67 -53.00 -9.85
N PHE L 607 -66.87 -52.52 -8.62
CA PHE L 607 -67.95 -53.03 -7.78
C PHE L 607 -69.30 -52.40 -8.08
N ALA L 608 -69.32 -51.29 -8.80
CA ALA L 608 -70.58 -50.64 -9.16
C ALA L 608 -70.32 -49.60 -10.25
N VAL L 609 -71.31 -49.44 -11.13
CA VAL L 609 -71.32 -48.38 -12.13
C VAL L 609 -72.65 -47.65 -12.00
N GLU L 610 -72.60 -46.32 -11.93
CA GLU L 610 -73.80 -45.55 -11.64
C GLU L 610 -73.69 -44.18 -12.28
N LYS L 611 -74.83 -43.49 -12.32
CA LYS L 611 -74.91 -42.11 -12.78
C LYS L 611 -75.62 -41.28 -11.73
N THR L 612 -75.09 -40.09 -11.47
CA THR L 612 -75.64 -39.20 -10.46
C THR L 612 -75.38 -37.76 -10.91
N SER L 613 -75.67 -36.81 -10.02
CA SER L 613 -75.28 -35.44 -10.27
C SER L 613 -73.75 -35.34 -10.24
N PRO L 614 -73.18 -34.41 -11.02
CA PRO L 614 -71.71 -34.32 -11.09
C PRO L 614 -71.08 -34.13 -9.73
N ILE L 615 -70.33 -35.13 -9.27
CA ILE L 615 -69.69 -35.09 -7.96
C ILE L 615 -68.46 -34.21 -8.09
N VAL L 616 -68.59 -32.94 -7.70
CA VAL L 616 -67.49 -32.00 -7.86
C VAL L 616 -66.33 -32.37 -6.96
N ALA L 617 -66.61 -32.88 -5.77
CA ALA L 617 -65.57 -33.24 -4.82
C ALA L 617 -65.89 -34.59 -4.19
N LEU L 618 -64.86 -35.38 -3.95
CA LEU L 618 -64.99 -36.69 -3.31
C LEU L 618 -64.04 -36.77 -2.13
N THR L 619 -64.59 -37.16 -0.98
CA THR L 619 -63.80 -37.33 0.24
C THR L 619 -64.23 -38.61 0.93
N ALA L 620 -63.26 -39.39 1.41
CA ALA L 620 -63.55 -40.67 2.03
C ALA L 620 -62.57 -40.90 3.17
N GLN L 621 -63.06 -40.85 4.40
CA GLN L 621 -62.26 -41.17 5.58
C GLN L 621 -62.43 -42.66 5.88
N ASN L 622 -61.48 -43.46 5.40
CA ASN L 622 -61.51 -44.92 5.53
C ASN L 622 -62.82 -45.41 4.91
N TYR L 623 -63.66 -46.17 5.61
CA TYR L 623 -64.92 -46.63 5.04
C TYR L 623 -65.91 -45.49 4.84
N ARG L 624 -65.89 -44.50 5.72
CA ARG L 624 -66.79 -43.36 5.59
C ARG L 624 -66.47 -42.58 4.31
N VAL L 625 -67.51 -42.10 3.64
CA VAL L 625 -67.38 -41.39 2.38
C VAL L 625 -68.27 -40.15 2.42
N PHE L 626 -67.71 -39.02 1.99
CA PHE L 626 -68.45 -37.76 1.92
C PHE L 626 -68.16 -37.09 0.59
N SER L 627 -69.19 -36.90 -0.22
CA SER L 627 -69.03 -36.34 -1.56
C SER L 627 -69.94 -35.14 -1.74
N VAL L 628 -69.57 -34.28 -2.68
CA VAL L 628 -70.35 -33.09 -3.02
C VAL L 628 -70.73 -33.18 -4.49
N HIS L 629 -72.03 -33.18 -4.76
CA HIS L 629 -72.56 -33.25 -6.12
C HIS L 629 -73.13 -31.88 -6.50
N TYR L 630 -72.85 -31.45 -7.73
CA TYR L 630 -73.28 -30.13 -8.18
C TYR L 630 -73.64 -30.18 -9.65
N SER L 631 -74.64 -29.36 -10.01
CA SER L 631 -75.02 -29.13 -11.39
C SER L 631 -75.71 -27.78 -11.46
N GLN L 632 -75.77 -27.22 -12.66
CA GLN L 632 -76.40 -25.91 -12.83
C GLN L 632 -77.87 -25.95 -12.43
N PHE L 633 -78.55 -27.05 -12.72
CA PHE L 633 -79.94 -27.22 -12.30
C PHE L 633 -80.06 -27.86 -10.93
N HIS L 634 -79.19 -28.83 -10.62
CA HIS L 634 -79.25 -29.47 -9.30
C HIS L 634 -78.76 -28.53 -8.20
N GLY L 635 -77.85 -27.62 -8.51
CA GLY L 635 -77.29 -26.73 -7.51
C GLY L 635 -76.28 -27.43 -6.62
N LEU L 636 -75.83 -26.70 -5.62
CA LEU L 636 -74.90 -27.26 -4.65
C LEU L 636 -75.59 -28.37 -3.86
N SER L 637 -74.90 -29.51 -3.72
CA SER L 637 -75.45 -30.65 -3.01
C SER L 637 -74.30 -31.52 -2.52
N TYR L 638 -74.61 -32.40 -1.57
CA TYR L 638 -73.59 -33.27 -1.00
C TYR L 638 -74.23 -34.59 -0.57
N SER L 639 -73.53 -35.68 -0.85
CA SER L 639 -73.98 -37.02 -0.49
C SER L 639 -73.02 -37.61 0.54
N LEU L 640 -73.56 -38.08 1.66
CA LEU L 640 -72.79 -38.70 2.72
C LEU L 640 -73.06 -40.20 2.76
N SER L 641 -72.02 -40.98 2.99
CA SER L 641 -72.17 -42.43 2.98
C SER L 641 -71.15 -43.07 3.92
N GLU L 642 -71.58 -44.10 4.63
CA GLU L 642 -70.71 -44.94 5.45
C GLU L 642 -70.79 -46.35 4.88
N LEU L 643 -69.97 -46.62 3.86
CA LEU L 643 -70.07 -47.90 3.16
C LEU L 643 -69.66 -49.06 4.06
N GLY L 644 -68.62 -48.88 4.86
CA GLY L 644 -68.13 -49.96 5.69
C GLY L 644 -67.49 -51.04 4.84
N THR L 645 -67.03 -52.10 5.53
CA THR L 645 -66.60 -53.29 4.81
C THR L 645 -67.77 -53.99 4.15
N SER L 646 -68.97 -53.85 4.74
CA SER L 646 -70.19 -54.41 4.18
C SER L 646 -71.35 -53.55 4.66
N SER L 647 -72.54 -53.85 4.13
CA SER L 647 -73.76 -53.11 4.45
C SER L 647 -73.58 -51.61 4.16
N LYS L 648 -73.31 -51.32 2.89
CA LYS L 648 -73.09 -49.94 2.47
C LYS L 648 -74.32 -49.10 2.73
N ARG L 649 -74.12 -47.93 3.31
CA ARG L 649 -75.20 -47.02 3.66
C ARG L 649 -74.86 -45.61 3.21
N TYR L 650 -75.90 -44.87 2.81
CA TYR L 650 -75.77 -43.47 2.43
C TYR L 650 -76.51 -42.64 3.47
N TYR L 651 -75.75 -42.01 4.36
CA TYR L 651 -76.37 -41.21 5.42
C TYR L 651 -77.14 -40.03 4.84
N LYS L 652 -76.60 -39.40 3.80
CA LYS L 652 -77.28 -38.34 3.08
C LYS L 652 -76.99 -38.49 1.59
N ARG L 653 -77.97 -38.11 0.77
CA ARG L 653 -77.87 -38.27 -0.68
C ARG L 653 -78.14 -36.93 -1.35
N GLU L 654 -77.06 -36.29 -1.84
CA GLU L 654 -77.15 -35.04 -2.60
C GLU L 654 -77.93 -33.97 -1.81
N CYS L 655 -77.74 -33.96 -0.50
CA CYS L 655 -78.38 -32.94 0.32
C CYS L 655 -77.78 -31.57 0.00
N PRO L 656 -78.60 -30.52 -0.08
CA PRO L 656 -78.08 -29.22 -0.51
C PRO L 656 -76.99 -28.71 0.42
N LEU L 657 -75.97 -28.10 -0.17
CA LEU L 657 -74.82 -27.60 0.57
C LEU L 657 -74.93 -26.10 0.74
N PRO L 658 -75.05 -25.58 1.96
CA PRO L 658 -75.13 -24.11 2.15
C PRO L 658 -73.75 -23.44 2.12
N MET L 659 -73.27 -23.20 0.90
CA MET L 659 -71.98 -22.55 0.69
C MET L 659 -72.07 -21.62 -0.50
N SER L 660 -71.22 -20.59 -0.50
CA SER L 660 -71.22 -19.56 -1.53
C SER L 660 -70.00 -19.72 -2.42
N LEU L 661 -70.22 -19.76 -3.73
CA LEU L 661 -69.13 -19.88 -4.69
C LEU L 661 -68.42 -18.54 -4.87
N PRO L 662 -67.13 -18.58 -5.17
CA PRO L 662 -66.39 -17.32 -5.38
C PRO L 662 -66.87 -16.59 -6.62
N ASN L 663 -66.81 -15.26 -6.55
CA ASN L 663 -67.15 -14.43 -7.70
C ASN L 663 -66.01 -14.46 -8.72
N ILE L 664 -66.38 -14.50 -9.99
CA ILE L 664 -65.39 -14.55 -11.06
C ILE L 664 -65.74 -13.55 -12.16
N LYS L 670 -56.53 -10.44 -7.22
CA LYS L 670 -57.67 -10.82 -8.04
C LYS L 670 -57.27 -11.81 -9.14
N ASP L 671 -56.20 -11.47 -9.86
CA ASP L 671 -55.73 -12.33 -10.94
C ASP L 671 -55.27 -13.68 -10.41
N ALA L 672 -54.56 -13.69 -9.27
CA ALA L 672 -54.17 -14.95 -8.65
C ALA L 672 -55.39 -15.71 -8.15
N ASN L 673 -56.36 -15.01 -7.56
CA ASN L 673 -57.60 -15.65 -7.15
C ASN L 673 -58.37 -16.17 -8.34
N LEU L 674 -58.35 -15.43 -9.46
CA LEU L 674 -58.99 -15.90 -10.67
C LEU L 674 -58.31 -17.16 -11.22
N ASP L 675 -56.99 -17.22 -11.14
CA ASP L 675 -56.27 -18.42 -11.56
C ASP L 675 -56.59 -19.60 -10.64
N TYR L 676 -56.70 -19.34 -9.34
CA TYR L 676 -57.11 -20.39 -8.41
C TYR L 676 -58.53 -20.85 -8.69
N TYR L 677 -59.39 -19.95 -9.14
CA TYR L 677 -60.73 -20.34 -9.55
C TYR L 677 -60.69 -21.17 -10.82
N ASN L 678 -59.80 -20.83 -11.74
CA ASN L 678 -59.63 -21.64 -12.95
C ASN L 678 -59.16 -23.05 -12.59
N PHE L 679 -58.26 -23.15 -11.61
CA PHE L 679 -57.81 -24.47 -11.15
C PHE L 679 -58.93 -25.22 -10.43
N ASN L 680 -59.66 -24.53 -9.57
CA ASN L 680 -60.77 -25.12 -8.79
C ASN L 680 -61.98 -24.20 -8.94
N PRO L 681 -62.84 -24.46 -9.93
CA PRO L 681 -64.00 -23.58 -10.14
C PRO L 681 -64.91 -23.48 -8.93
N MET L 682 -65.04 -24.55 -8.15
CA MET L 682 -65.82 -24.49 -6.93
C MET L 682 -65.18 -23.55 -5.91
N GLY L 683 -63.86 -23.39 -5.96
CA GLY L 683 -63.16 -22.55 -5.02
C GLY L 683 -62.88 -23.21 -3.68
N ILE L 684 -63.22 -24.48 -3.52
CA ILE L 684 -63.03 -25.16 -2.24
C ILE L 684 -61.53 -25.35 -2.00
N LYS L 685 -61.02 -24.73 -0.94
CA LYS L 685 -59.62 -24.94 -0.59
C LYS L 685 -59.35 -26.38 -0.22
N SER L 686 -60.30 -27.04 0.46
CA SER L 686 -60.18 -28.44 0.81
C SER L 686 -61.53 -28.98 1.21
N LEU L 687 -61.79 -30.24 0.86
CA LEU L 687 -62.92 -31.01 1.35
C LEU L 687 -62.37 -32.20 2.10
N PHE L 688 -62.70 -32.31 3.39
CA PHE L 688 -62.06 -33.33 4.22
C PHE L 688 -62.94 -33.66 5.42
N PHE L 689 -62.88 -34.92 5.83
CA PHE L 689 -63.49 -35.32 7.08
C PHE L 689 -62.63 -34.86 8.26
N SER L 690 -63.28 -34.73 9.42
CA SER L 690 -62.55 -34.38 10.63
C SER L 690 -61.76 -35.58 11.14
N SER L 691 -60.88 -35.33 12.11
CA SER L 691 -60.11 -36.40 12.71
C SER L 691 -61.00 -37.46 13.33
N TYR L 692 -62.14 -37.06 13.89
CA TYR L 692 -63.14 -38.01 14.37
C TYR L 692 -63.99 -38.59 13.25
N GLY L 693 -63.90 -38.04 12.04
CA GLY L 693 -64.69 -38.50 10.92
C GLY L 693 -65.91 -37.67 10.59
N ASP L 694 -66.16 -36.60 11.33
CA ASP L 694 -67.29 -35.73 11.02
C ASP L 694 -67.03 -34.99 9.71
N PRO L 695 -68.07 -34.78 8.90
CA PRO L 695 -67.88 -34.06 7.64
C PRO L 695 -67.44 -32.64 7.87
N CYS L 696 -66.58 -32.15 6.97
CA CYS L 696 -66.08 -30.78 7.04
C CYS L 696 -65.66 -30.34 5.65
N ILE L 697 -65.49 -29.04 5.48
CA ILE L 697 -65.08 -28.46 4.21
C ILE L 697 -64.58 -27.05 4.46
N PHE L 698 -63.67 -26.59 3.60
CA PHE L 698 -63.17 -25.22 3.62
C PHE L 698 -63.57 -24.59 2.29
N GLY L 699 -64.63 -23.77 2.31
CA GLY L 699 -65.16 -23.19 1.10
C GLY L 699 -64.33 -22.02 0.60
N SER L 700 -64.75 -21.49 -0.55
CA SER L 700 -64.06 -20.34 -1.12
C SER L 700 -64.15 -19.11 -0.22
N ASP L 701 -65.22 -18.99 0.55
CA ASP L 701 -65.33 -17.93 1.54
C ASP L 701 -64.34 -18.09 2.68
N ASN L 702 -63.71 -19.26 2.80
CA ASN L 702 -62.71 -19.61 3.80
C ASN L 702 -63.28 -19.74 5.20
N THR L 703 -64.59 -19.62 5.38
CA THR L 703 -65.22 -19.86 6.67
C THR L 703 -65.41 -21.37 6.82
N LEU L 704 -64.70 -21.98 7.76
CA LEU L 704 -64.76 -23.42 7.93
C LEU L 704 -66.16 -23.87 8.34
N LEU L 705 -66.62 -24.95 7.73
CA LEU L 705 -67.94 -25.51 8.01
C LEU L 705 -67.80 -26.96 8.44
N LEU L 706 -68.60 -27.36 9.42
CA LEU L 706 -68.62 -28.72 9.94
C LEU L 706 -70.05 -29.18 10.09
N LEU L 707 -70.32 -30.43 9.67
CA LEU L 707 -71.66 -31.00 9.74
C LEU L 707 -71.85 -31.60 11.13
N SER L 708 -72.54 -30.86 12.00
CA SER L 708 -72.82 -31.33 13.35
C SER L 708 -74.00 -32.27 13.35
N LYS L 709 -73.98 -33.23 14.27
CA LYS L 709 -75.04 -34.22 14.45
C LYS L 709 -75.31 -34.99 13.16
N TRP L 710 -74.26 -35.25 12.37
CA TRP L 710 -74.42 -35.95 11.11
C TRP L 710 -74.87 -37.39 11.30
N ARG L 711 -74.61 -37.98 12.47
CA ARG L 711 -75.03 -39.35 12.72
C ARG L 711 -76.54 -39.51 12.62
N SER L 712 -77.29 -38.50 13.04
CA SER L 712 -78.72 -38.48 12.84
C SER L 712 -79.03 -37.61 11.63
N PRO L 713 -79.41 -38.17 10.49
CA PRO L 713 -79.61 -37.33 9.29
C PRO L 713 -80.69 -36.27 9.47
N GLU L 714 -81.74 -36.56 10.24
CA GLU L 714 -82.82 -35.60 10.40
C GLU L 714 -82.36 -34.37 11.15
N GLU L 715 -81.50 -34.53 12.16
CA GLU L 715 -81.06 -33.44 13.00
C GLU L 715 -79.67 -32.92 12.64
N SER L 716 -79.08 -33.42 11.56
CA SER L 716 -77.76 -32.96 11.13
C SER L 716 -77.83 -31.50 10.71
N LYS L 717 -76.78 -30.75 11.04
CA LYS L 717 -76.75 -29.32 10.72
C LYS L 717 -75.31 -28.88 10.51
N TRP L 718 -75.10 -28.02 9.52
CA TRP L 718 -73.80 -27.42 9.27
C TRP L 718 -73.52 -26.34 10.31
N LEU L 719 -72.24 -26.18 10.65
CA LEU L 719 -71.82 -25.21 11.65
C LEU L 719 -70.62 -24.43 11.12
N PRO L 720 -70.71 -23.11 11.00
CA PRO L 720 -69.51 -22.32 10.66
C PRO L 720 -68.55 -22.27 11.84
N ILE L 721 -67.89 -23.40 12.11
CA ILE L 721 -67.10 -23.56 13.33
C ILE L 721 -65.95 -22.57 13.39
N LEU L 722 -65.39 -22.20 12.24
CA LEU L 722 -64.27 -21.28 12.20
C LEU L 722 -64.45 -20.29 11.06
N ASP L 723 -64.30 -19.01 11.36
CA ASP L 723 -64.28 -17.94 10.37
C ASP L 723 -62.82 -17.54 10.19
N SER L 724 -62.17 -18.08 9.15
CA SER L 724 -60.74 -17.86 8.97
C SER L 724 -60.43 -16.39 8.72
N ASN L 725 -61.31 -15.69 7.99
CA ASN L 725 -61.10 -14.27 7.77
C ASN L 725 -61.16 -13.48 9.07
N MET L 726 -62.15 -13.78 9.92
CA MET L 726 -62.27 -13.10 11.20
C MET L 726 -61.08 -13.43 12.10
N GLU L 727 -60.64 -14.70 12.09
CA GLU L 727 -59.47 -15.07 12.87
C GLU L 727 -58.22 -14.35 12.40
N ILE L 728 -58.04 -14.23 11.07
CA ILE L 728 -56.89 -13.53 10.54
C ILE L 728 -56.92 -12.07 10.93
N TRP L 729 -58.10 -11.43 10.86
CA TRP L 729 -58.22 -10.03 11.25
C TRP L 729 -57.91 -9.84 12.74
N LYS L 730 -58.48 -10.70 13.59
CA LYS L 730 -58.28 -10.57 15.03
C LYS L 730 -56.81 -10.78 15.38
N MET L 731 -56.16 -11.76 14.75
CA MET L 731 -54.73 -11.96 14.99
C MET L 731 -53.89 -10.82 14.45
N SER L 732 -54.32 -10.20 13.34
CA SER L 732 -53.63 -9.03 12.81
C SER L 732 -53.84 -7.81 13.70
N GLY L 733 -54.84 -7.83 14.57
CA GLY L 733 -55.05 -6.73 15.50
C GLY L 733 -55.75 -5.55 14.88
N GLY L 734 -56.69 -5.78 13.97
CA GLY L 734 -57.40 -4.74 13.27
C GLY L 734 -56.86 -4.45 11.88
N LYS L 735 -55.63 -4.86 11.59
CA LYS L 735 -55.08 -4.69 10.25
C LYS L 735 -55.75 -5.64 9.27
N GLU L 736 -55.98 -5.16 8.05
CA GLU L 736 -56.56 -5.96 6.98
C GLU L 736 -55.45 -6.34 6.01
N THR L 737 -55.08 -7.62 6.02
CA THR L 737 -54.02 -8.14 5.17
C THR L 737 -54.61 -9.02 4.09
N THR L 738 -54.26 -8.74 2.83
CA THR L 738 -54.75 -9.51 1.70
C THR L 738 -53.81 -10.65 1.31
N ASP L 739 -52.50 -10.44 1.45
CA ASP L 739 -51.54 -11.47 1.05
C ASP L 739 -51.71 -12.75 1.87
N ILE L 740 -52.04 -12.61 3.15
CA ILE L 740 -52.24 -13.78 4.00
C ILE L 740 -53.49 -14.53 3.55
N HIS L 741 -53.46 -15.85 3.74
CA HIS L 741 -54.59 -16.71 3.42
C HIS L 741 -54.60 -17.86 4.41
N VAL L 742 -55.51 -18.82 4.19
CA VAL L 742 -55.60 -20.02 5.02
C VAL L 742 -55.79 -21.21 4.09
N TRP L 743 -55.03 -22.28 4.35
CA TRP L 743 -55.09 -23.49 3.54
C TRP L 743 -55.10 -24.70 4.46
N PRO L 744 -56.26 -25.34 4.64
CA PRO L 744 -56.34 -26.48 5.57
C PRO L 744 -56.05 -27.81 4.91
N LEU L 745 -55.17 -28.61 5.52
CA LEU L 745 -54.95 -29.98 5.08
C LEU L 745 -55.84 -30.97 5.83
N ALA L 746 -56.00 -30.77 7.14
CA ALA L 746 -56.86 -31.62 7.95
C ALA L 746 -57.23 -30.85 9.22
N LEU L 747 -58.27 -31.35 9.89
CA LEU L 747 -58.79 -30.72 11.10
C LEU L 747 -58.61 -31.68 12.27
N ALA L 748 -57.65 -31.37 13.14
CA ALA L 748 -57.56 -32.09 14.40
C ALA L 748 -58.72 -31.69 15.31
N TYR L 749 -58.91 -32.46 16.39
CA TYR L 749 -59.99 -32.17 17.32
C TYR L 749 -59.78 -30.80 17.96
N ASP L 750 -60.76 -29.92 17.81
CA ASP L 750 -60.75 -28.56 18.37
C ASP L 750 -59.55 -27.74 17.89
N THR L 751 -58.97 -28.10 16.74
CA THR L 751 -57.82 -27.38 16.21
C THR L 751 -57.62 -27.74 14.75
N LEU L 752 -57.54 -26.73 13.89
CA LEU L 752 -57.38 -26.96 12.46
C LEU L 752 -55.90 -26.96 12.08
N ASN L 753 -55.45 -28.05 11.45
CA ASN L 753 -54.08 -28.14 10.94
C ASN L 753 -54.08 -27.54 9.55
N CYS L 754 -53.77 -26.24 9.47
CA CYS L 754 -53.91 -25.49 8.23
C CYS L 754 -52.68 -24.63 8.01
N ILE L 755 -52.12 -24.69 6.81
CA ILE L 755 -51.06 -23.76 6.40
C ILE L 755 -51.71 -22.43 6.05
N LEU L 756 -51.08 -21.34 6.46
CA LEU L 756 -51.59 -20.00 6.19
C LEU L 756 -50.77 -19.42 5.04
N VAL L 757 -51.27 -19.62 3.82
CA VAL L 757 -50.55 -19.18 2.63
C VAL L 757 -50.46 -17.65 2.61
N LYS L 758 -49.28 -17.13 2.33
CA LYS L 758 -49.04 -15.70 2.22
C LYS L 758 -48.73 -15.34 0.78
N GLY L 759 -48.79 -14.05 0.48
CA GLY L 759 -48.53 -13.57 -0.86
C GLY L 759 -49.77 -13.62 -1.75
N LYS L 760 -49.56 -13.28 -3.02
CA LYS L 760 -50.66 -13.19 -3.96
C LYS L 760 -51.32 -14.55 -4.19
N HIS L 761 -50.52 -15.60 -4.31
CA HIS L 761 -51.06 -16.92 -4.61
C HIS L 761 -51.85 -17.47 -3.43
N ILE L 762 -53.06 -17.97 -3.72
CA ILE L 762 -53.87 -18.58 -2.67
C ILE L 762 -53.27 -19.92 -2.24
N TRP L 763 -52.76 -20.69 -3.20
CA TRP L 763 -52.13 -21.97 -2.90
C TRP L 763 -50.73 -21.78 -2.34
N PRO L 764 -50.28 -22.69 -1.48
CA PRO L 764 -48.94 -22.56 -0.91
C PRO L 764 -47.86 -22.94 -1.92
N GLU L 765 -46.64 -22.49 -1.63
CA GLU L 765 -45.50 -22.83 -2.47
C GLU L 765 -45.10 -24.30 -2.28
N PHE L 766 -44.28 -24.78 -3.21
CA PHE L 766 -43.84 -26.17 -3.15
C PHE L 766 -43.14 -26.52 -1.84
N PRO L 767 -42.21 -25.72 -1.33
CA PRO L 767 -41.73 -25.93 0.03
C PRO L 767 -42.89 -25.78 1.01
N LEU L 768 -42.93 -26.67 1.99
CA LEU L 768 -44.12 -26.78 2.85
C LEU L 768 -43.83 -26.24 4.24
N PRO L 769 -44.34 -25.06 4.60
CA PRO L 769 -44.24 -24.63 5.99
C PRO L 769 -45.09 -25.50 6.89
N LEU L 770 -44.69 -25.59 8.16
CA LEU L 770 -45.44 -26.39 9.11
C LEU L 770 -46.85 -25.84 9.25
N PRO L 771 -47.87 -26.71 9.28
CA PRO L 771 -49.25 -26.22 9.36
C PRO L 771 -49.50 -25.42 10.63
N SER L 772 -50.31 -24.38 10.51
CA SER L 772 -50.69 -23.57 11.65
C SER L 772 -51.92 -24.19 12.32
N GLU L 773 -51.80 -24.45 13.61
CA GLU L 773 -52.89 -25.05 14.38
C GLU L 773 -53.73 -23.94 15.00
N MET L 774 -55.01 -23.90 14.67
CA MET L 774 -55.92 -22.87 15.15
C MET L 774 -57.15 -23.52 15.77
N GLU L 775 -57.44 -23.16 17.01
CA GLU L 775 -58.65 -23.66 17.67
C GLU L 775 -59.89 -23.01 17.04
N ILE L 776 -61.01 -23.71 17.15
CA ILE L 776 -62.25 -23.24 16.56
C ILE L 776 -62.70 -21.96 17.24
N ARG L 777 -63.19 -21.01 16.45
CA ARG L 777 -63.65 -19.72 16.96
C ARG L 777 -65.00 -19.40 16.34
N MET L 778 -65.97 -19.05 17.19
CA MET L 778 -67.30 -18.72 16.71
C MET L 778 -67.29 -17.38 15.99
N PRO L 779 -68.15 -17.21 14.99
CA PRO L 779 -68.26 -15.91 14.31
C PRO L 779 -69.13 -14.90 15.03
N VAL L 780 -69.51 -15.16 16.29
CA VAL L 780 -70.37 -14.25 17.03
C VAL L 780 -69.69 -12.91 17.30
N PHE L 781 -68.36 -12.87 17.27
CA PHE L 781 -67.65 -11.61 17.50
C PHE L 781 -68.00 -10.60 16.42
N VAL L 782 -68.27 -9.37 16.84
CA VAL L 782 -68.62 -8.28 15.94
C VAL L 782 -67.35 -7.51 15.63
N LYS L 783 -67.01 -7.40 14.35
CA LYS L 783 -65.81 -6.67 13.95
C LYS L 783 -65.91 -5.20 14.33
N SER L 784 -67.12 -4.62 14.24
CA SER L 784 -67.29 -3.22 14.64
C SER L 784 -67.04 -3.04 16.13
N LYS L 785 -67.56 -3.95 16.96
CA LYS L 785 -67.32 -3.86 18.40
C LYS L 785 -65.83 -4.06 18.72
N LEU L 786 -65.17 -4.98 18.02
CA LEU L 786 -63.74 -5.19 18.23
C LEU L 786 -62.94 -3.95 17.83
N LEU L 787 -63.33 -3.30 16.74
CA LEU L 787 -62.66 -2.07 16.33
C LEU L 787 -62.89 -0.95 17.34
N GLU L 788 -64.10 -0.87 17.89
CA GLU L 788 -64.37 0.11 18.95
C GLU L 788 -63.51 -0.17 20.18
N GLU L 789 -63.33 -1.45 20.52
CA GLU L 789 -62.43 -1.79 21.61
C GLU L 789 -61.00 -1.40 21.30
N ASN L 790 -60.58 -1.57 20.04
CA ASN L 790 -59.23 -1.19 19.64
C ASN L 790 -59.02 0.32 19.76
N LYS L 791 -60.02 1.11 19.37
CA LYS L 791 -59.95 2.57 19.42
C LYS L 791 -58.77 3.10 18.59
N GLU L 814 -53.73 -8.05 18.29
CA GLU L 814 -53.73 -7.01 19.29
C GLU L 814 -55.13 -6.48 19.54
N ILE L 815 -56.13 -7.18 19.01
CA ILE L 815 -57.52 -6.78 19.18
C ILE L 815 -57.99 -7.19 20.57
N GLN L 816 -58.88 -6.37 21.13
CA GLN L 816 -59.48 -6.62 22.44
C GLN L 816 -60.94 -7.02 22.26
N ILE L 817 -61.38 -7.97 23.08
CA ILE L 817 -62.76 -8.43 23.02
C ILE L 817 -63.40 -8.24 24.38
N PRO L 818 -64.70 -7.91 24.45
CA PRO L 818 -65.36 -7.81 25.75
C PRO L 818 -65.36 -9.16 26.46
N VAL L 819 -65.28 -9.11 27.79
CA VAL L 819 -65.28 -10.34 28.58
C VAL L 819 -66.59 -11.10 28.38
N SER L 820 -67.71 -10.36 28.30
CA SER L 820 -69.00 -11.00 28.07
C SER L 820 -69.06 -11.66 26.70
N MET L 821 -68.54 -10.99 25.67
CA MET L 821 -68.51 -11.59 24.34
C MET L 821 -67.63 -12.83 24.31
N ALA L 822 -66.48 -12.77 24.99
CA ALA L 822 -65.60 -13.93 25.07
C ALA L 822 -66.29 -15.09 25.78
N ALA L 823 -67.03 -14.79 26.86
CA ALA L 823 -67.75 -15.84 27.58
C ALA L 823 -68.85 -16.43 26.71
N GLU L 824 -69.55 -15.59 25.93
CA GLU L 824 -70.60 -16.10 25.06
C GLU L 824 -70.02 -17.03 23.99
N GLU L 825 -68.95 -16.60 23.33
CA GLU L 825 -68.31 -17.44 22.33
C GLU L 825 -67.77 -18.71 22.94
N GLU L 826 -67.19 -18.62 24.14
CA GLU L 826 -66.65 -19.79 24.81
C GLU L 826 -67.75 -20.79 25.16
N TYR L 827 -68.87 -20.31 25.69
CA TYR L 827 -69.97 -21.20 26.03
C TYR L 827 -70.55 -21.86 24.78
N LEU L 828 -70.70 -21.11 23.70
CA LEU L 828 -71.22 -21.68 22.46
C LEU L 828 -70.28 -22.74 21.91
N ARG L 829 -68.98 -22.43 21.83
CA ARG L 829 -68.01 -23.40 21.33
C ARG L 829 -67.94 -24.63 22.21
N SER L 830 -68.00 -24.44 23.54
CA SER L 830 -67.95 -25.57 24.46
C SER L 830 -69.18 -26.45 24.32
N LYS L 831 -70.36 -25.84 24.13
CA LYS L 831 -71.57 -26.64 23.94
C LYS L 831 -71.49 -27.45 22.65
N VAL L 832 -71.04 -26.82 21.56
CA VAL L 832 -70.92 -27.53 20.29
C VAL L 832 -69.91 -28.66 20.41
N LEU L 833 -68.77 -28.38 21.04
CA LEU L 833 -67.73 -29.40 21.21
C LEU L 833 -68.21 -30.55 22.09
N SER L 834 -68.96 -30.24 23.15
CA SER L 834 -69.48 -31.28 24.02
C SER L 834 -70.48 -32.16 23.28
N GLU L 835 -71.36 -31.55 22.47
CA GLU L 835 -72.30 -32.35 21.69
C GLU L 835 -71.57 -33.25 20.69
N LEU L 836 -70.57 -32.70 20.00
CA LEU L 836 -69.82 -33.49 19.03
C LEU L 836 -69.05 -34.61 19.71
N LEU L 837 -68.45 -34.33 20.86
CA LEU L 837 -67.73 -35.37 21.61
C LEU L 837 -68.66 -36.44 22.12
N THR L 838 -69.86 -36.06 22.56
CA THR L 838 -70.84 -37.05 22.99
C THR L 838 -71.25 -37.95 21.83
N ASP L 839 -71.51 -37.36 20.66
CA ASP L 839 -71.87 -38.17 19.50
C ASP L 839 -70.73 -39.11 19.11
N THR L 840 -69.50 -38.61 19.11
CA THR L 840 -68.35 -39.43 18.73
C THR L 840 -68.12 -40.57 19.72
N LEU L 841 -68.21 -40.28 21.02
CA LEU L 841 -68.03 -41.31 22.02
C LEU L 841 -69.16 -42.33 21.99
N GLU L 842 -70.37 -41.90 21.66
CA GLU L 842 -71.50 -42.83 21.60
C GLU L 842 -71.41 -43.76 20.39
N ASN L 843 -71.09 -43.20 19.23
CA ASN L 843 -71.10 -44.00 18.00
C ASN L 843 -69.71 -44.56 17.67
N ASP L 844 -68.74 -43.69 17.45
CA ASP L 844 -67.39 -44.12 17.10
C ASP L 844 -66.60 -44.61 18.30
N GLY L 845 -67.12 -44.44 19.52
CA GLY L 845 -66.34 -44.80 20.68
C GLY L 845 -65.23 -43.80 20.92
N GLU L 846 -64.19 -44.26 21.61
CA GLU L 846 -63.03 -43.45 21.94
C GLU L 846 -61.79 -44.07 21.29
N MET L 847 -61.19 -43.35 20.34
CA MET L 847 -59.89 -43.77 19.82
C MET L 847 -58.82 -43.65 20.88
N TYR L 848 -58.99 -42.72 21.83
CA TYR L 848 -58.11 -42.58 22.97
C TYR L 848 -58.96 -42.37 24.22
N GLY L 849 -58.45 -42.83 25.35
CA GLY L 849 -59.21 -42.78 26.59
C GLY L 849 -59.33 -41.39 27.19
N ASN L 850 -58.50 -40.45 26.74
CA ASN L 850 -58.53 -39.10 27.27
C ASN L 850 -59.75 -38.30 26.79
N GLU L 851 -60.49 -38.81 25.81
CA GLU L 851 -61.61 -38.06 25.25
C GLU L 851 -62.71 -37.83 26.28
N ASN L 852 -63.00 -38.82 27.12
CA ASN L 852 -64.04 -38.66 28.13
C ASN L 852 -63.65 -37.61 29.17
N GLU L 853 -62.40 -37.64 29.63
CA GLU L 853 -61.93 -36.64 30.57
C GLU L 853 -61.93 -35.25 29.93
N VAL L 854 -61.58 -35.18 28.63
CA VAL L 854 -61.63 -33.90 27.93
C VAL L 854 -63.05 -33.40 27.83
N LEU L 855 -64.01 -34.30 27.63
CA LEU L 855 -65.41 -33.90 27.61
C LEU L 855 -65.87 -33.39 28.97
N ALA L 856 -65.44 -34.04 30.04
CA ALA L 856 -65.78 -33.55 31.38
C ALA L 856 -65.18 -32.17 31.63
N ALA L 857 -63.92 -31.96 31.24
CA ALA L 857 -63.29 -30.66 31.40
C ALA L 857 -63.98 -29.61 30.54
N LEU L 858 -64.44 -30.00 29.34
CA LEU L 858 -65.18 -29.07 28.49
C LEU L 858 -66.53 -28.71 29.12
N ASN L 859 -67.18 -29.66 29.76
CA ASN L 859 -68.41 -29.35 30.49
C ASN L 859 -68.13 -28.37 31.63
N GLY L 860 -67.02 -28.57 32.35
CA GLY L 860 -66.66 -27.63 33.39
C GLY L 860 -66.37 -26.23 32.85
N ALA L 861 -65.67 -26.16 31.71
CA ALA L 861 -65.38 -24.86 31.10
C ALA L 861 -66.65 -24.19 30.59
N TYR L 862 -67.57 -24.97 30.03
CA TYR L 862 -68.86 -24.43 29.61
C TYR L 862 -69.64 -23.89 30.80
N ASP L 863 -69.61 -24.60 31.92
CA ASP L 863 -70.26 -24.11 33.13
C ASP L 863 -69.60 -22.83 33.62
N LYS L 864 -68.27 -22.74 33.50
CA LYS L 864 -67.57 -21.52 33.89
C LYS L 864 -67.96 -20.34 33.01
N ALA L 865 -68.06 -20.56 31.70
CA ALA L 865 -68.49 -19.50 30.79
C ALA L 865 -69.94 -19.10 31.08
N LEU L 866 -70.79 -20.08 31.40
CA LEU L 866 -72.17 -19.77 31.77
C LEU L 866 -72.22 -18.98 33.07
N LEU L 867 -71.31 -19.26 34.01
CA LEU L 867 -71.25 -18.49 35.24
C LEU L 867 -70.79 -17.06 34.99
N ARG L 868 -69.84 -16.88 34.06
CA ARG L 868 -69.43 -15.53 33.67
C ARG L 868 -70.60 -14.77 33.05
N LEU L 869 -71.36 -15.43 32.17
CA LEU L 869 -72.54 -14.81 31.59
C LEU L 869 -73.60 -14.52 32.64
N PHE L 870 -73.70 -15.38 33.66
CA PHE L 870 -74.64 -15.13 34.75
C PHE L 870 -74.22 -13.92 35.57
N ALA L 871 -72.91 -13.76 35.78
CA ALA L 871 -72.43 -12.55 36.45
C ALA L 871 -72.71 -11.31 35.61
N SER L 872 -72.58 -11.42 34.28
CA SER L 872 -72.94 -10.31 33.41
C SER L 872 -74.42 -9.97 33.51
N ALA L 873 -75.27 -11.00 33.55
CA ALA L 873 -76.71 -10.77 33.72
C ALA L 873 -77.01 -10.16 35.09
N CYS L 874 -76.25 -10.56 36.11
CA CYS L 874 -76.39 -9.94 37.43
C CYS L 874 -76.02 -8.46 37.38
N SER L 875 -74.98 -8.12 36.62
CA SER L 875 -74.64 -6.72 36.42
C SER L 875 -75.76 -5.99 35.69
N ASP L 876 -76.41 -6.66 34.74
CA ASP L 876 -77.59 -6.10 34.09
C ASP L 876 -78.78 -6.00 35.05
N GLN L 877 -78.73 -6.76 36.16
CA GLN L 877 -79.78 -6.79 37.18
C GLN L 877 -81.07 -7.42 36.67
N ASN L 878 -81.00 -8.17 35.57
CA ASN L 878 -82.13 -8.91 35.05
C ASN L 878 -82.13 -10.29 35.71
N VAL L 879 -82.95 -10.44 36.75
CA VAL L 879 -83.03 -11.70 37.48
C VAL L 879 -83.53 -12.80 36.56
N GLU L 880 -84.43 -12.48 35.63
CA GLU L 880 -84.92 -13.48 34.69
C GLU L 880 -83.80 -14.01 33.80
N LYS L 881 -82.97 -13.12 33.26
CA LYS L 881 -81.87 -13.56 32.41
C LYS L 881 -80.83 -14.34 33.20
N ALA L 882 -80.54 -13.89 34.42
CA ALA L 882 -79.59 -14.61 35.26
C ALA L 882 -80.10 -16.01 35.60
N LEU L 883 -81.40 -16.12 35.90
CA LEU L 883 -82.00 -17.41 36.20
C LEU L 883 -82.00 -18.31 34.98
N SER L 884 -82.23 -17.74 33.78
CA SER L 884 -82.16 -18.54 32.57
C SER L 884 -80.75 -19.08 32.35
N LEU L 885 -79.74 -18.25 32.58
CA LEU L 885 -78.36 -18.74 32.47
C LEU L 885 -78.07 -19.83 33.49
N ALA L 886 -78.54 -19.65 34.73
CA ALA L 886 -78.32 -20.67 35.75
C ALA L 886 -79.03 -21.98 35.41
N HIS L 887 -80.23 -21.88 34.82
CA HIS L 887 -80.92 -23.07 34.36
C HIS L 887 -80.16 -23.75 33.22
N GLU L 888 -79.58 -22.95 32.32
CA GLU L 888 -78.76 -23.51 31.25
C GLU L 888 -77.49 -24.16 31.79
N LEU L 889 -77.03 -23.78 32.98
CA LEU L 889 -75.85 -24.40 33.57
C LEU L 889 -76.04 -25.90 33.71
N LYS L 890 -75.00 -26.66 33.37
CA LYS L 890 -75.12 -28.12 33.30
C LYS L 890 -75.00 -28.78 34.66
N GLN L 891 -74.12 -28.29 35.54
CA GLN L 891 -73.79 -28.95 36.78
C GLN L 891 -74.39 -28.22 37.97
N ASP L 892 -74.94 -28.98 38.92
CA ASP L 892 -75.40 -28.39 40.17
C ASP L 892 -74.24 -27.91 41.03
N ARG L 893 -73.08 -28.55 40.90
CA ARG L 893 -71.89 -28.03 41.58
C ARG L 893 -71.52 -26.65 41.05
N ALA L 894 -71.68 -26.44 39.74
CA ALA L 894 -71.53 -25.10 39.19
C ALA L 894 -72.69 -24.20 39.58
N LEU L 895 -73.88 -24.77 39.80
CA LEU L 895 -74.99 -23.98 40.30
C LEU L 895 -74.73 -23.46 41.70
N THR L 896 -73.89 -24.16 42.46
CA THR L 896 -73.46 -23.64 43.76
C THR L 896 -72.68 -22.33 43.58
N ALA L 897 -71.75 -22.31 42.61
CA ALA L 897 -71.05 -21.07 42.30
C ALA L 897 -72.01 -20.03 41.73
N ALA L 898 -73.03 -20.47 41.00
CA ALA L 898 -74.04 -19.53 40.50
C ALA L 898 -74.82 -18.88 41.64
N VAL L 899 -75.15 -19.66 42.67
CA VAL L 899 -75.84 -19.11 43.83
C VAL L 899 -74.93 -18.18 44.61
N LYS L 900 -73.64 -18.52 44.70
CA LYS L 900 -72.68 -17.60 45.32
C LYS L 900 -72.58 -16.31 44.54
N ILE L 901 -72.61 -16.39 43.21
CA ILE L 901 -72.57 -15.19 42.37
C ILE L 901 -73.84 -14.38 42.53
N SER L 902 -74.98 -15.05 42.70
CA SER L 902 -76.22 -14.34 42.95
C SER L 902 -76.19 -13.62 44.29
N GLU L 903 -75.60 -14.25 45.32
CA GLU L 903 -75.42 -13.59 46.60
C GLU L 903 -74.48 -12.39 46.46
N ARG L 904 -73.43 -12.54 45.64
CA ARG L 904 -72.56 -11.40 45.36
C ARG L 904 -73.31 -10.28 44.66
N ALA L 905 -74.24 -10.65 43.76
CA ALA L 905 -75.14 -9.70 43.14
C ALA L 905 -76.21 -9.19 44.10
N GLU L 906 -76.39 -9.86 45.24
CA GLU L 906 -77.33 -9.44 46.27
C GLU L 906 -78.75 -9.29 45.73
N LEU L 907 -79.15 -10.23 44.87
CA LEU L 907 -80.50 -10.25 44.36
C LEU L 907 -81.30 -11.30 45.10
N PRO L 908 -82.21 -10.92 46.00
CA PRO L 908 -82.98 -11.94 46.73
C PRO L 908 -83.79 -12.85 45.83
N SER L 909 -84.37 -12.32 44.75
CA SER L 909 -85.14 -13.15 43.83
C SER L 909 -84.25 -14.17 43.14
N LEU L 910 -83.07 -13.73 42.67
CA LEU L 910 -82.14 -14.66 42.04
C LEU L 910 -81.67 -15.72 43.01
N VAL L 911 -81.39 -15.34 44.26
CA VAL L 911 -80.94 -16.30 45.26
C VAL L 911 -82.03 -17.32 45.55
N LYS L 912 -83.27 -16.86 45.70
CA LYS L 912 -84.38 -17.77 45.98
C LYS L 912 -84.62 -18.71 44.81
N LYS L 913 -84.57 -18.20 43.58
CA LYS L 913 -84.74 -19.06 42.41
C LYS L 913 -83.61 -20.07 42.30
N ILE L 914 -82.39 -19.67 42.66
CA ILE L 914 -81.26 -20.58 42.63
C ILE L 914 -81.41 -21.66 43.70
N ASN L 915 -81.94 -21.30 44.86
CA ASN L 915 -82.20 -22.31 45.89
C ASN L 915 -83.27 -23.30 45.45
N ASN L 916 -84.32 -22.79 44.79
CA ASN L 916 -85.34 -23.68 44.25
C ASN L 916 -84.76 -24.60 43.18
N ILE L 917 -83.86 -24.07 42.35
CA ILE L 917 -83.20 -24.88 41.34
C ILE L 917 -82.30 -25.92 41.98
N ARG L 918 -81.65 -25.57 43.10
CA ARG L 918 -80.85 -26.55 43.83
C ARG L 918 -81.72 -27.68 44.36
N GLU L 919 -82.87 -27.34 44.91
CA GLU L 919 -83.81 -28.38 45.36
C GLU L 919 -84.28 -29.24 44.20
N ALA L 920 -84.57 -28.62 43.06
CA ALA L 920 -85.03 -29.37 41.88
C ALA L 920 -83.94 -30.31 41.36
N ARG L 921 -82.69 -29.83 41.29
CA ARG L 921 -81.60 -30.67 40.84
C ARG L 921 -81.33 -31.80 41.81
N TYR L 922 -81.48 -31.54 43.11
CA TYR L 922 -81.40 -32.61 44.10
C TYR L 922 -82.51 -33.63 43.88
N GLU L 923 -83.69 -33.17 43.47
CA GLU L 923 -84.79 -34.06 43.14
C GLU L 923 -84.52 -34.81 41.85
N PHE M 474 -80.32 -11.68 -6.47
CA PHE M 474 -81.58 -11.47 -5.75
C PHE M 474 -81.55 -10.14 -5.00
N ARG M 475 -82.69 -9.43 -5.03
CA ARG M 475 -82.78 -8.13 -4.38
C ARG M 475 -82.58 -8.25 -2.86
N TYR M 476 -83.14 -9.31 -2.25
CA TYR M 476 -83.05 -9.53 -0.81
C TYR M 476 -83.55 -8.32 -0.03
N MET M 477 -84.67 -7.75 -0.49
CA MET M 477 -85.24 -6.60 0.20
C MET M 477 -85.81 -7.04 1.56
N PRO M 478 -85.84 -6.13 2.53
CA PRO M 478 -86.37 -6.49 3.85
C PRO M 478 -87.83 -6.90 3.76
N PHE M 479 -88.20 -7.89 4.57
CA PHE M 479 -89.54 -8.46 4.55
C PHE M 479 -90.10 -8.52 5.96
N SER M 480 -91.36 -8.10 6.10
CA SER M 480 -92.10 -8.21 7.35
C SER M 480 -93.49 -8.74 7.03
N PRO M 481 -94.14 -9.40 7.98
CA PRO M 481 -95.50 -9.90 7.74
C PRO M 481 -96.46 -8.75 7.48
N ALA M 482 -97.20 -8.85 6.38
CA ALA M 482 -98.15 -7.82 5.96
C ALA M 482 -97.49 -6.45 5.82
N GLY M 483 -96.22 -6.43 5.41
CA GLY M 483 -95.53 -5.18 5.24
C GLY M 483 -96.00 -4.44 3.99
N THR M 484 -95.87 -3.12 4.02
CA THR M 484 -96.27 -2.29 2.90
C THR M 484 -95.20 -1.26 2.60
N PRO M 485 -95.06 -0.88 1.34
CA PRO M 485 -94.10 0.17 0.98
C PRO M 485 -94.63 1.55 1.35
N PHE M 486 -93.70 2.51 1.37
CA PHE M 486 -94.10 3.90 1.57
C PHE M 486 -95.00 4.38 0.44
N GLY M 487 -94.68 4.00 -0.80
CA GLY M 487 -95.50 4.37 -1.93
C GLY M 487 -95.62 5.87 -2.13
N PHE M 488 -94.50 6.59 -1.97
CA PHE M 488 -94.49 8.05 -2.00
C PHE M 488 -95.44 8.64 -0.94
N THR M 489 -95.58 7.93 0.18
CA THR M 489 -96.37 8.40 1.30
C THR M 489 -95.56 8.19 2.58
N ASP M 490 -95.69 9.15 3.51
CA ASP M 490 -94.89 9.09 4.73
C ASP M 490 -95.23 7.87 5.57
N ARG M 491 -96.49 7.43 5.56
CA ARG M 491 -96.93 6.30 6.36
C ARG M 491 -96.87 5.02 5.55
N ARG M 492 -96.29 3.98 6.14
CA ARG M 492 -96.27 2.64 5.56
C ARG M 492 -96.46 1.64 6.68
N TYR M 493 -97.31 0.64 6.43
CA TYR M 493 -97.64 -0.35 7.45
C TYR M 493 -96.51 -1.37 7.51
N LEU M 494 -95.72 -1.32 8.59
CA LEU M 494 -94.63 -2.28 8.75
C LEU M 494 -95.17 -3.69 8.94
N THR M 495 -96.28 -3.84 9.66
CA THR M 495 -96.85 -5.15 9.90
C THR M 495 -98.35 -5.02 10.17
N MET M 496 -99.05 -6.13 9.98
CA MET M 496 -100.46 -6.25 10.34
C MET M 496 -100.70 -7.68 10.82
N ASN M 497 -101.29 -7.81 12.01
CA ASN M 497 -101.50 -9.11 12.61
C ASN M 497 -102.76 -9.05 13.47
N GLU M 498 -103.16 -10.22 13.98
CA GLU M 498 -104.35 -10.30 14.82
C GLU M 498 -104.16 -9.49 16.11
N VAL M 499 -102.96 -9.55 16.69
CA VAL M 499 -102.69 -8.75 17.88
C VAL M 499 -102.71 -7.27 17.57
N GLY M 500 -102.21 -6.90 16.40
CA GLY M 500 -102.19 -5.50 16.00
C GLY M 500 -101.43 -5.31 14.70
N TYR M 501 -101.37 -4.05 14.28
CA TYR M 501 -100.70 -3.68 13.04
C TYR M 501 -99.66 -2.61 13.32
N VAL M 502 -98.43 -2.83 12.85
CA VAL M 502 -97.34 -1.88 13.02
C VAL M 502 -97.21 -1.05 11.77
N SER M 503 -97.11 0.27 11.94
CA SER M 503 -96.98 1.20 10.83
C SER M 503 -95.94 2.26 11.17
N THR M 504 -95.13 2.63 10.20
CA THR M 504 -94.07 3.62 10.38
C THR M 504 -94.39 4.87 9.57
N VAL M 505 -94.05 6.03 10.13
CA VAL M 505 -94.24 7.31 9.48
C VAL M 505 -92.87 7.87 9.10
N LYS M 506 -92.78 8.42 7.89
CA LYS M 506 -91.53 9.00 7.39
C LYS M 506 -91.39 10.42 7.95
N ASN M 507 -90.91 10.49 9.19
CA ASN M 507 -90.71 11.77 9.88
C ASN M 507 -89.35 12.35 9.46
N SER M 508 -89.29 12.76 8.19
CA SER M 508 -88.08 13.28 7.56
C SER M 508 -87.01 12.20 7.66
N GLU M 509 -85.79 12.52 8.10
CA GLU M 509 -84.77 11.48 8.26
C GLU M 509 -85.16 10.48 9.34
N GLN M 510 -85.80 10.95 10.40
CA GLN M 510 -86.29 10.07 11.44
C GLN M 510 -87.56 9.35 10.99
N TYR M 511 -88.01 8.39 11.80
CA TYR M 511 -89.21 7.63 11.50
C TYR M 511 -90.03 7.48 12.76
N SER M 512 -91.28 7.91 12.71
CA SER M 512 -92.20 7.79 13.84
C SER M 512 -92.91 6.44 13.72
N ILE M 513 -92.28 5.40 14.26
CA ILE M 513 -92.87 4.07 14.23
C ILE M 513 -94.07 4.00 15.16
N THR M 514 -95.11 3.30 14.72
CA THR M 514 -96.32 3.15 15.51
C THR M 514 -96.68 1.67 15.59
N VAL M 515 -97.15 1.24 16.75
CA VAL M 515 -97.59 -0.13 16.98
C VAL M 515 -99.07 -0.05 17.31
N SER M 516 -99.92 -0.13 16.28
CA SER M 516 -101.36 -0.05 16.46
C SER M 516 -101.90 -1.45 16.76
N PHE M 517 -102.59 -1.58 17.88
CA PHE M 517 -103.17 -2.85 18.27
C PHE M 517 -104.67 -2.85 17.94
N PHE M 518 -105.12 -3.91 17.26
CA PHE M 518 -106.53 -4.02 16.93
C PHE M 518 -107.39 -4.10 18.18
N ASP M 519 -106.87 -4.67 19.25
CA ASP M 519 -107.54 -4.71 20.55
C ASP M 519 -106.74 -3.85 21.52
N VAL M 520 -107.28 -2.68 21.86
CA VAL M 520 -106.58 -1.78 22.77
C VAL M 520 -106.46 -2.38 24.15
N GLY M 521 -107.46 -3.15 24.58
CA GLY M 521 -107.41 -3.74 25.91
C GLY M 521 -106.27 -4.73 26.08
N ARG M 522 -106.02 -5.55 25.07
CA ARG M 522 -104.90 -6.49 25.13
C ARG M 522 -103.56 -5.74 25.17
N PHE M 523 -103.44 -4.69 24.37
CA PHE M 523 -102.23 -3.87 24.36
C PHE M 523 -102.60 -2.49 23.82
N ARG M 524 -102.04 -1.46 24.45
CA ARG M 524 -102.35 -0.08 24.08
C ARG M 524 -101.38 0.41 23.02
N GLU M 525 -101.92 0.93 21.92
CA GLU M 525 -101.08 1.46 20.85
C GLU M 525 -100.31 2.68 21.34
N TYR M 526 -99.08 2.82 20.84
CA TYR M 526 -98.23 3.95 21.22
C TYR M 526 -97.32 4.31 20.05
N HIS M 527 -97.08 5.59 19.87
CA HIS M 527 -96.18 6.10 18.85
C HIS M 527 -94.84 6.43 19.48
N PHE M 528 -93.76 6.11 18.75
CA PHE M 528 -92.41 6.36 19.24
C PHE M 528 -91.51 6.67 18.06
N GLU M 529 -90.87 7.83 18.08
CA GLU M 529 -89.90 8.17 17.04
C GLU M 529 -88.72 7.22 17.11
N ASP M 530 -88.32 6.70 15.95
CA ASP M 530 -87.24 5.73 15.85
C ASP M 530 -86.16 6.28 14.93
N LEU M 531 -85.02 6.67 15.50
CA LEU M 531 -83.89 7.09 14.69
C LEU M 531 -83.37 5.95 13.83
N PHE M 532 -83.46 4.72 14.33
CA PHE M 532 -83.05 3.57 13.54
C PHE M 532 -83.95 3.40 12.31
N GLY M 533 -85.25 3.67 12.46
CA GLY M 533 -86.18 3.50 11.37
C GLY M 533 -86.24 2.07 10.88
N TYR M 534 -86.32 1.13 11.82
CA TYR M 534 -86.25 -0.29 11.52
C TYR M 534 -87.28 -0.69 10.47
N ASP M 535 -86.80 -1.12 9.31
CA ASP M 535 -87.65 -1.50 8.20
C ASP M 535 -88.17 -2.93 8.31
N LEU M 536 -87.63 -3.72 9.22
CA LEU M 536 -88.11 -5.07 9.48
C LEU M 536 -88.82 -5.08 10.83
N CYS M 537 -90.02 -5.65 10.87
CA CYS M 537 -90.82 -5.66 12.08
C CYS M 537 -91.59 -6.98 12.18
N PHE M 538 -91.74 -7.46 13.41
CA PHE M 538 -92.52 -8.65 13.70
C PHE M 538 -93.31 -8.40 14.98
N LEU M 539 -94.57 -8.84 14.98
CA LEU M 539 -95.49 -8.57 16.09
C LEU M 539 -95.78 -9.87 16.83
N ASN M 540 -95.47 -9.88 18.13
CA ASN M 540 -95.88 -10.93 19.04
C ASN M 540 -96.52 -10.28 20.26
N GLU M 541 -97.45 -11.01 20.88
CA GLU M 541 -98.23 -10.43 21.97
C GLU M 541 -97.34 -9.96 23.11
N LYS M 542 -96.28 -10.72 23.41
CA LYS M 542 -95.34 -10.30 24.44
C LYS M 542 -94.57 -9.06 24.01
N GLY M 543 -94.24 -8.94 22.72
CA GLY M 543 -93.50 -7.79 22.26
C GLY M 543 -93.38 -7.75 20.76
N THR M 544 -93.16 -6.54 20.25
CA THR M 544 -92.98 -6.31 18.82
C THR M 544 -91.49 -6.24 18.50
N LEU M 545 -91.07 -7.05 17.52
CA LEU M 545 -89.69 -7.00 17.06
C LEU M 545 -89.51 -5.91 16.02
N PHE M 546 -88.31 -5.35 15.98
CA PHE M 546 -87.95 -4.34 14.99
C PHE M 546 -86.49 -4.53 14.62
N GLY M 547 -86.18 -4.33 13.34
CA GLY M 547 -84.82 -4.47 12.86
C GLY M 547 -84.62 -3.73 11.56
N GLN M 548 -83.38 -3.34 11.31
CA GLN M 548 -83.00 -2.65 10.08
C GLN M 548 -82.02 -3.53 9.32
N SER M 549 -82.30 -3.75 8.03
CA SER M 549 -81.47 -4.64 7.24
C SER M 549 -80.05 -4.11 7.10
N LYS M 550 -79.90 -2.80 6.88
CA LYS M 550 -78.57 -2.23 6.66
C LYS M 550 -77.77 -2.18 7.96
N THR M 551 -78.39 -1.73 9.05
CA THR M 551 -77.66 -1.55 10.30
C THR M 551 -77.24 -2.88 10.92
N GLY M 552 -78.06 -3.92 10.74
CA GLY M 552 -77.80 -5.17 11.42
C GLY M 552 -78.19 -5.18 12.88
N GLN M 553 -78.81 -4.12 13.37
CA GLN M 553 -79.24 -4.01 14.75
C GLN M 553 -80.75 -4.20 14.84
N ILE M 554 -81.19 -4.86 15.90
CA ILE M 554 -82.61 -5.18 16.11
C ILE M 554 -83.01 -4.69 17.49
N GLN M 555 -84.16 -4.00 17.55
CA GLN M 555 -84.72 -3.53 18.81
C GLN M 555 -86.06 -4.22 19.05
N TYR M 556 -86.15 -4.97 20.15
CA TYR M 556 -87.37 -5.67 20.52
C TYR M 556 -88.06 -4.88 21.63
N ARG M 557 -89.21 -4.31 21.32
CA ARG M 557 -89.96 -3.52 22.30
C ARG M 557 -91.16 -4.31 22.79
N PRO M 558 -91.16 -4.78 24.03
CA PRO M 558 -92.31 -5.54 24.53
C PRO M 558 -93.57 -4.68 24.60
N HIS M 559 -94.70 -5.29 24.27
CA HIS M 559 -95.98 -4.60 24.42
C HIS M 559 -96.28 -4.31 25.88
N ASP M 560 -95.99 -5.25 26.77
CA ASP M 560 -96.16 -5.03 28.19
C ASP M 560 -95.14 -4.01 28.69
N SER M 561 -95.61 -3.08 29.52
CA SER M 561 -94.72 -2.07 30.07
C SER M 561 -93.72 -2.69 31.05
N ILE M 562 -94.11 -3.74 31.75
CA ILE M 562 -93.21 -4.39 32.72
C ILE M 562 -92.00 -4.97 32.01
N HIS M 563 -92.22 -5.59 30.85
CA HIS M 563 -91.12 -6.14 30.06
C HIS M 563 -90.46 -5.01 29.28
N SER M 564 -89.16 -4.84 29.48
CA SER M 564 -88.45 -3.69 28.91
C SER M 564 -88.05 -3.94 27.47
N ASN M 565 -87.98 -2.85 26.70
CA ASN M 565 -87.47 -2.92 25.34
C ASN M 565 -85.96 -3.13 25.37
N TRP M 566 -85.47 -3.98 24.47
CA TRP M 566 -84.05 -4.28 24.37
C TRP M 566 -83.62 -4.25 22.92
N THR M 567 -82.38 -3.80 22.70
CA THR M 567 -81.80 -3.70 21.36
C THR M 567 -80.56 -4.56 21.29
N LYS M 568 -80.35 -5.20 20.14
CA LYS M 568 -79.20 -6.06 19.92
C LYS M 568 -78.60 -5.74 18.55
N ILE M 569 -77.28 -5.61 18.51
CA ILE M 569 -76.54 -5.38 17.28
C ILE M 569 -75.97 -6.71 16.80
N ILE M 570 -76.27 -7.08 15.56
CA ILE M 570 -75.79 -8.34 15.00
C ILE M 570 -74.80 -8.02 13.88
N PRO M 571 -73.69 -8.75 13.79
CA PRO M 571 -72.72 -8.47 12.72
C PRO M 571 -73.33 -8.68 11.34
N LEU M 572 -72.91 -7.85 10.39
CA LEU M 572 -73.36 -7.96 9.00
C LEU M 572 -72.15 -7.78 8.11
N GLN M 573 -71.79 -8.84 7.39
CA GLN M 573 -70.67 -8.76 6.47
C GLN M 573 -71.01 -7.84 5.30
N ALA M 574 -70.00 -7.48 4.53
CA ALA M 574 -70.21 -6.64 3.36
C ALA M 574 -71.18 -7.32 2.40
N GLY M 575 -72.29 -6.65 2.10
CA GLY M 575 -73.35 -7.24 1.31
C GLY M 575 -74.35 -8.07 2.10
N GLU M 576 -74.18 -8.21 3.40
CA GLU M 576 -75.10 -8.95 4.24
C GLU M 576 -76.11 -8.00 4.88
N ARG M 577 -77.36 -8.44 4.94
CA ARG M 577 -78.43 -7.63 5.51
C ARG M 577 -79.50 -8.55 6.08
N ILE M 578 -80.29 -8.02 7.01
CA ILE M 578 -81.36 -8.77 7.66
C ILE M 578 -82.55 -8.77 6.71
N THR M 579 -82.70 -9.83 5.93
CA THR M 579 -83.76 -9.88 4.94
C THR M 579 -85.14 -10.03 5.58
N SER M 580 -85.24 -10.72 6.70
CA SER M 580 -86.52 -10.92 7.36
C SER M 580 -86.29 -11.22 8.83
N VAL M 581 -87.35 -11.07 9.62
CA VAL M 581 -87.29 -11.30 11.06
C VAL M 581 -88.58 -12.00 11.50
N ALA M 582 -88.45 -12.92 12.45
CA ALA M 582 -89.59 -13.59 13.07
C ALA M 582 -89.45 -13.49 14.58
N ALA M 583 -90.56 -13.21 15.25
CA ALA M 583 -90.57 -13.00 16.69
C ALA M 583 -91.65 -13.83 17.34
N THR M 584 -91.29 -14.55 18.39
CA THR M 584 -92.21 -15.28 19.25
C THR M 584 -91.83 -14.99 20.70
N PRO M 585 -92.78 -15.12 21.63
CA PRO M 585 -92.45 -14.85 23.04
C PRO M 585 -91.35 -15.75 23.58
N VAL M 586 -91.28 -17.00 23.11
CA VAL M 586 -90.25 -17.92 23.57
C VAL M 586 -88.96 -17.75 22.79
N ARG M 587 -89.06 -17.52 21.47
CA ARG M 587 -87.88 -17.44 20.62
C ARG M 587 -87.98 -16.23 19.70
N VAL M 588 -86.87 -15.49 19.58
CA VAL M 588 -86.75 -14.40 18.64
C VAL M 588 -85.78 -14.84 17.54
N ILE M 589 -86.21 -14.74 16.29
CA ILE M 589 -85.46 -15.26 15.16
C ILE M 589 -84.97 -14.10 14.30
N VAL M 590 -83.81 -14.29 13.70
CA VAL M 590 -83.20 -13.31 12.80
C VAL M 590 -82.69 -14.02 11.56
N GLY M 591 -83.08 -13.53 10.40
CA GLY M 591 -82.61 -14.07 9.12
C GLY M 591 -81.82 -13.02 8.37
N THR M 592 -80.77 -13.47 7.70
CA THR M 592 -79.86 -12.57 7.01
C THR M 592 -79.80 -12.91 5.52
N SER M 593 -79.40 -11.92 4.73
CA SER M 593 -79.28 -12.12 3.29
C SER M 593 -78.21 -13.15 2.95
N LEU M 594 -77.13 -13.21 3.74
CA LEU M 594 -76.08 -14.20 3.51
C LEU M 594 -76.50 -15.60 3.88
N GLY M 595 -77.65 -15.78 4.52
CA GLY M 595 -78.13 -17.09 4.91
C GLY M 595 -77.75 -17.53 6.30
N TYR M 596 -76.94 -16.75 7.01
CA TYR M 596 -76.59 -17.08 8.39
C TYR M 596 -77.83 -17.01 9.27
N PHE M 597 -78.05 -18.06 10.05
CA PHE M 597 -79.21 -18.13 10.95
C PHE M 597 -78.76 -17.80 12.37
N ARG M 598 -79.53 -16.95 13.03
CA ARG M 598 -79.24 -16.53 14.40
C ARG M 598 -80.52 -16.54 15.22
N SER M 599 -80.41 -16.94 16.47
CA SER M 599 -81.54 -16.98 17.39
C SER M 599 -81.17 -16.25 18.67
N PHE M 600 -82.13 -15.51 19.21
CA PHE M 600 -81.93 -14.74 20.44
C PHE M 600 -83.14 -14.89 21.33
N ASN M 601 -82.92 -14.76 22.64
CA ASN M 601 -83.99 -14.83 23.61
C ASN M 601 -84.68 -13.47 23.74
N GLN M 602 -85.84 -13.47 24.39
CA GLN M 602 -86.56 -12.22 24.62
C GLN M 602 -85.75 -11.26 25.48
N PHE M 603 -84.85 -11.79 26.31
CA PHE M 603 -83.94 -10.96 27.09
C PHE M 603 -82.83 -10.35 26.22
N GLY M 604 -82.67 -10.81 24.98
CA GLY M 604 -81.66 -10.31 24.09
C GLY M 604 -80.42 -11.19 23.95
N VAL M 605 -80.28 -12.20 24.80
CA VAL M 605 -79.11 -13.07 24.72
C VAL M 605 -79.24 -13.98 23.49
N PRO M 606 -78.24 -14.01 22.60
CA PRO M 606 -78.29 -14.98 21.51
C PRO M 606 -78.26 -16.41 22.04
N PHE M 607 -79.00 -17.29 21.36
CA PHE M 607 -79.13 -18.68 21.81
C PHE M 607 -78.75 -19.70 20.75
N ALA M 608 -78.73 -19.33 19.47
CA ALA M 608 -78.36 -20.27 18.42
C ALA M 608 -77.85 -19.50 17.22
N VAL M 609 -76.83 -20.06 16.57
CA VAL M 609 -76.26 -19.50 15.35
C VAL M 609 -76.01 -20.64 14.37
N GLU M 610 -76.27 -20.38 13.09
CA GLU M 610 -76.11 -21.40 12.07
C GLU M 610 -76.02 -20.73 10.71
N LYS M 611 -75.58 -21.51 9.73
CA LYS M 611 -75.58 -21.10 8.33
C LYS M 611 -76.65 -21.90 7.59
N THR M 612 -77.48 -21.20 6.82
CA THR M 612 -78.56 -21.82 6.07
C THR M 612 -78.65 -21.15 4.71
N SER M 613 -79.65 -21.56 3.93
CA SER M 613 -79.91 -20.91 2.66
C SER M 613 -80.34 -19.47 2.90
N PRO M 614 -80.10 -18.58 1.92
CA PRO M 614 -80.42 -17.16 2.13
C PRO M 614 -81.87 -16.95 2.52
N ILE M 615 -82.08 -16.50 3.76
CA ILE M 615 -83.43 -16.29 4.27
C ILE M 615 -84.08 -15.14 3.50
N VAL M 616 -85.33 -15.34 3.09
CA VAL M 616 -86.08 -14.28 2.42
C VAL M 616 -87.36 -13.93 3.15
N ALA M 617 -87.92 -14.82 3.95
CA ALA M 617 -89.12 -14.53 4.74
C ALA M 617 -89.07 -15.39 6.00
N LEU M 618 -89.55 -14.82 7.11
CA LEU M 618 -89.54 -15.52 8.39
C LEU M 618 -90.87 -15.33 9.10
N THR M 619 -91.43 -16.42 9.61
CA THR M 619 -92.66 -16.37 10.39
C THR M 619 -92.59 -17.47 11.44
N ALA M 620 -92.78 -17.10 12.70
CA ALA M 620 -92.68 -18.05 13.79
C ALA M 620 -93.78 -17.81 14.81
N GLN M 621 -94.35 -18.91 15.31
CA GLN M 621 -95.38 -18.86 16.34
C GLN M 621 -95.21 -20.05 17.26
N ASN M 622 -95.37 -19.82 18.56
CA ASN M 622 -95.19 -20.86 19.59
C ASN M 622 -93.81 -21.51 19.47
N TYR M 623 -92.80 -20.67 19.19
CA TYR M 623 -91.42 -21.13 19.00
C TYR M 623 -91.31 -22.16 17.88
N ARG M 624 -92.20 -22.09 16.89
CA ARG M 624 -92.14 -22.94 15.70
C ARG M 624 -91.74 -22.06 14.54
N VAL M 625 -90.54 -22.28 14.01
CA VAL M 625 -89.97 -21.41 12.99
C VAL M 625 -90.34 -21.92 11.61
N PHE M 626 -90.96 -21.07 10.80
CA PHE M 626 -91.23 -21.35 9.40
C PHE M 626 -90.59 -20.24 8.57
N SER M 627 -89.65 -20.62 7.71
CA SER M 627 -88.87 -19.65 6.95
C SER M 627 -88.83 -20.04 5.48
N VAL M 628 -88.81 -19.03 4.63
CA VAL M 628 -88.64 -19.21 3.19
C VAL M 628 -87.20 -18.87 2.84
N HIS M 629 -86.65 -19.58 1.86
CA HIS M 629 -85.26 -19.39 1.45
C HIS M 629 -85.18 -19.37 -0.06
N TYR M 630 -84.55 -18.32 -0.60
CA TYR M 630 -84.41 -18.18 -2.05
C TYR M 630 -83.00 -17.72 -2.39
N SER M 631 -82.43 -18.31 -3.44
CA SER M 631 -81.14 -17.91 -3.96
C SER M 631 -81.11 -18.21 -5.45
N GLN M 632 -80.24 -17.49 -6.17
CA GLN M 632 -80.16 -17.70 -7.61
C GLN M 632 -79.68 -19.11 -7.95
N PHE M 633 -78.89 -19.72 -7.08
CA PHE M 633 -78.39 -21.08 -7.30
C PHE M 633 -79.39 -22.12 -6.78
N HIS M 634 -79.71 -22.05 -5.48
CA HIS M 634 -80.61 -23.03 -4.90
C HIS M 634 -82.04 -22.88 -5.40
N GLY M 635 -82.47 -21.66 -5.70
CA GLY M 635 -83.85 -21.42 -6.07
C GLY M 635 -84.72 -21.19 -4.85
N LEU M 636 -86.02 -21.03 -5.11
CA LEU M 636 -86.98 -20.85 -4.04
C LEU M 636 -87.06 -22.10 -3.18
N SER M 637 -87.15 -21.89 -1.86
CA SER M 637 -87.20 -22.99 -0.91
C SER M 637 -87.77 -22.48 0.40
N TYR M 638 -88.06 -23.40 1.31
CA TYR M 638 -88.63 -23.04 2.60
C TYR M 638 -88.25 -24.09 3.63
N SER M 639 -87.99 -23.63 4.86
CA SER M 639 -87.62 -24.49 5.97
C SER M 639 -88.66 -24.38 7.08
N LEU M 640 -89.18 -25.52 7.51
CA LEU M 640 -90.14 -25.59 8.61
C LEU M 640 -89.48 -26.24 9.81
N SER M 641 -89.58 -25.58 10.97
CA SER M 641 -88.89 -26.06 12.16
C SER M 641 -89.73 -25.80 13.40
N GLU M 642 -89.49 -26.59 14.43
CA GLU M 642 -90.09 -26.42 15.74
C GLU M 642 -88.98 -26.47 16.79
N LEU M 643 -89.06 -25.60 17.79
CA LEU M 643 -88.00 -25.47 18.78
C LEU M 643 -88.18 -26.54 19.85
N GLY M 644 -87.43 -27.62 19.73
CA GLY M 644 -87.32 -28.55 20.83
C GLY M 644 -86.53 -27.96 21.99
N THR M 645 -86.74 -28.54 23.17
CA THR M 645 -86.12 -27.97 24.37
C THR M 645 -84.60 -28.00 24.27
N SER M 646 -84.03 -29.10 23.76
CA SER M 646 -82.59 -29.16 23.57
C SER M 646 -82.14 -28.25 22.43
N SER M 647 -82.83 -28.30 21.31
CA SER M 647 -82.53 -27.46 20.14
C SER M 647 -83.71 -27.52 19.20
N LYS M 648 -83.77 -26.53 18.30
CA LYS M 648 -84.83 -26.51 17.29
C LYS M 648 -84.66 -27.67 16.32
N ARG M 649 -85.78 -28.31 15.98
CA ARG M 649 -85.80 -29.42 15.04
C ARG M 649 -86.50 -28.99 13.76
N TYR M 650 -85.85 -29.22 12.63
CA TYR M 650 -86.37 -28.80 11.33
C TYR M 650 -87.29 -29.91 10.79
N TYR M 651 -88.60 -29.68 10.88
CA TYR M 651 -89.55 -30.60 10.28
C TYR M 651 -89.37 -30.65 8.76
N LYS M 652 -89.04 -29.51 8.16
CA LYS M 652 -88.65 -29.43 6.76
C LYS M 652 -87.56 -28.39 6.64
N ARG M 653 -86.54 -28.67 5.83
CA ARG M 653 -85.38 -27.79 5.71
C ARG M 653 -85.18 -27.44 4.24
N GLU M 654 -85.36 -26.16 3.90
CA GLU M 654 -85.11 -25.65 2.55
C GLU M 654 -85.88 -26.43 1.49
N CYS M 655 -87.07 -26.90 1.86
CA CYS M 655 -87.89 -27.64 0.90
C CYS M 655 -88.44 -26.71 -0.16
N PRO M 656 -88.60 -27.19 -1.39
CA PRO M 656 -89.11 -26.32 -2.47
C PRO M 656 -90.51 -25.82 -2.17
N LEU M 657 -90.79 -24.58 -2.58
CA LEU M 657 -92.06 -23.93 -2.32
C LEU M 657 -92.90 -23.89 -3.59
N PRO M 658 -94.11 -24.46 -3.58
CA PRO M 658 -94.95 -24.41 -4.79
C PRO M 658 -95.30 -23.00 -5.24
N MET M 659 -95.35 -22.04 -4.32
CA MET M 659 -95.76 -20.69 -4.67
C MET M 659 -94.79 -20.05 -5.65
N SER M 660 -95.33 -19.23 -6.56
CA SER M 660 -94.56 -18.58 -7.60
C SER M 660 -94.44 -17.10 -7.32
N LEU M 661 -93.25 -16.54 -7.60
CA LEU M 661 -93.01 -15.13 -7.40
C LEU M 661 -93.69 -14.29 -8.48
N PRO M 662 -94.00 -13.03 -8.17
CA PRO M 662 -94.58 -12.16 -9.20
C PRO M 662 -93.59 -11.89 -10.32
N ASN M 663 -94.13 -11.70 -11.52
CA ASN M 663 -93.32 -11.44 -12.70
C ASN M 663 -92.86 -9.98 -12.73
N LYS M 670 -101.25 -1.89 -12.42
CA LYS M 670 -100.07 -2.56 -12.92
C LYS M 670 -98.80 -1.94 -12.34
N ASP M 671 -98.69 -0.61 -12.46
CA ASP M 671 -97.52 0.09 -11.92
C ASP M 671 -97.43 -0.04 -10.41
N ALA M 672 -98.57 -0.01 -9.72
CA ALA M 672 -98.57 -0.22 -8.28
C ALA M 672 -98.11 -1.64 -7.93
N ASN M 673 -98.51 -2.61 -8.75
CA ASN M 673 -98.02 -3.98 -8.54
C ASN M 673 -96.51 -4.06 -8.72
N LEU M 674 -95.97 -3.35 -9.72
CA LEU M 674 -94.53 -3.33 -9.90
C LEU M 674 -93.82 -2.66 -8.73
N ASP M 675 -94.40 -1.57 -8.20
CA ASP M 675 -93.82 -0.92 -7.03
C ASP M 675 -93.84 -1.84 -5.81
N TYR M 676 -94.96 -2.54 -5.61
CA TYR M 676 -95.03 -3.49 -4.50
C TYR M 676 -94.07 -4.65 -4.68
N TYR M 677 -93.80 -5.04 -5.93
CA TYR M 677 -92.82 -6.09 -6.18
C TYR M 677 -91.40 -5.58 -5.93
N ASN M 678 -91.13 -4.32 -6.27
CA ASN M 678 -89.83 -3.73 -5.95
C ASN M 678 -89.62 -3.66 -4.45
N PHE M 679 -90.68 -3.33 -3.70
CA PHE M 679 -90.60 -3.32 -2.24
C PHE M 679 -90.44 -4.74 -1.69
N ASN M 680 -91.18 -5.70 -2.25
CA ASN M 680 -91.16 -7.09 -1.80
C ASN M 680 -90.96 -7.98 -3.03
N PRO M 681 -89.71 -8.31 -3.37
CA PRO M 681 -89.48 -9.08 -4.60
C PRO M 681 -90.19 -10.42 -4.62
N MET M 682 -90.33 -11.08 -3.46
CA MET M 682 -91.09 -12.33 -3.43
C MET M 682 -92.55 -12.11 -3.75
N GLY M 683 -93.08 -10.92 -3.46
CA GLY M 683 -94.48 -10.62 -3.69
C GLY M 683 -95.42 -11.17 -2.64
N ILE M 684 -94.89 -11.85 -1.61
CA ILE M 684 -95.74 -12.40 -0.58
C ILE M 684 -96.31 -11.27 0.26
N LYS M 685 -97.64 -11.13 0.25
CA LYS M 685 -98.27 -10.07 1.03
C LYS M 685 -98.02 -10.28 2.52
N SER M 686 -98.10 -11.52 2.99
CA SER M 686 -97.84 -11.82 4.39
C SER M 686 -97.48 -13.29 4.53
N LEU M 687 -96.74 -13.60 5.60
CA LEU M 687 -96.42 -14.97 5.96
C LEU M 687 -96.80 -15.18 7.42
N PHE M 688 -97.56 -16.24 7.68
CA PHE M 688 -98.04 -16.49 9.03
C PHE M 688 -98.46 -17.94 9.17
N PHE M 689 -98.22 -18.51 10.35
CA PHE M 689 -98.72 -19.84 10.65
C PHE M 689 -100.23 -19.79 10.89
N SER M 690 -100.89 -20.91 10.62
CA SER M 690 -102.32 -20.99 10.91
C SER M 690 -102.54 -21.05 12.42
N SER M 691 -103.77 -20.75 12.83
CA SER M 691 -104.12 -20.76 14.25
C SER M 691 -103.89 -22.13 14.87
N TYR M 692 -104.00 -23.20 14.08
CA TYR M 692 -103.73 -24.55 14.55
C TYR M 692 -102.26 -24.93 14.42
N GLY M 693 -101.40 -23.99 14.00
CA GLY M 693 -99.99 -24.26 13.83
C GLY M 693 -99.60 -24.75 12.45
N ASP M 694 -100.56 -24.99 11.57
CA ASP M 694 -100.24 -25.41 10.21
C ASP M 694 -99.60 -24.25 9.45
N PRO M 695 -98.48 -24.47 8.76
CA PRO M 695 -97.89 -23.39 7.98
C PRO M 695 -98.84 -22.92 6.87
N CYS M 696 -98.86 -21.61 6.66
CA CYS M 696 -99.72 -21.01 5.64
C CYS M 696 -99.02 -19.80 5.07
N ILE M 697 -99.42 -19.42 3.86
CA ILE M 697 -98.81 -18.29 3.15
C ILE M 697 -99.81 -17.74 2.16
N PHE M 698 -99.70 -16.44 1.90
CA PHE M 698 -100.50 -15.76 0.89
C PHE M 698 -99.57 -15.30 -0.22
N GLY M 699 -99.87 -15.71 -1.46
CA GLY M 699 -98.99 -15.42 -2.57
C GLY M 699 -99.25 -14.06 -3.20
N SER M 700 -98.37 -13.70 -4.14
CA SER M 700 -98.55 -12.47 -4.89
C SER M 700 -99.79 -12.54 -5.79
N ASP M 701 -100.15 -13.75 -6.23
CA ASP M 701 -101.37 -13.95 -6.99
C ASP M 701 -102.61 -13.99 -6.10
N ASN M 702 -102.45 -13.79 -4.79
CA ASN M 702 -103.49 -13.76 -3.77
C ASN M 702 -104.04 -15.14 -3.45
N THR M 703 -103.59 -16.19 -4.12
CA THR M 703 -103.99 -17.54 -3.75
C THR M 703 -103.38 -17.91 -2.40
N LEU M 704 -104.18 -18.56 -1.56
CA LEU M 704 -103.73 -18.96 -0.23
C LEU M 704 -103.34 -20.43 -0.24
N LEU M 705 -102.13 -20.70 0.21
CA LEU M 705 -101.60 -22.05 0.31
C LEU M 705 -101.37 -22.40 1.76
N LEU M 706 -101.83 -23.59 2.17
CA LEU M 706 -101.68 -24.06 3.54
C LEU M 706 -101.14 -25.49 3.53
N LEU M 707 -100.04 -25.72 4.22
CA LEU M 707 -99.47 -27.06 4.30
C LEU M 707 -100.38 -27.95 5.13
N SER M 708 -100.56 -29.18 4.68
CA SER M 708 -101.33 -30.19 5.38
C SER M 708 -100.43 -31.33 5.81
N LYS M 709 -100.73 -31.90 6.98
CA LYS M 709 -99.92 -32.97 7.58
C LYS M 709 -98.46 -32.54 7.72
N TRP M 710 -98.25 -31.28 8.10
CA TRP M 710 -96.90 -30.76 8.26
C TRP M 710 -96.14 -31.47 9.37
N ARG M 711 -96.86 -32.02 10.35
CA ARG M 711 -96.21 -32.78 11.42
C ARG M 711 -95.57 -34.06 10.90
N SER M 712 -96.02 -34.57 9.75
CA SER M 712 -95.42 -35.74 9.12
C SER M 712 -94.76 -35.31 7.82
N PRO M 713 -93.43 -35.13 7.79
CA PRO M 713 -92.80 -34.57 6.58
C PRO M 713 -93.01 -35.41 5.32
N GLU M 714 -93.04 -36.73 5.45
CA GLU M 714 -93.17 -37.57 4.26
C GLU M 714 -94.54 -37.41 3.63
N GLU M 715 -95.60 -37.41 4.43
CA GLU M 715 -96.97 -37.28 3.94
C GLU M 715 -97.45 -35.84 3.90
N SER M 716 -96.60 -34.87 4.27
CA SER M 716 -97.00 -33.48 4.24
C SER M 716 -97.32 -33.05 2.81
N LYS M 717 -98.44 -32.35 2.65
CA LYS M 717 -98.89 -31.92 1.34
C LYS M 717 -99.44 -30.49 1.42
N TRP M 718 -99.05 -29.67 0.45
CA TRP M 718 -99.56 -28.31 0.37
C TRP M 718 -101.02 -28.33 -0.11
N LEU M 719 -101.78 -27.35 0.34
CA LEU M 719 -103.19 -27.22 -0.04
C LEU M 719 -103.49 -25.78 -0.44
N PRO M 720 -103.82 -25.53 -1.70
CA PRO M 720 -104.32 -24.19 -2.07
C PRO M 720 -105.74 -24.01 -1.57
N ILE M 721 -105.89 -23.88 -0.25
CA ILE M 721 -107.19 -24.00 0.38
C ILE M 721 -108.12 -22.86 -0.05
N LEU M 722 -107.59 -21.64 -0.16
CA LEU M 722 -108.40 -20.46 -0.45
C LEU M 722 -107.84 -19.75 -1.67
N ASP M 723 -108.73 -19.40 -2.60
CA ASP M 723 -108.40 -18.59 -3.77
C ASP M 723 -109.10 -17.25 -3.60
N SER M 724 -108.34 -16.25 -3.11
CA SER M 724 -108.92 -14.95 -2.83
C SER M 724 -109.45 -14.28 -4.08
N ASN M 725 -108.73 -14.43 -5.20
CA ASN M 725 -109.19 -13.86 -6.47
C ASN M 725 -110.51 -14.51 -6.90
N MET M 726 -110.64 -15.83 -6.70
CA MET M 726 -111.89 -16.50 -7.03
C MET M 726 -113.04 -15.98 -6.17
N GLU M 727 -112.79 -15.75 -4.88
CA GLU M 727 -113.83 -15.21 -4.01
C GLU M 727 -114.21 -13.80 -4.42
N ILE M 728 -113.23 -12.98 -4.83
CA ILE M 728 -113.52 -11.63 -5.29
C ILE M 728 -114.36 -11.67 -6.56
N TRP M 729 -114.01 -12.56 -7.49
CA TRP M 729 -114.78 -12.71 -8.72
C TRP M 729 -116.21 -13.18 -8.42
N LYS M 730 -116.35 -14.08 -7.44
CA LYS M 730 -117.69 -14.56 -7.07
C LYS M 730 -118.52 -13.45 -6.47
N MET M 731 -117.96 -12.70 -5.53
CA MET M 731 -118.68 -11.58 -4.91
C MET M 731 -118.97 -10.47 -5.91
N SER M 732 -118.17 -10.35 -6.96
CA SER M 732 -118.37 -9.32 -7.97
C SER M 732 -119.33 -9.74 -9.07
N GLY M 733 -119.93 -10.92 -8.97
CA GLY M 733 -120.91 -11.36 -9.95
C GLY M 733 -120.35 -11.77 -11.29
N GLY M 734 -119.17 -12.39 -11.29
CA GLY M 734 -118.57 -12.84 -12.53
C GLY M 734 -117.76 -11.79 -13.28
N LYS M 735 -117.58 -10.61 -12.71
CA LYS M 735 -116.81 -9.54 -13.34
C LYS M 735 -115.56 -9.28 -12.51
N GLU M 736 -114.40 -9.35 -13.16
CA GLU M 736 -113.15 -9.04 -12.48
C GLU M 736 -113.07 -7.56 -12.16
N THR M 737 -112.63 -7.24 -10.94
CA THR M 737 -112.50 -5.87 -10.48
C THR M 737 -111.06 -5.63 -10.03
N THR M 738 -110.39 -4.69 -10.69
CA THR M 738 -108.99 -4.41 -10.37
C THR M 738 -108.83 -3.60 -9.09
N ASP M 739 -109.79 -2.72 -8.79
CA ASP M 739 -109.64 -1.81 -7.64
C ASP M 739 -109.59 -2.59 -6.33
N ILE M 740 -110.43 -3.63 -6.19
CA ILE M 740 -110.49 -4.38 -4.95
C ILE M 740 -109.18 -5.14 -4.73
N HIS M 741 -108.69 -5.09 -3.49
CA HIS M 741 -107.49 -5.83 -3.10
C HIS M 741 -107.65 -6.32 -1.67
N VAL M 742 -107.14 -7.52 -1.40
CA VAL M 742 -107.23 -8.14 -0.09
C VAL M 742 -105.83 -8.26 0.48
N TRP M 743 -105.60 -7.65 1.64
CA TRP M 743 -104.32 -7.69 2.31
C TRP M 743 -104.39 -8.68 3.46
N PRO M 744 -103.68 -9.81 3.40
CA PRO M 744 -103.80 -10.81 4.46
C PRO M 744 -103.29 -10.31 5.80
N LEU M 745 -103.94 -10.78 6.87
CA LEU M 745 -103.49 -10.52 8.24
C LEU M 745 -103.09 -11.80 8.95
N ALA M 746 -103.97 -12.78 9.03
CA ALA M 746 -103.70 -14.06 9.69
C ALA M 746 -104.75 -15.06 9.26
N LEU M 747 -104.60 -16.29 9.74
CA LEU M 747 -105.54 -17.37 9.44
C LEU M 747 -106.05 -17.98 10.75
N ALA M 748 -107.34 -18.34 10.76
CA ALA M 748 -107.95 -18.93 11.95
C ALA M 748 -108.98 -19.94 11.48
N TYR M 749 -108.60 -21.22 11.50
CA TYR M 749 -109.47 -22.33 11.09
C TYR M 749 -109.88 -22.08 9.64
N ASP M 750 -111.17 -22.08 9.30
CA ASP M 750 -111.62 -21.83 7.94
C ASP M 750 -111.82 -20.36 7.64
N THR M 751 -111.61 -19.48 8.62
CA THR M 751 -111.77 -18.04 8.44
C THR M 751 -110.39 -17.40 8.39
N LEU M 752 -110.08 -16.75 7.28
CA LEU M 752 -108.79 -16.10 7.08
C LEU M 752 -108.92 -14.61 7.35
N ASN M 753 -108.08 -14.10 8.25
CA ASN M 753 -108.09 -12.69 8.58
C ASN M 753 -107.33 -11.89 7.53
N CYS M 754 -107.96 -10.83 7.03
CA CYS M 754 -107.35 -9.99 6.00
C CYS M 754 -108.02 -8.64 6.01
N ILE M 755 -107.36 -7.66 5.38
CA ILE M 755 -107.89 -6.32 5.23
C ILE M 755 -108.13 -6.05 3.75
N LEU M 756 -109.39 -5.83 3.40
CA LEU M 756 -109.76 -5.55 2.02
C LEU M 756 -109.63 -4.05 1.74
N VAL M 757 -108.85 -3.70 0.72
CA VAL M 757 -108.61 -2.32 0.34
C VAL M 757 -108.89 -2.16 -1.15
N LYS M 758 -109.71 -1.17 -1.48
CA LYS M 758 -110.08 -0.89 -2.86
C LYS M 758 -109.32 0.35 -3.32
N GLY M 759 -108.25 0.16 -4.08
CA GLY M 759 -107.46 1.27 -4.56
C GLY M 759 -106.42 0.79 -5.55
N LYS M 760 -105.70 1.75 -6.13
CA LYS M 760 -104.63 1.42 -7.07
C LYS M 760 -103.53 0.61 -6.39
N HIS M 761 -103.17 0.99 -5.17
CA HIS M 761 -102.16 0.27 -4.42
C HIS M 761 -102.75 -1.01 -3.82
N ILE M 762 -102.08 -2.13 -4.06
CA ILE M 762 -102.55 -3.40 -3.52
C ILE M 762 -102.48 -3.40 -2.00
N TRP M 763 -101.44 -2.78 -1.44
CA TRP M 763 -101.34 -2.66 0.00
C TRP M 763 -102.38 -1.67 0.52
N PRO M 764 -102.78 -1.80 1.79
CA PRO M 764 -103.78 -0.89 2.34
C PRO M 764 -103.28 0.54 2.36
N GLU M 765 -104.20 1.48 2.12
CA GLU M 765 -103.87 2.90 2.14
C GLU M 765 -103.61 3.36 3.58
N PHE M 766 -103.21 4.62 3.71
CA PHE M 766 -102.98 5.21 5.03
C PHE M 766 -104.21 5.09 5.93
N PRO M 767 -105.42 5.41 5.48
CA PRO M 767 -106.60 5.02 6.25
C PRO M 767 -106.84 3.53 6.14
N LEU M 768 -106.51 2.79 7.18
CA LEU M 768 -106.53 1.33 7.11
C LEU M 768 -107.96 0.82 7.24
N PRO M 769 -108.48 0.09 6.26
CA PRO M 769 -109.79 -0.55 6.44
C PRO M 769 -109.72 -1.61 7.52
N LEU M 770 -110.83 -1.77 8.23
CA LEU M 770 -110.90 -2.78 9.27
C LEU M 770 -110.82 -4.17 8.64
N PRO M 771 -110.28 -5.15 9.38
CA PRO M 771 -110.10 -6.48 8.79
C PRO M 771 -111.43 -7.10 8.36
N SER M 772 -111.40 -7.80 7.23
CA SER M 772 -112.56 -8.47 6.66
C SER M 772 -112.19 -9.91 6.35
N GLU M 773 -112.76 -10.85 7.09
CA GLU M 773 -112.38 -12.25 6.97
C GLU M 773 -113.00 -12.88 5.74
N MET M 774 -112.40 -13.99 5.30
CA MET M 774 -112.89 -14.79 4.18
C MET M 774 -112.98 -16.24 4.61
N GLU M 775 -114.05 -16.91 4.19
CA GLU M 775 -114.20 -18.33 4.45
C GLU M 775 -113.35 -19.15 3.48
N ILE M 776 -112.91 -20.32 3.94
CA ILE M 776 -112.16 -21.22 3.07
C ILE M 776 -113.07 -21.73 1.96
N ARG M 777 -112.52 -21.79 0.75
CA ARG M 777 -113.28 -22.23 -0.43
C ARG M 777 -112.34 -23.02 -1.33
N MET M 778 -112.57 -24.31 -1.44
CA MET M 778 -111.74 -25.15 -2.31
C MET M 778 -111.95 -24.71 -3.76
N PRO M 779 -110.89 -24.57 -4.55
CA PRO M 779 -111.00 -24.06 -5.92
C PRO M 779 -111.43 -25.13 -6.92
N VAL M 780 -112.44 -25.92 -6.56
CA VAL M 780 -113.00 -26.89 -7.48
C VAL M 780 -113.80 -26.20 -8.58
N PHE M 781 -114.26 -24.98 -8.32
CA PHE M 781 -115.04 -24.26 -9.31
C PHE M 781 -114.17 -23.85 -10.50
N VAL M 782 -114.74 -23.93 -11.69
CA VAL M 782 -114.14 -23.41 -12.91
C VAL M 782 -114.77 -22.06 -13.20
N LYS M 783 -113.95 -21.08 -13.57
CA LYS M 783 -114.46 -19.74 -13.81
C LYS M 783 -115.47 -19.74 -14.96
N SER M 784 -115.16 -20.46 -16.05
CA SER M 784 -116.08 -20.55 -17.17
C SER M 784 -117.38 -21.23 -16.76
N LYS M 785 -117.29 -22.30 -15.98
CA LYS M 785 -118.49 -23.01 -15.53
C LYS M 785 -119.35 -22.12 -14.64
N LEU M 786 -118.72 -21.35 -13.75
CA LEU M 786 -119.47 -20.45 -12.88
C LEU M 786 -120.14 -19.33 -13.68
N LEU M 787 -119.41 -18.72 -14.62
CA LEU M 787 -120.00 -17.68 -15.44
C LEU M 787 -121.14 -18.22 -16.30
N GLU M 788 -121.03 -19.47 -16.76
CA GLU M 788 -122.12 -20.10 -17.49
C GLU M 788 -123.31 -20.35 -16.56
N GLU M 789 -123.05 -20.74 -15.31
CA GLU M 789 -124.12 -20.94 -14.35
C GLU M 789 -124.85 -19.63 -14.05
N ASN M 790 -124.13 -18.51 -14.10
CA ASN M 790 -124.76 -17.21 -13.92
C ASN M 790 -125.10 -16.57 -15.27
N GLU M 814 -122.02 -11.57 -6.85
CA GLU M 814 -122.80 -12.75 -6.53
C GLU M 814 -122.73 -13.78 -7.66
N ILE M 815 -122.00 -14.87 -7.41
CA ILE M 815 -121.89 -15.98 -8.35
C ILE M 815 -122.46 -17.22 -7.67
N GLN M 816 -123.46 -17.82 -8.31
CA GLN M 816 -124.12 -19.00 -7.77
C GLN M 816 -123.44 -20.25 -8.32
N ILE M 817 -122.87 -21.05 -7.42
CA ILE M 817 -122.24 -22.30 -7.81
C ILE M 817 -123.35 -23.27 -8.22
N PRO M 818 -123.10 -24.16 -9.20
CA PRO M 818 -124.07 -25.23 -9.46
C PRO M 818 -124.23 -26.11 -8.24
N VAL M 819 -125.36 -26.79 -8.15
CA VAL M 819 -125.64 -27.60 -6.96
C VAL M 819 -124.58 -28.68 -6.79
N SER M 820 -124.26 -29.39 -7.88
CA SER M 820 -123.27 -30.46 -7.81
C SER M 820 -121.87 -29.91 -7.52
N MET M 821 -121.49 -28.80 -8.18
CA MET M 821 -120.18 -28.21 -7.95
C MET M 821 -120.05 -27.70 -6.52
N ALA M 822 -121.11 -27.10 -5.98
CA ALA M 822 -121.10 -26.62 -4.61
C ALA M 822 -121.01 -27.78 -3.63
N ALA M 823 -121.71 -28.89 -3.91
CA ALA M 823 -121.58 -30.07 -3.08
C ALA M 823 -120.15 -30.60 -3.11
N GLU M 824 -119.53 -30.63 -4.29
CA GLU M 824 -118.15 -31.11 -4.39
C GLU M 824 -117.19 -30.19 -3.64
N GLU M 825 -117.37 -28.88 -3.77
CA GLU M 825 -116.50 -27.94 -3.07
C GLU M 825 -116.67 -28.05 -1.56
N GLU M 826 -117.92 -28.18 -1.09
CA GLU M 826 -118.15 -28.34 0.34
C GLU M 826 -117.55 -29.64 0.84
N TYR M 827 -117.67 -30.72 0.07
CA TYR M 827 -117.09 -32.00 0.48
C TYR M 827 -115.58 -31.92 0.57
N LEU M 828 -114.94 -31.32 -0.44
CA LEU M 828 -113.48 -31.20 -0.42
C LEU M 828 -113.01 -30.31 0.73
N ARG M 829 -113.69 -29.19 0.97
CA ARG M 829 -113.32 -28.31 2.07
C ARG M 829 -113.50 -29.01 3.41
N SER M 830 -114.60 -29.72 3.59
CA SER M 830 -114.84 -30.44 4.83
C SER M 830 -113.79 -31.53 5.05
N LYS M 831 -113.43 -32.25 3.99
CA LYS M 831 -112.42 -33.29 4.13
C LYS M 831 -111.07 -32.72 4.51
N VAL M 832 -110.64 -31.65 3.83
CA VAL M 832 -109.36 -31.05 4.14
C VAL M 832 -109.35 -30.48 5.54
N LEU M 833 -110.44 -29.80 5.93
CA LEU M 833 -110.51 -29.23 7.27
C LEU M 833 -110.51 -30.31 8.35
N SER M 834 -111.22 -31.42 8.11
CA SER M 834 -111.24 -32.50 9.09
C SER M 834 -109.87 -33.14 9.22
N GLU M 835 -109.17 -33.36 8.10
CA GLU M 835 -107.84 -33.94 8.17
C GLU M 835 -106.88 -33.03 8.93
N LEU M 836 -106.91 -31.73 8.61
CA LEU M 836 -106.04 -30.79 9.30
C LEU M 836 -106.39 -30.72 10.78
N LEU M 837 -107.68 -30.75 11.11
CA LEU M 837 -108.11 -30.69 12.51
C LEU M 837 -107.64 -31.92 13.27
N THR M 838 -107.74 -33.11 12.68
CA THR M 838 -107.26 -34.31 13.34
C THR M 838 -105.75 -34.26 13.54
N ASP M 839 -105.01 -33.82 12.51
CA ASP M 839 -103.56 -33.73 12.63
C ASP M 839 -103.15 -32.76 13.72
N THR M 840 -103.82 -31.61 13.79
CA THR M 840 -103.51 -30.64 14.85
C THR M 840 -103.95 -31.14 16.22
N LEU M 841 -105.06 -31.88 16.28
CA LEU M 841 -105.60 -32.32 17.56
C LEU M 841 -104.72 -33.38 18.20
N GLU M 842 -104.22 -34.32 17.40
CA GLU M 842 -103.37 -35.36 17.98
C GLU M 842 -102.12 -34.77 18.62
N ASN M 843 -101.63 -33.65 18.10
CA ASN M 843 -100.38 -33.06 18.58
C ASN M 843 -100.59 -32.01 19.67
N ASP M 844 -101.66 -31.21 19.57
CA ASP M 844 -101.85 -30.08 20.47
C ASP M 844 -103.16 -30.13 21.24
N GLY M 845 -103.83 -31.27 21.28
CA GLY M 845 -105.14 -31.31 21.92
C GLY M 845 -106.12 -30.42 21.19
N GLU M 846 -107.10 -29.93 21.95
CA GLU M 846 -108.02 -28.91 21.46
C GLU M 846 -107.45 -27.56 21.86
N MET M 847 -106.89 -26.83 20.88
CA MET M 847 -106.23 -25.57 21.18
C MET M 847 -107.21 -24.54 21.74
N TYR M 848 -108.47 -24.63 21.37
CA TYR M 848 -109.50 -23.74 21.89
C TYR M 848 -110.59 -24.47 22.67
N GLY M 849 -110.53 -25.80 22.77
CA GLY M 849 -111.49 -26.56 23.52
C GLY M 849 -112.74 -26.96 22.77
N ASN M 850 -112.91 -26.51 21.52
CA ASN M 850 -114.08 -26.85 20.73
C ASN M 850 -113.73 -27.61 19.46
N GLU M 851 -112.46 -28.00 19.30
CA GLU M 851 -112.03 -28.64 18.05
C GLU M 851 -112.71 -30.00 17.86
N ASN M 852 -113.02 -30.71 18.93
CA ASN M 852 -113.67 -32.02 18.80
C ASN M 852 -115.11 -31.87 18.29
N GLU M 853 -115.86 -30.94 18.86
CA GLU M 853 -117.21 -30.68 18.37
C GLU M 853 -117.18 -30.13 16.95
N VAL M 854 -116.17 -29.31 16.63
CA VAL M 854 -116.00 -28.82 15.28
C VAL M 854 -115.74 -29.97 14.33
N LEU M 855 -114.95 -30.96 14.77
CA LEU M 855 -114.69 -32.14 13.94
C LEU M 855 -115.96 -32.96 13.74
N ALA M 856 -116.78 -33.10 14.77
CA ALA M 856 -118.05 -33.82 14.62
C ALA M 856 -118.96 -33.12 13.62
N ALA M 857 -119.09 -31.80 13.74
CA ALA M 857 -119.92 -31.04 12.81
C ALA M 857 -119.35 -31.10 11.39
N LEU M 858 -118.02 -31.07 11.26
CA LEU M 858 -117.38 -31.16 9.96
C LEU M 858 -117.58 -32.53 9.34
N ASN M 859 -117.56 -33.59 10.15
CA ASN M 859 -117.87 -34.93 9.64
C ASN M 859 -119.31 -34.99 9.17
N GLY M 860 -120.23 -34.38 9.91
CA GLY M 860 -121.62 -34.32 9.46
C GLY M 860 -121.77 -33.58 8.14
N ALA M 861 -121.08 -32.44 8.01
CA ALA M 861 -121.14 -31.66 6.77
C ALA M 861 -120.50 -32.42 5.61
N TYR M 862 -119.40 -33.13 5.88
CA TYR M 862 -118.77 -33.94 4.84
C TYR M 862 -119.70 -35.06 4.39
N ASP M 863 -120.38 -35.70 5.33
CA ASP M 863 -121.35 -36.73 4.98
C ASP M 863 -122.52 -36.15 4.18
N LYS M 864 -122.97 -34.94 4.54
CA LYS M 864 -124.06 -34.32 3.79
C LYS M 864 -123.64 -33.96 2.37
N ALA M 865 -122.44 -33.42 2.21
CA ALA M 865 -121.94 -33.11 0.87
C ALA M 865 -121.72 -34.38 0.07
N LEU M 866 -121.27 -35.45 0.73
CA LEU M 866 -121.15 -36.75 0.05
C LEU M 866 -122.52 -37.27 -0.36
N LEU M 867 -123.55 -37.01 0.45
CA LEU M 867 -124.90 -37.41 0.08
C LEU M 867 -125.40 -36.62 -1.13
N ARG M 868 -125.08 -35.33 -1.18
CA ARG M 868 -125.46 -34.53 -2.35
C ARG M 868 -124.73 -35.01 -3.61
N LEU M 869 -123.43 -35.30 -3.48
CA LEU M 869 -122.69 -35.85 -4.62
C LEU M 869 -123.22 -37.24 -5.01
N PHE M 870 -123.69 -38.02 -4.02
CA PHE M 870 -124.29 -39.31 -4.31
C PHE M 870 -125.63 -39.15 -5.02
N ALA M 871 -126.39 -38.12 -4.68
CA ALA M 871 -127.62 -37.82 -5.43
C ALA M 871 -127.30 -37.44 -6.86
N SER M 872 -126.24 -36.66 -7.07
CA SER M 872 -125.81 -36.34 -8.43
C SER M 872 -125.37 -37.60 -9.18
N ALA M 873 -124.63 -38.47 -8.51
CA ALA M 873 -124.23 -39.74 -9.12
C ALA M 873 -125.42 -40.63 -9.40
N CYS M 874 -126.46 -40.57 -8.56
CA CYS M 874 -127.68 -41.32 -8.84
C CYS M 874 -128.42 -40.75 -10.04
N SER M 875 -128.39 -39.43 -10.20
CA SER M 875 -128.93 -38.82 -11.41
C SER M 875 -128.17 -39.31 -12.63
N ASP M 876 -126.85 -39.47 -12.50
CA ASP M 876 -126.07 -40.11 -13.55
C ASP M 876 -126.39 -41.61 -13.68
N GLN M 877 -126.93 -42.21 -12.62
CA GLN M 877 -127.26 -43.63 -12.54
C GLN M 877 -126.03 -44.54 -12.62
N ASN M 878 -124.86 -44.01 -12.26
CA ASN M 878 -123.63 -44.79 -12.23
C ASN M 878 -123.52 -45.48 -10.89
N VAL M 879 -123.74 -46.80 -10.89
CA VAL M 879 -123.79 -47.56 -9.64
C VAL M 879 -122.45 -47.53 -8.92
N GLU M 880 -121.36 -47.73 -9.66
CA GLU M 880 -120.04 -47.76 -9.05
C GLU M 880 -119.67 -46.38 -8.47
N LYS M 881 -119.97 -45.30 -9.20
CA LYS M 881 -119.65 -43.97 -8.71
C LYS M 881 -120.47 -43.64 -7.46
N ALA M 882 -121.77 -43.96 -7.47
CA ALA M 882 -122.60 -43.71 -6.30
C ALA M 882 -122.14 -44.55 -5.11
N LEU M 883 -121.72 -45.79 -5.36
CA LEU M 883 -121.24 -46.65 -4.28
C LEU M 883 -119.94 -46.12 -3.69
N SER M 884 -119.05 -45.60 -4.54
CA SER M 884 -117.82 -44.99 -4.03
C SER M 884 -118.13 -43.73 -3.21
N LEU M 885 -119.09 -42.93 -3.67
CA LEU M 885 -119.50 -41.76 -2.89
C LEU M 885 -120.08 -42.17 -1.54
N ALA M 886 -120.84 -43.27 -1.50
CA ALA M 886 -121.35 -43.78 -0.24
C ALA M 886 -120.23 -44.31 0.64
N HIS M 887 -119.22 -44.94 0.04
CA HIS M 887 -118.09 -45.43 0.80
C HIS M 887 -117.30 -44.28 1.42
N GLU M 888 -117.27 -43.13 0.75
CA GLU M 888 -116.63 -41.95 1.32
C GLU M 888 -117.32 -41.48 2.60
N LEU M 889 -118.58 -41.85 2.80
CA LEU M 889 -119.31 -41.40 3.99
C LEU M 889 -118.68 -41.97 5.25
N LYS M 890 -118.64 -41.15 6.30
CA LYS M 890 -117.94 -41.52 7.52
C LYS M 890 -118.70 -42.53 8.35
N GLN M 891 -120.04 -42.54 8.29
CA GLN M 891 -120.82 -43.29 9.26
C GLN M 891 -122.02 -43.97 8.60
N ASP M 892 -122.54 -44.97 9.29
CA ASP M 892 -123.75 -45.66 8.86
C ASP M 892 -124.97 -44.74 8.87
N ARG M 893 -124.95 -43.70 9.70
CA ARG M 893 -126.04 -42.71 9.65
C ARG M 893 -126.09 -42.03 8.29
N ALA M 894 -124.92 -41.73 7.71
CA ALA M 894 -124.87 -41.22 6.35
C ALA M 894 -125.13 -42.29 5.32
N LEU M 895 -124.75 -43.55 5.62
CA LEU M 895 -125.07 -44.64 4.72
C LEU M 895 -126.57 -44.83 4.57
N THR M 896 -127.32 -44.59 5.65
CA THR M 896 -128.78 -44.66 5.57
C THR M 896 -129.33 -43.61 4.62
N ALA M 897 -128.81 -42.38 4.69
CA ALA M 897 -129.23 -41.33 3.76
C ALA M 897 -128.84 -41.68 2.33
N ALA M 898 -127.66 -42.27 2.14
CA ALA M 898 -127.24 -42.69 0.81
C ALA M 898 -128.17 -43.76 0.26
N VAL M 899 -128.56 -44.73 1.09
CA VAL M 899 -129.47 -45.78 0.64
C VAL M 899 -130.85 -45.21 0.35
N LYS M 900 -131.27 -44.21 1.13
CA LYS M 900 -132.55 -43.55 0.86
C LYS M 900 -132.51 -42.80 -0.47
N ILE M 901 -131.39 -42.13 -0.76
CA ILE M 901 -131.24 -41.45 -2.04
C ILE M 901 -131.23 -42.45 -3.19
N SER M 902 -130.60 -43.61 -2.96
CA SER M 902 -130.60 -44.67 -3.97
C SER M 902 -132.02 -45.20 -4.19
N GLU M 903 -132.80 -45.33 -3.11
CA GLU M 903 -134.19 -45.75 -3.25
C GLU M 903 -135.00 -44.71 -4.03
N ARG M 904 -134.75 -43.43 -3.77
CA ARG M 904 -135.41 -42.37 -4.53
C ARG M 904 -135.03 -42.44 -6.01
N ALA M 905 -133.77 -42.74 -6.30
CA ALA M 905 -133.32 -42.95 -7.67
C ALA M 905 -133.83 -44.26 -8.25
N GLU M 906 -134.31 -45.18 -7.41
CA GLU M 906 -134.85 -46.47 -7.84
C GLU M 906 -133.79 -47.31 -8.56
N LEU M 907 -132.58 -47.31 -8.01
CA LEU M 907 -131.49 -48.12 -8.53
C LEU M 907 -131.30 -49.32 -7.60
N PRO M 908 -131.89 -50.48 -7.91
CA PRO M 908 -131.80 -51.62 -6.98
C PRO M 908 -130.38 -52.08 -6.72
N SER M 909 -129.49 -52.00 -7.72
CA SER M 909 -128.10 -52.35 -7.49
C SER M 909 -127.47 -51.44 -6.45
N LEU M 910 -127.72 -50.14 -6.56
CA LEU M 910 -127.20 -49.19 -5.57
C LEU M 910 -127.82 -49.45 -4.19
N VAL M 911 -129.11 -49.78 -4.14
CA VAL M 911 -129.76 -50.04 -2.86
C VAL M 911 -129.11 -51.24 -2.18
N LYS M 912 -128.96 -52.35 -2.91
CA LYS M 912 -128.36 -53.54 -2.33
C LYS M 912 -126.90 -53.30 -1.95
N LYS M 913 -126.17 -52.56 -2.78
CA LYS M 913 -124.76 -52.29 -2.49
C LYS M 913 -124.60 -51.42 -1.25
N ILE M 914 -125.45 -50.40 -1.11
CA ILE M 914 -125.39 -49.55 0.09
C ILE M 914 -125.77 -50.35 1.32
N ASN M 915 -126.76 -51.24 1.20
CA ASN M 915 -127.12 -52.08 2.33
C ASN M 915 -125.96 -52.99 2.74
N ASN M 916 -125.28 -53.59 1.76
CA ASN M 916 -124.15 -54.45 2.06
C ASN M 916 -123.00 -53.65 2.68
N ILE M 917 -122.75 -52.44 2.18
CA ILE M 917 -121.69 -51.61 2.73
C ILE M 917 -121.99 -51.23 4.18
N ARG M 918 -123.24 -50.87 4.46
CA ARG M 918 -123.63 -50.56 5.83
C ARG M 918 -123.52 -51.79 6.71
N GLU M 919 -123.87 -52.96 6.20
CA GLU M 919 -123.74 -54.19 6.96
C GLU M 919 -122.29 -54.44 7.34
N ALA M 920 -121.38 -54.29 6.37
CA ALA M 920 -119.96 -54.49 6.65
C ALA M 920 -119.45 -53.46 7.64
N ARG M 921 -119.87 -52.19 7.48
CA ARG M 921 -119.39 -51.13 8.36
C ARG M 921 -119.84 -51.36 9.80
N TYR M 922 -121.12 -51.72 9.99
CA TYR M 922 -121.61 -51.99 11.34
C TYR M 922 -121.04 -53.28 11.90
N GLU M 923 -120.72 -54.25 11.04
CA GLU M 923 -120.10 -55.49 11.50
C GLU M 923 -118.67 -55.23 12.00
N GLN M 924 -117.96 -54.31 11.35
CA GLN M 924 -116.61 -53.98 11.78
C GLN M 924 -116.45 -52.47 11.99
N LYS N 473 -88.91 -18.05 -20.24
CA LYS N 473 -89.01 -18.09 -21.69
C LYS N 473 -89.36 -19.49 -22.18
N PHE N 474 -89.18 -20.48 -21.32
CA PHE N 474 -89.46 -21.86 -21.68
C PHE N 474 -90.96 -22.06 -21.89
N ARG N 475 -91.29 -22.96 -22.81
CA ARG N 475 -92.67 -23.31 -23.13
C ARG N 475 -92.87 -24.80 -22.93
N TYR N 476 -93.92 -25.16 -22.18
CA TYR N 476 -94.20 -26.56 -21.85
C TYR N 476 -95.10 -27.13 -22.95
N MET N 477 -94.47 -27.79 -23.93
CA MET N 477 -95.22 -28.46 -24.98
C MET N 477 -95.79 -29.78 -24.46
N PRO N 478 -96.93 -30.22 -24.98
CA PRO N 478 -97.49 -31.49 -24.54
C PRO N 478 -96.57 -32.66 -24.88
N PHE N 479 -96.54 -33.66 -24.01
CA PHE N 479 -95.70 -34.82 -24.19
C PHE N 479 -96.44 -36.07 -23.73
N SER N 480 -96.28 -37.14 -24.48
CA SER N 480 -96.81 -38.46 -24.14
C SER N 480 -95.70 -39.49 -24.32
N PRO N 481 -95.79 -40.62 -23.61
CA PRO N 481 -94.71 -41.62 -23.71
C PRO N 481 -94.52 -42.09 -25.14
N ALA N 482 -93.26 -42.19 -25.55
CA ALA N 482 -92.88 -42.58 -26.91
C ALA N 482 -93.58 -41.71 -27.95
N GLY N 483 -93.71 -40.41 -27.64
CA GLY N 483 -94.31 -39.49 -28.59
C GLY N 483 -93.37 -39.13 -29.72
N THR N 484 -93.96 -38.64 -30.81
CA THR N 484 -93.19 -38.26 -31.98
C THR N 484 -93.64 -36.90 -32.50
N PRO N 485 -92.71 -36.11 -33.02
CA PRO N 485 -93.11 -34.84 -33.63
C PRO N 485 -93.88 -35.06 -34.92
N PHE N 486 -94.80 -34.14 -35.20
CA PHE N 486 -95.45 -34.15 -36.51
C PHE N 486 -94.47 -33.75 -37.60
N GLY N 487 -93.68 -32.70 -37.37
CA GLY N 487 -92.77 -32.22 -38.38
C GLY N 487 -93.52 -31.75 -39.61
N PHE N 488 -92.94 -32.05 -40.78
CA PHE N 488 -93.62 -31.77 -42.04
C PHE N 488 -94.65 -32.83 -42.41
N THR N 489 -94.68 -33.96 -41.70
CA THR N 489 -95.62 -35.03 -41.98
C THR N 489 -96.87 -34.85 -41.13
N ASP N 490 -98.03 -34.94 -41.77
CA ASP N 490 -99.28 -34.86 -41.02
C ASP N 490 -99.42 -36.03 -40.05
N ARG N 491 -98.90 -37.19 -40.42
CA ARG N 491 -98.92 -38.34 -39.52
C ARG N 491 -97.98 -38.12 -38.34
N ARG N 492 -98.43 -38.55 -37.16
CA ARG N 492 -97.62 -38.46 -35.96
C ARG N 492 -98.06 -39.57 -35.01
N TYR N 493 -97.12 -40.06 -34.22
CA TYR N 493 -97.39 -41.11 -33.23
C TYR N 493 -97.51 -40.44 -31.87
N LEU N 494 -98.74 -40.35 -31.35
CA LEU N 494 -98.96 -39.76 -30.04
C LEU N 494 -98.29 -40.58 -28.94
N THR N 495 -98.36 -41.91 -29.06
CA THR N 495 -97.74 -42.78 -28.08
C THR N 495 -97.52 -44.15 -28.71
N MET N 496 -96.42 -44.79 -28.30
CA MET N 496 -96.11 -46.16 -28.69
C MET N 496 -95.89 -46.98 -27.44
N ASN N 497 -96.64 -48.07 -27.29
CA ASN N 497 -96.51 -48.98 -26.17
C ASN N 497 -96.48 -50.41 -26.69
N GLU N 498 -95.88 -51.30 -25.90
CA GLU N 498 -95.80 -52.70 -26.30
C GLU N 498 -97.19 -53.29 -26.49
N VAL N 499 -98.17 -52.84 -25.70
CA VAL N 499 -99.55 -53.28 -25.90
C VAL N 499 -100.10 -52.72 -27.21
N GLY N 500 -99.73 -51.48 -27.54
CA GLY N 500 -100.20 -50.88 -28.78
C GLY N 500 -99.66 -49.47 -28.91
N TYR N 501 -99.79 -48.94 -30.13
CA TYR N 501 -99.29 -47.62 -30.47
C TYR N 501 -100.42 -46.77 -31.06
N VAL N 502 -100.50 -45.53 -30.62
CA VAL N 502 -101.51 -44.58 -31.10
C VAL N 502 -100.84 -43.61 -32.05
N SER N 503 -101.42 -43.44 -33.24
CA SER N 503 -100.91 -42.54 -34.25
C SER N 503 -102.02 -41.62 -34.73
N THR N 504 -101.64 -40.40 -35.11
CA THR N 504 -102.60 -39.39 -35.55
C THR N 504 -102.07 -38.72 -36.82
N VAL N 505 -102.97 -38.48 -37.76
CA VAL N 505 -102.67 -37.78 -39.01
C VAL N 505 -103.60 -36.59 -39.10
N LYS N 506 -103.02 -35.41 -39.31
CA LYS N 506 -103.81 -34.18 -39.39
C LYS N 506 -104.72 -34.22 -40.61
N ASN N 507 -105.96 -33.72 -40.44
CA ASN N 507 -106.94 -33.68 -41.51
C ASN N 507 -107.71 -32.38 -41.39
N SER N 508 -107.32 -31.39 -42.19
CA SER N 508 -107.91 -30.04 -42.19
C SER N 508 -107.72 -29.46 -40.79
N GLU N 509 -108.76 -28.92 -40.16
CA GLU N 509 -108.62 -28.31 -38.84
C GLU N 509 -108.67 -29.33 -37.70
N GLN N 510 -108.93 -30.59 -38.00
CA GLN N 510 -109.00 -31.65 -37.00
C GLN N 510 -107.91 -32.67 -37.26
N TYR N 511 -107.79 -33.63 -36.35
CA TYR N 511 -106.81 -34.69 -36.44
C TYR N 511 -107.51 -36.04 -36.49
N SER N 512 -107.13 -36.88 -37.45
CA SER N 512 -107.68 -38.23 -37.55
C SER N 512 -106.97 -39.12 -36.54
N ILE N 513 -107.72 -39.64 -35.57
CA ILE N 513 -107.16 -40.44 -34.49
C ILE N 513 -107.19 -41.91 -34.91
N THR N 514 -106.02 -42.54 -34.94
CA THR N 514 -105.88 -43.95 -35.28
C THR N 514 -105.32 -44.68 -34.06
N VAL N 515 -106.15 -45.53 -33.45
CA VAL N 515 -105.74 -46.34 -32.32
C VAL N 515 -105.34 -47.70 -32.85
N SER N 516 -104.10 -48.12 -32.56
CA SER N 516 -103.58 -49.38 -33.03
C SER N 516 -102.98 -50.16 -31.86
N PHE N 517 -103.11 -51.48 -31.92
CA PHE N 517 -102.62 -52.37 -30.88
C PHE N 517 -101.67 -53.39 -31.50
N PHE N 518 -100.51 -53.57 -30.88
CA PHE N 518 -99.60 -54.62 -31.33
C PHE N 518 -100.22 -55.99 -31.17
N ASP N 519 -101.00 -56.18 -30.11
CA ASP N 519 -101.79 -57.40 -29.91
C ASP N 519 -103.21 -57.10 -30.39
N VAL N 520 -103.38 -57.11 -31.71
CA VAL N 520 -104.66 -56.77 -32.31
C VAL N 520 -105.74 -57.78 -31.94
N GLY N 521 -105.34 -59.03 -31.67
CA GLY N 521 -106.33 -60.05 -31.35
C GLY N 521 -107.10 -59.76 -30.08
N ARG N 522 -106.41 -59.30 -29.04
CA ARG N 522 -107.09 -58.95 -27.79
C ARG N 522 -107.79 -57.60 -27.90
N PHE N 523 -107.18 -56.64 -28.59
CA PHE N 523 -107.75 -55.30 -28.77
C PHE N 523 -107.71 -54.97 -30.25
N ARG N 524 -108.85 -55.06 -30.91
CA ARG N 524 -108.93 -54.74 -32.33
C ARG N 524 -108.61 -53.27 -32.56
N GLU N 525 -107.75 -53.01 -33.55
CA GLU N 525 -107.40 -51.63 -33.88
C GLU N 525 -108.61 -50.91 -34.46
N TYR N 526 -108.86 -49.71 -33.96
CA TYR N 526 -110.00 -48.91 -34.40
C TYR N 526 -109.57 -47.48 -34.61
N HIS N 527 -109.97 -46.89 -35.72
CA HIS N 527 -109.67 -45.51 -36.04
C HIS N 527 -110.95 -44.69 -36.00
N PHE N 528 -110.83 -43.45 -35.54
CA PHE N 528 -111.98 -42.55 -35.45
C PHE N 528 -111.48 -41.13 -35.56
N GLU N 529 -111.85 -40.43 -36.63
CA GLU N 529 -111.49 -39.02 -36.77
C GLU N 529 -112.16 -38.22 -35.67
N ASP N 530 -111.38 -37.38 -35.00
CA ASP N 530 -111.85 -36.61 -33.86
C ASP N 530 -111.64 -35.13 -34.12
N LEU N 531 -112.71 -34.34 -33.96
CA LEU N 531 -112.59 -32.90 -34.11
C LEU N 531 -111.79 -32.29 -32.96
N PHE N 532 -111.77 -32.95 -31.80
CA PHE N 532 -111.03 -32.42 -30.66
C PHE N 532 -109.54 -32.36 -30.95
N GLY N 533 -109.03 -33.33 -31.71
CA GLY N 533 -107.62 -33.35 -32.07
C GLY N 533 -106.71 -33.48 -30.86
N TYR N 534 -107.04 -34.41 -29.97
CA TYR N 534 -106.28 -34.60 -28.74
C TYR N 534 -104.79 -34.81 -29.04
N ASP N 535 -103.96 -33.85 -28.65
CA ASP N 535 -102.54 -33.92 -28.95
C ASP N 535 -101.80 -34.89 -28.03
N LEU N 536 -102.41 -35.28 -26.92
CA LEU N 536 -101.81 -36.23 -25.98
C LEU N 536 -102.65 -37.49 -25.95
N CYS N 537 -102.00 -38.65 -26.05
CA CYS N 537 -102.67 -39.93 -25.97
C CYS N 537 -101.79 -40.90 -25.19
N PHE N 538 -102.43 -41.73 -24.37
CA PHE N 538 -101.74 -42.77 -23.61
C PHE N 538 -102.49 -44.07 -23.80
N LEU N 539 -101.77 -45.12 -24.16
CA LEU N 539 -102.36 -46.41 -24.45
C LEU N 539 -102.17 -47.35 -23.27
N ASN N 540 -103.28 -47.91 -22.77
CA ASN N 540 -103.26 -48.90 -21.72
C ASN N 540 -104.27 -49.99 -22.04
N GLU N 541 -104.03 -51.18 -21.48
CA GLU N 541 -104.82 -52.35 -21.85
C GLU N 541 -106.31 -52.16 -21.51
N LYS N 542 -106.59 -51.60 -20.33
CA LYS N 542 -107.98 -51.32 -19.98
C LYS N 542 -108.58 -50.25 -20.90
N GLY N 543 -107.78 -49.26 -21.26
CA GLY N 543 -108.25 -48.22 -22.16
C GLY N 543 -107.16 -47.22 -22.46
N THR N 544 -107.39 -46.45 -23.52
CA THR N 544 -106.43 -45.46 -23.99
C THR N 544 -106.98 -44.07 -23.71
N LEU N 545 -106.24 -43.28 -22.95
CA LEU N 545 -106.63 -41.90 -22.66
C LEU N 545 -106.19 -40.98 -23.79
N PHE N 546 -106.97 -39.91 -23.98
CA PHE N 546 -106.66 -38.89 -24.97
C PHE N 546 -106.90 -37.52 -24.34
N GLY N 547 -106.10 -36.55 -24.76
CA GLY N 547 -106.22 -35.20 -24.22
C GLY N 547 -105.71 -34.12 -25.15
N GLN N 548 -106.43 -32.99 -25.19
CA GLN N 548 -106.01 -31.83 -25.97
C GLN N 548 -105.47 -30.78 -25.02
N SER N 549 -104.22 -30.36 -25.25
CA SER N 549 -103.55 -29.47 -24.32
C SER N 549 -104.20 -28.10 -24.28
N LYS N 550 -104.52 -27.53 -25.44
CA LYS N 550 -105.05 -26.17 -25.49
C LYS N 550 -106.47 -26.11 -24.91
N THR N 551 -107.34 -27.02 -25.34
CA THR N 551 -108.73 -26.99 -24.87
C THR N 551 -108.83 -27.47 -23.43
N GLY N 552 -107.93 -28.36 -23.00
CA GLY N 552 -108.04 -28.97 -21.70
C GLY N 552 -108.97 -30.16 -21.64
N GLN N 553 -109.61 -30.51 -22.75
CA GLN N 553 -110.49 -31.67 -22.79
C GLN N 553 -109.69 -32.96 -22.76
N ILE N 554 -110.25 -33.98 -22.12
CA ILE N 554 -109.64 -35.29 -22.03
C ILE N 554 -110.72 -36.34 -22.27
N GLN N 555 -110.38 -37.35 -23.08
CA GLN N 555 -111.31 -38.44 -23.39
C GLN N 555 -110.60 -39.76 -23.18
N TYR N 556 -111.18 -40.61 -22.34
CA TYR N 556 -110.66 -41.95 -22.09
C TYR N 556 -111.54 -42.95 -22.82
N ARG N 557 -110.94 -43.77 -23.68
CA ARG N 557 -111.66 -44.76 -24.47
C ARG N 557 -111.22 -46.15 -24.06
N PRO N 558 -112.03 -46.88 -23.28
CA PRO N 558 -111.62 -48.23 -22.88
C PRO N 558 -111.48 -49.16 -24.08
N HIS N 559 -110.43 -49.99 -24.04
CA HIS N 559 -110.26 -50.98 -25.09
C HIS N 559 -111.38 -52.01 -25.07
N ASP N 560 -111.77 -52.47 -23.88
CA ASP N 560 -112.92 -53.35 -23.77
C ASP N 560 -114.21 -52.58 -24.06
N SER N 561 -115.14 -53.24 -24.75
CA SER N 561 -116.40 -52.61 -25.08
C SER N 561 -117.28 -52.38 -23.85
N ILE N 562 -117.09 -53.17 -22.79
CA ILE N 562 -117.96 -53.08 -21.63
C ILE N 562 -117.85 -51.71 -20.97
N HIS N 563 -116.63 -51.21 -20.80
CA HIS N 563 -116.44 -49.90 -20.19
C HIS N 563 -116.62 -48.82 -21.25
N SER N 564 -117.54 -47.90 -21.00
CA SER N 564 -117.86 -46.86 -21.97
C SER N 564 -116.80 -45.76 -21.95
N ASN N 565 -116.58 -45.18 -23.13
CA ASN N 565 -115.68 -44.04 -23.23
C ASN N 565 -116.30 -42.82 -22.55
N TRP N 566 -115.47 -42.07 -21.83
CA TRP N 566 -115.92 -40.88 -21.12
C TRP N 566 -114.96 -39.73 -21.40
N THR N 567 -115.52 -38.52 -21.43
CA THR N 567 -114.75 -37.32 -21.72
C THR N 567 -115.00 -36.27 -20.64
N LYS N 568 -113.98 -35.45 -20.39
CA LYS N 568 -114.07 -34.41 -19.37
C LYS N 568 -113.18 -33.24 -19.78
N ILE N 569 -113.49 -32.07 -19.23
CA ILE N 569 -112.75 -30.85 -19.50
C ILE N 569 -112.06 -30.42 -18.21
N ILE N 570 -110.73 -30.39 -18.23
CA ILE N 570 -109.94 -29.95 -17.07
C ILE N 570 -109.86 -28.43 -17.08
N PRO N 571 -109.99 -27.77 -15.93
CA PRO N 571 -109.78 -26.32 -15.89
C PRO N 571 -108.35 -25.97 -16.27
N LEU N 572 -108.21 -24.84 -16.97
CA LEU N 572 -106.90 -24.39 -17.45
C LEU N 572 -106.85 -22.87 -17.35
N GLN N 573 -106.02 -22.37 -16.44
CA GLN N 573 -105.82 -20.93 -16.33
C GLN N 573 -105.05 -20.41 -17.54
N ALA N 574 -105.06 -19.09 -17.70
CA ALA N 574 -104.34 -18.47 -18.80
C ALA N 574 -102.87 -18.84 -18.74
N GLY N 575 -102.38 -19.47 -19.82
CA GLY N 575 -101.03 -19.97 -19.85
C GLY N 575 -100.84 -21.37 -19.32
N GLU N 576 -101.90 -22.01 -18.84
CA GLU N 576 -101.83 -23.39 -18.35
C GLU N 576 -102.19 -24.35 -19.47
N ARG N 577 -101.30 -25.31 -19.71
CA ARG N 577 -101.49 -26.31 -20.75
C ARG N 577 -101.19 -27.69 -20.19
N ILE N 578 -101.92 -28.70 -20.67
CA ILE N 578 -101.71 -30.06 -20.21
C ILE N 578 -100.34 -30.54 -20.67
N THR N 579 -99.56 -31.10 -19.75
CA THR N 579 -98.23 -31.57 -20.06
C THR N 579 -98.22 -33.03 -20.52
N SER N 580 -99.00 -33.88 -19.86
CA SER N 580 -99.02 -35.30 -20.20
C SER N 580 -100.34 -35.89 -19.73
N VAL N 581 -100.66 -37.05 -20.29
CA VAL N 581 -101.88 -37.79 -19.94
C VAL N 581 -101.48 -39.22 -19.57
N ALA N 582 -102.01 -39.71 -18.47
CA ALA N 582 -101.75 -41.07 -18.00
C ALA N 582 -103.06 -41.84 -17.90
N ALA N 583 -103.01 -43.11 -18.28
CA ALA N 583 -104.20 -43.96 -18.31
C ALA N 583 -103.93 -45.23 -17.51
N THR N 584 -104.70 -45.42 -16.44
CA THR N 584 -104.69 -46.66 -15.67
C THR N 584 -106.13 -46.96 -15.24
N PRO N 585 -106.50 -48.24 -15.18
CA PRO N 585 -107.86 -48.57 -14.74
C PRO N 585 -108.17 -48.10 -13.33
N VAL N 586 -107.19 -48.12 -12.43
CA VAL N 586 -107.42 -47.70 -11.06
C VAL N 586 -107.61 -46.19 -10.99
N ARG N 587 -106.80 -45.44 -11.73
CA ARG N 587 -106.86 -43.98 -11.65
C ARG N 587 -106.29 -43.39 -12.94
N VAL N 588 -106.70 -42.15 -13.22
CA VAL N 588 -106.19 -41.39 -14.36
C VAL N 588 -105.52 -40.14 -13.83
N ILE N 589 -104.33 -39.83 -14.36
CA ILE N 589 -103.53 -38.70 -13.92
C ILE N 589 -103.20 -37.83 -15.12
N VAL N 590 -103.29 -36.50 -14.92
CA VAL N 590 -102.97 -35.54 -15.96
C VAL N 590 -102.16 -34.41 -15.33
N GLY N 591 -101.14 -33.95 -16.05
CA GLY N 591 -100.28 -32.87 -15.58
C GLY N 591 -100.50 -31.62 -16.41
N THR N 592 -100.43 -30.47 -15.75
CA THR N 592 -100.59 -29.18 -16.39
C THR N 592 -99.27 -28.41 -16.38
N SER N 593 -99.15 -27.46 -17.31
CA SER N 593 -97.95 -26.63 -17.37
C SER N 593 -97.77 -25.81 -16.10
N LEU N 594 -98.88 -25.42 -15.46
CA LEU N 594 -98.80 -24.71 -14.19
C LEU N 594 -98.39 -25.61 -13.04
N GLY N 595 -98.36 -26.92 -13.25
CA GLY N 595 -97.98 -27.85 -12.20
C GLY N 595 -99.12 -28.43 -11.41
N TYR N 596 -100.36 -28.14 -11.78
CA TYR N 596 -101.53 -28.67 -11.07
C TYR N 596 -101.62 -30.17 -11.32
N PHE N 597 -101.22 -30.97 -10.34
CA PHE N 597 -101.25 -32.42 -10.44
C PHE N 597 -102.66 -32.90 -10.11
N ARG N 598 -103.47 -33.06 -11.15
CA ARG N 598 -104.85 -33.50 -11.00
C ARG N 598 -104.95 -34.98 -11.35
N SER N 599 -105.57 -35.75 -10.45
CA SER N 599 -105.78 -37.18 -10.64
C SER N 599 -107.28 -37.46 -10.67
N PHE N 600 -107.75 -38.09 -11.74
CA PHE N 600 -109.17 -38.36 -11.92
C PHE N 600 -109.42 -39.86 -11.87
N ASN N 601 -110.43 -40.25 -11.12
CA ASN N 601 -110.88 -41.64 -11.12
C ASN N 601 -111.68 -41.94 -12.37
N GLN N 602 -111.66 -43.20 -12.79
CA GLN N 602 -112.30 -43.61 -14.02
C GLN N 602 -113.79 -43.22 -14.03
N PHE N 603 -114.36 -43.21 -15.24
CA PHE N 603 -115.72 -42.72 -15.48
C PHE N 603 -115.86 -41.23 -15.17
N GLY N 604 -114.74 -40.50 -15.25
CA GLY N 604 -114.76 -39.06 -15.12
C GLY N 604 -114.77 -38.51 -13.72
N VAL N 605 -114.70 -39.36 -12.69
CA VAL N 605 -114.75 -38.89 -11.32
C VAL N 605 -113.40 -38.29 -10.94
N PRO N 606 -113.36 -37.15 -10.27
CA PRO N 606 -112.07 -36.58 -9.85
C PRO N 606 -111.53 -37.28 -8.61
N PHE N 607 -110.50 -38.11 -8.80
CA PHE N 607 -109.90 -38.81 -7.66
C PHE N 607 -109.23 -37.82 -6.71
N ALA N 608 -108.49 -36.86 -7.25
CA ALA N 608 -107.79 -35.87 -6.44
C ALA N 608 -107.29 -34.75 -7.33
N VAL N 609 -107.24 -33.54 -6.76
CA VAL N 609 -106.66 -32.39 -7.43
C VAL N 609 -105.58 -31.82 -6.51
N GLU N 610 -104.40 -31.58 -7.07
CA GLU N 610 -103.27 -31.12 -6.27
C GLU N 610 -102.35 -30.28 -7.14
N LYS N 611 -101.48 -29.52 -6.48
CA LYS N 611 -100.47 -28.71 -7.15
C LYS N 611 -99.09 -29.23 -6.79
N THR N 612 -98.22 -29.35 -7.79
CA THR N 612 -96.85 -29.79 -7.60
C THR N 612 -95.96 -29.02 -8.55
N SER N 613 -94.67 -29.33 -8.53
CA SER N 613 -93.77 -28.74 -9.51
C SER N 613 -94.18 -29.20 -10.90
N PRO N 614 -93.99 -28.34 -11.93
CA PRO N 614 -94.53 -28.66 -13.26
C PRO N 614 -94.14 -30.04 -13.76
N ILE N 615 -95.13 -30.92 -13.88
CA ILE N 615 -94.86 -32.31 -14.23
C ILE N 615 -94.40 -32.39 -15.67
N VAL N 616 -93.28 -33.09 -15.90
CA VAL N 616 -92.78 -33.28 -17.26
C VAL N 616 -93.58 -34.35 -17.99
N ALA N 617 -93.84 -35.46 -17.32
CA ALA N 617 -94.58 -36.56 -17.92
C ALA N 617 -95.18 -37.41 -16.81
N LEU N 618 -96.14 -38.26 -17.18
CA LEU N 618 -96.83 -39.13 -16.24
C LEU N 618 -96.82 -40.56 -16.77
N THR N 619 -96.44 -41.50 -15.92
CA THR N 619 -96.51 -42.92 -16.23
C THR N 619 -96.96 -43.67 -14.98
N ALA N 620 -97.91 -44.58 -15.15
CA ALA N 620 -98.48 -45.29 -14.01
C ALA N 620 -98.70 -46.75 -14.37
N GLN N 621 -98.40 -47.63 -13.43
CA GLN N 621 -98.66 -49.07 -13.55
C GLN N 621 -99.54 -49.48 -12.38
N ASN N 622 -100.82 -49.73 -12.65
CA ASN N 622 -101.82 -50.09 -11.64
C ASN N 622 -101.84 -48.96 -10.61
N TYR N 623 -101.82 -49.25 -9.30
CA TYR N 623 -101.83 -48.19 -8.31
C TYR N 623 -100.55 -47.36 -8.34
N ARG N 624 -99.42 -47.97 -8.71
CA ARG N 624 -98.16 -47.25 -8.76
C ARG N 624 -98.19 -46.20 -9.87
N VAL N 625 -97.73 -44.99 -9.55
CA VAL N 625 -97.68 -43.90 -10.51
C VAL N 625 -96.34 -43.19 -10.36
N PHE N 626 -95.61 -43.07 -11.46
CA PHE N 626 -94.33 -42.37 -11.49
C PHE N 626 -94.50 -41.04 -12.23
N SER N 627 -94.06 -39.96 -11.60
CA SER N 627 -94.19 -38.62 -12.17
C SER N 627 -92.87 -37.89 -12.06
N VAL N 628 -92.52 -37.14 -13.11
CA VAL N 628 -91.32 -36.32 -13.15
C VAL N 628 -91.75 -34.86 -13.19
N HIS N 629 -91.14 -34.03 -12.35
CA HIS N 629 -91.48 -32.62 -12.22
C HIS N 629 -90.27 -31.77 -12.55
N TYR N 630 -90.44 -30.81 -13.46
CA TYR N 630 -89.35 -29.94 -13.87
C TYR N 630 -89.85 -28.51 -14.03
N SER N 631 -89.16 -27.57 -13.39
CA SER N 631 -89.40 -26.16 -13.56
C SER N 631 -88.07 -25.46 -13.79
N GLN N 632 -88.14 -24.24 -14.36
CA GLN N 632 -86.91 -23.49 -14.63
C GLN N 632 -86.14 -23.23 -13.34
N PHE N 633 -86.84 -23.00 -12.24
CA PHE N 633 -86.19 -22.82 -10.95
C PHE N 633 -85.97 -24.14 -10.23
N HIS N 634 -86.92 -25.07 -10.31
CA HIS N 634 -86.82 -26.33 -9.58
C HIS N 634 -85.78 -27.26 -10.20
N GLY N 635 -85.72 -27.31 -11.53
CA GLY N 635 -84.84 -28.25 -12.19
C GLY N 635 -85.43 -29.64 -12.23
N LEU N 636 -84.57 -30.61 -12.53
CA LEU N 636 -85.00 -32.00 -12.63
C LEU N 636 -85.49 -32.50 -11.29
N SER N 637 -86.66 -33.16 -11.30
CA SER N 637 -87.24 -33.75 -10.10
C SER N 637 -88.26 -34.78 -10.52
N TYR N 638 -88.40 -35.83 -9.71
CA TYR N 638 -89.31 -36.93 -10.03
C TYR N 638 -89.94 -37.46 -8.76
N SER N 639 -91.25 -37.69 -8.80
CA SER N 639 -92.00 -38.22 -7.67
C SER N 639 -92.54 -39.60 -8.03
N LEU N 640 -92.18 -40.60 -7.24
CA LEU N 640 -92.69 -41.95 -7.37
C LEU N 640 -93.72 -42.18 -6.28
N SER N 641 -94.94 -42.56 -6.68
CA SER N 641 -96.04 -42.69 -5.73
C SER N 641 -96.82 -43.96 -6.00
N GLU N 642 -97.27 -44.60 -4.92
CA GLU N 642 -98.16 -45.75 -4.97
C GLU N 642 -99.41 -45.43 -4.17
N LEU N 643 -100.58 -45.71 -4.74
CA LEU N 643 -101.85 -45.31 -4.15
C LEU N 643 -102.18 -46.22 -2.97
N GLY N 644 -101.92 -45.75 -1.76
CA GLY N 644 -102.44 -46.43 -0.59
C GLY N 644 -103.94 -46.29 -0.50
N THR N 645 -104.58 -47.30 0.11
CA THR N 645 -106.04 -47.31 0.17
C THR N 645 -106.58 -46.12 0.95
N SER N 646 -105.92 -45.77 2.06
CA SER N 646 -106.35 -44.60 2.82
C SER N 646 -106.03 -43.30 2.10
N SER N 647 -104.82 -43.19 1.54
CA SER N 647 -104.41 -42.00 0.82
C SER N 647 -103.21 -42.35 -0.06
N LYS N 648 -102.97 -41.50 -1.06
CA LYS N 648 -101.82 -41.70 -1.92
C LYS N 648 -100.53 -41.51 -1.15
N ARG N 649 -99.57 -42.40 -1.38
CA ARG N 649 -98.27 -42.36 -0.73
C ARG N 649 -97.18 -42.26 -1.79
N TYR N 650 -96.14 -41.49 -1.47
CA TYR N 650 -95.05 -41.22 -2.41
C TYR N 650 -93.79 -41.93 -1.94
N TYR N 651 -93.39 -42.97 -2.68
CA TYR N 651 -92.10 -43.61 -2.41
C TYR N 651 -90.96 -42.64 -2.69
N LYS N 652 -91.11 -41.82 -3.72
CA LYS N 652 -90.20 -40.72 -4.00
C LYS N 652 -91.03 -39.47 -4.26
N ARG N 653 -90.51 -38.32 -3.84
CA ARG N 653 -91.23 -37.05 -3.92
C ARG N 653 -90.32 -36.00 -4.56
N GLU N 654 -90.51 -35.75 -5.84
CA GLU N 654 -89.76 -34.74 -6.59
C GLU N 654 -88.25 -34.96 -6.44
N CYS N 655 -87.85 -36.22 -6.43
CA CYS N 655 -86.44 -36.55 -6.35
C CYS N 655 -85.75 -36.21 -7.67
N PRO N 656 -84.54 -35.65 -7.62
CA PRO N 656 -83.86 -35.28 -8.87
C PRO N 656 -83.61 -36.49 -9.76
N LEU N 657 -83.76 -36.28 -11.07
CA LEU N 657 -83.62 -37.36 -12.03
C LEU N 657 -82.23 -37.32 -12.64
N PRO N 658 -81.43 -38.39 -12.51
CA PRO N 658 -80.10 -38.39 -13.16
C PRO N 658 -80.20 -38.72 -14.64
N MET N 659 -80.81 -37.81 -15.40
CA MET N 659 -80.99 -37.95 -16.83
C MET N 659 -80.41 -36.73 -17.53
N SER N 660 -79.77 -36.95 -18.67
CA SER N 660 -79.10 -35.89 -19.41
C SER N 660 -80.08 -35.25 -20.39
N LEU N 661 -80.28 -33.95 -20.25
CA LEU N 661 -81.12 -33.22 -21.18
C LEU N 661 -80.42 -33.11 -22.54
N PRO N 662 -81.18 -33.15 -23.63
CA PRO N 662 -80.56 -33.04 -24.96
C PRO N 662 -79.84 -31.72 -25.14
N ASN N 663 -78.69 -31.77 -25.80
CA ASN N 663 -77.93 -30.57 -26.10
C ASN N 663 -78.59 -29.82 -27.26
N ILE N 664 -78.56 -28.48 -27.17
CA ILE N 664 -79.15 -27.67 -28.24
C ILE N 664 -78.34 -27.82 -29.52
N ASN N 665 -77.02 -27.96 -29.40
CA ASN N 665 -76.16 -28.11 -30.57
C ASN N 665 -75.71 -29.56 -30.74
N LYS N 670 -78.34 -31.74 -37.90
CA LYS N 670 -79.08 -32.13 -36.71
C LYS N 670 -80.47 -31.51 -36.71
N ASP N 671 -80.98 -31.22 -37.91
CA ASP N 671 -82.30 -30.60 -38.02
C ASP N 671 -83.40 -31.53 -37.52
N ALA N 672 -83.26 -32.83 -37.75
CA ALA N 672 -84.26 -33.79 -37.25
C ALA N 672 -84.22 -33.87 -35.72
N ASN N 673 -83.03 -33.93 -35.13
CA ASN N 673 -82.92 -33.91 -33.68
C ASN N 673 -83.38 -32.58 -33.12
N LEU N 674 -83.11 -31.48 -33.83
CA LEU N 674 -83.60 -30.18 -33.39
C LEU N 674 -85.12 -30.12 -33.41
N ASP N 675 -85.75 -30.73 -34.42
CA ASP N 675 -87.21 -30.80 -34.45
C ASP N 675 -87.75 -31.69 -33.35
N TYR N 676 -87.07 -32.80 -33.07
CA TYR N 676 -87.46 -33.65 -31.95
C TYR N 676 -87.35 -32.91 -30.62
N TYR N 677 -86.39 -32.00 -30.51
CA TYR N 677 -86.29 -31.17 -29.30
C TYR N 677 -87.37 -30.08 -29.29
N ASN N 678 -87.69 -29.52 -30.46
CA ASN N 678 -88.76 -28.53 -30.55
C ASN N 678 -90.09 -29.16 -30.19
N PHE N 679 -90.23 -30.47 -30.38
CA PHE N 679 -91.42 -31.18 -29.92
C PHE N 679 -91.31 -31.56 -28.44
N ASN N 680 -90.15 -32.06 -28.02
CA ASN N 680 -89.92 -32.52 -26.65
C ASN N 680 -88.62 -31.91 -26.15
N PRO N 681 -88.66 -30.68 -25.63
CA PRO N 681 -87.42 -30.03 -25.17
C PRO N 681 -86.70 -30.80 -24.07
N MET N 682 -87.44 -31.48 -23.19
CA MET N 682 -86.80 -32.23 -22.12
C MET N 682 -85.98 -33.39 -22.65
N GLY N 683 -86.38 -33.96 -23.80
CA GLY N 683 -85.66 -35.04 -24.42
C GLY N 683 -85.99 -36.43 -23.90
N ILE N 684 -86.89 -36.55 -22.93
CA ILE N 684 -87.29 -37.86 -22.43
C ILE N 684 -88.14 -38.54 -23.50
N LYS N 685 -87.67 -39.69 -23.97
CA LYS N 685 -88.37 -40.39 -25.05
C LYS N 685 -89.66 -41.01 -24.55
N SER N 686 -89.61 -41.68 -23.40
CA SER N 686 -90.79 -42.37 -22.88
C SER N 686 -90.61 -42.62 -21.39
N LEU N 687 -91.73 -42.60 -20.67
CA LEU N 687 -91.80 -43.01 -19.28
C LEU N 687 -92.70 -44.23 -19.18
N PHE N 688 -92.20 -45.28 -18.54
CA PHE N 688 -92.93 -46.54 -18.49
C PHE N 688 -92.46 -47.33 -17.27
N PHE N 689 -93.23 -48.35 -16.92
CA PHE N 689 -92.90 -49.25 -15.83
C PHE N 689 -92.56 -50.62 -16.37
N SER N 690 -91.64 -51.31 -15.69
CA SER N 690 -91.30 -52.66 -16.06
C SER N 690 -92.46 -53.61 -15.76
N SER N 691 -92.36 -54.83 -16.29
CA SER N 691 -93.39 -55.83 -16.01
C SER N 691 -93.50 -56.11 -14.52
N TYR N 692 -92.40 -55.95 -13.78
CA TYR N 692 -92.43 -56.07 -12.33
C TYR N 692 -92.86 -54.78 -11.64
N GLY N 693 -93.08 -53.70 -12.40
CA GLY N 693 -93.51 -52.44 -11.83
C GLY N 693 -92.39 -51.50 -11.43
N ASP N 694 -91.13 -51.93 -11.54
CA ASP N 694 -90.03 -51.04 -11.23
C ASP N 694 -89.98 -49.88 -12.23
N PRO N 695 -89.62 -48.68 -11.79
CA PRO N 695 -89.64 -47.53 -12.69
C PRO N 695 -88.66 -47.69 -13.84
N CYS N 696 -89.06 -47.19 -15.01
CA CYS N 696 -88.21 -47.20 -16.20
C CYS N 696 -88.43 -45.90 -16.95
N ILE N 697 -87.45 -45.54 -17.80
CA ILE N 697 -87.50 -44.29 -18.54
C ILE N 697 -86.53 -44.38 -19.70
N PHE N 698 -86.75 -43.55 -20.72
CA PHE N 698 -85.86 -43.44 -21.85
C PHE N 698 -85.69 -41.96 -22.18
N GLY N 699 -84.44 -41.51 -22.29
CA GLY N 699 -84.13 -40.13 -22.55
C GLY N 699 -83.40 -39.94 -23.88
N SER N 700 -83.08 -38.67 -24.16
CA SER N 700 -82.34 -38.34 -25.36
C SER N 700 -80.95 -38.97 -25.37
N ASP N 701 -80.39 -39.27 -24.20
CA ASP N 701 -79.12 -39.98 -24.13
C ASP N 701 -79.22 -41.40 -24.67
N ASN N 702 -80.45 -41.92 -24.80
CA ASN N 702 -80.75 -43.23 -25.36
C ASN N 702 -80.35 -44.37 -24.43
N THR N 703 -79.71 -44.04 -23.31
CA THR N 703 -79.39 -45.06 -22.31
C THR N 703 -80.65 -45.41 -21.51
N LEU N 704 -80.82 -46.69 -21.23
CA LEU N 704 -81.97 -47.15 -20.45
C LEU N 704 -81.66 -47.02 -18.97
N LEU N 705 -82.47 -46.25 -18.25
CA LEU N 705 -82.30 -46.03 -16.83
C LEU N 705 -83.47 -46.65 -16.07
N LEU N 706 -83.15 -47.32 -14.96
CA LEU N 706 -84.15 -47.96 -14.12
C LEU N 706 -83.85 -47.67 -12.66
N LEU N 707 -84.89 -47.37 -11.90
CA LEU N 707 -84.76 -47.10 -10.47
C LEU N 707 -84.86 -48.42 -9.72
N SER N 708 -83.71 -49.04 -9.48
CA SER N 708 -83.67 -50.30 -8.76
C SER N 708 -83.86 -50.06 -7.26
N LYS N 709 -84.43 -51.06 -6.59
CA LYS N 709 -84.69 -51.01 -5.16
C LYS N 709 -85.53 -49.79 -4.78
N TRP N 710 -86.50 -49.46 -5.64
CA TRP N 710 -87.34 -48.30 -5.39
C TRP N 710 -88.21 -48.46 -4.15
N ARG N 711 -88.47 -49.70 -3.72
CA ARG N 711 -89.26 -49.91 -2.51
C ARG N 711 -88.57 -49.34 -1.28
N SER N 712 -87.23 -49.30 -1.28
CA SER N 712 -86.47 -48.66 -0.22
C SER N 712 -85.81 -47.41 -0.77
N PRO N 713 -86.31 -46.21 -0.47
CA PRO N 713 -85.82 -45.01 -1.16
C PRO N 713 -84.34 -44.73 -0.97
N GLU N 714 -83.78 -45.00 0.22
CA GLU N 714 -82.38 -44.69 0.47
C GLU N 714 -81.46 -45.52 -0.42
N GLU N 715 -81.72 -46.82 -0.53
CA GLU N 715 -80.95 -47.68 -1.41
C GLU N 715 -81.39 -47.60 -2.85
N SER N 716 -82.51 -46.95 -3.14
CA SER N 716 -82.97 -46.80 -4.51
C SER N 716 -82.00 -45.94 -5.30
N LYS N 717 -81.69 -46.39 -6.52
CA LYS N 717 -80.74 -45.68 -7.37
C LYS N 717 -81.04 -45.99 -8.83
N TRP N 718 -80.63 -45.07 -9.70
CA TRP N 718 -80.79 -45.27 -11.13
C TRP N 718 -79.63 -46.09 -11.68
N LEU N 719 -79.96 -47.02 -12.57
CA LEU N 719 -78.97 -47.93 -13.14
C LEU N 719 -79.00 -47.84 -14.66
N PRO N 720 -77.86 -47.57 -15.30
CA PRO N 720 -77.82 -47.62 -16.79
C PRO N 720 -77.76 -49.06 -17.28
N ILE N 721 -78.90 -49.76 -17.15
CA ILE N 721 -78.95 -51.18 -17.44
C ILE N 721 -78.69 -51.46 -18.91
N LEU N 722 -79.09 -50.55 -19.79
CA LEU N 722 -78.91 -50.73 -21.23
C LEU N 722 -78.57 -49.41 -21.88
N ASP N 723 -77.65 -49.46 -22.85
CA ASP N 723 -77.27 -48.30 -23.66
C ASP N 723 -77.60 -48.61 -25.12
N SER N 724 -78.59 -47.91 -25.66
CA SER N 724 -79.03 -48.16 -27.02
C SER N 724 -77.92 -47.82 -28.03
N ASN N 725 -77.20 -46.73 -27.79
CA ASN N 725 -76.17 -46.30 -28.73
C ASN N 725 -75.04 -47.32 -28.82
N MET N 726 -74.57 -47.81 -27.66
CA MET N 726 -73.50 -48.80 -27.65
C MET N 726 -73.96 -50.10 -28.30
N GLU N 727 -75.21 -50.51 -28.04
CA GLU N 727 -75.73 -51.73 -28.65
C GLU N 727 -75.82 -51.60 -30.17
N ILE N 728 -76.28 -50.45 -30.66
CA ILE N 728 -76.36 -50.23 -32.11
C ILE N 728 -74.96 -50.24 -32.72
N TRP N 729 -74.00 -49.59 -32.04
CA TRP N 729 -72.63 -49.57 -32.54
C TRP N 729 -72.04 -50.98 -32.59
N LYS N 730 -72.34 -51.80 -31.58
CA LYS N 730 -71.89 -53.19 -31.59
C LYS N 730 -72.55 -53.98 -32.72
N MET N 731 -73.85 -53.76 -32.94
CA MET N 731 -74.54 -54.45 -34.03
C MET N 731 -73.98 -54.04 -35.38
N SER N 732 -73.43 -52.84 -35.49
CA SER N 732 -72.83 -52.37 -36.73
C SER N 732 -71.36 -52.72 -36.85
N GLY N 733 -70.81 -53.48 -35.91
CA GLY N 733 -69.43 -53.91 -36.00
C GLY N 733 -68.40 -52.85 -35.68
N GLY N 734 -68.70 -51.95 -34.74
CA GLY N 734 -67.77 -50.93 -34.33
C GLY N 734 -67.85 -49.62 -35.07
N LYS N 735 -68.70 -49.52 -36.09
CA LYS N 735 -68.89 -48.29 -36.85
C LYS N 735 -70.31 -47.78 -36.58
N GLU N 736 -70.41 -46.69 -35.83
CA GLU N 736 -71.72 -46.15 -35.47
C GLU N 736 -72.49 -45.75 -36.71
N THR N 737 -73.78 -46.10 -36.73
CA THR N 737 -74.68 -45.82 -37.85
C THR N 737 -75.70 -44.80 -37.42
N THR N 738 -75.73 -43.65 -38.12
CA THR N 738 -76.65 -42.58 -37.76
C THR N 738 -78.10 -42.95 -38.10
N ASP N 739 -78.31 -43.71 -39.17
CA ASP N 739 -79.67 -44.03 -39.60
C ASP N 739 -80.39 -44.87 -38.56
N ILE N 740 -79.72 -45.90 -38.02
CA ILE N 740 -80.34 -46.78 -37.04
C ILE N 740 -80.61 -46.01 -35.75
N HIS N 741 -81.78 -46.25 -35.17
CA HIS N 741 -82.16 -45.60 -33.92
C HIS N 741 -82.98 -46.59 -33.09
N VAL N 742 -83.52 -46.11 -31.98
CA VAL N 742 -84.34 -46.95 -31.10
C VAL N 742 -85.41 -46.08 -30.47
N TRP N 743 -86.63 -46.60 -30.41
CA TRP N 743 -87.75 -45.93 -29.76
C TRP N 743 -88.35 -46.85 -28.72
N PRO N 744 -88.24 -46.53 -27.42
CA PRO N 744 -88.62 -47.50 -26.38
C PRO N 744 -90.11 -47.84 -26.43
N LEU N 745 -90.41 -49.10 -26.09
CA LEU N 745 -91.77 -49.56 -25.91
C LEU N 745 -92.03 -50.01 -24.48
N ALA N 746 -91.26 -50.98 -23.98
CA ALA N 746 -91.40 -51.49 -22.63
C ALA N 746 -90.19 -52.35 -22.30
N LEU N 747 -89.84 -52.39 -21.01
CA LEU N 747 -88.68 -53.18 -20.58
C LEU N 747 -88.96 -54.67 -20.59
N ALA N 748 -90.21 -55.07 -20.41
CA ALA N 748 -90.58 -56.48 -20.23
C ALA N 748 -89.75 -57.10 -19.10
N TYR N 749 -89.28 -58.33 -19.28
CA TYR N 749 -88.50 -58.97 -18.24
C TYR N 749 -87.05 -58.47 -18.25
N ASP N 750 -86.32 -58.76 -19.33
CA ASP N 750 -84.94 -58.31 -19.46
C ASP N 750 -84.60 -57.77 -20.83
N THR N 751 -85.43 -58.01 -21.86
CA THR N 751 -85.21 -57.48 -23.19
C THR N 751 -86.11 -56.28 -23.38
N LEU N 752 -85.50 -55.10 -23.58
CA LEU N 752 -86.26 -53.86 -23.67
C LEU N 752 -86.96 -53.79 -25.02
N ASN N 753 -88.28 -53.96 -25.03
CA ASN N 753 -89.05 -53.80 -26.25
C ASN N 753 -88.92 -52.36 -26.75
N CYS N 754 -88.61 -52.21 -28.04
CA CYS N 754 -88.38 -50.89 -28.59
C CYS N 754 -88.54 -50.94 -30.10
N ILE N 755 -88.94 -49.80 -30.66
CA ILE N 755 -89.04 -49.66 -32.12
C ILE N 755 -87.73 -49.07 -32.63
N LEU N 756 -87.08 -49.80 -33.53
CA LEU N 756 -85.78 -49.38 -34.07
C LEU N 756 -86.02 -48.48 -35.26
N VAL N 757 -86.06 -47.17 -35.01
CA VAL N 757 -86.27 -46.20 -36.08
C VAL N 757 -85.04 -46.17 -36.99
N LYS N 758 -85.29 -45.97 -38.27
CA LYS N 758 -84.23 -45.90 -39.27
C LYS N 758 -84.32 -44.59 -40.03
N GLY N 759 -83.21 -44.22 -40.66
CA GLY N 759 -83.15 -42.98 -41.42
C GLY N 759 -82.77 -41.78 -40.56
N LYS N 760 -82.81 -40.61 -41.20
CA LYS N 760 -82.43 -39.38 -40.52
C LYS N 760 -83.35 -39.09 -39.34
N HIS N 761 -84.65 -39.29 -39.52
CA HIS N 761 -85.60 -39.07 -38.44
C HIS N 761 -85.38 -40.07 -37.32
N ILE N 762 -85.35 -39.58 -36.08
CA ILE N 762 -85.14 -40.46 -34.94
C ILE N 762 -86.43 -41.08 -34.44
N TRP N 763 -87.57 -40.47 -34.73
CA TRP N 763 -88.85 -41.04 -34.33
C TRP N 763 -89.32 -42.08 -35.36
N PRO N 764 -90.14 -43.04 -34.94
CA PRO N 764 -90.63 -44.05 -35.88
C PRO N 764 -91.48 -43.43 -36.98
N GLU N 765 -91.37 -44.01 -38.17
CA GLU N 765 -92.12 -43.54 -39.32
C GLU N 765 -93.58 -43.99 -39.23
N PHE N 766 -94.40 -43.45 -40.13
CA PHE N 766 -95.79 -43.87 -40.21
C PHE N 766 -95.93 -45.37 -40.42
N PRO N 767 -95.23 -45.98 -41.38
CA PRO N 767 -95.09 -47.44 -41.35
C PRO N 767 -94.14 -47.85 -40.24
N LEU N 768 -94.66 -48.53 -39.22
CA LEU N 768 -93.90 -48.76 -38.01
C LEU N 768 -92.68 -49.65 -38.31
N PRO N 769 -91.47 -49.22 -37.95
CA PRO N 769 -90.35 -50.17 -37.95
C PRO N 769 -90.64 -51.31 -36.98
N LEU N 770 -90.21 -52.50 -37.35
CA LEU N 770 -90.56 -53.68 -36.58
C LEU N 770 -90.02 -53.55 -35.16
N PRO N 771 -90.85 -53.72 -34.14
CA PRO N 771 -90.36 -53.58 -32.76
C PRO N 771 -89.28 -54.62 -32.46
N SER N 772 -88.29 -54.18 -31.69
CA SER N 772 -87.15 -55.03 -31.34
C SER N 772 -86.95 -54.99 -29.83
N GLU N 773 -86.90 -56.16 -29.22
CA GLU N 773 -86.68 -56.30 -27.78
C GLU N 773 -85.21 -56.63 -27.55
N MET N 774 -84.46 -55.66 -27.05
CA MET N 774 -83.01 -55.78 -26.88
C MET N 774 -82.68 -56.03 -25.42
N GLU N 775 -81.78 -56.98 -25.17
CA GLU N 775 -81.36 -57.29 -23.83
C GLU N 775 -80.55 -56.16 -23.22
N ILE N 776 -80.68 -55.98 -21.91
CA ILE N 776 -79.90 -54.98 -21.20
C ILE N 776 -78.46 -55.45 -21.05
N ARG N 777 -77.53 -54.50 -21.08
CA ARG N 777 -76.10 -54.80 -20.94
C ARG N 777 -75.43 -53.72 -20.12
N MET N 778 -74.64 -54.13 -19.14
CA MET N 778 -73.95 -53.17 -18.29
C MET N 778 -72.89 -52.42 -19.08
N PRO N 779 -72.85 -51.08 -19.00
CA PRO N 779 -71.88 -50.29 -19.77
C PRO N 779 -70.48 -50.26 -19.16
N VAL N 780 -69.94 -51.45 -18.85
CA VAL N 780 -68.58 -51.57 -18.35
C VAL N 780 -67.56 -51.67 -19.47
N PHE N 781 -67.99 -51.66 -20.72
CA PHE N 781 -67.10 -51.83 -21.86
C PHE N 781 -66.63 -50.48 -22.39
N VAL N 782 -65.35 -50.41 -22.74
CA VAL N 782 -64.77 -49.24 -23.40
C VAL N 782 -64.73 -49.52 -24.89
N LYS N 783 -65.29 -48.61 -25.68
CA LYS N 783 -65.38 -48.82 -27.13
C LYS N 783 -64.00 -48.93 -27.76
N SER N 784 -63.02 -48.20 -27.24
CA SER N 784 -61.66 -48.30 -27.78
C SER N 784 -61.09 -49.70 -27.58
N LYS N 785 -61.26 -50.26 -26.38
CA LYS N 785 -60.79 -51.61 -26.11
C LYS N 785 -61.54 -52.62 -26.96
N LEU N 786 -62.85 -52.44 -27.13
CA LEU N 786 -63.62 -53.36 -27.97
C LEU N 786 -63.14 -53.31 -29.41
N LEU N 787 -62.89 -52.12 -29.95
CA LEU N 787 -62.42 -52.00 -31.33
C LEU N 787 -61.02 -52.59 -31.48
N GLU N 788 -60.15 -52.39 -30.48
CA GLU N 788 -58.82 -52.97 -30.53
C GLU N 788 -58.87 -54.49 -30.52
N GLU N 789 -59.74 -55.06 -29.67
CA GLU N 789 -59.89 -56.50 -29.61
C GLU N 789 -60.49 -57.06 -30.90
N ASN N 790 -61.40 -56.31 -31.53
CA ASN N 790 -62.02 -56.75 -32.78
C ASN N 790 -61.09 -56.48 -33.96
N GLU N 814 -71.78 -57.74 -33.23
CA GLU N 814 -70.73 -58.01 -34.20
C GLU N 814 -69.36 -57.70 -33.60
N ILE N 815 -69.33 -56.81 -32.60
CA ILE N 815 -68.08 -56.46 -31.95
C ILE N 815 -67.54 -57.65 -31.18
N GLN N 816 -66.21 -57.78 -31.16
CA GLN N 816 -65.57 -58.86 -30.43
C GLN N 816 -65.39 -58.48 -28.97
N ILE N 817 -65.70 -59.41 -28.08
CA ILE N 817 -65.66 -59.15 -26.64
C ILE N 817 -64.84 -60.22 -25.93
N PRO N 818 -63.90 -59.85 -25.07
CA PRO N 818 -63.17 -60.85 -24.29
C PRO N 818 -64.09 -61.57 -23.33
N VAL N 819 -63.77 -62.85 -23.08
CA VAL N 819 -64.64 -63.70 -22.26
C VAL N 819 -64.70 -63.18 -20.83
N SER N 820 -63.58 -62.71 -20.28
CA SER N 820 -63.55 -62.30 -18.88
C SER N 820 -64.38 -61.05 -18.64
N MET N 821 -64.19 -60.01 -19.46
CA MET N 821 -64.98 -58.79 -19.30
C MET N 821 -66.44 -59.02 -19.67
N ALA N 822 -66.70 -59.89 -20.66
CA ALA N 822 -68.07 -60.27 -20.95
C ALA N 822 -68.73 -60.94 -19.75
N ALA N 823 -67.98 -61.79 -19.06
CA ALA N 823 -68.50 -62.40 -17.84
C ALA N 823 -68.70 -61.38 -16.73
N GLU N 824 -67.84 -60.37 -16.66
CA GLU N 824 -68.05 -59.29 -15.68
C GLU N 824 -69.39 -58.60 -15.94
N GLU N 825 -69.63 -58.23 -17.20
CA GLU N 825 -70.91 -57.60 -17.55
C GLU N 825 -72.07 -58.54 -17.28
N GLU N 826 -71.91 -59.82 -17.61
CA GLU N 826 -72.98 -60.79 -17.40
C GLU N 826 -73.30 -60.95 -15.91
N TYR N 827 -72.27 -61.03 -15.07
CA TYR N 827 -72.50 -61.14 -13.64
C TYR N 827 -73.18 -59.90 -13.08
N LEU N 828 -72.76 -58.72 -13.54
CA LEU N 828 -73.40 -57.49 -13.07
C LEU N 828 -74.88 -57.46 -13.47
N ARG N 829 -75.17 -57.79 -14.72
CA ARG N 829 -76.56 -57.79 -15.19
C ARG N 829 -77.39 -58.84 -14.45
N SER N 830 -76.83 -60.03 -14.24
CA SER N 830 -77.55 -61.08 -13.54
C SER N 830 -77.82 -60.68 -12.09
N LYS N 831 -76.84 -60.04 -11.44
CA LYS N 831 -77.04 -59.58 -10.07
C LYS N 831 -78.13 -58.52 -9.99
N VAL N 832 -78.12 -57.56 -10.92
CA VAL N 832 -79.16 -56.53 -10.93
C VAL N 832 -80.52 -57.14 -11.15
N LEU N 833 -80.63 -58.06 -12.12
CA LEU N 833 -81.91 -58.71 -12.39
C LEU N 833 -82.37 -59.53 -11.20
N SER N 834 -81.45 -60.23 -10.53
CA SER N 834 -81.80 -61.01 -9.36
C SER N 834 -82.29 -60.13 -8.22
N GLU N 835 -81.64 -58.99 -8.00
CA GLU N 835 -82.09 -58.07 -6.95
C GLU N 835 -83.47 -57.51 -7.27
N LEU N 836 -83.70 -57.13 -8.54
CA LEU N 836 -85.02 -56.63 -8.91
C LEU N 836 -86.10 -57.70 -8.76
N LEU N 837 -85.79 -58.94 -9.17
CA LEU N 837 -86.74 -60.03 -9.03
C LEU N 837 -87.02 -60.33 -7.56
N THR N 838 -85.99 -60.26 -6.71
CA THR N 838 -86.20 -60.47 -5.29
C THR N 838 -87.10 -59.40 -4.69
N ASP N 839 -86.87 -58.14 -5.06
CA ASP N 839 -87.74 -57.07 -4.58
C ASP N 839 -89.17 -57.25 -5.05
N THR N 840 -89.35 -57.63 -6.32
CA THR N 840 -90.70 -57.84 -6.85
C THR N 840 -91.40 -59.01 -6.15
N LEU N 841 -90.68 -60.11 -5.93
CA LEU N 841 -91.27 -61.26 -5.28
C LEU N 841 -91.59 -60.97 -3.81
N GLU N 842 -90.76 -60.16 -3.14
CA GLU N 842 -91.00 -59.86 -1.74
C GLU N 842 -92.17 -58.89 -1.57
N ASN N 843 -92.24 -57.84 -2.40
CA ASN N 843 -93.27 -56.83 -2.26
C ASN N 843 -94.42 -57.03 -3.23
N ASP N 844 -94.14 -56.99 -4.54
CA ASP N 844 -95.20 -57.16 -5.53
C ASP N 844 -95.66 -58.61 -5.62
N GLY N 845 -94.79 -59.56 -5.27
CA GLY N 845 -95.11 -60.97 -5.37
C GLY N 845 -94.75 -61.56 -6.72
N GLU N 846 -94.93 -62.88 -6.81
CA GLU N 846 -94.64 -63.62 -8.03
C GLU N 846 -95.90 -63.63 -8.90
N MET N 847 -96.14 -62.50 -9.57
CA MET N 847 -97.32 -62.37 -10.41
C MET N 847 -97.26 -63.29 -11.61
N TYR N 848 -96.10 -63.38 -12.26
CA TYR N 848 -95.97 -64.17 -13.48
C TYR N 848 -95.70 -65.65 -13.23
N GLY N 849 -95.41 -66.03 -11.99
CA GLY N 849 -95.15 -67.43 -11.69
C GLY N 849 -93.73 -67.86 -12.04
N ASN N 850 -93.26 -67.44 -13.21
CA ASN N 850 -91.91 -67.77 -13.66
C ASN N 850 -90.84 -66.90 -13.02
N GLU N 851 -91.22 -65.93 -12.18
CA GLU N 851 -90.26 -65.00 -11.63
C GLU N 851 -89.24 -65.71 -10.73
N ASN N 852 -89.70 -66.66 -9.91
CA ASN N 852 -88.78 -67.35 -9.01
C ASN N 852 -87.80 -68.23 -9.78
N GLU N 853 -88.30 -68.99 -10.77
CA GLU N 853 -87.41 -69.82 -11.57
C GLU N 853 -86.43 -68.96 -12.37
N VAL N 854 -86.88 -67.81 -12.86
CA VAL N 854 -85.99 -66.91 -13.59
C VAL N 854 -84.95 -66.32 -12.64
N LEU N 855 -85.33 -66.06 -11.39
CA LEU N 855 -84.36 -65.59 -10.41
C LEU N 855 -83.31 -66.67 -10.11
N ALA N 856 -83.74 -67.93 -10.03
CA ALA N 856 -82.78 -69.02 -9.85
C ALA N 856 -81.85 -69.13 -11.05
N ALA N 857 -82.39 -68.96 -12.26
CA ALA N 857 -81.55 -68.97 -13.46
C ALA N 857 -80.57 -67.81 -13.47
N LEU N 858 -81.01 -66.64 -13.00
CA LEU N 858 -80.11 -65.50 -12.89
C LEU N 858 -79.01 -65.76 -11.87
N ASN N 859 -79.35 -66.42 -10.77
CA ASN N 859 -78.33 -66.80 -9.80
C ASN N 859 -77.32 -67.76 -10.41
N GLY N 860 -77.79 -68.73 -11.19
CA GLY N 860 -76.87 -69.65 -11.86
C GLY N 860 -75.97 -68.95 -12.86
N ALA N 861 -76.54 -68.03 -13.64
CA ALA N 861 -75.75 -67.28 -14.61
C ALA N 861 -74.73 -66.38 -13.93
N TYR N 862 -75.13 -65.74 -12.82
CA TYR N 862 -74.19 -64.93 -12.05
C TYR N 862 -73.07 -65.79 -11.49
N ASP N 863 -73.39 -66.98 -11.00
CA ASP N 863 -72.36 -67.90 -10.50
C ASP N 863 -71.41 -68.31 -11.62
N LYS N 864 -71.94 -68.59 -12.81
CA LYS N 864 -71.09 -68.97 -13.94
C LYS N 864 -70.16 -67.83 -14.36
N ALA N 865 -70.70 -66.60 -14.43
CA ALA N 865 -69.87 -65.46 -14.78
C ALA N 865 -68.81 -65.20 -13.71
N LEU N 866 -69.18 -65.34 -12.44
CA LEU N 866 -68.20 -65.22 -11.36
C LEU N 866 -67.16 -66.33 -11.43
N LEU N 867 -67.54 -67.51 -11.90
CA LEU N 867 -66.57 -68.58 -12.08
C LEU N 867 -65.59 -68.27 -13.21
N ARG N 868 -66.08 -67.65 -14.29
CA ARG N 868 -65.18 -67.20 -15.34
C ARG N 868 -64.22 -66.13 -14.82
N LEU N 869 -64.75 -65.18 -14.04
CA LEU N 869 -63.88 -64.18 -13.42
C LEU N 869 -62.89 -64.82 -12.46
N PHE N 870 -63.29 -65.89 -11.77
CA PHE N 870 -62.39 -66.60 -10.88
C PHE N 870 -61.30 -67.33 -11.66
N ALA N 871 -61.64 -67.85 -12.85
CA ALA N 871 -60.61 -68.43 -13.71
C ALA N 871 -59.62 -67.37 -14.17
N SER N 872 -60.11 -66.17 -14.50
CA SER N 872 -59.20 -65.07 -14.84
C SER N 872 -58.32 -64.70 -13.65
N ALA N 873 -58.90 -64.65 -12.45
CA ALA N 873 -58.12 -64.34 -11.25
C ALA N 873 -57.11 -65.45 -10.96
N CYS N 874 -57.46 -66.70 -11.25
CA CYS N 874 -56.50 -67.79 -11.06
C CYS N 874 -55.36 -67.69 -12.07
N SER N 875 -55.67 -67.24 -13.30
CA SER N 875 -54.61 -66.95 -14.26
C SER N 875 -53.70 -65.85 -13.75
N ASP N 876 -54.27 -64.83 -13.11
CA ASP N 876 -53.46 -63.83 -12.42
C ASP N 876 -52.74 -64.39 -11.20
N GLN N 877 -53.23 -65.50 -10.66
CA GLN N 877 -52.71 -66.17 -9.47
C GLN N 877 -52.88 -65.33 -8.21
N ASN N 878 -53.77 -64.35 -8.24
CA ASN N 878 -54.05 -63.50 -7.08
C ASN N 878 -55.05 -64.22 -6.18
N VAL N 879 -54.55 -64.79 -5.08
CA VAL N 879 -55.40 -65.56 -4.18
C VAL N 879 -56.49 -64.67 -3.58
N GLU N 880 -56.14 -63.43 -3.24
CA GLU N 880 -57.12 -62.53 -2.64
C GLU N 880 -58.25 -62.18 -3.60
N LYS N 881 -57.90 -61.84 -4.85
CA LYS N 881 -58.93 -61.51 -5.83
C LYS N 881 -59.80 -62.73 -6.15
N ALA N 882 -59.17 -63.90 -6.31
CA ALA N 882 -59.94 -65.11 -6.58
C ALA N 882 -60.85 -65.46 -5.40
N LEU N 883 -60.37 -65.26 -4.18
CA LEU N 883 -61.19 -65.53 -3.01
C LEU N 883 -62.35 -64.55 -2.91
N SER N 884 -62.12 -63.28 -3.27
CA SER N 884 -63.21 -62.31 -3.30
C SER N 884 -64.26 -62.71 -4.33
N LEU N 885 -63.83 -63.19 -5.50
CA LEU N 885 -64.78 -63.67 -6.50
C LEU N 885 -65.56 -64.87 -5.98
N ALA N 886 -64.87 -65.82 -5.33
CA ALA N 886 -65.54 -66.99 -4.80
C ALA N 886 -66.55 -66.61 -3.71
N HIS N 887 -66.21 -65.61 -2.90
CA HIS N 887 -67.16 -65.10 -1.92
C HIS N 887 -68.34 -64.43 -2.59
N GLU N 888 -68.09 -63.74 -3.71
CA GLU N 888 -69.17 -63.15 -4.48
C GLU N 888 -70.11 -64.22 -5.04
N LEU N 889 -69.59 -65.41 -5.30
CA LEU N 889 -70.44 -66.53 -5.67
C LEU N 889 -71.44 -66.81 -4.55
N LYS N 890 -72.70 -67.03 -4.93
CA LYS N 890 -73.79 -67.20 -3.98
C LYS N 890 -74.21 -68.65 -3.80
N GLN N 891 -73.43 -69.61 -4.28
CA GLN N 891 -73.81 -71.01 -4.21
C GLN N 891 -72.60 -71.87 -3.87
N ASP N 892 -72.84 -72.93 -3.08
CA ASP N 892 -71.78 -73.88 -2.76
C ASP N 892 -71.34 -74.65 -4.00
N ARG N 893 -72.24 -74.86 -4.96
CA ARG N 893 -71.83 -75.45 -6.23
C ARG N 893 -70.82 -74.56 -6.94
N ALA N 894 -71.07 -73.25 -6.94
CA ALA N 894 -70.10 -72.30 -7.50
C ALA N 894 -68.81 -72.31 -6.71
N LEU N 895 -68.90 -72.48 -5.39
CA LEU N 895 -67.68 -72.58 -4.57
C LEU N 895 -66.86 -73.81 -4.95
N THR N 896 -67.51 -74.95 -5.16
CA THR N 896 -66.80 -76.15 -5.58
C THR N 896 -66.23 -75.99 -6.99
N ALA N 897 -66.96 -75.29 -7.87
CA ALA N 897 -66.42 -75.02 -9.20
C ALA N 897 -65.19 -74.13 -9.13
N ALA N 898 -65.20 -73.14 -8.23
CA ALA N 898 -64.02 -72.32 -8.02
C ALA N 898 -62.88 -73.14 -7.42
N VAL N 899 -63.19 -74.11 -6.57
CA VAL N 899 -62.17 -75.02 -6.06
C VAL N 899 -61.54 -75.82 -7.19
N LYS N 900 -62.37 -76.29 -8.13
CA LYS N 900 -61.84 -77.00 -9.29
C LYS N 900 -60.98 -76.09 -10.16
N ILE N 901 -61.41 -74.83 -10.33
CA ILE N 901 -60.62 -73.87 -11.10
C ILE N 901 -59.27 -73.63 -10.43
N SER N 902 -59.28 -73.49 -9.10
CA SER N 902 -58.03 -73.32 -8.37
C SER N 902 -57.15 -74.58 -8.47
N GLU N 903 -57.77 -75.75 -8.49
CA GLU N 903 -57.00 -76.98 -8.66
C GLU N 903 -56.33 -77.03 -10.03
N ARG N 904 -57.07 -76.63 -11.07
CA ARG N 904 -56.48 -76.58 -12.41
C ARG N 904 -55.37 -75.54 -12.48
N ALA N 905 -55.54 -74.42 -11.78
CA ALA N 905 -54.48 -73.42 -11.68
C ALA N 905 -53.33 -73.88 -10.78
N GLU N 906 -53.54 -74.92 -9.99
CA GLU N 906 -52.52 -75.47 -9.08
C GLU N 906 -52.11 -74.44 -8.02
N LEU N 907 -53.12 -73.91 -7.32
CA LEU N 907 -52.92 -72.93 -6.25
C LEU N 907 -53.47 -73.50 -4.96
N PRO N 908 -52.64 -74.20 -4.17
CA PRO N 908 -53.16 -74.82 -2.95
C PRO N 908 -53.72 -73.83 -1.94
N SER N 909 -53.13 -72.64 -1.83
CA SER N 909 -53.64 -71.65 -0.89
C SER N 909 -55.03 -71.17 -1.28
N LEU N 910 -55.24 -70.90 -2.58
CA LEU N 910 -56.56 -70.50 -3.05
C LEU N 910 -57.56 -71.65 -2.87
N VAL N 911 -57.12 -72.88 -3.11
CA VAL N 911 -58.00 -74.03 -2.90
C VAL N 911 -58.42 -74.13 -1.44
N LYS N 912 -57.47 -73.93 -0.53
CA LYS N 912 -57.78 -73.99 0.90
C LYS N 912 -58.71 -72.83 1.31
N LYS N 913 -58.52 -71.65 0.73
CA LYS N 913 -59.40 -70.53 1.04
C LYS N 913 -60.82 -70.80 0.55
N ILE N 914 -60.97 -71.35 -0.66
CA ILE N 914 -62.30 -71.70 -1.16
C ILE N 914 -62.91 -72.80 -0.30
N ASN N 915 -62.07 -73.73 0.18
CA ASN N 915 -62.56 -74.77 1.07
C ASN N 915 -63.04 -74.19 2.40
N ASN N 916 -62.35 -73.17 2.91
CA ASN N 916 -62.80 -72.50 4.12
C ASN N 916 -64.12 -71.78 3.89
N ILE N 917 -64.28 -71.15 2.72
CA ILE N 917 -65.55 -70.51 2.38
C ILE N 917 -66.67 -71.54 2.34
N ARG N 918 -66.41 -72.69 1.71
CA ARG N 918 -67.41 -73.75 1.66
C ARG N 918 -67.71 -74.31 3.04
N GLU N 919 -66.70 -74.40 3.90
CA GLU N 919 -66.91 -74.86 5.27
C GLU N 919 -67.81 -73.91 6.03
N ALA N 920 -67.57 -72.61 5.90
CA ALA N 920 -68.45 -71.62 6.55
C ALA N 920 -69.86 -71.70 5.99
N ARG N 921 -69.99 -71.87 4.67
CA ARG N 921 -71.32 -71.93 4.05
C ARG N 921 -72.10 -73.15 4.53
N TYR N 922 -71.45 -74.32 4.56
CA TYR N 922 -72.13 -75.53 5.01
C TYR N 922 -72.40 -75.48 6.51
N GLU N 923 -71.54 -74.82 7.28
CA GLU N 923 -71.81 -74.63 8.70
C GLU N 923 -72.99 -73.69 8.92
N GLN N 924 -73.21 -72.75 8.00
CA GLN N 924 -74.37 -71.87 8.08
C GLN N 924 -75.57 -72.48 7.35
N ILE P 12 -14.23 -69.90 30.44
CA ILE P 12 -15.57 -70.34 30.80
C ILE P 12 -16.52 -69.14 30.92
N GLN P 13 -17.48 -69.07 30.01
CA GLN P 13 -18.48 -68.00 29.92
C GLN P 13 -17.80 -66.65 29.75
N PRO P 14 -16.82 -66.55 28.84
CA PRO P 14 -16.18 -65.26 28.58
C PRO P 14 -17.19 -64.23 28.10
N PRO P 15 -18.14 -64.64 27.25
CA PRO P 15 -19.17 -63.68 26.83
C PRO P 15 -20.01 -63.17 27.99
N LEU P 16 -20.32 -64.04 28.96
CA LEU P 16 -21.11 -63.62 30.11
C LEU P 16 -20.32 -62.67 31.01
N LEU P 17 -19.04 -62.95 31.20
CA LEU P 17 -18.22 -62.06 32.03
C LEU P 17 -17.75 -60.81 31.28
N ARG P 18 -17.92 -60.76 29.96
CA ARG P 18 -17.36 -59.67 29.18
C ARG P 18 -17.87 -58.30 29.59
N PRO P 19 -19.18 -58.05 29.67
CA PRO P 19 -19.63 -56.77 30.23
C PRO P 19 -19.19 -56.57 31.67
N LEU P 20 -19.18 -57.65 32.46
CA LEU P 20 -18.77 -57.54 33.85
C LEU P 20 -17.30 -57.16 33.96
N ALA P 21 -16.43 -57.85 33.22
CA ALA P 21 -15.01 -57.52 33.25
C ALA P 21 -14.77 -56.12 32.70
N TYR P 22 -15.46 -55.77 31.61
CA TYR P 22 -15.31 -54.45 31.02
C TYR P 22 -15.64 -53.36 32.02
N ARG P 23 -16.80 -53.46 32.68
CA ARG P 23 -17.12 -52.51 33.73
C ARG P 23 -16.05 -52.53 34.82
N VAL P 24 -15.86 -53.68 35.46
CA VAL P 24 -15.04 -53.77 36.67
C VAL P 24 -13.60 -53.30 36.44
N LEU P 25 -13.11 -53.37 35.21
CA LEU P 25 -11.74 -52.95 34.92
C LEU P 25 -11.68 -51.56 34.30
N SER P 26 -12.35 -51.36 33.16
CA SER P 26 -12.26 -50.09 32.44
C SER P 26 -12.92 -48.96 33.24
N ARG P 27 -14.09 -49.19 33.83
CA ARG P 27 -14.68 -48.13 34.63
C ARG P 27 -13.84 -47.84 35.88
N LYS P 28 -13.15 -48.85 36.40
CA LYS P 28 -12.39 -48.66 37.63
C LYS P 28 -11.10 -47.89 37.38
N TYR P 29 -10.40 -48.17 36.28
CA TYR P 29 -9.06 -47.61 36.09
C TYR P 29 -8.78 -47.00 34.73
N GLY P 30 -9.66 -47.17 33.74
CA GLY P 30 -9.36 -46.74 32.40
C GLY P 30 -8.49 -47.70 31.63
N LEU P 31 -8.33 -48.93 32.11
CA LEU P 31 -7.42 -49.90 31.51
C LEU P 31 -8.13 -50.69 30.42
N SER P 32 -7.44 -50.83 29.29
CA SER P 32 -7.99 -51.62 28.19
C SER P 32 -8.01 -53.10 28.55
N ILE P 33 -9.10 -53.77 28.18
CA ILE P 33 -9.27 -55.20 28.43
C ILE P 33 -9.43 -55.88 27.08
N LYS P 34 -8.43 -56.67 26.70
CA LYS P 34 -8.52 -57.43 25.46
C LYS P 34 -9.53 -58.56 25.62
N SER P 35 -10.13 -58.96 24.49
CA SER P 35 -11.08 -60.07 24.51
C SER P 35 -10.40 -61.36 24.95
N ASP P 36 -9.15 -61.57 24.54
CA ASP P 36 -8.41 -62.74 24.98
C ASP P 36 -8.18 -62.72 26.49
N GLY P 37 -7.88 -61.53 27.04
CA GLY P 37 -7.74 -61.42 28.48
C GLY P 37 -9.04 -61.69 29.21
N LEU P 38 -10.16 -61.22 28.65
CA LEU P 38 -11.46 -61.54 29.23
C LEU P 38 -11.72 -63.04 29.20
N SER P 39 -11.33 -63.70 28.11
CA SER P 39 -11.47 -65.15 28.02
C SER P 39 -10.59 -65.86 29.05
N ALA P 40 -9.38 -65.35 29.27
CA ALA P 40 -8.51 -65.94 30.29
C ALA P 40 -9.11 -65.77 31.68
N LEU P 41 -9.66 -64.59 31.97
CA LEU P 41 -10.37 -64.40 33.24
C LEU P 41 -11.57 -65.32 33.34
N ALA P 42 -12.23 -65.61 32.21
CA ALA P 42 -13.33 -66.55 32.20
C ALA P 42 -12.87 -67.95 32.55
N GLU P 43 -11.73 -68.38 32.00
CA GLU P 43 -11.19 -69.68 32.36
C GLU P 43 -10.82 -69.73 33.84
N PHE P 44 -10.28 -68.62 34.36
CA PHE P 44 -9.98 -68.56 35.79
C PHE P 44 -11.25 -68.67 36.63
N VAL P 45 -12.34 -68.03 36.17
CA VAL P 45 -13.61 -68.12 36.88
C VAL P 45 -14.17 -69.54 36.82
N GLY P 46 -14.03 -70.19 35.66
CA GLY P 46 -14.50 -71.56 35.51
C GLY P 46 -13.64 -72.58 36.21
N THR P 47 -12.43 -72.20 36.63
CA THR P 47 -11.65 -73.07 37.50
C THR P 47 -12.44 -73.45 38.74
N ASN P 48 -13.27 -72.54 39.24
CA ASN P 48 -14.30 -72.88 40.22
C ASN P 48 -15.49 -73.48 39.47
N ILE P 49 -15.95 -74.66 39.91
CA ILE P 49 -16.99 -75.37 39.17
C ILE P 49 -18.27 -74.55 39.11
N GLY P 50 -18.72 -74.06 40.26
CA GLY P 50 -19.86 -73.16 40.30
C GLY P 50 -19.42 -71.72 40.08
N ALA P 51 -20.42 -70.84 40.03
CA ALA P 51 -20.12 -69.41 39.94
C ALA P 51 -19.39 -68.96 41.18
N ASN P 52 -18.28 -68.25 40.99
CA ASN P 52 -17.42 -67.80 42.08
C ASN P 52 -17.57 -66.29 42.20
N TRP P 53 -18.59 -65.85 42.94
CA TRP P 53 -18.83 -64.43 43.10
C TRP P 53 -17.70 -63.75 43.87
N ARG P 54 -17.12 -64.46 44.86
CA ARG P 54 -15.96 -63.93 45.57
C ARG P 54 -14.78 -63.77 44.63
N GLN P 55 -14.68 -64.61 43.61
CA GLN P 55 -13.61 -64.48 42.63
C GLN P 55 -13.74 -63.19 41.82
N GLY P 56 -14.92 -62.58 41.77
CA GLY P 56 -15.06 -61.28 41.15
C GLY P 56 -14.31 -60.22 41.92
N PRO P 57 -14.53 -60.17 43.23
CA PRO P 57 -13.70 -59.29 44.07
C PRO P 57 -12.22 -59.67 44.04
N ALA P 58 -11.92 -60.97 43.90
CA ALA P 58 -10.52 -61.38 43.75
C ALA P 58 -9.92 -60.83 42.47
N THR P 59 -10.68 -60.83 41.37
CA THR P 59 -10.21 -60.26 40.12
C THR P 59 -10.05 -58.75 40.23
N ILE P 60 -10.94 -58.10 40.99
CA ILE P 60 -10.79 -56.66 41.23
C ILE P 60 -9.50 -56.38 41.99
N LYS P 61 -9.21 -57.20 43.01
CA LYS P 61 -7.96 -57.04 43.75
C LYS P 61 -6.75 -57.34 42.86
N PHE P 62 -6.87 -58.32 41.97
CA PHE P 62 -5.79 -58.61 41.03
C PHE P 62 -5.54 -57.43 40.09
N LEU P 63 -6.61 -56.81 39.59
CA LEU P 63 -6.45 -55.64 38.74
C LEU P 63 -5.84 -54.47 39.50
N GLU P 64 -6.23 -54.29 40.76
CA GLU P 64 -5.64 -53.23 41.57
C GLU P 64 -4.16 -53.48 41.81
N GLN P 65 -3.77 -54.72 42.11
CA GLN P 65 -2.36 -55.04 42.30
C GLN P 65 -1.58 -54.86 41.01
N PHE P 66 -2.17 -55.24 39.87
CA PHE P 66 -1.51 -55.05 38.59
C PHE P 66 -1.31 -53.56 38.29
N ALA P 67 -2.30 -52.73 38.60
CA ALA P 67 -2.15 -51.30 38.42
C ALA P 67 -1.10 -50.72 39.35
N ALA P 68 -1.01 -51.26 40.58
CA ALA P 68 -0.02 -50.77 41.52
C ALA P 68 1.39 -51.16 41.10
N VAL P 69 1.57 -52.35 40.54
CA VAL P 69 2.91 -52.85 40.24
C VAL P 69 3.31 -52.50 38.81
N TRP P 70 2.62 -53.06 37.83
CA TRP P 70 2.97 -52.81 36.43
C TRP P 70 2.61 -51.38 36.02
N LYS P 71 1.45 -50.89 36.46
CA LYS P 71 0.99 -49.54 36.13
C LYS P 71 0.98 -49.30 34.63
N GLN P 72 0.52 -50.29 33.88
CA GLN P 72 0.56 -50.26 32.42
C GLN P 72 -0.85 -50.35 31.84
N GLN P 73 -1.10 -49.55 30.81
CA GLN P 73 -2.34 -49.66 30.07
C GLN P 73 -2.34 -50.92 29.21
N GLU P 74 -3.53 -51.28 28.73
CA GLU P 74 -3.73 -52.50 27.93
C GLU P 74 -3.24 -53.74 28.69
N ARG P 75 -3.60 -53.82 29.96
CA ARG P 75 -3.29 -55.00 30.77
C ARG P 75 -4.07 -56.24 30.32
N GLY P 76 -5.07 -56.06 29.46
CA GLY P 76 -5.89 -57.18 29.01
C GLY P 76 -5.20 -58.10 28.01
N LEU P 77 -3.98 -57.76 27.57
CA LEU P 77 -3.25 -58.65 26.67
C LEU P 77 -3.00 -60.01 27.31
N PHE P 78 -3.01 -60.08 28.64
CA PHE P 78 -3.06 -61.31 29.42
C PHE P 78 -1.74 -62.08 29.44
N ILE P 79 -0.76 -61.65 28.65
CA ILE P 79 0.57 -62.22 28.77
C ILE P 79 1.16 -61.90 30.14
N ASP P 80 0.99 -60.65 30.58
CA ASP P 80 1.34 -60.26 31.94
C ASP P 80 0.21 -60.52 32.93
N GLN P 81 -1.04 -60.47 32.48
CA GLN P 81 -2.17 -60.63 33.38
C GLN P 81 -2.28 -62.05 33.92
N SER P 82 -1.84 -63.05 33.15
CA SER P 82 -1.84 -64.42 33.67
C SER P 82 -0.86 -64.59 34.82
N GLY P 83 0.35 -64.05 34.66
CA GLY P 83 1.30 -64.08 35.76
C GLY P 83 0.84 -63.25 36.95
N VAL P 84 0.19 -62.12 36.68
CA VAL P 84 -0.37 -61.32 37.76
C VAL P 84 -1.49 -62.07 38.47
N LYS P 85 -2.27 -62.86 37.71
CA LYS P 85 -3.30 -63.69 38.32
C LYS P 85 -2.69 -64.75 39.22
N GLU P 86 -1.59 -65.37 38.78
CA GLU P 86 -0.89 -66.32 39.64
C GLU P 86 -0.36 -65.63 40.90
N VAL P 87 0.17 -64.42 40.75
CA VAL P 87 0.70 -63.68 41.90
C VAL P 87 -0.43 -63.35 42.88
N ILE P 88 -1.57 -62.88 42.37
CA ILE P 88 -2.69 -62.53 43.24
C ILE P 88 -3.28 -63.77 43.89
N GLN P 89 -3.30 -64.90 43.18
CA GLN P 89 -3.76 -66.15 43.77
C GLN P 89 -2.83 -66.60 44.89
N GLU P 90 -1.51 -66.45 44.71
CA GLU P 90 -0.58 -66.76 45.79
C GLU P 90 -0.78 -65.82 46.97
N MET P 91 -1.06 -64.54 46.69
CA MET P 91 -1.33 -63.59 47.77
C MET P 91 -2.59 -63.98 48.53
N LYS P 92 -3.63 -64.42 47.83
CA LYS P 92 -4.85 -64.87 48.49
C LYS P 92 -4.59 -66.14 49.30
N GLU P 93 -3.76 -67.04 48.79
CA GLU P 93 -3.40 -68.23 49.54
C GLU P 93 -2.65 -67.88 50.81
N ARG P 94 -1.74 -66.90 50.74
CA ARG P 94 -1.07 -66.43 51.94
C ARG P 94 -2.04 -65.77 52.90
N GLU P 95 -3.04 -65.06 52.37
CA GLU P 95 -4.08 -64.46 53.21
C GLU P 95 -4.92 -65.51 53.92
N LYS P 96 -5.13 -66.66 53.26
CA LYS P 96 -5.90 -67.75 53.86
C LYS P 96 -5.14 -68.39 55.01
#